data_5TXV
#
_entry.id   5TXV
#
_cell.length_a   86.497
_cell.length_b   420.860
_cell.length_c   176.418
_cell.angle_alpha   90.000
_cell.angle_beta   98.560
_cell.angle_gamma   90.000
#
_symmetry.space_group_name_H-M   'P 1 21 1'
#
loop_
_entity.id
_entity.type
_entity.pdbx_description
1 polymer 'ATP-dependent protease ATPase subunit HslU'
2 non-polymer "ADENOSINE-5'-DIPHOSPHATE"
#
_entity_poly.entity_id   1
_entity_poly.type   'polypeptide(L)'
_entity_poly.pdbx_seq_one_letter_code
;SEMTPREIVSELDKHIIGQDNAKRSVAIALRNRWRRMQLNEELRHEVTPKNILMIGPTGVGKTEIARRLAKLANAPFIKV
EATKFTEVGYVGKEVDSIIRDLTDAAVKMVRVQAIEKNRYRAEELAEERILDVLIPPAKNNWGQTEQQQEPSAARQAFRK
KLREGQLDDKEIEIDLAAAPMGVEIMAPPGMEEMTSQLQSMFQNLGGQKQKARKLKIKDAMKLLIEEEAAKLVNPEELKQ
DAIDAVEQHGIVFIDEIDKICKRGESSGPDVSREGVQRDLLPLVEGCTVSTKHGMVKTDHILFIASGAFQIAKPSDLIPE
LQGRLPIRVELQALTTSDFERILTEPNASITVQYKALMATEGVNIEFTDSGIKRIAEAAWQVNESTENIGARRLHTVLER
LMEEISYDASDLSGQNITIDADYVSKHLDALVADEDLSRFIL
;
_entity_poly.pdbx_strand_id   A,B,C,D,E,F,G,H,I,J,K,L,M,N,O,P,Q,R,S,T,U,V,W,X
#
loop_
_chem_comp.id
_chem_comp.type
_chem_comp.name
_chem_comp.formula
ADP non-polymer ADENOSINE-5'-DIPHOSPHATE 'C10 H15 N5 O10 P2'
#
# COMPACT_ATOMS: atom_id res chain seq x y z
N SER A 1 67.55 6.49 29.75
CA SER A 1 68.28 6.46 31.01
C SER A 1 67.61 5.52 32.00
N GLU A 2 68.42 4.84 32.81
CA GLU A 2 67.93 3.87 33.77
C GLU A 2 67.73 4.43 35.17
N MET A 3 67.89 5.76 35.34
CA MET A 3 67.73 6.40 36.65
C MET A 3 66.40 6.03 37.29
N THR A 4 66.44 5.63 38.56
CA THR A 4 65.23 5.38 39.33
C THR A 4 64.55 6.70 39.65
N PRO A 5 63.24 6.67 39.96
CA PRO A 5 62.52 7.94 40.19
C PRO A 5 63.10 8.84 41.28
N ARG A 6 63.66 8.29 42.37
CA ARG A 6 64.28 9.15 43.37
C ARG A 6 65.53 9.85 42.84
N GLU A 7 66.28 9.18 41.95
CA GLU A 7 67.43 9.80 41.31
C GLU A 7 67.02 10.95 40.39
N ILE A 8 65.83 10.88 39.82
CA ILE A 8 65.34 11.97 38.97
C ILE A 8 64.98 13.19 39.81
N VAL A 9 64.27 12.97 40.91
CA VAL A 9 63.88 14.08 41.79
C VAL A 9 65.12 14.71 42.42
N SER A 10 66.09 13.89 42.82
CA SER A 10 67.30 14.43 43.45
C SER A 10 68.08 15.30 42.46
N GLU A 11 68.07 14.93 41.18
CA GLU A 11 68.73 15.74 40.17
C GLU A 11 67.95 17.03 39.90
N LEU A 12 66.62 16.95 39.92
CA LEU A 12 65.80 18.15 39.71
C LEU A 12 65.94 19.12 40.87
N ASP A 13 66.17 18.63 42.09
CA ASP A 13 66.38 19.51 43.22
C ASP A 13 67.61 20.37 43.05
N LYS A 14 68.57 19.93 42.23
CA LYS A 14 69.75 20.74 41.94
C LYS A 14 69.39 22.00 41.17
N HIS A 15 68.23 22.02 40.49
CA HIS A 15 67.81 23.19 39.73
C HIS A 15 66.53 23.79 40.30
N ILE A 16 65.43 23.06 40.30
CA ILE A 16 64.17 23.55 40.83
C ILE A 16 64.19 23.47 42.36
N ILE A 17 63.53 24.41 43.01
CA ILE A 17 63.37 24.45 44.45
C ILE A 17 61.92 24.12 44.78
N GLY A 18 61.72 23.15 45.68
CA GLY A 18 60.37 22.77 46.07
C GLY A 18 59.63 22.10 44.94
N GLN A 19 58.31 22.17 45.00
CA GLN A 19 57.43 21.58 43.99
C GLN A 19 57.72 20.10 43.81
N ASP A 20 57.96 19.41 44.92
CA ASP A 20 58.39 18.01 44.88
C ASP A 20 57.34 17.12 44.22
N ASN A 21 56.06 17.44 44.44
CA ASN A 21 54.99 16.64 43.84
C ASN A 21 55.07 16.66 42.32
N ALA A 22 55.36 17.83 41.75
CA ALA A 22 55.59 17.91 40.32
C ALA A 22 56.84 17.16 39.90
N LYS A 23 57.87 17.14 40.75
CA LYS A 23 59.07 16.36 40.48
C LYS A 23 58.79 14.86 40.55
N ARG A 24 58.03 14.43 41.55
CA ARG A 24 57.69 13.01 41.67
C ARG A 24 56.83 12.56 40.50
N SER A 25 55.94 13.43 40.01
CA SER A 25 55.03 13.03 38.95
C SER A 25 55.78 12.88 37.63
N VAL A 26 56.68 13.82 37.32
CA VAL A 26 57.47 13.71 36.10
C VAL A 26 58.44 12.54 36.18
N ALA A 27 58.93 12.22 37.37
CA ALA A 27 59.84 11.08 37.50
C ALA A 27 59.15 9.77 37.18
N ILE A 28 57.87 9.66 37.54
CA ILE A 28 57.10 8.44 37.25
C ILE A 28 56.93 8.26 35.74
N ALA A 29 56.74 9.36 35.01
CA ALA A 29 56.55 9.26 33.58
C ALA A 29 57.84 8.85 32.87
N LEU A 30 58.97 9.45 33.26
CA LEU A 30 60.25 9.08 32.66
C LEU A 30 60.64 7.65 33.01
N ARG A 31 60.26 7.18 34.20
CA ARG A 31 60.58 5.81 34.58
C ARG A 31 59.75 4.80 33.81
N ASN A 32 58.50 5.15 33.46
CA ASN A 32 57.67 4.26 32.66
C ASN A 32 58.26 4.02 31.27
N ARG A 33 59.05 4.99 30.78
CA ARG A 33 59.75 4.80 29.51
C ARG A 33 60.70 3.59 29.58
N TRP A 34 61.55 3.56 30.59
CA TRP A 34 62.47 2.43 30.76
C TRP A 34 61.74 1.14 31.08
N ARG A 35 60.63 1.22 31.84
CA ARG A 35 59.86 0.03 32.17
C ARG A 35 59.21 -0.58 30.94
N ARG A 36 58.84 0.25 29.97
CA ARG A 36 58.15 -0.27 28.80
C ARG A 36 59.11 -1.07 27.94
N MET A 37 60.36 -0.59 27.78
CA MET A 37 61.31 -1.25 26.90
C MET A 37 61.62 -2.66 27.38
N GLN A 38 61.58 -2.90 28.68
CA GLN A 38 61.83 -4.22 29.23
C GLN A 38 60.67 -5.19 28.99
N LEU A 39 59.52 -4.69 28.54
CA LEU A 39 58.34 -5.52 28.31
C LEU A 39 58.45 -6.28 26.99
N ASN A 40 57.46 -7.13 26.75
CA ASN A 40 57.38 -7.96 25.56
C ASN A 40 56.83 -7.14 24.39
N GLU A 41 56.73 -7.79 23.23
CA GLU A 41 56.32 -7.10 22.02
C GLU A 41 54.90 -6.55 22.12
N GLU A 42 54.00 -7.28 22.79
CA GLU A 42 52.59 -6.88 22.84
C GLU A 42 52.36 -5.69 23.76
N LEU A 43 52.88 -5.78 24.99
CA LEU A 43 52.61 -4.75 26.00
C LEU A 43 53.27 -3.42 25.64
N ARG A 44 54.39 -3.45 24.92
CA ARG A 44 55.07 -2.22 24.53
C ARG A 44 54.19 -1.36 23.61
N HIS A 45 53.31 -2.00 22.84
CA HIS A 45 52.36 -1.27 22.02
C HIS A 45 51.17 -0.79 22.83
N GLU A 46 50.62 -1.64 23.70
CA GLU A 46 49.42 -1.29 24.45
C GLU A 46 49.69 -0.19 25.48
N VAL A 47 50.84 -0.24 26.15
CA VAL A 47 51.19 0.80 27.10
C VAL A 47 51.48 2.10 26.35
N THR A 48 50.99 3.19 26.91
CA THR A 48 51.15 4.52 26.33
C THR A 48 51.66 5.43 27.41
N PRO A 49 52.34 6.52 27.08
CA PRO A 49 52.94 7.38 28.10
C PRO A 49 51.86 7.95 29.01
N LYS A 50 52.23 8.16 30.27
CA LYS A 50 51.32 8.75 31.23
C LYS A 50 51.55 10.25 31.15
N ASN A 51 50.62 10.95 30.51
CA ASN A 51 50.75 12.39 30.33
C ASN A 51 50.41 13.12 31.62
N ILE A 52 51.04 14.29 31.79
CA ILE A 52 50.92 15.06 33.03
C ILE A 52 50.29 16.41 32.70
N LEU A 53 49.47 16.89 33.63
CA LEU A 53 48.86 18.21 33.55
C LEU A 53 49.33 19.00 34.77
N MET A 54 50.20 19.97 34.54
CA MET A 54 50.63 20.85 35.62
C MET A 54 49.61 21.96 35.83
N ILE A 55 49.45 22.37 37.09
CA ILE A 55 48.45 23.35 37.49
C ILE A 55 49.06 24.24 38.54
N GLY A 56 48.87 25.55 38.38
CA GLY A 56 49.35 26.51 39.35
C GLY A 56 49.56 27.89 38.77
N PRO A 57 49.89 28.85 39.63
CA PRO A 57 50.17 30.20 39.15
C PRO A 57 51.46 30.25 38.35
N THR A 58 51.56 31.27 37.51
CA THR A 58 52.69 31.39 36.61
C THR A 58 54.00 31.59 37.39
N GLY A 59 55.09 31.11 36.81
CA GLY A 59 56.43 31.37 37.34
C GLY A 59 56.86 30.51 38.50
N VAL A 60 56.15 29.43 38.80
CA VAL A 60 56.49 28.58 39.93
C VAL A 60 57.38 27.42 39.50
N GLY A 61 57.78 27.41 38.24
CA GLY A 61 58.70 26.41 37.73
C GLY A 61 58.11 25.25 36.97
N LYS A 62 56.84 25.34 36.55
CA LYS A 62 56.25 24.27 35.73
C LYS A 62 57.11 23.98 34.50
N THR A 63 57.49 25.03 33.76
CA THR A 63 58.27 24.84 32.55
C THR A 63 59.69 24.37 32.87
N GLU A 64 60.26 24.88 33.96
CA GLU A 64 61.63 24.51 34.30
C GLU A 64 61.75 23.02 34.59
N ILE A 65 60.73 22.44 35.21
CA ILE A 65 60.72 21.01 35.44
C ILE A 65 60.75 20.25 34.12
N ALA A 66 59.90 20.65 33.17
CA ALA A 66 59.89 20.00 31.87
C ALA A 66 61.19 20.24 31.12
N ARG A 67 61.77 21.45 31.26
CA ARG A 67 63.02 21.73 30.56
C ARG A 67 64.15 20.90 31.15
N ARG A 68 64.29 20.93 32.47
CA ARG A 68 65.34 20.13 33.10
C ARG A 68 65.07 18.63 32.94
N LEU A 69 63.81 18.23 32.85
CA LEU A 69 63.51 16.81 32.66
C LEU A 69 63.98 16.33 31.29
N ALA A 70 63.64 17.07 30.24
CA ALA A 70 64.10 16.70 28.90
C ALA A 70 65.61 16.83 28.80
N LYS A 71 66.16 17.90 29.38
CA LYS A 71 67.62 18.04 29.43
C LYS A 71 68.26 16.92 30.23
N LEU A 72 67.58 16.42 31.26
CA LEU A 72 68.12 15.29 32.02
C LEU A 72 68.14 14.03 31.17
N ALA A 73 67.11 13.82 30.36
CA ALA A 73 67.03 12.65 29.50
C ALA A 73 67.71 12.84 28.16
N ASN A 74 68.24 14.03 27.88
CA ASN A 74 68.78 14.38 26.57
C ASN A 74 67.74 14.22 25.46
N ALA A 75 66.47 14.32 25.82
CA ALA A 75 65.35 14.12 24.92
C ALA A 75 65.06 15.39 24.12
N PRO A 76 64.48 15.25 22.94
CA PRO A 76 63.95 16.43 22.23
C PRO A 76 62.83 17.07 23.03
N PHE A 77 62.75 18.40 22.94
CA PHE A 77 61.80 19.16 23.74
C PHE A 77 61.35 20.40 22.97
N ILE A 78 60.10 20.78 23.19
CA ILE A 78 59.55 22.00 22.62
C ILE A 78 58.46 22.52 23.55
N LYS A 79 58.39 23.84 23.69
CA LYS A 79 57.31 24.50 24.42
C LYS A 79 56.44 25.23 23.41
N VAL A 80 55.14 24.96 23.45
CA VAL A 80 54.19 25.54 22.51
C VAL A 80 53.06 26.20 23.29
N GLU A 81 52.71 27.42 22.90
CA GLU A 81 51.59 28.13 23.49
C GLU A 81 50.30 27.69 22.82
N ALA A 82 49.36 27.17 23.62
CA ALA A 82 48.13 26.62 23.06
C ALA A 82 47.30 27.69 22.36
N THR A 83 47.43 28.95 22.77
CA THR A 83 46.66 30.03 22.16
C THR A 83 47.15 30.38 20.76
N LYS A 84 48.32 29.89 20.35
CA LYS A 84 48.84 30.17 19.01
C LYS A 84 47.91 29.65 17.92
N PHE A 85 47.17 28.57 18.19
CA PHE A 85 46.32 27.94 17.19
C PHE A 85 44.90 28.49 17.18
N THR A 86 44.58 29.45 18.04
CA THR A 86 43.26 30.06 18.07
C THR A 86 42.99 30.82 16.77
N GLY A 92 45.30 30.56 10.04
CA GLY A 92 46.07 30.20 11.21
C GLY A 92 47.00 29.02 10.99
N LYS A 93 47.87 28.77 11.96
CA LYS A 93 48.85 27.69 11.87
C LYS A 93 48.20 26.34 12.15
N GLU A 94 48.71 25.31 11.47
CA GLU A 94 48.24 23.95 11.70
C GLU A 94 48.87 23.37 12.96
N VAL A 95 48.12 22.49 13.62
CA VAL A 95 48.59 21.86 14.85
C VAL A 95 49.75 20.90 14.59
N ASP A 96 49.83 20.34 13.37
CA ASP A 96 50.88 19.37 13.07
C ASP A 96 52.28 19.99 13.14
N SER A 97 52.37 21.32 13.11
CA SER A 97 53.66 22.01 13.20
C SER A 97 54.39 21.69 14.49
N ILE A 98 53.67 21.30 15.54
CA ILE A 98 54.31 20.94 16.81
C ILE A 98 55.33 19.83 16.59
N ILE A 99 54.90 18.76 15.92
CA ILE A 99 55.81 17.65 15.64
C ILE A 99 56.90 18.06 14.66
N ARG A 100 56.58 18.95 13.71
CA ARG A 100 57.57 19.41 12.75
C ARG A 100 58.67 20.21 13.45
N ASP A 101 58.28 21.19 14.28
CA ASP A 101 59.28 21.97 15.01
C ASP A 101 60.02 21.14 16.04
N LEU A 102 59.37 20.13 16.61
CA LEU A 102 60.06 19.25 17.55
C LEU A 102 61.16 18.47 16.87
N THR A 103 60.87 17.94 15.67
CA THR A 103 61.90 17.21 14.93
C THR A 103 63.04 18.12 14.48
N ASP A 104 62.74 19.38 14.17
CA ASP A 104 63.78 20.32 13.80
C ASP A 104 64.71 20.62 14.96
N ALA A 105 64.18 20.65 16.18
CA ALA A 105 65.03 20.78 17.36
C ALA A 105 65.81 19.48 17.61
N ALA A 106 65.16 18.33 17.36
CA ALA A 106 65.85 17.06 17.50
C ALA A 106 66.94 16.89 16.45
N VAL A 107 66.73 17.42 15.23
CA VAL A 107 67.76 17.34 14.20
C VAL A 107 69.00 18.10 14.63
N LYS A 108 68.83 19.36 15.06
CA LYS A 108 69.97 20.14 15.52
C LYS A 108 70.57 19.56 16.79
N MET A 109 69.75 18.91 17.62
CA MET A 109 70.27 18.30 18.84
C MET A 109 71.18 17.12 18.52
N VAL A 110 70.70 16.19 17.70
CA VAL A 110 71.51 15.02 17.35
C VAL A 110 72.70 15.41 16.48
N ARG A 111 72.56 16.48 15.69
CA ARG A 111 73.66 16.89 14.82
C ARG A 111 74.82 17.48 15.62
N VAL A 112 74.53 18.44 16.51
CA VAL A 112 75.60 19.04 17.31
C VAL A 112 76.23 18.00 18.22
N GLN A 113 75.42 17.07 18.74
CA GLN A 113 75.96 15.99 19.56
C GLN A 113 76.82 15.02 18.74
N ALA A 114 76.46 14.82 17.45
CA ALA A 114 77.29 14.00 16.59
C ALA A 114 78.60 14.70 16.25
N ILE A 115 78.59 16.04 16.19
CA ILE A 115 79.82 16.80 16.00
C ILE A 115 80.75 16.61 17.18
N GLU A 116 80.21 16.42 18.38
CA GLU A 116 81.04 16.20 19.56
C GLU A 116 81.80 14.88 19.49
N LYS A 117 81.19 13.84 18.91
CA LYS A 117 81.89 12.56 18.77
C LYS A 117 83.05 12.66 17.79
N ASN A 118 82.83 13.35 16.67
CA ASN A 118 83.89 13.52 15.70
C ASN A 118 84.94 14.53 16.14
N ARG A 119 84.67 15.32 17.18
CA ARG A 119 85.64 16.31 17.62
C ARG A 119 86.91 15.66 18.14
N TYR A 120 86.81 14.45 18.69
CA TYR A 120 87.97 13.75 19.24
C TYR A 120 88.75 13.02 18.15
N ARG A 121 88.12 12.06 17.48
CA ARG A 121 88.83 11.23 16.50
C ARG A 121 89.44 12.07 15.38
N ALA A 122 88.71 13.09 14.91
CA ALA A 122 89.19 13.85 13.76
C ALA A 122 90.48 14.61 14.08
N GLU A 123 90.66 15.02 15.34
CA GLU A 123 91.90 15.68 15.72
C GLU A 123 93.10 14.74 15.61
N GLU A 124 92.90 13.46 15.87
CA GLU A 124 93.98 12.48 15.74
C GLU A 124 94.28 12.19 14.28
N LEU A 125 93.26 11.89 13.49
CA LEU A 125 93.44 11.59 12.08
C LEU A 125 93.85 12.84 11.31
N LEU A 224 90.48 19.82 7.56
CA LEU A 224 90.58 18.38 7.73
C LEU A 224 89.55 17.86 8.73
N ILE A 225 89.13 18.72 9.66
CA ILE A 225 88.09 18.33 10.61
C ILE A 225 86.79 18.03 9.89
N GLU A 226 86.46 18.82 8.86
CA GLU A 226 85.27 18.56 8.07
C GLU A 226 85.38 17.23 7.31
N GLU A 227 86.48 17.05 6.58
CA GLU A 227 86.64 15.85 5.76
C GLU A 227 86.68 14.60 6.62
N GLU A 228 87.32 14.67 7.79
CA GLU A 228 87.39 13.51 8.67
C GLU A 228 86.06 13.27 9.38
N ALA A 229 85.44 14.33 9.91
CA ALA A 229 84.12 14.18 10.52
C ALA A 229 83.11 13.68 9.51
N ALA A 230 83.19 14.16 8.26
CA ALA A 230 82.33 13.63 7.21
C ALA A 230 82.69 12.18 6.88
N LYS A 231 83.98 11.85 6.92
CA LYS A 231 84.41 10.46 6.72
C LYS A 231 83.96 9.58 7.87
N LEU A 232 83.91 10.15 9.09
CA LEU A 232 83.49 9.39 10.26
C LEU A 232 81.97 9.31 10.42
N VAL A 233 81.22 10.32 9.92
CA VAL A 233 79.78 10.42 10.19
C VAL A 233 78.99 9.61 9.17
N ASN A 234 77.86 9.06 9.61
CA ASN A 234 76.92 8.35 8.74
C ASN A 234 75.58 9.08 8.75
N PRO A 235 75.15 9.70 7.65
CA PRO A 235 73.92 10.53 7.70
C PRO A 235 72.61 9.78 7.85
N GLU A 236 72.47 8.59 7.25
CA GLU A 236 71.23 7.82 7.40
C GLU A 236 71.02 7.34 8.83
N GLU A 237 72.09 7.22 9.62
CA GLU A 237 71.97 6.92 11.03
C GLU A 237 71.70 8.17 11.86
N LEU A 238 71.84 9.37 11.28
CA LEU A 238 71.65 10.62 12.00
C LEU A 238 70.24 11.20 11.82
N LYS A 239 69.85 11.50 10.58
CA LYS A 239 68.49 12.00 10.34
C LYS A 239 67.44 11.00 10.81
N GLN A 240 67.74 9.71 10.75
CA GLN A 240 66.85 8.70 11.32
C GLN A 240 66.98 8.59 12.85
N ASP A 241 68.07 9.11 13.42
CA ASP A 241 68.22 9.09 14.87
C ASP A 241 67.33 10.14 15.52
N ALA A 242 67.23 11.33 14.91
CA ALA A 242 66.34 12.35 15.44
C ALA A 242 64.89 11.89 15.41
N ILE A 243 64.52 11.07 14.42
CA ILE A 243 63.19 10.48 14.39
C ILE A 243 63.01 9.51 15.54
N ASP A 244 64.00 8.65 15.78
CA ASP A 244 63.94 7.76 16.93
C ASP A 244 63.98 8.54 18.24
N ALA A 245 64.73 9.64 18.28
CA ALA A 245 64.76 10.48 19.47
C ALA A 245 63.42 11.16 19.71
N VAL A 246 62.71 11.53 18.64
CA VAL A 246 61.39 12.15 18.79
C VAL A 246 60.36 11.10 19.19
N GLU A 247 60.34 9.97 18.47
CA GLU A 247 59.31 8.97 18.71
C GLU A 247 59.47 8.33 20.10
N GLN A 248 60.69 7.91 20.44
CA GLN A 248 60.90 7.21 21.71
C GLN A 248 61.01 8.19 22.87
N HIS A 249 61.84 9.22 22.72
CA HIS A 249 62.18 10.10 23.83
C HIS A 249 61.46 11.44 23.79
N GLY A 250 60.65 11.71 22.77
CA GLY A 250 60.17 13.06 22.56
C GLY A 250 59.32 13.56 23.72
N ILE A 251 59.39 14.87 23.95
CA ILE A 251 58.64 15.54 25.01
C ILE A 251 58.13 16.86 24.45
N VAL A 252 56.91 17.22 24.83
CA VAL A 252 56.29 18.47 24.39
C VAL A 252 55.60 19.10 25.59
N PHE A 253 55.82 20.40 25.77
CA PHE A 253 55.19 21.17 26.84
C PHE A 253 54.20 22.14 26.22
N ILE A 254 52.93 21.99 26.59
CA ILE A 254 51.86 22.85 26.09
C ILE A 254 51.51 23.79 27.24
N ASP A 255 51.95 25.04 27.12
CA ASP A 255 51.68 26.05 28.13
C ASP A 255 50.25 26.55 28.00
N GLU A 256 49.71 27.07 29.11
CA GLU A 256 48.42 27.78 29.14
C GLU A 256 47.30 27.02 28.42
N ILE A 257 47.23 25.71 28.69
CA ILE A 257 46.15 24.90 28.12
C ILE A 257 44.80 25.29 28.71
N ASP A 258 44.78 25.88 29.89
CA ASP A 258 43.51 26.24 30.52
C ASP A 258 42.76 27.30 29.72
N LYS A 259 43.46 28.05 28.88
CA LYS A 259 42.84 29.14 28.15
C LYS A 259 42.03 28.65 26.94
N ILE A 260 42.17 27.38 26.54
CA ILE A 260 41.36 26.84 25.46
C ILE A 260 40.13 26.12 25.96
N CYS A 261 39.87 26.14 27.26
CA CYS A 261 38.65 25.54 27.80
C CYS A 261 37.45 26.44 27.52
N LYS A 262 36.28 25.82 27.56
CA LYS A 262 35.03 26.54 27.36
C LYS A 262 34.74 27.47 28.52
N SER A 267 29.94 31.30 23.35
CA SER A 267 29.62 30.26 22.39
C SER A 267 30.55 30.33 21.18
N GLY A 268 30.88 31.55 20.77
CA GLY A 268 31.74 31.79 19.63
C GLY A 268 33.17 31.34 19.85
N PRO A 269 33.83 31.88 20.88
CA PRO A 269 35.19 31.40 21.20
C PRO A 269 35.21 29.95 21.64
N ASP A 270 34.15 29.47 22.30
CA ASP A 270 34.12 28.10 22.80
C ASP A 270 34.24 27.07 21.68
N VAL A 271 33.75 27.40 20.48
CA VAL A 271 33.93 26.49 19.35
C VAL A 271 35.39 26.51 18.89
N SER A 272 35.97 27.70 18.74
CA SER A 272 37.37 27.83 18.39
C SER A 272 38.30 27.34 19.50
N ARG A 273 37.91 27.53 20.76
CA ARG A 273 38.74 27.04 21.87
C ARG A 273 38.74 25.52 21.91
N GLU A 274 37.56 24.91 21.94
CA GLU A 274 37.45 23.46 21.95
C GLU A 274 37.87 22.85 20.61
N GLY A 275 37.85 23.63 19.54
CA GLY A 275 38.33 23.11 18.27
C GLY A 275 39.82 22.82 18.31
N VAL A 276 40.58 23.65 19.03
CA VAL A 276 42.01 23.41 19.19
C VAL A 276 42.25 22.11 19.95
N GLN A 277 41.39 21.80 20.91
CA GLN A 277 41.53 20.57 21.68
C GLN A 277 41.37 19.36 20.77
N ARG A 278 40.36 19.39 19.92
CA ARG A 278 40.14 18.30 18.97
C ARG A 278 41.28 18.19 17.97
N ASP A 279 41.87 19.32 17.57
CA ASP A 279 43.02 19.27 16.69
C ASP A 279 44.23 18.67 17.40
N LEU A 280 44.36 18.93 18.71
CA LEU A 280 45.42 18.32 19.49
C LEU A 280 45.16 16.85 19.78
N LEU A 281 43.89 16.42 19.69
CA LEU A 281 43.53 15.07 20.09
C LEU A 281 44.30 13.96 19.38
N PRO A 282 44.46 13.97 18.06
CA PRO A 282 45.20 12.88 17.42
C PRO A 282 46.64 12.73 17.90
N LEU A 283 47.30 13.83 18.27
CA LEU A 283 48.70 13.74 18.67
C LEU A 283 48.85 12.91 19.94
N VAL A 284 47.92 13.05 20.88
CA VAL A 284 48.00 12.30 22.13
C VAL A 284 47.41 10.90 21.99
N GLU A 285 46.30 10.76 21.26
CA GLU A 285 45.74 9.45 20.99
C GLU A 285 46.63 8.63 20.06
N GLY A 286 47.57 9.28 19.40
CA GLY A 286 48.47 8.64 18.48
C GLY A 286 48.05 8.89 17.05
N CYS A 287 49.02 9.08 16.17
CA CYS A 287 48.79 9.40 14.76
C CYS A 287 50.15 9.38 14.06
N THR A 288 50.16 9.75 12.78
CA THR A 288 51.40 9.86 12.03
C THR A 288 51.42 11.20 11.32
N VAL A 289 52.53 11.92 11.45
CA VAL A 289 52.70 13.24 10.85
C VAL A 289 53.87 13.18 9.87
N SER A 290 53.70 13.82 8.72
CA SER A 290 54.73 13.86 7.71
C SER A 290 55.61 15.08 7.90
N THR A 291 56.93 14.87 7.78
CA THR A 291 57.90 15.93 7.87
C THR A 291 58.94 15.72 6.77
N LYS A 292 59.61 16.80 6.38
CA LYS A 292 60.66 16.70 5.38
C LYS A 292 61.80 15.78 5.86
N HIS A 293 62.04 15.75 7.16
CA HIS A 293 63.06 14.87 7.71
C HIS A 293 62.61 13.41 7.74
N GLY A 294 61.31 13.14 7.72
CA GLY A 294 60.82 11.79 7.74
C GLY A 294 59.39 11.74 8.21
N MET A 295 58.93 10.52 8.48
CA MET A 295 57.56 10.23 8.91
C MET A 295 57.61 9.82 10.38
N VAL A 296 57.00 10.64 11.24
CA VAL A 296 57.08 10.45 12.69
C VAL A 296 55.73 9.97 13.20
N LYS A 297 55.77 9.13 14.24
CA LYS A 297 54.58 8.66 14.94
C LYS A 297 54.58 9.21 16.36
N THR A 298 53.41 9.68 16.81
CA THR A 298 53.27 10.38 18.08
C THR A 298 52.83 9.49 19.22
N ASP A 299 52.71 8.18 18.99
CA ASP A 299 52.06 7.32 19.97
C ASP A 299 52.78 7.34 21.31
N HIS A 300 54.11 7.30 21.29
CA HIS A 300 54.90 7.17 22.51
C HIS A 300 55.49 8.49 23.00
N ILE A 301 55.18 9.61 22.34
CA ILE A 301 55.67 10.90 22.80
C ILE A 301 55.01 11.27 24.12
N LEU A 302 55.80 11.84 25.03
CA LEU A 302 55.29 12.34 26.30
C LEU A 302 54.94 13.81 26.17
N PHE A 303 53.87 14.21 26.86
CA PHE A 303 53.36 15.57 26.78
C PHE A 303 53.15 16.10 28.19
N ILE A 304 53.35 17.40 28.36
CA ILE A 304 53.12 18.08 29.64
C ILE A 304 52.31 19.33 29.34
N ALA A 305 51.08 19.37 29.84
CA ALA A 305 50.23 20.55 29.73
C ALA A 305 50.24 21.32 31.04
N SER A 306 50.14 22.64 30.95
CA SER A 306 50.15 23.49 32.14
C SER A 306 49.15 24.62 31.97
N GLY A 307 48.57 25.03 33.09
CA GLY A 307 47.65 26.14 33.11
C GLY A 307 47.31 26.58 34.52
N ALA A 308 46.95 27.86 34.70
CA ALA A 308 46.55 28.33 36.01
C ALA A 308 45.23 27.73 36.45
N PHE A 309 44.31 27.50 35.51
CA PHE A 309 42.99 26.92 35.79
C PHE A 309 42.23 27.70 36.85
N GLN A 310 42.41 29.02 36.86
CA GLN A 310 41.59 29.88 37.72
C GLN A 310 40.25 30.25 37.06
N ILE A 311 40.24 30.45 35.74
CA ILE A 311 39.00 30.74 35.03
C ILE A 311 38.20 29.46 34.76
N ALA A 312 38.88 28.39 34.39
CA ALA A 312 38.27 27.11 34.04
C ALA A 312 38.94 26.00 34.87
N LYS A 313 38.48 24.78 34.65
CA LYS A 313 38.98 23.61 35.37
C LYS A 313 39.30 22.52 34.38
N PRO A 314 40.16 21.56 34.75
CA PRO A 314 40.47 20.45 33.84
C PRO A 314 39.23 19.69 33.39
N SER A 315 38.18 19.67 34.22
CA SER A 315 36.92 19.05 33.81
C SER A 315 36.31 19.74 32.60
N ASP A 316 36.61 21.01 32.38
CA ASP A 316 36.10 21.73 31.21
C ASP A 316 36.75 21.28 29.91
N LEU A 317 37.86 20.53 29.99
CA LEU A 317 38.47 19.97 28.79
C LEU A 317 37.56 18.92 28.18
N ILE A 318 37.73 18.68 26.88
CA ILE A 318 36.92 17.70 26.17
C ILE A 318 37.18 16.33 26.79
N PRO A 319 36.18 15.44 26.85
CA PRO A 319 36.38 14.17 27.57
C PRO A 319 37.51 13.31 27.01
N GLU A 320 37.71 13.30 25.69
CA GLU A 320 38.79 12.52 25.11
C GLU A 320 40.16 13.04 25.56
N LEU A 321 40.24 14.33 25.90
CA LEU A 321 41.50 14.90 26.36
C LEU A 321 41.73 14.65 27.85
N GLN A 322 40.68 14.61 28.64
CA GLN A 322 40.84 14.36 30.08
C GLN A 322 41.39 12.98 30.33
N GLY A 323 41.01 12.00 29.50
CA GLY A 323 41.49 10.64 29.68
C GLY A 323 42.87 10.40 29.13
N ARG A 324 43.40 11.32 28.35
CA ARG A 324 44.77 11.23 27.86
C ARG A 324 45.76 11.96 28.74
N LEU A 325 45.32 12.44 29.91
CA LEU A 325 46.19 13.12 30.87
C LEU A 325 46.05 12.40 32.20
N PRO A 326 46.59 11.17 32.29
CA PRO A 326 46.36 10.35 33.50
C PRO A 326 46.92 10.96 34.78
N ILE A 327 48.04 11.67 34.74
CA ILE A 327 48.70 12.18 35.93
C ILE A 327 48.35 13.66 36.09
N ARG A 328 47.88 14.03 37.27
CA ARG A 328 47.55 15.41 37.59
C ARG A 328 48.35 15.83 38.82
N VAL A 329 48.82 17.08 38.81
CA VAL A 329 49.59 17.63 39.92
C VAL A 329 49.38 19.13 39.97
N GLU A 330 49.28 19.66 41.19
CA GLU A 330 49.19 21.10 41.43
C GLU A 330 50.51 21.58 42.01
N LEU A 331 51.02 22.69 41.47
CA LEU A 331 52.27 23.27 41.94
C LEU A 331 51.96 24.43 42.88
N GLN A 332 52.64 24.44 44.03
CA GLN A 332 52.38 25.44 45.05
C GLN A 332 53.03 26.76 44.71
N ALA A 333 52.45 27.84 45.23
CA ALA A 333 53.03 29.16 45.07
C ALA A 333 54.31 29.27 45.89
N LEU A 334 55.30 29.97 45.35
CA LEU A 334 56.58 30.14 46.01
C LEU A 334 56.49 31.20 47.10
N THR A 335 57.14 30.93 48.23
CA THR A 335 57.18 31.87 49.34
C THR A 335 58.45 32.70 49.33
N THR A 336 58.56 33.65 50.27
CA THR A 336 59.78 34.44 50.39
C THR A 336 60.98 33.56 50.74
N SER A 337 60.76 32.55 51.58
CA SER A 337 61.84 31.64 51.94
C SER A 337 62.34 30.85 50.74
N ASP A 338 61.42 30.45 49.86
CA ASP A 338 61.82 29.75 48.64
C ASP A 338 62.62 30.66 47.72
N PHE A 339 62.29 31.96 47.69
CA PHE A 339 63.06 32.91 46.89
C PHE A 339 64.51 32.96 47.36
N GLU A 340 64.72 32.98 48.67
CA GLU A 340 66.08 32.98 49.19
C GLU A 340 66.81 31.72 48.80
N ARG A 341 66.10 30.59 48.75
CA ARG A 341 66.72 29.34 48.34
C ARG A 341 67.02 29.35 46.85
N ILE A 342 66.10 29.86 46.03
CA ILE A 342 66.30 29.90 44.58
C ILE A 342 67.51 30.75 44.23
N LEU A 343 67.79 31.79 45.03
CA LEU A 343 68.91 32.68 44.72
C LEU A 343 70.25 31.97 44.89
N THR A 344 70.33 30.95 45.74
CA THR A 344 71.62 30.41 46.14
C THR A 344 71.70 28.90 45.90
N GLU A 345 70.82 28.14 46.54
CA GLU A 345 70.91 26.68 46.55
C GLU A 345 71.05 26.03 45.18
N PRO A 346 70.26 26.38 44.15
CA PRO A 346 70.35 25.65 42.89
C PRO A 346 71.74 25.77 42.28
N ASN A 347 72.16 24.68 41.62
CA ASN A 347 73.42 24.71 40.89
C ASN A 347 73.34 25.76 39.79
N ALA A 348 74.39 26.58 39.66
CA ALA A 348 74.43 27.70 38.72
C ALA A 348 73.27 28.67 38.94
N SER A 349 73.00 28.98 40.21
CA SER A 349 71.96 29.94 40.55
C SER A 349 72.35 31.33 40.07
N ILE A 350 71.34 32.19 39.90
CA ILE A 350 71.56 33.50 39.31
C ILE A 350 72.56 34.33 40.12
N THR A 351 72.61 34.15 41.44
CA THR A 351 73.65 34.78 42.24
C THR A 351 75.03 34.22 41.92
N VAL A 352 75.12 32.90 41.76
CA VAL A 352 76.40 32.29 41.36
C VAL A 352 76.79 32.75 39.96
N GLN A 353 75.81 32.95 39.08
CA GLN A 353 76.10 33.43 37.74
C GLN A 353 76.67 34.85 37.76
N TYR A 354 76.06 35.72 38.57
CA TYR A 354 76.58 37.08 38.70
C TYR A 354 77.95 37.10 39.35
N LYS A 355 78.21 36.18 40.26
CA LYS A 355 79.51 36.12 40.93
C LYS A 355 80.61 35.76 39.94
N ALA A 356 80.40 34.70 39.15
CA ALA A 356 81.39 34.30 38.16
C ALA A 356 81.53 35.33 37.04
N LEU A 357 80.45 36.05 36.69
CA LEU A 357 80.54 37.06 35.65
C LEU A 357 81.45 38.21 36.08
N MET A 358 81.24 38.74 37.28
CA MET A 358 82.13 39.78 37.80
C MET A 358 83.54 39.25 38.04
N ALA A 359 83.67 37.96 38.31
CA ALA A 359 85.00 37.35 38.44
C ALA A 359 85.78 37.45 37.14
N THR A 360 85.08 37.42 36.00
CA THR A 360 85.76 37.59 34.73
C THR A 360 86.43 38.94 34.63
N GLU A 361 85.84 39.96 35.26
CA GLU A 361 86.41 41.28 35.29
C GLU A 361 87.44 41.47 36.41
N GLY A 362 87.72 40.43 37.18
CA GLY A 362 88.64 40.54 38.30
C GLY A 362 88.03 40.99 39.60
N VAL A 363 86.70 41.08 39.69
CA VAL A 363 86.01 41.51 40.88
C VAL A 363 85.44 40.30 41.61
N ASN A 364 85.39 40.38 42.94
CA ASN A 364 84.88 39.30 43.78
C ASN A 364 83.60 39.79 44.44
N ILE A 365 82.46 39.21 44.03
CA ILE A 365 81.17 39.53 44.61
C ILE A 365 80.88 38.55 45.74
N GLU A 366 80.27 39.06 46.81
CA GLU A 366 79.83 38.23 47.93
C GLU A 366 78.53 38.81 48.46
N PHE A 367 77.53 37.94 48.63
CA PHE A 367 76.22 38.32 49.14
C PHE A 367 76.07 37.86 50.57
N THR A 368 75.66 38.78 51.46
CA THR A 368 75.36 38.42 52.84
C THR A 368 74.01 37.72 52.91
N ASP A 369 73.84 36.91 53.95
CA ASP A 369 72.56 36.22 54.15
C ASP A 369 71.41 37.21 54.29
N SER A 370 71.64 38.32 55.01
CA SER A 370 70.63 39.36 55.11
C SER A 370 70.45 40.09 53.78
N GLY A 371 71.51 40.17 52.97
CA GLY A 371 71.38 40.79 51.65
C GLY A 371 70.58 39.93 50.69
N ILE A 372 70.76 38.61 50.75
CA ILE A 372 69.91 37.70 49.99
C ILE A 372 68.48 37.76 50.52
N LYS A 373 68.32 37.89 51.84
CA LYS A 373 66.99 37.92 52.44
C LYS A 373 66.21 39.16 52.00
N ARG A 374 66.89 40.29 51.83
CA ARG A 374 66.20 41.52 51.44
C ARG A 374 65.97 41.61 49.94
N ILE A 375 66.67 40.80 49.14
CA ILE A 375 66.35 40.70 47.73
C ILE A 375 65.07 39.91 47.53
N ALA A 376 64.94 38.79 48.24
CA ALA A 376 63.72 37.99 48.17
C ALA A 376 62.52 38.78 48.69
N GLU A 377 62.71 39.56 49.75
CA GLU A 377 61.64 40.43 50.25
C GLU A 377 61.29 41.52 49.24
N ALA A 378 62.29 41.99 48.48
CA ALA A 378 62.03 43.02 47.48
C ALA A 378 61.22 42.45 46.33
N ALA A 379 61.59 41.28 45.83
CA ALA A 379 60.83 40.65 44.76
C ALA A 379 59.42 40.27 45.21
N TRP A 380 59.26 39.88 46.48
CA TRP A 380 57.94 39.54 46.99
C TRP A 380 57.03 40.75 47.04
N GLN A 381 57.56 41.90 47.46
CA GLN A 381 56.73 43.09 47.59
C GLN A 381 56.22 43.57 46.23
N VAL A 382 57.04 43.43 45.18
CA VAL A 382 56.61 43.88 43.86
C VAL A 382 55.50 42.99 43.34
N ASN A 383 55.61 41.68 43.55
CA ASN A 383 54.56 40.75 43.13
C ASN A 383 53.26 41.01 43.87
N GLU A 384 53.33 41.41 45.14
CA GLU A 384 52.12 41.73 45.90
C GLU A 384 51.63 43.14 45.59
N SER A 385 52.56 44.10 45.47
CA SER A 385 52.15 45.47 45.24
C SER A 385 51.53 45.66 43.87
N THR A 386 51.98 44.92 42.86
CA THR A 386 51.46 45.13 41.51
C THR A 386 50.89 43.85 40.92
N GLU A 387 51.75 42.98 40.39
CA GLU A 387 51.36 41.74 39.74
C GLU A 387 52.34 40.64 40.11
N ASN A 388 51.82 39.44 40.36
CA ASN A 388 52.63 38.33 40.83
C ASN A 388 53.11 37.57 39.60
N ILE A 389 54.41 37.69 39.29
CA ILE A 389 55.01 36.99 38.16
C ILE A 389 55.76 35.74 38.60
N GLY A 390 55.72 35.39 39.88
CA GLY A 390 56.46 34.25 40.38
C GLY A 390 57.94 34.56 40.52
N ALA A 391 58.75 33.49 40.47
CA ALA A 391 60.18 33.63 40.67
C ALA A 391 60.85 34.48 39.60
N ARG A 392 60.15 34.78 38.49
CA ARG A 392 60.73 35.65 37.47
C ARG A 392 61.08 37.03 38.00
N ARG A 393 60.40 37.47 39.06
CA ARG A 393 60.70 38.79 39.64
C ARG A 393 62.12 38.86 40.18
N LEU A 394 62.68 37.72 40.61
CA LEU A 394 64.04 37.72 41.14
C LEU A 394 65.07 38.18 40.11
N HIS A 395 64.84 37.87 38.83
CA HIS A 395 65.78 38.27 37.80
C HIS A 395 65.78 39.78 37.59
N THR A 396 64.59 40.38 37.53
CA THR A 396 64.49 41.82 37.29
C THR A 396 65.05 42.61 38.46
N VAL A 397 64.83 42.13 39.68
CA VAL A 397 65.30 42.83 40.87
C VAL A 397 66.81 42.75 40.97
N LEU A 398 67.39 41.57 40.68
CA LEU A 398 68.82 41.38 40.84
C LEU A 398 69.61 42.23 39.85
N GLU A 399 69.19 42.24 38.58
CA GLU A 399 69.92 43.03 37.58
C GLU A 399 69.83 44.52 37.88
N ARG A 400 68.69 44.97 38.41
CA ARG A 400 68.55 46.36 38.81
C ARG A 400 69.48 46.71 39.98
N LEU A 401 69.70 45.77 40.89
CA LEU A 401 70.61 46.03 42.01
C LEU A 401 72.07 46.05 41.55
N MET A 402 72.43 45.14 40.65
CA MET A 402 73.81 44.95 40.23
C MET A 402 74.19 45.79 39.02
N GLU A 403 73.27 46.59 38.49
CA GLU A 403 73.55 47.34 37.27
C GLU A 403 74.72 48.30 37.46
N GLU A 404 74.88 48.86 38.67
CA GLU A 404 75.97 49.78 38.91
C GLU A 404 77.31 49.06 38.98
N ILE A 405 77.32 47.89 39.61
CA ILE A 405 78.54 47.09 39.66
C ILE A 405 78.87 46.51 38.28
N SER A 406 77.86 46.02 37.56
CA SER A 406 78.11 45.40 36.26
C SER A 406 78.71 46.40 35.27
N TYR A 407 78.37 47.68 35.41
CA TYR A 407 78.97 48.68 34.53
C TYR A 407 80.40 49.00 34.94
N ASP A 408 80.64 49.15 36.24
CA ASP A 408 81.94 49.58 36.73
C ASP A 408 82.91 48.42 36.93
N ALA A 409 82.48 47.19 36.63
CA ALA A 409 83.30 46.01 36.94
C ALA A 409 84.67 46.07 36.29
N SER A 410 84.78 46.76 35.16
CA SER A 410 86.08 46.90 34.51
C SER A 410 87.07 47.68 35.37
N ASP A 411 86.64 48.82 35.90
CA ASP A 411 87.52 49.66 36.71
C ASP A 411 87.71 49.14 38.13
N LEU A 412 86.83 48.26 38.59
CA LEU A 412 86.90 47.72 39.95
C LEU A 412 87.74 46.45 40.04
N SER A 413 88.42 46.08 38.95
CA SER A 413 89.21 44.85 38.95
C SER A 413 90.20 44.84 40.11
N GLY A 414 90.33 43.67 40.73
CA GLY A 414 91.21 43.53 41.88
C GLY A 414 90.61 43.97 43.20
N GLN A 415 89.30 44.25 43.23
CA GLN A 415 88.61 44.66 44.45
C GLN A 415 87.58 43.60 44.86
N ASN A 416 87.30 43.55 46.15
CA ASN A 416 86.32 42.63 46.72
C ASN A 416 85.10 43.44 47.12
N ILE A 417 84.00 43.26 46.40
CA ILE A 417 82.75 43.95 46.67
C ILE A 417 81.86 43.04 47.50
N THR A 418 81.12 43.63 48.44
CA THR A 418 80.25 42.89 49.34
C THR A 418 78.84 43.48 49.22
N ILE A 419 77.88 42.64 48.88
CA ILE A 419 76.48 43.03 48.80
C ILE A 419 75.87 42.75 50.17
N ASP A 420 75.56 43.81 50.90
CA ASP A 420 75.02 43.70 52.25
C ASP A 420 73.57 44.21 52.27
N ALA A 421 72.95 44.11 53.44
CA ALA A 421 71.57 44.57 53.59
C ALA A 421 71.48 46.07 53.33
N ASP A 422 72.49 46.82 53.77
CA ASP A 422 72.50 48.26 53.53
C ASP A 422 72.63 48.58 52.04
N TYR A 423 73.36 47.76 51.29
CA TYR A 423 73.50 47.97 49.85
C TYR A 423 72.20 47.67 49.12
N VAL A 424 71.49 46.62 49.54
CA VAL A 424 70.24 46.25 48.88
C VAL A 424 69.18 47.33 49.07
N SER A 425 69.03 47.82 50.31
CA SER A 425 68.04 48.86 50.57
C SER A 425 68.38 50.17 49.87
N LYS A 426 69.67 50.44 49.65
CA LYS A 426 70.07 51.69 49.03
C LYS A 426 69.64 51.77 47.57
N HIS A 427 69.82 50.70 46.81
CA HIS A 427 69.52 50.70 45.39
C HIS A 427 68.09 50.29 45.07
N LEU A 428 67.35 49.78 46.06
CA LEU A 428 66.05 49.17 45.81
C LEU A 428 64.92 49.91 46.49
N ASP A 429 64.94 50.03 47.83
CA ASP A 429 63.79 50.50 48.59
C ASP A 429 63.17 51.77 48.01
N ALA A 430 63.99 52.65 47.42
CA ALA A 430 63.45 53.83 46.76
C ALA A 430 62.58 53.45 45.57
N LEU A 431 62.95 52.38 44.86
CA LEU A 431 62.17 51.94 43.71
C LEU A 431 60.94 51.15 44.13
N VAL A 432 61.10 50.26 45.12
CA VAL A 432 59.97 49.45 45.59
C VAL A 432 58.91 50.31 46.26
N ALA A 433 59.32 51.44 46.85
CA ALA A 433 58.38 52.30 47.57
C ALA A 433 57.36 52.92 46.62
N ASP A 434 57.75 53.16 45.37
CA ASP A 434 56.87 53.76 44.38
C ASP A 434 56.34 52.66 43.48
N GLU A 435 55.05 52.37 43.60
CA GLU A 435 54.46 51.31 42.78
C GLU A 435 54.26 51.77 41.34
N ASP A 436 54.16 53.08 41.11
CA ASP A 436 54.02 53.60 39.75
C ASP A 436 55.28 53.35 38.94
N LEU A 437 56.44 53.38 39.59
CA LEU A 437 57.71 53.16 38.91
C LEU A 437 58.00 51.67 38.80
N MET B 3 86.35 45.16 22.76
CA MET B 3 86.17 46.53 23.24
C MET B 3 85.52 46.57 24.62
N THR B 4 86.06 47.41 25.50
CA THR B 4 85.50 47.60 26.83
C THR B 4 84.28 48.52 26.72
N PRO B 5 83.38 48.48 27.71
CA PRO B 5 82.13 49.26 27.60
C PRO B 5 82.35 50.75 27.36
N ARG B 6 83.39 51.34 27.93
CA ARG B 6 83.68 52.75 27.67
C ARG B 6 84.13 52.97 26.24
N GLU B 7 84.88 52.02 25.68
CA GLU B 7 85.29 52.12 24.28
C GLU B 7 84.09 52.04 23.34
N ILE B 8 83.04 51.32 23.76
CA ILE B 8 81.83 51.23 22.94
C ILE B 8 81.08 52.55 22.95
N VAL B 9 80.91 53.13 24.14
CA VAL B 9 80.20 54.40 24.26
C VAL B 9 80.93 55.51 23.51
N SER B 10 82.26 55.54 23.61
CA SER B 10 83.04 56.58 22.93
C SER B 10 82.89 56.47 21.42
N GLU B 11 82.77 55.25 20.90
CA GLU B 11 82.53 55.07 19.47
C GLU B 11 81.12 55.48 19.10
N LEU B 12 80.15 55.18 19.98
CA LEU B 12 78.78 55.60 19.72
C LEU B 12 78.61 57.10 19.77
N ASP B 13 79.41 57.79 20.60
CA ASP B 13 79.37 59.24 20.65
C ASP B 13 79.77 59.87 19.32
N LYS B 14 80.52 59.15 18.49
CA LYS B 14 80.88 59.65 17.17
C LYS B 14 79.67 59.75 16.24
N HIS B 15 78.59 59.02 16.53
CA HIS B 15 77.39 59.06 15.71
C HIS B 15 76.19 59.61 16.48
N ILE B 16 75.77 58.96 17.56
CA ILE B 16 74.65 59.43 18.36
C ILE B 16 75.11 60.56 19.27
N ILE B 17 74.22 61.52 19.52
CA ILE B 17 74.46 62.64 20.44
C ILE B 17 73.64 62.41 21.69
N GLY B 18 74.30 62.48 22.84
CA GLY B 18 73.60 62.31 24.10
C GLY B 18 73.10 60.88 24.26
N GLN B 19 72.05 60.72 25.06
CA GLN B 19 71.45 59.41 25.33
C GLN B 19 72.47 58.42 25.88
N ASP B 20 73.34 58.91 26.77
CA ASP B 20 74.46 58.10 27.25
C ASP B 20 73.98 56.86 27.99
N ASN B 21 72.86 56.95 28.72
CA ASN B 21 72.36 55.79 29.45
C ASN B 21 72.02 54.63 28.52
N ALA B 22 71.41 54.93 27.38
CA ALA B 22 71.18 53.90 26.37
C ALA B 22 72.48 53.38 25.78
N LYS B 23 73.49 54.23 25.64
CA LYS B 23 74.80 53.77 25.18
C LYS B 23 75.46 52.89 26.22
N ARG B 24 75.37 53.25 27.50
CA ARG B 24 75.94 52.41 28.54
C ARG B 24 75.23 51.07 28.65
N SER B 25 73.91 51.05 28.40
CA SER B 25 73.15 49.81 28.54
C SER B 25 73.47 48.85 27.40
N VAL B 26 73.57 49.36 26.17
CA VAL B 26 73.92 48.49 25.05
C VAL B 26 75.36 48.01 25.15
N ALA B 27 76.24 48.82 25.71
CA ALA B 27 77.65 48.42 25.85
C ALA B 27 77.78 47.24 26.80
N ILE B 28 76.97 47.21 27.87
CA ILE B 28 77.01 46.09 28.81
C ILE B 28 76.60 44.80 28.12
N ALA B 29 75.64 44.89 27.21
CA ALA B 29 75.17 43.68 26.53
C ALA B 29 76.24 43.14 25.57
N LEU B 30 76.87 44.03 24.80
CA LEU B 30 77.92 43.59 23.89
C LEU B 30 79.16 43.08 24.63
N ARG B 31 79.45 43.66 25.80
CA ARG B 31 80.60 43.19 26.57
C ARG B 31 80.36 41.82 27.17
N ASN B 32 79.12 41.52 27.55
CA ASN B 32 78.79 40.21 28.08
C ASN B 32 79.02 39.12 27.03
N ARG B 33 78.92 39.46 25.75
CA ARG B 33 79.26 38.52 24.69
C ARG B 33 80.70 38.04 24.83
N TRP B 34 81.64 38.99 24.90
CA TRP B 34 83.04 38.63 25.07
C TRP B 34 83.28 37.99 26.44
N ARG B 35 82.56 38.44 27.48
CA ARG B 35 82.74 37.85 28.80
C ARG B 35 82.27 36.40 28.83
N ARG B 36 81.27 36.06 28.03
CA ARG B 36 80.76 34.69 28.05
C ARG B 36 81.75 33.72 27.42
N MET B 37 82.39 34.12 26.32
CA MET B 37 83.30 33.22 25.62
C MET B 37 84.47 32.80 26.49
N GLN B 38 84.87 33.66 27.43
CA GLN B 38 85.95 33.34 28.35
C GLN B 38 85.56 32.35 29.43
N LEU B 39 84.28 32.05 29.57
CA LEU B 39 83.80 31.15 30.61
C LEU B 39 83.95 29.68 30.18
N ASN B 40 83.62 28.78 31.10
CA ASN B 40 83.73 27.35 30.89
C ASN B 40 82.53 26.82 30.09
N GLU B 41 82.56 25.51 29.81
CA GLU B 41 81.54 24.91 28.96
C GLU B 41 80.15 25.02 29.58
N GLU B 42 80.06 24.91 30.90
CA GLU B 42 78.76 24.91 31.56
C GLU B 42 78.13 26.29 31.59
N LEU B 43 78.89 27.29 32.04
CA LEU B 43 78.35 28.63 32.20
C LEU B 43 77.99 29.28 30.87
N ARG B 44 78.68 28.91 29.79
CA ARG B 44 78.38 29.49 28.48
C ARG B 44 76.98 29.12 28.02
N HIS B 45 76.47 27.96 28.44
CA HIS B 45 75.10 27.59 28.14
C HIS B 45 74.11 28.28 29.07
N GLU B 46 74.43 28.33 30.37
CA GLU B 46 73.50 28.89 31.34
C GLU B 46 73.32 30.40 31.16
N VAL B 47 74.41 31.11 30.86
CA VAL B 47 74.30 32.55 30.64
C VAL B 47 73.59 32.81 29.32
N THR B 48 72.71 33.80 29.32
CA THR B 48 71.91 34.18 28.17
C THR B 48 72.03 35.69 27.99
N PRO B 49 71.83 36.19 26.78
CA PRO B 49 72.05 37.62 26.55
C PRO B 49 71.14 38.46 27.42
N LYS B 50 71.64 39.63 27.82
CA LYS B 50 70.86 40.56 28.60
C LYS B 50 70.17 41.46 27.60
N ASN B 51 68.87 41.21 27.39
CA ASN B 51 68.10 41.98 26.42
C ASN B 51 67.73 43.34 26.98
N ILE B 52 67.58 44.31 26.07
CA ILE B 52 67.35 45.69 26.46
C ILE B 52 65.99 46.13 25.92
N LEU B 53 65.31 46.97 26.69
CA LEU B 53 64.05 47.59 26.28
C LEU B 53 64.27 49.10 26.28
N MET B 54 64.34 49.69 25.09
CA MET B 54 64.43 51.13 24.98
C MET B 54 63.06 51.77 25.13
N ILE B 55 63.03 52.95 25.74
CA ILE B 55 61.79 53.65 26.05
C ILE B 55 62.01 55.13 25.80
N GLY B 56 61.08 55.76 25.10
CA GLY B 56 61.14 57.18 24.85
C GLY B 56 60.35 57.59 23.62
N PRO B 57 60.26 58.90 23.40
CA PRO B 57 59.57 59.39 22.21
C PRO B 57 60.34 59.05 20.94
N THR B 58 59.60 59.05 19.84
CA THR B 58 60.18 58.64 18.56
C THR B 58 61.27 59.61 18.12
N GLY B 59 62.25 59.08 17.38
CA GLY B 59 63.25 59.90 16.73
C GLY B 59 64.38 60.39 17.61
N VAL B 60 64.54 59.83 18.80
CA VAL B 60 65.59 60.28 19.71
C VAL B 60 66.84 59.42 19.58
N GLY B 61 66.84 58.49 18.62
CA GLY B 61 68.00 57.68 18.34
C GLY B 61 68.01 56.27 18.90
N LYS B 62 66.87 55.74 19.36
CA LYS B 62 66.82 54.36 19.83
C LYS B 62 67.33 53.40 18.76
N THR B 63 66.84 53.53 17.54
CA THR B 63 67.23 52.62 16.46
C THR B 63 68.68 52.85 16.05
N GLU B 64 69.12 54.11 16.02
CA GLU B 64 70.48 54.40 15.59
C GLU B 64 71.49 53.76 16.51
N ILE B 65 71.18 53.70 17.81
CA ILE B 65 72.05 53.01 18.75
C ILE B 65 72.16 51.53 18.37
N ALA B 66 71.01 50.91 18.10
CA ALA B 66 71.03 49.50 17.70
C ALA B 66 71.73 49.32 16.36
N ARG B 67 71.55 50.28 15.44
CA ARG B 67 72.17 50.17 14.13
C ARG B 67 73.68 50.34 14.24
N ARG B 68 74.14 51.40 14.90
CA ARG B 68 75.58 51.60 15.06
C ARG B 68 76.20 50.51 15.92
N LEU B 69 75.44 49.96 16.87
CA LEU B 69 75.96 48.89 17.72
C LEU B 69 76.27 47.65 16.90
N ALA B 70 75.30 47.23 16.08
CA ALA B 70 75.54 46.07 15.22
C ALA B 70 76.60 46.39 14.18
N LYS B 71 76.56 47.59 13.59
CA LYS B 71 77.60 48.00 12.66
C LYS B 71 78.97 48.07 13.34
N LEU B 72 79.00 48.42 14.63
CA LEU B 72 80.26 48.42 15.36
C LEU B 72 80.78 47.01 15.54
N ALA B 73 79.90 46.06 15.82
CA ALA B 73 80.27 44.67 16.02
C ALA B 73 80.37 43.88 14.72
N ASN B 74 80.00 44.49 13.58
CA ASN B 74 79.90 43.78 12.30
C ASN B 74 78.90 42.63 12.36
N ALA B 75 77.94 42.72 13.29
CA ALA B 75 76.96 41.69 13.57
C ALA B 75 75.78 41.78 12.59
N PRO B 76 75.09 40.66 12.35
CA PRO B 76 73.81 40.73 11.62
C PRO B 76 72.80 41.53 12.40
N PHE B 77 71.95 42.26 11.68
CA PHE B 77 70.98 43.15 12.30
C PHE B 77 69.73 43.23 11.43
N ILE B 78 68.59 43.38 12.08
CA ILE B 78 67.31 43.58 11.40
C ILE B 78 66.40 44.38 12.32
N LYS B 79 65.61 45.27 11.72
CA LYS B 79 64.57 46.00 12.42
C LYS B 79 63.22 45.48 11.97
N VAL B 80 62.38 45.09 12.93
CA VAL B 80 61.07 44.51 12.66
C VAL B 80 60.02 45.29 13.43
N GLU B 81 58.94 45.66 12.75
CA GLU B 81 57.82 46.34 13.40
C GLU B 81 56.91 45.29 14.03
N ALA B 82 56.70 45.40 15.35
CA ALA B 82 55.93 44.40 16.07
C ALA B 82 54.48 44.35 15.58
N THR B 83 53.97 45.47 15.07
CA THR B 83 52.59 45.51 14.58
C THR B 83 52.41 44.76 13.27
N LYS B 84 53.50 44.37 12.61
CA LYS B 84 53.40 43.62 11.37
C LYS B 84 52.69 42.28 11.58
N PHE B 85 52.80 41.70 12.77
CA PHE B 85 52.26 40.38 13.06
C PHE B 85 50.84 40.40 13.61
N THR B 86 50.23 41.57 13.78
CA THR B 86 48.85 41.65 14.27
C THR B 86 47.88 41.04 13.27
N GLU B 87 48.17 41.14 11.98
CA GLU B 87 47.30 40.65 10.92
C GLU B 87 47.53 39.16 10.65
N LYS B 93 51.60 37.11 8.58
CA LYS B 93 52.94 36.55 8.52
C LYS B 93 53.32 35.81 9.79
N GLU B 94 54.17 34.81 9.65
CA GLU B 94 54.67 34.07 10.80
C GLU B 94 55.80 34.82 11.48
N VAL B 95 55.89 34.65 12.80
CA VAL B 95 56.92 35.33 13.58
C VAL B 95 58.31 34.77 13.26
N ASP B 96 58.38 33.51 12.82
CA ASP B 96 59.67 32.89 12.54
C ASP B 96 60.39 33.58 11.39
N SER B 97 59.67 34.38 10.59
CA SER B 97 60.30 35.11 9.49
C SER B 97 61.39 36.07 9.98
N ILE B 98 61.32 36.50 11.24
CA ILE B 98 62.35 37.39 11.78
C ILE B 98 63.72 36.75 11.66
N ILE B 99 63.86 35.50 12.12
CA ILE B 99 65.13 34.80 12.01
C ILE B 99 65.47 34.51 10.55
N ARG B 100 64.47 34.25 9.72
CA ARG B 100 64.72 33.97 8.31
C ARG B 100 65.30 35.19 7.61
N ASP B 101 64.65 36.36 7.79
CA ASP B 101 65.16 37.57 7.18
C ASP B 101 66.49 37.99 7.79
N LEU B 102 66.72 37.66 9.07
CA LEU B 102 68.00 37.97 9.70
C LEU B 102 69.14 37.18 9.05
N THR B 103 68.91 35.89 8.78
CA THR B 103 69.93 35.07 8.13
C THR B 103 70.17 35.52 6.69
N ASP B 104 69.13 36.01 6.01
CA ASP B 104 69.30 36.49 4.64
C ASP B 104 70.16 37.74 4.58
N ALA B 105 70.07 38.61 5.60
CA ALA B 105 70.97 39.75 5.67
C ALA B 105 72.38 39.32 6.04
N ALA B 106 72.52 38.32 6.91
CA ALA B 106 73.81 37.79 7.27
C ALA B 106 74.48 37.09 6.08
N GLU B 150 111.97 34.10 -11.25
CA GLU B 150 111.95 35.51 -11.61
C GLU B 150 111.01 35.76 -12.80
N PRO B 151 110.23 36.83 -12.73
CA PRO B 151 109.35 37.17 -13.85
C PRO B 151 110.16 37.57 -15.08
N SER B 152 109.64 37.21 -16.25
CA SER B 152 110.29 37.57 -17.49
C SER B 152 110.15 39.06 -17.75
N ALA B 153 111.06 39.58 -18.58
CA ALA B 153 111.00 41.00 -18.95
C ALA B 153 109.72 41.31 -19.71
N ALA B 154 109.35 40.44 -20.66
CA ALA B 154 108.09 40.61 -21.35
C ALA B 154 106.90 40.36 -20.44
N ARG B 155 107.08 39.52 -19.41
CA ARG B 155 106.02 39.31 -18.44
C ARG B 155 105.70 40.59 -17.68
N GLN B 156 106.72 41.39 -17.37
CA GLN B 156 106.51 42.68 -16.73
C GLN B 156 106.08 43.75 -17.73
N ALA B 157 106.62 43.68 -18.96
CA ALA B 157 106.28 44.67 -19.98
C ALA B 157 104.80 44.62 -20.33
N PHE B 158 104.22 43.41 -20.36
CA PHE B 158 102.78 43.28 -20.52
C PHE B 158 102.03 43.59 -19.23
N ARG B 159 102.61 43.25 -18.07
CA ARG B 159 101.97 43.56 -16.80
C ARG B 159 101.82 45.06 -16.59
N LYS B 160 102.77 45.84 -17.11
CA LYS B 160 102.67 47.30 -17.00
C LYS B 160 101.55 47.83 -17.89
N LYS B 161 101.52 47.41 -19.16
CA LYS B 161 100.47 47.85 -20.06
C LYS B 161 99.09 47.40 -19.59
N LEU B 162 99.03 46.32 -18.81
CA LEU B 162 97.74 45.85 -18.30
C LEU B 162 97.22 46.78 -17.20
N ARG B 163 98.06 47.09 -16.22
CA ARG B 163 97.64 47.97 -15.13
C ARG B 163 97.36 49.37 -15.64
N GLU B 164 98.02 49.78 -16.74
CA GLU B 164 97.75 51.08 -17.35
C GLU B 164 96.39 51.12 -18.03
N GLY B 165 95.77 49.97 -18.28
CA GLY B 165 94.45 49.90 -18.87
C GLY B 165 94.49 49.49 -20.34
N GLN B 166 93.36 49.00 -20.80
CA GLN B 166 93.21 48.56 -22.20
C GLN B 166 91.75 48.50 -22.60
N LYS B 216 86.92 38.36 -26.43
CA LYS B 216 86.92 39.61 -25.70
C LYS B 216 88.08 39.65 -24.70
N ILE B 217 88.74 40.80 -24.62
CA ILE B 217 89.90 40.97 -23.75
C ILE B 217 89.51 41.68 -22.46
N LYS B 218 89.05 42.93 -22.59
CA LYS B 218 88.70 43.72 -21.41
C LYS B 218 87.62 43.06 -20.57
N ASP B 219 86.73 42.28 -21.20
CA ASP B 219 85.71 41.56 -20.46
C ASP B 219 86.30 40.39 -19.67
N ALA B 220 87.45 39.86 -20.11
CA ALA B 220 87.98 38.64 -19.52
C ALA B 220 88.48 38.85 -18.10
N MET B 221 88.95 40.05 -17.78
CA MET B 221 89.46 40.30 -16.43
C MET B 221 88.36 40.14 -15.38
N LYS B 222 87.11 40.38 -15.76
CA LYS B 222 86.00 40.29 -14.82
C LYS B 222 85.59 38.84 -14.56
N LEU B 223 85.67 37.98 -15.58
CA LEU B 223 85.28 36.58 -15.41
C LEU B 223 86.24 35.83 -14.51
N LEU B 224 87.53 36.19 -14.56
CA LEU B 224 88.52 35.51 -13.72
C LEU B 224 88.36 35.87 -12.25
N ILE B 225 87.83 37.06 -11.95
CA ILE B 225 87.55 37.43 -10.57
C ILE B 225 86.53 36.49 -9.96
N GLU B 226 85.53 36.10 -10.73
CA GLU B 226 84.54 35.14 -10.25
C GLU B 226 85.16 33.77 -10.03
N GLU B 227 85.88 33.25 -11.04
CA GLU B 227 86.47 31.92 -10.93
C GLU B 227 87.52 31.86 -9.81
N GLU B 228 88.31 32.93 -9.67
CA GLU B 228 89.33 32.93 -8.62
C GLU B 228 88.71 33.13 -7.23
N ALA B 229 87.77 34.07 -7.11
CA ALA B 229 87.10 34.26 -5.82
C ALA B 229 86.29 33.04 -5.42
N ALA B 230 85.71 32.33 -6.39
CA ALA B 230 85.04 31.07 -6.09
C ALA B 230 86.04 29.99 -5.70
N LYS B 231 87.20 29.98 -6.37
CA LYS B 231 88.26 29.07 -5.99
C LYS B 231 88.83 29.42 -4.62
N LEU B 232 88.91 30.72 -4.30
CA LEU B 232 89.43 31.13 -3.00
C LEU B 232 88.37 30.99 -1.91
N VAL B 233 87.09 31.20 -2.24
CA VAL B 233 86.04 31.16 -1.23
C VAL B 233 85.72 29.71 -0.85
N ASN B 234 85.14 29.56 0.33
CA ASN B 234 84.77 28.25 0.88
C ASN B 234 83.28 28.28 1.22
N PRO B 235 82.39 27.82 0.30
CA PRO B 235 80.95 28.00 0.54
C PRO B 235 80.42 27.30 1.80
N GLU B 236 80.95 26.12 2.13
CA GLU B 236 80.54 25.47 3.38
C GLU B 236 81.05 26.22 4.60
N GLU B 237 82.14 26.98 4.46
CA GLU B 237 82.59 27.88 5.51
C GLU B 237 81.90 29.24 5.45
N LEU B 238 81.18 29.54 4.36
CA LEU B 238 80.51 30.82 4.19
C LEU B 238 79.05 30.76 4.62
N LYS B 239 78.25 29.90 3.98
CA LYS B 239 76.85 29.74 4.39
C LYS B 239 76.75 29.29 5.84
N GLN B 240 77.73 28.53 6.33
CA GLN B 240 77.79 28.19 7.74
C GLN B 240 78.35 29.33 8.59
N ASP B 241 79.03 30.30 7.98
CA ASP B 241 79.52 31.45 8.73
C ASP B 241 78.38 32.41 9.07
N ALA B 242 77.47 32.64 8.13
CA ALA B 242 76.32 33.49 8.41
C ALA B 242 75.46 32.90 9.53
N ILE B 243 75.40 31.57 9.62
CA ILE B 243 74.71 30.93 10.74
C ILE B 243 75.45 31.20 12.04
N ASP B 244 76.78 31.05 12.05
CA ASP B 244 77.55 31.40 13.24
C ASP B 244 77.46 32.88 13.55
N ALA B 245 77.40 33.73 12.52
CA ALA B 245 77.24 35.17 12.75
C ALA B 245 75.87 35.50 13.33
N VAL B 246 74.83 34.77 12.93
CA VAL B 246 73.50 35.01 13.48
C VAL B 246 73.41 34.48 14.90
N GLU B 247 73.85 33.22 15.10
CA GLU B 247 73.70 32.61 16.42
C GLU B 247 74.55 33.31 17.46
N GLN B 248 75.82 33.57 17.14
CA GLN B 248 76.71 34.17 18.13
C GLN B 248 76.52 35.67 18.21
N HIS B 249 76.55 36.35 17.07
CA HIS B 249 76.58 37.80 17.03
C HIS B 249 75.24 38.45 16.71
N GLY B 250 74.19 37.66 16.46
CA GLY B 250 72.97 38.21 15.89
C GLY B 250 72.32 39.23 16.81
N ILE B 251 71.67 40.21 16.19
CA ILE B 251 70.98 41.29 16.88
C ILE B 251 69.66 41.55 16.16
N VAL B 252 68.61 41.82 16.94
CA VAL B 252 67.29 42.10 16.40
C VAL B 252 66.70 43.27 17.16
N PHE B 253 66.17 44.25 16.43
CA PHE B 253 65.53 45.42 17.00
C PHE B 253 64.03 45.34 16.72
N ILE B 254 63.24 45.30 17.78
CA ILE B 254 61.79 45.23 17.67
C ILE B 254 61.26 46.62 18.03
N ASP B 255 60.83 47.35 17.02
CA ASP B 255 60.30 48.69 17.21
C ASP B 255 58.86 48.61 17.73
N GLU B 256 58.43 49.68 18.39
CA GLU B 256 57.04 49.88 18.81
C GLU B 256 56.46 48.64 19.51
N ILE B 257 57.24 48.06 20.42
CA ILE B 257 56.75 46.92 21.18
C ILE B 257 55.61 47.33 22.12
N ASP B 258 55.53 48.61 22.48
CA ASP B 258 54.49 49.06 23.40
C ASP B 258 53.09 48.92 22.80
N LYS B 259 52.98 48.89 21.47
CA LYS B 259 51.67 48.85 20.84
C LYS B 259 51.02 47.47 20.87
N ILE B 260 51.77 46.42 21.24
CA ILE B 260 51.19 45.09 21.38
C ILE B 260 50.78 44.78 22.82
N CYS B 261 50.89 45.75 23.72
CA CYS B 261 50.43 45.55 25.10
C CYS B 261 48.91 45.59 25.17
N GLY B 268 39.06 42.11 22.54
CA GLY B 268 39.30 41.80 21.15
C GLY B 268 40.76 41.90 20.76
N PRO B 269 41.24 43.13 20.57
CA PRO B 269 42.66 43.32 20.22
C PRO B 269 43.62 42.80 21.27
N ASP B 270 43.23 42.82 22.55
CA ASP B 270 44.13 42.36 23.62
C ASP B 270 44.53 40.90 23.44
N VAL B 271 43.68 40.08 22.84
CA VAL B 271 44.05 38.70 22.54
C VAL B 271 45.04 38.65 21.38
N SER B 272 44.76 39.38 20.30
CA SER B 272 45.69 39.44 19.17
C SER B 272 46.98 40.19 19.52
N ARG B 273 46.90 41.21 20.37
CA ARG B 273 48.11 41.93 20.76
C ARG B 273 49.01 41.06 21.63
N GLU B 274 48.45 40.49 22.70
CA GLU B 274 49.21 39.60 23.56
C GLU B 274 49.53 38.28 22.87
N GLY B 275 48.79 37.91 21.84
CA GLY B 275 49.12 36.73 21.08
C GLY B 275 50.45 36.86 20.35
N VAL B 276 50.76 38.06 19.87
CA VAL B 276 52.06 38.32 19.24
C VAL B 276 53.18 38.15 20.26
N GLN B 277 52.93 38.51 21.51
CA GLN B 277 53.94 38.36 22.55
C GLN B 277 54.27 36.88 22.78
N ARG B 278 53.24 36.04 22.85
CA ARG B 278 53.46 34.61 23.03
C ARG B 278 54.17 34.01 21.82
N ASP B 279 53.87 34.51 20.63
CA ASP B 279 54.57 34.05 19.44
C ASP B 279 56.04 34.47 19.47
N LEU B 280 56.32 35.66 20.01
CA LEU B 280 57.70 36.11 20.15
C LEU B 280 58.42 35.37 21.27
N LEU B 281 57.69 34.80 22.21
CA LEU B 281 58.29 34.21 23.40
C LEU B 281 59.34 33.14 23.11
N PRO B 282 59.11 32.17 22.21
CA PRO B 282 60.14 31.14 21.98
C PRO B 282 61.46 31.69 21.50
N LEU B 283 61.44 32.79 20.74
CA LEU B 283 62.69 33.32 20.21
C LEU B 283 63.61 33.83 21.32
N VAL B 284 63.04 34.46 22.35
CA VAL B 284 63.85 34.99 23.46
C VAL B 284 64.19 33.93 24.50
N GLU B 285 63.23 33.06 24.83
CA GLU B 285 63.49 31.95 25.74
C GLU B 285 64.41 30.92 25.11
N GLY B 286 64.60 31.01 23.80
CA GLY B 286 65.43 30.09 23.05
C GLY B 286 64.60 29.07 22.30
N CYS B 287 65.03 28.74 21.09
CA CYS B 287 64.31 27.82 20.21
C CYS B 287 65.20 27.55 19.02
N THR B 288 64.68 26.80 18.07
CA THR B 288 65.37 26.50 16.83
C THR B 288 64.42 26.75 15.68
N VAL B 289 64.89 27.50 14.68
CA VAL B 289 64.08 27.85 13.52
C VAL B 289 64.76 27.28 12.28
N SER B 290 63.95 26.74 11.37
CA SER B 290 64.45 26.16 10.14
C SER B 290 64.48 27.21 9.04
N THR B 291 65.59 27.22 8.29
CA THR B 291 65.76 28.12 7.15
C THR B 291 66.40 27.33 6.01
N LYS B 292 66.17 27.81 4.79
CA LYS B 292 66.80 27.17 3.63
C LYS B 292 68.32 27.22 3.72
N HIS B 293 68.86 28.27 4.34
CA HIS B 293 70.30 28.36 4.53
C HIS B 293 70.81 27.42 5.61
N GLY B 294 69.97 27.01 6.55
CA GLY B 294 70.38 26.11 7.60
C GLY B 294 69.43 26.17 8.78
N MET B 295 69.87 25.55 9.86
CA MET B 295 69.09 25.44 11.10
C MET B 295 69.74 26.33 12.15
N VAL B 296 69.00 27.35 12.58
CA VAL B 296 69.54 28.37 13.48
C VAL B 296 68.91 28.21 14.85
N LYS B 297 69.70 28.50 15.89
CA LYS B 297 69.23 28.53 17.26
C LYS B 297 69.27 29.94 17.79
N THR B 298 68.22 30.35 18.50
CA THR B 298 68.02 31.73 18.91
C THR B 298 68.49 32.01 20.35
N ASP B 299 69.13 31.04 21.00
CA ASP B 299 69.39 31.16 22.43
C ASP B 299 70.27 32.37 22.76
N HIS B 300 71.32 32.58 21.97
CA HIS B 300 72.31 33.60 22.28
C HIS B 300 72.13 34.89 21.49
N ILE B 301 71.08 34.99 20.68
CA ILE B 301 70.83 36.23 19.94
C ILE B 301 70.44 37.32 20.92
N LEU B 302 70.94 38.53 20.68
CA LEU B 302 70.58 39.71 21.45
C LEU B 302 69.41 40.43 20.78
N PHE B 303 68.53 40.98 21.60
CA PHE B 303 67.33 41.65 21.12
C PHE B 303 67.18 43.00 21.79
N ILE B 304 66.61 43.95 21.06
CA ILE B 304 66.36 45.29 21.55
C ILE B 304 64.92 45.63 21.20
N ALA B 305 64.08 45.79 22.22
CA ALA B 305 62.71 46.25 22.03
C ALA B 305 62.62 47.73 22.38
N SER B 306 61.75 48.44 21.66
CA SER B 306 61.60 49.88 21.87
C SER B 306 60.13 50.24 21.76
N GLY B 307 59.74 51.26 22.52
CA GLY B 307 58.40 51.79 22.47
C GLY B 307 58.26 53.09 23.24
N ALA B 308 57.30 53.92 22.85
CA ALA B 308 57.05 55.15 23.59
C ALA B 308 56.48 54.88 24.97
N PHE B 309 55.66 53.82 25.10
CA PHE B 309 55.05 53.42 26.36
C PHE B 309 54.28 54.58 27.02
N GLN B 310 53.68 55.43 26.20
CA GLN B 310 52.78 56.45 26.73
C GLN B 310 51.37 55.90 26.95
N ILE B 311 50.91 55.02 26.07
CA ILE B 311 49.61 54.40 26.26
C ILE B 311 49.68 53.25 27.26
N ALA B 312 50.74 52.46 27.21
CA ALA B 312 50.92 51.29 28.07
C ALA B 312 52.26 51.38 28.76
N LYS B 313 52.57 50.39 29.59
CA LYS B 313 53.79 50.33 30.35
C LYS B 313 54.43 48.98 30.19
N PRO B 314 55.75 48.85 30.41
CA PRO B 314 56.38 47.53 30.33
C PRO B 314 55.75 46.49 31.23
N SER B 315 55.17 46.93 32.37
CA SER B 315 54.46 45.99 33.24
C SER B 315 53.28 45.33 32.54
N ASP B 316 52.71 46.00 31.52
CA ASP B 316 51.60 45.42 30.77
C ASP B 316 52.03 44.26 29.87
N LEU B 317 53.33 44.08 29.65
CA LEU B 317 53.82 42.95 28.88
C LEU B 317 53.58 41.65 29.65
N ILE B 318 53.52 40.54 28.92
CA ILE B 318 53.27 39.25 29.53
C ILE B 318 54.43 38.92 30.47
N PRO B 319 54.18 38.22 31.58
CA PRO B 319 55.25 38.01 32.57
C PRO B 319 56.47 37.30 32.03
N GLU B 320 56.28 36.33 31.13
CA GLU B 320 57.43 35.64 30.55
C GLU B 320 58.29 36.58 29.71
N LEU B 321 57.68 37.63 29.15
CA LEU B 321 58.42 38.58 28.35
C LEU B 321 59.15 39.59 29.23
N GLN B 322 58.56 39.97 30.36
CA GLN B 322 59.20 40.95 31.23
C GLN B 322 60.51 40.41 31.80
N GLY B 323 60.57 39.10 32.07
CA GLY B 323 61.79 38.53 32.62
C GLY B 323 62.87 38.25 31.60
N ARG B 324 62.54 38.32 30.32
CA ARG B 324 63.52 38.15 29.26
C ARG B 324 64.11 39.48 28.80
N LEU B 325 63.78 40.57 29.47
CA LEU B 325 64.31 41.90 29.17
C LEU B 325 64.95 42.47 30.43
N PRO B 326 66.09 41.91 30.84
CA PRO B 326 66.69 42.32 32.13
C PRO B 326 67.10 43.80 32.20
N ILE B 327 67.57 44.39 31.10
CA ILE B 327 68.09 45.75 31.11
C ILE B 327 67.01 46.70 30.59
N ARG B 328 66.74 47.76 31.35
CA ARG B 328 65.77 48.78 30.98
C ARG B 328 66.46 50.13 30.95
N VAL B 329 66.10 50.96 29.98
CA VAL B 329 66.66 52.30 29.85
C VAL B 329 65.63 53.22 29.20
N GLU B 330 65.56 54.46 29.67
CA GLU B 330 64.71 55.49 29.08
C GLU B 330 65.59 56.49 28.36
N LEU B 331 65.21 56.86 27.15
CA LEU B 331 65.95 57.82 26.35
C LEU B 331 65.29 59.19 26.45
N GLN B 332 66.10 60.21 26.70
CA GLN B 332 65.59 61.56 26.92
C GLN B 332 65.22 62.23 25.60
N ALA B 333 64.26 63.15 25.68
CA ALA B 333 63.88 63.94 24.50
C ALA B 333 64.97 64.94 24.15
N LEU B 334 65.17 65.11 22.84
CA LEU B 334 66.16 66.05 22.33
C LEU B 334 65.61 67.47 22.39
N THR B 335 66.46 68.42 22.80
CA THR B 335 66.09 69.82 22.88
C THR B 335 66.53 70.57 21.62
N THR B 336 66.19 71.85 21.57
CA THR B 336 66.64 72.70 20.46
C THR B 336 68.16 72.76 20.39
N SER B 337 68.80 72.78 21.56
CA SER B 337 70.27 72.78 21.61
C SER B 337 70.83 71.50 21.02
N ASP B 338 70.15 70.37 21.27
CA ASP B 338 70.58 69.11 20.70
C ASP B 338 70.41 69.11 19.17
N PHE B 339 69.38 69.79 18.66
CA PHE B 339 69.22 69.90 17.22
C PHE B 339 70.41 70.60 16.59
N GLU B 340 70.89 71.68 17.22
CA GLU B 340 72.06 72.37 16.69
C GLU B 340 73.29 71.47 16.71
N ARG B 341 73.40 70.61 17.73
CA ARG B 341 74.53 69.69 17.78
C ARG B 341 74.39 68.62 16.72
N ILE B 342 73.18 68.07 16.55
CA ILE B 342 72.95 67.02 15.57
C ILE B 342 73.27 67.50 14.17
N LEU B 343 73.04 68.78 13.90
CA LEU B 343 73.28 69.32 12.56
C LEU B 343 74.76 69.32 12.21
N THR B 344 75.63 69.39 13.21
CA THR B 344 77.04 69.64 12.97
C THR B 344 77.94 68.58 13.59
N GLU B 345 77.87 68.43 14.92
CA GLU B 345 78.82 67.61 15.66
C GLU B 345 78.98 66.18 15.14
N PRO B 346 77.93 65.43 14.84
CA PRO B 346 78.13 64.04 14.44
C PRO B 346 78.97 63.93 13.18
N ASN B 347 79.79 62.89 13.13
CA ASN B 347 80.54 62.60 11.90
C ASN B 347 79.56 62.34 10.78
N ALA B 348 79.84 62.92 9.61
CA ALA B 348 78.96 62.83 8.45
C ALA B 348 77.56 63.39 8.75
N SER B 349 77.51 64.53 9.43
CA SER B 349 76.24 65.17 9.73
C SER B 349 75.60 65.69 8.44
N ILE B 350 74.28 65.85 8.49
CA ILE B 350 73.52 66.22 7.29
C ILE B 350 74.00 67.54 6.69
N THR B 351 74.45 68.46 7.54
CA THR B 351 75.07 69.69 7.04
C THR B 351 76.39 69.40 6.32
N VAL B 352 77.21 68.51 6.90
CA VAL B 352 78.43 68.09 6.23
C VAL B 352 78.12 67.36 4.94
N GLN B 353 77.01 66.60 4.91
CA GLN B 353 76.64 65.91 3.69
C GLN B 353 76.25 66.90 2.60
N TYR B 354 75.45 67.91 2.95
CA TYR B 354 75.06 68.91 1.96
C TYR B 354 76.27 69.71 1.49
N LYS B 355 77.24 69.94 2.37
CA LYS B 355 78.43 70.70 1.99
C LYS B 355 79.26 69.95 0.95
N ALA B 356 79.54 68.67 1.22
CA ALA B 356 80.29 67.86 0.26
C ALA B 356 79.50 67.64 -1.03
N LEU B 357 78.17 67.58 -0.94
CA LEU B 357 77.36 67.40 -2.14
C LEU B 357 77.48 68.60 -3.07
N MET B 358 77.33 69.81 -2.53
CA MET B 358 77.51 71.02 -3.33
C MET B 358 78.97 71.20 -3.75
N ALA B 359 79.92 70.70 -2.95
CA ALA B 359 81.32 70.77 -3.33
C ALA B 359 81.58 69.98 -4.60
N THR B 360 80.81 68.92 -4.83
CA THR B 360 80.92 68.15 -6.06
C THR B 360 80.59 69.01 -7.27
N GLU B 361 79.69 69.99 -7.09
CA GLU B 361 79.30 70.89 -8.15
C GLU B 361 80.26 72.09 -8.28
N GLY B 362 81.28 72.17 -7.45
CA GLY B 362 82.20 73.30 -7.44
C GLY B 362 81.78 74.45 -6.54
N VAL B 363 80.72 74.28 -5.75
CA VAL B 363 80.21 75.32 -4.87
C VAL B 363 80.67 75.03 -3.45
N ASN B 364 80.89 76.08 -2.68
CA ASN B 364 81.34 75.98 -1.30
C ASN B 364 80.23 76.50 -0.39
N ILE B 365 79.61 75.62 0.37
CA ILE B 365 78.58 75.98 1.32
C ILE B 365 79.22 76.21 2.69
N GLU B 366 78.71 77.20 3.40
CA GLU B 366 79.14 77.49 4.77
C GLU B 366 77.92 77.96 5.55
N PHE B 367 77.72 77.36 6.71
CA PHE B 367 76.61 77.69 7.59
C PHE B 367 77.10 78.50 8.77
N THR B 368 76.46 79.63 9.02
CA THR B 368 76.77 80.42 10.20
C THR B 368 76.17 79.75 11.43
N ASP B 369 76.77 80.03 12.58
CA ASP B 369 76.25 79.50 13.84
C ASP B 369 74.82 79.97 14.08
N SER B 370 74.52 81.24 13.78
CA SER B 370 73.16 81.73 13.88
C SER B 370 72.26 81.11 12.81
N GLY B 371 72.82 80.76 11.65
CA GLY B 371 72.04 80.08 10.64
C GLY B 371 71.70 78.67 11.04
N ILE B 372 72.63 77.98 11.69
CA ILE B 372 72.34 76.67 12.26
C ILE B 372 71.34 76.80 13.41
N LYS B 373 71.46 77.86 14.21
CA LYS B 373 70.58 78.04 15.36
C LYS B 373 69.14 78.26 14.91
N ARG B 374 68.94 78.97 13.79
CA ARG B 374 67.59 79.24 13.32
C ARG B 374 67.00 78.07 12.53
N ILE B 375 67.82 77.13 12.08
CA ILE B 375 67.29 75.91 11.50
C ILE B 375 66.74 74.99 12.59
N ALA B 376 67.49 74.86 13.69
CA ALA B 376 67.01 74.07 14.82
C ALA B 376 65.74 74.66 15.42
N GLU B 377 65.68 75.99 15.50
CA GLU B 377 64.47 76.65 15.98
C GLU B 377 63.30 76.43 15.02
N ALA B 378 63.58 76.34 13.71
CA ALA B 378 62.52 76.11 12.74
C ALA B 378 61.95 74.70 12.88
N ALA B 379 62.84 73.71 13.00
CA ALA B 379 62.37 72.33 13.16
C ALA B 379 61.64 72.15 14.49
N TRP B 380 62.05 72.88 15.52
CA TRP B 380 61.35 72.79 16.81
C TRP B 380 59.95 73.37 16.71
N GLN B 381 59.80 74.50 16.01
CA GLN B 381 58.49 75.14 15.93
C GLN B 381 57.48 74.26 15.21
N VAL B 382 57.93 73.54 14.19
CA VAL B 382 57.02 72.67 13.44
C VAL B 382 56.57 71.49 14.30
N ASN B 383 57.49 70.91 15.07
CA ASN B 383 57.14 69.81 15.95
C ASN B 383 56.14 70.25 17.02
N GLU B 384 56.27 71.48 17.52
CA GLU B 384 55.34 72.00 18.50
C GLU B 384 54.04 72.49 17.86
N SER B 385 54.16 73.17 16.71
CA SER B 385 52.97 73.72 16.08
C SER B 385 52.03 72.63 15.56
N THR B 386 52.56 71.50 15.11
CA THR B 386 51.71 70.46 14.54
C THR B 386 51.89 69.12 15.24
N GLU B 387 52.93 68.38 14.87
CA GLU B 387 53.21 67.06 15.39
C GLU B 387 54.70 66.89 15.61
N ASN B 388 55.07 66.26 16.72
CA ASN B 388 56.47 66.12 17.10
C ASN B 388 57.01 64.82 16.53
N ILE B 389 57.85 64.92 15.51
CA ILE B 389 58.51 63.77 14.92
C ILE B 389 59.94 63.59 15.40
N GLY B 390 60.40 64.42 16.32
CA GLY B 390 61.77 64.35 16.80
C GLY B 390 62.76 64.94 15.80
N ALA B 391 64.00 64.47 15.88
CA ALA B 391 65.07 65.00 15.06
C ALA B 391 64.84 64.78 13.57
N ARG B 392 63.88 63.93 13.19
CA ARG B 392 63.56 63.73 11.78
C ARG B 392 63.12 65.03 11.09
N ARG B 393 62.58 65.98 11.85
CA ARG B 393 62.15 67.25 11.26
C ARG B 393 63.32 68.02 10.66
N LEU B 394 64.53 67.83 11.19
CA LEU B 394 65.70 68.55 10.68
C LEU B 394 65.96 68.24 9.22
N HIS B 395 65.67 67.01 8.79
CA HIS B 395 65.90 66.65 7.39
C HIS B 395 64.92 67.38 6.47
N THR B 396 63.65 67.44 6.87
CA THR B 396 62.64 68.07 6.02
C THR B 396 62.88 69.57 5.92
N VAL B 397 63.31 70.20 7.01
CA VAL B 397 63.53 71.64 7.00
C VAL B 397 64.77 72.00 6.19
N LEU B 398 65.84 71.20 6.34
CA LEU B 398 67.09 71.52 5.65
C LEU B 398 66.95 71.42 4.15
N GLU B 399 66.31 70.37 3.65
CA GLU B 399 66.13 70.22 2.20
C GLU B 399 65.25 71.33 1.64
N ARG B 400 64.24 71.76 2.42
CA ARG B 400 63.40 72.88 1.99
C ARG B 400 64.21 74.18 1.91
N LEU B 401 65.18 74.35 2.80
CA LEU B 401 66.02 75.54 2.78
C LEU B 401 67.00 75.51 1.61
N MET B 402 67.59 74.34 1.34
CA MET B 402 68.65 74.19 0.35
C MET B 402 68.12 73.85 -1.05
N GLU B 403 66.80 73.74 -1.22
CA GLU B 403 66.27 73.32 -2.51
C GLU B 403 66.64 74.29 -3.63
N GLU B 404 66.73 75.58 -3.32
CA GLU B 404 67.09 76.54 -4.35
C GLU B 404 68.56 76.42 -4.72
N ILE B 405 69.43 76.22 -3.73
CA ILE B 405 70.85 76.04 -4.00
C ILE B 405 71.11 74.70 -4.68
N SER B 406 70.48 73.63 -4.21
CA SER B 406 70.73 72.31 -4.77
C SER B 406 70.31 72.26 -6.24
N TYR B 407 69.32 73.05 -6.62
CA TYR B 407 68.91 73.13 -8.02
C TYR B 407 69.90 73.93 -8.85
N ASP B 408 70.34 75.07 -8.32
CA ASP B 408 71.20 76.00 -9.04
C ASP B 408 72.68 75.69 -8.93
N ALA B 409 73.06 74.68 -8.14
CA ALA B 409 74.48 74.50 -7.82
C ALA B 409 75.34 74.30 -9.04
N SER B 410 74.77 73.78 -10.12
CA SER B 410 75.54 73.57 -11.35
C SER B 410 76.01 74.90 -11.94
N ASP B 411 75.10 75.88 -12.07
CA ASP B 411 75.51 77.16 -12.61
C ASP B 411 76.30 77.97 -11.59
N LEU B 412 76.26 77.57 -10.33
CA LEU B 412 76.92 78.25 -9.22
C LEU B 412 78.34 77.75 -8.97
N SER B 413 78.87 76.91 -9.87
CA SER B 413 80.20 76.34 -9.74
C SER B 413 81.27 77.42 -9.60
N GLY B 414 82.24 77.18 -8.74
CA GLY B 414 83.28 78.15 -8.49
C GLY B 414 82.89 79.27 -7.55
N GLN B 415 81.72 79.18 -6.91
CA GLN B 415 81.23 80.23 -6.04
C GLN B 415 81.18 79.73 -4.61
N ASN B 416 81.26 80.67 -3.67
CA ASN B 416 81.17 80.42 -2.24
C ASN B 416 79.86 81.00 -1.74
N ILE B 417 78.94 80.13 -1.35
CA ILE B 417 77.64 80.51 -0.80
C ILE B 417 77.71 80.43 0.71
N THR B 418 77.03 81.35 1.40
CA THR B 418 77.01 81.40 2.86
C THR B 418 75.57 81.36 3.33
N ILE B 419 75.24 80.38 4.17
CA ILE B 419 73.90 80.26 4.76
C ILE B 419 73.93 81.01 6.08
N ASP B 420 73.23 82.14 6.12
CA ASP B 420 73.18 83.00 7.29
C ASP B 420 71.78 83.01 7.89
N ALA B 421 71.64 83.72 9.01
CA ALA B 421 70.34 83.82 9.67
C ALA B 421 69.31 84.48 8.76
N ASP B 422 69.74 85.49 8.00
CA ASP B 422 68.84 86.15 7.07
C ASP B 422 68.39 85.22 5.95
N TYR B 423 69.28 84.33 5.49
CA TYR B 423 68.92 83.38 4.43
C TYR B 423 67.94 82.35 4.97
N VAL B 424 68.14 81.89 6.20
CA VAL B 424 67.24 80.89 6.78
C VAL B 424 65.85 81.48 6.97
N SER B 425 65.76 82.70 7.51
CA SER B 425 64.45 83.33 7.71
C SER B 425 63.77 83.65 6.39
N LYS B 426 64.54 83.89 5.32
CA LYS B 426 63.94 84.24 4.04
C LYS B 426 63.19 83.07 3.42
N HIS B 427 63.78 81.88 3.46
CA HIS B 427 63.21 80.70 2.80
C HIS B 427 62.30 79.88 3.71
N LEU B 428 62.24 80.20 5.00
CA LEU B 428 61.55 79.35 5.98
C LEU B 428 60.40 80.07 6.68
N ASP B 429 60.68 81.17 7.39
CA ASP B 429 59.70 81.81 8.28
C ASP B 429 58.33 81.99 7.63
N ALA B 430 58.29 82.21 6.31
CA ALA B 430 57.00 82.28 5.62
C ALA B 430 56.29 80.93 5.64
N LEU B 431 57.04 79.83 5.59
CA LEU B 431 56.43 78.50 5.63
C LEU B 431 56.08 78.09 7.06
N VAL B 432 56.93 78.41 8.02
CA VAL B 432 56.67 78.04 9.41
C VAL B 432 55.52 78.86 9.98
N ALA B 433 55.30 80.08 9.47
CA ALA B 433 54.23 80.92 9.99
C ALA B 433 52.85 80.34 9.70
N ASP B 434 52.70 79.60 8.61
CA ASP B 434 51.43 78.98 8.22
C ASP B 434 51.47 77.52 8.62
N GLU B 435 50.68 77.16 9.64
CA GLU B 435 50.63 75.77 10.08
C GLU B 435 49.87 74.89 9.11
N ASP B 436 48.91 75.46 8.37
CA ASP B 436 48.22 74.70 7.34
C ASP B 436 49.18 74.25 6.26
N LEU B 437 50.15 75.09 5.92
CA LEU B 437 51.16 74.72 4.92
C LEU B 437 52.24 73.81 5.49
N SER B 438 52.59 73.99 6.77
CA SER B 438 53.74 73.28 7.33
C SER B 438 53.54 71.77 7.34
N ARG B 439 52.30 71.31 7.62
CA ARG B 439 52.02 69.87 7.60
C ARG B 439 52.23 69.29 6.21
N PHE B 440 51.92 70.05 5.17
CA PHE B 440 52.17 69.59 3.81
C PHE B 440 53.65 69.72 3.42
N ILE B 441 54.23 70.90 3.62
CA ILE B 441 55.56 71.21 3.10
C ILE B 441 56.70 70.80 4.03
N LEU B 442 56.44 70.55 5.31
CA LEU B 442 57.52 70.28 6.25
C LEU B 442 57.23 69.10 7.18
N GLU C 2 74.62 62.64 -15.64
CA GLU C 2 75.26 63.76 -14.98
C GLU C 2 74.54 65.07 -15.26
N MET C 3 73.28 64.99 -15.67
CA MET C 3 72.51 66.19 -15.95
C MET C 3 72.40 67.06 -14.71
N THR C 4 72.55 68.36 -14.90
CA THR C 4 72.40 69.34 -13.85
C THR C 4 70.91 69.55 -13.57
N PRO C 5 70.55 70.02 -12.37
CA PRO C 5 69.12 70.16 -12.05
C PRO C 5 68.34 71.08 -12.99
N ARG C 6 68.95 72.13 -13.54
CA ARG C 6 68.23 72.93 -14.54
C ARG C 6 68.01 72.15 -15.83
N GLU C 7 68.97 71.30 -16.21
CA GLU C 7 68.79 70.46 -17.40
C GLU C 7 67.67 69.45 -17.21
N ILE C 8 67.40 69.05 -15.97
CA ILE C 8 66.32 68.09 -15.71
C ILE C 8 64.95 68.75 -15.91
N VAL C 9 64.75 69.92 -15.30
CA VAL C 9 63.46 70.60 -15.43
C VAL C 9 63.22 71.01 -16.88
N SER C 10 64.27 71.49 -17.55
CA SER C 10 64.14 71.90 -18.95
C SER C 10 63.71 70.71 -19.81
N GLU C 11 64.17 69.51 -19.46
CA GLU C 11 63.69 68.32 -20.15
C GLU C 11 62.27 67.98 -19.73
N LEU C 12 61.94 68.18 -18.45
CA LEU C 12 60.59 67.92 -17.99
C LEU C 12 59.59 68.90 -18.57
N ASP C 13 60.01 70.14 -18.85
CA ASP C 13 59.12 71.11 -19.50
C ASP C 13 58.68 70.65 -20.88
N LYS C 14 59.46 69.79 -21.53
CA LYS C 14 59.08 69.26 -22.84
C LYS C 14 57.84 68.38 -22.76
N HIS C 15 57.51 67.85 -21.57
CA HIS C 15 56.34 67.00 -21.40
C HIS C 15 55.33 67.64 -20.44
N ILE C 16 55.71 67.84 -19.19
CA ILE C 16 54.80 68.46 -18.21
C ILE C 16 54.75 69.96 -18.44
N ILE C 17 53.58 70.55 -18.19
CA ILE C 17 53.37 71.98 -18.28
C ILE C 17 53.20 72.53 -16.87
N GLY C 18 53.98 73.56 -16.54
CA GLY C 18 53.89 74.18 -15.22
C GLY C 18 54.42 73.24 -14.15
N GLN C 19 53.92 73.44 -12.92
CA GLN C 19 54.31 72.63 -11.77
C GLN C 19 55.83 72.63 -11.57
N ASP C 20 56.45 73.81 -11.76
CA ASP C 20 57.90 73.90 -11.75
C ASP C 20 58.48 73.50 -10.39
N ASN C 21 57.78 73.82 -9.30
CA ASN C 21 58.28 73.47 -7.97
C ASN C 21 58.43 71.97 -7.81
N ALA C 22 57.46 71.21 -8.30
CA ALA C 22 57.59 69.76 -8.30
C ALA C 22 58.72 69.31 -9.22
N LYS C 23 58.94 70.03 -10.32
CA LYS C 23 60.07 69.74 -11.18
C LYS C 23 61.39 70.05 -10.50
N ARG C 24 61.47 71.20 -9.81
CA ARG C 24 62.69 71.54 -9.09
C ARG C 24 62.97 70.55 -7.98
N SER C 25 61.92 70.04 -7.33
CA SER C 25 62.11 69.14 -6.20
C SER C 25 62.61 67.77 -6.65
N VAL C 26 62.05 67.23 -7.74
CA VAL C 26 62.50 65.94 -8.25
C VAL C 26 63.91 66.03 -8.83
N ALA C 27 64.28 67.18 -9.40
CA ALA C 27 65.61 67.33 -9.96
C ALA C 27 66.67 67.29 -8.87
N ILE C 28 66.36 67.84 -7.70
CA ILE C 28 67.30 67.82 -6.59
C ILE C 28 67.56 66.39 -6.12
N ALA C 29 66.54 65.55 -6.16
CA ALA C 29 66.72 64.17 -5.73
C ALA C 29 67.58 63.39 -6.73
N LEU C 30 67.32 63.57 -8.03
CA LEU C 30 68.11 62.88 -9.04
C LEU C 30 69.55 63.37 -9.06
N ARG C 31 69.77 64.66 -8.75
CA ARG C 31 71.13 65.18 -8.75
C ARG C 31 71.92 64.67 -7.55
N ASN C 32 71.25 64.47 -6.41
CA ASN C 32 71.92 63.91 -5.24
C ASN C 32 72.44 62.51 -5.51
N ARG C 33 71.82 61.80 -6.45
CA ARG C 33 72.34 60.49 -6.86
C ARG C 33 73.75 60.60 -7.42
N TRP C 34 73.94 61.47 -8.41
CA TRP C 34 75.27 61.69 -8.97
C TRP C 34 76.21 62.34 -7.97
N ARG C 35 75.69 63.22 -7.10
CA ARG C 35 76.52 63.84 -6.09
C ARG C 35 77.02 62.82 -5.07
N ARG C 36 76.24 61.76 -4.82
CA ARG C 36 76.64 60.77 -3.82
C ARG C 36 77.79 59.91 -4.33
N MET C 37 77.75 59.52 -5.61
CA MET C 37 78.76 58.62 -6.15
C MET C 37 80.15 59.23 -6.09
N GLN C 38 80.23 60.56 -6.16
CA GLN C 38 81.49 61.28 -6.10
C GLN C 38 82.07 61.34 -4.69
N LEU C 39 81.30 60.96 -3.67
CA LEU C 39 81.76 61.04 -2.29
C LEU C 39 82.59 59.80 -1.94
N ASN C 40 83.14 59.82 -0.72
CA ASN C 40 84.00 58.74 -0.26
C ASN C 40 83.19 57.53 0.20
N GLU C 41 83.90 56.48 0.64
CA GLU C 41 83.23 55.24 1.00
C GLU C 41 82.28 55.42 2.18
N GLU C 42 82.65 56.29 3.13
CA GLU C 42 81.83 56.44 4.33
C GLU C 42 80.56 57.23 4.06
N LEU C 43 80.68 58.37 3.38
CA LEU C 43 79.53 59.25 3.16
C LEU C 43 78.50 58.62 2.24
N ARG C 44 78.94 57.77 1.30
CA ARG C 44 77.99 57.13 0.38
C ARG C 44 77.01 56.23 1.10
N HIS C 45 77.43 55.65 2.23
CA HIS C 45 76.51 54.86 3.04
C HIS C 45 75.61 55.74 3.90
N GLU C 46 76.19 56.77 4.53
CA GLU C 46 75.42 57.61 5.44
C GLU C 46 74.36 58.43 4.71
N VAL C 47 74.69 58.94 3.52
CA VAL C 47 73.71 59.69 2.75
C VAL C 47 72.65 58.74 2.20
N THR C 48 71.40 59.17 2.26
CA THR C 48 70.25 58.39 1.82
C THR C 48 69.42 59.27 0.91
N PRO C 49 68.63 58.67 0.02
CA PRO C 49 67.89 59.48 -0.96
C PRO C 49 66.93 60.42 -0.25
N LYS C 50 66.75 61.61 -0.83
CA LYS C 50 65.82 62.58 -0.26
C LYS C 50 64.48 62.29 -0.90
N ASN C 51 63.60 61.66 -0.15
CA ASN C 51 62.29 61.28 -0.67
C ASN C 51 61.38 62.49 -0.74
N ILE C 52 60.44 62.44 -1.69
CA ILE C 52 59.56 63.57 -1.97
C ILE C 52 58.12 63.15 -1.70
N LEU C 53 57.31 64.10 -1.22
CA LEU C 53 55.89 63.89 -1.04
C LEU C 53 55.17 64.90 -1.93
N MET C 54 54.58 64.41 -3.02
CA MET C 54 53.78 65.26 -3.89
C MET C 54 52.39 65.42 -3.30
N ILE C 55 51.83 66.61 -3.47
CA ILE C 55 50.54 66.96 -2.89
C ILE C 55 49.77 67.82 -3.88
N GLY C 56 48.49 67.52 -4.06
CA GLY C 56 47.64 68.30 -4.92
C GLY C 56 46.45 67.51 -5.39
N PRO C 57 45.53 68.18 -6.09
CA PRO C 57 44.37 67.48 -6.63
C PRO C 57 44.79 66.53 -7.74
N THR C 58 43.94 65.55 -8.00
CA THR C 58 44.26 64.52 -8.97
C THR C 58 44.40 65.13 -10.37
N GLY C 59 45.26 64.51 -11.18
CA GLY C 59 45.39 64.83 -12.59
C GLY C 59 46.22 66.04 -12.93
N VAL C 60 47.01 66.57 -11.99
CA VAL C 60 47.81 67.76 -12.26
C VAL C 60 49.23 67.42 -12.68
N GLY C 61 49.50 66.13 -12.86
CA GLY C 61 50.80 65.68 -13.36
C GLY C 61 51.78 65.18 -12.32
N LYS C 62 51.34 64.88 -11.10
CA LYS C 62 52.24 64.29 -10.09
C LYS C 62 52.90 63.03 -10.63
N THR C 63 52.10 62.10 -11.18
CA THR C 63 52.65 60.85 -11.68
C THR C 63 53.49 61.06 -12.92
N GLU C 64 53.06 61.98 -13.79
CA GLU C 64 53.80 62.19 -15.03
C GLU C 64 55.20 62.69 -14.74
N ILE C 65 55.36 63.52 -13.71
CA ILE C 65 56.69 63.96 -13.30
C ILE C 65 57.53 62.75 -12.89
N ALA C 66 56.95 61.87 -12.08
CA ALA C 66 57.67 60.66 -11.69
C ALA C 66 57.92 59.75 -12.89
N ARG C 67 56.97 59.69 -13.82
CA ARG C 67 57.15 58.83 -14.99
C ARG C 67 58.24 59.36 -15.91
N ARG C 68 58.17 60.64 -16.25
CA ARG C 68 59.19 61.24 -17.11
C ARG C 68 60.54 61.33 -16.42
N LEU C 69 60.57 61.47 -15.09
CA LEU C 69 61.85 61.51 -14.38
C LEU C 69 62.58 60.18 -14.49
N ALA C 70 61.88 59.08 -14.23
CA ALA C 70 62.50 57.77 -14.36
C ALA C 70 62.82 57.46 -15.82
N LYS C 71 61.92 57.81 -16.74
CA LYS C 71 62.20 57.64 -18.16
C LYS C 71 63.39 58.50 -18.58
N LEU C 72 63.55 59.66 -17.94
CA LEU C 72 64.71 60.50 -18.22
C LEU C 72 65.99 59.84 -17.75
N ALA C 73 65.97 59.19 -16.58
CA ALA C 73 67.13 58.53 -16.02
C ALA C 73 67.31 57.09 -16.50
N ASN C 74 66.37 56.57 -17.29
CA ASN C 74 66.36 55.16 -17.69
C ASN C 74 66.31 54.21 -16.49
N ALA C 75 65.78 54.69 -15.36
CA ALA C 75 65.70 53.97 -14.11
C ALA C 75 64.47 53.06 -14.05
N PRO C 76 64.53 51.99 -13.25
CA PRO C 76 63.31 51.21 -12.99
C PRO C 76 62.28 52.06 -12.27
N PHE C 77 61.01 51.81 -12.60
CA PHE C 77 59.92 52.60 -12.05
C PHE C 77 58.68 51.74 -11.90
N ILE C 78 57.91 52.05 -10.87
CA ILE C 78 56.64 51.39 -10.61
C ILE C 78 55.73 52.36 -9.86
N LYS C 79 54.43 52.31 -10.18
CA LYS C 79 53.41 53.05 -9.46
C LYS C 79 52.55 52.06 -8.67
N VAL C 80 52.41 52.31 -7.38
CA VAL C 80 51.67 51.43 -6.48
C VAL C 80 50.63 52.25 -5.73
N GLU C 81 49.40 51.72 -5.68
CA GLU C 81 48.33 52.35 -4.92
C GLU C 81 48.42 51.90 -3.47
N ALA C 82 48.55 52.87 -2.55
CA ALA C 82 48.75 52.53 -1.14
C ALA C 82 47.56 51.77 -0.55
N THR C 83 46.36 51.98 -1.10
CA THR C 83 45.17 51.32 -0.59
C THR C 83 45.11 49.84 -0.95
N LYS C 84 45.98 49.37 -1.86
CA LYS C 84 45.98 47.96 -2.21
C LYS C 84 46.29 47.07 -1.02
N PHE C 85 47.06 47.58 -0.05
CA PHE C 85 47.50 46.80 1.09
C PHE C 85 46.56 46.88 2.28
N THR C 86 45.44 47.61 2.16
CA THR C 86 44.48 47.68 3.25
C THR C 86 43.82 46.33 3.51
N GLU C 87 43.61 45.53 2.46
CA GLU C 87 42.92 44.25 2.55
C GLU C 87 43.84 43.13 3.00
N GLY C 92 45.46 39.33 2.36
CA GLY C 92 45.89 40.43 1.52
C GLY C 92 47.32 40.29 1.03
N LYS C 93 47.72 41.19 0.13
CA LYS C 93 49.05 41.16 -0.44
C LYS C 93 50.08 41.71 0.53
N GLU C 94 51.29 41.15 0.44
CA GLU C 94 52.41 41.62 1.26
C GLU C 94 53.01 42.88 0.65
N VAL C 95 53.54 43.74 1.52
CA VAL C 95 54.15 44.99 1.07
C VAL C 95 55.44 44.73 0.29
N ASP C 96 56.10 43.59 0.54
CA ASP C 96 57.37 43.30 -0.13
C ASP C 96 57.19 43.14 -1.65
N SER C 97 55.96 42.94 -2.13
CA SER C 97 55.72 42.78 -3.56
C SER C 97 56.13 44.01 -4.37
N ILE C 98 56.16 45.19 -3.75
CA ILE C 98 56.57 46.40 -4.46
C ILE C 98 57.96 46.23 -5.06
N ILE C 99 58.92 45.79 -4.24
CA ILE C 99 60.27 45.57 -4.73
C ILE C 99 60.31 44.40 -5.70
N ARG C 100 59.49 43.37 -5.48
CA ARG C 100 59.46 42.24 -6.40
C ARG C 100 58.97 42.68 -7.77
N ASP C 101 57.85 43.41 -7.80
CA ASP C 101 57.32 43.91 -9.07
C ASP C 101 58.24 44.95 -9.68
N LEU C 102 58.96 45.71 -8.86
CA LEU C 102 59.92 46.68 -9.39
C LEU C 102 61.06 45.97 -10.12
N THR C 103 61.57 44.89 -9.54
CA THR C 103 62.66 44.15 -10.18
C THR C 103 62.19 43.47 -11.46
N ASP C 104 60.94 42.99 -11.48
CA ASP C 104 60.41 42.36 -12.69
C ASP C 104 60.32 43.36 -13.83
N ALA C 105 60.02 44.63 -13.52
CA ALA C 105 60.06 45.67 -14.55
C ALA C 105 61.50 45.99 -14.94
N ALA C 106 62.41 46.01 -13.96
CA ALA C 106 63.82 46.25 -14.27
C ALA C 106 64.41 45.10 -15.08
N VAL C 107 63.95 43.88 -14.86
CA VAL C 107 64.43 42.75 -15.65
C VAL C 107 64.04 42.92 -17.12
N LYS C 108 62.76 43.17 -17.38
CA LYS C 108 62.31 43.36 -18.76
C LYS C 108 62.91 44.63 -19.36
N MET C 109 63.21 45.63 -18.52
CA MET C 109 63.82 46.86 -19.03
C MET C 109 65.24 46.61 -19.48
N VAL C 110 66.05 45.98 -18.62
CA VAL C 110 67.44 45.70 -18.98
C VAL C 110 67.52 44.68 -20.10
N ARG C 111 66.55 43.75 -20.16
CA ARG C 111 66.59 42.70 -21.19
C ARG C 111 66.32 43.28 -22.57
N VAL C 112 65.24 44.06 -22.71
CA VAL C 112 64.91 44.64 -24.01
C VAL C 112 66.00 45.62 -24.45
N GLN C 113 66.58 46.37 -23.51
CA GLN C 113 67.69 47.24 -23.85
C GLN C 113 68.94 46.45 -24.25
N ALA C 114 69.15 45.28 -23.63
CA ALA C 114 70.25 44.42 -24.06
C ALA C 114 69.99 43.84 -25.45
N ILE C 115 68.72 43.59 -25.78
CA ILE C 115 68.38 43.11 -27.12
C ILE C 115 68.73 44.17 -28.17
N GLU C 116 68.65 45.45 -27.81
CA GLU C 116 69.00 46.52 -28.73
C GLU C 116 70.47 46.45 -29.12
N LYS C 117 71.32 46.01 -28.18
CA LYS C 117 72.72 45.78 -28.50
C LYS C 117 72.89 44.54 -29.37
N ASN C 118 72.27 43.41 -28.97
CA ASN C 118 72.36 42.17 -29.74
C ASN C 118 71.72 42.27 -31.12
N ARG C 119 70.77 43.19 -31.31
CA ARG C 119 70.11 43.29 -32.61
C ARG C 119 71.09 43.61 -33.73
N TYR C 120 72.18 44.31 -33.41
CA TYR C 120 73.13 44.73 -34.42
C TYR C 120 74.14 43.62 -34.69
N ARG C 121 74.89 43.22 -33.66
CA ARG C 121 75.96 42.23 -33.84
C ARG C 121 75.42 40.92 -34.42
N ALA C 122 74.22 40.51 -33.98
CA ALA C 122 73.69 39.22 -34.41
C ALA C 122 73.43 39.17 -35.91
N GLU C 123 73.01 40.29 -36.49
CA GLU C 123 72.80 40.32 -37.94
C GLU C 123 74.11 40.14 -38.70
N GLU C 124 75.21 40.65 -38.15
CA GLU C 124 76.50 40.47 -38.81
C GLU C 124 76.96 39.03 -38.70
N LEU C 125 76.93 38.46 -37.49
CA LEU C 125 77.32 37.06 -37.32
C LEU C 125 76.35 36.10 -37.99
N ALA C 126 75.06 36.45 -38.06
CA ALA C 126 74.11 35.61 -38.79
C ALA C 126 74.37 35.63 -40.29
N GLU C 127 74.80 36.77 -40.82
CA GLU C 127 75.16 36.84 -42.24
C GLU C 127 76.39 36.00 -42.54
N GLU C 128 77.40 36.04 -41.66
CA GLU C 128 78.59 35.22 -41.87
C GLU C 128 78.27 33.73 -41.78
N ARG C 129 77.22 33.36 -41.03
CA ARG C 129 76.84 31.95 -40.94
C ARG C 129 76.14 31.50 -42.22
N ILE C 130 75.21 32.32 -42.73
CA ILE C 130 74.46 31.93 -43.92
C ILE C 130 75.32 32.00 -45.18
N LEU C 131 76.40 32.77 -45.16
CA LEU C 131 77.32 32.79 -46.30
C LEU C 131 78.24 31.57 -46.36
N ASP C 132 78.37 30.84 -45.25
CA ASP C 132 79.19 29.62 -45.28
C ASP C 132 78.51 28.50 -46.05
N VAL C 133 77.19 28.51 -46.14
CA VAL C 133 76.53 27.48 -46.93
C VAL C 133 76.57 27.83 -48.41
N LEU C 134 76.49 29.12 -48.74
CA LEU C 134 76.54 29.53 -50.14
C LEU C 134 77.95 29.43 -50.70
N ILE C 135 78.95 29.89 -49.96
CA ILE C 135 80.34 29.83 -50.38
C ILE C 135 81.12 29.22 -49.23
N PRO C 136 81.18 27.89 -49.13
CA PRO C 136 81.92 27.25 -48.05
C PRO C 136 83.40 27.58 -48.13
N PRO C 137 84.00 28.01 -47.02
CA PRO C 137 85.44 28.24 -47.02
C PRO C 137 86.21 26.93 -47.20
N ALA C 138 87.39 27.04 -47.79
CA ALA C 138 88.21 25.86 -48.06
C ALA C 138 88.94 25.36 -46.81
N GLU C 150 90.45 39.20 -46.64
CA GLU C 150 89.56 39.89 -47.57
C GLU C 150 88.39 39.00 -47.96
N PRO C 151 87.18 39.58 -48.00
CA PRO C 151 86.02 38.81 -48.45
C PRO C 151 86.15 38.44 -49.92
N SER C 152 85.65 37.25 -50.26
CA SER C 152 85.68 36.79 -51.64
C SER C 152 84.65 37.57 -52.48
N ALA C 153 84.86 37.54 -53.79
CA ALA C 153 83.95 38.23 -54.70
C ALA C 153 82.56 37.61 -54.67
N ALA C 154 82.49 36.27 -54.67
CA ALA C 154 81.20 35.61 -54.54
C ALA C 154 80.63 35.77 -53.14
N ARG C 155 81.49 35.91 -52.13
CA ARG C 155 81.02 36.17 -50.77
C ARG C 155 80.25 37.49 -50.72
N GLN C 156 80.69 38.49 -51.48
CA GLN C 156 79.96 39.75 -51.58
C GLN C 156 78.80 39.67 -52.57
N ALA C 157 78.96 38.90 -53.65
CA ALA C 157 77.88 38.76 -54.62
C ALA C 157 76.65 38.09 -53.99
N PHE C 158 76.86 37.15 -53.08
CA PHE C 158 75.75 36.58 -52.33
C PHE C 158 75.29 37.48 -51.20
N ARG C 159 76.23 38.20 -50.56
CA ARG C 159 75.86 39.12 -49.48
C ARG C 159 74.96 40.23 -50.00
N LYS C 160 75.12 40.62 -51.27
CA LYS C 160 74.26 41.65 -51.83
C LYS C 160 72.85 41.12 -52.08
N LYS C 161 72.74 39.93 -52.68
CA LYS C 161 71.43 39.34 -52.92
C LYS C 161 70.70 39.05 -51.62
N LEU C 162 71.45 38.81 -50.54
CA LEU C 162 70.83 38.56 -49.25
C LEU C 162 70.17 39.81 -48.67
N ARG C 163 70.92 40.92 -48.62
CA ARG C 163 70.36 42.17 -48.09
C ARG C 163 69.21 42.67 -48.96
N GLU C 164 69.26 42.38 -50.26
CA GLU C 164 68.15 42.74 -51.15
C GLU C 164 66.90 41.94 -50.84
N GLY C 165 67.02 40.84 -50.11
CA GLY C 165 65.87 40.05 -49.73
C GLY C 165 65.75 38.78 -50.57
N GLN C 166 64.95 37.84 -50.05
CA GLN C 166 64.72 36.58 -50.74
C GLN C 166 63.49 35.86 -50.18
N LYS C 216 64.40 25.08 -45.16
CA LYS C 216 63.88 26.44 -45.25
C LYS C 216 65.02 27.46 -45.21
N ILE C 217 64.90 28.51 -46.03
CA ILE C 217 65.96 29.51 -46.15
C ILE C 217 65.56 30.80 -45.44
N LYS C 218 64.46 31.42 -45.88
CA LYS C 218 64.02 32.68 -45.29
C LYS C 218 63.78 32.56 -43.80
N ASP C 219 63.38 31.39 -43.32
CA ASP C 219 63.16 31.18 -41.89
C ASP C 219 64.48 31.10 -41.14
N ALA C 220 65.56 30.71 -41.82
CA ALA C 220 66.82 30.42 -41.14
C ALA C 220 67.45 31.66 -40.53
N MET C 221 67.25 32.83 -41.14
CA MET C 221 67.89 34.05 -40.62
C MET C 221 67.35 34.41 -39.23
N LYS C 222 66.11 33.99 -38.92
CA LYS C 222 65.52 34.27 -37.61
C LYS C 222 66.10 33.38 -36.52
N LEU C 223 66.37 32.11 -36.84
CA LEU C 223 66.90 31.19 -35.84
C LEU C 223 68.31 31.58 -35.38
N LEU C 224 69.12 32.12 -36.29
CA LEU C 224 70.49 32.47 -35.94
C LEU C 224 70.53 33.71 -35.05
N ILE C 225 69.51 34.58 -35.14
CA ILE C 225 69.46 35.73 -34.24
C ILE C 225 69.31 35.26 -32.80
N GLU C 226 68.59 34.16 -32.57
CA GLU C 226 68.46 33.64 -31.22
C GLU C 226 69.76 33.02 -30.75
N GLU C 227 70.34 32.13 -31.56
CA GLU C 227 71.58 31.47 -31.17
C GLU C 227 72.72 32.47 -31.01
N GLU C 228 72.75 33.51 -31.83
CA GLU C 228 73.82 34.49 -31.71
C GLU C 228 73.56 35.44 -30.54
N ALA C 229 72.34 35.95 -30.41
CA ALA C 229 72.01 36.80 -29.27
C ALA C 229 72.13 36.03 -27.95
N ALA C 230 71.80 34.74 -27.96
CA ALA C 230 72.07 33.92 -26.78
C ALA C 230 73.58 33.75 -26.58
N LYS C 231 74.33 33.55 -27.66
CA LYS C 231 75.78 33.47 -27.55
C LYS C 231 76.37 34.81 -27.13
N LEU C 232 75.75 35.92 -27.51
CA LEU C 232 76.24 37.25 -27.16
C LEU C 232 75.81 37.70 -25.77
N VAL C 233 74.60 37.34 -25.33
CA VAL C 233 74.10 37.83 -24.06
C VAL C 233 74.83 37.13 -22.91
N ASN C 234 74.93 37.83 -21.79
CA ASN C 234 75.55 37.32 -20.55
C ASN C 234 74.55 37.39 -19.42
N PRO C 235 73.94 36.26 -19.03
CA PRO C 235 72.86 36.33 -18.04
C PRO C 235 73.31 36.82 -16.67
N GLU C 236 74.53 36.48 -16.25
CA GLU C 236 75.03 36.93 -14.95
C GLU C 236 75.31 38.43 -14.92
N GLU C 237 75.63 39.04 -16.06
CA GLU C 237 75.79 40.49 -16.11
C GLU C 237 74.46 41.21 -16.35
N LEU C 238 73.42 40.48 -16.73
CA LEU C 238 72.12 41.06 -17.04
C LEU C 238 71.16 40.99 -15.85
N LYS C 239 70.86 39.77 -15.38
CA LYS C 239 70.01 39.63 -14.20
C LYS C 239 70.60 40.34 -13.00
N GLN C 240 71.93 40.41 -12.90
CA GLN C 240 72.57 41.21 -11.86
C GLN C 240 72.57 42.69 -12.20
N ASP C 241 72.35 43.04 -13.48
CA ASP C 241 72.26 44.45 -13.85
C ASP C 241 70.93 45.04 -13.40
N ALA C 242 69.84 44.29 -13.55
CA ALA C 242 68.54 44.78 -13.08
C ALA C 242 68.55 45.01 -11.58
N ILE C 243 69.30 44.18 -10.83
CA ILE C 243 69.44 44.41 -9.40
C ILE C 243 70.20 45.70 -9.12
N ASP C 244 71.31 45.93 -9.84
CA ASP C 244 72.01 47.20 -9.70
C ASP C 244 71.17 48.37 -10.18
N ALA C 245 70.35 48.16 -11.20
CA ALA C 245 69.45 49.21 -11.67
C ALA C 245 68.38 49.53 -10.63
N VAL C 246 67.92 48.51 -9.91
CA VAL C 246 66.92 48.74 -8.86
C VAL C 246 67.57 49.39 -7.64
N GLU C 247 68.69 48.84 -7.17
CA GLU C 247 69.30 49.34 -5.95
C GLU C 247 69.82 50.76 -6.13
N GLN C 248 70.55 51.01 -7.23
CA GLN C 248 71.15 52.32 -7.41
C GLN C 248 70.14 53.32 -7.98
N HIS C 249 69.44 52.94 -9.05
CA HIS C 249 68.61 53.88 -9.78
C HIS C 249 67.12 53.75 -9.50
N GLY C 250 66.70 52.81 -8.67
CA GLY C 250 65.29 52.48 -8.58
C GLY C 250 64.46 53.65 -8.10
N ILE C 251 63.22 53.69 -8.58
CA ILE C 251 62.25 54.73 -8.23
C ILE C 251 60.89 54.07 -8.04
N VAL C 252 60.14 54.53 -7.04
CA VAL C 252 58.83 54.00 -6.72
C VAL C 252 57.90 55.17 -6.45
N PHE C 253 56.72 55.13 -7.05
CA PHE C 253 55.70 56.14 -6.85
C PHE C 253 54.54 55.51 -6.10
N ILE C 254 54.25 56.03 -4.91
CA ILE C 254 53.17 55.53 -4.08
C ILE C 254 52.04 56.55 -4.19
N ASP C 255 51.00 56.19 -4.94
CA ASP C 255 49.87 57.08 -5.14
C ASP C 255 48.97 57.05 -3.91
N GLU C 256 48.21 58.13 -3.73
CA GLU C 256 47.14 58.23 -2.73
C GLU C 256 47.59 57.77 -1.34
N ILE C 257 48.77 58.23 -0.93
CA ILE C 257 49.27 57.92 0.40
C ILE C 257 48.43 58.61 1.47
N ASP C 258 47.74 59.70 1.13
CA ASP C 258 46.95 60.41 2.13
C ASP C 258 45.79 59.57 2.66
N LYS C 259 45.36 58.57 1.90
CA LYS C 259 44.22 57.77 2.30
C LYS C 259 44.55 56.73 3.37
N ILE C 260 45.84 56.50 3.67
CA ILE C 260 46.23 55.60 4.75
C ILE C 260 46.50 56.32 6.06
N CYS C 261 46.27 57.64 6.12
CA CYS C 261 46.41 58.37 7.36
C CYS C 261 45.24 58.10 8.28
N LYS C 262 45.45 58.37 9.56
CA LYS C 262 44.40 58.20 10.57
C LYS C 262 43.29 59.23 10.38
N SER C 267 38.68 54.34 14.48
CA SER C 267 39.65 53.57 15.25
C SER C 267 39.98 52.25 14.56
N GLY C 268 38.95 51.59 14.03
CA GLY C 268 39.10 50.33 13.34
C GLY C 268 39.95 50.42 12.08
N PRO C 269 39.56 51.29 11.14
CA PRO C 269 40.42 51.52 9.97
C PRO C 269 41.75 52.17 10.32
N ASP C 270 41.79 53.01 11.36
CA ASP C 270 43.02 53.69 11.72
C ASP C 270 44.14 52.72 12.06
N VAL C 271 43.81 51.53 12.59
CA VAL C 271 44.83 50.50 12.84
C VAL C 271 45.29 49.88 11.54
N SER C 272 44.34 49.50 10.67
CA SER C 272 44.68 48.95 9.37
C SER C 272 45.34 50.00 8.45
N ARG C 273 44.94 51.26 8.57
CA ARG C 273 45.54 52.33 7.77
C ARG C 273 46.99 52.59 8.20
N GLU C 274 47.20 52.84 9.49
CA GLU C 274 48.55 53.08 10.01
C GLU C 274 49.40 51.81 10.01
N GLY C 275 48.76 50.63 9.99
CA GLY C 275 49.54 49.40 9.87
C GLY C 275 50.26 49.30 8.55
N VAL C 276 49.63 49.78 7.48
CA VAL C 276 50.30 49.81 6.17
C VAL C 276 51.50 50.74 6.21
N GLN C 277 51.42 51.82 6.99
CA GLN C 277 52.55 52.73 7.12
C GLN C 277 53.73 52.03 7.78
N ARG C 278 53.45 51.26 8.85
CA ARG C 278 54.51 50.51 9.51
C ARG C 278 55.07 49.43 8.59
N ASP C 279 54.22 48.83 7.76
CA ASP C 279 54.71 47.85 6.79
C ASP C 279 55.59 48.49 5.73
N LEU C 280 55.26 49.72 5.32
CA LEU C 280 56.10 50.44 4.37
C LEU C 280 57.39 50.94 5.00
N LEU C 281 57.42 51.07 6.32
CA LEU C 281 58.54 51.71 7.00
C LEU C 281 59.89 51.06 6.70
N PRO C 282 60.05 49.74 6.74
CA PRO C 282 61.38 49.16 6.46
C PRO C 282 61.91 49.50 5.07
N LEU C 283 61.04 49.63 4.08
CA LEU C 283 61.53 49.89 2.73
C LEU C 283 62.22 51.23 2.62
N VAL C 284 61.72 52.24 3.32
CA VAL C 284 62.33 53.57 3.28
C VAL C 284 63.50 53.71 4.25
N GLU C 285 63.37 53.13 5.45
CA GLU C 285 64.47 53.12 6.41
C GLU C 285 65.61 52.23 5.95
N GLY C 286 65.35 51.38 4.96
CA GLY C 286 66.33 50.45 4.43
C GLY C 286 66.08 49.06 4.97
N CYS C 287 66.27 48.06 4.11
CA CYS C 287 66.02 46.66 4.45
C CYS C 287 66.54 45.81 3.29
N THR C 288 66.31 44.51 3.37
CA THR C 288 66.68 43.59 2.30
C THR C 288 65.48 42.70 2.02
N VAL C 289 65.11 42.58 0.74
CA VAL C 289 63.97 41.80 0.30
C VAL C 289 64.48 40.72 -0.64
N SER C 290 63.93 39.52 -0.51
CA SER C 290 64.32 38.40 -1.34
C SER C 290 63.42 38.32 -2.56
N THR C 291 64.03 38.10 -3.72
CA THR C 291 63.31 37.91 -4.96
C THR C 291 63.94 36.74 -5.71
N LYS C 292 63.16 36.11 -6.57
CA LYS C 292 63.68 35.02 -7.37
C LYS C 292 64.85 35.47 -8.23
N HIS C 293 64.82 36.73 -8.67
CA HIS C 293 65.92 37.26 -9.46
C HIS C 293 67.16 37.53 -8.62
N GLY C 294 67.00 37.72 -7.32
CA GLY C 294 68.14 37.97 -6.46
C GLY C 294 67.70 38.63 -5.17
N MET C 295 68.70 39.10 -4.43
CA MET C 295 68.50 39.73 -3.13
C MET C 295 68.77 41.22 -3.29
N VAL C 296 67.75 42.04 -3.07
CA VAL C 296 67.81 43.48 -3.32
C VAL C 296 67.81 44.21 -1.98
N LYS C 297 68.52 45.34 -1.94
CA LYS C 297 68.52 46.22 -0.80
C LYS C 297 67.88 47.55 -1.17
N THR C 298 67.01 48.06 -0.29
CA THR C 298 66.19 49.22 -0.58
C THR C 298 66.79 50.53 -0.07
N ASP C 299 68.02 50.51 0.46
CA ASP C 299 68.53 51.67 1.17
C ASP C 299 68.59 52.91 0.28
N HIS C 300 69.05 52.74 -0.95
CA HIS C 300 69.29 53.87 -1.84
C HIS C 300 68.18 54.10 -2.85
N ILE C 301 67.09 53.34 -2.78
CA ILE C 301 65.96 53.55 -3.67
C ILE C 301 65.29 54.88 -3.35
N LEU C 302 64.89 55.60 -4.40
CA LEU C 302 64.14 56.83 -4.26
C LEU C 302 62.65 56.54 -4.33
N PHE C 303 61.87 57.27 -3.54
CA PHE C 303 60.44 57.05 -3.45
C PHE C 303 59.72 58.38 -3.61
N ILE C 304 58.54 58.33 -4.21
CA ILE C 304 57.69 59.50 -4.39
C ILE C 304 56.28 59.14 -3.93
N ALA C 305 55.82 59.77 -2.87
CA ALA C 305 54.46 59.61 -2.38
C ALA C 305 53.62 60.81 -2.81
N SER C 306 52.35 60.55 -3.09
CA SER C 306 51.44 61.60 -3.55
C SER C 306 50.08 61.41 -2.91
N GLY C 307 49.41 62.52 -2.67
CA GLY C 307 48.07 62.50 -2.13
C GLY C 307 47.41 63.86 -2.17
N ALA C 308 46.08 63.89 -2.25
CA ALA C 308 45.38 65.17 -2.20
C ALA C 308 45.48 65.83 -0.83
N PHE C 309 45.49 65.01 0.23
CA PHE C 309 45.59 65.50 1.61
C PHE C 309 44.52 66.54 1.93
N GLN C 310 43.33 66.38 1.35
CA GLN C 310 42.20 67.21 1.74
C GLN C 310 41.51 66.68 2.99
N ILE C 311 41.42 65.36 3.12
CA ILE C 311 40.82 64.76 4.32
C ILE C 311 41.83 64.76 5.46
N ALA C 312 43.09 64.44 5.18
CA ALA C 312 44.14 64.35 6.18
C ALA C 312 45.30 65.23 5.74
N LYS C 313 46.34 65.26 6.56
CA LYS C 313 47.52 66.08 6.29
C LYS C 313 48.76 65.21 6.51
N PRO C 314 49.89 65.59 5.90
CA PRO C 314 51.12 64.79 6.11
C PRO C 314 51.52 64.64 7.56
N SER C 315 51.15 65.59 8.43
CA SER C 315 51.42 65.45 9.86
C SER C 315 50.72 64.24 10.46
N ASP C 316 49.61 63.80 9.87
CA ASP C 316 48.89 62.61 10.36
C ASP C 316 49.63 61.32 10.08
N LEU C 317 50.66 61.34 9.23
CA LEU C 317 51.47 60.17 9.00
C LEU C 317 52.27 59.82 10.24
N ILE C 318 52.66 58.55 10.34
CA ILE C 318 53.42 58.10 11.50
C ILE C 318 54.74 58.87 11.52
N PRO C 319 55.26 59.19 12.71
CA PRO C 319 56.46 60.05 12.77
C PRO C 319 57.68 59.47 12.06
N GLU C 320 57.89 58.16 12.11
CA GLU C 320 59.03 57.58 11.41
C GLU C 320 58.92 57.79 9.91
N LEU C 321 57.69 57.92 9.40
CA LEU C 321 57.47 58.15 7.98
C LEU C 321 57.63 59.61 7.58
N GLN C 322 57.25 60.55 8.46
CA GLN C 322 57.35 61.96 8.10
C GLN C 322 58.81 62.37 7.91
N GLY C 323 59.72 61.78 8.68
CA GLY C 323 61.13 62.07 8.56
C GLY C 323 61.83 61.37 7.43
N ARG C 324 61.21 60.39 6.83
CA ARG C 324 61.77 59.73 5.66
C ARG C 324 61.31 60.37 4.36
N LEU C 325 60.61 61.50 4.46
CA LEU C 325 60.15 62.26 3.30
C LEU C 325 60.67 63.69 3.44
N PRO C 326 61.98 63.89 3.29
CA PRO C 326 62.54 65.24 3.52
C PRO C 326 62.00 66.30 2.59
N ILE C 327 61.74 65.97 1.34
CA ILE C 327 61.31 66.97 0.35
C ILE C 327 59.79 66.88 0.21
N ARG C 328 59.12 68.01 0.38
CA ARG C 328 57.68 68.14 0.25
C ARG C 328 57.39 69.21 -0.78
N VAL C 329 56.36 69.00 -1.60
CA VAL C 329 55.98 69.99 -2.60
C VAL C 329 54.49 69.89 -2.87
N GLU C 330 53.85 71.04 -3.08
CA GLU C 330 52.45 71.11 -3.47
C GLU C 330 52.36 71.47 -4.94
N LEU C 331 51.53 70.75 -5.68
CA LEU C 331 51.31 71.01 -7.09
C LEU C 331 50.03 71.81 -7.26
N GLN C 332 50.10 72.87 -8.06
CA GLN C 332 48.98 73.77 -8.26
C GLN C 332 47.97 73.17 -9.23
N ALA C 333 46.72 73.60 -9.08
CA ALA C 333 45.68 73.19 -10.00
C ALA C 333 45.92 73.80 -11.38
N LEU C 334 45.68 73.00 -12.42
CA LEU C 334 45.88 73.44 -13.78
C LEU C 334 44.80 74.43 -14.19
N THR C 335 45.14 75.34 -15.10
CA THR C 335 44.23 76.35 -15.61
C THR C 335 43.80 76.02 -17.02
N THR C 336 42.89 76.85 -17.55
CA THR C 336 42.46 76.69 -18.94
C THR C 336 43.61 76.94 -19.91
N SER C 337 44.47 77.92 -19.60
CA SER C 337 45.60 78.22 -20.48
C SER C 337 46.58 77.06 -20.53
N ASP C 338 46.78 76.37 -19.42
CA ASP C 338 47.67 75.22 -19.43
C ASP C 338 47.10 74.08 -20.26
N PHE C 339 45.76 73.93 -20.27
CA PHE C 339 45.13 72.91 -21.10
C PHE C 339 45.42 73.15 -22.57
N GLU C 340 45.36 74.42 -23.01
CA GLU C 340 45.66 74.74 -24.40
C GLU C 340 47.11 74.40 -24.73
N ARG C 341 48.02 74.59 -23.78
CA ARG C 341 49.41 74.24 -24.01
C ARG C 341 49.60 72.73 -24.05
N ILE C 342 48.95 72.01 -23.14
CA ILE C 342 49.08 70.55 -23.09
C ILE C 342 48.60 69.90 -24.38
N LEU C 343 47.60 70.51 -25.03
CA LEU C 343 47.06 69.93 -26.24
C LEU C 343 48.06 69.99 -27.39
N THR C 344 48.99 70.95 -27.35
CA THR C 344 49.82 71.23 -28.51
C THR C 344 51.30 71.16 -28.14
N GLU C 345 51.74 71.99 -27.20
CA GLU C 345 53.17 72.18 -26.92
C GLU C 345 53.95 70.89 -26.64
N PRO C 346 53.49 69.95 -25.80
CA PRO C 346 54.33 68.80 -25.47
C PRO C 346 54.65 67.97 -26.71
N ASN C 347 55.85 67.41 -26.75
CA ASN C 347 56.23 66.52 -27.84
C ASN C 347 55.27 65.34 -27.88
N ALA C 348 54.78 65.03 -29.07
CA ALA C 348 53.78 63.98 -29.27
C ALA C 348 52.52 64.24 -28.43
N SER C 349 52.06 65.49 -28.45
CA SER C 349 50.84 65.84 -27.74
C SER C 349 49.64 65.15 -28.40
N ILE C 350 48.56 64.99 -27.62
CA ILE C 350 47.42 64.22 -28.07
C ILE C 350 46.83 64.77 -29.37
N THR C 351 46.91 66.08 -29.58
CA THR C 351 46.49 66.63 -30.86
C THR C 351 47.41 66.20 -31.99
N VAL C 352 48.73 66.19 -31.75
CA VAL C 352 49.67 65.69 -32.76
C VAL C 352 49.44 64.20 -33.01
N GLN C 353 49.04 63.46 -31.97
CA GLN C 353 48.78 62.03 -32.15
C GLN C 353 47.56 61.80 -33.05
N TYR C 354 46.49 62.57 -32.82
CA TYR C 354 45.30 62.45 -33.66
C TYR C 354 45.59 62.88 -35.10
N LYS C 355 46.49 63.86 -35.27
CA LYS C 355 46.81 64.35 -36.60
C LYS C 355 47.51 63.28 -37.43
N ALA C 356 48.55 62.65 -36.86
CA ALA C 356 49.23 61.58 -37.57
C ALA C 356 48.36 60.34 -37.74
N LEU C 357 47.48 60.06 -36.76
CA LEU C 357 46.57 58.92 -36.89
C LEU C 357 45.62 59.11 -38.07
N MET C 358 45.01 60.29 -38.19
CA MET C 358 44.18 60.58 -39.36
C MET C 358 45.00 60.66 -40.64
N ALA C 359 46.28 61.03 -40.54
CA ALA C 359 47.13 61.01 -41.72
C ALA C 359 47.27 59.59 -42.26
N THR C 360 47.27 58.60 -41.36
CA THR C 360 47.40 57.21 -41.78
C THR C 360 46.29 56.84 -42.75
N GLU C 361 45.11 57.42 -42.58
CA GLU C 361 44.00 57.19 -43.48
C GLU C 361 44.06 58.10 -44.70
N GLY C 362 45.08 58.96 -44.80
CA GLY C 362 45.14 59.92 -45.87
C GLY C 362 44.44 61.23 -45.60
N VAL C 363 43.96 61.45 -44.37
CA VAL C 363 43.23 62.67 -44.02
C VAL C 363 44.17 63.62 -43.30
N ASN C 364 43.95 64.92 -43.50
CA ASN C 364 44.77 65.98 -42.91
C ASN C 364 43.93 66.71 -41.89
N ILE C 365 44.28 66.57 -40.63
CA ILE C 365 43.62 67.30 -39.56
C ILE C 365 44.43 68.55 -39.27
N GLU C 366 43.72 69.64 -38.99
CA GLU C 366 44.34 70.90 -38.57
C GLU C 366 43.40 71.54 -37.57
N PHE C 367 43.95 71.95 -36.43
CA PHE C 367 43.17 72.56 -35.36
C PHE C 367 43.45 74.05 -35.34
N THR C 368 42.39 74.85 -35.32
CA THR C 368 42.53 76.30 -35.18
C THR C 368 42.84 76.63 -33.73
N ASP C 369 43.50 77.79 -33.54
CA ASP C 369 43.79 78.25 -32.19
C ASP C 369 42.51 78.45 -31.39
N SER C 370 41.47 79.00 -32.02
CA SER C 370 40.18 79.12 -31.36
C SER C 370 39.54 77.75 -31.16
N GLY C 371 39.81 76.80 -32.06
CA GLY C 371 39.31 75.45 -31.86
C GLY C 371 40.00 74.74 -30.71
N ILE C 372 41.32 74.95 -30.57
CA ILE C 372 42.03 74.45 -29.40
C ILE C 372 41.55 75.15 -28.13
N LYS C 373 41.26 76.45 -28.24
CA LYS C 373 40.84 77.21 -27.06
C LYS C 373 39.49 76.72 -26.53
N ARG C 374 38.59 76.31 -27.42
CA ARG C 374 37.26 75.87 -27.00
C ARG C 374 37.24 74.42 -26.53
N ILE C 375 38.27 73.63 -26.87
CA ILE C 375 38.39 72.29 -26.29
C ILE C 375 38.85 72.38 -24.84
N ALA C 376 39.85 73.23 -24.58
CA ALA C 376 40.30 73.43 -23.20
C ALA C 376 39.20 74.02 -22.34
N GLU C 377 38.40 74.93 -22.90
CA GLU C 377 37.25 75.47 -22.18
C GLU C 377 36.19 74.40 -21.95
N ALA C 378 36.05 73.46 -22.88
CA ALA C 378 35.07 72.38 -22.72
C ALA C 378 35.49 71.44 -21.60
N ALA C 379 36.76 71.04 -21.58
CA ALA C 379 37.24 70.17 -20.51
C ALA C 379 37.21 70.86 -19.16
N TRP C 380 37.44 72.18 -19.13
CA TRP C 380 37.39 72.91 -17.87
C TRP C 380 35.98 72.95 -17.31
N GLN C 381 34.98 73.14 -18.18
CA GLN C 381 33.60 73.24 -17.71
C GLN C 381 33.13 71.93 -17.09
N VAL C 382 33.58 70.80 -17.65
CA VAL C 382 33.15 69.51 -17.11
C VAL C 382 33.77 69.26 -15.74
N ASN C 383 35.06 69.61 -15.57
CA ASN C 383 35.69 69.46 -14.27
C ASN C 383 35.04 70.34 -13.21
N GLU C 384 34.57 71.53 -13.58
CA GLU C 384 33.88 72.39 -12.63
C GLU C 384 32.42 71.98 -12.47
N SER C 385 31.76 71.61 -13.57
CA SER C 385 30.34 71.27 -13.49
C SER C 385 30.10 69.99 -12.70
N THR C 386 31.02 69.03 -12.76
CA THR C 386 30.80 67.74 -12.08
C THR C 386 31.93 67.40 -11.11
N GLU C 387 33.03 66.87 -11.63
CA GLU C 387 34.17 66.44 -10.83
C GLU C 387 35.46 66.79 -11.56
N ASN C 388 36.46 67.26 -10.80
CA ASN C 388 37.70 67.73 -11.38
C ASN C 388 38.68 66.56 -11.45
N ILE C 389 38.92 66.06 -12.66
CA ILE C 389 39.89 64.99 -12.89
C ILE C 389 41.22 65.50 -13.40
N GLY C 390 41.37 66.82 -13.50
CA GLY C 390 42.60 67.37 -14.03
C GLY C 390 42.67 67.22 -15.54
N ALA C 391 43.90 67.19 -16.05
CA ALA C 391 44.13 67.14 -17.49
C ALA C 391 43.61 65.86 -18.13
N ARG C 392 43.25 64.84 -17.34
CA ARG C 392 42.65 63.65 -17.91
C ARG C 392 41.38 63.95 -18.69
N ARG C 393 40.68 65.03 -18.32
CA ARG C 393 39.45 65.39 -19.03
C ARG C 393 39.70 65.69 -20.49
N LEU C 394 40.89 66.19 -20.83
CA LEU C 394 41.20 66.52 -22.22
C LEU C 394 41.12 65.30 -23.12
N HIS C 395 41.47 64.12 -22.60
CA HIS C 395 41.43 62.91 -23.41
C HIS C 395 39.99 62.52 -23.75
N THR C 396 39.09 62.58 -22.77
CA THR C 396 37.70 62.19 -23.00
C THR C 396 37.01 63.17 -23.94
N VAL C 397 37.33 64.47 -23.83
CA VAL C 397 36.67 65.47 -24.65
C VAL C 397 37.12 65.38 -26.10
N LEU C 398 38.42 65.18 -26.33
CA LEU C 398 38.95 65.16 -27.69
C LEU C 398 38.41 63.98 -28.48
N GLU C 399 38.39 62.78 -27.88
CA GLU C 399 37.90 61.60 -28.58
C GLU C 399 36.42 61.72 -28.90
N ARG C 400 35.64 62.34 -28.01
CA ARG C 400 34.23 62.58 -28.29
C ARG C 400 34.06 63.55 -29.45
N LEU C 401 34.98 64.51 -29.59
CA LEU C 401 34.92 65.46 -30.70
C LEU C 401 35.32 64.78 -32.02
N MET C 402 36.34 63.95 -31.98
CA MET C 402 36.93 63.35 -33.17
C MET C 402 36.31 62.01 -33.56
N GLU C 403 35.32 61.52 -32.79
CA GLU C 403 34.78 60.20 -33.06
C GLU C 403 34.14 60.09 -34.44
N GLU C 404 33.54 61.18 -34.94
CA GLU C 404 32.90 61.13 -36.25
C GLU C 404 33.95 61.08 -37.36
N ILE C 405 35.02 61.86 -37.20
CA ILE C 405 36.11 61.82 -38.17
C ILE C 405 36.84 60.48 -38.10
N SER C 406 37.11 60.00 -36.88
CA SER C 406 37.86 58.76 -36.72
C SER C 406 37.11 57.58 -37.33
N TYR C 407 35.78 57.68 -37.40
CA TYR C 407 35.01 56.63 -38.06
C TYR C 407 35.06 56.77 -39.57
N ASP C 408 34.95 58.00 -40.07
CA ASP C 408 34.85 58.26 -41.49
C ASP C 408 36.19 58.46 -42.18
N ALA C 409 37.30 58.40 -41.45
CA ALA C 409 38.60 58.76 -42.01
C ALA C 409 38.97 57.89 -43.20
N SER C 410 38.46 56.66 -43.27
CA SER C 410 38.75 55.80 -44.41
C SER C 410 38.18 56.37 -45.70
N ASP C 411 36.92 56.80 -45.65
CA ASP C 411 36.26 57.35 -46.84
C ASP C 411 36.69 58.78 -47.13
N LEU C 412 37.28 59.46 -46.16
CA LEU C 412 37.71 60.85 -46.30
C LEU C 412 39.14 60.98 -46.81
N SER C 413 39.76 59.87 -47.21
CA SER C 413 41.15 59.91 -47.67
C SER C 413 41.32 60.90 -48.82
N GLY C 414 42.42 61.65 -48.77
CA GLY C 414 42.68 62.68 -49.74
C GLY C 414 42.00 64.01 -49.48
N GLN C 415 41.40 64.19 -48.31
CA GLN C 415 40.71 65.42 -47.95
C GLN C 415 41.41 66.12 -46.80
N ASN C 416 41.24 67.44 -46.75
CA ASN C 416 41.79 68.29 -45.69
C ASN C 416 40.65 68.71 -44.77
N ILE C 417 40.65 68.17 -43.56
CA ILE C 417 39.64 68.52 -42.55
C ILE C 417 40.24 69.57 -41.63
N THR C 418 39.42 70.53 -41.22
CA THR C 418 39.85 71.63 -40.36
C THR C 418 38.95 71.67 -39.14
N ILE C 419 39.54 71.57 -37.95
CA ILE C 419 38.80 71.64 -36.70
C ILE C 419 38.79 73.10 -36.26
N ASP C 420 37.63 73.74 -36.35
CA ASP C 420 37.47 75.14 -36.02
C ASP C 420 36.60 75.31 -34.78
N ALA C 421 36.44 76.56 -34.35
CA ALA C 421 35.62 76.85 -33.18
C ALA C 421 34.17 76.43 -33.41
N ASP C 422 33.67 76.62 -34.64
CA ASP C 422 32.31 76.20 -34.96
C ASP C 422 32.15 74.68 -34.92
N TYR C 423 33.18 73.94 -35.31
CA TYR C 423 33.11 72.48 -35.26
C TYR C 423 33.12 71.97 -33.83
N VAL C 424 33.93 72.60 -32.97
CA VAL C 424 34.00 72.17 -31.57
C VAL C 424 32.67 72.40 -30.86
N SER C 425 32.07 73.57 -31.06
CA SER C 425 30.79 73.86 -30.42
C SER C 425 29.66 72.97 -30.95
N LYS C 426 29.77 72.54 -32.22
CA LYS C 426 28.72 71.71 -32.81
C LYS C 426 28.65 70.33 -32.16
N HIS C 427 29.80 69.71 -31.93
CA HIS C 427 29.86 68.35 -31.41
C HIS C 427 29.89 68.28 -29.88
N LEU C 428 30.07 69.41 -29.21
CA LEU C 428 30.35 69.42 -27.78
C LEU C 428 29.30 70.17 -26.97
N ASP C 429 29.03 71.44 -27.31
CA ASP C 429 28.24 72.30 -26.44
C ASP C 429 26.89 71.69 -26.07
N ALA C 430 26.30 70.88 -26.95
CA ALA C 430 25.09 70.17 -26.60
C ALA C 430 25.33 69.17 -25.48
N LEU C 431 26.51 68.55 -25.45
CA LEU C 431 26.83 67.59 -24.40
C LEU C 431 27.24 68.29 -23.11
N VAL C 432 28.06 69.34 -23.21
CA VAL C 432 28.49 70.06 -22.01
C VAL C 432 27.32 70.76 -21.33
N ALA C 433 26.29 71.14 -22.10
CA ALA C 433 25.17 71.87 -21.52
C ALA C 433 24.37 71.01 -20.54
N ASP C 434 24.35 69.69 -20.75
CA ASP C 434 23.62 68.76 -19.89
C ASP C 434 24.63 68.08 -18.97
N GLU C 435 24.56 68.38 -17.68
CA GLU C 435 25.48 67.80 -16.70
C GLU C 435 25.12 66.34 -16.40
N SER D 1 44.33 43.56 -38.97
CA SER D 1 43.46 43.65 -40.14
C SER D 1 43.35 45.10 -40.60
N GLU D 2 43.25 45.29 -41.91
CA GLU D 2 43.19 46.61 -42.52
C GLU D 2 41.76 47.10 -42.78
N MET D 3 40.75 46.35 -42.32
CA MET D 3 39.35 46.71 -42.57
C MET D 3 39.07 48.13 -42.10
N THR D 4 38.34 48.87 -42.93
CA THR D 4 37.93 50.22 -42.59
C THR D 4 36.78 50.17 -41.60
N PRO D 5 36.56 51.25 -40.84
CA PRO D 5 35.50 51.20 -39.81
C PRO D 5 34.12 50.87 -40.34
N ARG D 6 33.77 51.30 -41.57
CA ARG D 6 32.49 50.89 -42.12
C ARG D 6 32.45 49.39 -42.43
N GLU D 7 33.59 48.82 -42.85
CA GLU D 7 33.67 47.38 -43.09
C GLU D 7 33.52 46.59 -41.79
N ILE D 8 33.93 47.16 -40.65
CA ILE D 8 33.79 46.45 -39.39
C ILE D 8 32.32 46.40 -38.96
N VAL D 9 31.63 47.54 -39.04
CA VAL D 9 30.22 47.58 -38.66
C VAL D 9 29.38 46.69 -39.57
N SER D 10 29.68 46.69 -40.88
CA SER D 10 28.92 45.86 -41.80
C SER D 10 29.10 44.38 -41.48
N GLU D 11 30.29 43.99 -41.04
CA GLU D 11 30.50 42.61 -40.60
C GLU D 11 29.78 42.34 -39.29
N LEU D 12 29.77 43.32 -38.39
CA LEU D 12 29.05 43.16 -37.13
C LEU D 12 27.54 43.08 -37.35
N ASP D 13 27.02 43.74 -38.38
CA ASP D 13 25.60 43.65 -38.69
C ASP D 13 25.18 42.22 -39.05
N LYS D 14 26.11 41.39 -39.52
CA LYS D 14 25.81 40.00 -39.82
C LYS D 14 25.45 39.19 -38.59
N HIS D 15 25.87 39.64 -37.40
CA HIS D 15 25.58 38.95 -36.16
C HIS D 15 24.70 39.77 -35.22
N ILE D 16 25.18 40.93 -34.77
CA ILE D 16 24.39 41.79 -33.89
C ILE D 16 23.35 42.54 -34.70
N ILE D 17 22.19 42.80 -34.08
CA ILE D 17 21.11 43.58 -34.68
C ILE D 17 21.04 44.92 -33.96
N GLY D 18 21.05 46.01 -34.72
CA GLY D 18 20.97 47.34 -34.14
C GLY D 18 22.22 47.68 -33.37
N GLN D 19 22.08 48.60 -32.42
CA GLN D 19 23.18 49.06 -31.57
C GLN D 19 24.34 49.62 -32.39
N ASP D 20 24.02 50.37 -33.44
CA ASP D 20 25.03 50.83 -34.40
C ASP D 20 26.07 51.71 -33.73
N ASN D 21 25.65 52.53 -32.74
CA ASN D 21 26.60 53.41 -32.07
C ASN D 21 27.70 52.62 -31.37
N ALA D 22 27.32 51.52 -30.71
CA ALA D 22 28.32 50.63 -30.12
C ALA D 22 29.19 49.98 -31.19
N LYS D 23 28.61 49.66 -32.36
CA LYS D 23 29.40 49.14 -33.46
C LYS D 23 30.36 50.19 -34.00
N ARG D 24 29.88 51.42 -34.16
CA ARG D 24 30.75 52.48 -34.64
C ARG D 24 31.87 52.77 -33.65
N SER D 25 31.58 52.66 -32.35
CA SER D 25 32.58 52.98 -31.35
C SER D 25 33.69 51.93 -31.30
N VAL D 26 33.31 50.65 -31.37
CA VAL D 26 34.32 49.59 -31.38
C VAL D 26 35.15 49.60 -32.66
N ALA D 27 34.55 50.00 -33.78
CA ALA D 27 35.29 50.05 -35.04
C ALA D 27 36.38 51.10 -35.00
N ILE D 28 36.12 52.23 -34.32
CA ILE D 28 37.12 53.28 -34.20
C ILE D 28 38.32 52.78 -33.41
N ALA D 29 38.07 51.96 -32.40
CA ALA D 29 39.18 51.46 -31.59
C ALA D 29 40.02 50.45 -32.38
N LEU D 30 39.36 49.55 -33.11
CA LEU D 30 40.10 48.59 -33.92
C LEU D 30 40.85 49.26 -35.06
N ARG D 31 40.29 50.34 -35.61
CA ARG D 31 40.96 51.04 -36.71
C ARG D 31 42.18 51.80 -36.21
N ASN D 32 42.14 52.32 -34.98
CA ASN D 32 43.29 53.02 -34.42
C ASN D 32 44.48 52.07 -34.26
N ARG D 33 44.22 50.78 -34.09
CA ARG D 33 45.30 49.80 -34.06
C ARG D 33 46.11 49.83 -35.35
N TRP D 34 45.43 49.69 -36.49
CA TRP D 34 46.12 49.75 -37.78
C TRP D 34 46.71 51.13 -38.03
N ARG D 35 46.03 52.18 -37.56
CA ARG D 35 46.54 53.53 -37.74
C ARG D 35 47.82 53.75 -36.95
N ARG D 36 47.96 53.08 -35.80
CA ARG D 36 49.14 53.29 -34.99
C ARG D 36 50.37 52.67 -35.64
N MET D 37 50.23 51.47 -36.23
CA MET D 37 51.38 50.77 -36.79
C MET D 37 52.04 51.54 -37.91
N GLN D 38 51.27 52.33 -38.67
CA GLN D 38 51.84 53.11 -39.75
C GLN D 38 52.62 54.33 -39.25
N LEU D 39 52.53 54.66 -37.96
CA LEU D 39 53.20 55.83 -37.44
C LEU D 39 54.68 55.55 -37.17
N ASN D 40 55.38 56.59 -36.76
CA ASN D 40 56.81 56.53 -36.49
C ASN D 40 57.08 55.90 -35.13
N GLU D 41 58.38 55.75 -34.81
CA GLU D 41 58.77 55.06 -33.58
C GLU D 41 58.27 55.79 -32.33
N GLU D 42 58.23 57.12 -32.37
CA GLU D 42 57.87 57.89 -31.18
C GLU D 42 56.37 57.85 -30.91
N LEU D 43 55.56 58.12 -31.94
CA LEU D 43 54.12 58.22 -31.76
C LEU D 43 53.48 56.88 -31.40
N ARG D 44 54.07 55.78 -31.85
CA ARG D 44 53.53 54.46 -31.53
C ARG D 44 53.56 54.16 -30.04
N HIS D 45 54.53 54.72 -29.31
CA HIS D 45 54.57 54.56 -27.86
C HIS D 45 53.60 55.50 -27.16
N GLU D 46 53.53 56.75 -27.62
CA GLU D 46 52.68 57.76 -26.96
C GLU D 46 51.20 57.45 -27.16
N VAL D 47 50.81 56.99 -28.36
CA VAL D 47 49.42 56.65 -28.59
C VAL D 47 49.07 55.40 -27.82
N THR D 48 47.90 55.40 -27.20
CA THR D 48 47.42 54.30 -26.39
C THR D 48 46.01 53.95 -26.85
N PRO D 49 45.57 52.72 -26.62
CA PRO D 49 44.26 52.30 -27.15
C PRO D 49 43.16 53.16 -26.56
N LYS D 50 42.12 53.40 -27.35
CA LYS D 50 40.98 54.18 -26.91
C LYS D 50 40.01 53.17 -26.32
N ASN D 51 39.96 53.13 -24.98
CA ASN D 51 39.10 52.17 -24.30
C ASN D 51 37.65 52.63 -24.33
N ILE D 52 36.75 51.65 -24.33
CA ILE D 52 35.33 51.91 -24.48
C ILE D 52 34.59 51.47 -23.22
N LEU D 53 33.56 52.21 -22.87
CA LEU D 53 32.67 51.88 -21.76
C LEU D 53 31.28 51.71 -22.32
N MET D 54 30.81 50.46 -22.38
CA MET D 54 29.44 50.18 -22.80
C MET D 54 28.48 50.40 -21.63
N ILE D 55 27.29 50.88 -21.97
CA ILE D 55 26.27 51.24 -20.98
C ILE D 55 24.92 50.81 -21.51
N GLY D 56 24.13 50.14 -20.68
CA GLY D 56 22.79 49.73 -21.06
C GLY D 56 22.28 48.55 -20.26
N PRO D 57 21.02 48.21 -20.46
CA PRO D 57 20.44 47.05 -19.76
C PRO D 57 21.04 45.75 -20.26
N THR D 58 20.95 44.73 -19.41
CA THR D 58 21.57 43.45 -19.71
C THR D 58 20.92 42.81 -20.95
N GLY D 59 21.73 42.05 -21.68
CA GLY D 59 21.23 41.24 -22.77
C GLY D 59 21.01 41.97 -24.08
N VAL D 60 21.52 43.20 -24.22
CA VAL D 60 21.30 43.98 -25.44
C VAL D 60 22.45 43.81 -26.43
N GLY D 61 23.40 42.93 -26.12
CA GLY D 61 24.49 42.64 -27.03
C GLY D 61 25.81 43.32 -26.77
N LYS D 62 26.01 43.92 -25.59
CA LYS D 62 27.30 44.50 -25.26
C LYS D 62 28.43 43.48 -25.40
N THR D 63 28.25 42.30 -24.81
CA THR D 63 29.30 41.28 -24.87
C THR D 63 29.46 40.72 -26.26
N GLU D 64 28.35 40.55 -27.00
CA GLU D 64 28.43 39.96 -28.33
C GLU D 64 29.25 40.83 -29.27
N ILE D 65 29.14 42.16 -29.12
CA ILE D 65 29.95 43.06 -29.92
C ILE D 65 31.43 42.83 -29.64
N ALA D 66 31.78 42.74 -28.35
CA ALA D 66 33.17 42.46 -27.99
C ALA D 66 33.60 41.08 -28.45
N ARG D 67 32.70 40.10 -28.38
CA ARG D 67 33.06 38.75 -28.80
C ARG D 67 33.26 38.69 -30.30
N ARG D 68 32.29 39.20 -31.06
CA ARG D 68 32.44 39.21 -32.51
C ARG D 68 33.56 40.13 -32.96
N LEU D 69 33.85 41.21 -32.20
CA LEU D 69 34.94 42.09 -32.56
C LEU D 69 36.28 41.36 -32.47
N ALA D 70 36.50 40.67 -31.35
CA ALA D 70 37.73 39.90 -31.20
C ALA D 70 37.77 38.74 -32.19
N LYS D 71 36.64 38.07 -32.40
CA LYS D 71 36.58 37.00 -33.40
C LYS D 71 36.83 37.54 -34.80
N LEU D 72 36.40 38.78 -35.06
CA LEU D 72 36.66 39.39 -36.37
C LEU D 72 38.14 39.67 -36.56
N ALA D 73 38.82 40.13 -35.52
CA ALA D 73 40.25 40.43 -35.57
C ALA D 73 41.13 39.22 -35.29
N ASN D 74 40.54 38.07 -34.95
CA ASN D 74 41.28 36.88 -34.52
C ASN D 74 42.14 37.16 -33.29
N ALA D 75 41.75 38.15 -32.51
CA ALA D 75 42.50 38.58 -31.34
C ALA D 75 42.18 37.72 -30.12
N PRO D 76 43.10 37.63 -29.17
CA PRO D 76 42.76 37.02 -27.88
C PRO D 76 41.69 37.82 -27.17
N PHE D 77 40.82 37.11 -26.44
CA PHE D 77 39.69 37.73 -25.80
C PHE D 77 39.38 37.00 -24.50
N ILE D 78 38.90 37.75 -23.52
CA ILE D 78 38.45 37.19 -22.25
C ILE D 78 37.39 38.10 -21.67
N LYS D 79 36.37 37.49 -21.05
CA LYS D 79 35.34 38.22 -20.31
C LYS D 79 35.54 37.96 -18.82
N VAL D 80 35.62 39.03 -18.04
CA VAL D 80 35.86 38.94 -16.61
C VAL D 80 34.78 39.74 -15.88
N GLU D 81 34.21 39.14 -14.85
CA GLU D 81 33.24 39.83 -14.00
C GLU D 81 33.97 40.64 -12.94
N ALA D 82 33.72 41.95 -12.92
CA ALA D 82 34.46 42.83 -12.01
C ALA D 82 34.20 42.48 -10.55
N THR D 83 33.04 41.92 -10.23
CA THR D 83 32.72 41.57 -8.86
C THR D 83 33.49 40.36 -8.35
N LYS D 84 34.18 39.63 -9.23
CA LYS D 84 34.96 38.48 -8.80
C LYS D 84 36.08 38.89 -7.83
N PHE D 85 36.58 40.11 -7.95
CA PHE D 85 37.70 40.57 -7.15
C PHE D 85 37.27 41.25 -5.85
N THR D 86 35.97 41.33 -5.59
CA THR D 86 35.50 41.93 -4.34
C THR D 86 35.93 41.11 -3.13
N GLU D 87 36.00 39.79 -3.29
CA GLU D 87 36.32 38.89 -2.19
C GLU D 87 37.83 38.76 -1.98
N GLY D 92 41.22 36.35 -1.55
CA GLY D 92 40.62 36.55 -2.85
C GLY D 92 41.60 36.45 -4.00
N LYS D 93 41.08 36.45 -5.21
CA LYS D 93 41.92 36.34 -6.40
C LYS D 93 42.60 37.67 -6.72
N GLU D 94 43.80 37.56 -7.28
CA GLU D 94 44.55 38.74 -7.71
C GLU D 94 44.06 39.24 -9.06
N VAL D 95 44.15 40.55 -9.26
CA VAL D 95 43.70 41.16 -10.51
C VAL D 95 44.60 40.78 -11.68
N ASP D 96 45.86 40.43 -11.41
CA ASP D 96 46.80 40.08 -12.48
C ASP D 96 46.37 38.83 -13.22
N SER D 97 45.48 38.03 -12.63
CA SER D 97 45.00 36.80 -13.28
C SER D 97 44.32 37.08 -14.61
N ILE D 98 43.80 38.30 -14.82
CA ILE D 98 43.16 38.65 -16.08
C ILE D 98 44.13 38.46 -17.25
N ILE D 99 45.34 39.00 -17.12
CA ILE D 99 46.34 38.85 -18.17
C ILE D 99 46.82 37.40 -18.27
N ARG D 100 46.87 36.69 -17.14
CA ARG D 100 47.30 35.29 -17.16
C ARG D 100 46.30 34.43 -17.91
N ASP D 101 45.01 34.56 -17.58
CA ASP D 101 43.98 33.79 -18.27
C ASP D 101 43.85 34.22 -19.73
N LEU D 102 44.12 35.50 -20.02
CA LEU D 102 44.09 35.96 -21.40
C LEU D 102 45.19 35.31 -22.23
N THR D 103 46.40 35.23 -21.67
CA THR D 103 47.49 34.57 -22.38
C THR D 103 47.22 33.08 -22.55
N ASP D 104 46.56 32.46 -21.58
CA ASP D 104 46.22 31.04 -21.71
C ASP D 104 45.22 30.81 -22.83
N ALA D 105 44.29 31.74 -23.05
CA ALA D 105 43.39 31.65 -24.20
C ALA D 105 44.13 31.94 -25.50
N ALA D 106 45.07 32.89 -25.47
CA ALA D 106 45.88 33.18 -26.65
C ALA D 106 46.81 32.03 -26.99
N VAL D 107 47.30 31.30 -25.98
CA VAL D 107 48.16 30.14 -26.24
C VAL D 107 47.38 29.07 -26.99
N LYS D 108 46.20 28.70 -26.48
CA LYS D 108 45.36 27.71 -27.14
C LYS D 108 44.85 28.23 -28.48
N MET D 109 44.70 29.54 -28.63
CA MET D 109 44.25 30.10 -29.89
C MET D 109 45.34 29.98 -30.96
N VAL D 110 46.56 30.40 -30.63
CA VAL D 110 47.65 30.32 -31.61
C VAL D 110 48.07 28.86 -31.85
N ARG D 111 47.88 27.99 -30.87
CA ARG D 111 48.29 26.60 -31.02
C ARG D 111 47.36 25.86 -31.97
N VAL D 112 46.04 25.94 -31.74
CA VAL D 112 45.08 25.27 -32.61
C VAL D 112 45.15 25.84 -34.02
N GLN D 113 45.40 27.15 -34.13
CA GLN D 113 45.57 27.77 -35.44
C GLN D 113 46.87 27.31 -36.10
N ALA D 114 47.94 27.15 -35.31
CA ALA D 114 49.17 26.59 -35.85
C ALA D 114 49.01 25.13 -36.24
N ILE D 115 48.12 24.41 -35.55
CA ILE D 115 47.80 23.04 -35.96
C ILE D 115 47.18 23.04 -37.35
N GLU D 116 46.35 24.04 -37.66
CA GLU D 116 45.73 24.13 -38.99
C GLU D 116 46.78 24.28 -40.09
N LYS D 117 47.90 24.94 -39.78
CA LYS D 117 48.97 25.08 -40.75
C LYS D 117 49.76 23.77 -40.88
N ASN D 118 50.37 23.34 -39.78
CA ASN D 118 51.06 22.05 -39.78
C ASN D 118 50.16 20.92 -40.25
N ARG D 119 48.84 21.07 -40.09
CA ARG D 119 47.90 20.10 -40.64
C ARG D 119 48.16 19.85 -42.12
N TYR D 120 48.51 20.91 -42.86
CA TYR D 120 48.71 20.76 -44.30
C TYR D 120 50.04 20.07 -44.62
N ARG D 121 51.16 20.70 -44.22
CA ARG D 121 52.47 20.17 -44.60
C ARG D 121 52.70 18.78 -44.04
N ALA D 122 52.27 18.53 -42.80
CA ALA D 122 52.55 17.24 -42.17
C ALA D 122 51.88 16.10 -42.92
N GLU D 123 50.68 16.32 -43.44
CA GLU D 123 50.00 15.28 -44.21
C GLU D 123 50.81 14.88 -45.45
N GLU D 124 51.47 15.85 -46.09
CA GLU D 124 52.31 15.54 -47.24
C GLU D 124 53.54 14.75 -46.81
N LEU D 125 54.25 15.24 -45.78
CA LEU D 125 55.46 14.56 -45.33
C LEU D 125 55.17 13.23 -44.66
N ALA D 126 53.99 13.08 -44.06
CA ALA D 126 53.61 11.82 -43.45
C ALA D 126 53.29 10.77 -44.51
N LYS D 222 48.76 9.02 -37.51
CA LYS D 222 48.53 10.01 -36.47
C LYS D 222 49.82 10.34 -35.76
N LEU D 223 50.67 9.33 -35.56
CA LEU D 223 51.95 9.54 -34.90
C LEU D 223 52.89 10.39 -35.75
N LEU D 224 52.83 10.25 -37.07
CA LEU D 224 53.69 11.05 -37.94
C LEU D 224 53.27 12.51 -37.98
N ILE D 225 52.00 12.80 -37.72
CA ILE D 225 51.55 14.19 -37.67
C ILE D 225 52.23 14.92 -36.51
N GLU D 226 52.42 14.23 -35.38
CA GLU D 226 53.11 14.85 -34.24
C GLU D 226 54.58 15.08 -34.55
N GLU D 227 55.28 14.05 -35.02
CA GLU D 227 56.71 14.18 -35.28
C GLU D 227 57.00 15.21 -36.36
N GLU D 228 56.15 15.27 -37.38
CA GLU D 228 56.36 16.25 -38.46
C GLU D 228 55.97 17.65 -38.01
N ALA D 229 54.82 17.80 -37.35
CA ALA D 229 54.43 19.11 -36.83
C ALA D 229 55.42 19.60 -35.78
N ALA D 230 55.98 18.70 -34.97
CA ALA D 230 57.06 19.09 -34.07
C ALA D 230 58.32 19.43 -34.84
N LYS D 231 58.60 18.68 -35.91
CA LYS D 231 59.72 19.02 -36.79
C LYS D 231 59.48 20.33 -37.52
N LEU D 232 58.23 20.61 -37.91
CA LEU D 232 57.91 21.85 -38.61
C LEU D 232 57.76 23.03 -37.66
N VAL D 233 57.22 22.79 -36.45
CA VAL D 233 56.97 23.89 -35.54
C VAL D 233 58.28 24.39 -34.97
N ASN D 234 58.27 25.67 -34.60
CA ASN D 234 59.35 26.31 -33.86
C ASN D 234 58.68 26.90 -32.62
N PRO D 235 58.57 26.12 -31.53
CA PRO D 235 57.82 26.58 -30.34
C PRO D 235 58.17 27.98 -29.85
N GLU D 236 59.42 28.42 -30.02
CA GLU D 236 59.78 29.78 -29.65
C GLU D 236 59.09 30.83 -30.53
N GLU D 237 58.67 30.47 -31.74
CA GLU D 237 57.85 31.38 -32.53
C GLU D 237 56.37 31.27 -32.19
N LEU D 238 55.95 30.24 -31.46
CA LEU D 238 54.55 30.02 -31.11
C LEU D 238 54.20 30.60 -29.75
N LYS D 239 54.88 30.12 -28.69
CA LYS D 239 54.66 30.69 -27.36
C LYS D 239 54.97 32.18 -27.31
N GLN D 240 55.91 32.65 -28.14
CA GLN D 240 56.14 34.08 -28.27
C GLN D 240 55.13 34.76 -29.18
N ASP D 241 54.39 33.99 -30.00
CA ASP D 241 53.35 34.57 -30.84
C ASP D 241 52.12 34.93 -30.02
N ALA D 242 51.74 34.07 -29.07
CA ALA D 242 50.61 34.39 -28.19
C ALA D 242 50.89 35.64 -27.36
N ILE D 243 52.16 35.87 -27.00
CA ILE D 243 52.54 37.09 -26.31
C ILE D 243 52.36 38.31 -27.22
N ASP D 244 52.82 38.20 -28.47
CA ASP D 244 52.60 39.30 -29.42
C ASP D 244 51.11 39.47 -29.72
N ALA D 245 50.37 38.36 -29.77
CA ALA D 245 48.92 38.45 -29.99
C ALA D 245 48.21 39.12 -28.81
N VAL D 246 48.69 38.88 -27.58
CA VAL D 246 48.09 39.54 -26.42
C VAL D 246 48.49 41.01 -26.37
N GLU D 247 49.79 41.28 -26.53
CA GLU D 247 50.27 42.65 -26.39
C GLU D 247 49.71 43.53 -27.51
N GLN D 248 49.79 43.06 -28.75
CA GLN D 248 49.36 43.90 -29.86
C GLN D 248 47.84 43.85 -30.05
N HIS D 249 47.26 42.66 -30.10
CA HIS D 249 45.87 42.49 -30.47
C HIS D 249 44.93 42.24 -29.30
N GLY D 250 45.47 42.15 -28.08
CA GLY D 250 44.67 41.64 -26.98
C GLY D 250 43.45 42.49 -26.69
N ILE D 251 42.40 41.83 -26.22
CA ILE D 251 41.14 42.49 -25.88
C ILE D 251 40.62 41.86 -24.59
N VAL D 252 40.04 42.69 -23.73
CA VAL D 252 39.47 42.26 -22.46
C VAL D 252 38.15 42.97 -22.27
N PHE D 253 37.12 42.21 -21.90
CA PHE D 253 35.79 42.73 -21.62
C PHE D 253 35.52 42.59 -20.13
N ILE D 254 35.29 43.71 -19.47
CA ILE D 254 35.01 43.74 -18.04
C ILE D 254 33.52 43.99 -17.89
N ASP D 255 32.78 42.95 -17.54
CA ASP D 255 31.34 43.06 -17.37
C ASP D 255 31.02 43.72 -16.04
N GLU D 256 29.84 44.32 -15.96
CA GLU D 256 29.26 44.86 -14.72
C GLU D 256 30.26 45.70 -13.92
N ILE D 257 30.95 46.60 -14.63
CA ILE D 257 31.87 47.52 -13.95
C ILE D 257 31.11 48.51 -13.07
N ASP D 258 29.83 48.76 -13.36
CA ASP D 258 29.07 49.74 -12.58
C ASP D 258 28.90 49.30 -11.12
N LYS D 259 29.02 48.01 -10.84
CA LYS D 259 28.79 47.50 -9.50
C LYS D 259 29.96 47.73 -8.56
N ILE D 260 31.13 48.13 -9.06
CA ILE D 260 32.27 48.46 -8.21
C ILE D 260 32.36 49.95 -7.90
N CYS D 261 31.40 50.74 -8.33
CA CYS D 261 31.38 52.16 -8.02
C CYS D 261 30.91 52.38 -6.59
N LYS D 262 31.26 53.54 -6.04
CA LYS D 262 30.88 53.92 -4.68
C LYS D 262 29.37 54.17 -4.58
N SER D 267 30.15 52.89 3.27
CA SER D 267 31.55 53.24 3.45
C SER D 267 32.43 52.00 3.40
N GLY D 268 31.93 50.90 3.99
CA GLY D 268 32.65 49.66 4.04
C GLY D 268 32.88 49.02 2.68
N PRO D 269 31.80 48.76 1.94
CA PRO D 269 31.97 48.24 0.58
C PRO D 269 32.64 49.23 -0.36
N ASP D 270 32.43 50.54 -0.15
CA ASP D 270 33.01 51.54 -1.04
C ASP D 270 34.53 51.46 -1.05
N VAL D 271 35.15 51.04 0.05
CA VAL D 271 36.61 50.85 0.07
C VAL D 271 36.97 49.61 -0.74
N SER D 272 36.27 48.51 -0.51
CA SER D 272 36.52 47.30 -1.28
C SER D 272 36.11 47.46 -2.75
N ARG D 273 35.05 48.22 -3.00
CA ARG D 273 34.61 48.44 -4.39
C ARG D 273 35.61 49.30 -5.14
N GLU D 274 35.95 50.47 -4.59
CA GLU D 274 36.94 51.34 -5.21
C GLU D 274 38.34 50.75 -5.14
N GLY D 275 38.59 49.83 -4.21
CA GLY D 275 39.87 49.16 -4.16
C GLY D 275 40.12 48.31 -5.39
N VAL D 276 39.06 47.69 -5.92
CA VAL D 276 39.18 46.94 -7.16
C VAL D 276 39.54 47.85 -8.33
N GLN D 277 39.04 49.09 -8.31
CA GLN D 277 39.35 50.03 -9.38
C GLN D 277 40.84 50.36 -9.37
N ARG D 278 41.41 50.62 -8.19
CA ARG D 278 42.84 50.91 -8.08
C ARG D 278 43.69 49.72 -8.49
N ASP D 279 43.23 48.50 -8.20
CA ASP D 279 43.95 47.30 -8.62
C ASP D 279 43.89 47.15 -10.14
N LEU D 280 42.77 47.54 -10.76
CA LEU D 280 42.66 47.52 -12.21
C LEU D 280 43.45 48.64 -12.87
N LEU D 281 43.76 49.70 -12.12
CA LEU D 281 44.40 50.87 -12.70
C LEU D 281 45.70 50.59 -13.44
N PRO D 282 46.65 49.82 -12.88
CA PRO D 282 47.91 49.59 -13.64
C PRO D 282 47.70 48.92 -14.98
N LEU D 283 46.69 48.07 -15.13
CA LEU D 283 46.52 47.36 -16.39
C LEU D 283 46.18 48.31 -17.53
N VAL D 284 45.35 49.33 -17.27
CA VAL D 284 44.96 50.26 -18.31
C VAL D 284 46.00 51.37 -18.50
N GLU D 285 46.56 51.88 -17.40
CA GLU D 285 47.63 52.87 -17.50
C GLU D 285 48.90 52.25 -18.06
N GLY D 286 48.97 50.92 -18.08
CA GLY D 286 50.12 50.18 -18.56
C GLY D 286 50.96 49.65 -17.42
N CYS D 287 51.49 48.44 -17.59
CA CYS D 287 52.30 47.77 -16.58
C CYS D 287 52.87 46.52 -17.22
N THR D 288 53.55 45.71 -16.43
CA THR D 288 54.08 44.44 -16.90
C THR D 288 53.69 43.36 -15.91
N VAL D 289 53.16 42.25 -16.44
CA VAL D 289 52.71 41.13 -15.63
C VAL D 289 53.53 39.90 -16.02
N SER D 290 53.93 39.13 -15.02
CA SER D 290 54.70 37.92 -15.25
C SER D 290 53.77 36.73 -15.39
N THR D 291 54.06 35.89 -16.38
CA THR D 291 53.31 34.66 -16.62
C THR D 291 54.30 33.55 -16.90
N LYS D 292 53.86 32.31 -16.66
CA LYS D 292 54.69 31.15 -16.97
C LYS D 292 55.02 31.09 -18.46
N HIS D 293 54.10 31.57 -19.30
CA HIS D 293 54.34 31.63 -20.73
C HIS D 293 55.32 32.73 -21.13
N GLY D 294 55.46 33.76 -20.30
CA GLY D 294 56.37 34.85 -20.60
C GLY D 294 56.00 36.09 -19.82
N MET D 295 56.61 37.20 -20.22
CA MET D 295 56.43 38.49 -19.57
C MET D 295 55.66 39.38 -20.53
N VAL D 296 54.45 39.79 -20.14
CA VAL D 296 53.52 40.52 -21.00
C VAL D 296 53.42 41.96 -20.53
N LYS D 297 53.25 42.87 -21.49
CA LYS D 297 53.01 44.29 -21.22
C LYS D 297 51.60 44.67 -21.66
N THR D 298 50.92 45.44 -20.82
CA THR D 298 49.50 45.75 -21.00
C THR D 298 49.24 47.09 -21.67
N ASP D 299 50.29 47.78 -22.12
CA ASP D 299 50.12 49.17 -22.55
C ASP D 299 49.15 49.29 -23.72
N HIS D 300 49.26 48.40 -24.70
CA HIS D 300 48.50 48.51 -25.93
C HIS D 300 47.27 47.60 -25.98
N ILE D 301 46.97 46.89 -24.89
CA ILE D 301 45.77 46.08 -24.84
C ILE D 301 44.53 46.96 -24.84
N LEU D 302 43.52 46.55 -25.60
CA LEU D 302 42.24 47.25 -25.61
C LEU D 302 41.31 46.63 -24.58
N PHE D 303 40.50 47.47 -23.95
CA PHE D 303 39.60 47.05 -22.90
C PHE D 303 38.20 47.58 -23.18
N ILE D 304 37.20 46.80 -22.79
CA ILE D 304 35.80 47.17 -22.93
C ILE D 304 35.14 46.92 -21.59
N ALA D 305 34.69 47.99 -20.93
CA ALA D 305 33.92 47.88 -19.71
C ALA D 305 32.45 48.07 -20.00
N SER D 306 31.60 47.38 -19.24
CA SER D 306 30.16 47.45 -19.44
C SER D 306 29.46 47.44 -18.09
N GLY D 307 28.33 48.14 -18.03
CA GLY D 307 27.50 48.17 -16.84
C GLY D 307 26.16 48.82 -17.09
N ALA D 308 25.16 48.45 -16.31
CA ALA D 308 23.85 49.08 -16.45
C ALA D 308 23.87 50.53 -15.99
N PHE D 309 24.67 50.84 -14.97
CA PHE D 309 24.81 52.20 -14.43
C PHE D 309 23.46 52.81 -14.06
N GLN D 310 22.53 51.98 -13.58
CA GLN D 310 21.29 52.50 -13.04
C GLN D 310 21.45 52.91 -11.58
N ILE D 311 22.24 52.16 -10.82
CA ILE D 311 22.52 52.53 -9.43
C ILE D 311 23.56 53.63 -9.36
N ALA D 312 24.60 53.54 -10.18
CA ALA D 312 25.71 54.48 -10.16
C ALA D 312 25.91 55.05 -11.56
N LYS D 313 26.89 55.92 -11.70
CA LYS D 313 27.21 56.58 -12.96
C LYS D 313 28.69 56.49 -13.22
N PRO D 314 29.13 56.59 -14.48
CA PRO D 314 30.57 56.56 -14.78
C PRO D 314 31.35 57.62 -14.02
N SER D 315 30.72 58.76 -13.70
CA SER D 315 31.39 59.77 -12.89
C SER D 315 31.78 59.24 -11.52
N ASP D 316 31.06 58.23 -11.02
CA ASP D 316 31.40 57.64 -9.73
C ASP D 316 32.69 56.82 -9.77
N LEU D 317 33.18 56.50 -10.96
CA LEU D 317 34.46 55.82 -11.07
C LEU D 317 35.59 56.75 -10.64
N ILE D 318 36.70 56.14 -10.21
CA ILE D 318 37.84 56.91 -9.74
C ILE D 318 38.37 57.76 -10.90
N PRO D 319 38.90 58.95 -10.62
CA PRO D 319 39.30 59.84 -11.73
C PRO D 319 40.34 59.26 -12.66
N GLU D 320 41.29 58.47 -12.15
CA GLU D 320 42.30 57.88 -13.01
C GLU D 320 41.67 56.87 -13.97
N LEU D 321 40.54 56.28 -13.58
CA LEU D 321 39.86 55.32 -14.44
C LEU D 321 38.98 56.00 -15.47
N GLN D 322 38.38 57.15 -15.11
CA GLN D 322 37.52 57.85 -16.07
C GLN D 322 38.30 58.35 -17.27
N GLY D 323 39.55 58.75 -17.06
CA GLY D 323 40.37 59.23 -18.16
C GLY D 323 40.96 58.14 -19.02
N ARG D 324 40.92 56.90 -18.56
CA ARG D 324 41.41 55.77 -19.34
C ARG D 324 40.30 55.11 -20.17
N LEU D 325 39.12 55.70 -20.20
CA LEU D 325 38.00 55.21 -21.01
C LEU D 325 37.53 56.35 -21.90
N PRO D 326 38.33 56.70 -22.91
CA PRO D 326 38.01 57.88 -23.72
C PRO D 326 36.69 57.78 -24.47
N ILE D 327 36.30 56.59 -24.92
CA ILE D 327 35.10 56.41 -25.74
C ILE D 327 33.96 55.92 -24.86
N ARG D 328 32.82 56.60 -24.94
CA ARG D 328 31.62 56.23 -24.20
C ARG D 328 30.48 56.01 -25.17
N VAL D 329 29.66 55.00 -24.91
CA VAL D 329 28.49 54.71 -25.76
C VAL D 329 27.42 54.05 -24.91
N GLU D 330 26.17 54.39 -25.18
CA GLU D 330 25.00 53.78 -24.54
C GLU D 330 24.29 52.89 -25.54
N LEU D 331 23.91 51.68 -25.11
CA LEU D 331 23.22 50.72 -25.96
C LEU D 331 21.72 50.75 -25.66
N GLN D 332 20.92 50.81 -26.72
CA GLN D 332 19.47 50.92 -26.61
C GLN D 332 18.82 49.57 -26.30
N ALA D 333 17.65 49.62 -25.67
CA ALA D 333 16.85 48.42 -25.40
C ALA D 333 16.27 47.85 -26.69
N LEU D 334 16.23 46.53 -26.76
CA LEU D 334 15.73 45.81 -27.94
C LEU D 334 14.20 45.78 -27.98
N THR D 335 13.66 45.96 -29.18
CA THR D 335 12.23 45.92 -29.42
C THR D 335 11.79 44.54 -29.91
N THR D 336 10.48 44.40 -30.10
CA THR D 336 9.93 43.16 -30.63
C THR D 336 10.40 42.91 -32.06
N SER D 337 10.50 43.97 -32.86
CA SER D 337 10.95 43.81 -34.24
C SER D 337 12.37 43.30 -34.31
N ASP D 338 13.22 43.72 -33.37
CA ASP D 338 14.58 43.21 -33.32
C ASP D 338 14.60 41.73 -32.97
N PHE D 339 13.67 41.28 -32.13
CA PHE D 339 13.57 39.86 -31.80
C PHE D 339 13.30 39.03 -33.05
N GLU D 340 12.39 39.51 -33.91
CA GLU D 340 12.11 38.79 -35.15
C GLU D 340 13.34 38.73 -36.03
N ARG D 341 14.15 39.79 -36.04
CA ARG D 341 15.38 39.78 -36.81
C ARG D 341 16.41 38.84 -36.20
N ILE D 342 16.54 38.85 -34.87
CA ILE D 342 17.52 38.00 -34.19
C ILE D 342 17.22 36.53 -34.44
N LEU D 343 15.94 36.19 -34.61
CA LEU D 343 15.59 34.79 -34.82
C LEU D 343 16.06 34.29 -36.19
N THR D 344 16.23 35.18 -37.16
CA THR D 344 16.44 34.75 -38.54
C THR D 344 17.70 35.34 -39.15
N GLU D 345 17.77 36.67 -39.21
CA GLU D 345 18.82 37.36 -39.95
C GLU D 345 20.25 36.96 -39.59
N PRO D 346 20.64 36.86 -38.32
CA PRO D 346 22.05 36.57 -38.03
C PRO D 346 22.50 35.23 -38.59
N ASN D 347 23.76 35.18 -39.01
CA ASN D 347 24.34 33.93 -39.46
C ASN D 347 24.30 32.91 -38.33
N ALA D 348 23.87 31.68 -38.66
CA ALA D 348 23.69 30.62 -37.67
C ALA D 348 22.73 31.03 -36.56
N SER D 349 21.62 31.65 -36.93
CA SER D 349 20.61 32.05 -35.96
C SER D 349 19.96 30.81 -35.35
N ILE D 350 19.40 30.99 -34.15
CA ILE D 350 18.86 29.88 -33.38
C ILE D 350 17.78 29.13 -34.14
N THR D 351 17.01 29.84 -34.98
CA THR D 351 16.05 29.15 -35.84
C THR D 351 16.76 28.31 -36.90
N VAL D 352 17.84 28.84 -37.49
CA VAL D 352 18.65 28.06 -38.42
C VAL D 352 19.30 26.88 -37.71
N GLN D 353 19.68 27.06 -36.45
CA GLN D 353 20.27 25.97 -35.69
C GLN D 353 19.27 24.84 -35.49
N TYR D 354 18.04 25.18 -35.11
CA TYR D 354 16.99 24.17 -34.94
C TYR D 354 16.62 23.50 -36.25
N LYS D 355 16.69 24.23 -37.36
CA LYS D 355 16.34 23.66 -38.65
C LYS D 355 17.30 22.56 -39.06
N ALA D 356 18.61 22.84 -38.98
CA ALA D 356 19.61 21.83 -39.30
C ALA D 356 19.61 20.69 -38.28
N LEU D 357 19.28 20.97 -37.01
CA LEU D 357 19.23 19.91 -36.01
C LEU D 357 18.15 18.88 -36.38
N MET D 358 16.95 19.37 -36.71
CA MET D 358 15.90 18.46 -37.16
C MET D 358 16.21 17.88 -38.54
N ALA D 359 16.99 18.60 -39.35
CA ALA D 359 17.43 18.06 -40.63
C ALA D 359 18.28 16.81 -40.42
N THR D 360 18.97 16.73 -39.29
CA THR D 360 19.77 15.54 -38.98
C THR D 360 18.90 14.30 -38.86
N GLU D 361 17.68 14.47 -38.34
CA GLU D 361 16.75 13.37 -38.16
C GLU D 361 15.95 13.09 -39.43
N GLY D 362 16.21 13.81 -40.52
CA GLY D 362 15.44 13.64 -41.74
C GLY D 362 14.19 14.49 -41.78
N VAL D 363 14.00 15.38 -40.82
CA VAL D 363 12.83 16.23 -40.74
C VAL D 363 13.20 17.61 -41.27
N ASN D 364 12.23 18.27 -41.89
CA ASN D 364 12.42 19.59 -42.47
C ASN D 364 11.55 20.59 -41.70
N ILE D 365 12.19 21.48 -40.95
CA ILE D 365 11.47 22.52 -40.23
C ILE D 365 11.40 23.76 -41.10
N GLU D 366 10.25 24.44 -41.03
CA GLU D 366 10.06 25.71 -41.72
C GLU D 366 9.19 26.59 -40.84
N PHE D 367 9.63 27.82 -40.63
CA PHE D 367 8.93 28.79 -39.80
C PHE D 367 8.26 29.84 -40.69
N THR D 368 6.96 30.07 -40.46
CA THR D 368 6.25 31.13 -41.15
C THR D 368 6.62 32.48 -40.57
N ASP D 369 6.47 33.53 -41.38
CA ASP D 369 6.74 34.89 -40.91
C ASP D 369 5.84 35.25 -39.74
N SER D 370 4.57 34.87 -39.81
CA SER D 370 3.67 35.09 -38.67
C SER D 370 4.04 34.18 -37.49
N GLY D 371 4.58 33.00 -37.77
CA GLY D 371 5.03 32.14 -36.68
C GLY D 371 6.27 32.69 -35.99
N ILE D 372 7.19 33.27 -36.76
CA ILE D 372 8.31 33.99 -36.16
C ILE D 372 7.83 35.23 -35.43
N LYS D 373 6.80 35.90 -35.98
CA LYS D 373 6.30 37.13 -35.36
C LYS D 373 5.67 36.84 -34.01
N ARG D 374 5.02 35.67 -33.86
CA ARG D 374 4.37 35.34 -32.60
C ARG D 374 5.32 34.75 -31.57
N ILE D 375 6.50 34.29 -31.98
CA ILE D 375 7.51 33.89 -31.01
C ILE D 375 8.14 35.12 -30.36
N ALA D 376 8.47 36.13 -31.17
CA ALA D 376 9.02 37.37 -30.63
C ALA D 376 8.03 38.05 -29.71
N GLU D 377 6.74 38.04 -30.08
CA GLU D 377 5.71 38.60 -29.20
C GLU D 377 5.58 37.78 -27.91
N ALA D 378 5.82 36.48 -27.98
CA ALA D 378 5.76 35.65 -26.78
C ALA D 378 6.91 35.96 -25.83
N ALA D 379 8.13 36.08 -26.37
CA ALA D 379 9.27 36.42 -25.54
C ALA D 379 9.16 37.83 -24.97
N TRP D 380 8.55 38.75 -25.72
CA TRP D 380 8.38 40.10 -25.23
C TRP D 380 7.40 40.15 -24.06
N GLN D 381 6.30 39.39 -24.15
CA GLN D 381 5.30 39.41 -23.10
C GLN D 381 5.85 38.88 -21.79
N VAL D 382 6.72 37.87 -21.85
CA VAL D 382 7.29 37.32 -20.63
C VAL D 382 8.23 38.32 -19.96
N ASN D 383 9.03 39.02 -20.77
CA ASN D 383 9.92 40.03 -20.22
C ASN D 383 9.14 41.17 -19.57
N GLU D 384 7.98 41.52 -20.14
CA GLU D 384 7.16 42.57 -19.53
C GLU D 384 6.31 42.03 -18.38
N SER D 385 5.77 40.82 -18.53
CA SER D 385 4.89 40.29 -17.47
C SER D 385 5.66 39.98 -16.20
N THR D 386 6.93 39.56 -16.29
CA THR D 386 7.66 39.19 -15.10
C THR D 386 8.97 39.96 -14.95
N GLU D 387 10.01 39.52 -15.66
CA GLU D 387 11.34 40.12 -15.58
C GLU D 387 11.95 40.18 -16.97
N ASN D 388 12.63 41.28 -17.29
CA ASN D 388 13.18 41.51 -18.61
C ASN D 388 14.61 40.99 -18.64
N ILE D 389 14.83 39.88 -19.34
CA ILE D 389 16.15 39.30 -19.50
C ILE D 389 16.77 39.63 -20.86
N GLY D 390 16.10 40.44 -21.67
CA GLY D 390 16.61 40.73 -23.00
C GLY D 390 16.39 39.58 -23.96
N ALA D 391 17.24 39.54 -24.99
CA ALA D 391 17.11 38.55 -26.05
C ALA D 391 17.30 37.12 -25.57
N ARG D 392 17.80 36.93 -24.33
CA ARG D 392 17.93 35.57 -23.78
C ARG D 392 16.58 34.86 -23.68
N ARG D 393 15.49 35.62 -23.55
CA ARG D 393 14.16 35.01 -23.46
C ARG D 393 13.83 34.22 -24.72
N LEU D 394 14.37 34.62 -25.87
CA LEU D 394 14.09 33.91 -27.13
C LEU D 394 14.54 32.45 -27.06
N HIS D 395 15.63 32.17 -26.34
CA HIS D 395 16.12 30.80 -26.24
C HIS D 395 15.17 29.93 -25.45
N THR D 396 14.66 30.43 -24.32
CA THR D 396 13.77 29.65 -23.49
C THR D 396 12.42 29.40 -24.17
N VAL D 397 11.92 30.39 -24.91
CA VAL D 397 10.62 30.26 -25.56
C VAL D 397 10.69 29.28 -26.73
N LEU D 398 11.77 29.35 -27.53
CA LEU D 398 11.88 28.49 -28.71
C LEU D 398 11.99 27.02 -28.33
N GLU D 399 12.81 26.69 -27.33
CA GLU D 399 12.97 25.30 -26.93
C GLU D 399 11.69 24.73 -26.35
N ARG D 400 10.92 25.55 -25.62
CA ARG D 400 9.64 25.12 -25.11
C ARG D 400 8.65 24.83 -26.24
N LEU D 401 8.73 25.60 -27.33
CA LEU D 401 7.85 25.37 -28.46
C LEU D 401 8.25 24.11 -29.23
N MET D 402 9.55 23.90 -29.41
CA MET D 402 10.07 22.82 -30.23
C MET D 402 10.32 21.54 -29.46
N GLU D 403 10.06 21.52 -28.16
CA GLU D 403 10.37 20.33 -27.36
C GLU D 403 9.61 19.11 -27.85
N GLU D 404 8.39 19.31 -28.36
CA GLU D 404 7.61 18.17 -28.84
C GLU D 404 8.13 17.67 -30.17
N ILE D 405 8.50 18.58 -31.08
CA ILE D 405 9.09 18.15 -32.34
C ILE D 405 10.47 17.57 -32.11
N SER D 406 11.27 18.22 -31.26
CA SER D 406 12.62 17.74 -31.01
C SER D 406 12.59 16.34 -30.42
N TYR D 407 11.54 16.04 -29.65
CA TYR D 407 11.42 14.73 -29.02
C TYR D 407 11.05 13.66 -30.06
N ASP D 408 10.11 13.95 -30.96
CA ASP D 408 9.60 12.99 -31.92
C ASP D 408 10.38 12.95 -33.23
N ALA D 409 11.43 13.77 -33.37
CA ALA D 409 12.12 13.94 -34.65
C ALA D 409 12.64 12.62 -35.22
N SER D 410 12.94 11.65 -34.35
CA SER D 410 13.40 10.35 -34.82
C SER D 410 12.30 9.65 -35.61
N ASP D 411 11.08 9.63 -35.07
CA ASP D 411 9.96 8.97 -35.74
C ASP D 411 9.39 9.79 -36.87
N LEU D 412 9.67 11.10 -36.90
CA LEU D 412 9.15 11.99 -37.92
C LEU D 412 10.07 12.10 -39.13
N SER D 413 11.11 11.27 -39.19
CA SER D 413 12.06 11.34 -40.30
C SER D 413 11.31 11.19 -41.63
N GLY D 414 11.70 11.99 -42.61
CA GLY D 414 11.01 11.97 -43.88
C GLY D 414 9.74 12.79 -43.95
N GLN D 415 9.48 13.64 -42.95
CA GLN D 415 8.32 14.51 -42.96
C GLN D 415 8.74 15.97 -43.00
N ASN D 416 7.88 16.82 -43.55
CA ASN D 416 8.10 18.25 -43.62
C ASN D 416 7.16 18.90 -42.61
N ILE D 417 7.74 19.44 -41.54
CA ILE D 417 6.97 20.11 -40.49
C ILE D 417 7.02 21.61 -40.74
N THR D 418 5.90 22.28 -40.47
CA THR D 418 5.76 23.72 -40.68
C THR D 418 5.34 24.35 -39.37
N ILE D 419 6.12 25.31 -38.89
CA ILE D 419 5.80 26.05 -37.68
C ILE D 419 5.03 27.28 -38.10
N ASP D 420 3.74 27.31 -37.80
CA ASP D 420 2.86 28.40 -38.18
C ASP D 420 2.40 29.16 -36.94
N ALA D 421 1.64 30.23 -37.18
CA ALA D 421 1.11 31.02 -36.08
C ALA D 421 0.19 30.20 -35.20
N ASP D 422 -0.60 29.31 -35.82
CA ASP D 422 -1.48 28.45 -35.05
C ASP D 422 -0.69 27.47 -34.19
N TYR D 423 0.46 27.00 -34.69
CA TYR D 423 1.27 26.08 -33.90
C TYR D 423 1.92 26.80 -32.73
N VAL D 424 2.35 28.05 -32.93
CA VAL D 424 2.99 28.80 -31.87
C VAL D 424 2.01 29.09 -30.73
N SER D 425 0.80 29.55 -31.08
CA SER D 425 -0.20 29.84 -30.06
C SER D 425 -0.65 28.58 -29.33
N LYS D 426 -0.61 27.42 -29.99
CA LYS D 426 -1.07 26.19 -29.37
C LYS D 426 -0.15 25.76 -28.23
N HIS D 427 1.17 25.85 -28.43
CA HIS D 427 2.13 25.38 -27.44
C HIS D 427 2.57 26.45 -26.46
N LEU D 428 2.19 27.71 -26.69
CA LEU D 428 2.73 28.84 -25.92
C LEU D 428 1.64 29.59 -25.16
N ASP D 429 0.65 30.15 -25.85
CA ASP D 429 -0.30 31.09 -25.24
C ASP D 429 -0.87 30.58 -23.92
N ALA D 430 -1.05 29.26 -23.78
CA ALA D 430 -1.50 28.72 -22.49
C ALA D 430 -0.46 28.94 -21.40
N LEU D 431 0.82 28.89 -21.77
CA LEU D 431 1.90 29.12 -20.79
C LEU D 431 2.11 30.61 -20.54
N VAL D 432 2.04 31.44 -21.59
CA VAL D 432 2.24 32.87 -21.42
C VAL D 432 1.08 33.50 -20.65
N ALA D 433 -0.11 32.89 -20.71
CA ALA D 433 -1.28 33.46 -20.04
C ALA D 433 -1.15 33.39 -18.53
N ASP D 434 -0.46 32.40 -17.99
CA ASP D 434 -0.27 32.23 -16.56
C ASP D 434 1.13 32.74 -16.20
N GLU D 435 1.18 33.88 -15.50
CA GLU D 435 2.46 34.43 -15.10
C GLU D 435 3.11 33.62 -13.98
N ASP D 436 2.30 32.91 -13.20
CA ASP D 436 2.80 32.08 -12.11
C ASP D 436 3.65 30.93 -12.65
N MET E 3 20.09 7.15 -28.47
CA MET E 3 18.76 6.84 -27.96
C MET E 3 17.79 8.00 -28.16
N THR E 4 16.57 7.69 -28.59
CA THR E 4 15.54 8.71 -28.71
C THR E 4 14.99 9.03 -27.32
N PRO E 5 14.43 10.22 -27.13
CA PRO E 5 13.98 10.61 -25.79
C PRO E 5 12.97 9.67 -25.14
N ARG E 6 12.12 8.99 -25.90
CA ARG E 6 11.26 7.99 -25.26
C ARG E 6 12.07 6.82 -24.71
N GLU E 7 13.15 6.45 -25.39
CA GLU E 7 14.03 5.39 -24.90
C GLU E 7 14.78 5.83 -23.63
N ILE E 8 15.05 7.13 -23.46
CA ILE E 8 15.72 7.60 -22.25
C ILE E 8 14.79 7.53 -21.05
N VAL E 9 13.56 8.04 -21.21
CA VAL E 9 12.59 8.04 -20.13
C VAL E 9 12.23 6.62 -19.73
N SER E 10 12.07 5.73 -20.71
CA SER E 10 11.73 4.34 -20.41
C SER E 10 12.84 3.65 -19.63
N GLU E 11 14.09 4.01 -19.91
CA GLU E 11 15.21 3.47 -19.13
C GLU E 11 15.23 4.08 -17.74
N LEU E 12 14.89 5.38 -17.64
CA LEU E 12 14.83 6.03 -16.33
C LEU E 12 13.70 5.47 -15.46
N ASP E 13 12.60 5.03 -16.09
CA ASP E 13 11.52 4.42 -15.33
C ASP E 13 11.95 3.12 -14.64
N LYS E 14 12.99 2.45 -15.16
CA LYS E 14 13.51 1.25 -14.53
C LYS E 14 14.12 1.55 -13.16
N HIS E 15 14.52 2.79 -12.90
CA HIS E 15 15.10 3.17 -11.62
C HIS E 15 14.23 4.19 -10.88
N ILE E 16 14.02 5.38 -11.45
CA ILE E 16 13.18 6.38 -10.81
C ILE E 16 11.71 6.04 -11.02
N ILE E 17 10.89 6.37 -10.03
CA ILE E 17 9.44 6.20 -10.08
C ILE E 17 8.80 7.57 -10.23
N GLY E 18 7.92 7.71 -11.24
CA GLY E 18 7.24 8.97 -11.42
C GLY E 18 8.21 10.05 -11.88
N GLN E 19 7.85 11.29 -11.58
CA GLN E 19 8.66 12.46 -11.95
C GLN E 19 8.95 12.49 -13.45
N ASP E 20 7.93 12.13 -14.24
CA ASP E 20 8.11 11.99 -15.68
C ASP E 20 8.55 13.29 -16.33
N ASN E 21 8.05 14.43 -15.84
CA ASN E 21 8.42 15.71 -16.43
C ASN E 21 9.91 15.96 -16.30
N ALA E 22 10.50 15.64 -15.15
CA ALA E 22 11.94 15.73 -15.00
C ALA E 22 12.66 14.73 -15.90
N LYS E 23 12.06 13.55 -16.12
CA LYS E 23 12.64 12.59 -17.06
C LYS E 23 12.55 13.10 -18.50
N ARG E 24 11.40 13.68 -18.87
CA ARG E 24 11.26 14.23 -20.22
C ARG E 24 12.22 15.39 -20.44
N SER E 25 12.47 16.18 -19.39
CA SER E 25 13.33 17.35 -19.54
C SER E 25 14.79 16.96 -19.70
N VAL E 26 15.26 16.00 -18.90
CA VAL E 26 16.64 15.54 -19.05
C VAL E 26 16.85 14.80 -20.37
N ALA E 27 15.82 14.12 -20.88
CA ALA E 27 15.95 13.41 -22.15
C ALA E 27 16.15 14.36 -23.31
N ILE E 28 15.50 15.53 -23.26
CA ILE E 28 15.67 16.53 -24.32
C ILE E 28 17.11 17.04 -24.35
N ALA E 29 17.72 17.18 -23.18
CA ALA E 29 19.09 17.69 -23.12
C ALA E 29 20.09 16.66 -23.66
N LEU E 30 19.94 15.40 -23.28
CA LEU E 30 20.84 14.36 -23.78
C LEU E 30 20.66 14.14 -25.28
N ARG E 31 19.43 14.31 -25.78
CA ARG E 31 19.17 14.13 -27.19
C ARG E 31 19.75 15.28 -28.03
N ASN E 32 19.75 16.51 -27.48
CA ASN E 32 20.35 17.63 -28.20
C ASN E 32 21.85 17.42 -28.42
N ARG E 33 22.49 16.62 -27.56
CA ARG E 33 23.89 16.27 -27.76
C ARG E 33 24.11 15.55 -29.08
N TRP E 34 23.33 14.47 -29.32
CA TRP E 34 23.46 13.73 -30.56
C TRP E 34 23.04 14.56 -31.77
N ARG E 35 22.04 15.42 -31.60
CA ARG E 35 21.58 16.28 -32.69
C ARG E 35 22.63 17.30 -33.08
N ARG E 36 23.43 17.75 -32.12
CA ARG E 36 24.43 18.77 -32.41
C ARG E 36 25.56 18.19 -33.25
N MET E 37 26.01 16.98 -32.93
CA MET E 37 27.14 16.38 -33.64
C MET E 37 26.83 16.20 -35.11
N GLN E 38 25.56 15.99 -35.44
CA GLN E 38 25.14 15.82 -36.83
C GLN E 38 25.13 17.13 -37.60
N LEU E 39 25.27 18.27 -36.93
CA LEU E 39 25.20 19.56 -37.61
C LEU E 39 26.52 19.92 -38.28
N ASN E 40 26.50 21.06 -38.97
CA ASN E 40 27.67 21.54 -39.68
C ASN E 40 28.65 22.19 -38.69
N GLU E 41 29.79 22.64 -39.23
CA GLU E 41 30.84 23.16 -38.36
C GLU E 41 30.40 24.40 -37.59
N GLU E 42 29.60 25.26 -38.23
CA GLU E 42 29.25 26.54 -37.61
C GLU E 42 28.23 26.36 -36.48
N LEU E 43 27.15 25.63 -36.76
CA LEU E 43 26.08 25.50 -35.78
C LEU E 43 26.52 24.74 -34.54
N ARG E 44 27.48 23.81 -34.70
CA ARG E 44 27.96 23.04 -33.55
C ARG E 44 28.62 23.93 -32.50
N HIS E 45 29.20 25.05 -32.93
CA HIS E 45 29.75 26.02 -31.99
C HIS E 45 28.67 26.89 -31.38
N GLU E 46 27.73 27.37 -32.22
CA GLU E 46 26.72 28.30 -31.74
C GLU E 46 25.75 27.63 -30.76
N VAL E 47 25.37 26.38 -31.04
CA VAL E 47 24.47 25.67 -30.14
C VAL E 47 25.22 25.32 -28.86
N THR E 48 24.53 25.48 -27.73
CA THR E 48 25.08 25.22 -26.41
C THR E 48 24.10 24.34 -25.66
N PRO E 49 24.57 23.58 -24.66
CA PRO E 49 23.68 22.64 -23.99
C PRO E 49 22.52 23.36 -23.32
N LYS E 50 21.37 22.71 -23.28
CA LYS E 50 20.19 23.28 -22.64
C LYS E 50 20.25 22.82 -21.19
N ASN E 51 20.63 23.72 -20.30
CA ASN E 51 20.78 23.38 -18.89
C ASN E 51 19.42 23.31 -18.21
N ILE E 52 19.34 22.48 -17.18
CA ILE E 52 18.08 22.21 -16.49
C ILE E 52 18.20 22.67 -15.04
N LEU E 53 17.09 23.19 -14.52
CA LEU E 53 16.97 23.57 -13.11
C LEU E 53 15.86 22.73 -12.52
N MET E 54 16.23 21.76 -11.69
CA MET E 54 15.25 20.96 -10.98
C MET E 54 14.77 21.72 -9.75
N ILE E 55 13.49 21.54 -9.42
CA ILE E 55 12.84 22.26 -8.33
C ILE E 55 11.91 21.30 -7.60
N GLY E 56 11.98 21.30 -6.28
CA GLY E 56 11.12 20.45 -5.48
C GLY E 56 11.69 20.14 -4.11
N PRO E 57 10.90 19.46 -3.28
CA PRO E 57 11.38 19.08 -1.96
C PRO E 57 12.46 18.02 -2.06
N THR E 58 13.27 17.94 -1.01
CA THR E 58 14.42 17.04 -1.01
C THR E 58 13.96 15.59 -1.09
N GLY E 59 14.80 14.76 -1.69
CA GLY E 59 14.60 13.32 -1.68
C GLY E 59 13.59 12.79 -2.65
N VAL E 60 13.15 13.59 -3.63
CA VAL E 60 12.15 13.14 -4.58
C VAL E 60 12.80 12.56 -5.83
N GLY E 61 14.13 12.45 -5.82
CA GLY E 61 14.86 11.83 -6.90
C GLY E 61 15.51 12.77 -7.90
N LYS E 62 15.64 14.07 -7.58
CA LYS E 62 16.34 14.99 -8.47
C LYS E 62 17.75 14.50 -8.79
N THR E 63 18.51 14.11 -7.77
CA THR E 63 19.87 13.66 -8.00
C THR E 63 19.91 12.32 -8.71
N GLU E 64 18.97 11.43 -8.37
CA GLU E 64 18.97 10.11 -8.98
C GLU E 64 18.77 10.20 -10.49
N ILE E 65 17.93 11.15 -10.93
CA ILE E 65 17.76 11.36 -12.37
C ILE E 65 19.07 11.78 -13.01
N ALA E 66 19.78 12.72 -12.39
CA ALA E 66 21.08 13.12 -12.91
C ALA E 66 22.09 11.98 -12.83
N ARG E 67 22.02 11.17 -11.78
CA ARG E 67 22.97 10.06 -11.63
C ARG E 67 22.71 8.99 -12.67
N ARG E 68 21.46 8.55 -12.78
CA ARG E 68 21.13 7.53 -13.79
C ARG E 68 21.28 8.07 -15.21
N LEU E 69 21.08 9.38 -15.42
CA LEU E 69 21.25 9.96 -16.74
C LEU E 69 22.71 9.86 -17.19
N ALA E 70 23.63 10.27 -16.32
CA ALA E 70 25.05 10.16 -16.65
C ALA E 70 25.47 8.70 -16.74
N LYS E 71 24.98 7.86 -15.82
CA LYS E 71 25.26 6.43 -15.90
C LYS E 71 24.67 5.82 -17.17
N LEU E 72 23.55 6.34 -17.65
CA LEU E 72 22.97 5.87 -18.91
C LEU E 72 23.84 6.26 -20.10
N ALA E 73 24.42 7.46 -20.07
CA ALA E 73 25.27 7.95 -21.14
C ALA E 73 26.73 7.56 -20.98
N ASN E 74 27.10 6.90 -19.87
CA ASN E 74 28.48 6.61 -19.52
C ASN E 74 29.31 7.89 -19.43
N ALA E 75 28.66 9.00 -19.15
CA ALA E 75 29.28 10.30 -19.09
C ALA E 75 29.93 10.53 -17.73
N PRO E 76 30.95 11.39 -17.68
CA PRO E 76 31.46 11.83 -16.38
C PRO E 76 30.41 12.61 -15.62
N PHE E 77 30.42 12.46 -14.29
CA PHE E 77 29.40 13.07 -13.45
C PHE E 77 30.00 13.44 -12.11
N ILE E 78 29.50 14.53 -11.53
CA ILE E 78 29.89 14.97 -10.20
C ILE E 78 28.72 15.74 -9.59
N LYS E 79 28.52 15.55 -8.29
CA LYS E 79 27.56 16.33 -7.53
C LYS E 79 28.30 17.27 -6.60
N VAL E 80 27.95 18.56 -6.66
CA VAL E 80 28.62 19.60 -5.89
C VAL E 80 27.58 20.41 -5.13
N GLU E 81 27.84 20.65 -3.85
CA GLU E 81 26.97 21.49 -3.03
C GLU E 81 27.36 22.95 -3.24
N ALA E 82 26.39 23.76 -3.69
CA ALA E 82 26.68 25.16 -4.00
C ALA E 82 27.13 25.94 -2.77
N THR E 83 26.70 25.52 -1.58
CA THR E 83 27.07 26.21 -0.36
C THR E 83 28.52 25.96 0.04
N LYS E 84 29.19 24.99 -0.59
CA LYS E 84 30.59 24.72 -0.27
C LYS E 84 31.47 25.95 -0.54
N PHE E 85 31.08 26.78 -1.50
CA PHE E 85 31.88 27.93 -1.93
C PHE E 85 31.56 29.21 -1.16
N THR E 86 30.61 29.18 -0.23
CA THR E 86 30.30 30.37 0.54
C THR E 86 31.47 30.79 1.43
N GLU E 87 32.26 29.83 1.89
CA GLU E 87 33.38 30.08 2.80
C GLU E 87 34.64 30.51 2.02
N GLY E 92 38.65 30.03 1.27
CA GLY E 92 37.76 29.00 0.77
C GLY E 92 38.20 28.44 -0.56
N GLU E 94 38.13 27.29 -4.46
CA GLU E 94 37.88 27.94 -5.74
C GLU E 94 36.82 27.19 -6.52
N VAL E 95 36.05 27.93 -7.32
CA VAL E 95 34.98 27.31 -8.10
C VAL E 95 35.53 26.42 -9.19
N ASP E 96 36.75 26.67 -9.66
CA ASP E 96 37.32 25.88 -10.74
C ASP E 96 37.54 24.43 -10.36
N SER E 97 37.55 24.12 -9.07
CA SER E 97 37.74 22.75 -8.61
C SER E 97 36.66 21.81 -9.14
N ILE E 98 35.48 22.34 -9.49
CA ILE E 98 34.40 21.51 -10.03
C ILE E 98 34.89 20.76 -11.26
N ILE E 99 35.48 21.48 -12.21
CA ILE E 99 36.00 20.84 -13.42
C ILE E 99 37.18 19.94 -13.10
N ARG E 100 38.00 20.31 -12.11
CA ARG E 100 39.14 19.48 -11.74
C ARG E 100 38.69 18.15 -11.18
N ASP E 101 37.76 18.17 -10.21
CA ASP E 101 37.25 16.93 -9.65
C ASP E 101 36.45 16.15 -10.69
N LEU E 102 35.79 16.84 -11.63
CA LEU E 102 35.07 16.14 -12.68
C LEU E 102 36.02 15.35 -13.58
N THR E 103 37.15 15.97 -13.95
CA THR E 103 38.13 15.25 -14.77
C THR E 103 38.77 14.10 -14.00
N ASP E 104 38.97 14.26 -12.70
CA ASP E 104 39.55 13.18 -11.90
C ASP E 104 38.61 11.97 -11.85
N ALA E 105 37.29 12.22 -11.82
CA ALA E 105 36.34 11.12 -11.92
C ALA E 105 36.31 10.54 -13.32
N ALA E 106 36.43 11.39 -14.34
CA ALA E 106 36.50 10.92 -15.72
C ALA E 106 37.78 10.13 -15.98
N VAL E 107 38.88 10.50 -15.32
CA VAL E 107 40.13 9.76 -15.48
C VAL E 107 39.96 8.34 -14.97
N LYS E 108 39.46 8.20 -13.74
CA LYS E 108 39.24 6.87 -13.17
C LYS E 108 38.15 6.11 -13.94
N MET E 109 37.20 6.83 -14.54
CA MET E 109 36.14 6.16 -15.30
C MET E 109 36.70 5.55 -16.58
N VAL E 110 37.42 6.36 -17.37
CA VAL E 110 37.98 5.84 -18.61
C VAL E 110 39.08 4.81 -18.34
N ARG E 111 39.79 4.95 -17.22
CA ARG E 111 40.88 4.03 -16.91
C ARG E 111 40.36 2.64 -16.57
N VAL E 112 39.39 2.57 -15.66
CA VAL E 112 38.82 1.27 -15.28
C VAL E 112 38.12 0.64 -16.47
N GLN E 113 37.47 1.47 -17.30
CA GLN E 113 36.86 0.96 -18.53
C GLN E 113 37.91 0.49 -19.54
N ALA E 114 39.05 1.17 -19.61
CA ALA E 114 40.13 0.69 -20.46
C ALA E 114 40.72 -0.62 -19.96
N ILE E 115 40.71 -0.83 -18.64
CA ILE E 115 41.16 -2.11 -18.09
C ILE E 115 40.22 -3.23 -18.53
N GLU E 116 38.94 -2.92 -18.69
CA GLU E 116 37.97 -3.93 -19.13
C GLU E 116 38.25 -4.40 -20.55
N LYS E 117 38.74 -3.50 -21.42
CA LYS E 117 39.09 -3.92 -22.77
C LYS E 117 40.33 -4.79 -22.76
N ASN E 118 41.40 -4.31 -22.11
CA ASN E 118 42.62 -5.09 -22.04
C ASN E 118 42.43 -6.40 -21.29
N ARG E 119 41.36 -6.51 -20.49
CA ARG E 119 41.11 -7.73 -19.71
C ARG E 119 40.95 -8.95 -20.61
N TYR E 120 40.48 -8.75 -21.84
CA TYR E 120 40.23 -9.89 -22.72
C TYR E 120 41.50 -10.30 -23.49
N ARG E 121 42.03 -9.37 -24.29
CA ARG E 121 43.19 -9.70 -25.12
C ARG E 121 44.39 -10.12 -24.27
N ALA E 122 44.59 -9.46 -23.12
CA ALA E 122 45.78 -9.75 -22.32
C ALA E 122 45.78 -11.17 -21.77
N GLU E 123 44.60 -11.72 -21.43
CA GLU E 123 44.54 -13.10 -20.97
C GLU E 123 44.97 -14.07 -22.07
N GLU E 124 44.68 -13.73 -23.32
CA GLU E 124 45.12 -14.57 -24.44
C GLU E 124 46.63 -14.48 -24.62
N LEU E 125 47.16 -13.25 -24.69
CA LEU E 125 48.61 -13.07 -24.85
C LEU E 125 49.38 -13.52 -23.61
N ALA E 126 48.79 -13.36 -22.41
CA ALA E 126 49.45 -13.87 -21.20
C ALA E 126 49.51 -15.39 -21.18
N GLU E 127 48.48 -16.05 -21.71
CA GLU E 127 48.52 -17.50 -21.81
C GLU E 127 49.59 -17.95 -22.79
N GLU E 128 49.72 -17.24 -23.93
CA GLU E 128 50.76 -17.59 -24.89
C GLU E 128 52.16 -17.36 -24.33
N ARG E 129 52.29 -16.44 -23.36
CA ARG E 129 53.59 -16.22 -22.74
C ARG E 129 53.91 -17.33 -21.74
N ILE E 130 52.93 -17.73 -20.93
CA ILE E 130 53.17 -18.75 -19.91
C ILE E 130 53.30 -20.14 -20.53
N LEU E 131 52.77 -20.35 -21.73
CA LEU E 131 52.96 -21.62 -22.39
C LEU E 131 54.35 -21.76 -23.02
N ASP E 132 55.08 -20.64 -23.18
CA ASP E 132 56.43 -20.71 -23.74
C ASP E 132 57.43 -21.29 -22.74
N VAL E 133 57.19 -21.16 -21.44
CA VAL E 133 58.11 -21.74 -20.46
C VAL E 133 57.83 -23.23 -20.27
N LEU E 134 56.55 -23.60 -20.32
CA LEU E 134 56.15 -25.01 -20.21
C LEU E 134 56.43 -25.74 -21.52
N ILE E 135 56.14 -25.08 -22.64
CA ILE E 135 56.32 -25.61 -23.98
C ILE E 135 57.16 -24.62 -24.80
N PRO E 136 58.47 -24.65 -24.64
CA PRO E 136 59.34 -23.77 -25.44
C PRO E 136 59.28 -24.13 -26.92
N PRO E 137 59.02 -23.15 -27.78
CA PRO E 137 59.06 -23.42 -29.22
C PRO E 137 60.50 -23.66 -29.67
N ALA E 138 60.64 -24.46 -30.71
CA ALA E 138 61.96 -24.79 -31.25
C ALA E 138 62.55 -23.65 -32.07
N GLU E 150 49.24 -24.58 -36.30
CA GLU E 150 48.38 -25.35 -35.40
C GLU E 150 48.98 -25.49 -34.00
N PRO E 151 48.13 -25.34 -32.98
CA PRO E 151 48.60 -25.47 -31.58
C PRO E 151 49.12 -26.86 -31.26
N SER E 152 50.12 -26.91 -30.38
CA SER E 152 50.69 -28.21 -30.05
C SER E 152 49.76 -28.98 -29.12
N ALA E 153 49.98 -30.29 -29.11
CA ALA E 153 49.25 -31.18 -28.22
C ALA E 153 49.47 -30.80 -26.76
N ALA E 154 50.73 -30.66 -26.33
CA ALA E 154 50.97 -30.22 -24.97
C ALA E 154 50.61 -28.76 -24.77
N ARG E 155 50.72 -27.95 -25.83
CA ARG E 155 50.31 -26.55 -25.74
C ARG E 155 48.86 -26.42 -25.32
N GLN E 156 48.01 -27.34 -25.81
CA GLN E 156 46.62 -27.41 -25.36
C GLN E 156 46.53 -28.18 -24.06
N ALA E 157 47.41 -29.16 -23.86
CA ALA E 157 47.40 -29.94 -22.64
C ALA E 157 47.71 -29.08 -21.44
N PHE E 158 48.62 -28.12 -21.60
CA PHE E 158 48.88 -27.16 -20.54
C PHE E 158 47.83 -26.05 -20.50
N ARG E 159 47.29 -25.67 -21.67
CA ARG E 159 46.23 -24.66 -21.69
C ARG E 159 44.99 -25.14 -20.96
N LYS E 160 44.75 -26.46 -20.95
CA LYS E 160 43.63 -26.99 -20.20
C LYS E 160 43.91 -26.99 -18.69
N LYS E 161 45.07 -27.49 -18.29
CA LYS E 161 45.41 -27.49 -16.86
C LYS E 161 45.54 -26.08 -16.31
N LEU E 162 45.92 -25.12 -17.15
CA LEU E 162 46.04 -23.74 -16.71
C LEU E 162 44.67 -23.14 -16.43
N ARG E 163 43.73 -23.28 -17.37
CA ARG E 163 42.39 -22.75 -17.17
C ARG E 163 41.69 -23.45 -16.00
N GLU E 164 42.05 -24.71 -15.74
CA GLU E 164 41.52 -25.42 -14.58
C GLU E 164 42.05 -24.85 -13.26
N GLY E 165 43.11 -24.07 -13.30
CA GLY E 165 43.67 -23.44 -12.11
C GLY E 165 44.92 -24.15 -11.61
N GLN E 166 45.69 -23.42 -10.80
CA GLN E 166 46.92 -23.94 -10.23
C GLN E 166 47.35 -23.10 -9.03
N LYS E 216 57.91 -17.71 -8.76
CA LYS E 216 56.48 -17.84 -8.49
C LYS E 216 55.69 -18.10 -9.77
N ILE E 217 54.73 -19.02 -9.69
CA ILE E 217 53.92 -19.41 -10.84
C ILE E 217 52.58 -18.69 -10.81
N LYS E 218 51.78 -18.94 -9.77
CA LYS E 218 50.45 -18.35 -9.69
C LYS E 218 50.50 -16.83 -9.71
N ASP E 219 51.59 -16.23 -9.22
CA ASP E 219 51.70 -14.78 -9.22
C ASP E 219 52.02 -14.23 -10.60
N ALA E 220 52.65 -15.04 -11.46
CA ALA E 220 53.16 -14.55 -12.74
C ALA E 220 52.04 -14.14 -13.70
N MET E 221 50.89 -14.80 -13.64
CA MET E 221 49.80 -14.47 -14.57
C MET E 221 49.29 -13.05 -14.35
N LYS E 222 49.43 -12.53 -13.13
CA LYS E 222 48.99 -11.17 -12.85
C LYS E 222 49.95 -10.15 -13.44
N LEU E 223 51.26 -10.42 -13.37
CA LEU E 223 52.25 -9.49 -13.89
C LEU E 223 52.15 -9.33 -15.40
N LEU E 224 51.79 -10.40 -16.12
CA LEU E 224 51.70 -10.31 -17.57
C LEU E 224 50.48 -9.50 -18.01
N ILE E 225 49.44 -9.44 -17.17
CA ILE E 225 48.28 -8.62 -17.49
C ILE E 225 48.67 -7.15 -17.54
N GLU E 226 49.60 -6.72 -16.68
CA GLU E 226 50.05 -5.34 -16.69
C GLU E 226 50.90 -5.05 -17.92
N GLU E 227 51.91 -5.90 -18.16
CA GLU E 227 52.80 -5.66 -19.31
C GLU E 227 52.04 -5.73 -20.61
N GLU E 228 51.04 -6.62 -20.71
CA GLU E 228 50.28 -6.72 -21.95
C GLU E 228 49.26 -5.60 -22.08
N ALA E 229 48.53 -5.30 -20.99
CA ALA E 229 47.62 -4.17 -21.02
C ALA E 229 48.37 -2.86 -21.25
N ALA E 230 49.57 -2.73 -20.72
CA ALA E 230 50.41 -1.58 -21.05
C ALA E 230 50.85 -1.63 -22.51
N LYS E 231 51.20 -2.81 -23.01
CA LYS E 231 51.56 -2.95 -24.41
C LYS E 231 50.38 -2.69 -25.33
N LEU E 232 49.18 -3.04 -24.88
CA LEU E 232 47.98 -2.80 -25.67
C LEU E 232 47.45 -1.37 -25.51
N VAL E 233 47.56 -0.80 -24.30
CA VAL E 233 46.97 0.51 -24.06
C VAL E 233 47.80 1.60 -24.74
N ASN E 234 47.14 2.73 -25.02
CA ASN E 234 47.77 3.91 -25.59
C ASN E 234 47.45 5.10 -24.66
N PRO E 235 48.37 5.46 -23.73
CA PRO E 235 48.03 6.47 -22.70
C PRO E 235 47.67 7.85 -23.23
N GLU E 236 48.28 8.29 -24.33
CA GLU E 236 47.89 9.58 -24.91
C GLU E 236 46.46 9.55 -25.46
N GLU E 237 45.96 8.36 -25.79
CA GLU E 237 44.55 8.21 -26.15
C GLU E 237 43.65 8.06 -24.93
N LEU E 238 44.22 7.86 -23.74
CA LEU E 238 43.44 7.65 -22.52
C LEU E 238 43.25 8.93 -21.71
N LYS E 239 44.35 9.53 -21.25
CA LYS E 239 44.26 10.80 -20.53
C LYS E 239 43.58 11.87 -21.37
N GLN E 240 43.76 11.82 -22.69
CA GLN E 240 43.04 12.71 -23.60
C GLN E 240 41.61 12.25 -23.85
N ASP E 241 41.29 10.98 -23.56
CA ASP E 241 39.92 10.52 -23.70
C ASP E 241 39.04 11.07 -22.57
N ALA E 242 39.58 11.10 -21.35
CA ALA E 242 38.84 11.67 -20.23
C ALA E 242 38.55 13.15 -20.48
N ILE E 243 39.46 13.85 -21.15
CA ILE E 243 39.20 15.24 -21.53
C ILE E 243 38.07 15.32 -22.55
N ASP E 244 38.10 14.45 -23.57
CA ASP E 244 36.99 14.41 -24.53
C ASP E 244 35.69 13.96 -23.86
N ALA E 245 35.78 13.05 -22.88
CA ALA E 245 34.59 12.61 -22.15
C ALA E 245 34.03 13.75 -21.31
N VAL E 246 34.88 14.60 -20.76
CA VAL E 246 34.41 15.74 -19.98
C VAL E 246 33.83 16.82 -20.88
N GLU E 247 34.57 17.19 -21.93
CA GLU E 247 34.14 18.29 -22.79
C GLU E 247 32.87 17.94 -23.56
N GLN E 248 32.82 16.76 -24.16
CA GLN E 248 31.66 16.41 -24.98
C GLN E 248 30.51 15.90 -24.12
N HIS E 249 30.80 14.95 -23.23
CA HIS E 249 29.77 14.23 -22.49
C HIS E 249 29.60 14.70 -21.03
N GLY E 250 30.41 15.65 -20.56
CA GLY E 250 30.46 15.92 -19.14
C GLY E 250 29.13 16.42 -18.59
N ILE E 251 28.88 16.08 -17.32
CA ILE E 251 27.67 16.46 -16.62
C ILE E 251 28.05 16.89 -15.21
N VAL E 252 27.38 17.92 -14.70
CA VAL E 252 27.62 18.43 -13.35
C VAL E 252 26.26 18.71 -12.71
N PHE E 253 26.08 18.23 -11.48
CA PHE E 253 24.86 18.46 -10.70
C PHE E 253 25.20 19.37 -9.53
N ILE E 254 24.57 20.54 -9.50
CA ILE E 254 24.78 21.53 -8.46
C ILE E 254 23.55 21.46 -7.56
N ASP E 255 23.73 20.86 -6.38
CA ASP E 255 22.64 20.73 -5.43
C ASP E 255 22.41 22.05 -4.71
N GLU E 256 21.19 22.22 -4.22
CA GLU E 256 20.81 23.35 -3.35
C GLU E 256 21.28 24.71 -3.89
N ILE E 257 21.03 24.93 -5.18
CA ILE E 257 21.35 26.22 -5.79
C ILE E 257 20.46 27.34 -5.24
N ASP E 258 19.27 27.01 -4.72
CA ASP E 258 18.38 28.03 -4.20
C ASP E 258 18.95 28.74 -2.99
N LYS E 259 19.87 28.11 -2.27
CA LYS E 259 20.41 28.69 -1.04
C LYS E 259 21.44 29.79 -1.28
N ILE E 260 21.92 29.96 -2.51
CA ILE E 260 22.83 31.04 -2.84
C ILE E 260 22.10 32.27 -3.40
N CYS E 261 20.77 32.22 -3.43
CA CYS E 261 19.98 33.36 -3.86
C CYS E 261 19.94 34.43 -2.77
N LYS E 262 19.66 35.67 -3.19
CA LYS E 262 19.55 36.79 -2.28
C LYS E 262 18.33 36.67 -1.37
N PRO E 269 25.33 38.44 3.64
CA PRO E 269 25.36 37.16 2.93
C PRO E 269 24.98 37.30 1.47
N ASP E 270 24.13 38.27 1.14
CA ASP E 270 23.68 38.45 -0.23
C ASP E 270 24.83 38.75 -1.18
N VAL E 271 25.90 39.41 -0.70
CA VAL E 271 27.08 39.61 -1.52
C VAL E 271 27.85 38.30 -1.70
N SER E 272 28.07 37.58 -0.60
CA SER E 272 28.74 36.29 -0.67
C SER E 272 27.89 35.23 -1.39
N ARG E 273 26.56 35.30 -1.26
CA ARG E 273 25.69 34.36 -1.96
C ARG E 273 25.71 34.59 -3.46
N GLU E 274 25.44 35.84 -3.89
CA GLU E 274 25.47 36.18 -5.31
C GLU E 274 26.88 36.18 -5.89
N GLY E 275 27.90 36.31 -5.05
CA GLY E 275 29.27 36.21 -5.56
C GLY E 275 29.59 34.82 -6.07
N VAL E 276 29.03 33.79 -5.41
CA VAL E 276 29.20 32.43 -5.89
C VAL E 276 28.56 32.26 -7.26
N GLN E 277 27.46 32.96 -7.51
CA GLN E 277 26.80 32.90 -8.80
C GLN E 277 27.71 33.47 -9.88
N ARG E 278 28.34 34.61 -9.60
CA ARG E 278 29.25 35.21 -10.55
C ARG E 278 30.47 34.32 -10.78
N ASP E 279 30.93 33.64 -9.73
CA ASP E 279 32.03 32.71 -9.90
C ASP E 279 31.63 31.50 -10.74
N LEU E 280 30.38 31.06 -10.61
CA LEU E 280 29.88 29.95 -11.43
C LEU E 280 29.61 30.39 -12.87
N LEU E 281 29.42 31.68 -13.10
CA LEU E 281 29.00 32.17 -14.41
C LEU E 281 29.91 31.75 -15.56
N PRO E 282 31.24 31.90 -15.47
CA PRO E 282 32.07 31.50 -16.62
C PRO E 282 31.92 30.05 -17.03
N LEU E 283 31.66 29.15 -16.08
CA LEU E 283 31.59 27.74 -16.43
C LEU E 283 30.40 27.46 -17.35
N VAL E 284 29.28 28.14 -17.12
CA VAL E 284 28.09 27.92 -17.95
C VAL E 284 28.14 28.74 -19.22
N GLU E 285 28.62 29.99 -19.13
CA GLU E 285 28.80 30.81 -20.32
C GLU E 285 29.93 30.28 -21.19
N GLY E 286 30.75 29.38 -20.65
CA GLY E 286 31.87 28.80 -21.35
C GLY E 286 33.17 29.45 -20.91
N CYS E 287 34.21 28.65 -20.81
CA CYS E 287 35.51 29.11 -20.34
C CYS E 287 36.50 27.97 -20.53
N THR E 288 37.73 28.17 -20.09
CA THR E 288 38.76 27.14 -20.13
C THR E 288 39.42 27.08 -18.77
N VAL E 289 39.55 25.87 -18.22
CA VAL E 289 40.12 25.64 -16.91
C VAL E 289 41.35 24.76 -17.08
N SER E 290 42.41 25.07 -16.33
CA SER E 290 43.63 24.31 -16.39
C SER E 290 43.63 23.20 -15.35
N THR E 291 44.05 22.02 -15.75
CA THR E 291 44.17 20.86 -14.86
C THR E 291 45.48 20.14 -15.16
N LYS E 292 45.96 19.38 -14.17
CA LYS E 292 47.17 18.60 -14.38
C LYS E 292 46.98 17.57 -15.48
N HIS E 293 45.76 17.07 -15.65
CA HIS E 293 45.48 16.11 -16.73
C HIS E 293 45.42 16.77 -18.09
N GLY E 294 45.16 18.07 -18.14
CA GLY E 294 45.08 18.77 -19.42
C GLY E 294 44.30 20.06 -19.27
N MET E 295 43.97 20.64 -20.43
CA MET E 295 43.26 21.90 -20.53
C MET E 295 41.86 21.61 -21.06
N VAL E 296 40.84 21.88 -20.23
CA VAL E 296 39.46 21.54 -20.54
C VAL E 296 38.66 22.80 -20.84
N LYS E 297 37.70 22.69 -21.75
CA LYS E 297 36.78 23.77 -22.08
C LYS E 297 35.38 23.38 -21.65
N THR E 298 34.67 24.34 -21.04
CA THR E 298 33.39 24.10 -20.39
C THR E 298 32.20 24.41 -21.29
N ASP E 299 32.42 24.75 -22.56
CA ASP E 299 31.34 25.29 -23.38
C ASP E 299 30.19 24.29 -23.55
N HIS E 300 30.51 23.02 -23.79
CA HIS E 300 29.50 22.03 -24.12
C HIS E 300 29.10 21.13 -22.96
N ILE E 301 29.61 21.37 -21.76
CA ILE E 301 29.21 20.59 -20.60
C ILE E 301 27.77 20.88 -20.24
N LEU E 302 27.02 19.84 -19.88
CA LEU E 302 25.66 19.98 -19.38
C LEU E 302 25.67 20.09 -17.87
N PHE E 303 24.74 20.90 -17.35
CA PHE E 303 24.64 21.17 -15.93
C PHE E 303 23.20 21.00 -15.49
N ILE E 304 23.02 20.55 -14.26
CA ILE E 304 21.70 20.39 -13.66
C ILE E 304 21.77 21.03 -12.27
N ALA E 305 21.02 22.11 -12.09
CA ALA E 305 20.90 22.77 -10.79
C ALA E 305 19.59 22.36 -10.13
N SER E 306 19.62 22.27 -8.80
CA SER E 306 18.45 21.84 -8.05
C SER E 306 18.33 22.65 -6.77
N GLY E 307 17.09 22.87 -6.35
CA GLY E 307 16.82 23.56 -5.11
C GLY E 307 15.35 23.48 -4.73
N ALA E 308 15.06 23.55 -3.42
CA ALA E 308 13.66 23.56 -2.99
C ALA E 308 12.95 24.84 -3.40
N PHE E 309 13.68 25.96 -3.42
CA PHE E 309 13.14 27.27 -3.79
C PHE E 309 11.90 27.64 -3.00
N GLN E 310 11.87 27.23 -1.73
CA GLN E 310 10.80 27.68 -0.83
C GLN E 310 11.13 29.04 -0.22
N ILE E 311 12.41 29.28 0.10
CA ILE E 311 12.81 30.58 0.63
C ILE E 311 12.95 31.61 -0.48
N ALA E 312 13.51 31.20 -1.62
CA ALA E 312 13.76 32.08 -2.75
C ALA E 312 13.14 31.47 -3.99
N LYS E 313 13.28 32.16 -5.11
CA LYS E 313 12.73 31.73 -6.40
C LYS E 313 13.81 31.83 -7.46
N PRO E 314 13.67 31.10 -8.57
CA PRO E 314 14.65 31.21 -9.65
C PRO E 314 14.84 32.63 -10.17
N SER E 315 13.80 33.46 -10.09
CA SER E 315 13.93 34.86 -10.49
C SER E 315 14.95 35.60 -9.62
N ASP E 316 15.19 35.15 -8.40
CA ASP E 316 16.18 35.77 -7.53
C ASP E 316 17.61 35.51 -7.99
N LEU E 317 17.82 34.55 -8.89
CA LEU E 317 19.15 34.32 -9.43
C LEU E 317 19.58 35.50 -10.29
N ILE E 318 20.88 35.67 -10.44
CA ILE E 318 21.43 36.78 -11.23
C ILE E 318 20.97 36.61 -12.67
N PRO E 319 20.72 37.71 -13.39
CA PRO E 319 20.13 37.57 -14.74
C PRO E 319 20.97 36.76 -15.71
N GLU E 320 22.30 36.86 -15.64
CA GLU E 320 23.14 36.06 -16.53
C GLU E 320 22.99 34.56 -16.25
N LEU E 321 22.63 34.19 -15.03
CA LEU E 321 22.44 32.79 -14.69
C LEU E 321 21.06 32.28 -15.11
N GLN E 322 20.03 33.14 -15.05
CA GLN E 322 18.70 32.72 -15.43
C GLN E 322 18.62 32.36 -16.90
N GLY E 323 19.38 33.06 -17.75
CA GLY E 323 19.38 32.77 -19.18
C GLY E 323 20.23 31.60 -19.59
N ARG E 324 21.07 31.10 -18.69
CA ARG E 324 21.86 29.92 -18.93
C ARG E 324 21.17 28.64 -18.46
N LEU E 325 19.92 28.73 -18.03
CA LEU E 325 19.14 27.58 -17.59
C LEU E 325 17.84 27.56 -18.38
N PRO E 326 17.90 27.24 -19.67
CA PRO E 326 16.69 27.34 -20.52
C PRO E 326 15.56 26.44 -20.10
N ILE E 327 15.84 25.25 -19.58
CA ILE E 327 14.81 24.26 -19.25
C ILE E 327 14.54 24.30 -17.76
N ARG E 328 13.27 24.44 -17.39
CA ARG E 328 12.84 24.43 -16.00
C ARG E 328 11.83 23.32 -15.79
N VAL E 329 11.91 22.66 -14.64
CA VAL E 329 10.99 21.58 -14.31
C VAL E 329 10.83 21.52 -12.79
N GLU E 330 9.61 21.26 -12.34
CA GLU E 330 9.31 21.05 -10.94
C GLU E 330 9.00 19.56 -10.72
N LEU E 331 9.59 19.00 -9.67
CA LEU E 331 9.37 17.59 -9.33
C LEU E 331 8.34 17.51 -8.21
N GLN E 332 7.37 16.62 -8.38
CA GLN E 332 6.27 16.47 -7.44
C GLN E 332 6.69 15.70 -6.20
N ALA E 333 6.03 15.98 -5.09
CA ALA E 333 6.26 15.24 -3.85
C ALA E 333 5.73 13.82 -3.96
N LEU E 334 6.50 12.86 -3.44
CA LEU E 334 6.07 11.47 -3.48
C LEU E 334 4.93 11.23 -2.50
N THR E 335 4.05 10.31 -2.84
CA THR E 335 2.92 9.95 -1.98
C THR E 335 3.18 8.59 -1.35
N THR E 336 2.24 8.16 -0.49
CA THR E 336 2.34 6.84 0.12
C THR E 336 2.29 5.75 -0.95
N SER E 337 1.51 5.97 -2.00
CA SER E 337 1.46 5.02 -3.12
C SER E 337 2.78 4.99 -3.87
N ASP E 338 3.45 6.14 -3.99
CA ASP E 338 4.75 6.16 -4.64
C ASP E 338 5.79 5.40 -3.83
N PHE E 339 5.69 5.49 -2.49
CA PHE E 339 6.62 4.75 -1.64
C PHE E 339 6.49 3.25 -1.85
N GLU E 340 5.26 2.75 -1.96
CA GLU E 340 5.05 1.32 -2.19
C GLU E 340 5.63 0.91 -3.54
N ARG E 341 5.54 1.79 -4.54
CA ARG E 341 6.12 1.47 -5.84
C ARG E 341 7.64 1.51 -5.79
N ILE E 342 8.20 2.52 -5.11
CA ILE E 342 9.65 2.66 -5.02
C ILE E 342 10.28 1.46 -4.32
N LEU E 343 9.56 0.86 -3.38
CA LEU E 343 10.12 -0.28 -2.66
C LEU E 343 10.29 -1.49 -3.55
N THR E 344 9.49 -1.60 -4.61
CA THR E 344 9.41 -2.85 -5.36
C THR E 344 9.70 -2.62 -6.84
N GLU E 345 8.88 -1.78 -7.49
CA GLU E 345 8.94 -1.63 -8.94
C GLU E 345 10.32 -1.34 -9.51
N PRO E 346 11.13 -0.43 -8.95
CA PRO E 346 12.42 -0.10 -9.59
C PRO E 346 13.33 -1.31 -9.70
N ASN E 347 14.08 -1.37 -10.79
CA ASN E 347 15.10 -2.42 -10.93
C ASN E 347 16.12 -2.29 -9.81
N ALA E 348 16.43 -3.41 -9.18
CA ALA E 348 17.32 -3.44 -8.02
C ALA E 348 16.80 -2.54 -6.90
N SER E 349 15.50 -2.61 -6.64
CA SER E 349 14.91 -1.84 -5.56
C SER E 349 15.44 -2.34 -4.22
N ILE E 350 15.37 -1.46 -3.21
CA ILE E 350 15.97 -1.77 -1.91
C ILE E 350 15.41 -3.04 -1.32
N THR E 351 14.13 -3.34 -1.58
CA THR E 351 13.57 -4.63 -1.15
C THR E 351 14.22 -5.78 -1.90
N VAL E 352 14.43 -5.63 -3.21
CA VAL E 352 15.13 -6.66 -3.98
C VAL E 352 16.57 -6.80 -3.49
N GLN E 353 17.19 -5.68 -3.06
CA GLN E 353 18.56 -5.75 -2.56
C GLN E 353 18.63 -6.54 -1.26
N TYR E 354 17.71 -6.29 -0.32
CA TYR E 354 17.69 -7.05 0.94
C TYR E 354 17.40 -8.52 0.69
N LYS E 355 16.58 -8.82 -0.32
CA LYS E 355 16.22 -10.20 -0.61
C LYS E 355 17.44 -10.98 -1.09
N ALA E 356 18.18 -10.42 -2.04
CA ALA E 356 19.41 -11.07 -2.53
C ALA E 356 20.49 -11.11 -1.46
N LEU E 357 20.57 -10.11 -0.60
CA LEU E 357 21.56 -10.13 0.47
C LEU E 357 21.32 -11.27 1.44
N MET E 358 20.07 -11.43 1.89
CA MET E 358 19.74 -12.56 2.76
C MET E 358 19.83 -13.89 2.01
N ALA E 359 19.62 -13.88 0.69
CA ALA E 359 19.83 -15.09 -0.09
C ALA E 359 21.28 -15.54 -0.04
N THR E 360 22.21 -14.60 0.06
CA THR E 360 23.63 -14.95 0.18
C THR E 360 23.86 -15.80 1.41
N GLU E 361 23.10 -15.56 2.47
CA GLU E 361 23.20 -16.33 3.71
C GLU E 361 22.35 -17.61 3.68
N GLY E 362 21.66 -17.89 2.57
CA GLY E 362 20.78 -19.04 2.48
C GLY E 362 19.35 -18.82 2.95
N VAL E 363 18.97 -17.59 3.23
CA VAL E 363 17.64 -17.26 3.73
C VAL E 363 16.80 -16.68 2.59
N ASN E 364 15.50 -16.91 2.66
CA ASN E 364 14.54 -16.42 1.67
C ASN E 364 13.67 -15.36 2.31
N ILE E 365 13.80 -14.13 1.88
CA ILE E 365 12.92 -13.07 2.32
C ILE E 365 11.79 -12.94 1.30
N GLU E 366 10.58 -12.70 1.81
CA GLU E 366 9.42 -12.42 0.97
C GLU E 366 8.57 -11.40 1.69
N PHE E 367 8.18 -10.34 0.99
CA PHE E 367 7.38 -9.27 1.55
C PHE E 367 5.95 -9.37 1.04
N THR E 368 4.98 -9.33 1.95
CA THR E 368 3.59 -9.29 1.58
C THR E 368 3.23 -7.90 1.09
N ASP E 369 2.18 -7.82 0.25
CA ASP E 369 1.72 -6.53 -0.23
C ASP E 369 1.28 -5.63 0.92
N SER E 370 0.61 -6.21 1.92
CA SER E 370 0.26 -5.44 3.10
C SER E 370 1.48 -5.08 3.94
N GLY E 371 2.51 -5.93 3.92
CA GLY E 371 3.74 -5.59 4.62
C GLY E 371 4.50 -4.46 3.96
N ILE E 372 4.52 -4.45 2.62
CA ILE E 372 5.08 -3.31 1.90
C ILE E 372 4.23 -2.07 2.13
N LYS E 373 2.91 -2.23 2.20
CA LYS E 373 2.02 -1.09 2.38
C LYS E 373 2.23 -0.45 3.75
N ARG E 374 2.51 -1.26 4.77
CA ARG E 374 2.72 -0.71 6.11
C ARG E 374 4.11 -0.17 6.33
N ILE E 375 5.07 -0.52 5.47
CA ILE E 375 6.38 0.13 5.51
C ILE E 375 6.28 1.53 4.93
N ALA E 376 5.57 1.67 3.80
CA ALA E 376 5.37 2.99 3.21
C ALA E 376 4.59 3.91 4.14
N GLU E 377 3.57 3.36 4.82
CA GLU E 377 2.83 4.15 5.79
C GLU E 377 3.71 4.54 6.97
N ALA E 378 4.67 3.69 7.33
CA ALA E 378 5.57 4.01 8.43
C ALA E 378 6.51 5.15 8.07
N ALA E 379 7.10 5.10 6.88
CA ALA E 379 7.98 6.18 6.46
C ALA E 379 7.23 7.48 6.27
N TRP E 380 5.96 7.41 5.85
CA TRP E 380 5.17 8.62 5.67
C TRP E 380 4.87 9.28 7.01
N GLN E 381 4.55 8.48 8.03
CA GLN E 381 4.19 9.06 9.33
C GLN E 381 5.39 9.77 9.95
N VAL E 382 6.59 9.24 9.76
CA VAL E 382 7.77 9.88 10.33
C VAL E 382 8.03 11.21 9.63
N ASN E 383 7.87 11.24 8.31
CA ASN E 383 8.04 12.49 7.57
C ASN E 383 7.01 13.52 7.99
N GLU E 384 5.79 13.09 8.31
CA GLU E 384 4.77 14.02 8.78
C GLU E 384 4.94 14.34 10.25
N SER E 385 5.27 13.33 11.07
CA SER E 385 5.37 13.56 12.51
C SER E 385 6.54 14.46 12.88
N THR E 386 7.66 14.38 12.16
CA THR E 386 8.83 15.17 12.53
C THR E 386 9.32 16.07 11.40
N GLU E 387 10.07 15.50 10.46
CA GLU E 387 10.65 16.23 9.33
C GLU E 387 10.54 15.38 8.08
N ASN E 388 10.20 16.02 6.96
CA ASN E 388 9.96 15.31 5.71
C ASN E 388 11.27 15.26 4.94
N ILE E 389 11.88 14.07 4.87
CA ILE E 389 13.11 13.85 4.12
C ILE E 389 12.86 13.20 2.76
N GLY E 390 11.60 12.97 2.40
CA GLY E 390 11.29 12.29 1.15
C GLY E 390 11.52 10.79 1.23
N ALA E 391 11.77 10.22 0.05
CA ALA E 391 11.93 8.77 -0.05
C ALA E 391 13.13 8.24 0.73
N ARG E 392 14.04 9.12 1.16
CA ARG E 392 15.15 8.67 1.99
C ARG E 392 14.68 8.01 3.26
N ARG E 393 13.48 8.36 3.75
CA ARG E 393 12.95 7.74 4.96
C ARG E 393 12.76 6.25 4.79
N LEU E 394 12.51 5.79 3.55
CA LEU E 394 12.31 4.36 3.32
C LEU E 394 13.55 3.55 3.68
N HIS E 395 14.74 4.11 3.48
CA HIS E 395 15.96 3.37 3.79
C HIS E 395 16.13 3.17 5.30
N THR E 396 15.89 4.23 6.09
CA THR E 396 16.08 4.13 7.53
C THR E 396 15.04 3.19 8.15
N VAL E 397 13.82 3.21 7.62
CA VAL E 397 12.77 2.37 8.19
C VAL E 397 13.02 0.90 7.85
N LEU E 398 13.45 0.62 6.62
CA LEU E 398 13.64 -0.77 6.20
C LEU E 398 14.78 -1.43 6.97
N GLU E 399 15.90 -0.73 7.13
CA GLU E 399 17.02 -1.31 7.87
C GLU E 399 16.66 -1.54 9.33
N ARG E 400 15.85 -0.64 9.90
CA ARG E 400 15.39 -0.84 11.28
C ARG E 400 14.48 -2.06 11.40
N LEU E 401 13.68 -2.35 10.37
CA LEU E 401 12.80 -3.52 10.42
C LEU E 401 13.59 -4.82 10.25
N MET E 402 14.58 -4.82 9.37
CA MET E 402 15.33 -6.03 9.01
C MET E 402 16.57 -6.26 9.87
N GLU E 403 16.86 -5.37 10.83
CA GLU E 403 18.09 -5.49 11.60
C GLU E 403 18.17 -6.81 12.36
N GLU E 404 17.02 -7.33 12.81
CA GLU E 404 17.02 -8.58 13.54
C GLU E 404 17.28 -9.76 12.61
N ILE E 405 16.68 -9.74 11.41
CA ILE E 405 16.94 -10.79 10.44
C ILE E 405 18.37 -10.70 9.92
N SER E 406 18.83 -9.49 9.61
CA SER E 406 20.17 -9.32 9.02
C SER E 406 21.26 -9.78 9.97
N TYR E 407 21.03 -9.72 11.28
CA TYR E 407 22.00 -10.24 12.22
C TYR E 407 21.95 -11.76 12.30
N ASP E 408 20.74 -12.32 12.29
CA ASP E 408 20.52 -13.73 12.49
C ASP E 408 20.59 -14.53 11.20
N ALA E 409 20.84 -13.88 10.06
CA ALA E 409 20.74 -14.55 8.77
C ALA E 409 21.69 -15.74 8.67
N SER E 410 22.81 -15.71 9.39
CA SER E 410 23.74 -16.84 9.36
C SER E 410 23.11 -18.11 9.94
N ASP E 411 22.48 -18.00 11.10
CA ASP E 411 21.88 -19.19 11.70
C ASP E 411 20.55 -19.57 11.06
N LEU E 412 19.93 -18.66 10.31
CA LEU E 412 18.63 -18.90 9.70
C LEU E 412 18.75 -19.51 8.30
N SER E 413 19.96 -19.91 7.90
CA SER E 413 20.19 -20.48 6.58
C SER E 413 19.30 -21.70 6.36
N GLY E 414 18.74 -21.79 5.15
CA GLY E 414 17.83 -22.85 4.82
C GLY E 414 16.40 -22.62 5.26
N GLN E 415 16.06 -21.43 5.72
CA GLN E 415 14.72 -21.10 6.19
C GLN E 415 14.08 -20.06 5.29
N ASN E 416 12.75 -20.06 5.26
CA ASN E 416 11.94 -19.10 4.51
C ASN E 416 11.28 -18.15 5.50
N ILE E 417 11.73 -16.90 5.51
CA ILE E 417 11.16 -15.87 6.35
C ILE E 417 10.17 -15.06 5.53
N THR E 418 9.06 -14.66 6.15
CA THR E 418 8.01 -13.92 5.48
C THR E 418 7.77 -12.63 6.26
N ILE E 419 7.91 -11.49 5.59
CA ILE E 419 7.66 -10.19 6.20
C ILE E 419 6.19 -9.86 5.93
N ASP E 420 5.38 -9.89 6.96
CA ASP E 420 3.95 -9.64 6.87
C ASP E 420 3.60 -8.34 7.59
N ALA E 421 2.32 -7.97 7.52
CA ALA E 421 1.86 -6.75 8.17
C ALA E 421 2.08 -6.83 9.68
N ASP E 422 1.87 -8.02 10.25
CA ASP E 422 2.07 -8.20 11.68
C ASP E 422 3.54 -8.03 12.06
N TYR E 423 4.46 -8.47 11.20
CA TYR E 423 5.87 -8.32 11.48
C TYR E 423 6.30 -6.86 11.41
N VAL E 424 5.76 -6.12 10.44
CA VAL E 424 6.10 -4.71 10.30
C VAL E 424 5.62 -3.93 11.53
N SER E 425 4.36 -4.17 11.95
CA SER E 425 3.84 -3.47 13.11
C SER E 425 4.56 -3.86 14.39
N LYS E 426 5.07 -5.09 14.48
CA LYS E 426 5.74 -5.54 15.70
C LYS E 426 7.05 -4.80 15.94
N HIS E 427 7.84 -4.60 14.89
CA HIS E 427 9.16 -4.00 15.00
C HIS E 427 9.15 -2.48 14.85
N LEU E 428 8.03 -1.90 14.42
CA LEU E 428 8.00 -0.50 14.02
C LEU E 428 7.05 0.34 14.85
N ASP E 429 5.77 -0.06 14.93
CA ASP E 429 4.74 0.82 15.49
C ASP E 429 5.11 1.33 16.87
N ALA E 430 5.86 0.55 17.66
CA ALA E 430 6.32 1.03 18.95
C ALA E 430 7.29 2.19 18.78
N LEU E 431 8.08 2.18 17.70
CA LEU E 431 9.02 3.28 17.46
C LEU E 431 8.32 4.49 16.85
N VAL E 432 7.43 4.26 15.89
CA VAL E 432 6.71 5.32 15.23
C VAL E 432 5.77 6.05 16.21
N SER F 1 37.14 -10.90 5.56
CA SER F 1 36.94 -12.02 6.46
C SER F 1 35.53 -12.58 6.31
N GLU F 2 35.39 -13.88 6.47
CA GLU F 2 34.13 -14.57 6.28
C GLU F 2 33.33 -14.74 7.57
N MET F 3 33.80 -14.14 8.68
CA MET F 3 33.14 -14.32 9.96
C MET F 3 31.68 -13.90 9.90
N THR F 4 30.83 -14.68 10.58
CA THR F 4 29.41 -14.39 10.68
C THR F 4 29.17 -13.34 11.77
N PRO F 5 28.02 -12.65 11.72
CA PRO F 5 27.82 -11.55 12.68
C PRO F 5 27.93 -11.94 14.15
N ARG F 6 27.51 -13.15 14.51
CA ARG F 6 27.69 -13.59 15.90
C ARG F 6 29.16 -13.82 16.23
N GLU F 7 29.94 -14.31 15.27
CA GLU F 7 31.38 -14.47 15.48
C GLU F 7 32.05 -13.12 15.65
N ILE F 8 31.51 -12.06 15.05
CA ILE F 8 32.08 -10.72 15.21
C ILE F 8 31.79 -10.20 16.61
N VAL F 9 30.55 -10.32 17.07
CA VAL F 9 30.18 -9.86 18.40
C VAL F 9 30.93 -10.64 19.47
N SER F 10 31.07 -11.95 19.29
CA SER F 10 31.77 -12.77 20.27
C SER F 10 33.24 -12.35 20.40
N GLU F 11 33.84 -11.94 19.28
CA GLU F 11 35.20 -11.43 19.34
C GLU F 11 35.24 -10.05 19.98
N LEU F 12 34.22 -9.23 19.72
CA LEU F 12 34.15 -7.91 20.34
C LEU F 12 33.91 -7.99 21.84
N ASP F 13 33.20 -9.03 22.29
CA ASP F 13 33.01 -9.23 23.73
C ASP F 13 34.32 -9.48 24.46
N LYS F 14 35.35 -9.93 23.76
CA LYS F 14 36.66 -10.11 24.38
C LYS F 14 37.29 -8.78 24.77
N HIS F 15 36.88 -7.67 24.16
CA HIS F 15 37.44 -6.36 24.47
C HIS F 15 36.40 -5.42 25.06
N ILE F 16 35.34 -5.09 24.33
CA ILE F 16 34.30 -4.21 24.84
C ILE F 16 33.38 -5.00 25.76
N ILE F 17 32.86 -4.34 26.79
CA ILE F 17 31.91 -4.92 27.73
C ILE F 17 30.55 -4.32 27.45
N GLY F 18 29.55 -5.18 27.28
CA GLY F 18 28.19 -4.70 27.03
C GLY F 18 28.08 -4.03 25.67
N GLN F 19 27.08 -3.13 25.56
CA GLN F 19 26.82 -2.41 24.32
C GLN F 19 26.59 -3.35 23.15
N ASP F 20 25.86 -4.44 23.42
CA ASP F 20 25.68 -5.50 22.42
C ASP F 20 25.00 -4.97 21.16
N ASN F 21 24.07 -4.03 21.32
CA ASN F 21 23.36 -3.47 20.16
C ASN F 21 24.32 -2.78 19.20
N ALA F 22 25.30 -2.04 19.73
CA ALA F 22 26.33 -1.46 18.88
C ALA F 22 27.22 -2.52 18.25
N LYS F 23 27.48 -3.63 18.96
CA LYS F 23 28.24 -4.72 18.38
C LYS F 23 27.45 -5.42 17.28
N ARG F 24 26.16 -5.64 17.50
CA ARG F 24 25.32 -6.27 16.47
C ARG F 24 25.22 -5.37 15.24
N SER F 25 25.20 -4.06 15.45
CA SER F 25 25.04 -3.14 14.32
C SER F 25 26.31 -3.09 13.47
N VAL F 26 27.47 -3.04 14.12
CA VAL F 26 28.73 -3.05 13.37
C VAL F 26 28.97 -4.38 12.68
N ALA F 27 28.51 -5.48 13.28
CA ALA F 27 28.69 -6.78 12.66
C ALA F 27 27.88 -6.91 11.36
N ILE F 28 26.69 -6.32 11.32
CA ILE F 28 25.87 -6.37 10.11
C ILE F 28 26.57 -5.64 8.96
N ALA F 29 27.26 -4.55 9.29
CA ALA F 29 27.96 -3.80 8.24
C ALA F 29 29.14 -4.58 7.70
N LEU F 30 29.93 -5.19 8.59
CA LEU F 30 31.09 -5.97 8.15
C LEU F 30 30.67 -7.21 7.37
N ARG F 31 29.53 -7.79 7.71
CA ARG F 31 29.05 -8.96 7.00
C ARG F 31 28.54 -8.61 5.61
N ASN F 32 27.94 -7.42 5.46
CA ASN F 32 27.48 -6.98 4.14
C ASN F 32 28.64 -6.82 3.17
N ARG F 33 29.84 -6.54 3.69
CA ARG F 33 31.03 -6.53 2.85
C ARG F 33 31.25 -7.89 2.19
N TRP F 34 31.26 -8.95 2.99
CA TRP F 34 31.42 -10.29 2.43
C TRP F 34 30.21 -10.70 1.59
N ARG F 35 29.01 -10.26 1.98
CA ARG F 35 27.82 -10.59 1.20
C ARG F 35 27.82 -9.92 -0.16
N ARG F 36 28.45 -8.75 -0.26
CA ARG F 36 28.46 -8.03 -1.54
C ARG F 36 29.36 -8.72 -2.55
N MET F 37 30.54 -9.19 -2.12
CA MET F 37 31.50 -9.80 -3.05
C MET F 37 30.92 -11.02 -3.74
N GLN F 38 30.00 -11.73 -3.07
CA GLN F 38 29.35 -12.90 -3.64
C GLN F 38 28.31 -12.54 -4.69
N LEU F 39 27.92 -11.27 -4.79
CA LEU F 39 26.91 -10.87 -5.75
C LEU F 39 27.52 -10.70 -7.14
N ASN F 40 26.66 -10.42 -8.11
CA ASN F 40 27.08 -10.27 -9.50
C ASN F 40 27.66 -8.88 -9.75
N GLU F 41 28.09 -8.66 -10.99
CA GLU F 41 28.76 -7.41 -11.34
C GLU F 41 27.85 -6.21 -11.13
N GLU F 42 26.54 -6.37 -11.38
CA GLU F 42 25.64 -5.23 -11.29
C GLU F 42 25.34 -4.85 -9.84
N LEU F 43 24.96 -5.83 -9.02
CA LEU F 43 24.56 -5.54 -7.66
C LEU F 43 25.72 -5.04 -6.81
N ARG F 44 26.95 -5.44 -7.14
CA ARG F 44 28.11 -4.98 -6.39
C ARG F 44 28.31 -3.47 -6.49
N HIS F 45 27.89 -2.87 -7.61
CA HIS F 45 27.96 -1.42 -7.73
C HIS F 45 26.79 -0.73 -7.03
N GLU F 46 25.57 -1.27 -7.19
CA GLU F 46 24.39 -0.62 -6.63
C GLU F 46 24.36 -0.68 -5.11
N VAL F 47 24.78 -1.80 -4.53
CA VAL F 47 24.83 -1.90 -3.07
C VAL F 47 25.95 -1.01 -2.54
N THR F 48 25.67 -0.33 -1.45
CA THR F 48 26.61 0.59 -0.82
C THR F 48 26.67 0.26 0.66
N PRO F 49 27.78 0.59 1.32
CA PRO F 49 27.92 0.20 2.74
C PRO F 49 26.82 0.82 3.58
N LYS F 50 26.41 0.08 4.61
CA LYS F 50 25.39 0.57 5.53
C LYS F 50 26.14 1.29 6.63
N ASN F 51 26.11 2.62 6.59
CA ASN F 51 26.82 3.41 7.57
C ASN F 51 26.06 3.45 8.89
N ILE F 52 26.81 3.61 9.97
CA ILE F 52 26.26 3.53 11.32
C ILE F 52 26.45 4.87 12.00
N LEU F 53 25.47 5.25 12.82
CA LEU F 53 25.54 6.45 13.65
C LEU F 53 25.45 6.00 15.11
N MET F 54 26.57 6.07 15.82
CA MET F 54 26.57 5.78 17.25
C MET F 54 26.08 6.98 18.03
N ILE F 55 25.36 6.71 19.11
CA ILE F 55 24.73 7.74 19.93
C ILE F 55 24.86 7.31 21.38
N GLY F 56 25.27 8.25 22.23
CA GLY F 56 25.37 7.98 23.65
C GLY F 56 26.35 8.91 24.34
N PRO F 57 26.41 8.81 25.66
CA PRO F 57 27.35 9.63 26.42
C PRO F 57 28.78 9.22 26.13
N THR F 58 29.70 10.16 26.37
CA THR F 58 31.09 9.94 26.04
C THR F 58 31.68 8.81 26.87
N GLY F 59 32.65 8.11 26.29
CA GLY F 59 33.43 7.13 27.01
C GLY F 59 32.79 5.78 27.23
N VAL F 60 31.72 5.45 26.52
CA VAL F 60 31.03 4.18 26.72
C VAL F 60 31.53 3.12 25.74
N GLY F 61 32.54 3.46 24.95
CA GLY F 61 33.16 2.53 24.03
C GLY F 61 32.75 2.62 22.57
N LYS F 62 32.10 3.72 22.17
CA LYS F 62 31.78 3.91 20.75
C LYS F 62 33.02 3.77 19.88
N THR F 63 34.10 4.45 20.25
CA THR F 63 35.32 4.38 19.46
C THR F 63 35.97 3.01 19.54
N GLU F 64 35.94 2.40 20.73
CA GLU F 64 36.60 1.11 20.90
C GLU F 64 35.99 0.04 20.00
N ILE F 65 34.67 0.10 19.81
CA ILE F 65 34.04 -0.82 18.88
C ILE F 65 34.57 -0.60 17.47
N ALA F 66 34.66 0.65 17.05
CA ALA F 66 35.18 0.95 15.72
C ALA F 66 36.66 0.56 15.61
N ARG F 67 37.41 0.75 16.68
CA ARG F 67 38.83 0.39 16.66
C ARG F 67 39.02 -1.11 16.60
N ARG F 68 38.34 -1.84 17.50
CA ARG F 68 38.45 -3.29 17.48
C ARG F 68 37.84 -3.90 16.23
N LEU F 69 36.82 -3.27 15.65
CA LEU F 69 36.21 -3.79 14.43
C LEU F 69 37.20 -3.71 13.27
N ALA F 70 37.84 -2.57 13.08
CA ALA F 70 38.84 -2.44 12.02
C ALA F 70 40.04 -3.31 12.31
N LYS F 71 40.49 -3.36 13.58
CA LYS F 71 41.58 -4.25 13.95
C LYS F 71 41.19 -5.70 13.74
N LEU F 72 39.91 -6.03 13.93
CA LEU F 72 39.46 -7.39 13.67
C LEU F 72 39.51 -7.70 12.17
N ALA F 73 39.14 -6.73 11.35
CA ALA F 73 39.15 -6.91 9.90
C ALA F 73 40.51 -6.62 9.27
N ASN F 74 41.48 -6.17 10.07
CA ASN F 74 42.78 -5.72 9.57
C ASN F 74 42.62 -4.59 8.54
N ALA F 75 41.52 -3.85 8.63
CA ALA F 75 41.15 -2.79 7.71
C ALA F 75 41.83 -1.49 8.09
N PRO F 76 42.06 -0.59 7.13
CA PRO F 76 42.50 0.76 7.48
C PRO F 76 41.44 1.49 8.30
N PHE F 77 41.90 2.33 9.22
CA PHE F 77 41.01 3.01 10.14
C PHE F 77 41.59 4.37 10.49
N ILE F 78 40.71 5.32 10.72
CA ILE F 78 41.09 6.66 11.18
C ILE F 78 39.93 7.24 11.98
N LYS F 79 40.27 7.96 13.04
CA LYS F 79 39.30 8.71 13.83
C LYS F 79 39.50 10.18 13.56
N VAL F 80 38.42 10.87 13.19
CA VAL F 80 38.47 12.28 12.83
C VAL F 80 37.43 13.04 13.65
N GLU F 81 37.84 14.16 14.23
CA GLU F 81 36.93 15.03 14.96
C GLU F 81 36.25 15.98 13.99
N ALA F 82 34.92 15.94 13.96
CA ALA F 82 34.18 16.73 12.99
C ALA F 82 34.38 18.23 13.17
N THR F 83 34.66 18.69 14.39
CA THR F 83 34.86 20.11 14.63
C THR F 83 36.19 20.63 14.09
N LYS F 84 37.09 19.74 13.67
CA LYS F 84 38.36 20.18 13.11
C LYS F 84 38.15 21.04 11.87
N PHE F 85 37.07 20.81 11.14
CA PHE F 85 36.81 21.49 9.88
C PHE F 85 35.98 22.76 10.04
N THR F 86 35.59 23.12 11.27
CA THR F 86 34.82 24.36 11.47
C THR F 86 35.64 25.59 11.11
N GLU F 87 36.94 25.54 11.33
CA GLU F 87 37.83 26.69 11.11
C GLU F 87 38.29 26.79 9.66
N LYS F 93 41.40 23.47 7.32
CA LYS F 93 41.76 22.25 6.62
C LYS F 93 40.65 21.77 5.69
N GLU F 94 41.04 21.11 4.60
CA GLU F 94 40.08 20.55 3.66
C GLU F 94 39.58 19.20 4.15
N VAL F 95 38.32 18.90 3.81
CA VAL F 95 37.71 17.64 4.22
C VAL F 95 38.36 16.45 3.51
N ASP F 96 38.92 16.67 2.33
CA ASP F 96 39.54 15.57 1.57
C ASP F 96 40.73 14.98 2.31
N SER F 97 41.28 15.70 3.29
CA SER F 97 42.40 15.20 4.07
C SER F 97 42.06 13.90 4.78
N ILE F 98 40.78 13.65 5.05
CA ILE F 98 40.35 12.42 5.72
C ILE F 98 40.83 11.21 4.92
N ILE F 99 40.54 11.20 3.62
CA ILE F 99 40.97 10.09 2.77
C ILE F 99 42.49 10.06 2.63
N ARG F 100 43.13 11.23 2.63
CA ARG F 100 44.59 11.29 2.50
C ARG F 100 45.26 10.66 3.72
N ASP F 101 44.84 11.06 4.92
CA ASP F 101 45.42 10.50 6.14
C ASP F 101 45.05 9.02 6.30
N LEU F 102 43.88 8.62 5.80
CA LEU F 102 43.49 7.21 5.85
C LEU F 102 44.42 6.37 4.99
N THR F 103 44.73 6.84 3.78
CA THR F 103 45.64 6.11 2.92
C THR F 103 47.04 6.07 3.51
N ASP F 104 47.44 7.13 4.21
CA ASP F 104 48.75 7.15 4.84
C ASP F 104 48.83 6.11 5.96
N ALA F 105 47.73 5.89 6.67
CA ALA F 105 47.69 4.81 7.66
C ALA F 105 47.65 3.45 6.99
N ALA F 106 46.92 3.33 5.87
CA ALA F 106 46.89 2.07 5.14
C ALA F 106 48.24 1.75 4.52
N VAL F 107 48.99 2.77 4.10
CA VAL F 107 50.32 2.54 3.53
C VAL F 107 51.25 1.93 4.58
N LYS F 108 51.35 2.58 5.74
CA LYS F 108 52.18 2.05 6.82
C LYS F 108 51.65 0.71 7.32
N MET F 109 50.34 0.48 7.20
CA MET F 109 49.77 -0.79 7.63
C MET F 109 50.18 -1.92 6.70
N VAL F 110 50.02 -1.71 5.39
CA VAL F 110 50.38 -2.77 4.44
C VAL F 110 51.89 -2.93 4.35
N ARG F 111 52.65 -1.86 4.61
CA ARG F 111 54.11 -1.94 4.51
C ARG F 111 54.69 -2.76 5.66
N VAL F 112 54.35 -2.44 6.89
CA VAL F 112 54.84 -3.19 8.04
C VAL F 112 54.38 -4.65 7.96
N GLN F 113 53.15 -4.86 7.49
CA GLN F 113 52.66 -6.22 7.31
C GLN F 113 53.42 -6.94 6.19
N ALA F 114 53.82 -6.22 5.15
CA ALA F 114 54.67 -6.83 4.14
C ALA F 114 56.05 -7.13 4.68
N ILE F 115 56.54 -6.32 5.64
CA ILE F 115 57.83 -6.60 6.27
C ILE F 115 57.77 -7.90 7.05
N GLU F 116 56.60 -8.21 7.64
CA GLU F 116 56.46 -9.47 8.37
C GLU F 116 56.66 -10.67 7.47
N LYS F 117 56.28 -10.56 6.19
CA LYS F 117 56.63 -11.59 5.21
C LYS F 117 58.08 -11.49 4.78
N ASN F 118 58.65 -10.28 4.79
CA ASN F 118 60.06 -10.09 4.42
C ASN F 118 61.01 -10.43 5.57
N ARG F 119 60.61 -10.15 6.81
CA ARG F 119 61.47 -10.44 7.97
C ARG F 119 61.93 -11.89 7.98
N TYR F 120 61.12 -12.81 7.47
CA TYR F 120 61.49 -14.22 7.45
C TYR F 120 62.42 -14.55 6.29
N ARG F 121 61.94 -14.38 5.06
CA ARG F 121 62.73 -14.79 3.88
C ARG F 121 64.07 -14.08 3.83
N ALA F 122 64.11 -12.79 4.19
CA ALA F 122 65.34 -12.02 4.08
C ALA F 122 66.45 -12.61 4.92
N GLU F 123 66.12 -13.07 6.14
CA GLU F 123 67.12 -13.67 7.01
C GLU F 123 67.74 -14.91 6.38
N GLU F 124 66.95 -15.70 5.64
CA GLU F 124 67.49 -16.86 4.96
C GLU F 124 68.40 -16.45 3.81
N LEU F 125 67.93 -15.53 2.96
CA LEU F 125 68.73 -15.10 1.83
C LEU F 125 69.94 -14.28 2.28
N ALA F 126 69.82 -13.57 3.41
CA ALA F 126 70.97 -12.83 3.93
C ALA F 126 72.03 -13.76 4.49
N GLU F 127 71.59 -14.88 5.10
CA GLU F 127 72.54 -15.88 5.56
C GLU F 127 73.29 -16.52 4.41
N GLU F 128 72.60 -16.76 3.29
CA GLU F 128 73.25 -17.35 2.13
C GLU F 128 74.25 -16.39 1.48
N ARG F 129 74.05 -15.08 1.66
CA ARG F 129 74.98 -14.10 1.12
C ARG F 129 76.25 -14.02 1.95
N ILE F 130 76.10 -13.97 3.28
CA ILE F 130 77.25 -13.86 4.18
C ILE F 130 77.98 -15.19 4.29
N ALA F 220 76.87 -5.89 8.70
CA ALA F 220 76.57 -6.25 7.31
C ALA F 220 75.25 -7.01 7.22
N MET F 221 74.88 -7.70 8.29
CA MET F 221 73.65 -8.47 8.29
C MET F 221 72.43 -7.56 8.21
N LYS F 222 72.54 -6.32 8.68
CA LYS F 222 71.42 -5.39 8.64
C LYS F 222 71.23 -4.80 7.25
N LEU F 223 72.33 -4.56 6.52
CA LEU F 223 72.24 -4.00 5.18
C LEU F 223 71.61 -4.97 4.19
N LEU F 224 71.82 -6.27 4.38
CA LEU F 224 71.27 -7.27 3.46
C LEU F 224 69.77 -7.43 3.66
N ILE F 225 69.26 -7.15 4.86
CA ILE F 225 67.82 -7.20 5.10
C ILE F 225 67.11 -6.17 4.22
N GLU F 226 67.70 -4.98 4.08
CA GLU F 226 67.13 -3.96 3.20
C GLU F 226 67.15 -4.42 1.75
N GLU F 227 68.34 -4.80 1.24
CA GLU F 227 68.46 -5.18 -0.16
C GLU F 227 67.59 -6.39 -0.48
N GLU F 228 67.52 -7.35 0.43
CA GLU F 228 66.68 -8.51 0.19
C GLU F 228 65.20 -8.17 0.32
N ALA F 229 64.82 -7.43 1.38
CA ALA F 229 63.42 -7.01 1.50
C ALA F 229 63.01 -6.10 0.36
N ALA F 230 63.92 -5.27 -0.13
CA ALA F 230 63.61 -4.47 -1.33
C ALA F 230 63.52 -5.35 -2.55
N LYS F 231 64.38 -6.37 -2.64
CA LYS F 231 64.30 -7.33 -3.74
C LYS F 231 63.03 -8.18 -3.64
N LEU F 232 62.61 -8.53 -2.42
CA LEU F 232 61.41 -9.34 -2.25
C LEU F 232 60.15 -8.50 -2.36
N VAL F 233 60.20 -7.23 -1.91
CA VAL F 233 58.98 -6.41 -1.94
C VAL F 233 58.64 -6.00 -3.37
N ASN F 234 57.34 -5.89 -3.65
CA ASN F 234 56.84 -5.40 -4.93
C ASN F 234 56.14 -4.09 -4.64
N PRO F 235 56.70 -2.96 -5.06
CA PRO F 235 56.09 -1.68 -4.68
C PRO F 235 54.78 -1.42 -5.41
N GLU F 236 54.67 -1.85 -6.67
CA GLU F 236 53.40 -1.67 -7.40
C GLU F 236 52.28 -2.55 -6.86
N GLU F 237 52.62 -3.69 -6.25
CA GLU F 237 51.61 -4.50 -5.58
C GLU F 237 51.35 -4.05 -4.15
N LEU F 238 52.22 -3.19 -3.59
CA LEU F 238 52.09 -2.71 -2.21
C LEU F 238 51.37 -1.37 -2.13
N LYS F 239 51.93 -0.34 -2.78
CA LYS F 239 51.27 0.96 -2.81
C LYS F 239 49.88 0.87 -3.44
N GLN F 240 49.67 -0.07 -4.38
CA GLN F 240 48.34 -0.33 -4.90
C GLN F 240 47.52 -1.23 -3.98
N ASP F 241 48.16 -1.93 -3.05
CA ASP F 241 47.41 -2.74 -2.10
C ASP F 241 46.74 -1.87 -1.05
N ALA F 242 47.44 -0.84 -0.58
CA ALA F 242 46.84 0.08 0.39
C ALA F 242 45.64 0.80 -0.22
N ILE F 243 45.66 1.07 -1.52
CA ILE F 243 44.51 1.64 -2.19
C ILE F 243 43.34 0.65 -2.21
N ASP F 244 43.63 -0.61 -2.53
CA ASP F 244 42.57 -1.63 -2.46
C ASP F 244 42.11 -1.83 -1.03
N ALA F 245 43.02 -1.72 -0.06
CA ALA F 245 42.63 -1.84 1.35
C ALA F 245 41.75 -0.68 1.78
N VAL F 246 42.00 0.52 1.26
CA VAL F 246 41.18 1.67 1.59
C VAL F 246 39.82 1.59 0.90
N GLU F 247 39.82 1.32 -0.40
CA GLU F 247 38.58 1.32 -1.16
C GLU F 247 37.66 0.18 -0.70
N GLN F 248 38.21 -1.02 -0.57
CA GLN F 248 37.37 -2.16 -0.22
C GLN F 248 37.10 -2.24 1.28
N HIS F 249 38.15 -2.17 2.09
CA HIS F 249 38.04 -2.44 3.53
C HIS F 249 38.01 -1.19 4.39
N GLY F 250 38.13 0.00 3.80
CA GLY F 250 38.39 1.18 4.61
C GLY F 250 37.27 1.48 5.59
N ILE F 251 37.65 2.06 6.72
CA ILE F 251 36.73 2.43 7.78
C ILE F 251 37.15 3.79 8.31
N VAL F 252 36.16 4.64 8.61
CA VAL F 252 36.41 5.98 9.13
C VAL F 252 35.44 6.23 10.28
N PHE F 253 35.95 6.74 11.38
CA PHE F 253 35.15 7.09 12.55
C PHE F 253 35.15 8.60 12.69
N ILE F 254 33.98 9.21 12.61
CA ILE F 254 33.81 10.65 12.72
C ILE F 254 33.23 10.91 14.10
N ASP F 255 34.06 11.40 15.00
CA ASP F 255 33.62 11.67 16.36
C ASP F 255 32.79 12.94 16.41
N GLU F 256 31.94 13.02 17.44
CA GLU F 256 31.19 14.24 17.79
C GLU F 256 30.51 14.88 16.58
N ILE F 257 29.85 14.05 15.78
CA ILE F 257 29.12 14.57 14.63
C ILE F 257 27.94 15.44 15.08
N ASP F 258 27.45 15.24 16.30
CA ASP F 258 26.29 16.00 16.77
C ASP F 258 26.60 17.48 16.91
N LYS F 259 27.87 17.85 17.07
CA LYS F 259 28.21 19.24 17.30
C LYS F 259 28.18 20.09 16.03
N ILE F 260 28.08 19.46 14.85
CA ILE F 260 27.96 20.21 13.60
C ILE F 260 26.52 20.40 13.16
N CYS F 261 25.55 19.98 13.97
CA CYS F 261 24.15 20.20 13.66
C CYS F 261 23.76 21.65 13.93
N SER F 267 22.46 31.35 13.73
CA SER F 267 22.43 31.46 12.26
C SER F 267 23.84 31.45 11.68
N GLY F 268 24.75 32.16 12.35
CA GLY F 268 26.12 32.26 11.90
C GLY F 268 26.89 30.96 11.94
N PRO F 269 26.95 30.32 13.11
CA PRO F 269 27.57 28.98 13.16
C PRO F 269 26.80 27.93 12.40
N ASP F 270 25.47 28.06 12.31
CA ASP F 270 24.67 27.06 11.62
C ASP F 270 25.08 26.92 10.15
N VAL F 271 25.55 28.01 9.54
CA VAL F 271 26.05 27.92 8.16
C VAL F 271 27.39 27.19 8.12
N SER F 272 28.32 27.56 9.00
CA SER F 272 29.60 26.87 9.07
C SER F 272 29.45 25.44 9.58
N ARG F 273 28.50 25.20 10.49
CA ARG F 273 28.27 23.86 10.99
C ARG F 273 27.70 22.97 9.88
N GLU F 274 26.60 23.42 9.26
CA GLU F 274 26.01 22.68 8.15
C GLU F 274 26.89 22.71 6.91
N GLY F 275 27.80 23.68 6.80
CA GLY F 275 28.73 23.68 5.68
C GLY F 275 29.67 22.50 5.73
N VAL F 276 30.07 22.09 6.93
CA VAL F 276 30.92 20.90 7.07
C VAL F 276 30.18 19.64 6.64
N GLN F 277 28.87 19.58 6.89
CA GLN F 277 28.09 18.40 6.49
C GLN F 277 28.08 18.28 4.97
N ARG F 278 27.87 19.39 4.27
CA ARG F 278 27.89 19.37 2.82
C ARG F 278 29.27 19.01 2.29
N ASP F 279 30.33 19.44 2.97
CA ASP F 279 31.69 19.04 2.58
C ASP F 279 31.91 17.55 2.78
N LEU F 280 31.33 16.98 3.84
CA LEU F 280 31.42 15.54 4.07
C LEU F 280 30.55 14.75 3.11
N LEU F 281 29.51 15.38 2.54
CA LEU F 281 28.53 14.65 1.75
C LEU F 281 29.13 13.86 0.58
N PRO F 282 30.02 14.42 -0.25
CA PRO F 282 30.55 13.62 -1.37
C PRO F 282 31.26 12.34 -0.93
N LEU F 283 31.89 12.35 0.25
CA LEU F 283 32.63 11.17 0.67
C LEU F 283 31.68 9.99 0.90
N VAL F 284 30.50 10.26 1.44
CA VAL F 284 29.54 9.18 1.71
C VAL F 284 28.71 8.83 0.49
N GLU F 285 28.29 9.83 -0.29
CA GLU F 285 27.57 9.58 -1.52
C GLU F 285 28.47 8.95 -2.58
N GLY F 286 29.78 9.01 -2.38
CA GLY F 286 30.76 8.49 -3.30
C GLY F 286 31.37 9.61 -4.12
N CYS F 287 32.67 9.49 -4.36
CA CYS F 287 33.44 10.50 -5.07
C CYS F 287 34.83 9.92 -5.31
N THR F 288 35.72 10.73 -5.86
CA THR F 288 37.11 10.32 -6.08
C THR F 288 38.02 11.43 -5.54
N VAL F 289 39.01 11.03 -4.74
CA VAL F 289 39.95 11.97 -4.14
C VAL F 289 41.35 11.62 -4.63
N SER F 290 42.13 12.65 -4.93
CA SER F 290 43.50 12.47 -5.40
C SER F 290 44.44 12.46 -4.21
N THR F 291 45.39 11.52 -4.24
CA THR F 291 46.43 11.41 -3.23
C THR F 291 47.75 11.12 -3.93
N LYS F 292 48.85 11.47 -3.26
CA LYS F 292 50.17 11.18 -3.81
C LYS F 292 50.38 9.68 -4.00
N HIS F 293 49.78 8.86 -3.14
CA HIS F 293 49.88 7.42 -3.27
C HIS F 293 49.03 6.88 -4.43
N GLY F 294 48.01 7.60 -4.85
CA GLY F 294 47.17 7.16 -5.94
C GLY F 294 45.83 7.87 -5.91
N MET F 295 44.91 7.35 -6.72
CA MET F 295 43.57 7.92 -6.87
C MET F 295 42.60 6.95 -6.21
N VAL F 296 41.93 7.40 -5.14
CA VAL F 296 41.07 6.56 -4.33
C VAL F 296 39.61 6.92 -4.57
N LYS F 297 38.74 5.91 -4.51
CA LYS F 297 37.30 6.10 -4.59
C LYS F 297 36.65 5.73 -3.28
N THR F 298 35.70 6.56 -2.84
CA THR F 298 35.08 6.47 -1.52
C THR F 298 33.76 5.71 -1.52
N ASP F 299 33.35 5.13 -2.64
CA ASP F 299 32.00 4.61 -2.74
C ASP F 299 31.73 3.49 -1.72
N HIS F 300 32.69 2.59 -1.55
CA HIS F 300 32.49 1.40 -0.72
C HIS F 300 33.09 1.51 0.67
N ILE F 301 33.66 2.65 1.03
CA ILE F 301 34.19 2.84 2.37
C ILE F 301 33.06 2.85 3.39
N LEU F 302 33.30 2.21 4.53
CA LEU F 302 32.36 2.25 5.65
C LEU F 302 32.69 3.39 6.60
N PHE F 303 31.65 4.01 7.14
CA PHE F 303 31.82 5.14 8.03
C PHE F 303 31.01 4.92 9.30
N ILE F 304 31.52 5.46 10.39
CA ILE F 304 30.87 5.40 11.69
C ILE F 304 30.91 6.80 12.28
N ALA F 305 29.74 7.41 12.43
CA ALA F 305 29.61 8.69 13.10
C ALA F 305 29.09 8.49 14.53
N SER F 306 29.55 9.36 15.44
CA SER F 306 29.16 9.25 16.84
C SER F 306 28.93 10.64 17.41
N GLY F 307 28.00 10.71 18.35
CA GLY F 307 27.72 11.95 19.05
C GLY F 307 26.81 11.74 20.24
N ALA F 308 26.91 12.63 21.24
CA ALA F 308 26.01 12.53 22.38
C ALA F 308 24.57 12.88 22.00
N PHE F 309 24.39 13.82 21.08
CA PHE F 309 23.08 14.26 20.61
C PHE F 309 22.17 14.69 21.76
N GLN F 310 22.77 15.30 22.80
CA GLN F 310 21.96 15.91 23.85
C GLN F 310 21.52 17.32 23.48
N ILE F 311 22.38 18.08 22.80
CA ILE F 311 21.99 19.41 22.34
C ILE F 311 21.13 19.32 21.10
N ALA F 312 21.47 18.42 20.18
CA ALA F 312 20.79 18.28 18.91
C ALA F 312 20.37 16.82 18.73
N LYS F 313 19.74 16.52 17.61
CA LYS F 313 19.25 15.20 17.28
C LYS F 313 19.66 14.84 15.88
N PRO F 314 19.72 13.55 15.53
CA PRO F 314 20.07 13.17 14.16
C PRO F 314 19.16 13.79 13.10
N SER F 315 17.90 14.08 13.44
CA SER F 315 17.00 14.76 12.50
C SER F 315 17.51 16.13 12.10
N ASP F 316 18.31 16.77 12.96
CA ASP F 316 18.89 18.07 12.63
C ASP F 316 19.97 17.99 11.56
N LEU F 317 20.47 16.80 11.26
CA LEU F 317 21.43 16.64 10.17
C LEU F 317 20.75 16.92 8.84
N ILE F 318 21.55 17.31 7.86
CA ILE F 318 21.03 17.64 6.54
C ILE F 318 20.38 16.38 5.95
N PRO F 319 19.30 16.52 5.18
CA PRO F 319 18.59 15.32 4.72
C PRO F 319 19.44 14.37 3.89
N GLU F 320 20.36 14.88 3.08
CA GLU F 320 21.23 14.01 2.30
C GLU F 320 22.15 13.19 3.20
N LEU F 321 22.47 13.70 4.39
CA LEU F 321 23.31 12.97 5.33
C LEU F 321 22.51 11.96 6.12
N GLN F 322 21.26 12.27 6.43
CA GLN F 322 20.43 11.34 7.19
C GLN F 322 20.18 10.06 6.41
N GLY F 323 20.07 10.14 5.09
CA GLY F 323 19.85 8.97 4.27
C GLY F 323 21.08 8.16 3.97
N ARG F 324 22.25 8.70 4.26
CA ARG F 324 23.50 7.97 4.10
C ARG F 324 23.94 7.27 5.38
N LEU F 325 23.10 7.27 6.41
CA LEU F 325 23.39 6.59 7.68
C LEU F 325 22.22 5.64 7.99
N PRO F 326 22.10 4.55 7.22
CA PRO F 326 20.93 3.66 7.38
C PRO F 326 20.78 3.03 8.74
N ILE F 327 21.89 2.70 9.42
CA ILE F 327 21.85 1.98 10.68
C ILE F 327 22.05 2.97 11.82
N ARG F 328 21.15 2.92 12.81
CA ARG F 328 21.21 3.78 13.99
C ARG F 328 21.25 2.89 15.23
N VAL F 329 22.04 3.29 16.22
CA VAL F 329 22.14 2.55 17.47
C VAL F 329 22.49 3.51 18.60
N GLU F 330 21.89 3.29 19.77
CA GLU F 330 22.20 4.04 20.98
C GLU F 330 22.98 3.15 21.94
N LEU F 331 24.05 3.70 22.51
CA LEU F 331 24.89 2.97 23.46
C LEU F 331 24.52 3.36 24.88
N GLN F 332 24.36 2.36 25.73
CA GLN F 332 23.91 2.58 27.10
C GLN F 332 25.05 3.06 27.99
N ALA F 333 24.69 3.81 29.04
CA ALA F 333 25.66 4.24 30.03
C ALA F 333 26.12 3.08 30.89
N LEU F 334 27.41 3.09 31.23
CA LEU F 334 28.01 2.03 32.04
C LEU F 334 27.67 2.21 33.52
N THR F 335 27.39 1.09 34.21
CA THR F 335 27.09 1.12 35.64
C THR F 335 28.33 0.80 36.48
N THR F 336 28.18 0.85 37.80
CA THR F 336 29.28 0.50 38.69
C THR F 336 29.72 -0.94 38.50
N SER F 337 28.75 -1.84 38.27
CA SER F 337 29.07 -3.24 38.03
C SER F 337 29.85 -3.38 36.73
N ASP F 338 29.52 -2.57 35.73
CA ASP F 338 30.25 -2.60 34.47
C ASP F 338 31.67 -2.09 34.64
N PHE F 339 31.89 -1.10 35.53
CA PHE F 339 33.23 -0.63 35.80
C PHE F 339 34.10 -1.74 36.35
N GLU F 340 33.55 -2.56 37.26
CA GLU F 340 34.31 -3.68 37.80
C GLU F 340 34.66 -4.67 36.70
N ARG F 341 33.75 -4.86 35.74
CA ARG F 341 34.05 -5.77 34.63
C ARG F 341 35.11 -5.18 33.72
N ILE F 342 35.01 -3.89 33.41
CA ILE F 342 35.97 -3.25 32.51
C ILE F 342 37.37 -3.31 33.09
N LEU F 343 37.50 -3.29 34.41
CA LEU F 343 38.82 -3.32 35.03
C LEU F 343 39.53 -4.65 34.81
N THR F 344 38.78 -5.73 34.62
CA THR F 344 39.37 -7.07 34.66
C THR F 344 39.05 -7.86 33.40
N GLU F 345 37.76 -8.07 33.14
CA GLU F 345 37.32 -8.97 32.08
C GLU F 345 37.94 -8.72 30.71
N PRO F 346 38.02 -7.49 30.20
CA PRO F 346 38.54 -7.30 28.85
C PRO F 346 39.97 -7.79 28.72
N ASN F 347 40.29 -8.33 27.55
CA ASN F 347 41.66 -8.73 27.25
C ASN F 347 42.58 -7.51 27.32
N ALA F 348 43.72 -7.67 27.98
CA ALA F 348 44.66 -6.58 28.21
C ALA F 348 44.00 -5.40 28.94
N SER F 349 43.21 -5.71 29.97
CA SER F 349 42.56 -4.67 30.76
C SER F 349 43.59 -3.86 31.53
N ILE F 350 43.20 -2.64 31.90
CA ILE F 350 44.15 -1.70 32.52
C ILE F 350 44.73 -2.29 33.80
N THR F 351 43.96 -3.10 34.53
CA THR F 351 44.52 -3.80 35.67
C THR F 351 45.55 -4.84 35.23
N VAL F 352 45.26 -5.57 34.15
CA VAL F 352 46.24 -6.51 33.61
C VAL F 352 47.47 -5.76 33.10
N GLN F 353 47.27 -4.56 32.54
CA GLN F 353 48.40 -3.78 32.06
C GLN F 353 49.30 -3.35 33.21
N TYR F 354 48.71 -2.87 34.30
CA TYR F 354 49.51 -2.47 35.45
C TYR F 354 50.22 -3.65 36.10
N LYS F 355 49.60 -4.83 36.06
CA LYS F 355 50.22 -6.01 36.67
C LYS F 355 51.48 -6.40 35.92
N ALA F 356 51.39 -6.48 34.59
CA ALA F 356 52.56 -6.81 33.79
C ALA F 356 53.61 -5.71 33.83
N LEU F 357 53.18 -4.45 33.96
CA LEU F 357 54.15 -3.36 34.08
C LEU F 357 54.98 -3.48 35.34
N MET F 358 54.32 -3.72 36.47
CA MET F 358 55.06 -3.95 37.71
C MET F 358 55.81 -5.28 37.68
N ALA F 359 55.32 -6.26 36.92
CA ALA F 359 56.08 -7.50 36.76
C ALA F 359 57.42 -7.24 36.10
N THR F 360 57.50 -6.19 35.28
CA THR F 360 58.77 -5.82 34.65
C THR F 360 59.82 -5.46 35.69
N GLU F 361 59.40 -4.85 36.80
CA GLU F 361 60.31 -4.47 37.86
C GLU F 361 60.58 -5.62 38.84
N GLY F 362 60.02 -6.80 38.62
CA GLY F 362 60.15 -7.90 39.55
C GLY F 362 59.10 -7.94 40.63
N VAL F 363 58.08 -7.08 40.54
CA VAL F 363 57.02 -6.99 41.54
C VAL F 363 55.78 -7.71 41.03
N ASN F 364 55.03 -8.31 41.94
CA ASN F 364 53.81 -9.04 41.61
C ASN F 364 52.63 -8.31 42.23
N ILE F 365 51.79 -7.71 41.37
CA ILE F 365 50.58 -7.02 41.80
C ILE F 365 49.42 -8.00 41.78
N GLU F 366 48.53 -7.88 42.76
CA GLU F 366 47.31 -8.67 42.81
C GLU F 366 46.21 -7.80 43.41
N PHE F 367 45.06 -7.77 42.74
CA PHE F 367 43.92 -6.97 43.18
C PHE F 367 42.85 -7.89 43.77
N THR F 368 42.38 -7.57 44.96
CA THR F 368 41.28 -8.28 45.57
C THR F 368 39.97 -7.88 44.90
N ASP F 369 38.98 -8.77 44.96
CA ASP F 369 37.67 -8.46 44.39
C ASP F 369 37.07 -7.24 45.07
N SER F 370 37.21 -7.13 46.39
CA SER F 370 36.75 -5.94 47.09
C SER F 370 37.59 -4.71 46.75
N GLY F 371 38.88 -4.91 46.44
CA GLY F 371 39.71 -3.79 46.04
C GLY F 371 39.33 -3.26 44.68
N ILE F 372 39.00 -4.16 43.75
CA ILE F 372 38.46 -3.74 42.46
C ILE F 372 37.09 -3.09 42.66
N LYS F 373 36.29 -3.62 43.58
CA LYS F 373 34.96 -3.09 43.81
C LYS F 373 35.01 -1.66 44.34
N ARG F 374 36.01 -1.35 45.16
CA ARG F 374 36.12 0.00 45.71
C ARG F 374 36.78 0.97 44.74
N ILE F 375 37.47 0.46 43.72
CA ILE F 375 37.97 1.33 42.67
C ILE F 375 36.83 1.78 41.76
N ALA F 376 35.96 0.84 41.37
CA ALA F 376 34.81 1.19 40.56
C ALA F 376 33.87 2.15 41.30
N GLU F 377 33.70 1.93 42.61
CA GLU F 377 32.90 2.85 43.41
C GLU F 377 33.55 4.22 43.50
N ALA F 378 34.88 4.28 43.49
CA ALA F 378 35.57 5.56 43.56
C ALA F 378 35.37 6.35 42.27
N ALA F 379 35.52 5.69 41.11
CA ALA F 379 35.31 6.36 39.84
C ALA F 379 33.86 6.80 39.66
N TRP F 380 32.91 6.03 40.17
CA TRP F 380 31.51 6.41 40.05
C TRP F 380 31.20 7.65 40.88
N GLN F 381 31.76 7.73 42.09
CA GLN F 381 31.46 8.86 42.96
C GLN F 381 31.99 10.16 42.36
N VAL F 382 33.14 10.11 41.69
CA VAL F 382 33.68 11.32 41.08
C VAL F 382 32.81 11.75 39.91
N ASN F 383 32.34 10.80 39.10
CA ASN F 383 31.45 11.13 38.00
C ASN F 383 30.14 11.73 38.49
N GLU F 384 29.64 11.27 39.64
CA GLU F 384 28.42 11.85 40.21
C GLU F 384 28.70 13.13 40.97
N SER F 385 29.81 13.19 41.72
CA SER F 385 30.09 14.37 42.52
C SER F 385 30.42 15.59 41.68
N THR F 386 31.07 15.41 40.52
CA THR F 386 31.47 16.57 39.72
C THR F 386 30.93 16.50 38.29
N GLU F 387 31.60 15.73 37.43
CA GLU F 387 31.24 15.61 36.02
C GLU F 387 31.41 14.17 35.58
N ASN F 388 30.46 13.67 34.78
CA ASN F 388 30.45 12.28 34.37
C ASN F 388 31.21 12.17 33.05
N ILE F 389 32.40 11.58 33.10
CA ILE F 389 33.23 11.35 31.92
C ILE F 389 33.14 9.91 31.42
N GLY F 390 32.30 9.10 32.03
CA GLY F 390 32.22 7.70 31.65
C GLY F 390 33.38 6.88 32.19
N ALA F 391 33.65 5.78 31.49
CA ALA F 391 34.69 4.85 31.93
C ALA F 391 36.08 5.46 31.96
N ARG F 392 36.28 6.63 31.34
CA ARG F 392 37.59 7.28 31.41
C ARG F 392 38.02 7.59 32.83
N ARG F 393 37.07 7.75 33.74
CA ARG F 393 37.42 8.03 35.13
C ARG F 393 38.25 6.90 35.74
N LEU F 394 38.05 5.66 35.25
CA LEU F 394 38.79 4.52 35.78
C LEU F 394 40.29 4.68 35.59
N HIS F 395 40.72 5.31 34.48
CA HIS F 395 42.15 5.48 34.24
C HIS F 395 42.76 6.47 35.23
N THR F 396 42.08 7.59 35.46
CA THR F 396 42.62 8.61 36.34
C THR F 396 42.68 8.11 37.78
N VAL F 397 41.68 7.34 38.20
CA VAL F 397 41.65 6.85 39.57
C VAL F 397 42.72 5.79 39.80
N LEU F 398 42.91 4.90 38.82
CA LEU F 398 43.86 3.79 38.98
C LEU F 398 45.28 4.30 39.08
N GLU F 399 45.66 5.24 38.20
CA GLU F 399 47.03 5.76 38.25
C GLU F 399 47.29 6.50 39.54
N ARG F 400 46.27 7.20 40.06
CA ARG F 400 46.40 7.88 41.34
C ARG F 400 46.60 6.90 42.48
N LEU F 401 45.95 5.73 42.41
CA LEU F 401 46.13 4.71 43.44
C LEU F 401 47.50 4.06 43.36
N MET F 402 47.96 3.79 42.15
CA MET F 402 49.19 3.03 41.92
C MET F 402 50.44 3.91 41.81
N GLU F 403 50.30 5.23 41.93
CA GLU F 403 51.45 6.10 41.73
C GLU F 403 52.55 5.84 42.73
N GLU F 404 52.21 5.44 43.95
CA GLU F 404 53.23 5.16 44.96
C GLU F 404 53.95 3.85 44.66
N ILE F 405 53.21 2.83 44.23
CA ILE F 405 53.85 1.56 43.85
C ILE F 405 54.65 1.74 42.57
N SER F 406 54.10 2.45 41.60
CA SER F 406 54.78 2.66 40.32
C SER F 406 56.07 3.43 40.54
N TYR F 407 56.13 4.26 41.58
CA TYR F 407 57.35 5.01 41.86
C TYR F 407 58.40 4.11 42.50
N ASP F 408 58.00 3.26 43.44
CA ASP F 408 58.92 2.43 44.22
C ASP F 408 59.19 1.07 43.61
N ALA F 409 58.58 0.74 42.46
CA ALA F 409 58.63 -0.61 41.92
C ALA F 409 60.05 -1.10 41.70
N SER F 410 61.00 -0.19 41.46
CA SER F 410 62.39 -0.60 41.28
C SER F 410 62.94 -1.20 42.56
N ASP F 411 62.72 -0.54 43.70
CA ASP F 411 63.23 -1.02 44.98
C ASP F 411 62.42 -2.18 45.53
N LEU F 412 61.21 -2.40 45.02
CA LEU F 412 60.31 -3.44 45.48
C LEU F 412 60.47 -4.76 44.73
N SER F 413 61.51 -4.88 43.90
CA SER F 413 61.70 -6.08 43.09
C SER F 413 61.78 -7.34 43.95
N GLY F 414 61.14 -8.41 43.46
CA GLY F 414 61.07 -9.68 44.19
C GLY F 414 60.01 -9.74 45.26
N GLN F 415 59.12 -8.75 45.31
CA GLN F 415 58.13 -8.68 46.35
C GLN F 415 56.76 -8.87 45.71
N ASN F 416 55.80 -9.31 46.51
CA ASN F 416 54.41 -9.53 46.09
C ASN F 416 53.51 -8.50 46.75
N ILE F 417 52.92 -7.62 45.94
CA ILE F 417 52.01 -6.56 46.41
C ILE F 417 50.58 -7.08 46.27
N THR F 418 49.71 -6.71 47.22
CA THR F 418 48.28 -7.01 47.14
C THR F 418 47.52 -5.70 47.31
N ILE F 419 46.68 -5.35 46.34
CA ILE F 419 45.83 -4.18 46.43
C ILE F 419 44.51 -4.64 47.03
N ASP F 420 44.26 -4.24 48.27
CA ASP F 420 43.07 -4.65 49.00
C ASP F 420 42.14 -3.47 49.23
N ALA F 421 40.98 -3.76 49.84
CA ALA F 421 40.01 -2.71 50.10
C ALA F 421 40.60 -1.65 51.03
N ASP F 422 41.40 -2.09 52.02
CA ASP F 422 42.03 -1.14 52.92
C ASP F 422 43.05 -0.26 52.21
N TYR F 423 43.76 -0.81 51.20
CA TYR F 423 44.73 -0.03 50.46
C TYR F 423 44.03 1.00 49.55
N VAL F 424 42.91 0.61 48.94
CA VAL F 424 42.19 1.52 48.06
C VAL F 424 41.65 2.71 48.84
N SER F 425 41.02 2.44 49.99
CA SER F 425 40.47 3.52 50.81
C SER F 425 41.56 4.42 51.37
N LYS F 426 42.77 3.88 51.58
CA LYS F 426 43.85 4.68 52.17
C LYS F 426 44.32 5.76 51.22
N HIS F 427 44.50 5.43 49.94
CA HIS F 427 45.05 6.36 48.97
C HIS F 427 44.00 7.20 48.25
N LEU F 428 42.72 6.88 48.43
CA LEU F 428 41.66 7.47 47.62
C LEU F 428 40.66 8.25 48.46
N ASP F 429 39.97 7.60 49.41
CA ASP F 429 38.83 8.20 50.10
C ASP F 429 39.11 9.62 50.58
N ALA F 430 40.36 9.91 50.95
CA ALA F 430 40.71 11.29 51.32
C ALA F 430 40.58 12.22 50.12
N LEU F 431 40.89 11.74 48.91
CA LEU F 431 40.77 12.56 47.72
C LEU F 431 39.33 12.62 47.22
N VAL F 432 38.62 11.49 47.25
CA VAL F 432 37.24 11.46 46.78
C VAL F 432 36.34 12.28 47.70
N ALA F 433 36.71 12.38 48.98
CA ALA F 433 35.96 13.21 49.92
C ALA F 433 35.87 14.64 49.42
N ASP F 434 37.01 15.28 49.20
CA ASP F 434 37.05 16.69 48.84
C ASP F 434 36.73 16.79 47.36
N GLU F 435 35.60 17.42 47.04
CA GLU F 435 35.22 17.58 45.64
C GLU F 435 36.01 18.70 44.99
N ASP F 436 36.50 19.66 45.81
CA ASP F 436 37.32 20.73 45.28
C ASP F 436 38.64 20.20 44.75
N LEU F 437 39.17 19.14 45.36
CA LEU F 437 40.43 18.55 44.93
C LEU F 437 40.21 17.56 43.78
N SER G 1 -24.68 6.39 11.48
CA SER G 1 -23.56 6.89 12.26
C SER G 1 -22.64 7.76 11.41
N GLU G 2 -22.05 8.77 12.03
CA GLU G 2 -21.21 9.74 11.35
C GLU G 2 -19.72 9.40 11.42
N MET G 3 -19.37 8.24 11.96
CA MET G 3 -17.98 7.85 12.11
C MET G 3 -17.23 7.92 10.78
N THR G 4 -16.02 8.45 10.83
CA THR G 4 -15.14 8.51 9.68
C THR G 4 -14.48 7.14 9.46
N PRO G 5 -13.98 6.88 8.25
CA PRO G 5 -13.45 5.53 7.96
C PRO G 5 -12.34 5.08 8.91
N ARG G 6 -11.48 5.99 9.35
CA ARG G 6 -10.44 5.60 10.31
C ARG G 6 -11.04 5.25 11.67
N GLU G 7 -12.11 5.95 12.07
CA GLU G 7 -12.78 5.61 13.32
C GLU G 7 -13.44 4.24 13.23
N ILE G 8 -13.85 3.82 12.03
CA ILE G 8 -14.42 2.49 11.86
C ILE G 8 -13.36 1.42 11.98
N VAL G 9 -12.21 1.63 11.32
CA VAL G 9 -11.13 0.65 11.40
C VAL G 9 -10.62 0.52 12.82
N SER G 10 -10.49 1.65 13.52
CA SER G 10 -9.98 1.61 14.90
C SER G 10 -10.92 0.84 15.80
N GLU G 11 -12.23 0.93 15.56
CA GLU G 11 -13.19 0.15 16.33
C GLU G 11 -13.11 -1.33 15.96
N LEU G 12 -12.91 -1.63 14.68
CA LEU G 12 -12.77 -3.03 14.26
C LEU G 12 -11.50 -3.66 14.80
N ASP G 13 -10.44 -2.86 15.01
CA ASP G 13 -9.21 -3.38 15.60
C ASP G 13 -9.40 -3.88 17.02
N LYS G 14 -10.42 -3.37 17.72
CA LYS G 14 -10.72 -3.86 19.08
C LYS G 14 -11.21 -5.30 19.07
N HIS G 15 -11.72 -5.78 17.94
CA HIS G 15 -12.20 -7.15 17.81
C HIS G 15 -11.36 -7.96 16.81
N ILE G 16 -11.34 -7.58 15.53
CA ILE G 16 -10.56 -8.30 14.53
C ILE G 16 -9.09 -7.92 14.66
N ILE G 17 -8.21 -8.87 14.40
CA ILE G 17 -6.77 -8.65 14.40
C ILE G 17 -6.27 -8.68 12.95
N GLY G 18 -5.54 -7.64 12.56
CA GLY G 18 -5.01 -7.60 11.21
C GLY G 18 -6.12 -7.41 10.18
N GLN G 19 -5.84 -7.87 8.96
CA GLN G 19 -6.79 -7.77 7.85
C GLN G 19 -7.24 -6.33 7.63
N ASP G 20 -6.29 -5.39 7.75
CA ASP G 20 -6.64 -3.98 7.71
C ASP G 20 -7.27 -3.59 6.38
N ASN G 21 -6.85 -4.21 5.27
CA ASN G 21 -7.42 -3.88 3.98
C ASN G 21 -8.91 -4.19 3.92
N ALA G 22 -9.32 -5.33 4.49
CA ALA G 22 -10.73 -5.63 4.58
C ALA G 22 -11.46 -4.64 5.50
N LYS G 23 -10.78 -4.17 6.56
CA LYS G 23 -11.36 -3.14 7.42
C LYS G 23 -11.50 -1.82 6.68
N ARG G 24 -10.48 -1.44 5.91
CA ARG G 24 -10.57 -0.19 5.16
C ARG G 24 -11.66 -0.27 4.09
N SER G 25 -11.85 -1.44 3.49
CA SER G 25 -12.83 -1.56 2.41
C SER G 25 -14.26 -1.48 2.94
N VAL G 26 -14.54 -2.15 4.06
CA VAL G 26 -15.87 -2.07 4.64
C VAL G 26 -16.15 -0.67 5.19
N ALA G 27 -15.11 0.02 5.66
CA ALA G 27 -15.29 1.37 6.18
C ALA G 27 -15.71 2.34 5.08
N ILE G 28 -15.19 2.15 3.87
CA ILE G 28 -15.58 3.01 2.75
C ILE G 28 -17.06 2.81 2.42
N ALA G 29 -17.56 1.59 2.54
CA ALA G 29 -18.95 1.32 2.22
C ALA G 29 -19.88 1.95 3.24
N LEU G 30 -19.55 1.82 4.52
CA LEU G 30 -20.39 2.41 5.56
C LEU G 30 -20.34 3.94 5.52
N ARG G 31 -19.20 4.51 5.13
CA ARG G 31 -19.10 5.97 5.05
C ARG G 31 -19.90 6.53 3.88
N ASN G 32 -19.98 5.79 2.77
CA ASN G 32 -20.77 6.25 1.63
C ASN G 32 -22.25 6.33 1.99
N ARG G 33 -22.70 5.55 2.97
CA ARG G 33 -24.06 5.67 3.46
C ARG G 33 -24.31 7.07 4.00
N TRP G 34 -23.45 7.53 4.91
CA TRP G 34 -23.58 8.88 5.44
C TRP G 34 -23.31 9.93 4.37
N ARG G 35 -22.41 9.63 3.43
CA ARG G 35 -22.15 10.57 2.35
C ARG G 35 -23.35 10.73 1.44
N ARG G 36 -24.14 9.67 1.29
CA ARG G 36 -25.29 9.74 0.39
C ARG G 36 -26.39 10.62 0.97
N MET G 37 -26.66 10.50 2.28
CA MET G 37 -27.76 11.25 2.89
C MET G 37 -27.56 12.76 2.78
N GLN G 38 -26.31 13.21 2.74
CA GLN G 38 -26.00 14.62 2.59
C GLN G 38 -26.24 15.15 1.18
N LEU G 39 -26.47 14.26 0.21
CA LEU G 39 -26.67 14.65 -1.17
C LEU G 39 -28.11 15.08 -1.44
N ASN G 40 -28.35 15.55 -2.65
CA ASN G 40 -29.65 16.05 -3.08
C ASN G 40 -30.60 14.90 -3.46
N GLU G 41 -31.82 15.27 -3.83
CA GLU G 41 -32.85 14.26 -4.09
C GLU G 41 -32.47 13.36 -5.27
N GLU G 42 -31.81 13.92 -6.28
CA GLU G 42 -31.48 13.15 -7.48
C GLU G 42 -30.34 12.17 -7.23
N LEU G 43 -29.25 12.65 -6.65
CA LEU G 43 -28.06 11.82 -6.48
C LEU G 43 -28.29 10.68 -5.50
N ARG G 44 -29.16 10.88 -4.51
CA ARG G 44 -29.43 9.82 -3.53
C ARG G 44 -30.04 8.59 -4.18
N HIS G 45 -30.78 8.76 -5.27
CA HIS G 45 -31.31 7.63 -6.01
C HIS G 45 -30.27 6.99 -6.92
N GLU G 46 -29.49 7.82 -7.62
CA GLU G 46 -28.52 7.29 -8.59
C GLU G 46 -27.39 6.54 -7.90
N VAL G 47 -26.90 7.06 -6.77
CA VAL G 47 -25.84 6.37 -6.05
C VAL G 47 -26.40 5.10 -5.44
N THR G 48 -25.62 4.03 -5.50
CA THR G 48 -25.99 2.73 -4.99
C THR G 48 -24.84 2.21 -4.15
N PRO G 49 -25.12 1.32 -3.20
CA PRO G 49 -24.07 0.88 -2.28
C PRO G 49 -22.92 0.23 -3.02
N LYS G 50 -21.72 0.42 -2.50
CA LYS G 50 -20.54 -0.19 -3.09
C LYS G 50 -20.39 -1.54 -2.40
N ASN G 51 -20.75 -2.59 -3.13
CA ASN G 51 -20.70 -3.93 -2.55
C ASN G 51 -19.27 -4.45 -2.55
N ILE G 52 -18.98 -5.31 -1.59
CA ILE G 52 -17.63 -5.81 -1.36
C ILE G 52 -17.63 -7.31 -1.57
N LEU G 53 -16.52 -7.82 -2.13
CA LEU G 53 -16.30 -9.25 -2.28
C LEU G 53 -15.05 -9.62 -1.49
N MET G 54 -15.24 -10.30 -0.37
CA MET G 54 -14.11 -10.78 0.41
C MET G 54 -13.56 -12.06 -0.21
N ILE G 55 -12.24 -12.21 -0.11
CA ILE G 55 -11.54 -13.34 -0.73
C ILE G 55 -10.45 -13.79 0.24
N GLY G 56 -10.36 -15.11 0.47
CA GLY G 56 -9.34 -15.66 1.32
C GLY G 56 -9.71 -17.01 1.90
N PRO G 57 -8.76 -17.63 2.59
CA PRO G 57 -9.05 -18.92 3.22
C PRO G 57 -9.99 -18.75 4.40
N THR G 58 -10.66 -19.84 4.73
CA THR G 58 -11.68 -19.81 5.77
C THR G 58 -11.06 -19.46 7.13
N GLY G 59 -11.87 -18.80 7.96
CA GLY G 59 -11.49 -18.56 9.34
C GLY G 59 -10.56 -17.40 9.58
N VAL G 60 -10.36 -16.54 8.59
CA VAL G 60 -9.43 -15.41 8.74
C VAL G 60 -10.18 -14.15 9.18
N GLY G 61 -11.47 -14.28 9.44
CA GLY G 61 -12.26 -13.17 9.96
C GLY G 61 -13.13 -12.41 8.96
N LYS G 62 -13.36 -12.97 7.76
CA LYS G 62 -14.25 -12.32 6.80
C LYS G 62 -15.63 -12.05 7.39
N THR G 63 -16.24 -13.07 8.01
CA THR G 63 -17.57 -12.91 8.57
C THR G 63 -17.55 -11.99 9.79
N GLU G 64 -16.51 -12.09 10.61
CA GLU G 64 -16.44 -11.27 11.82
C GLU G 64 -16.41 -9.79 11.48
N ILE G 65 -15.74 -9.43 10.38
CA ILE G 65 -15.75 -8.04 9.93
C ILE G 65 -17.17 -7.60 9.58
N ALA G 66 -17.89 -8.44 8.84
CA ALA G 66 -19.27 -8.11 8.50
C ALA G 66 -20.15 -8.09 9.74
N ARG G 67 -19.90 -8.99 10.70
CA ARG G 67 -20.70 -9.03 11.91
C ARG G 67 -20.44 -7.81 12.78
N ARG G 68 -19.16 -7.52 13.06
CA ARG G 68 -18.83 -6.34 13.85
C ARG G 68 -19.19 -5.05 13.13
N LEU G 69 -19.17 -5.05 11.78
CA LEU G 69 -19.56 -3.87 11.03
C LEU G 69 -21.04 -3.56 11.23
N ALA G 70 -21.89 -4.58 11.09
CA ALA G 70 -23.31 -4.38 11.31
C ALA G 70 -23.60 -4.09 12.79
N LYS G 71 -22.91 -4.79 13.70
CA LYS G 71 -23.06 -4.50 15.12
C LYS G 71 -22.58 -3.10 15.46
N LEU G 72 -21.57 -2.59 14.75
CA LEU G 72 -21.10 -1.22 14.96
C LEU G 72 -22.13 -0.21 14.51
N ALA G 73 -22.81 -0.49 13.39
CA ALA G 73 -23.83 0.40 12.85
C ALA G 73 -25.22 0.15 13.43
N ASN G 74 -25.37 -0.86 14.29
CA ASN G 74 -26.68 -1.29 14.80
C ASN G 74 -27.63 -1.68 13.67
N ALA G 75 -27.08 -2.08 12.55
CA ALA G 75 -27.82 -2.42 11.35
C ALA G 75 -28.33 -3.86 11.41
N PRO G 76 -29.43 -4.16 10.71
CA PRO G 76 -29.83 -5.55 10.52
C PRO G 76 -28.76 -6.31 9.74
N PHE G 77 -28.59 -7.58 10.08
CA PHE G 77 -27.55 -8.39 9.48
C PHE G 77 -28.03 -9.82 9.38
N ILE G 78 -27.57 -10.51 8.33
CA ILE G 78 -27.86 -11.92 8.14
C ILE G 78 -26.72 -12.54 7.33
N LYS G 79 -26.37 -13.77 7.68
CA LYS G 79 -25.39 -14.55 6.94
C LYS G 79 -26.14 -15.68 6.23
N VAL G 80 -25.94 -15.77 4.91
CA VAL G 80 -26.63 -16.76 4.08
C VAL G 80 -25.58 -17.54 3.29
N GLU G 81 -25.70 -18.87 3.32
CA GLU G 81 -24.83 -19.72 2.54
C GLU G 81 -25.38 -19.83 1.11
N ALA G 82 -24.55 -19.45 0.14
CA ALA G 82 -25.01 -19.42 -1.25
C ALA G 82 -25.40 -20.80 -1.75
N THR G 83 -24.79 -21.86 -1.21
CA THR G 83 -25.10 -23.22 -1.65
C THR G 83 -26.46 -23.70 -1.18
N LYS G 84 -27.11 -22.99 -0.26
CA LYS G 84 -28.44 -23.40 0.21
C LYS G 84 -29.45 -23.41 -0.94
N PHE G 85 -29.26 -22.57 -1.94
CA PHE G 85 -30.21 -22.41 -3.03
C PHE G 85 -29.93 -23.33 -4.22
N THR G 86 -28.88 -24.15 -4.15
CA THR G 86 -28.60 -25.07 -5.24
C THR G 86 -29.70 -26.12 -5.40
N GLU G 87 -30.35 -26.48 -4.29
CA GLU G 87 -31.37 -27.53 -4.29
C GLU G 87 -32.75 -26.97 -4.64
N GLY G 92 -36.75 -26.60 -3.77
CA GLY G 92 -35.78 -25.82 -3.00
C GLY G 92 -36.32 -24.50 -2.51
N LYS G 93 -35.53 -23.80 -1.70
CA LYS G 93 -35.93 -22.53 -1.14
C LYS G 93 -35.79 -21.41 -2.18
N GLU G 94 -36.64 -20.39 -2.04
CA GLU G 94 -36.59 -19.23 -2.90
C GLU G 94 -35.55 -18.23 -2.40
N VAL G 95 -34.94 -17.51 -3.35
CA VAL G 95 -33.92 -16.53 -3.01
C VAL G 95 -34.49 -15.34 -2.24
N ASP G 96 -35.77 -15.05 -2.42
CA ASP G 96 -36.38 -13.91 -1.75
C ASP G 96 -36.40 -14.07 -0.23
N SER G 97 -36.22 -15.30 0.28
CA SER G 97 -36.21 -15.54 1.71
C SER G 97 -35.11 -14.76 2.43
N ILE G 98 -34.04 -14.39 1.73
CA ILE G 98 -32.96 -13.62 2.34
C ILE G 98 -33.50 -12.33 2.93
N ILE G 99 -34.26 -11.57 2.14
CA ILE G 99 -34.85 -10.33 2.63
C ILE G 99 -35.90 -10.61 3.70
N ARG G 100 -36.63 -11.71 3.56
CA ARG G 100 -37.65 -12.06 4.56
C ARG G 100 -37.00 -12.33 5.90
N ASP G 101 -35.97 -13.19 5.90
CA ASP G 101 -35.25 -13.49 7.14
C ASP G 101 -34.50 -12.28 7.66
N LEU G 102 -34.04 -11.39 6.77
CA LEU G 102 -33.37 -10.16 7.20
C LEU G 102 -34.34 -9.25 7.95
N THR G 103 -35.56 -9.11 7.44
CA THR G 103 -36.56 -8.29 8.11
C THR G 103 -36.99 -8.90 9.44
N ASP G 104 -37.03 -10.23 9.52
CA ASP G 104 -37.39 -10.89 10.77
C ASP G 104 -36.35 -10.65 11.86
N ALA G 105 -35.07 -10.58 11.48
CA ALA G 105 -34.04 -10.21 12.46
C ALA G 105 -34.13 -8.73 12.80
N ALA G 106 -34.44 -7.89 11.81
CA ALA G 106 -34.62 -6.47 12.07
C ALA G 106 -35.84 -6.20 12.95
N VAL G 107 -36.89 -7.00 12.80
CA VAL G 107 -38.07 -6.86 13.67
C VAL G 107 -37.69 -7.12 15.11
N LYS G 108 -37.05 -8.27 15.37
CA LYS G 108 -36.62 -8.59 16.73
C LYS G 108 -35.55 -7.61 17.22
N MET G 109 -34.76 -7.04 16.31
CA MET G 109 -33.75 -6.08 16.72
C MET G 109 -34.38 -4.77 17.19
N VAL G 110 -35.28 -4.20 16.38
CA VAL G 110 -35.92 -2.96 16.76
C VAL G 110 -36.88 -3.15 17.92
N ARG G 111 -37.45 -4.35 18.05
CA ARG G 111 -38.39 -4.60 19.14
C ARG G 111 -37.67 -4.63 20.49
N VAL G 112 -36.62 -5.44 20.59
CA VAL G 112 -35.87 -5.54 21.85
C VAL G 112 -35.24 -4.20 22.21
N GLN G 113 -34.79 -3.45 21.19
CA GLN G 113 -34.25 -2.12 21.45
C GLN G 113 -35.33 -1.14 21.88
N ALA G 114 -36.54 -1.28 21.33
CA ALA G 114 -37.65 -0.47 21.80
C ALA G 114 -38.01 -0.81 23.24
N ILE G 115 -37.90 -2.09 23.62
CA ILE G 115 -38.13 -2.49 25.01
C ILE G 115 -37.13 -1.81 25.94
N GLU G 116 -35.90 -1.59 25.46
CA GLU G 116 -34.89 -0.93 26.28
C GLU G 116 -35.32 0.48 26.65
N LYS G 117 -35.99 1.18 25.74
CA LYS G 117 -36.57 2.48 26.08
C LYS G 117 -37.75 2.31 27.04
N ASN G 118 -38.43 1.17 26.99
CA ASN G 118 -39.58 0.90 27.85
C ASN G 118 -39.21 0.35 29.22
N ARG G 119 -38.03 -0.27 29.37
CA ARG G 119 -37.66 -0.85 30.66
C ARG G 119 -37.59 0.21 31.75
N TYR G 120 -37.21 1.43 31.40
CA TYR G 120 -37.08 2.52 32.36
C TYR G 120 -38.44 3.18 32.66
N ARG G 121 -39.07 3.75 31.63
CA ARG G 121 -40.30 4.50 31.83
C ARG G 121 -41.40 3.65 32.45
N ALA G 122 -41.52 2.38 32.02
CA ALA G 122 -42.60 1.54 32.51
C ALA G 122 -42.51 1.28 34.01
N GLU G 123 -41.29 1.20 34.54
CA GLU G 123 -41.13 1.03 35.99
C GLU G 123 -41.65 2.24 36.76
N GLU G 124 -41.57 3.43 36.18
CA GLU G 124 -42.07 4.63 36.83
C GLU G 124 -43.60 4.67 36.78
N MET G 221 -46.76 -6.41 39.30
CA MET G 221 -45.73 -5.50 38.80
C MET G 221 -45.28 -5.91 37.40
N LYS G 222 -45.29 -7.23 37.14
CA LYS G 222 -44.86 -7.72 35.84
C LYS G 222 -45.91 -7.44 34.76
N LEU G 223 -47.19 -7.55 35.12
CA LEU G 223 -48.25 -7.31 34.13
C LEU G 223 -48.31 -5.85 33.69
N LEU G 224 -47.98 -4.92 34.59
CA LEU G 224 -48.02 -3.51 34.23
C LEU G 224 -46.89 -3.12 33.28
N ILE G 225 -45.77 -3.85 33.33
CA ILE G 225 -44.67 -3.59 32.41
C ILE G 225 -45.12 -3.83 30.97
N GLU G 226 -45.91 -4.88 30.74
CA GLU G 226 -46.43 -5.14 29.40
C GLU G 226 -47.38 -4.04 28.94
N GLU G 227 -48.41 -3.75 29.76
CA GLU G 227 -49.39 -2.75 29.37
C GLU G 227 -48.75 -1.38 29.18
N GLU G 228 -47.78 -1.04 30.02
CA GLU G 228 -47.10 0.26 29.88
C GLU G 228 -46.15 0.26 28.69
N ALA G 229 -45.35 -0.81 28.54
CA ALA G 229 -44.45 -0.89 27.38
C ALA G 229 -45.24 -0.95 26.09
N ALA G 230 -46.39 -1.64 26.10
CA ALA G 230 -47.27 -1.62 24.93
C ALA G 230 -47.86 -0.23 24.74
N LYS G 231 -48.20 0.45 25.83
CA LYS G 231 -48.69 1.81 25.73
C LYS G 231 -47.59 2.77 25.26
N LEU G 232 -46.35 2.52 25.66
CA LEU G 232 -45.24 3.38 25.25
C LEU G 232 -44.75 3.06 23.85
N VAL G 233 -44.81 1.78 23.45
CA VAL G 233 -44.28 1.40 22.15
C VAL G 233 -45.25 1.80 21.04
N ASN G 234 -44.72 2.08 19.87
CA ASN G 234 -45.54 2.50 18.73
C ASN G 234 -45.45 1.44 17.64
N PRO G 235 -46.52 0.66 17.40
CA PRO G 235 -46.36 -0.46 16.46
C PRO G 235 -46.22 -0.01 15.01
N GLU G 236 -46.92 1.04 14.60
CA GLU G 236 -46.74 1.54 13.24
C GLU G 236 -45.40 2.24 13.07
N GLU G 237 -44.84 2.79 14.15
CA GLU G 237 -43.49 3.35 14.10
C GLU G 237 -42.41 2.30 14.31
N LEU G 238 -42.77 1.10 14.76
CA LEU G 238 -41.81 0.02 15.02
C LEU G 238 -41.71 -0.95 13.85
N LYS G 239 -42.82 -1.60 13.49
CA LYS G 239 -42.80 -2.50 12.34
C LYS G 239 -42.39 -1.76 11.06
N GLN G 240 -42.71 -0.47 10.96
CA GLN G 240 -42.20 0.34 9.87
C GLN G 240 -40.76 0.79 10.11
N ASP G 241 -40.27 0.73 11.35
CA ASP G 241 -38.88 1.08 11.62
C ASP G 241 -37.94 -0.03 11.15
N ALA G 242 -38.32 -1.29 11.36
CA ALA G 242 -37.50 -2.40 10.88
C ALA G 242 -37.40 -2.38 9.35
N ILE G 243 -38.45 -1.93 8.67
CA ILE G 243 -38.37 -1.77 7.22
C ILE G 243 -37.37 -0.68 6.85
N ASP G 244 -37.43 0.46 7.53
CA ASP G 244 -36.45 1.51 7.30
C ASP G 244 -35.05 1.06 7.70
N ALA G 245 -34.94 0.26 8.75
CA ALA G 245 -33.64 -0.28 9.15
C ALA G 245 -33.09 -1.26 8.12
N VAL G 246 -33.98 -2.03 7.49
CA VAL G 246 -33.53 -2.95 6.44
C VAL G 246 -33.18 -2.19 5.17
N GLU G 247 -34.06 -1.28 4.75
CA GLU G 247 -33.85 -0.57 3.50
C GLU G 247 -32.64 0.36 3.58
N GLN G 248 -32.54 1.16 4.63
CA GLN G 248 -31.46 2.14 4.71
C GLN G 248 -30.16 1.49 5.21
N HIS G 249 -30.23 0.76 6.31
CA HIS G 249 -29.04 0.26 6.99
C HIS G 249 -28.75 -1.21 6.73
N GLY G 250 -29.58 -1.91 5.96
CA GLY G 250 -29.50 -3.36 5.91
C GLY G 250 -28.18 -3.85 5.37
N ILE G 251 -27.76 -5.02 5.86
CA ILE G 251 -26.52 -5.67 5.45
C ILE G 251 -26.78 -7.17 5.30
N VAL G 252 -26.18 -7.77 4.28
CA VAL G 252 -26.31 -9.20 4.01
C VAL G 252 -24.94 -9.75 3.66
N PHE G 253 -24.55 -10.86 4.30
CA PHE G 253 -23.29 -11.53 4.04
C PHE G 253 -23.59 -12.85 3.35
N ILE G 254 -23.06 -13.01 2.14
CA ILE G 254 -23.25 -14.22 1.36
C ILE G 254 -21.92 -14.97 1.41
N ASP G 255 -21.88 -16.04 2.21
CA ASP G 255 -20.68 -16.83 2.36
C ASP G 255 -20.49 -17.75 1.16
N GLU G 256 -19.24 -18.16 0.93
CA GLU G 256 -18.89 -19.17 -0.08
C GLU G 256 -19.55 -18.89 -1.43
N ILE G 257 -19.47 -17.63 -1.86
CA ILE G 257 -20.01 -17.28 -3.17
C ILE G 257 -19.20 -17.94 -4.28
N ASP G 258 -17.94 -18.30 -4.02
CA ASP G 258 -17.10 -18.90 -5.04
C ASP G 258 -17.62 -20.27 -5.49
N LYS G 259 -18.42 -20.93 -4.67
CA LYS G 259 -18.87 -22.29 -4.99
C LYS G 259 -20.00 -22.33 -6.01
N ILE G 260 -20.63 -21.19 -6.32
CA ILE G 260 -21.66 -21.14 -7.35
C ILE G 260 -21.12 -20.71 -8.71
N CYS G 261 -19.81 -20.53 -8.83
CA CYS G 261 -19.22 -20.21 -10.12
C CYS G 261 -19.15 -21.45 -11.00
N LYS G 262 -19.04 -21.20 -12.30
CA LYS G 262 -18.95 -22.27 -13.28
C LYS G 262 -17.61 -23.00 -13.16
N GLY G 268 -24.04 -29.51 -16.37
CA GLY G 268 -25.06 -29.84 -15.41
C GLY G 268 -25.12 -28.87 -14.24
N PRO G 269 -24.17 -29.00 -13.32
CA PRO G 269 -24.14 -28.07 -12.18
C PRO G 269 -23.95 -26.61 -12.57
N ASP G 270 -23.24 -26.35 -13.68
CA ASP G 270 -22.98 -24.98 -14.10
C ASP G 270 -24.27 -24.21 -14.39
N VAL G 271 -25.32 -24.91 -14.83
CA VAL G 271 -26.61 -24.24 -15.03
C VAL G 271 -27.26 -23.91 -13.68
N SER G 272 -27.27 -24.88 -12.77
CA SER G 272 -27.81 -24.65 -11.44
C SER G 272 -26.95 -23.70 -10.61
N ARG G 273 -25.63 -23.74 -10.78
CA ARG G 273 -24.77 -22.82 -10.05
C ARG G 273 -24.98 -21.38 -10.52
N GLU G 274 -24.86 -21.15 -11.83
CA GLU G 274 -25.11 -19.83 -12.39
C GLU G 274 -26.57 -19.42 -12.33
N GLY G 275 -27.48 -20.39 -12.21
CA GLY G 275 -28.88 -20.05 -12.03
C GLY G 275 -29.12 -19.34 -10.70
N VAL G 276 -28.39 -19.75 -9.67
CA VAL G 276 -28.47 -19.05 -8.38
C VAL G 276 -27.99 -17.62 -8.52
N GLN G 277 -26.99 -17.39 -9.37
CA GLN G 277 -26.47 -16.03 -9.56
C GLN G 277 -27.54 -15.14 -10.19
N ARG G 278 -28.24 -15.65 -11.20
CA ARG G 278 -29.32 -14.88 -11.82
C ARG G 278 -30.47 -14.64 -10.84
N ASP G 279 -30.73 -15.59 -9.95
CA ASP G 279 -31.76 -15.39 -8.93
C ASP G 279 -31.35 -14.32 -7.93
N LEU G 280 -30.06 -14.25 -7.61
CA LEU G 280 -29.55 -13.20 -6.73
C LEU G 280 -29.50 -11.84 -7.41
N LEU G 281 -29.46 -11.81 -8.74
CA LEU G 281 -29.24 -10.56 -9.47
C LEU G 281 -30.23 -9.45 -9.15
N PRO G 282 -31.55 -9.69 -9.12
CA PRO G 282 -32.47 -8.57 -8.82
C PRO G 282 -32.22 -7.94 -7.47
N LEU G 283 -31.75 -8.69 -6.48
CA LEU G 283 -31.57 -8.11 -5.15
C LEU G 283 -30.47 -7.05 -5.15
N VAL G 284 -29.40 -7.25 -5.91
CA VAL G 284 -28.30 -6.29 -5.95
C VAL G 284 -28.58 -5.16 -6.94
N GLU G 285 -29.16 -5.49 -8.10
CA GLU G 285 -29.53 -4.47 -9.06
C GLU G 285 -30.70 -3.63 -8.56
N GLY G 286 -31.38 -4.10 -7.52
CA GLY G 286 -32.53 -3.44 -6.93
C GLY G 286 -33.81 -4.11 -7.37
N CYS G 287 -34.77 -4.21 -6.45
CA CYS G 287 -36.04 -4.89 -6.71
C CYS G 287 -36.95 -4.65 -5.51
N THR G 288 -38.10 -5.30 -5.51
CA THR G 288 -39.05 -5.25 -4.40
C THR G 288 -39.47 -6.66 -4.03
N VAL G 289 -39.41 -6.96 -2.73
CA VAL G 289 -39.80 -8.24 -2.18
C VAL G 289 -40.94 -8.00 -1.20
N SER G 290 -41.94 -8.86 -1.23
CA SER G 290 -43.08 -8.75 -0.33
C SER G 290 -42.85 -9.58 0.92
N THR G 291 -43.19 -9.01 2.07
CA THR G 291 -43.09 -9.70 3.35
C THR G 291 -44.34 -9.43 4.16
N LYS G 292 -44.62 -10.35 5.10
CA LYS G 292 -45.76 -10.15 5.98
C LYS G 292 -45.62 -8.88 6.81
N HIS G 293 -44.38 -8.51 7.14
CA HIS G 293 -44.13 -7.28 7.88
C HIS G 293 -44.31 -6.04 7.00
N GLY G 294 -44.18 -6.18 5.69
CA GLY G 294 -44.33 -5.05 4.80
C GLY G 294 -43.67 -5.30 3.46
N MET G 295 -43.53 -4.22 2.69
CA MET G 295 -42.95 -4.24 1.36
C MET G 295 -41.60 -3.53 1.40
N VAL G 296 -40.52 -4.28 1.15
CA VAL G 296 -39.16 -3.78 1.29
C VAL G 296 -38.53 -3.62 -0.09
N LYS G 297 -37.66 -2.61 -0.22
CA LYS G 297 -36.88 -2.38 -1.43
C LYS G 297 -35.40 -2.60 -1.14
N THR G 298 -34.73 -3.29 -2.07
CA THR G 298 -33.35 -3.74 -1.89
C THR G 298 -32.32 -2.81 -2.50
N ASP G 299 -32.74 -1.65 -3.01
CA ASP G 299 -31.84 -0.84 -3.82
C ASP G 299 -30.62 -0.39 -3.01
N HIS G 300 -30.83 0.01 -1.77
CA HIS G 300 -29.76 0.59 -0.95
C HIS G 300 -29.16 -0.37 0.05
N ILE G 301 -29.57 -1.65 0.05
CA ILE G 301 -28.96 -2.63 0.94
C ILE G 301 -27.52 -2.89 0.52
N LEU G 302 -26.65 -3.00 1.52
CA LEU G 302 -25.26 -3.36 1.30
C LEU G 302 -25.08 -4.87 1.40
N PHE G 303 -24.20 -5.40 0.57
CA PHE G 303 -23.96 -6.83 0.52
C PHE G 303 -22.47 -7.10 0.57
N ILE G 304 -22.12 -8.23 1.19
CA ILE G 304 -20.73 -8.68 1.30
C ILE G 304 -20.71 -10.14 0.88
N ALA G 305 -20.04 -10.42 -0.23
CA ALA G 305 -19.84 -11.79 -0.69
C ALA G 305 -18.43 -12.24 -0.35
N SER G 306 -18.29 -13.52 -0.03
CA SER G 306 -17.00 -14.07 0.37
C SER G 306 -16.82 -15.45 -0.24
N GLY G 307 -15.57 -15.78 -0.54
CA GLY G 307 -15.23 -17.10 -1.05
C GLY G 307 -13.74 -17.33 -1.07
N ALA G 308 -13.32 -18.60 -0.98
CA ALA G 308 -11.90 -18.90 -1.08
C ALA G 308 -11.38 -18.64 -2.49
N PHE G 309 -12.20 -18.89 -3.50
CA PHE G 309 -11.85 -18.66 -4.90
C PHE G 309 -10.56 -19.38 -5.29
N GLN G 310 -10.32 -20.54 -4.68
CA GLN G 310 -9.21 -21.38 -5.11
C GLN G 310 -9.58 -22.22 -6.32
N ILE G 311 -10.82 -22.72 -6.37
CA ILE G 311 -11.28 -23.49 -7.52
C ILE G 311 -11.66 -22.58 -8.69
N ALA G 312 -12.31 -21.45 -8.38
CA ALA G 312 -12.81 -20.54 -9.40
C ALA G 312 -12.28 -19.14 -9.11
N LYS G 313 -12.65 -18.20 -9.96
CA LYS G 313 -12.22 -16.81 -9.84
C LYS G 313 -13.41 -15.90 -9.96
N PRO G 314 -13.33 -14.67 -9.42
CA PRO G 314 -14.44 -13.73 -9.55
C PRO G 314 -14.81 -13.44 -10.99
N SER G 315 -13.87 -13.54 -11.92
CA SER G 315 -14.20 -13.41 -13.33
C SER G 315 -15.18 -14.47 -13.80
N ASP G 316 -15.20 -15.62 -13.12
CA ASP G 316 -16.15 -16.68 -13.47
C ASP G 316 -17.58 -16.34 -13.08
N LEU G 317 -17.78 -15.31 -12.26
CA LEU G 317 -19.12 -14.85 -11.95
C LEU G 317 -19.75 -14.23 -13.18
N ILE G 318 -21.07 -14.23 -13.22
CA ILE G 318 -21.81 -13.68 -14.35
C ILE G 318 -21.50 -12.19 -14.47
N PRO G 319 -21.46 -11.64 -15.69
CA PRO G 319 -21.03 -10.24 -15.83
C PRO G 319 -21.89 -9.25 -15.06
N GLU G 320 -23.20 -9.48 -15.00
CA GLU G 320 -24.08 -8.56 -14.26
C GLU G 320 -23.75 -8.56 -12.77
N LEU G 321 -23.20 -9.68 -12.27
CA LEU G 321 -22.83 -9.76 -10.86
C LEU G 321 -21.47 -9.13 -10.61
N GLN G 322 -20.54 -9.25 -11.56
CA GLN G 322 -19.22 -8.68 -11.36
C GLN G 322 -19.28 -7.17 -11.26
N GLY G 323 -20.20 -6.53 -11.98
CA GLY G 323 -20.34 -5.08 -11.92
C GLY G 323 -21.08 -4.57 -10.71
N ARG G 324 -21.75 -5.46 -9.97
CA ARG G 324 -22.44 -5.07 -8.75
C ARG G 324 -21.58 -5.25 -7.51
N LEU G 325 -20.30 -5.58 -7.66
CA LEU G 325 -19.36 -5.75 -6.55
C LEU G 325 -18.16 -4.84 -6.80
N PRO G 326 -18.35 -3.52 -6.70
CA PRO G 326 -17.27 -2.60 -7.07
C PRO G 326 -16.00 -2.75 -6.26
N ILE G 327 -16.10 -3.08 -4.98
CA ILE G 327 -14.95 -3.14 -4.09
C ILE G 327 -14.51 -4.58 -3.95
N ARG G 328 -13.22 -4.84 -4.16
CA ARG G 328 -12.62 -6.15 -4.02
C ARG G 328 -11.49 -6.08 -3.01
N VAL G 329 -11.37 -7.12 -2.19
CA VAL G 329 -10.30 -7.19 -1.18
C VAL G 329 -9.98 -8.65 -0.91
N GLU G 330 -8.68 -8.93 -0.72
CA GLU G 330 -8.21 -10.26 -0.33
C GLU G 330 -7.75 -10.21 1.12
N LEU G 331 -8.14 -11.20 1.90
CA LEU G 331 -7.76 -11.29 3.30
C LEU G 331 -6.59 -12.26 3.45
N GLN G 332 -5.57 -11.84 4.19
CA GLN G 332 -4.34 -12.62 4.37
C GLN G 332 -4.55 -13.73 5.40
N ALA G 333 -3.75 -14.78 5.28
CA ALA G 333 -3.75 -15.85 6.26
C ALA G 333 -3.19 -15.38 7.59
N LEU G 334 -3.78 -15.87 8.68
CA LEU G 334 -3.41 -15.47 10.02
C LEU G 334 -2.13 -16.14 10.47
N THR G 335 -1.30 -15.36 11.16
CA THR G 335 -0.02 -15.82 11.70
C THR G 335 -0.19 -16.35 13.13
N THR G 336 0.93 -16.83 13.70
CA THR G 336 0.92 -17.26 15.09
C THR G 336 0.78 -16.07 16.03
N SER G 337 1.40 -14.93 15.69
CA SER G 337 1.35 -13.74 16.56
C SER G 337 -0.07 -13.21 16.70
N ASP G 338 -0.87 -13.29 15.63
CA ASP G 338 -2.26 -12.85 15.74
C ASP G 338 -3.06 -13.76 16.66
N PHE G 339 -2.75 -15.06 16.67
CA PHE G 339 -3.44 -15.98 17.56
C PHE G 339 -3.23 -15.60 19.03
N GLU G 340 -2.00 -15.21 19.39
CA GLU G 340 -1.74 -14.77 20.76
C GLU G 340 -2.53 -13.51 21.08
N ARG G 341 -2.69 -12.62 20.10
CA ARG G 341 -3.48 -11.41 20.32
C ARG G 341 -4.96 -11.74 20.41
N ILE G 342 -5.46 -12.62 19.55
CA ILE G 342 -6.87 -12.98 19.55
C ILE G 342 -7.25 -13.62 20.87
N LEU G 343 -6.32 -14.33 21.50
CA LEU G 343 -6.62 -15.00 22.76
C LEU G 343 -6.83 -14.00 23.88
N THR G 344 -6.25 -12.81 23.79
CA THR G 344 -6.21 -11.90 24.93
C THR G 344 -6.80 -10.54 24.57
N GLU G 345 -6.21 -9.85 23.59
CA GLU G 345 -6.55 -8.46 23.29
C GLU G 345 -8.03 -8.16 23.06
N PRO G 346 -8.78 -8.94 22.27
CA PRO G 346 -10.16 -8.55 21.99
C PRO G 346 -11.00 -8.51 23.25
N ASN G 347 -11.94 -7.57 23.29
CA ASN G 347 -12.88 -7.51 24.40
C ASN G 347 -13.67 -8.80 24.48
N ALA G 348 -13.80 -9.34 25.69
CA ALA G 348 -14.47 -10.63 25.92
C ALA G 348 -13.83 -11.75 25.11
N SER G 349 -12.50 -11.78 25.08
CA SER G 349 -11.77 -12.85 24.40
C SER G 349 -11.99 -14.18 25.10
N ILE G 350 -11.78 -15.26 24.36
CA ILE G 350 -12.09 -16.60 24.85
C ILE G 350 -11.32 -16.93 26.14
N THR G 351 -10.10 -16.40 26.30
CA THR G 351 -9.38 -16.58 27.55
C THR G 351 -10.07 -15.85 28.71
N VAL G 352 -10.53 -14.62 28.47
CA VAL G 352 -11.27 -13.90 29.49
C VAL G 352 -12.59 -14.59 29.80
N GLN G 353 -13.21 -15.21 28.80
CA GLN G 353 -14.46 -15.93 29.03
C GLN G 353 -14.23 -17.14 29.94
N TYR G 354 -13.18 -17.91 29.70
CA TYR G 354 -12.85 -19.04 30.55
C TYR G 354 -12.48 -18.58 31.96
N LYS G 355 -11.85 -17.41 32.07
CA LYS G 355 -11.45 -16.90 33.38
C LYS G 355 -12.68 -16.56 34.22
N ALA G 356 -13.63 -15.83 33.64
CA ALA G 356 -14.86 -15.49 34.35
C ALA G 356 -15.73 -16.71 34.60
N LEU G 357 -15.72 -17.70 33.71
CA LEU G 357 -16.51 -18.91 33.92
C LEU G 357 -16.00 -19.68 35.14
N MET G 358 -14.70 -19.90 35.21
CA MET G 358 -14.13 -20.54 36.39
C MET G 358 -14.25 -19.66 37.63
N ALA G 359 -14.30 -18.34 37.44
CA ALA G 359 -14.56 -17.45 38.58
C ALA G 359 -15.93 -17.70 39.19
N THR G 360 -16.89 -18.13 38.37
CA THR G 360 -18.21 -18.47 38.88
C THR G 360 -18.13 -19.63 39.87
N GLU G 361 -17.19 -20.55 39.65
CA GLU G 361 -16.99 -21.69 40.54
C GLU G 361 -16.09 -21.37 41.72
N GLY G 362 -15.60 -20.14 41.85
CA GLY G 362 -14.68 -19.77 42.92
C GLY G 362 -13.21 -19.98 42.61
N VAL G 363 -12.86 -20.34 41.37
CA VAL G 363 -11.48 -20.59 40.98
C VAL G 363 -10.96 -19.38 40.22
N ASN G 364 -9.66 -19.12 40.34
CA ASN G 364 -9.00 -18.01 39.67
C ASN G 364 -8.03 -18.56 38.64
N ILE G 365 -8.35 -18.38 37.36
CA ILE G 365 -7.48 -18.81 36.27
C ILE G 365 -6.56 -17.65 35.88
N GLU G 366 -5.31 -17.99 35.56
CA GLU G 366 -4.34 -17.02 35.08
C GLU G 366 -3.46 -17.70 34.05
N PHE G 367 -3.30 -17.06 32.90
CA PHE G 367 -2.49 -17.59 31.80
C PHE G 367 -1.18 -16.82 31.71
N THR G 368 -0.06 -17.56 31.68
CA THR G 368 1.24 -16.94 31.47
C THR G 368 1.40 -16.56 30.01
N ASP G 369 2.26 -15.58 29.76
CA ASP G 369 2.54 -15.16 28.40
C ASP G 369 3.11 -16.31 27.58
N SER G 370 4.00 -17.10 28.17
CA SER G 370 4.52 -18.29 27.49
C SER G 370 3.45 -19.36 27.35
N GLY G 371 2.50 -19.42 28.28
CA GLY G 371 1.40 -20.35 28.15
C GLY G 371 0.44 -19.97 27.04
N ILE G 372 0.18 -18.66 26.89
CA ILE G 372 -0.58 -18.19 25.74
C ILE G 372 0.19 -18.42 24.45
N LYS G 373 1.52 -18.24 24.50
CA LYS G 373 2.34 -18.41 23.30
C LYS G 373 2.32 -19.86 22.81
N ARG G 374 2.28 -20.82 23.73
CA ARG G 374 2.30 -22.22 23.34
C ARG G 374 0.93 -22.74 22.94
N ILE G 375 -0.15 -22.05 23.30
CA ILE G 375 -1.47 -22.40 22.79
C ILE G 375 -1.61 -21.98 21.34
N ALA G 376 -1.15 -20.76 21.02
CA ALA G 376 -1.17 -20.30 19.63
C ALA G 376 -0.29 -21.17 18.76
N GLU G 377 0.87 -21.59 19.28
CA GLU G 377 1.73 -22.51 18.54
C GLU G 377 1.06 -23.86 18.37
N ALA G 378 0.26 -24.29 19.34
CA ALA G 378 -0.45 -25.56 19.22
C ALA G 378 -1.52 -25.50 18.14
N ALA G 379 -2.31 -24.43 18.13
CA ALA G 379 -3.33 -24.28 17.10
C ALA G 379 -2.72 -24.12 15.71
N TRP G 380 -1.56 -23.47 15.62
CA TRP G 380 -0.91 -23.30 14.33
C TRP G 380 -0.43 -24.64 13.76
N GLN G 381 0.13 -25.49 14.61
CA GLN G 381 0.66 -26.76 14.13
C GLN G 381 -0.44 -27.66 13.59
N VAL G 382 -1.62 -27.63 14.21
CA VAL G 382 -2.71 -28.47 13.75
C VAL G 382 -3.21 -28.01 12.39
N ASN G 383 -3.32 -26.69 12.20
CA ASN G 383 -3.72 -26.16 10.91
C ASN G 383 -2.71 -26.51 9.82
N GLU G 384 -1.42 -26.55 10.15
CA GLU G 384 -0.41 -26.93 9.19
C GLU G 384 -0.31 -28.44 9.04
N SER G 385 -0.39 -29.17 10.15
CA SER G 385 -0.23 -30.62 10.07
C SER G 385 -1.40 -31.28 9.33
N THR G 386 -2.61 -30.75 9.45
CA THR G 386 -3.75 -31.40 8.82
C THR G 386 -4.50 -30.45 7.89
N GLU G 387 -5.36 -29.61 8.46
CA GLU G 387 -6.19 -28.70 7.68
C GLU G 387 -6.26 -27.35 8.39
N ASN G 388 -6.19 -26.27 7.60
CA ASN G 388 -6.15 -24.92 8.15
C ASN G 388 -7.57 -24.40 8.24
N ILE G 389 -8.09 -24.29 9.47
CA ILE G 389 -9.42 -23.75 9.71
C ILE G 389 -9.37 -22.30 10.17
N GLY G 390 -8.19 -21.70 10.21
CA GLY G 390 -8.06 -20.35 10.70
C GLY G 390 -8.14 -20.31 12.22
N ALA G 391 -8.53 -19.14 12.72
CA ALA G 391 -8.59 -18.92 14.16
C ALA G 391 -9.60 -19.82 14.87
N ARG G 392 -10.48 -20.50 14.14
CA ARG G 392 -11.41 -21.43 14.78
C ARG G 392 -10.67 -22.53 15.53
N ARG G 393 -9.45 -22.85 15.14
CA ARG G 393 -8.67 -23.87 15.84
C ARG G 393 -8.40 -23.50 17.29
N LEU G 394 -8.33 -22.19 17.59
CA LEU G 394 -8.06 -21.75 18.95
C LEU G 394 -9.14 -22.22 19.93
N HIS G 395 -10.39 -22.30 19.47
CA HIS G 395 -11.47 -22.74 20.36
C HIS G 395 -11.34 -24.21 20.71
N THR G 396 -11.02 -25.05 19.73
CA THR G 396 -10.92 -26.49 19.97
C THR G 396 -9.72 -26.81 20.87
N VAL G 397 -8.60 -26.10 20.69
CA VAL G 397 -7.41 -26.38 21.47
C VAL G 397 -7.60 -25.92 22.92
N LEU G 398 -8.23 -24.76 23.12
CA LEU G 398 -8.38 -24.22 24.47
C LEU G 398 -9.30 -25.10 25.32
N GLU G 399 -10.42 -25.55 24.75
CA GLU G 399 -11.34 -26.38 25.52
C GLU G 399 -10.71 -27.73 25.86
N ARG G 400 -9.89 -28.27 24.95
CA ARG G 400 -9.17 -29.50 25.23
C ARG G 400 -8.16 -29.33 26.36
N LEU G 401 -7.54 -28.15 26.46
CA LEU G 401 -6.57 -27.90 27.52
C LEU G 401 -7.27 -27.72 28.86
N MET G 402 -8.40 -27.02 28.88
CA MET G 402 -9.11 -26.64 30.10
C MET G 402 -10.16 -27.67 30.51
N GLU G 403 -10.33 -28.76 29.76
CA GLU G 403 -11.38 -29.72 30.07
C GLU G 403 -11.21 -30.33 31.47
N GLU G 404 -9.96 -30.48 31.91
CA GLU G 404 -9.73 -31.07 33.23
C GLU G 404 -10.07 -30.08 34.34
N ILE G 405 -9.75 -28.79 34.13
CA ILE G 405 -10.10 -27.77 35.12
C ILE G 405 -11.61 -27.52 35.12
N SER G 406 -12.22 -27.43 33.93
CA SER G 406 -13.64 -27.12 33.86
C SER G 406 -14.49 -28.19 34.55
N TYR G 407 -14.01 -29.44 34.56
CA TYR G 407 -14.72 -30.51 35.26
C TYR G 407 -14.53 -30.40 36.76
N ASP G 408 -13.30 -30.11 37.20
CA ASP G 408 -12.94 -30.09 38.62
C ASP G 408 -13.19 -28.74 39.27
N ALA G 409 -13.69 -27.75 38.52
CA ALA G 409 -13.80 -26.39 39.03
C ALA G 409 -14.66 -26.32 40.28
N SER G 410 -15.63 -27.23 40.42
CA SER G 410 -16.47 -27.23 41.61
C SER G 410 -15.66 -27.56 42.86
N ASP G 411 -14.83 -28.60 42.80
CA ASP G 411 -14.02 -29.00 43.95
C ASP G 411 -12.81 -28.10 44.15
N LEU G 412 -12.42 -27.32 43.14
CA LEU G 412 -11.27 -26.45 43.21
C LEU G 412 -11.61 -25.04 43.69
N SER G 413 -12.85 -24.82 44.14
CA SER G 413 -13.27 -23.49 44.57
C SER G 413 -12.34 -22.96 45.66
N GLY G 414 -12.02 -21.67 45.56
CA GLY G 414 -11.11 -21.05 46.50
C GLY G 414 -9.64 -21.24 46.22
N GLN G 415 -9.29 -21.79 45.05
CA GLN G 415 -7.91 -22.02 44.66
C GLN G 415 -7.53 -21.15 43.48
N ASN G 416 -6.24 -20.85 43.37
CA ASN G 416 -5.70 -20.05 42.28
C ASN G 416 -4.92 -20.99 41.38
N ILE G 417 -5.44 -21.24 40.19
CA ILE G 417 -4.79 -22.10 39.21
C ILE G 417 -4.04 -21.22 38.23
N THR G 418 -2.88 -21.68 37.78
CA THR G 418 -2.03 -20.95 36.85
C THR G 418 -1.76 -21.82 35.64
N ILE G 419 -2.09 -21.32 34.46
CA ILE G 419 -1.83 -22.02 33.21
C ILE G 419 -0.47 -21.55 32.70
N ASP G 420 0.52 -22.42 32.76
CA ASP G 420 1.89 -22.12 32.37
C ASP G 420 2.28 -22.92 31.13
N ALA G 421 3.51 -22.66 30.65
CA ALA G 421 4.01 -23.36 29.47
C ALA G 421 4.11 -24.86 29.73
N ASP G 422 4.50 -25.24 30.94
CA ASP G 422 4.58 -26.65 31.29
C ASP G 422 3.19 -27.31 31.32
N TYR G 423 2.16 -26.58 31.74
CA TYR G 423 0.81 -27.13 31.76
C TYR G 423 0.27 -27.32 30.35
N VAL G 424 0.56 -26.36 29.46
CA VAL G 424 0.07 -26.47 28.09
C VAL G 424 0.70 -27.66 27.38
N SER G 425 2.02 -27.82 27.52
CA SER G 425 2.71 -28.94 26.87
C SER G 425 2.25 -30.29 27.45
N LYS G 426 1.86 -30.30 28.72
CA LYS G 426 1.45 -31.56 29.36
C LYS G 426 0.16 -32.10 28.78
N HIS G 427 -0.83 -31.23 28.56
CA HIS G 427 -2.15 -31.65 28.10
C HIS G 427 -2.28 -31.65 26.59
N LEU G 428 -1.30 -31.11 25.87
CA LEU G 428 -1.44 -30.86 24.43
C LEU G 428 -0.41 -31.63 23.60
N ASP G 429 0.89 -31.39 23.83
CA ASP G 429 1.93 -31.90 22.93
C ASP G 429 1.76 -33.38 22.58
N ALA G 430 1.23 -34.18 23.51
CA ALA G 430 0.96 -35.58 23.21
C ALA G 430 -0.11 -35.72 22.14
N LEU G 431 -1.10 -34.83 22.12
CA LEU G 431 -2.16 -34.88 21.10
C LEU G 431 -1.69 -34.30 19.78
N VAL G 432 -0.93 -33.21 19.83
CA VAL G 432 -0.44 -32.55 18.63
C VAL G 432 0.62 -33.40 17.94
N SER H 1 -30.85 -27.30 35.33
CA SER H 1 -30.40 -28.02 36.52
C SER H 1 -29.02 -27.53 36.95
N GLU H 2 -28.80 -27.50 38.26
CA GLU H 2 -27.56 -27.00 38.85
C GLU H 2 -26.55 -28.10 39.13
N MET H 3 -26.82 -29.33 38.70
CA MET H 3 -25.92 -30.46 38.97
C MET H 3 -24.51 -30.15 38.49
N THR H 4 -23.53 -30.50 39.32
CA THR H 4 -22.12 -30.37 38.96
C THR H 4 -21.73 -31.51 38.02
N PRO H 5 -20.68 -31.33 37.23
CA PRO H 5 -20.34 -32.37 36.24
C PRO H 5 -20.10 -33.76 36.81
N ARG H 6 -19.60 -33.87 38.04
CA ARG H 6 -19.46 -35.20 38.65
C ARG H 6 -20.82 -35.82 38.94
N GLU H 7 -21.80 -35.00 39.34
CA GLU H 7 -23.15 -35.49 39.59
C GLU H 7 -23.82 -35.98 38.32
N ILE H 8 -23.47 -35.39 37.17
CA ILE H 8 -24.04 -35.83 35.91
C ILE H 8 -23.49 -37.18 35.50
N VAL H 9 -22.17 -37.34 35.60
CA VAL H 9 -21.53 -38.61 35.24
C VAL H 9 -22.02 -39.72 36.17
N SER H 10 -22.16 -39.41 37.46
CA SER H 10 -22.63 -40.41 38.41
C SER H 10 -24.05 -40.85 38.08
N GLU H 11 -24.88 -39.93 37.57
CA GLU H 11 -26.23 -40.31 37.14
C GLU H 11 -26.21 -41.11 35.85
N LEU H 12 -25.30 -40.76 34.93
CA LEU H 12 -25.19 -41.53 33.68
C LEU H 12 -24.68 -42.94 33.92
N ASP H 13 -23.84 -43.14 34.94
CA ASP H 13 -23.37 -44.47 35.28
C ASP H 13 -24.50 -45.40 35.69
N LYS H 14 -25.62 -44.84 36.18
CA LYS H 14 -26.78 -45.66 36.52
C LYS H 14 -27.40 -46.31 35.30
N HIS H 15 -27.15 -45.78 34.12
CA HIS H 15 -27.67 -46.34 32.88
C HIS H 15 -26.56 -46.83 31.96
N ILE H 16 -25.68 -45.94 31.51
CA ILE H 16 -24.58 -46.33 30.64
C ILE H 16 -23.47 -46.98 31.47
N ILE H 17 -22.80 -47.96 30.88
CA ILE H 17 -21.66 -48.64 31.48
C ILE H 17 -20.41 -48.20 30.74
N GLY H 18 -19.41 -47.72 31.49
CA GLY H 18 -18.17 -47.29 30.89
C GLY H 18 -18.37 -46.03 30.06
N GLN H 19 -17.48 -45.84 29.08
CA GLN H 19 -17.50 -44.67 28.20
C GLN H 19 -17.46 -43.36 28.99
N ASP H 20 -16.63 -43.34 30.05
CA ASP H 20 -16.61 -42.21 30.98
C ASP H 20 -16.20 -40.92 30.28
N ASN H 21 -15.28 -41.01 29.30
CA ASN H 21 -14.85 -39.81 28.60
C ASN H 21 -16.00 -39.14 27.87
N ALA H 22 -16.87 -39.93 27.24
CA ALA H 22 -18.08 -39.38 26.64
C ALA H 22 -19.02 -38.82 27.70
N LYS H 23 -19.06 -39.44 28.88
CA LYS H 23 -19.86 -38.89 29.97
C LYS H 23 -19.27 -37.58 30.49
N ARG H 24 -17.94 -37.53 30.66
CA ARG H 24 -17.32 -36.29 31.12
C ARG H 24 -17.50 -35.16 30.12
N SER H 25 -17.48 -35.50 28.82
CA SER H 25 -17.58 -34.46 27.81
C SER H 25 -19.00 -33.88 27.76
N VAL H 26 -20.01 -34.74 27.82
CA VAL H 26 -21.39 -34.25 27.81
C VAL H 26 -21.69 -33.48 29.09
N ALA H 27 -21.08 -33.86 30.20
CA ALA H 27 -21.32 -33.15 31.45
C ALA H 27 -20.79 -31.73 31.37
N ILE H 28 -19.66 -31.53 30.69
CA ILE H 28 -19.11 -30.19 30.55
C ILE H 28 -20.06 -29.30 29.74
N ALA H 29 -20.72 -29.88 28.75
CA ALA H 29 -21.64 -29.09 27.93
C ALA H 29 -22.89 -28.69 28.71
N LEU H 30 -23.46 -29.61 29.48
CA LEU H 30 -24.63 -29.29 30.28
C LEU H 30 -24.30 -28.30 31.40
N ARG H 31 -23.09 -28.36 31.95
CA ARG H 31 -22.70 -27.45 33.01
C ARG H 31 -22.50 -26.04 32.47
N ASN H 32 -22.01 -25.91 31.24
CA ASN H 32 -21.85 -24.59 30.63
C ASN H 32 -23.20 -23.89 30.46
N ARG H 33 -24.28 -24.65 30.33
CA ARG H 33 -25.61 -24.05 30.29
C ARG H 33 -25.89 -23.27 31.57
N TRP H 34 -25.72 -23.92 32.73
CA TRP H 34 -25.92 -23.24 34.00
C TRP H 34 -24.88 -22.15 34.24
N ARG H 35 -23.64 -22.36 33.76
CA ARG H 35 -22.61 -21.34 33.93
C ARG H 35 -22.91 -20.09 33.11
N ARG H 36 -23.60 -20.24 31.98
CA ARG H 36 -23.90 -19.09 31.13
C ARG H 36 -24.95 -18.18 31.77
N MET H 37 -25.98 -18.77 32.38
CA MET H 37 -27.07 -17.98 32.94
C MET H 37 -26.58 -17.06 34.05
N GLN H 38 -25.52 -17.46 34.76
CA GLN H 38 -24.95 -16.64 35.82
C GLN H 38 -24.16 -15.45 35.30
N LEU H 39 -23.87 -15.43 34.00
CA LEU H 39 -23.08 -14.36 33.42
C LEU H 39 -23.94 -13.13 33.13
N ASN H 40 -23.29 -12.07 32.67
CA ASN H 40 -23.95 -10.81 32.37
C ASN H 40 -24.64 -10.85 31.01
N GLU H 41 -25.30 -9.74 30.67
CA GLU H 41 -26.09 -9.69 29.43
C GLU H 41 -25.20 -9.87 28.20
N GLU H 42 -23.98 -9.35 28.25
CA GLU H 42 -23.12 -9.41 27.07
C GLU H 42 -22.57 -10.81 26.83
N LEU H 43 -21.99 -11.42 27.88
CA LEU H 43 -21.35 -12.71 27.71
C LEU H 43 -22.35 -13.81 27.39
N ARG H 44 -23.59 -13.69 27.87
CA ARG H 44 -24.60 -14.72 27.59
C ARG H 44 -24.90 -14.82 26.10
N HIS H 45 -24.75 -13.70 25.38
CA HIS H 45 -24.92 -13.75 23.93
C HIS H 45 -23.66 -14.29 23.24
N GLU H 46 -22.48 -13.83 23.68
CA GLU H 46 -21.24 -14.22 23.00
C GLU H 46 -20.92 -15.70 23.21
N VAL H 47 -21.18 -16.23 24.40
CA VAL H 47 -20.93 -17.64 24.65
C VAL H 47 -21.97 -18.48 23.91
N THR H 48 -21.53 -19.56 23.30
CA THR H 48 -22.36 -20.46 22.52
C THR H 48 -22.10 -21.88 23.00
N PRO H 49 -23.06 -22.78 22.82
CA PRO H 49 -22.90 -24.14 23.37
C PRO H 49 -21.68 -24.82 22.78
N LYS H 50 -21.04 -25.66 23.59
CA LYS H 50 -19.89 -26.42 23.14
C LYS H 50 -20.43 -27.73 22.59
N ASN H 51 -20.46 -27.84 21.27
CA ASN H 51 -21.00 -29.02 20.63
C ASN H 51 -20.01 -30.18 20.67
N ILE H 52 -20.55 -31.39 20.71
CA ILE H 52 -19.73 -32.59 20.89
C ILE H 52 -19.85 -33.46 19.65
N LEU H 53 -18.76 -34.11 19.31
CA LEU H 53 -18.71 -35.09 18.23
C LEU H 53 -18.31 -36.43 18.83
N MET H 54 -19.27 -37.34 18.92
CA MET H 54 -18.97 -38.70 19.37
C MET H 54 -18.41 -39.53 18.22
N ILE H 55 -17.49 -40.42 18.56
CA ILE H 55 -16.78 -41.23 17.58
C ILE H 55 -16.62 -42.64 18.13
N GLY H 56 -16.92 -43.63 17.30
CA GLY H 56 -16.75 -45.01 17.68
C GLY H 56 -17.64 -45.95 16.91
N PRO H 57 -17.45 -47.25 17.14
CA PRO H 57 -18.30 -48.24 16.47
C PRO H 57 -19.72 -48.19 17.00
N THR H 58 -20.64 -48.71 16.19
CA THR H 58 -22.05 -48.64 16.52
C THR H 58 -22.37 -49.44 17.77
N GLY H 59 -23.40 -49.01 18.49
CA GLY H 59 -23.95 -49.75 19.61
C GLY H 59 -23.18 -49.65 20.90
N VAL H 60 -22.25 -48.71 21.02
CA VAL H 60 -21.43 -48.59 22.23
C VAL H 60 -22.04 -47.58 23.20
N GLY H 61 -23.22 -47.05 22.87
CA GLY H 61 -23.94 -46.15 23.76
C GLY H 61 -23.85 -44.67 23.46
N LYS H 62 -23.37 -44.27 22.28
CA LYS H 62 -23.35 -42.85 21.92
C LYS H 62 -24.72 -42.21 22.05
N THR H 63 -25.75 -42.85 21.47
CA THR H 63 -27.10 -42.28 21.51
C THR H 63 -27.67 -42.32 22.92
N GLU H 64 -27.40 -43.40 23.65
CA GLU H 64 -27.96 -43.53 24.99
C GLU H 64 -27.45 -42.42 25.89
N ILE H 65 -26.19 -42.02 25.72
CA ILE H 65 -25.67 -40.89 26.48
C ILE H 65 -26.46 -39.63 26.15
N ALA H 66 -26.69 -39.38 24.87
CA ALA H 66 -27.49 -38.22 24.48
C ALA H 66 -28.93 -38.36 24.95
N ARG H 67 -29.46 -39.58 24.95
CA ARG H 67 -30.85 -39.78 25.39
C ARG H 67 -30.97 -39.57 26.89
N ARG H 68 -30.12 -40.24 27.68
CA ARG H 68 -30.16 -40.07 29.12
C ARG H 68 -29.76 -38.66 29.54
N LEU H 69 -28.90 -37.99 28.77
CA LEU H 69 -28.53 -36.62 29.11
C LEU H 69 -29.72 -35.68 29.00
N ALA H 70 -30.46 -35.76 27.89
CA ALA H 70 -31.65 -34.93 27.73
C ALA H 70 -32.73 -35.33 28.73
N LYS H 71 -32.91 -36.63 28.95
CA LYS H 71 -33.86 -37.10 29.96
C LYS H 71 -33.44 -36.65 31.35
N LEU H 72 -32.13 -36.54 31.61
CA LEU H 72 -31.66 -36.04 32.89
C LEU H 72 -31.98 -34.56 33.05
N ALA H 73 -31.87 -33.79 31.98
CA ALA H 73 -32.14 -32.36 32.00
C ALA H 73 -33.60 -32.02 31.73
N ASN H 74 -34.44 -33.01 31.43
CA ASN H 74 -35.82 -32.80 31.01
C ASN H 74 -35.91 -31.92 29.75
N ALA H 75 -34.85 -31.91 28.97
CA ALA H 75 -34.73 -31.09 27.79
C ALA H 75 -35.41 -31.76 26.59
N PRO H 76 -35.86 -30.97 25.63
CA PRO H 76 -36.32 -31.55 24.36
C PRO H 76 -35.15 -32.25 23.65
N PHE H 77 -35.46 -33.33 22.95
CA PHE H 77 -34.45 -34.14 22.30
C PHE H 77 -35.01 -34.76 21.04
N ILE H 78 -34.14 -34.92 20.05
CA ILE H 78 -34.50 -35.61 18.80
C ILE H 78 -33.24 -36.23 18.22
N LYS H 79 -33.39 -37.41 17.63
CA LYS H 79 -32.32 -38.08 16.91
C LYS H 79 -32.64 -38.01 15.43
N VAL H 80 -31.69 -37.50 14.64
CA VAL H 80 -31.88 -37.32 13.21
C VAL H 80 -30.72 -37.99 12.48
N GLU H 81 -31.05 -38.79 11.47
CA GLU H 81 -30.06 -39.44 10.63
C GLU H 81 -29.63 -38.49 9.52
N ALA H 82 -28.33 -38.19 9.46
CA ALA H 82 -27.83 -37.20 8.50
C ALA H 82 -28.05 -37.62 7.06
N THR H 83 -28.11 -38.93 6.80
CA THR H 83 -28.30 -39.41 5.44
C THR H 83 -29.73 -39.19 4.94
N LYS H 84 -30.66 -38.85 5.83
CA LYS H 84 -32.04 -38.60 5.39
C LYS H 84 -32.12 -37.45 4.40
N PHE H 85 -31.20 -36.50 4.48
CA PHE H 85 -31.22 -35.31 3.64
C PHE H 85 -30.45 -35.47 2.34
N THR H 86 -29.85 -36.63 2.11
CA THR H 86 -29.11 -36.88 0.87
C THR H 86 -30.05 -36.87 -0.34
N GLY H 92 -36.47 -33.96 -1.97
CA GLY H 92 -35.98 -34.35 -0.66
C GLY H 92 -36.48 -33.44 0.46
N LYS H 93 -36.27 -33.87 1.70
CA LYS H 93 -36.73 -33.12 2.87
C LYS H 93 -35.79 -31.94 3.16
N GLU H 94 -36.37 -30.89 3.72
CA GLU H 94 -35.60 -29.71 4.11
C GLU H 94 -34.95 -29.93 5.48
N VAL H 95 -33.78 -29.32 5.64
CA VAL H 95 -33.04 -29.46 6.90
C VAL H 95 -33.74 -28.75 8.06
N ASP H 96 -34.55 -27.73 7.77
CA ASP H 96 -35.25 -27.00 8.83
C ASP H 96 -36.24 -27.87 9.57
N SER H 97 -36.62 -29.01 9.00
CA SER H 97 -37.55 -29.90 9.66
C SER H 97 -37.02 -30.38 11.02
N ILE H 98 -35.70 -30.38 11.21
CA ILE H 98 -35.11 -30.80 12.47
C ILE H 98 -35.67 -29.96 13.63
N ILE H 99 -35.62 -28.64 13.49
CA ILE H 99 -36.14 -27.77 14.53
C ILE H 99 -37.66 -27.90 14.64
N ARG H 100 -38.34 -28.15 13.52
CA ARG H 100 -39.79 -28.31 13.54
C ARG H 100 -40.18 -29.56 14.33
N ASP H 101 -39.56 -30.70 14.00
CA ASP H 101 -39.85 -31.93 14.74
C ASP H 101 -39.38 -31.84 16.18
N LEU H 102 -38.31 -31.09 16.44
CA LEU H 102 -37.86 -30.91 17.82
C LEU H 102 -38.89 -30.14 18.63
N THR H 103 -39.45 -29.08 18.06
CA THR H 103 -40.48 -28.32 18.77
C THR H 103 -41.74 -29.17 18.97
N ASP H 104 -42.07 -30.02 18.01
CA ASP H 104 -43.23 -30.90 18.15
C ASP H 104 -43.05 -31.89 19.29
N ALA H 105 -41.81 -32.36 19.53
CA ALA H 105 -41.55 -33.20 20.69
C ALA H 105 -41.56 -32.38 21.98
N ALA H 106 -41.06 -31.15 21.93
CA ALA H 106 -41.12 -30.27 23.10
C ALA H 106 -42.55 -29.88 23.45
N VAL H 107 -43.41 -29.74 22.43
CA VAL H 107 -44.82 -29.40 22.70
C VAL H 107 -45.49 -30.52 23.48
N LYS H 108 -45.40 -31.76 23.00
CA LYS H 108 -45.99 -32.87 23.71
C LYS H 108 -45.30 -33.11 25.06
N MET H 109 -44.02 -32.75 25.16
CA MET H 109 -43.31 -32.92 26.42
C MET H 109 -43.84 -31.96 27.47
N VAL H 110 -43.90 -30.67 27.14
CA VAL H 110 -44.41 -29.69 28.10
C VAL H 110 -45.90 -29.88 28.35
N ARG H 111 -46.64 -30.38 27.34
CA ARG H 111 -48.08 -30.55 27.50
C ARG H 111 -48.39 -31.69 28.47
N VAL H 112 -47.78 -32.86 28.26
CA VAL H 112 -48.02 -33.98 29.16
C VAL H 112 -47.52 -33.66 30.56
N GLN H 113 -46.41 -32.92 30.66
CA GLN H 113 -45.93 -32.46 31.96
C GLN H 113 -46.87 -31.44 32.58
N ALA H 114 -47.51 -30.60 31.76
CA ALA H 114 -48.52 -29.69 32.30
C ALA H 114 -49.76 -30.44 32.77
N ILE H 115 -50.10 -31.57 32.12
CA ILE H 115 -51.22 -32.40 32.57
C ILE H 115 -50.96 -32.99 33.95
N GLU H 116 -49.70 -33.28 34.29
CA GLU H 116 -49.38 -33.81 35.61
C GLU H 116 -49.70 -32.80 36.71
N LYS H 117 -49.53 -31.51 36.42
CA LYS H 117 -49.92 -30.48 37.36
C LYS H 117 -51.44 -30.34 37.44
N ASN H 118 -52.11 -30.24 36.28
CA ASN H 118 -53.57 -30.12 36.25
C ASN H 118 -54.28 -31.35 36.77
N ARG H 119 -53.62 -32.52 36.76
CA ARG H 119 -54.27 -33.74 37.23
C ARG H 119 -54.69 -33.62 38.70
N TYR H 120 -54.00 -32.81 39.48
CA TYR H 120 -54.28 -32.69 40.90
C TYR H 120 -55.38 -31.68 41.17
N ARG H 121 -55.15 -30.42 40.79
CA ARG H 121 -56.11 -29.37 41.09
C ARG H 121 -57.47 -29.65 40.48
N ALA H 122 -57.51 -30.21 39.27
CA ALA H 122 -58.76 -30.41 38.58
C ALA H 122 -59.67 -31.38 39.31
N GLU H 123 -59.10 -32.39 39.96
CA GLU H 123 -59.93 -33.32 40.73
C GLU H 123 -60.58 -32.62 41.92
N GLU H 124 -59.90 -31.62 42.49
CA GLU H 124 -60.49 -30.87 43.60
C GLU H 124 -61.64 -30.00 43.11
N LEU H 125 -61.38 -29.22 42.06
CA LEU H 125 -62.42 -28.35 41.51
C LEU H 125 -63.55 -29.14 40.86
N ALA H 126 -63.24 -30.30 40.27
CA ALA H 126 -64.32 -31.13 39.71
C ALA H 126 -65.19 -31.70 40.82
N GLU H 127 -64.60 -32.02 41.98
CA GLU H 127 -65.39 -32.49 43.09
C GLU H 127 -66.30 -31.40 43.63
N GLU H 128 -65.80 -30.17 43.72
CA GLU H 128 -66.64 -29.06 44.18
C GLU H 128 -67.77 -28.78 43.20
N ARG H 129 -67.56 -29.08 41.92
CA ARG H 129 -68.63 -28.89 40.93
C ARG H 129 -69.72 -29.95 41.07
N ILE H 130 -69.31 -31.21 41.22
CA ILE H 130 -70.29 -32.29 41.30
C ILE H 130 -71.02 -32.30 42.64
N LEU H 131 -70.44 -31.68 43.67
CA LEU H 131 -71.13 -31.57 44.95
C LEU H 131 -72.19 -30.49 44.94
N ASP H 132 -72.14 -29.57 43.97
CA ASP H 132 -73.16 -28.54 43.89
C ASP H 132 -74.50 -29.10 43.40
N VAL H 133 -74.49 -30.19 42.65
CA VAL H 133 -75.76 -30.77 42.22
C VAL H 133 -76.36 -31.64 43.32
N LEU H 134 -75.53 -32.33 44.10
CA LEU H 134 -76.04 -33.15 45.20
C LEU H 134 -76.48 -32.27 46.37
N ILE H 135 -75.68 -31.25 46.69
CA ILE H 135 -75.96 -30.34 47.79
C ILE H 135 -75.85 -28.92 47.26
N PRO H 136 -76.89 -28.40 46.63
CA PRO H 136 -76.84 -27.04 46.09
C PRO H 136 -76.69 -26.02 47.20
N PRO H 137 -75.72 -25.11 47.08
CA PRO H 137 -75.60 -24.02 48.06
C PRO H 137 -76.80 -23.10 47.99
N ALA H 138 -77.13 -22.51 49.14
CA ALA H 138 -78.28 -21.60 49.22
C ALA H 138 -77.97 -20.22 48.65
N GLU H 150 -66.75 -23.46 56.34
CA GLU H 150 -66.69 -24.87 56.71
C GLU H 150 -67.57 -25.72 55.79
N PRO H 151 -67.05 -26.87 55.37
CA PRO H 151 -67.85 -27.78 54.54
C PRO H 151 -69.04 -28.31 55.33
N SER H 152 -70.18 -28.44 54.65
CA SER H 152 -71.36 -29.00 55.28
C SER H 152 -71.18 -30.49 55.54
N ALA H 153 -72.01 -31.00 56.45
CA ALA H 153 -71.95 -32.41 56.79
C ALA H 153 -72.28 -33.28 55.59
N ALA H 154 -73.41 -33.01 54.92
CA ALA H 154 -73.78 -33.77 53.73
C ALA H 154 -72.81 -33.51 52.60
N ARG H 155 -72.16 -32.35 52.59
CA ARG H 155 -71.14 -32.07 51.59
C ARG H 155 -69.97 -33.05 51.70
N GLN H 156 -69.63 -33.45 52.93
CA GLN H 156 -68.59 -34.45 53.13
C GLN H 156 -69.14 -35.86 52.97
N ALA H 157 -70.38 -36.08 53.40
CA ALA H 157 -70.97 -37.40 53.28
C ALA H 157 -71.16 -37.81 51.82
N PHE H 158 -71.49 -36.86 50.95
CA PHE H 158 -71.49 -37.17 49.52
C PHE H 158 -70.07 -37.23 48.98
N ARG H 159 -69.16 -36.41 49.52
CA ARG H 159 -67.77 -36.46 49.11
C ARG H 159 -67.14 -37.82 49.44
N LYS H 160 -67.60 -38.46 50.52
CA LYS H 160 -67.06 -39.77 50.88
C LYS H 160 -67.57 -40.84 49.92
N LYS H 161 -68.87 -40.85 49.65
CA LYS H 161 -69.43 -41.83 48.73
C LYS H 161 -68.88 -41.64 47.31
N LEU H 162 -68.48 -40.41 46.97
CA LEU H 162 -67.91 -40.15 45.66
C LEU H 162 -66.53 -40.78 45.51
N ARG H 163 -65.65 -40.53 46.49
CA ARG H 163 -64.31 -41.12 46.44
C ARG H 163 -64.36 -42.64 46.54
N GLU H 164 -65.38 -43.18 47.22
CA GLU H 164 -65.58 -44.62 47.26
C GLU H 164 -65.97 -45.19 45.90
N GLY H 165 -66.42 -44.36 44.98
CA GLY H 165 -66.79 -44.78 43.64
C GLY H 165 -68.29 -44.88 43.45
N GLN H 166 -68.70 -44.92 42.18
CA GLN H 166 -70.11 -45.01 41.82
C GLN H 166 -70.29 -45.45 40.38
N LYS H 216 -75.96 -38.53 32.52
CA LYS H 216 -74.92 -39.45 32.95
C LYS H 216 -74.15 -38.90 34.15
N ILE H 217 -73.86 -39.76 35.13
CA ILE H 217 -73.17 -39.37 36.35
C ILE H 217 -71.69 -39.74 36.27
N LYS H 218 -71.41 -41.04 36.15
CA LYS H 218 -70.02 -41.50 36.14
C LYS H 218 -69.22 -40.86 35.00
N ASP H 219 -69.87 -40.54 33.88
CA ASP H 219 -69.18 -39.92 32.77
C ASP H 219 -68.86 -38.45 33.05
N ALA H 220 -69.63 -37.81 33.93
CA ALA H 220 -69.50 -36.37 34.13
C ALA H 220 -68.17 -35.97 34.76
N MET H 221 -67.61 -36.85 35.60
CA MET H 221 -66.35 -36.51 36.26
C MET H 221 -65.21 -36.36 35.26
N LYS H 222 -65.29 -37.06 34.13
CA LYS H 222 -64.24 -36.94 33.12
C LYS H 222 -64.35 -35.63 32.36
N LEU H 223 -65.58 -35.17 32.08
CA LEU H 223 -65.76 -33.93 31.34
C LEU H 223 -65.27 -32.73 32.13
N LEU H 224 -65.41 -32.74 33.45
CA LEU H 224 -64.97 -31.59 34.25
C LEU H 224 -63.46 -31.49 34.32
N ILE H 225 -62.75 -32.62 34.16
CA ILE H 225 -61.29 -32.57 34.13
C ILE H 225 -60.80 -31.76 32.93
N GLU H 226 -61.51 -31.84 31.80
CA GLU H 226 -61.11 -31.07 30.62
C GLU H 226 -61.37 -29.59 30.83
N GLU H 227 -62.60 -29.24 31.22
CA GLU H 227 -62.96 -27.83 31.40
C GLU H 227 -62.12 -27.18 32.48
N GLU H 228 -61.79 -27.92 33.53
CA GLU H 228 -60.97 -27.34 34.59
C GLU H 228 -59.50 -27.29 34.19
N ALA H 229 -58.98 -28.36 33.60
CA ALA H 229 -57.60 -28.32 33.09
C ALA H 229 -57.46 -27.29 31.98
N ALA H 230 -58.49 -27.12 31.15
CA ALA H 230 -58.47 -26.02 30.20
C ALA H 230 -58.55 -24.67 30.91
N LYS H 231 -59.38 -24.58 31.95
CA LYS H 231 -59.46 -23.35 32.74
C LYS H 231 -58.16 -23.11 33.52
N LEU H 232 -57.48 -24.18 33.94
CA LEU H 232 -56.24 -24.02 34.68
C LEU H 232 -55.05 -23.80 33.76
N VAL H 233 -55.05 -24.43 32.57
CA VAL H 233 -53.90 -24.31 31.69
C VAL H 233 -53.84 -22.91 31.08
N ASN H 234 -52.62 -22.51 30.71
CA ASN H 234 -52.37 -21.22 30.06
C ASN H 234 -51.64 -21.50 28.75
N PRO H 235 -52.39 -21.57 27.63
CA PRO H 235 -51.74 -21.98 26.38
C PRO H 235 -50.64 -21.03 25.94
N GLU H 236 -50.77 -19.74 26.21
CA GLU H 236 -49.70 -18.80 25.89
C GLU H 236 -48.47 -19.01 26.76
N GLU H 237 -48.64 -19.55 27.97
CA GLU H 237 -47.50 -19.93 28.80
C GLU H 237 -47.00 -21.34 28.49
N LEU H 238 -47.77 -22.13 27.76
CA LEU H 238 -47.40 -23.51 27.43
C LEU H 238 -46.74 -23.61 26.06
N LYS H 239 -47.45 -23.22 25.01
CA LYS H 239 -46.86 -23.22 23.66
C LYS H 239 -45.62 -22.34 23.60
N GLN H 240 -45.57 -21.27 24.40
CA GLN H 240 -44.35 -20.48 24.52
C GLN H 240 -43.32 -21.11 25.44
N ASP H 241 -43.73 -22.06 26.28
CA ASP H 241 -42.76 -22.76 27.13
C ASP H 241 -41.95 -23.75 26.32
N ALA H 242 -42.59 -24.48 25.41
CA ALA H 242 -41.87 -25.41 24.56
C ALA H 242 -40.85 -24.69 23.69
N ILE H 243 -41.14 -23.46 23.30
CA ILE H 243 -40.16 -22.64 22.58
C ILE H 243 -38.99 -22.30 23.49
N ASP H 244 -39.27 -21.90 24.74
CA ASP H 244 -38.19 -21.66 25.69
C ASP H 244 -37.44 -22.95 26.01
N ALA H 245 -38.16 -24.08 26.05
CA ALA H 245 -37.51 -25.36 26.28
C ALA H 245 -36.62 -25.75 25.11
N VAL H 246 -37.02 -25.41 23.89
CA VAL H 246 -36.19 -25.72 22.72
C VAL H 246 -35.00 -24.77 22.64
N GLU H 247 -35.24 -23.47 22.77
CA GLU H 247 -34.16 -22.50 22.60
C GLU H 247 -33.12 -22.64 23.71
N GLN H 248 -33.57 -22.71 24.97
CA GLN H 248 -32.62 -22.75 26.07
C GLN H 248 -32.07 -24.16 26.29
N HIS H 249 -32.95 -25.15 26.36
CA HIS H 249 -32.57 -26.50 26.77
C HIS H 249 -32.44 -27.49 25.61
N GLY H 250 -32.71 -27.07 24.39
CA GLY H 250 -32.87 -28.04 23.30
C GLY H 250 -31.60 -28.82 23.03
N ILE H 251 -31.79 -30.07 22.60
CA ILE H 251 -30.68 -30.97 22.27
C ILE H 251 -31.05 -31.72 21.01
N VAL H 252 -30.06 -31.93 20.13
CA VAL H 252 -30.25 -32.63 18.87
C VAL H 252 -29.08 -33.58 18.70
N PHE H 253 -29.38 -34.83 18.35
CA PHE H 253 -28.37 -35.85 18.09
C PHE H 253 -28.40 -36.17 16.60
N ILE H 254 -27.29 -35.94 15.93
CA ILE H 254 -27.15 -36.23 14.51
C ILE H 254 -26.31 -37.49 14.39
N ASP H 255 -26.98 -38.60 14.10
CA ASP H 255 -26.30 -39.87 13.96
C ASP H 255 -25.58 -39.95 12.62
N GLU H 256 -24.55 -40.80 12.57
CA GLU H 256 -23.85 -41.14 11.32
C GLU H 256 -23.49 -39.91 10.50
N ILE H 257 -22.95 -38.90 11.18
CA ILE H 257 -22.48 -37.70 10.49
C ILE H 257 -21.27 -38.00 9.61
N ASP H 258 -20.53 -39.07 9.91
CA ASP H 258 -19.34 -39.40 9.12
C ASP H 258 -19.68 -39.76 7.68
N LYS H 259 -20.91 -40.20 7.41
CA LYS H 259 -21.28 -40.65 6.07
C LYS H 259 -21.54 -39.51 5.10
N ILE H 260 -21.63 -38.26 5.57
CA ILE H 260 -21.78 -37.10 4.69
C ILE H 260 -20.45 -36.44 4.37
N CYS H 261 -19.35 -37.00 4.83
CA CYS H 261 -18.03 -36.49 4.48
C CYS H 261 -17.65 -36.86 3.06
N LYS H 262 -16.74 -36.09 2.49
CA LYS H 262 -16.25 -36.33 1.14
C LYS H 262 -15.45 -37.63 1.08
N PRO H 269 -21.41 -37.72 -5.45
CA PRO H 269 -21.95 -37.73 -4.08
C PRO H 269 -21.30 -36.68 -3.19
N ASP H 270 -20.03 -36.36 -3.44
CA ASP H 270 -19.30 -35.41 -2.60
C ASP H 270 -19.96 -34.03 -2.58
N VAL H 271 -20.61 -33.63 -3.68
CA VAL H 271 -21.34 -32.36 -3.69
C VAL H 271 -22.63 -32.48 -2.86
N SER H 272 -23.38 -33.56 -3.08
CA SER H 272 -24.60 -33.79 -2.29
C SER H 272 -24.27 -34.08 -0.83
N ARG H 273 -23.14 -34.76 -0.56
CA ARG H 273 -22.75 -35.02 0.82
C ARG H 273 -22.36 -33.74 1.54
N GLU H 274 -21.43 -32.97 0.95
CA GLU H 274 -21.03 -31.70 1.53
C GLU H 274 -22.13 -30.65 1.44
N GLY H 275 -23.09 -30.82 0.52
CA GLY H 275 -24.20 -29.91 0.46
C GLY H 275 -25.06 -29.98 1.71
N VAL H 276 -25.22 -31.18 2.28
CA VAL H 276 -25.95 -31.33 3.53
C VAL H 276 -25.24 -30.63 4.67
N GLN H 277 -23.90 -30.62 4.66
CA GLN H 277 -23.16 -29.94 5.72
C GLN H 277 -23.44 -28.43 5.69
N ARG H 278 -23.43 -27.85 4.50
CA ARG H 278 -23.73 -26.43 4.36
C ARG H 278 -25.17 -26.14 4.78
N ASP H 279 -26.09 -27.06 4.48
CA ASP H 279 -27.48 -26.87 4.91
C ASP H 279 -27.58 -26.94 6.43
N LEU H 280 -26.78 -27.80 7.07
CA LEU H 280 -26.76 -27.87 8.52
C LEU H 280 -26.05 -26.67 9.14
N LEU H 281 -25.19 -26.00 8.37
CA LEU H 281 -24.35 -24.95 8.92
C LEU H 281 -25.13 -23.83 9.63
N PRO H 282 -26.20 -23.27 9.07
CA PRO H 282 -26.90 -22.19 9.78
C PRO H 282 -27.43 -22.59 11.15
N LEU H 283 -27.83 -23.85 11.33
CA LEU H 283 -28.42 -24.26 12.60
C LEU H 283 -27.40 -24.18 13.75
N VAL H 284 -26.14 -24.52 13.47
CA VAL H 284 -25.12 -24.48 14.51
C VAL H 284 -24.52 -23.09 14.67
N GLU H 285 -24.30 -22.38 13.55
CA GLU H 285 -23.81 -21.01 13.61
C GLU H 285 -24.88 -20.07 14.17
N GLY H 286 -26.11 -20.53 14.22
CA GLY H 286 -27.24 -19.75 14.70
C GLY H 286 -28.07 -19.22 13.55
N CYS H 287 -29.38 -19.20 13.73
CA CYS H 287 -30.34 -18.78 12.71
C CYS H 287 -31.71 -18.73 13.36
N THR H 288 -32.74 -18.45 12.57
CA THR H 288 -34.11 -18.45 13.05
C THR H 288 -34.95 -19.27 12.07
N VAL H 289 -35.75 -20.19 12.61
CA VAL H 289 -36.59 -21.06 11.81
C VAL H 289 -38.05 -20.82 12.20
N SER H 290 -38.92 -20.80 11.19
CA SER H 290 -40.34 -20.58 11.41
C SER H 290 -41.07 -21.90 11.60
N THR H 291 -41.95 -21.93 12.59
CA THR H 291 -42.79 -23.09 12.86
C THR H 291 -44.20 -22.62 13.16
N LYS H 292 -45.16 -23.53 12.97
CA LYS H 292 -46.55 -23.20 13.29
C LYS H 292 -46.71 -22.89 14.77
N HIS H 293 -45.91 -23.52 15.63
CA HIS H 293 -45.96 -23.24 17.06
C HIS H 293 -45.32 -21.90 17.41
N GLY H 294 -44.44 -21.38 16.58
CA GLY H 294 -43.80 -20.11 16.87
C GLY H 294 -42.51 -19.97 16.08
N MET H 295 -41.74 -18.94 16.47
CA MET H 295 -40.48 -18.61 15.84
C MET H 295 -39.34 -18.96 16.80
N VAL H 296 -38.50 -19.92 16.41
CA VAL H 296 -37.45 -20.45 17.27
C VAL H 296 -36.09 -19.98 16.76
N LYS H 297 -35.16 -19.76 17.71
CA LYS H 297 -33.78 -19.44 17.40
C LYS H 297 -32.86 -20.57 17.86
N THR H 298 -31.90 -20.93 17.01
CA THR H 298 -31.05 -22.10 17.21
C THR H 298 -29.72 -21.77 17.87
N ASP H 299 -29.50 -20.51 18.28
CA ASP H 299 -28.16 -20.10 18.70
C ASP H 299 -27.67 -20.91 19.89
N HIS H 300 -28.52 -21.14 20.88
CA HIS H 300 -28.11 -21.78 22.12
C HIS H 300 -28.45 -23.26 22.21
N ILE H 301 -28.99 -23.86 21.14
CA ILE H 301 -29.27 -25.29 21.13
C ILE H 301 -27.96 -26.07 21.15
N LEU H 302 -27.93 -27.15 21.92
CA LEU H 302 -26.78 -28.05 21.94
C LEU H 302 -26.99 -29.18 20.95
N PHE H 303 -25.89 -29.61 20.32
CA PHE H 303 -25.93 -30.64 19.30
C PHE H 303 -24.88 -31.69 19.59
N ILE H 304 -25.19 -32.93 19.23
CA ILE H 304 -24.27 -34.06 19.38
C ILE H 304 -24.27 -34.80 18.06
N ALA H 305 -23.12 -34.80 17.39
CA ALA H 305 -22.93 -35.56 16.17
C ALA H 305 -22.15 -36.83 16.48
N SER H 306 -22.46 -37.90 15.74
CA SER H 306 -21.82 -39.19 15.95
C SER H 306 -21.55 -39.86 14.62
N GLY H 307 -20.46 -40.62 14.59
CA GLY H 307 -20.10 -41.40 13.42
C GLY H 307 -18.98 -42.38 13.70
N ALA H 308 -18.93 -43.47 12.95
CA ALA H 308 -17.83 -44.41 13.11
C ALA H 308 -16.51 -43.81 12.64
N PHE H 309 -16.56 -42.98 11.59
CA PHE H 309 -15.38 -42.34 11.02
C PHE H 309 -14.29 -43.34 10.65
N GLN H 310 -14.70 -44.52 10.20
CA GLN H 310 -13.74 -45.48 9.65
C GLN H 310 -13.43 -45.19 8.19
N ILE H 311 -14.44 -44.76 7.42
CA ILE H 311 -14.20 -44.40 6.02
C ILE H 311 -13.59 -43.00 5.90
N ALA H 312 -14.06 -42.06 6.73
CA ALA H 312 -13.63 -40.67 6.69
C ALA H 312 -13.19 -40.26 8.09
N LYS H 313 -12.76 -39.01 8.22
CA LYS H 313 -12.28 -38.46 9.47
C LYS H 313 -12.95 -37.09 9.71
N PRO H 314 -12.99 -36.64 10.97
CA PRO H 314 -13.58 -35.31 11.24
C PRO H 314 -12.94 -34.19 10.46
N SER H 315 -11.65 -34.33 10.11
CA SER H 315 -10.99 -33.33 9.27
C SER H 315 -11.64 -33.21 7.90
N ASP H 316 -12.30 -34.28 7.42
CA ASP H 316 -12.99 -34.23 6.13
C ASP H 316 -14.25 -33.38 6.14
N LEU H 317 -14.76 -33.02 7.32
CA LEU H 317 -15.90 -32.13 7.41
C LEU H 317 -15.53 -30.74 6.94
N ILE H 318 -16.53 -29.98 6.52
CA ILE H 318 -16.30 -28.63 6.03
C ILE H 318 -15.72 -27.78 7.16
N PRO H 319 -14.82 -26.84 6.86
CA PRO H 319 -14.15 -26.11 7.95
C PRO H 319 -15.10 -25.34 8.86
N GLU H 320 -16.17 -24.77 8.32
CA GLU H 320 -17.12 -24.08 9.18
C GLU H 320 -17.80 -25.05 10.14
N LEU H 321 -17.88 -26.32 9.76
CA LEU H 321 -18.48 -27.31 10.65
C LEU H 321 -17.49 -27.82 11.69
N GLN H 322 -16.20 -27.91 11.34
CA GLN H 322 -15.21 -28.40 12.30
C GLN H 322 -15.06 -27.44 13.48
N GLY H 323 -15.20 -26.14 13.25
CA GLY H 323 -15.06 -25.17 14.32
C GLY H 323 -16.27 -25.02 15.19
N ARG H 324 -17.41 -25.57 14.77
CA ARG H 324 -18.63 -25.56 15.57
C ARG H 324 -18.78 -26.81 16.43
N LEU H 325 -17.76 -27.66 16.48
CA LEU H 325 -17.77 -28.88 17.30
C LEU H 325 -16.54 -28.85 18.19
N PRO H 326 -16.52 -27.95 19.18
CA PRO H 326 -15.29 -27.78 19.98
C PRO H 326 -14.87 -29.01 20.74
N ILE H 327 -15.81 -29.83 21.20
CA ILE H 327 -15.50 -30.99 22.04
C ILE H 327 -15.52 -32.24 21.18
N ARG H 328 -14.45 -33.02 21.25
CA ARG H 328 -14.33 -34.28 20.54
C ARG H 328 -14.06 -35.39 21.55
N VAL H 329 -14.67 -36.55 21.32
CA VAL H 329 -14.48 -37.70 22.20
C VAL H 329 -14.66 -38.97 21.38
N GLU H 330 -13.83 -39.97 21.67
CA GLU H 330 -13.94 -41.29 21.09
C GLU H 330 -14.47 -42.25 22.14
N LEU H 331 -15.45 -43.08 21.76
CA LEU H 331 -16.04 -44.05 22.66
C LEU H 331 -15.43 -45.43 22.40
N GLN H 332 -15.04 -46.11 23.48
CA GLN H 332 -14.35 -47.37 23.36
C GLN H 332 -15.31 -48.51 23.04
N ALA H 333 -14.80 -49.53 22.36
CA ALA H 333 -15.60 -50.72 22.07
C ALA H 333 -15.85 -51.52 23.33
N LEU H 334 -17.08 -52.02 23.46
CA LEU H 334 -17.46 -52.83 24.61
C LEU H 334 -16.86 -54.23 24.51
N THR H 335 -16.59 -54.83 25.66
CA THR H 335 -16.03 -56.19 25.74
C THR H 335 -17.09 -57.16 26.29
N THR H 336 -16.72 -58.43 26.35
CA THR H 336 -17.62 -59.43 26.93
C THR H 336 -17.90 -59.14 28.40
N SER H 337 -16.89 -58.64 29.11
CA SER H 337 -17.09 -58.28 30.52
C SER H 337 -18.07 -57.12 30.65
N ASP H 338 -18.03 -56.17 29.72
CA ASP H 338 -18.98 -55.06 29.75
C ASP H 338 -20.40 -55.53 29.46
N PHE H 339 -20.55 -56.53 28.59
CA PHE H 339 -21.88 -57.09 28.33
C PHE H 339 -22.49 -57.67 29.59
N GLU H 340 -21.68 -58.38 30.40
CA GLU H 340 -22.18 -58.93 31.65
C GLU H 340 -22.61 -57.81 32.59
N ARG H 341 -21.88 -56.69 32.57
CA ARG H 341 -22.27 -55.56 33.41
C ARG H 341 -23.54 -54.90 32.89
N ILE H 342 -23.65 -54.73 31.58
CA ILE H 342 -24.83 -54.07 31.00
C ILE H 342 -26.09 -54.88 31.30
N LEU H 343 -25.97 -56.20 31.40
CA LEU H 343 -27.15 -57.03 31.66
C LEU H 343 -27.71 -56.80 33.05
N THR H 344 -26.88 -56.38 34.00
CA THR H 344 -27.28 -56.37 35.40
C THR H 344 -27.11 -55.00 36.05
N GLU H 345 -25.88 -54.49 36.06
CA GLU H 345 -25.55 -53.28 36.83
C GLU H 345 -26.44 -52.08 36.56
N PRO H 346 -26.77 -51.72 35.31
CA PRO H 346 -27.54 -50.49 35.08
C PRO H 346 -28.91 -50.55 35.73
N ASN H 347 -29.37 -49.40 36.21
CA ASN H 347 -30.72 -49.31 36.76
C ASN H 347 -31.74 -49.66 35.70
N ALA H 348 -32.71 -50.51 36.07
CA ALA H 348 -33.71 -51.03 35.15
C ALA H 348 -33.08 -51.74 33.95
N SER H 349 -32.08 -52.57 34.23
CA SER H 349 -31.43 -53.34 33.18
C SER H 349 -32.40 -54.37 32.59
N ILE H 350 -32.10 -54.78 31.36
CA ILE H 350 -33.03 -55.66 30.62
C ILE H 350 -33.29 -56.95 31.37
N THR H 351 -32.30 -57.45 32.13
CA THR H 351 -32.55 -58.61 32.99
C THR H 351 -33.53 -58.25 34.11
N VAL H 352 -33.37 -57.08 34.72
CA VAL H 352 -34.32 -56.62 35.72
C VAL H 352 -35.69 -56.41 35.10
N GLN H 353 -35.74 -55.94 33.85
CA GLN H 353 -37.03 -55.74 33.20
C GLN H 353 -37.74 -57.06 32.97
N TYR H 354 -37.02 -58.07 32.50
CA TYR H 354 -37.63 -59.39 32.31
C TYR H 354 -38.06 -60.00 33.64
N LYS H 355 -37.31 -59.72 34.71
CA LYS H 355 -37.65 -60.27 36.02
C LYS H 355 -38.97 -59.70 36.52
N ALA H 356 -39.12 -58.38 36.46
CA ALA H 356 -40.37 -57.76 36.89
C ALA H 356 -41.53 -58.13 35.95
N LEU H 357 -41.26 -58.30 34.67
CA LEU H 357 -42.33 -58.68 33.73
C LEU H 357 -42.89 -60.06 34.07
N MET H 358 -42.01 -61.05 34.28
CA MET H 358 -42.48 -62.37 34.69
C MET H 358 -43.07 -62.34 36.09
N ALA H 359 -42.62 -61.41 36.94
CA ALA H 359 -43.23 -61.27 38.26
C ALA H 359 -44.69 -60.88 38.15
N THR H 360 -45.05 -60.13 37.11
CA THR H 360 -46.44 -59.77 36.88
C THR H 360 -47.31 -61.01 36.72
N GLU H 361 -46.76 -62.07 36.14
CA GLU H 361 -47.48 -63.32 35.97
C GLU H 361 -47.40 -64.23 37.20
N GLY H 362 -46.74 -63.80 38.26
CA GLY H 362 -46.54 -64.63 39.43
C GLY H 362 -45.33 -65.53 39.40
N VAL H 363 -44.44 -65.38 38.43
CA VAL H 363 -43.26 -66.20 38.29
C VAL H 363 -42.05 -65.42 38.79
N ASN H 364 -41.08 -66.13 39.35
CA ASN H 364 -39.86 -65.53 39.88
C ASN H 364 -38.69 -66.01 39.03
N ILE H 365 -38.09 -65.09 38.27
CA ILE H 365 -36.92 -65.38 37.45
C ILE H 365 -35.66 -65.04 38.26
N GLU H 366 -34.63 -65.87 38.09
CA GLU H 366 -33.34 -65.63 38.70
C GLU H 366 -32.26 -66.11 37.74
N PHE H 367 -31.27 -65.25 37.48
CA PHE H 367 -30.18 -65.55 36.57
C PHE H 367 -28.93 -65.84 37.38
N THR H 368 -28.28 -66.97 37.08
CA THR H 368 -27.00 -67.28 37.68
C THR H 368 -25.90 -66.44 37.04
N ASP H 369 -24.82 -66.22 37.80
CA ASP H 369 -23.69 -65.46 37.26
C ASP H 369 -23.10 -66.15 36.04
N SER H 370 -22.99 -67.47 36.07
CA SER H 370 -22.54 -68.20 34.88
C SER H 370 -23.57 -68.13 33.77
N GLY H 371 -24.86 -68.04 34.13
CA GLY H 371 -25.88 -67.87 33.10
C GLY H 371 -25.84 -66.51 32.45
N ILE H 372 -25.55 -65.46 33.23
CA ILE H 372 -25.30 -64.15 32.66
C ILE H 372 -24.02 -64.16 31.83
N LYS H 373 -23.01 -64.89 32.31
CA LYS H 373 -21.73 -64.93 31.60
C LYS H 373 -21.87 -65.57 30.24
N ARG H 374 -22.73 -66.59 30.12
CA ARG H 374 -22.89 -67.29 28.85
C ARG H 374 -23.85 -66.57 27.90
N ILE H 375 -24.66 -65.64 28.41
CA ILE H 375 -25.44 -64.79 27.52
C ILE H 375 -24.55 -63.77 26.85
N ALA H 376 -23.66 -63.15 27.63
CA ALA H 376 -22.71 -62.19 27.06
C ALA H 376 -21.79 -62.85 26.05
N GLU H 377 -21.35 -64.08 26.34
CA GLU H 377 -20.53 -64.83 25.39
C GLU H 377 -21.32 -65.18 24.12
N ALA H 378 -22.63 -65.42 24.25
CA ALA H 378 -23.44 -65.73 23.08
C ALA H 378 -23.59 -64.52 22.19
N ALA H 379 -23.88 -63.35 22.77
CA ALA H 379 -24.00 -62.14 21.99
C ALA H 379 -22.68 -61.72 21.37
N TRP H 380 -21.57 -61.99 22.04
CA TRP H 380 -20.26 -61.67 21.48
C TRP H 380 -19.95 -62.54 20.26
N GLN H 381 -20.30 -63.83 20.35
CA GLN H 381 -19.98 -64.74 19.25
C GLN H 381 -20.74 -64.37 17.98
N VAL H 382 -21.98 -63.89 18.12
CA VAL H 382 -22.77 -63.52 16.96
C VAL H 382 -22.19 -62.26 16.30
N ASN H 383 -21.77 -61.29 17.12
CA ASN H 383 -21.16 -60.09 16.56
C ASN H 383 -19.86 -60.40 15.83
N GLU H 384 -19.10 -61.38 16.31
CA GLU H 384 -17.87 -61.78 15.63
C GLU H 384 -18.16 -62.71 14.46
N SER H 385 -19.09 -63.65 14.62
CA SER H 385 -19.36 -64.61 13.56
C SER H 385 -20.00 -63.97 12.34
N THR H 386 -20.82 -62.93 12.52
CA THR H 386 -21.51 -62.34 11.38
C THR H 386 -21.23 -60.83 11.28
N GLU H 387 -21.95 -60.03 12.06
CA GLU H 387 -21.84 -58.58 12.03
C GLU H 387 -21.91 -58.05 13.45
N ASN H 388 -21.08 -57.04 13.75
CA ASN H 388 -20.98 -56.51 15.10
C ASN H 388 -21.95 -55.34 15.21
N ILE H 389 -23.03 -55.54 15.96
CA ILE H 389 -24.03 -54.51 16.22
C ILE H 389 -23.86 -53.86 17.59
N GLY H 390 -22.82 -54.24 18.33
CA GLY H 390 -22.63 -53.70 19.66
C GLY H 390 -23.57 -54.34 20.66
N ALA H 391 -23.83 -53.60 21.73
CA ALA H 391 -24.64 -54.11 22.83
C ALA H 391 -26.08 -54.42 22.42
N ARG H 392 -26.51 -53.96 21.24
CA ARG H 392 -27.85 -54.28 20.76
C ARG H 392 -28.07 -55.78 20.63
N ARG H 393 -26.99 -56.54 20.41
CA ARG H 393 -27.13 -57.99 20.27
C ARG H 393 -27.69 -58.62 21.54
N LEU H 394 -27.44 -58.00 22.71
CA LEU H 394 -27.93 -58.55 23.97
C LEU H 394 -29.45 -58.63 24.00
N HIS H 395 -30.14 -57.69 23.36
CA HIS H 395 -31.60 -57.71 23.37
C HIS H 395 -32.13 -58.87 22.55
N THR H 396 -31.56 -59.10 21.37
CA THR H 396 -32.05 -60.18 20.51
C THR H 396 -31.76 -61.55 21.13
N VAL H 397 -30.63 -61.68 21.79
CA VAL H 397 -30.25 -62.96 22.38
C VAL H 397 -31.11 -63.26 23.61
N LEU H 398 -31.38 -62.26 24.43
CA LEU H 398 -32.12 -62.47 25.68
C LEU H 398 -33.56 -62.89 25.39
N GLU H 399 -34.22 -62.21 24.45
CA GLU H 399 -35.60 -62.54 24.14
C GLU H 399 -35.72 -63.93 23.52
N ARG H 400 -34.73 -64.33 22.71
CA ARG H 400 -34.72 -65.67 22.16
C ARG H 400 -34.57 -66.73 23.25
N LEU H 401 -33.82 -66.41 24.31
CA LEU H 401 -33.66 -67.35 25.41
C LEU H 401 -34.94 -67.45 26.25
N MET H 402 -35.59 -66.31 26.48
CA MET H 402 -36.74 -66.24 27.38
C MET H 402 -38.08 -66.44 26.67
N GLU H 403 -38.07 -66.66 25.35
CA GLU H 403 -39.32 -66.76 24.61
C GLU H 403 -40.20 -67.90 25.11
N GLU H 404 -39.59 -69.00 25.56
CA GLU H 404 -40.38 -70.13 26.03
C GLU H 404 -41.00 -69.83 27.39
N ILE H 405 -40.25 -69.17 28.27
CA ILE H 405 -40.80 -68.79 29.57
C ILE H 405 -41.85 -67.70 29.42
N SER H 406 -41.58 -66.69 28.59
CA SER H 406 -42.50 -65.57 28.46
C SER H 406 -43.86 -66.00 27.91
N TYR H 407 -43.90 -67.07 27.11
CA TYR H 407 -45.18 -67.59 26.65
C TYR H 407 -45.89 -68.35 27.74
N ASP H 408 -45.15 -69.17 28.47
CA ASP H 408 -45.69 -70.07 29.47
C ASP H 408 -45.85 -69.40 30.82
N ALA H 409 -45.49 -68.12 30.94
CA ALA H 409 -45.46 -67.46 32.24
C ALA H 409 -46.80 -67.49 32.95
N SER H 410 -47.90 -67.55 32.19
CA SER H 410 -49.23 -67.61 32.81
C SER H 410 -49.45 -68.91 33.58
N ASP H 411 -49.17 -70.06 32.95
CA ASP H 411 -49.38 -71.33 33.67
C ASP H 411 -48.30 -71.59 34.72
N LEU H 412 -47.17 -70.88 34.64
CA LEU H 412 -46.06 -71.08 35.57
C LEU H 412 -46.18 -70.19 36.80
N SER H 413 -47.31 -69.51 36.96
CA SER H 413 -47.51 -68.63 38.11
C SER H 413 -47.33 -69.40 39.41
N GLY H 414 -46.66 -68.77 40.37
CA GLY H 414 -46.36 -69.41 41.62
C GLY H 414 -45.14 -70.31 41.61
N GLN H 415 -44.36 -70.28 40.54
CA GLN H 415 -43.16 -71.10 40.43
C GLN H 415 -41.92 -70.21 40.39
N ASN H 416 -40.80 -70.77 40.84
CA ASN H 416 -39.51 -70.09 40.82
C ASN H 416 -38.65 -70.73 39.74
N ILE H 417 -38.42 -69.99 38.67
CA ILE H 417 -37.59 -70.45 37.55
C ILE H 417 -36.19 -69.89 37.73
N THR H 418 -35.19 -70.69 37.39
CA THR H 418 -33.79 -70.32 37.53
C THR H 418 -33.12 -70.46 36.17
N ILE H 419 -32.52 -69.37 35.69
CA ILE H 419 -31.79 -69.38 34.43
C ILE H 419 -30.33 -69.68 34.77
N ASP H 420 -29.88 -70.88 34.40
CA ASP H 420 -28.53 -71.34 34.67
C ASP H 420 -27.73 -71.48 33.39
N ALA H 421 -26.46 -71.84 33.54
CA ALA H 421 -25.59 -72.02 32.37
C ALA H 421 -26.10 -73.13 31.47
N ASP H 422 -26.63 -74.20 32.06
CA ASP H 422 -27.19 -75.29 31.27
C ASP H 422 -28.42 -74.86 30.50
N TYR H 423 -29.24 -73.96 31.07
CA TYR H 423 -30.43 -73.49 30.36
C TYR H 423 -30.04 -72.59 29.20
N VAL H 424 -29.02 -71.74 29.39
CA VAL H 424 -28.59 -70.85 28.33
C VAL H 424 -28.03 -71.65 27.15
N SER H 425 -27.18 -72.64 27.45
CA SER H 425 -26.61 -73.46 26.38
C SER H 425 -27.68 -74.29 25.68
N LYS H 426 -28.75 -74.66 26.39
CA LYS H 426 -29.79 -75.50 25.80
C LYS H 426 -30.57 -74.75 24.71
N HIS H 427 -30.92 -73.49 24.95
CA HIS H 427 -31.76 -72.71 24.05
C HIS H 427 -30.98 -71.91 23.02
N LEU H 428 -29.66 -71.81 23.15
CA LEU H 428 -28.86 -70.89 22.37
C LEU H 428 -27.81 -71.58 21.51
N ASP H 429 -26.95 -72.38 22.12
CA ASP H 429 -25.76 -72.90 21.43
C ASP H 429 -26.10 -73.57 20.11
N ALA H 430 -27.27 -74.20 20.01
CA ALA H 430 -27.69 -74.76 18.73
C ALA H 430 -27.90 -73.66 17.69
N LEU H 431 -28.37 -72.49 18.12
CA LEU H 431 -28.57 -71.37 17.20
C LEU H 431 -27.25 -70.66 16.89
N VAL H 432 -26.42 -70.45 17.91
CA VAL H 432 -25.14 -69.77 17.71
C VAL H 432 -24.20 -70.62 16.85
N ALA H 433 -24.35 -71.96 16.89
CA ALA H 433 -23.45 -72.83 16.13
C ALA H 433 -23.64 -72.68 14.63
N ASP H 434 -24.85 -72.33 14.19
CA ASP H 434 -25.17 -72.19 12.78
C ASP H 434 -25.19 -70.71 12.45
N GLU H 435 -24.19 -70.23 11.70
CA GLU H 435 -24.12 -68.82 11.35
C GLU H 435 -25.15 -68.45 10.29
N ASP H 436 -25.57 -69.42 9.47
CA ASP H 436 -26.61 -69.15 8.49
C ASP H 436 -27.93 -68.81 9.18
N LEU H 437 -28.22 -69.49 10.28
CA LEU H 437 -29.46 -69.22 11.03
C LEU H 437 -29.33 -67.98 11.92
N SER H 438 -28.14 -67.72 12.46
CA SER H 438 -27.96 -66.62 13.40
C SER H 438 -28.33 -65.29 12.78
N ARG H 439 -28.07 -65.10 11.49
CA ARG H 439 -28.40 -63.84 10.83
C ARG H 439 -29.91 -63.62 10.74
N PHE H 440 -30.68 -64.71 10.61
CA PHE H 440 -32.13 -64.59 10.65
C PHE H 440 -32.65 -64.41 12.07
N ILE H 441 -32.27 -65.32 12.96
CA ILE H 441 -32.92 -65.41 14.27
C ILE H 441 -32.35 -64.41 15.26
N LEU H 442 -31.04 -64.16 15.22
CA LEU H 442 -30.40 -63.34 16.24
C LEU H 442 -29.84 -62.03 15.69
N SER I 1 -57.03 -55.78 27.04
CA SER I 1 -57.60 -57.08 27.35
C SER I 1 -56.67 -57.86 28.28
N GLU I 2 -57.26 -58.64 29.17
CA GLU I 2 -56.50 -59.39 30.17
C GLU I 2 -56.20 -60.83 29.76
N MET I 3 -56.52 -61.20 28.52
CA MET I 3 -56.31 -62.58 28.06
C MET I 3 -54.86 -63.01 28.25
N THR I 4 -54.69 -64.27 28.67
CA THR I 4 -53.38 -64.86 28.81
C THR I 4 -52.88 -65.34 27.45
N PRO I 5 -51.56 -65.51 27.29
CA PRO I 5 -51.05 -65.87 25.95
C PRO I 5 -51.64 -67.14 25.35
N ARG I 6 -51.97 -68.14 26.16
CA ARG I 6 -52.63 -69.33 25.61
C ARG I 6 -54.05 -69.02 25.14
N GLU I 7 -54.75 -68.13 25.86
CA GLU I 7 -56.08 -67.72 25.41
C GLU I 7 -56.00 -66.94 24.11
N ILE I 8 -54.88 -66.25 23.86
CA ILE I 8 -54.69 -65.53 22.60
C ILE I 8 -54.47 -66.51 21.46
N VAL I 9 -53.58 -67.49 21.66
CA VAL I 9 -53.31 -68.48 20.62
C VAL I 9 -54.54 -69.32 20.32
N SER I 10 -55.31 -69.68 21.36
CA SER I 10 -56.51 -70.49 21.14
C SER I 10 -57.53 -69.73 20.31
N GLU I 11 -57.61 -68.42 20.49
CA GLU I 11 -58.50 -67.60 19.66
C GLU I 11 -57.96 -67.49 18.24
N LEU I 12 -56.63 -67.37 18.10
CA LEU I 12 -56.03 -67.29 16.78
C LEU I 12 -56.18 -68.59 16.01
N ASP I 13 -56.21 -69.73 16.71
CA ASP I 13 -56.44 -71.01 16.05
C ASP I 13 -57.81 -71.07 15.39
N LYS I 14 -58.75 -70.26 15.86
CA LYS I 14 -60.07 -70.18 15.25
C LYS I 14 -60.01 -69.57 13.85
N HIS I 15 -58.96 -68.84 13.52
CA HIS I 15 -58.81 -68.26 12.19
C HIS I 15 -57.59 -68.80 11.46
N ILE I 16 -56.39 -68.56 12.00
CA ILE I 16 -55.17 -69.06 11.37
C ILE I 16 -55.00 -70.54 11.72
N ILE I 17 -54.43 -71.29 10.78
CA ILE I 17 -54.11 -72.70 10.97
C ILE I 17 -52.61 -72.88 11.07
N GLY I 18 -52.16 -73.58 12.10
CA GLY I 18 -50.75 -73.82 12.27
C GLY I 18 -50.03 -72.52 12.61
N GLN I 19 -48.74 -72.49 12.29
CA GLN I 19 -47.89 -71.32 12.55
C GLN I 19 -47.95 -70.94 14.02
N ASP I 20 -47.95 -71.95 14.90
CA ASP I 20 -48.14 -71.71 16.31
C ASP I 20 -47.05 -70.82 16.90
N ASN I 21 -45.81 -70.95 16.39
CA ASN I 21 -44.71 -70.14 16.90
C ASN I 21 -44.97 -68.66 16.68
N ALA I 22 -45.49 -68.30 15.51
CA ALA I 22 -45.88 -66.91 15.27
C ALA I 22 -47.03 -66.51 16.18
N LYS I 23 -47.93 -67.45 16.48
CA LYS I 23 -49.01 -67.17 17.42
C LYS I 23 -48.47 -66.98 18.84
N ARG I 24 -47.53 -67.82 19.25
CA ARG I 24 -46.94 -67.69 20.59
C ARG I 24 -46.17 -66.38 20.71
N SER I 25 -45.51 -65.93 19.63
CA SER I 25 -44.71 -64.72 19.70
C SER I 25 -45.58 -63.48 19.81
N VAL I 26 -46.65 -63.41 19.02
CA VAL I 26 -47.55 -62.26 19.09
C VAL I 26 -48.30 -62.21 20.42
N ALA I 27 -48.61 -63.37 21.00
CA ALA I 27 -49.30 -63.40 22.28
C ALA I 27 -48.43 -62.82 23.38
N ILE I 28 -47.11 -63.05 23.31
CA ILE I 28 -46.20 -62.50 24.31
C ILE I 28 -46.18 -60.97 24.25
N ALA I 29 -46.27 -60.42 23.04
CA ALA I 29 -46.24 -58.97 22.92
C ALA I 29 -47.51 -58.34 23.47
N LEU I 30 -48.67 -58.92 23.15
CA LEU I 30 -49.93 -58.39 23.65
C LEU I 30 -50.05 -58.55 25.16
N ARG I 31 -49.47 -59.61 25.71
CA ARG I 31 -49.53 -59.80 27.15
C ARG I 31 -48.64 -58.81 27.89
N ASN I 32 -47.51 -58.43 27.30
CA ASN I 32 -46.64 -57.44 27.92
C ASN I 32 -47.35 -56.08 28.04
N ARG I 33 -48.30 -55.81 27.16
CA ARG I 33 -49.11 -54.60 27.30
C ARG I 33 -49.83 -54.59 28.64
N TRP I 34 -50.58 -55.65 28.94
CA TRP I 34 -51.26 -55.73 30.22
C TRP I 34 -50.27 -55.84 31.38
N ARG I 35 -49.14 -56.50 31.17
CA ARG I 35 -48.14 -56.60 32.22
C ARG I 35 -47.53 -55.25 32.54
N ARG I 36 -47.43 -54.37 31.55
CA ARG I 36 -46.82 -53.07 31.80
C ARG I 36 -47.72 -52.18 32.66
N MET I 37 -49.03 -52.19 32.38
CA MET I 37 -49.94 -51.30 33.09
C MET I 37 -49.98 -51.59 34.59
N GLN I 38 -49.72 -52.84 34.98
CA GLN I 38 -49.69 -53.20 36.39
C GLN I 38 -48.43 -52.71 37.09
N LEU I 39 -47.43 -52.25 36.35
CA LEU I 39 -46.18 -51.80 36.94
C LEU I 39 -46.31 -50.37 37.47
N ASN I 40 -45.23 -49.91 38.11
CA ASN I 40 -45.21 -48.58 38.72
C ASN I 40 -44.94 -47.50 37.68
N GLU I 41 -44.90 -46.25 38.15
CA GLU I 41 -44.76 -45.11 37.24
C GLU I 41 -43.43 -45.16 36.49
N GLU I 42 -42.36 -45.64 37.15
CA GLU I 42 -41.04 -45.62 36.53
C GLU I 42 -40.90 -46.69 35.45
N LEU I 43 -41.24 -47.93 35.79
CA LEU I 43 -41.02 -49.03 34.85
C LEU I 43 -41.91 -48.93 33.61
N ARG I 44 -43.10 -48.32 33.74
CA ARG I 44 -43.99 -48.18 32.59
C ARG I 44 -43.37 -47.34 31.49
N HIS I 45 -42.49 -46.39 31.84
CA HIS I 45 -41.78 -45.62 30.83
C HIS I 45 -40.59 -46.40 30.27
N GLU I 46 -39.83 -47.07 31.14
CA GLU I 46 -38.61 -47.76 30.70
C GLU I 46 -38.93 -48.96 29.81
N VAL I 47 -39.98 -49.71 30.14
CA VAL I 47 -40.37 -50.84 29.32
C VAL I 47 -40.94 -50.33 28.00
N THR I 48 -40.57 -50.99 26.91
CA THR I 48 -41.00 -50.63 25.56
C THR I 48 -41.51 -51.88 24.89
N PRO I 49 -42.38 -51.74 23.89
CA PRO I 49 -43.00 -52.93 23.29
C PRO I 49 -41.95 -53.85 22.70
N LYS I 50 -42.21 -55.15 22.75
CA LYS I 50 -41.31 -56.13 22.16
C LYS I 50 -41.79 -56.31 20.72
N ASN I 51 -41.08 -55.70 19.79
CA ASN I 51 -41.45 -55.75 18.39
C ASN I 51 -41.08 -57.10 17.79
N ILE I 52 -41.84 -57.53 16.80
CA ILE I 52 -41.69 -58.85 16.21
C ILE I 52 -41.31 -58.70 14.74
N LEU I 53 -40.47 -59.62 14.27
CA LEU I 53 -40.09 -59.71 12.87
C LEU I 53 -40.55 -61.06 12.35
N MET I 54 -41.60 -61.07 11.53
CA MET I 54 -42.04 -62.30 10.90
C MET I 54 -41.18 -62.61 9.68
N ILE I 55 -40.97 -63.91 9.46
CA ILE I 55 -40.09 -64.38 8.40
C ILE I 55 -40.73 -65.61 7.78
N GLY I 56 -40.77 -65.66 6.45
CA GLY I 56 -41.29 -66.80 5.74
C GLY I 56 -41.77 -66.44 4.35
N PRO I 57 -42.14 -67.46 3.58
CA PRO I 57 -42.67 -67.22 2.24
C PRO I 57 -44.03 -66.56 2.30
N THR I 58 -44.39 -65.90 1.20
CA THR I 58 -45.62 -65.13 1.16
C THR I 58 -46.85 -66.04 1.30
N GLY I 59 -47.90 -65.49 1.89
CA GLY I 59 -49.18 -66.17 1.95
C GLY I 59 -49.33 -67.23 3.00
N VAL I 60 -48.43 -67.29 3.98
CA VAL I 60 -48.49 -68.32 5.01
C VAL I 60 -49.23 -67.79 6.24
N GLY I 61 -49.76 -66.57 6.15
CA GLY I 61 -50.55 -65.99 7.20
C GLY I 61 -49.87 -65.01 8.13
N LYS I 62 -48.69 -64.50 7.76
CA LYS I 62 -48.04 -63.47 8.57
C LYS I 62 -48.97 -62.29 8.84
N THR I 63 -49.61 -61.78 7.78
CA THR I 63 -50.49 -60.63 7.94
C THR I 63 -51.76 -61.00 8.70
N GLU I 64 -52.29 -62.20 8.46
CA GLU I 64 -53.55 -62.58 9.11
C GLU I 64 -53.39 -62.65 10.61
N ILE I 65 -52.23 -63.10 11.09
CA ILE I 65 -51.97 -63.09 12.52
C ILE I 65 -52.02 -61.67 13.07
N ALA I 66 -51.36 -60.74 12.38
CA ALA I 66 -51.39 -59.35 12.80
C ALA I 66 -52.79 -58.77 12.68
N ARG I 67 -53.53 -59.17 11.65
CA ARG I 67 -54.89 -58.66 11.48
C ARG I 67 -55.80 -59.20 12.57
N ARG I 68 -55.80 -60.52 12.76
CA ARG I 68 -56.63 -61.09 13.81
C ARG I 68 -56.16 -60.69 15.21
N LEU I 69 -54.86 -60.41 15.38
CA LEU I 69 -54.37 -59.98 16.68
C LEU I 69 -54.93 -58.61 17.04
N ALA I 70 -54.84 -57.65 16.12
CA ALA I 70 -55.38 -56.32 16.38
C ALA I 70 -56.91 -56.37 16.48
N LYS I 71 -57.56 -57.16 15.61
CA LYS I 71 -58.99 -57.35 15.71
C LYS I 71 -59.38 -58.00 17.03
N LEU I 72 -58.52 -58.87 17.56
CA LEU I 72 -58.77 -59.48 18.86
C LEU I 72 -58.70 -58.44 19.98
N ALA I 73 -57.73 -57.53 19.89
CA ALA I 73 -57.54 -56.50 20.89
C ALA I 73 -58.39 -55.26 20.64
N ASN I 74 -59.12 -55.19 19.53
CA ASN I 74 -59.85 -54.00 19.11
C ASN I 74 -58.93 -52.80 18.92
N ALA I 75 -57.65 -53.05 18.66
CA ALA I 75 -56.63 -52.04 18.53
C ALA I 75 -56.63 -51.44 17.12
N PRO I 76 -56.15 -50.20 16.98
CA PRO I 76 -55.93 -49.66 15.63
C PRO I 76 -54.85 -50.46 14.92
N PHE I 77 -55.01 -50.59 13.60
CA PHE I 77 -54.09 -51.41 12.82
C PHE I 77 -53.96 -50.82 11.42
N ILE I 78 -52.76 -50.98 10.87
CA ILE I 78 -52.47 -50.57 9.50
C ILE I 78 -51.36 -51.47 8.95
N LYS I 79 -51.47 -51.80 7.67
CA LYS I 79 -50.42 -52.51 6.95
C LYS I 79 -49.78 -51.56 5.94
N VAL I 80 -48.45 -51.46 5.99
CA VAL I 80 -47.71 -50.54 5.13
C VAL I 80 -46.62 -51.33 4.41
N GLU I 81 -46.52 -51.11 3.11
CA GLU I 81 -45.47 -51.73 2.31
C GLU I 81 -44.21 -50.88 2.42
N ALA I 82 -43.12 -51.51 2.88
CA ALA I 82 -41.89 -50.76 3.11
C ALA I 82 -41.34 -50.16 1.82
N THR I 83 -41.64 -50.76 0.67
CA THR I 83 -41.15 -50.26 -0.62
C THR I 83 -41.85 -48.98 -1.08
N LYS I 84 -42.96 -48.58 -0.45
CA LYS I 84 -43.64 -47.34 -0.84
C LYS I 84 -42.77 -46.10 -0.65
N PHE I 85 -41.84 -46.14 0.31
CA PHE I 85 -41.02 -44.98 0.67
C PHE I 85 -39.71 -44.91 -0.10
N THR I 86 -39.43 -45.87 -0.99
CA THR I 86 -38.20 -45.81 -1.78
C THR I 86 -38.20 -44.63 -2.74
N GLU I 87 -39.38 -44.21 -3.21
CA GLU I 87 -39.52 -43.16 -4.20
C GLU I 87 -39.55 -41.77 -3.56
N GLY I 92 -41.32 -38.21 -3.08
CA GLY I 92 -42.00 -39.34 -2.48
C GLY I 92 -42.62 -39.00 -1.15
N GLU I 94 -43.60 -39.13 2.83
CA GLU I 94 -42.90 -39.09 4.11
C GLU I 94 -43.26 -40.28 4.98
N VAL I 95 -42.30 -40.73 5.79
CA VAL I 95 -42.53 -41.87 6.67
C VAL I 95 -43.54 -41.55 7.76
N ASP I 96 -43.69 -40.28 8.13
CA ASP I 96 -44.62 -39.90 9.19
C ASP I 96 -46.06 -40.20 8.84
N SER I 97 -46.37 -40.40 7.56
CA SER I 97 -47.74 -40.72 7.14
C SER I 97 -48.27 -42.00 7.77
N ILE I 98 -47.39 -42.92 8.16
CA ILE I 98 -47.82 -44.16 8.79
C ILE I 98 -48.67 -43.87 10.03
N ILE I 99 -48.17 -43.02 10.91
CA ILE I 99 -48.92 -42.66 12.12
C ILE I 99 -50.15 -41.85 11.77
N ARG I 100 -50.07 -41.03 10.71
CA ARG I 100 -51.23 -40.23 10.30
C ARG I 100 -52.35 -41.14 9.80
N ASP I 101 -52.02 -42.07 8.90
CA ASP I 101 -53.03 -43.00 8.40
C ASP I 101 -53.49 -43.94 9.50
N LEU I 102 -52.62 -44.25 10.45
CA LEU I 102 -53.03 -45.09 11.58
C LEU I 102 -54.06 -44.37 12.45
N THR I 103 -53.83 -43.09 12.73
CA THR I 103 -54.80 -42.32 13.51
C THR I 103 -56.11 -42.16 12.77
N ASP I 104 -56.05 -42.05 11.43
CA ASP I 104 -57.28 -41.94 10.64
C ASP I 104 -58.12 -43.21 10.71
N ALA I 105 -57.46 -44.38 10.79
CA ALA I 105 -58.20 -45.62 11.00
C ALA I 105 -58.73 -45.74 12.42
N ALA I 106 -57.96 -45.28 13.41
CA ALA I 106 -58.43 -45.28 14.79
C ALA I 106 -59.60 -44.32 14.99
N VAL I 107 -59.59 -43.19 14.29
CA VAL I 107 -60.70 -42.25 14.38
C VAL I 107 -61.99 -42.92 13.91
N LYS I 108 -61.98 -43.47 12.70
CA LYS I 108 -63.17 -44.16 12.19
C LYS I 108 -63.51 -45.38 13.02
N MET I 109 -62.51 -46.00 13.65
CA MET I 109 -62.78 -47.16 14.50
C MET I 109 -63.51 -46.75 15.77
N VAL I 110 -62.98 -45.74 16.48
CA VAL I 110 -63.64 -45.31 17.70
C VAL I 110 -64.96 -44.62 17.41
N ARG I 111 -65.09 -44.00 16.23
CA ARG I 111 -66.33 -43.29 15.88
C ARG I 111 -67.47 -44.28 15.63
N VAL I 112 -67.24 -45.26 14.75
CA VAL I 112 -68.28 -46.25 14.45
C VAL I 112 -68.63 -47.04 15.70
N GLN I 113 -67.64 -47.32 16.54
CA GLN I 113 -67.91 -48.00 17.81
C GLN I 113 -68.68 -47.11 18.76
N ALA I 114 -68.42 -45.80 18.75
CA ALA I 114 -69.22 -44.89 19.55
C ALA I 114 -70.65 -44.81 19.04
N ILE I 115 -70.86 -44.95 17.73
CA ILE I 115 -72.22 -44.97 17.17
C ILE I 115 -72.98 -46.19 17.68
N GLU I 116 -72.29 -47.31 17.92
CA GLU I 116 -72.95 -48.50 18.43
C GLU I 116 -73.57 -48.25 19.80
N LYS I 117 -72.88 -47.47 20.64
CA LYS I 117 -73.46 -47.08 21.93
C LYS I 117 -74.65 -46.13 21.74
N ASN I 118 -74.61 -45.30 20.70
CA ASN I 118 -75.68 -44.35 20.41
C ASN I 118 -76.86 -45.00 19.70
N ARG I 119 -76.64 -46.15 19.03
CA ARG I 119 -77.73 -46.80 18.32
C ARG I 119 -78.91 -47.11 19.23
N TYR I 120 -78.63 -47.40 20.51
CA TYR I 120 -79.70 -47.72 21.45
C TYR I 120 -80.38 -46.47 22.00
N ARG I 121 -79.63 -45.62 22.70
CA ARG I 121 -80.23 -44.45 23.35
C ARG I 121 -80.93 -43.55 22.35
N ALA I 122 -80.35 -43.36 21.16
CA ALA I 122 -80.92 -42.42 20.20
C ALA I 122 -82.32 -42.82 19.78
N GLU I 123 -82.55 -44.12 19.60
CA GLU I 123 -83.88 -44.59 19.22
C GLU I 123 -84.93 -44.25 20.28
N GLU I 124 -84.54 -44.29 21.56
CA GLU I 124 -85.46 -43.90 22.62
C GLU I 124 -85.75 -42.41 22.57
N LEU I 125 -84.70 -41.59 22.47
CA LEU I 125 -84.89 -40.14 22.45
C LEU I 125 -85.50 -39.67 21.14
N ALA I 126 -85.27 -40.39 20.05
CA ALA I 126 -85.91 -40.02 18.77
C ALA I 126 -87.39 -40.36 18.78
N GLU I 127 -87.77 -41.44 19.47
CA GLU I 127 -89.18 -41.76 19.62
C GLU I 127 -89.88 -40.70 20.48
N GLU I 128 -89.22 -40.23 21.54
CA GLU I 128 -89.81 -39.19 22.38
C GLU I 128 -89.95 -37.87 21.64
N ARG I 129 -89.11 -37.64 20.62
CA ARG I 129 -89.22 -36.42 19.82
C ARG I 129 -90.38 -36.50 18.84
N ILE I 130 -90.53 -37.65 18.17
CA ILE I 130 -91.57 -37.78 17.15
C ILE I 130 -92.96 -37.88 17.79
N LEU I 131 -93.04 -38.36 19.04
CA LEU I 131 -94.32 -38.43 19.73
C LEU I 131 -94.79 -37.05 20.20
N ASP I 132 -93.92 -36.05 20.23
CA ASP I 132 -94.32 -34.70 20.63
C ASP I 132 -95.19 -34.06 19.56
N ALA I 154 -102.73 -42.22 24.49
CA ALA I 154 -102.45 -41.89 23.10
C ALA I 154 -100.95 -41.91 22.83
N ARG I 155 -100.17 -41.58 23.86
CA ARG I 155 -98.71 -41.64 23.74
C ARG I 155 -98.24 -43.04 23.41
N GLN I 156 -98.84 -44.05 24.04
CA GLN I 156 -98.50 -45.43 23.75
C GLN I 156 -99.20 -45.92 22.49
N ALA I 157 -100.44 -45.46 22.25
CA ALA I 157 -101.18 -45.89 21.07
C ALA I 157 -100.46 -45.46 19.80
N PHE I 158 -99.83 -44.28 19.81
CA PHE I 158 -98.99 -43.88 18.69
C PHE I 158 -97.63 -44.56 18.74
N ARG I 159 -97.10 -44.84 19.93
CA ARG I 159 -95.82 -45.53 20.05
C ARG I 159 -95.90 -46.94 19.47
N LYS I 160 -97.07 -47.58 19.56
CA LYS I 160 -97.23 -48.92 19.03
C LYS I 160 -97.25 -48.89 17.50
N LYS I 161 -98.06 -48.00 16.91
CA LYS I 161 -98.12 -47.88 15.47
C LYS I 161 -96.78 -47.47 14.87
N LEU I 162 -95.96 -46.78 15.65
CA LEU I 162 -94.63 -46.38 15.17
C LEU I 162 -93.72 -47.60 15.05
N ARG I 163 -93.63 -48.39 16.12
CA ARG I 163 -92.77 -49.58 16.08
C ARG I 163 -93.27 -50.60 15.06
N GLU I 164 -94.58 -50.62 14.80
CA GLU I 164 -95.12 -51.49 13.76
C GLU I 164 -94.70 -51.05 12.36
N GLY I 165 -94.24 -49.81 12.22
CA GLY I 165 -93.78 -49.30 10.94
C GLY I 165 -94.76 -48.32 10.31
N GLN I 166 -94.24 -47.53 9.38
CA GLN I 166 -95.05 -46.56 8.65
C GLN I 166 -94.37 -46.12 7.37
N LYS I 216 -91.89 -34.71 5.42
CA LYS I 216 -91.63 -36.15 5.36
C LYS I 216 -91.66 -36.76 6.75
N ILE I 217 -92.30 -37.93 6.86
CA ILE I 217 -92.45 -38.61 8.14
C ILE I 217 -91.41 -39.72 8.27
N LYS I 218 -91.46 -40.69 7.35
CA LYS I 218 -90.56 -41.84 7.44
C LYS I 218 -89.09 -41.41 7.39
N ASP I 219 -88.78 -40.31 6.71
CA ASP I 219 -87.40 -39.82 6.65
C ASP I 219 -86.96 -39.15 7.95
N ALA I 220 -87.91 -38.70 8.77
CA ALA I 220 -87.54 -37.90 9.93
C ALA I 220 -86.88 -38.72 11.02
N MET I 221 -87.22 -40.01 11.13
CA MET I 221 -86.63 -40.84 12.18
C MET I 221 -85.13 -41.00 11.98
N LYS I 222 -84.65 -40.91 10.73
CA LYS I 222 -83.23 -41.02 10.45
C LYS I 222 -82.47 -39.76 10.84
N LEU I 223 -83.08 -38.59 10.66
CA LEU I 223 -82.41 -37.34 10.98
C LEU I 223 -82.21 -37.19 12.49
N LEU I 224 -83.16 -37.66 13.30
CA LEU I 224 -83.04 -37.52 14.74
C LEU I 224 -81.92 -38.41 15.29
N ILE I 225 -81.63 -39.53 14.62
CA ILE I 225 -80.54 -40.38 15.06
C ILE I 225 -79.22 -39.62 15.01
N GLU I 226 -78.99 -38.85 13.95
CA GLU I 226 -77.80 -38.02 13.87
C GLU I 226 -77.77 -36.99 14.99
N GLU I 227 -78.82 -36.19 15.10
CA GLU I 227 -78.84 -35.12 16.10
C GLU I 227 -78.72 -35.67 17.50
N GLU I 228 -79.39 -36.79 17.79
CA GLU I 228 -79.28 -37.38 19.12
C GLU I 228 -77.92 -38.04 19.33
N ALA I 229 -77.44 -38.80 18.34
CA ALA I 229 -76.11 -39.39 18.45
C ALA I 229 -75.03 -38.33 18.55
N ALA I 230 -75.21 -37.21 17.84
CA ALA I 230 -74.30 -36.09 17.99
C ALA I 230 -74.44 -35.45 19.37
N LYS I 231 -75.68 -35.35 19.87
CA LYS I 231 -75.90 -34.84 21.21
C LYS I 231 -75.33 -35.80 22.26
N LEU I 232 -75.41 -37.11 22.03
CA LEU I 232 -74.90 -38.08 22.99
C LEU I 232 -73.39 -38.25 22.90
N VAL I 233 -72.82 -38.12 21.70
CA VAL I 233 -71.39 -38.35 21.53
C VAL I 233 -70.61 -37.18 22.10
N ASN I 234 -69.41 -37.47 22.60
CA ASN I 234 -68.54 -36.47 23.19
C ASN I 234 -67.29 -36.34 22.35
N PRO I 235 -67.11 -35.21 21.63
CA PRO I 235 -66.00 -35.17 20.67
C PRO I 235 -64.63 -35.11 21.32
N GLU I 236 -64.49 -34.39 22.45
CA GLU I 236 -63.20 -34.35 23.13
C GLU I 236 -62.84 -35.68 23.79
N GLU I 237 -63.84 -36.48 24.17
CA GLU I 237 -63.53 -37.81 24.67
C GLU I 237 -63.36 -38.83 23.55
N LEU I 238 -63.76 -38.48 22.32
CA LEU I 238 -63.68 -39.38 21.17
C LEU I 238 -62.40 -39.15 20.35
N LYS I 239 -62.21 -37.94 19.82
CA LYS I 239 -60.98 -37.64 19.08
C LYS I 239 -59.74 -37.84 19.95
N GLN I 240 -59.87 -37.64 21.27
CA GLN I 240 -58.80 -37.97 22.20
C GLN I 240 -58.75 -39.46 22.54
N ASP I 241 -59.84 -40.21 22.28
CA ASP I 241 -59.82 -41.66 22.52
C ASP I 241 -59.03 -42.38 21.45
N ALA I 242 -59.18 -41.99 20.18
CA ALA I 242 -58.40 -42.61 19.11
C ALA I 242 -56.91 -42.36 19.30
N ILE I 243 -56.53 -41.21 19.87
CA ILE I 243 -55.13 -40.97 20.20
C ILE I 243 -54.67 -41.92 21.30
N ASP I 244 -55.48 -42.09 22.34
CA ASP I 244 -55.16 -43.07 23.37
C ASP I 244 -55.18 -44.49 22.81
N ALA I 245 -56.08 -44.76 21.86
CA ALA I 245 -56.12 -46.07 21.22
C ALA I 245 -54.87 -46.29 20.36
N VAL I 246 -54.37 -45.24 19.72
CA VAL I 246 -53.15 -45.37 18.92
C VAL I 246 -51.93 -45.50 19.83
N GLU I 247 -51.80 -44.60 20.80
CA GLU I 247 -50.61 -44.61 21.64
C GLU I 247 -50.52 -45.87 22.48
N GLN I 248 -51.62 -46.25 23.13
CA GLN I 248 -51.57 -47.42 24.01
C GLN I 248 -51.69 -48.72 23.24
N HIS I 249 -52.69 -48.83 22.36
CA HIS I 249 -53.03 -50.09 21.73
C HIS I 249 -52.54 -50.22 20.30
N GLY I 250 -51.91 -49.19 19.74
CA GLY I 250 -51.67 -49.17 18.32
C GLY I 250 -50.79 -50.31 17.84
N ILE I 251 -51.05 -50.75 16.61
CA ILE I 251 -50.30 -51.83 15.98
C ILE I 251 -50.06 -51.44 14.53
N VAL I 252 -48.87 -51.77 14.03
CA VAL I 252 -48.48 -51.47 12.66
C VAL I 252 -47.78 -52.69 12.08
N PHE I 253 -48.17 -53.08 10.88
CA PHE I 253 -47.55 -54.18 10.16
C PHE I 253 -46.82 -53.62 8.95
N ILE I 254 -45.50 -53.84 8.91
CA ILE I 254 -44.66 -53.37 7.81
C ILE I 254 -44.33 -54.59 6.97
N ASP I 255 -44.98 -54.69 5.81
CA ASP I 255 -44.75 -55.82 4.93
C ASP I 255 -43.43 -55.64 4.18
N GLU I 256 -42.87 -56.77 3.75
CA GLU I 256 -41.71 -56.82 2.85
C GLU I 256 -40.57 -55.90 3.29
N ILE I 257 -40.26 -55.95 4.59
CA ILE I 257 -39.13 -55.19 5.10
C ILE I 257 -37.81 -55.73 4.59
N ASP I 258 -37.76 -57.00 4.18
CA ASP I 258 -36.49 -57.57 3.71
C ASP I 258 -36.01 -56.90 2.44
N LYS I 259 -36.90 -56.25 1.70
CA LYS I 259 -36.55 -55.63 0.44
C LYS I 259 -35.84 -54.30 0.60
N ILE I 260 -35.81 -53.72 1.80
CA ILE I 260 -35.07 -52.49 2.05
C ILE I 260 -33.67 -52.75 2.61
N CYS I 261 -33.26 -54.01 2.73
CA CYS I 261 -31.91 -54.34 3.17
C CYS I 261 -30.90 -54.11 2.04
N LYS I 262 -29.65 -53.92 2.44
CA LYS I 262 -28.56 -53.71 1.49
C LYS I 262 -28.29 -54.96 0.66
N PRO I 269 -28.99 -48.07 -4.88
CA PRO I 269 -30.19 -48.41 -4.10
C PRO I 269 -29.91 -48.64 -2.61
N ASP I 270 -28.72 -49.13 -2.26
CA ASP I 270 -28.40 -49.41 -0.86
C ASP I 270 -28.50 -48.15 0.02
N VAL I 271 -28.23 -46.98 -0.54
CA VAL I 271 -28.41 -45.74 0.20
C VAL I 271 -29.89 -45.43 0.37
N SER I 272 -30.66 -45.53 -0.72
CA SER I 272 -32.10 -45.32 -0.65
C SER I 272 -32.81 -46.41 0.14
N ARG I 273 -32.33 -47.66 0.06
CA ARG I 273 -32.94 -48.74 0.83
C ARG I 273 -32.71 -48.55 2.32
N GLU I 274 -31.44 -48.41 2.71
CA GLU I 274 -31.10 -48.17 4.11
C GLU I 274 -31.56 -46.80 4.58
N GLY I 275 -31.78 -45.86 3.66
CA GLY I 275 -32.33 -44.58 4.04
C GLY I 275 -33.75 -44.69 4.59
N VAL I 276 -34.53 -45.62 4.03
CA VAL I 276 -35.87 -45.86 4.55
C VAL I 276 -35.82 -46.42 5.97
N GLN I 277 -34.81 -47.24 6.26
CA GLN I 277 -34.66 -47.80 7.60
C GLN I 277 -34.40 -46.68 8.62
N ARG I 278 -33.50 -45.75 8.27
CA ARG I 278 -33.20 -44.63 9.15
C ARG I 278 -34.42 -43.73 9.35
N ASP I 279 -35.24 -43.57 8.30
CA ASP I 279 -36.47 -42.79 8.43
C ASP I 279 -37.47 -43.50 9.35
N LEU I 280 -37.51 -44.83 9.30
CA LEU I 280 -38.38 -45.60 10.19
C LEU I 280 -37.84 -45.62 11.62
N LEU I 281 -36.55 -45.36 11.80
CA LEU I 281 -35.92 -45.51 13.11
C LEU I 281 -36.58 -44.69 14.22
N PRO I 282 -36.90 -43.41 14.03
CA PRO I 282 -37.53 -42.66 15.14
C PRO I 282 -38.85 -43.25 15.60
N LEU I 283 -39.61 -43.89 14.70
CA LEU I 283 -40.91 -44.41 15.09
C LEU I 283 -40.79 -45.53 16.11
N VAL I 284 -39.78 -46.39 15.97
CA VAL I 284 -39.60 -47.51 16.90
C VAL I 284 -38.82 -47.10 18.15
N GLU I 285 -37.80 -46.26 18.00
CA GLU I 285 -37.06 -45.73 19.14
C GLU I 285 -37.89 -44.76 19.96
N GLY I 286 -39.00 -44.28 19.40
CA GLY I 286 -39.88 -43.33 20.04
C GLY I 286 -39.68 -41.93 19.52
N CYS I 287 -40.77 -41.20 19.37
CA CYS I 287 -40.77 -39.85 18.82
C CYS I 287 -42.18 -39.29 18.97
N THR I 288 -42.41 -38.11 18.43
CA THR I 288 -43.73 -37.50 18.43
C THR I 288 -44.03 -37.02 17.02
N VAL I 289 -45.23 -37.35 16.53
CA VAL I 289 -45.67 -36.99 15.19
C VAL I 289 -46.92 -36.12 15.32
N SER I 290 -46.98 -35.08 14.51
CA SER I 290 -48.12 -34.17 14.50
C SER I 290 -49.17 -34.64 13.51
N THR I 291 -50.43 -34.62 13.94
CA THR I 291 -51.56 -34.95 13.08
C THR I 291 -52.66 -33.93 13.33
N LYS I 292 -53.54 -33.78 12.33
CA LYS I 292 -54.67 -32.87 12.48
C LYS I 292 -55.57 -33.30 13.63
N HIS I 293 -55.65 -34.60 13.90
CA HIS I 293 -56.44 -35.10 15.02
C HIS I 293 -55.79 -34.85 16.38
N GLY I 294 -54.48 -34.68 16.41
CA GLY I 294 -53.78 -34.43 17.66
C GLY I 294 -52.30 -34.75 17.54
N MET I 295 -51.64 -34.76 18.69
CA MET I 295 -50.21 -34.98 18.79
C MET I 295 -49.99 -36.37 19.38
N VAL I 296 -49.40 -37.27 18.59
CA VAL I 296 -49.27 -38.68 18.95
C VAL I 296 -47.81 -39.00 19.26
N LYS I 297 -47.61 -39.91 20.21
CA LYS I 297 -46.29 -40.42 20.55
C LYS I 297 -46.22 -41.91 20.21
N THR I 298 -45.10 -42.32 19.62
CA THR I 298 -44.94 -43.67 19.08
C THR I 298 -44.23 -44.62 20.03
N ASP I 299 -43.94 -44.19 21.27
CA ASP I 299 -43.06 -44.97 22.13
C ASP I 299 -43.62 -46.35 22.43
N HIS I 300 -44.90 -46.44 22.70
CA HIS I 300 -45.52 -47.69 23.14
C HIS I 300 -46.25 -48.42 22.03
N ILE I 301 -46.18 -47.92 20.80
CA ILE I 301 -46.79 -48.62 19.68
C ILE I 301 -46.04 -49.91 19.41
N LEU I 302 -46.80 -50.97 19.12
CA LEU I 302 -46.24 -52.26 18.73
C LEU I 302 -46.14 -52.33 17.21
N PHE I 303 -45.09 -52.98 16.74
CA PHE I 303 -44.82 -53.07 15.31
C PHE I 303 -44.54 -54.52 14.95
N ILE I 304 -44.94 -54.91 13.74
CA ILE I 304 -44.69 -56.24 13.21
C ILE I 304 -44.13 -56.08 11.82
N ALA I 305 -42.86 -56.48 11.65
CA ALA I 305 -42.22 -56.49 10.35
C ALA I 305 -42.20 -57.91 9.79
N SER I 306 -42.33 -58.01 8.47
CA SER I 306 -42.35 -59.31 7.80
C SER I 306 -41.57 -59.22 6.49
N GLY I 307 -40.95 -60.33 6.13
CA GLY I 307 -40.24 -60.42 4.87
C GLY I 307 -39.82 -61.84 4.55
N ALA I 308 -39.67 -62.15 3.26
CA ALA I 308 -39.19 -63.48 2.90
C ALA I 308 -37.73 -63.68 3.29
N PHE I 309 -36.93 -62.61 3.22
CA PHE I 309 -35.51 -62.66 3.58
C PHE I 309 -34.76 -63.78 2.85
N GLN I 310 -35.17 -64.06 1.61
CA GLN I 310 -34.40 -64.99 0.80
C GLN I 310 -33.23 -64.30 0.13
N ILE I 311 -33.40 -63.04 -0.28
CA ILE I 311 -32.30 -62.27 -0.86
C ILE I 311 -31.38 -61.72 0.22
N ALA I 312 -31.95 -61.23 1.32
CA ALA I 312 -31.19 -60.61 2.39
C ALA I 312 -31.55 -61.30 3.70
N LYS I 313 -30.92 -60.87 4.77
CA LYS I 313 -31.13 -61.43 6.10
C LYS I 313 -31.34 -60.32 7.09
N PRO I 314 -32.01 -60.58 8.21
CA PRO I 314 -32.20 -59.55 9.23
C PRO I 314 -30.90 -58.94 9.74
N SER I 315 -29.79 -59.67 9.71
CA SER I 315 -28.51 -59.07 10.08
C SER I 315 -28.13 -57.93 9.15
N ASP I 316 -28.64 -57.95 7.92
CA ASP I 316 -28.39 -56.88 6.96
C ASP I 316 -29.11 -55.59 7.33
N LEU I 317 -30.06 -55.64 8.24
CA LEU I 317 -30.72 -54.43 8.70
C LEU I 317 -29.74 -53.57 9.47
N ILE I 318 -30.01 -52.28 9.51
CA ILE I 318 -29.14 -51.35 10.21
C ILE I 318 -29.14 -51.76 11.68
N PRO I 319 -28.02 -51.59 12.40
CA PRO I 319 -27.98 -52.12 13.78
C PRO I 319 -29.02 -51.52 14.70
N GLU I 320 -29.34 -50.23 14.57
CA GLU I 320 -30.34 -49.63 15.44
C GLU I 320 -31.71 -50.26 15.23
N LEU I 321 -31.96 -50.81 14.04
CA LEU I 321 -33.23 -51.47 13.77
C LEU I 321 -33.24 -52.90 14.29
N GLN I 322 -32.10 -53.59 14.25
CA GLN I 322 -32.03 -54.97 14.73
C GLN I 322 -32.34 -55.06 16.21
N GLY I 323 -31.93 -54.06 17.00
CA GLY I 323 -32.20 -54.05 18.43
C GLY I 323 -33.58 -53.59 18.81
N ARG I 324 -34.32 -53.02 17.87
CA ARG I 324 -35.71 -52.64 18.11
C ARG I 324 -36.68 -53.73 17.69
N LEU I 325 -36.19 -54.91 17.32
CA LEU I 325 -37.02 -56.06 16.96
C LEU I 325 -36.61 -57.24 17.84
N PRO I 326 -36.91 -57.17 19.13
CA PRO I 326 -36.43 -58.20 20.07
C PRO I 326 -36.92 -59.61 19.77
N ILE I 327 -38.16 -59.78 19.31
CA ILE I 327 -38.75 -61.09 19.10
C ILE I 327 -38.65 -61.43 17.62
N ARG I 328 -38.12 -62.61 17.32
CA ARG I 328 -37.99 -63.11 15.96
C ARG I 328 -38.69 -64.45 15.85
N VAL I 329 -39.34 -64.69 14.72
CA VAL I 329 -40.02 -65.96 14.48
C VAL I 329 -40.04 -66.23 12.98
N GLU I 330 -39.87 -67.49 12.62
CA GLU I 330 -39.99 -67.93 11.24
C GLU I 330 -41.29 -68.69 11.07
N LEU I 331 -42.03 -68.38 10.02
CA LEU I 331 -43.28 -69.06 9.72
C LEU I 331 -43.02 -70.13 8.67
N GLN I 332 -43.52 -71.34 8.94
CA GLN I 332 -43.28 -72.47 8.06
C GLN I 332 -44.16 -72.37 6.83
N ALA I 333 -43.72 -73.00 5.75
CA ALA I 333 -44.56 -73.10 4.57
C ALA I 333 -45.74 -74.01 4.91
N LEU I 334 -46.91 -73.65 4.40
CA LEU I 334 -48.11 -74.41 4.74
C LEU I 334 -48.08 -75.74 4.00
N THR I 335 -48.57 -76.78 4.65
CA THR I 335 -48.60 -78.11 4.07
C THR I 335 -49.97 -78.39 3.47
N THR I 336 -50.11 -79.57 2.85
CA THR I 336 -51.40 -79.96 2.31
C THR I 336 -52.43 -80.17 3.42
N SER I 337 -52.00 -80.74 4.56
CA SER I 337 -52.92 -80.96 5.67
C SER I 337 -53.43 -79.66 6.25
N ASP I 338 -52.57 -78.64 6.32
CA ASP I 338 -53.01 -77.34 6.80
C ASP I 338 -54.00 -76.69 5.84
N PHE I 339 -53.82 -76.90 4.53
CA PHE I 339 -54.79 -76.38 3.57
C PHE I 339 -56.17 -76.96 3.80
N GLU I 340 -56.24 -78.26 4.08
CA GLU I 340 -57.54 -78.88 4.35
C GLU I 340 -58.17 -78.28 5.60
N ARG I 341 -57.36 -77.93 6.59
CA ARG I 341 -57.88 -77.29 7.78
C ARG I 341 -58.33 -75.87 7.49
N ILE I 342 -57.55 -75.12 6.71
CA ILE I 342 -57.89 -73.73 6.40
C ILE I 342 -59.23 -73.65 5.66
N LEU I 343 -59.56 -74.68 4.87
CA LEU I 343 -60.79 -74.66 4.11
C LEU I 343 -62.01 -74.80 5.01
N THR I 344 -61.87 -75.43 6.17
CA THR I 344 -63.04 -75.82 6.97
C THR I 344 -63.00 -75.28 8.38
N GLU I 345 -61.96 -75.65 9.15
CA GLU I 345 -61.90 -75.36 10.58
C GLU I 345 -62.11 -73.90 10.96
N PRO I 346 -61.47 -72.91 10.32
CA PRO I 346 -61.61 -71.54 10.79
C PRO I 346 -63.04 -71.04 10.74
N ASN I 347 -63.39 -70.20 11.71
CA ASN I 347 -64.70 -69.57 11.70
C ASN I 347 -64.86 -68.72 10.45
N ALA I 348 -65.99 -68.85 9.78
CA ALA I 348 -66.25 -68.18 8.50
C ALA I 348 -65.19 -68.53 7.45
N SER I 349 -64.86 -69.81 7.36
CA SER I 349 -63.89 -70.27 6.36
C SER I 349 -64.48 -70.12 4.96
N ILE I 350 -63.57 -70.04 3.98
CA ILE I 350 -63.99 -69.76 2.60
C ILE I 350 -64.98 -70.79 2.08
N THR I 351 -64.87 -72.05 2.53
CA THR I 351 -65.87 -73.04 2.19
C THR I 351 -67.22 -72.73 2.84
N VAL I 352 -67.20 -72.29 4.10
CA VAL I 352 -68.44 -71.88 4.77
C VAL I 352 -69.01 -70.63 4.10
N GLN I 353 -68.15 -69.74 3.60
CA GLN I 353 -68.63 -68.55 2.90
C GLN I 353 -69.36 -68.91 1.62
N TYR I 354 -68.78 -69.83 0.84
CA TYR I 354 -69.44 -70.27 -0.39
C TYR I 354 -70.74 -71.01 -0.12
N LYS I 355 -70.81 -71.74 1.01
CA LYS I 355 -72.02 -72.47 1.34
C LYS I 355 -73.18 -71.52 1.63
N ALA I 356 -72.95 -70.51 2.48
CA ALA I 356 -73.99 -69.53 2.78
C ALA I 356 -74.32 -68.66 1.57
N LEU I 357 -73.35 -68.38 0.70
CA LEU I 357 -73.63 -67.61 -0.51
C LEU I 357 -74.59 -68.35 -1.42
N MET I 358 -74.32 -69.63 -1.67
CA MET I 358 -75.24 -70.45 -2.46
C MET I 358 -76.55 -70.68 -1.71
N ALA I 359 -76.52 -70.67 -0.38
CA ALA I 359 -77.75 -70.77 0.39
C ALA I 359 -78.66 -69.59 0.13
N THR I 360 -78.08 -68.42 -0.18
CA THR I 360 -78.89 -67.26 -0.53
C THR I 360 -79.72 -67.51 -1.77
N GLU I 361 -79.19 -68.29 -2.70
CA GLU I 361 -79.91 -68.63 -3.93
C GLU I 361 -80.83 -69.82 -3.76
N GLY I 362 -80.93 -70.38 -2.56
CA GLY I 362 -81.75 -71.57 -2.33
C GLY I 362 -81.05 -72.89 -2.58
N VAL I 363 -79.75 -72.87 -2.84
CA VAL I 363 -78.97 -74.07 -3.12
C VAL I 363 -78.21 -74.47 -1.86
N ASN I 364 -78.01 -75.77 -1.67
CA ASN I 364 -77.30 -76.31 -0.52
C ASN I 364 -76.02 -76.95 -1.02
N ILE I 365 -74.88 -76.35 -0.69
CA ILE I 365 -73.58 -76.89 -1.04
C ILE I 365 -73.07 -77.76 0.09
N GLU I 366 -72.42 -78.86 -0.27
CA GLU I 366 -71.79 -79.76 0.70
C GLU I 366 -70.51 -80.30 0.08
N PHE I 367 -69.42 -80.21 0.82
CA PHE I 367 -68.11 -80.67 0.38
C PHE I 367 -67.75 -81.96 1.10
N THR I 368 -67.36 -82.97 0.33
CA THR I 368 -66.87 -84.21 0.90
C THR I 368 -65.46 -84.03 1.42
N ASP I 369 -65.09 -84.87 2.39
CA ASP I 369 -63.73 -84.82 2.94
C ASP I 369 -62.69 -85.07 1.85
N SER I 370 -62.95 -86.03 0.97
CA SER I 370 -62.05 -86.27 -0.16
C SER I 370 -62.12 -85.11 -1.16
N GLY I 371 -63.26 -84.44 -1.26
CA GLY I 371 -63.35 -83.28 -2.12
C GLY I 371 -62.59 -82.10 -1.56
N ILE I 372 -62.62 -81.91 -0.25
CA ILE I 372 -61.76 -80.92 0.39
C ILE I 372 -60.30 -81.33 0.26
N LYS I 373 -60.03 -82.64 0.36
CA LYS I 373 -58.66 -83.13 0.28
C LYS I 373 -58.05 -82.88 -1.09
N ARG I 374 -58.85 -82.98 -2.15
CA ARG I 374 -58.33 -82.78 -3.50
C ARG I 374 -58.24 -81.31 -3.91
N ILE I 375 -58.93 -80.40 -3.20
CA ILE I 375 -58.74 -78.98 -3.44
C ILE I 375 -57.41 -78.52 -2.86
N ALA I 376 -57.08 -78.97 -1.65
CA ALA I 376 -55.80 -78.64 -1.03
C ALA I 376 -54.64 -79.20 -1.85
N GLU I 377 -54.80 -80.42 -2.37
CA GLU I 377 -53.78 -80.99 -3.25
C GLU I 377 -53.68 -80.20 -4.55
N ALA I 378 -54.78 -79.65 -5.04
CA ALA I 378 -54.74 -78.86 -6.26
C ALA I 378 -54.00 -77.56 -6.05
N ALA I 379 -54.29 -76.88 -4.93
CA ALA I 379 -53.58 -75.65 -4.62
C ALA I 379 -52.11 -75.89 -4.34
N TRP I 380 -51.78 -77.05 -3.75
CA TRP I 380 -50.38 -77.37 -3.47
C TRP I 380 -49.61 -77.59 -4.76
N GLN I 381 -50.23 -78.28 -5.74
CA GLN I 381 -49.52 -78.58 -6.97
C GLN I 381 -49.19 -77.31 -7.75
N VAL I 382 -50.08 -76.32 -7.71
CA VAL I 382 -49.83 -75.09 -8.44
C VAL I 382 -48.68 -74.30 -7.82
N ASN I 383 -48.64 -74.25 -6.48
CA ASN I 383 -47.55 -73.57 -5.79
C ASN I 383 -46.21 -74.25 -6.07
N GLU I 384 -46.20 -75.58 -6.20
CA GLU I 384 -44.96 -76.28 -6.54
C GLU I 384 -44.66 -76.22 -8.03
N SER I 385 -45.69 -76.36 -8.86
CA SER I 385 -45.46 -76.39 -10.31
C SER I 385 -44.99 -75.03 -10.83
N THR I 386 -45.46 -73.93 -10.25
CA THR I 386 -45.09 -72.62 -10.77
C THR I 386 -44.47 -71.73 -9.70
N GLU I 387 -45.29 -71.10 -8.87
CA GLU I 387 -44.85 -70.18 -7.84
C GLU I 387 -45.66 -70.40 -6.57
N ASN I 388 -45.00 -70.35 -5.41
CA ASN I 388 -45.63 -70.65 -4.14
C ASN I 388 -46.15 -69.34 -3.56
N ILE I 389 -47.47 -69.17 -3.58
CA ILE I 389 -48.11 -68.00 -3.01
C ILE I 389 -48.70 -68.26 -1.62
N GLY I 390 -48.49 -69.46 -1.08
CA GLY I 390 -49.06 -69.78 0.21
C GLY I 390 -50.55 -70.08 0.10
N ALA I 391 -51.25 -69.89 1.22
CA ALA I 391 -52.67 -70.21 1.25
C ALA I 391 -53.50 -69.34 0.31
N ARG I 392 -52.95 -68.26 -0.25
CA ARG I 392 -53.69 -67.47 -1.22
C ARG I 392 -54.12 -68.30 -2.42
N ARG I 393 -53.39 -69.38 -2.73
CA ARG I 393 -53.77 -70.23 -3.85
C ARG I 393 -55.14 -70.88 -3.63
N LEU I 394 -55.52 -71.13 -2.37
CA LEU I 394 -56.81 -71.76 -2.08
C LEU I 394 -57.97 -70.93 -2.59
N HIS I 395 -57.84 -69.59 -2.57
CA HIS I 395 -58.93 -68.75 -3.04
C HIS I 395 -59.10 -68.85 -4.55
N THR I 396 -58.00 -68.84 -5.29
CA THR I 396 -58.08 -68.89 -6.75
C THR I 396 -58.59 -70.25 -7.22
N VAL I 397 -58.21 -71.32 -6.54
CA VAL I 397 -58.62 -72.66 -6.95
C VAL I 397 -60.10 -72.88 -6.66
N LEU I 398 -60.57 -72.40 -5.51
CA LEU I 398 -61.96 -72.63 -5.12
C LEU I 398 -62.93 -71.89 -6.04
N GLU I 399 -62.63 -70.63 -6.35
CA GLU I 399 -63.52 -69.87 -7.22
C GLU I 399 -63.57 -70.45 -8.62
N ARG I 400 -62.43 -70.98 -9.10
CA ARG I 400 -62.41 -71.65 -10.40
C ARG I 400 -63.26 -72.91 -10.39
N LEU I 401 -63.29 -73.62 -9.26
CA LEU I 401 -64.11 -74.84 -9.17
C LEU I 401 -65.60 -74.51 -9.10
N MET I 402 -65.96 -73.47 -8.35
CA MET I 402 -67.35 -73.12 -8.08
C MET I 402 -67.93 -72.13 -9.08
N GLU I 403 -67.16 -71.70 -10.08
CA GLU I 403 -67.64 -70.69 -11.01
C GLU I 403 -68.86 -71.17 -11.78
N GLU I 404 -68.95 -72.47 -12.08
CA GLU I 404 -70.10 -72.98 -12.80
C GLU I 404 -71.33 -73.02 -11.92
N ILE I 405 -71.15 -73.40 -10.64
CA ILE I 405 -72.27 -73.37 -9.71
C ILE I 405 -72.68 -71.93 -9.39
N SER I 406 -71.69 -71.05 -9.19
CA SER I 406 -72.01 -69.67 -8.83
C SER I 406 -72.80 -68.96 -9.93
N TYR I 407 -72.60 -69.36 -11.19
CA TYR I 407 -73.37 -68.75 -12.26
C TYR I 407 -74.80 -69.30 -12.31
N ASP I 408 -74.96 -70.62 -12.15
CA ASP I 408 -76.24 -71.29 -12.29
C ASP I 408 -77.06 -71.33 -11.00
N ALA I 409 -76.55 -70.76 -9.91
CA ALA I 409 -77.21 -70.91 -8.61
C ALA I 409 -78.64 -70.38 -8.63
N SER I 410 -78.94 -69.42 -9.50
CA SER I 410 -80.30 -68.90 -9.60
C SER I 410 -81.26 -69.98 -10.09
N ASP I 411 -80.88 -70.71 -11.14
CA ASP I 411 -81.72 -71.75 -11.69
C ASP I 411 -81.71 -73.03 -10.87
N LEU I 412 -80.71 -73.22 -10.01
CA LEU I 412 -80.57 -74.43 -9.22
C LEU I 412 -81.25 -74.33 -7.85
N SER I 413 -82.02 -73.27 -7.61
CA SER I 413 -82.66 -73.08 -6.32
C SER I 413 -83.51 -74.29 -5.95
N GLY I 414 -83.46 -74.67 -4.67
CA GLY I 414 -84.19 -75.82 -4.20
C GLY I 414 -83.53 -77.15 -4.45
N GLN I 415 -82.27 -77.15 -4.89
CA GLN I 415 -81.51 -78.37 -5.14
C GLN I 415 -80.34 -78.48 -4.16
N ASN I 416 -79.92 -79.72 -3.91
CA ASN I 416 -78.81 -80.01 -3.02
C ASN I 416 -77.64 -80.46 -3.89
N ILE I 417 -76.60 -79.63 -3.98
CA ILE I 417 -75.41 -79.94 -4.75
C ILE I 417 -74.35 -80.50 -3.81
N THR I 418 -73.60 -81.48 -4.28
CA THR I 418 -72.55 -82.13 -3.49
C THR I 418 -71.24 -82.02 -4.25
N ILE I 419 -70.24 -81.44 -3.60
CA ILE I 419 -68.91 -81.32 -4.18
C ILE I 419 -68.13 -82.54 -3.73
N ASP I 420 -67.85 -83.45 -4.65
CA ASP I 420 -67.15 -84.69 -4.39
C ASP I 420 -65.78 -84.70 -5.06
N ALA I 421 -65.02 -85.78 -4.83
CA ALA I 421 -63.70 -85.89 -5.42
C ALA I 421 -63.78 -85.94 -6.94
N ASP I 422 -64.81 -86.61 -7.48
CA ASP I 422 -64.98 -86.67 -8.93
C ASP I 422 -65.31 -85.30 -9.51
N TYR I 423 -66.05 -84.48 -8.78
CA TYR I 423 -66.37 -83.13 -9.25
C TYR I 423 -65.12 -82.25 -9.26
N VAL I 424 -64.28 -82.38 -8.24
CA VAL I 424 -63.06 -81.58 -8.16
C VAL I 424 -62.12 -81.92 -9.29
N SER I 425 -61.88 -83.21 -9.52
CA SER I 425 -60.98 -83.62 -10.60
C SER I 425 -61.54 -83.24 -11.97
N LYS I 426 -62.87 -83.18 -12.09
CA LYS I 426 -63.47 -82.86 -13.39
C LYS I 426 -63.19 -81.42 -13.80
N HIS I 427 -63.32 -80.48 -12.87
CA HIS I 427 -63.18 -79.06 -13.17
C HIS I 427 -61.75 -78.55 -13.02
N LEU I 428 -60.86 -79.31 -12.40
CA LEU I 428 -59.52 -78.83 -12.06
C LEU I 428 -58.42 -79.58 -12.80
N ASP I 429 -58.28 -80.89 -12.58
CA ASP I 429 -57.18 -81.70 -13.14
C ASP I 429 -56.87 -81.38 -14.60
N GLU J 2 -80.91 -56.54 -8.46
CA GLU J 2 -81.12 -57.94 -8.13
C GLU J 2 -81.15 -58.80 -9.38
N MET J 3 -80.57 -58.28 -10.47
CA MET J 3 -80.56 -59.02 -11.72
C MET J 3 -79.72 -60.28 -11.59
N THR J 4 -80.22 -61.37 -12.16
CA THR J 4 -79.49 -62.63 -12.19
C THR J 4 -78.42 -62.57 -13.27
N PRO J 5 -77.39 -63.41 -13.17
CA PRO J 5 -76.27 -63.32 -14.13
C PRO J 5 -76.66 -63.43 -15.59
N ARG J 6 -77.67 -64.24 -15.93
CA ARG J 6 -78.12 -64.31 -17.31
C ARG J 6 -78.79 -63.01 -17.74
N GLU J 7 -79.52 -62.37 -16.82
CA GLU J 7 -80.14 -61.07 -17.14
C GLU J 7 -79.07 -60.00 -17.40
N ILE J 8 -77.91 -60.13 -16.76
CA ILE J 8 -76.84 -59.17 -16.99
C ILE J 8 -76.23 -59.38 -18.37
N VAL J 9 -75.97 -60.63 -18.73
CA VAL J 9 -75.40 -60.94 -20.04
C VAL J 9 -76.36 -60.52 -21.15
N SER J 10 -77.66 -60.77 -20.97
CA SER J 10 -78.63 -60.42 -21.98
C SER J 10 -78.70 -58.91 -22.20
N GLU J 11 -78.53 -58.14 -21.11
CA GLU J 11 -78.50 -56.68 -21.25
C GLU J 11 -77.20 -56.23 -21.92
N LEU J 12 -76.08 -56.89 -21.60
CA LEU J 12 -74.81 -56.54 -22.24
C LEU J 12 -74.81 -56.88 -23.72
N ASP J 13 -75.55 -57.92 -24.13
CA ASP J 13 -75.67 -58.26 -25.55
C ASP J 13 -76.32 -57.14 -26.35
N LYS J 14 -77.12 -56.28 -25.71
CA LYS J 14 -77.72 -55.14 -26.40
C LYS J 14 -76.67 -54.13 -26.86
N HIS J 15 -75.49 -54.12 -26.23
CA HIS J 15 -74.42 -53.20 -26.60
C HIS J 15 -73.20 -53.94 -27.15
N ILE J 16 -72.56 -54.78 -26.34
CA ILE J 16 -71.38 -55.52 -26.79
C ILE J 16 -71.83 -56.71 -27.64
N ILE J 17 -71.01 -57.05 -28.64
CA ILE J 17 -71.24 -58.20 -29.51
C ILE J 17 -70.22 -59.27 -29.18
N GLY J 18 -70.70 -60.49 -28.95
CA GLY J 18 -69.79 -61.58 -28.64
C GLY J 18 -69.15 -61.37 -27.29
N GLN J 19 -67.96 -61.98 -27.12
CA GLN J 19 -67.20 -61.88 -25.87
C GLN J 19 -68.04 -62.33 -24.67
N ASP J 20 -68.81 -63.41 -24.86
CA ASP J 20 -69.75 -63.86 -23.84
C ASP J 20 -69.04 -64.26 -22.55
N ASN J 21 -67.84 -64.85 -22.67
CA ASN J 21 -67.11 -65.28 -21.47
C ASN J 21 -66.77 -64.09 -20.58
N ALA J 22 -66.37 -62.97 -21.17
CA ALA J 22 -66.16 -61.76 -20.40
C ALA J 22 -67.47 -61.23 -19.83
N LYS J 23 -68.58 -61.40 -20.55
CA LYS J 23 -69.88 -61.01 -20.02
C LYS J 23 -70.30 -61.92 -18.87
N ARG J 24 -70.08 -63.22 -19.00
CA ARG J 24 -70.41 -64.14 -17.92
C ARG J 24 -69.53 -63.87 -16.71
N SER J 25 -68.28 -63.48 -16.93
CA SER J 25 -67.36 -63.26 -15.81
C SER J 25 -67.73 -62.01 -15.03
N VAL J 26 -68.06 -60.92 -15.73
CA VAL J 26 -68.47 -59.70 -15.06
C VAL J 26 -69.82 -59.88 -14.36
N ALA J 27 -70.69 -60.71 -14.92
CA ALA J 27 -72.00 -60.94 -14.30
C ALA J 27 -71.87 -61.65 -12.96
N ILE J 28 -70.90 -62.56 -12.83
CA ILE J 28 -70.69 -63.26 -11.57
C ILE J 28 -70.24 -62.30 -10.49
N ALA J 29 -69.42 -61.30 -10.86
CA ALA J 29 -68.93 -60.34 -9.88
C ALA J 29 -70.04 -59.42 -9.39
N LEU J 30 -70.89 -58.93 -10.30
CA LEU J 30 -72.00 -58.07 -9.91
C LEU J 30 -73.04 -58.83 -9.10
N ARG J 31 -73.22 -60.13 -9.40
CA ARG J 31 -74.18 -60.93 -8.65
C ARG J 31 -73.70 -61.22 -7.23
N ASN J 32 -72.39 -61.36 -7.04
CA ASN J 32 -71.84 -61.56 -5.70
C ASN J 32 -72.10 -60.36 -4.81
N ARG J 33 -72.23 -59.16 -5.40
CA ARG J 33 -72.61 -57.98 -4.63
C ARG J 33 -73.96 -58.18 -3.94
N TRP J 34 -74.97 -58.57 -4.71
CA TRP J 34 -76.29 -58.83 -4.12
C TRP J 34 -76.28 -60.05 -3.21
N ARG J 35 -75.47 -61.08 -3.53
CA ARG J 35 -75.41 -62.26 -2.68
C ARG J 35 -74.78 -61.94 -1.34
N ARG J 36 -73.87 -60.98 -1.29
CA ARG J 36 -73.19 -60.66 -0.03
C ARG J 36 -74.14 -59.95 0.93
N MET J 37 -74.95 -59.02 0.44
CA MET J 37 -75.83 -58.23 1.31
C MET J 37 -76.82 -59.12 2.05
N GLN J 38 -77.20 -60.24 1.45
CA GLN J 38 -78.12 -61.17 2.10
C GLN J 38 -77.46 -61.98 3.21
N LEU J 39 -76.14 -61.97 3.31
CA LEU J 39 -75.45 -62.76 4.31
C LEU J 39 -75.49 -62.07 5.67
N ASN J 40 -74.94 -62.76 6.67
CA ASN J 40 -74.92 -62.26 8.04
C ASN J 40 -73.80 -61.24 8.23
N GLU J 41 -73.70 -60.70 9.45
CA GLU J 41 -72.74 -59.63 9.73
C GLU J 41 -71.31 -60.09 9.53
N GLU J 42 -71.01 -61.35 9.87
CA GLU J 42 -69.63 -61.81 9.82
C GLU J 42 -69.15 -62.06 8.39
N LEU J 43 -69.95 -62.78 7.61
CA LEU J 43 -69.54 -63.16 6.26
C LEU J 43 -69.45 -61.96 5.32
N ARG J 44 -70.25 -60.92 5.57
CA ARG J 44 -70.20 -59.73 4.71
C ARG J 44 -68.84 -59.05 4.78
N HIS J 45 -68.15 -59.15 5.92
CA HIS J 45 -66.80 -58.61 6.03
C HIS J 45 -65.77 -59.54 5.39
N GLU J 46 -65.90 -60.85 5.63
CA GLU J 46 -64.90 -61.80 5.15
C GLU J 46 -64.93 -61.92 3.63
N VAL J 47 -66.12 -61.93 3.03
CA VAL J 47 -66.22 -61.99 1.58
C VAL J 47 -65.75 -60.69 0.97
N THR J 48 -65.00 -60.78 -0.12
CA THR J 48 -64.43 -59.63 -0.81
C THR J 48 -64.76 -59.77 -2.29
N PRO J 49 -64.79 -58.66 -3.02
CA PRO J 49 -65.21 -58.73 -4.43
C PRO J 49 -64.27 -59.62 -5.21
N LYS J 50 -64.83 -60.30 -6.21
CA LYS J 50 -64.04 -61.18 -7.07
C LYS J 50 -63.58 -60.31 -8.23
N ASN J 51 -62.31 -59.94 -8.20
CA ASN J 51 -61.76 -59.07 -9.22
C ASN J 51 -61.48 -59.84 -10.50
N ILE J 52 -61.57 -59.15 -11.62
CA ILE J 52 -61.45 -59.76 -12.94
C ILE J 52 -60.24 -59.17 -13.65
N LEU J 53 -59.55 -60.01 -14.42
CA LEU J 53 -58.43 -59.60 -15.26
C LEU J 53 -58.83 -59.91 -16.70
N MET J 54 -59.13 -58.87 -17.47
CA MET J 54 -59.41 -59.04 -18.89
C MET J 54 -58.11 -59.16 -19.68
N ILE J 55 -58.14 -59.98 -20.72
CA ILE J 55 -56.96 -60.28 -21.52
C ILE J 55 -57.39 -60.36 -22.99
N GLY J 56 -56.64 -59.70 -23.85
CA GLY J 56 -56.90 -59.74 -25.27
C GLY J 56 -56.34 -58.54 -26.01
N PRO J 57 -56.44 -58.56 -27.33
CA PRO J 57 -55.98 -57.42 -28.14
C PRO J 57 -56.89 -56.22 -27.94
N THR J 58 -56.33 -55.05 -28.24
CA THR J 58 -57.03 -53.80 -28.02
C THR J 58 -58.29 -53.71 -28.89
N GLY J 59 -59.29 -53.02 -28.38
CA GLY J 59 -60.47 -52.68 -29.15
C GLY J 59 -61.50 -53.78 -29.30
N VAL J 60 -61.42 -54.85 -28.50
CA VAL J 60 -62.36 -55.96 -28.61
C VAL J 60 -63.51 -55.79 -27.62
N GLY J 61 -63.55 -54.66 -26.91
CA GLY J 61 -64.64 -54.34 -26.01
C GLY J 61 -64.40 -54.59 -24.54
N LYS J 62 -63.16 -54.80 -24.11
CA LYS J 62 -62.88 -54.95 -22.68
C LYS J 62 -63.41 -53.76 -21.88
N THR J 63 -63.11 -52.54 -22.33
CA THR J 63 -63.56 -51.36 -21.59
C THR J 63 -65.07 -51.18 -21.70
N GLU J 64 -65.63 -51.49 -22.87
CA GLU J 64 -67.07 -51.29 -23.06
C GLU J 64 -67.87 -52.19 -22.12
N ILE J 65 -67.39 -53.40 -21.86
CA ILE J 65 -68.06 -54.27 -20.90
C ILE J 65 -68.05 -53.63 -19.52
N ALA J 66 -66.89 -53.11 -19.10
CA ALA J 66 -66.80 -52.45 -17.80
C ALA J 66 -67.65 -51.17 -17.78
N ARG J 67 -67.71 -50.46 -18.91
CA ARG J 67 -68.50 -49.24 -18.96
C ARG J 67 -69.99 -49.56 -18.89
N ARG J 68 -70.46 -50.48 -19.74
CA ARG J 68 -71.86 -50.86 -19.71
C ARG J 68 -72.24 -51.58 -18.41
N LEU J 69 -71.29 -52.28 -17.79
CA LEU J 69 -71.58 -52.94 -16.51
C LEU J 69 -71.87 -51.92 -15.42
N ALA J 70 -70.99 -50.92 -15.28
CA ALA J 70 -71.23 -49.88 -14.28
C ALA J 70 -72.45 -49.05 -14.63
N LYS J 71 -72.62 -48.71 -15.91
CA LYS J 71 -73.82 -47.99 -16.33
C LYS J 71 -75.07 -48.83 -16.08
N LEU J 72 -74.96 -50.15 -16.19
CA LEU J 72 -76.10 -51.01 -15.88
C LEU J 72 -76.44 -50.98 -14.39
N ALA J 73 -75.41 -50.94 -13.55
CA ALA J 73 -75.59 -50.90 -12.10
C ALA J 73 -75.76 -49.48 -11.56
N ASN J 74 -75.64 -48.45 -12.41
CA ASN J 74 -75.62 -47.05 -11.97
C ASN J 74 -74.51 -46.77 -10.97
N ALA J 75 -73.46 -47.57 -11.01
CA ALA J 75 -72.33 -47.50 -10.10
C ALA J 75 -71.33 -46.44 -10.54
N PRO J 76 -70.56 -45.89 -9.59
CA PRO J 76 -69.43 -45.03 -9.97
C PRO J 76 -68.40 -45.83 -10.75
N PHE J 77 -67.76 -45.17 -11.71
CA PHE J 77 -66.81 -45.84 -12.59
C PHE J 77 -65.72 -44.85 -13.00
N ILE J 78 -64.53 -45.39 -13.18
CA ILE J 78 -63.38 -44.63 -13.68
C ILE J 78 -62.44 -45.58 -14.40
N LYS J 79 -61.85 -45.11 -15.49
CA LYS J 79 -60.82 -45.85 -16.21
C LYS J 79 -59.50 -45.17 -15.94
N VAL J 80 -58.51 -45.93 -15.47
CA VAL J 80 -57.21 -45.40 -15.12
C VAL J 80 -56.16 -46.21 -15.86
N GLU J 81 -55.23 -45.51 -16.50
CA GLU J 81 -54.12 -46.12 -17.21
C GLU J 81 -52.99 -46.39 -16.23
N ALA J 82 -52.57 -47.66 -16.14
CA ALA J 82 -51.56 -48.05 -15.17
C ALA J 82 -50.23 -47.37 -15.43
N THR J 83 -49.93 -47.03 -16.68
CA THR J 83 -48.66 -46.39 -17.00
C THR J 83 -48.59 -44.95 -16.52
N LYS J 84 -49.71 -44.37 -16.10
CA LYS J 84 -49.70 -42.99 -15.58
C LYS J 84 -48.81 -42.86 -14.36
N PHE J 85 -48.68 -43.92 -13.57
CA PHE J 85 -47.94 -43.86 -12.31
C PHE J 85 -46.47 -44.21 -12.45
N THR J 86 -46.00 -44.52 -13.66
CA THR J 86 -44.59 -44.84 -13.86
C THR J 86 -43.69 -43.65 -13.58
N GLU J 87 -44.18 -42.44 -13.84
CA GLU J 87 -43.39 -41.23 -13.69
C GLU J 87 -43.41 -40.72 -12.25
N GLY J 92 -44.16 -37.55 -9.74
CA GLY J 92 -45.34 -38.13 -10.36
C GLY J 92 -46.53 -38.19 -9.44
N GLU J 94 -49.74 -39.59 -7.36
CA GLU J 94 -49.96 -40.62 -6.35
C GLU J 94 -51.07 -41.59 -6.78
N VAL J 95 -50.94 -42.85 -6.35
CA VAL J 95 -51.93 -43.87 -6.69
C VAL J 95 -53.26 -43.62 -5.98
N ASP J 96 -53.25 -42.93 -4.85
CA ASP J 96 -54.48 -42.67 -4.11
C ASP J 96 -55.43 -41.78 -4.89
N SER J 97 -54.94 -41.08 -5.90
CA SER J 97 -55.79 -40.23 -6.73
C SER J 97 -56.89 -41.03 -7.41
N ILE J 98 -56.69 -42.34 -7.60
CA ILE J 98 -57.73 -43.18 -8.21
C ILE J 98 -59.02 -43.11 -7.42
N ILE J 99 -58.94 -43.29 -6.10
CA ILE J 99 -60.13 -43.20 -5.26
C ILE J 99 -60.65 -41.77 -5.21
N ARG J 100 -59.76 -40.77 -5.28
CA ARG J 100 -60.18 -39.37 -5.25
C ARG J 100 -60.99 -39.02 -6.49
N ASP J 101 -60.46 -39.35 -7.67
CA ASP J 101 -61.19 -39.07 -8.91
C ASP J 101 -62.45 -39.91 -9.03
N LEU J 102 -62.45 -41.12 -8.47
CA LEU J 102 -63.65 -41.95 -8.49
C LEU J 102 -64.77 -41.31 -7.67
N THR J 103 -64.43 -40.79 -6.49
CA THR J 103 -65.43 -40.12 -5.67
C THR J 103 -65.93 -38.85 -6.34
N ASP J 104 -65.05 -38.15 -7.06
CA ASP J 104 -65.47 -36.94 -7.75
C ASP J 104 -66.47 -37.27 -8.86
N ALA J 105 -66.30 -38.42 -9.52
CA ALA J 105 -67.28 -38.88 -10.50
C ALA J 105 -68.56 -39.33 -9.82
N ALA J 106 -68.44 -39.97 -8.65
CA ALA J 106 -69.61 -40.37 -7.90
C ALA J 106 -70.41 -39.19 -7.38
N VAL J 107 -69.74 -38.10 -7.01
CA VAL J 107 -70.46 -36.96 -6.46
C VAL J 107 -71.38 -36.33 -7.49
N LYS J 108 -70.90 -36.15 -8.73
CA LYS J 108 -71.75 -35.59 -9.77
C LYS J 108 -72.82 -36.57 -10.19
N MET J 109 -72.46 -37.87 -10.29
CA MET J 109 -73.46 -38.89 -10.60
C MET J 109 -74.63 -38.80 -9.63
N VAL J 110 -74.34 -38.78 -8.33
CA VAL J 110 -75.42 -38.65 -7.35
C VAL J 110 -76.03 -37.25 -7.37
N ARG J 111 -75.24 -36.22 -7.68
CA ARG J 111 -75.77 -34.86 -7.71
C ARG J 111 -76.74 -34.66 -8.87
N VAL J 112 -76.30 -34.99 -10.09
CA VAL J 112 -77.17 -34.83 -11.26
C VAL J 112 -78.40 -35.72 -11.13
N GLN J 113 -78.22 -36.93 -10.59
CA GLN J 113 -79.37 -37.80 -10.36
C GLN J 113 -80.29 -37.25 -9.29
N ALA J 114 -79.73 -36.57 -8.28
CA ALA J 114 -80.58 -35.92 -7.29
C ALA J 114 -81.33 -34.74 -7.90
N ILE J 115 -80.74 -34.07 -8.88
CA ILE J 115 -81.43 -32.99 -9.59
C ILE J 115 -82.64 -33.52 -10.34
N GLU J 116 -82.57 -34.77 -10.82
CA GLU J 116 -83.70 -35.37 -11.51
C GLU J 116 -84.90 -35.56 -10.60
N LYS J 117 -84.66 -35.85 -9.32
CA LYS J 117 -85.76 -36.01 -8.37
C LYS J 117 -86.40 -34.68 -8.02
N ASN J 118 -85.59 -33.71 -7.62
CA ASN J 118 -86.09 -32.39 -7.24
C ASN J 118 -86.61 -31.60 -8.44
N ARG J 119 -86.34 -32.05 -9.67
CA ARG J 119 -86.82 -31.34 -10.84
C ARG J 119 -88.34 -31.33 -10.91
N TYR J 120 -88.98 -32.37 -10.40
CA TYR J 120 -90.43 -32.47 -10.44
C TYR J 120 -91.07 -31.70 -9.29
N MET J 221 -88.23 -17.79 -11.55
CA MET J 221 -88.62 -19.21 -11.53
C MET J 221 -87.42 -20.12 -11.30
N LYS J 222 -86.24 -19.70 -11.81
CA LYS J 222 -85.05 -20.54 -11.71
C LYS J 222 -84.39 -20.45 -10.34
N LEU J 223 -84.65 -19.37 -9.59
CA LEU J 223 -84.07 -19.24 -8.25
C LEU J 223 -84.84 -20.09 -7.24
N LEU J 224 -86.15 -20.21 -7.41
CA LEU J 224 -86.94 -21.05 -6.52
C LEU J 224 -86.60 -22.52 -6.70
N ILE J 225 -86.09 -22.91 -7.87
CA ILE J 225 -85.68 -24.30 -8.08
C ILE J 225 -84.54 -24.66 -7.14
N GLU J 226 -83.57 -23.76 -6.97
CA GLU J 226 -82.49 -24.01 -6.00
C GLU J 226 -83.03 -24.09 -4.59
N GLU J 227 -83.70 -23.03 -4.13
CA GLU J 227 -84.16 -22.96 -2.75
C GLU J 227 -85.09 -24.13 -2.43
N GLU J 228 -85.92 -24.54 -3.39
CA GLU J 228 -86.79 -25.69 -3.15
C GLU J 228 -86.02 -27.01 -3.23
N ALA J 229 -85.16 -27.17 -4.25
CA ALA J 229 -84.34 -28.38 -4.32
C ALA J 229 -83.42 -28.49 -3.12
N ALA J 230 -82.84 -27.38 -2.68
CA ALA J 230 -82.05 -27.38 -1.45
C ALA J 230 -82.93 -27.69 -0.25
N LYS J 231 -84.16 -27.17 -0.23
CA LYS J 231 -85.09 -27.49 0.83
C LYS J 231 -85.53 -28.95 0.77
N LEU J 232 -85.70 -29.49 -0.44
CA LEU J 232 -86.07 -30.89 -0.58
C LEU J 232 -84.87 -31.81 -0.42
N VAL J 233 -83.69 -31.37 -0.88
CA VAL J 233 -82.51 -32.23 -0.79
C VAL J 233 -82.00 -32.28 0.63
N ASN J 234 -81.21 -33.32 0.90
CA ASN J 234 -80.52 -33.49 2.18
C ASN J 234 -79.02 -33.63 1.86
N PRO J 235 -78.24 -32.51 1.87
CA PRO J 235 -76.83 -32.62 1.44
C PRO J 235 -75.98 -33.62 2.21
N GLU J 236 -76.22 -33.78 3.51
CA GLU J 236 -75.51 -34.81 4.27
C GLU J 236 -75.90 -36.21 3.82
N GLU J 237 -77.09 -36.39 3.24
CA GLU J 237 -77.47 -37.64 2.62
C GLU J 237 -76.95 -37.76 1.20
N LEU J 238 -76.45 -36.67 0.61
CA LEU J 238 -75.97 -36.66 -0.77
C LEU J 238 -74.46 -36.88 -0.84
N LYS J 239 -73.67 -35.97 -0.24
CA LYS J 239 -72.22 -36.17 -0.22
C LYS J 239 -71.84 -37.47 0.46
N GLN J 240 -72.65 -37.92 1.43
CA GLN J 240 -72.46 -39.23 2.03
C GLN J 240 -73.03 -40.35 1.16
N ASP J 241 -73.91 -40.04 0.20
CA ASP J 241 -74.42 -41.07 -0.70
C ASP J 241 -73.36 -41.47 -1.72
N ALA J 242 -72.63 -40.50 -2.26
CA ALA J 242 -71.55 -40.81 -3.20
C ALA J 242 -70.49 -41.68 -2.54
N ILE J 243 -70.26 -41.48 -1.23
CA ILE J 243 -69.35 -42.35 -0.50
C ILE J 243 -69.91 -43.77 -0.41
N ASP J 244 -71.20 -43.90 -0.09
CA ASP J 244 -71.83 -45.21 -0.09
C ASP J 244 -71.86 -45.80 -1.50
N ALA J 245 -72.04 -44.95 -2.52
CA ALA J 245 -72.02 -45.44 -3.89
C ALA J 245 -70.63 -45.94 -4.28
N VAL J 246 -69.58 -45.27 -3.79
CA VAL J 246 -68.21 -45.71 -4.10
C VAL J 246 -67.86 -46.97 -3.32
N GLU J 247 -68.11 -46.97 -2.01
CA GLU J 247 -67.69 -48.09 -1.18
C GLU J 247 -68.45 -49.35 -1.55
N GLN J 248 -69.78 -49.25 -1.67
CA GLN J 248 -70.57 -50.44 -1.96
C GLN J 248 -70.55 -50.79 -3.44
N HIS J 249 -70.80 -49.80 -4.30
CA HIS J 249 -71.01 -50.05 -5.72
C HIS J 249 -69.80 -49.71 -6.60
N GLY J 250 -68.71 -49.19 -6.04
CA GLY J 250 -67.68 -48.62 -6.88
C GLY J 250 -67.02 -49.63 -7.80
N ILE J 251 -66.59 -49.15 -8.96
CA ILE J 251 -65.92 -49.97 -9.96
C ILE J 251 -64.76 -49.16 -10.53
N VAL J 252 -63.65 -49.84 -10.79
CA VAL J 252 -62.46 -49.20 -11.35
C VAL J 252 -61.91 -50.12 -12.43
N PHE J 253 -61.58 -49.55 -13.58
CA PHE J 253 -61.00 -50.27 -14.71
C PHE J 253 -59.56 -49.80 -14.88
N ILE J 254 -58.62 -50.72 -14.75
CA ILE J 254 -57.21 -50.42 -14.90
C ILE J 254 -56.79 -50.98 -16.25
N ASP J 255 -56.61 -50.10 -17.22
CA ASP J 255 -56.22 -50.50 -18.57
C ASP J 255 -54.73 -50.81 -18.59
N GLU J 256 -54.33 -51.62 -19.57
CA GLU J 256 -52.92 -51.89 -19.88
C GLU J 256 -52.10 -52.22 -18.63
N ILE J 257 -52.66 -53.08 -17.79
CA ILE J 257 -51.93 -53.52 -16.61
C ILE J 257 -50.72 -54.38 -16.98
N ASP J 258 -50.75 -55.01 -18.15
CA ASP J 258 -49.65 -55.88 -18.55
C ASP J 258 -48.34 -55.12 -18.74
N LYS J 259 -48.42 -53.80 -18.97
CA LYS J 259 -47.21 -53.02 -19.23
C LYS J 259 -46.42 -52.70 -17.97
N ILE J 260 -46.98 -52.94 -16.79
CA ILE J 260 -46.25 -52.75 -15.54
C ILE J 260 -45.61 -54.02 -15.02
N CYS J 261 -45.69 -55.12 -15.78
CA CYS J 261 -45.03 -56.36 -15.40
C CYS J 261 -43.53 -56.28 -15.68
N LYS J 262 -42.78 -57.12 -14.98
CA LYS J 262 -41.33 -57.19 -15.15
C LYS J 262 -40.96 -57.74 -16.52
N SER J 267 -33.94 -54.32 -15.54
CA SER J 267 -33.86 -54.24 -14.08
C SER J 267 -34.32 -52.89 -13.58
N GLY J 268 -33.93 -51.83 -14.30
CA GLY J 268 -34.26 -50.47 -13.93
C GLY J 268 -35.74 -50.17 -13.99
N PRO J 269 -36.36 -50.36 -15.16
CA PRO J 269 -37.82 -50.23 -15.23
C PRO J 269 -38.57 -51.26 -14.41
N ASP J 270 -38.00 -52.46 -14.24
CA ASP J 270 -38.68 -53.52 -13.48
C ASP J 270 -38.95 -53.09 -12.04
N VAL J 271 -38.10 -52.24 -11.47
CA VAL J 271 -38.35 -51.73 -10.13
C VAL J 271 -39.48 -50.71 -10.15
N SER J 272 -39.44 -49.78 -11.11
CA SER J 272 -40.51 -48.79 -11.25
C SER J 272 -41.82 -49.43 -11.72
N ARG J 273 -41.74 -50.47 -12.56
CA ARG J 273 -42.94 -51.15 -13.01
C ARG J 273 -43.60 -51.92 -11.86
N GLU J 274 -42.83 -52.77 -11.19
CA GLU J 274 -43.36 -53.52 -10.05
C GLU J 274 -43.61 -52.62 -8.85
N GLY J 275 -42.98 -51.45 -8.78
CA GLY J 275 -43.29 -50.52 -7.71
C GLY J 275 -44.71 -50.00 -7.79
N VAL J 276 -45.21 -49.80 -9.02
CA VAL J 276 -46.61 -49.40 -9.20
C VAL J 276 -47.54 -50.49 -8.70
N GLN J 277 -47.15 -51.75 -8.87
CA GLN J 277 -47.97 -52.86 -8.38
C GLN J 277 -48.09 -52.82 -6.86
N ARG J 278 -46.97 -52.58 -6.18
CA ARG J 278 -47.00 -52.48 -4.72
C ARG J 278 -47.83 -51.29 -4.25
N ASP J 279 -47.79 -50.19 -5.01
CA ASP J 279 -48.60 -49.02 -4.67
C ASP J 279 -50.09 -49.30 -4.88
N LEU J 280 -50.42 -50.08 -5.91
CA LEU J 280 -51.81 -50.47 -6.13
C LEU J 280 -52.28 -51.50 -5.12
N LEU J 281 -51.35 -52.22 -4.50
CA LEU J 281 -51.71 -53.34 -3.63
C LEU J 281 -52.65 -52.96 -2.50
N PRO J 282 -52.44 -51.88 -1.75
CA PRO J 282 -53.38 -51.57 -0.66
C PRO J 282 -54.81 -51.36 -1.11
N LEU J 283 -55.01 -50.85 -2.33
CA LEU J 283 -56.37 -50.57 -2.78
C LEU J 283 -57.18 -51.86 -2.93
N VAL J 284 -56.55 -52.94 -3.41
CA VAL J 284 -57.26 -54.20 -3.61
C VAL J 284 -57.32 -55.03 -2.33
N GLU J 285 -56.24 -55.05 -1.54
CA GLU J 285 -56.24 -55.75 -0.26
C GLU J 285 -57.13 -55.05 0.76
N GLY J 286 -57.50 -53.81 0.48
CA GLY J 286 -58.32 -53.00 1.36
C GLY J 286 -57.48 -51.99 2.11
N CYS J 287 -58.02 -50.79 2.29
CA CYS J 287 -57.33 -49.68 2.94
C CYS J 287 -58.33 -48.56 3.11
N THR J 288 -57.86 -47.40 3.60
CA THR J 288 -58.70 -46.22 3.74
C THR J 288 -57.97 -45.04 3.14
N VAL J 289 -58.66 -44.29 2.30
CA VAL J 289 -58.10 -43.13 1.61
C VAL J 289 -58.89 -41.90 2.03
N SER J 290 -58.18 -40.80 2.26
CA SER J 290 -58.80 -39.54 2.64
C SER J 290 -59.09 -38.70 1.41
N THR J 291 -60.28 -38.11 1.39
CA THR J 291 -60.70 -37.21 0.32
C THR J 291 -61.42 -36.03 0.95
N LYS J 292 -61.43 -34.91 0.22
CA LYS J 292 -62.15 -33.73 0.70
C LYS J 292 -63.63 -34.02 0.90
N HIS J 293 -64.20 -34.92 0.09
CA HIS J 293 -65.60 -35.30 0.23
C HIS J 293 -65.84 -36.21 1.44
N GLY J 294 -64.82 -36.91 1.90
CA GLY J 294 -64.97 -37.78 3.05
C GLY J 294 -63.88 -38.83 3.09
N MET J 295 -64.08 -39.81 3.96
CA MET J 295 -63.12 -40.88 4.19
C MET J 295 -63.69 -42.18 3.61
N VAL J 296 -63.03 -42.72 2.59
CA VAL J 296 -63.53 -43.85 1.83
C VAL J 296 -62.71 -45.09 2.15
N LYS J 297 -63.38 -46.25 2.14
CA LYS J 297 -62.72 -47.54 2.30
C LYS J 297 -62.86 -48.34 1.01
N THR J 298 -61.77 -48.98 0.60
CA THR J 298 -61.68 -49.65 -0.69
C THR J 298 -61.96 -51.15 -0.61
N ASP J 299 -62.36 -51.66 0.55
CA ASP J 299 -62.41 -53.10 0.74
C ASP J 299 -63.37 -53.77 -0.24
N HIS J 300 -64.53 -53.17 -0.45
CA HIS J 300 -65.58 -53.79 -1.26
C HIS J 300 -65.66 -53.26 -2.67
N ILE J 301 -64.75 -52.39 -3.08
CA ILE J 301 -64.73 -51.90 -4.45
C ILE J 301 -64.34 -53.02 -5.40
N LEU J 302 -65.02 -53.09 -6.55
CA LEU J 302 -64.68 -54.03 -7.61
C LEU J 302 -63.73 -53.38 -8.60
N PHE J 303 -62.80 -54.18 -9.12
CA PHE J 303 -61.78 -53.70 -10.03
C PHE J 303 -61.72 -54.61 -11.25
N ILE J 304 -61.38 -54.02 -12.39
CA ILE J 304 -61.22 -54.75 -13.63
C ILE J 304 -59.90 -54.32 -14.25
N ALA J 305 -58.94 -55.23 -14.33
CA ALA J 305 -57.67 -54.98 -14.99
C ALA J 305 -57.68 -55.60 -16.38
N SER J 306 -56.99 -54.94 -17.31
CA SER J 306 -56.95 -55.40 -18.69
C SER J 306 -55.57 -55.19 -19.26
N GLY J 307 -55.18 -56.09 -20.16
CA GLY J 307 -53.91 -55.99 -20.86
C GLY J 307 -53.82 -57.00 -22.00
N ALA J 308 -53.01 -56.67 -23.01
CA ALA J 308 -52.81 -57.62 -24.10
C ALA J 308 -52.02 -58.84 -23.64
N PHE J 309 -51.08 -58.65 -22.71
CA PHE J 309 -50.25 -59.73 -22.18
C PHE J 309 -49.54 -60.49 -23.28
N GLN J 310 -49.15 -59.80 -24.35
CA GLN J 310 -48.31 -60.41 -25.36
C GLN J 310 -46.84 -60.35 -24.99
N ILE J 311 -46.40 -59.26 -24.35
CA ILE J 311 -45.02 -59.17 -23.89
C ILE J 311 -44.83 -59.92 -22.58
N ALA J 312 -45.80 -59.84 -21.68
CA ALA J 312 -45.72 -60.45 -20.36
C ALA J 312 -46.95 -61.31 -20.15
N LYS J 313 -47.02 -61.94 -18.99
CA LYS J 313 -48.12 -62.82 -18.63
C LYS J 313 -48.60 -62.46 -17.24
N PRO J 314 -49.85 -62.81 -16.90
CA PRO J 314 -50.33 -62.52 -15.54
C PRO J 314 -49.46 -63.12 -14.45
N SER J 315 -48.77 -64.23 -14.73
CA SER J 315 -47.83 -64.79 -13.75
C SER J 315 -46.70 -63.83 -13.42
N ASP J 316 -46.37 -62.92 -14.33
CA ASP J 316 -45.33 -61.94 -14.06
C ASP J 316 -45.74 -60.89 -13.04
N LEU J 317 -47.03 -60.79 -12.74
CA LEU J 317 -47.49 -59.89 -11.70
C LEU J 317 -47.00 -60.36 -10.34
N ILE J 318 -46.92 -59.42 -9.40
CA ILE J 318 -46.45 -59.73 -8.05
C ILE J 318 -47.42 -60.72 -7.41
N PRO J 319 -46.93 -61.64 -6.56
CA PRO J 319 -47.83 -62.69 -6.04
C PRO J 319 -49.01 -62.15 -5.25
N GLU J 320 -48.84 -61.06 -4.51
CA GLU J 320 -49.96 -60.49 -3.76
C GLU J 320 -51.03 -59.96 -4.71
N LEU J 321 -50.63 -59.55 -5.92
CA LEU J 321 -51.60 -59.05 -6.89
C LEU J 321 -52.29 -60.19 -7.62
N GLN J 322 -51.59 -61.30 -7.86
CA GLN J 322 -52.20 -62.42 -8.55
C GLN J 322 -53.34 -63.03 -7.74
N GLY J 323 -53.22 -63.03 -6.41
CA GLY J 323 -54.27 -63.60 -5.58
C GLY J 323 -55.45 -62.70 -5.36
N ARG J 324 -55.33 -61.42 -5.72
CA ARG J 324 -56.42 -60.48 -5.64
C ARG J 324 -57.22 -60.36 -6.93
N LEU J 325 -56.94 -61.21 -7.93
CA LEU J 325 -57.66 -61.21 -9.19
C LEU J 325 -58.19 -62.63 -9.43
N PRO J 326 -59.18 -63.05 -8.63
CA PRO J 326 -59.63 -64.45 -8.71
C PRO J 326 -60.18 -64.87 -10.07
N ILE J 327 -60.83 -63.96 -10.79
CA ILE J 327 -61.49 -64.29 -12.05
C ILE J 327 -60.60 -63.86 -13.20
N ARG J 328 -60.35 -64.79 -14.13
CA ARG J 328 -59.57 -64.53 -15.33
C ARG J 328 -60.41 -64.89 -16.55
N VAL J 329 -60.31 -64.07 -17.60
CA VAL J 329 -61.02 -64.31 -18.85
C VAL J 329 -60.22 -63.72 -20.00
N GLU J 330 -60.22 -64.43 -21.13
CA GLU J 330 -59.59 -63.95 -22.36
C GLU J 330 -60.67 -63.55 -23.36
N LEU J 331 -60.48 -62.39 -23.99
CA LEU J 331 -61.43 -61.89 -24.98
C LEU J 331 -60.91 -62.18 -26.38
N GLN J 332 -61.80 -62.71 -27.23
CA GLN J 332 -61.44 -63.13 -28.58
C GLN J 332 -61.38 -61.94 -29.54
N ALA J 333 -60.56 -62.10 -30.58
CA ALA J 333 -60.46 -61.09 -31.64
C ALA J 333 -61.73 -61.07 -32.50
N LEU J 334 -62.12 -59.87 -32.91
CA LEU J 334 -63.31 -59.69 -33.73
C LEU J 334 -63.03 -60.02 -35.20
N THR J 335 -63.99 -60.71 -35.84
CA THR J 335 -63.90 -61.07 -37.24
C THR J 335 -64.67 -60.08 -38.11
N THR J 336 -64.60 -60.30 -39.44
CA THR J 336 -65.36 -59.47 -40.38
C THR J 336 -66.86 -59.63 -40.17
N SER J 337 -67.31 -60.85 -39.88
CA SER J 337 -68.73 -61.09 -39.65
C SER J 337 -69.20 -60.36 -38.40
N ASP J 338 -68.34 -60.29 -37.39
CA ASP J 338 -68.69 -59.55 -36.18
C ASP J 338 -68.78 -58.06 -36.46
N PHE J 339 -67.95 -57.53 -37.36
CA PHE J 339 -68.05 -56.12 -37.73
C PHE J 339 -69.42 -55.80 -38.32
N GLU J 340 -69.93 -56.70 -39.19
CA GLU J 340 -71.24 -56.48 -39.77
C GLU J 340 -72.32 -56.48 -38.70
N ARG J 341 -72.14 -57.33 -37.68
CA ARG J 341 -73.10 -57.35 -36.57
C ARG J 341 -72.98 -56.09 -35.73
N ILE J 342 -71.75 -55.65 -35.45
CA ILE J 342 -71.54 -54.46 -34.63
C ILE J 342 -72.16 -53.23 -35.28
N LEU J 343 -72.18 -53.19 -36.61
CA LEU J 343 -72.73 -52.03 -37.30
C LEU J 343 -74.24 -51.91 -37.12
N THR J 344 -74.92 -53.03 -36.87
CA THR J 344 -76.39 -53.04 -36.93
C THR J 344 -77.00 -53.55 -35.63
N GLU J 345 -76.69 -54.79 -35.26
CA GLU J 345 -77.37 -55.47 -34.16
C GLU J 345 -77.40 -54.70 -32.84
N PRO J 346 -76.31 -54.10 -32.34
CA PRO J 346 -76.36 -53.47 -31.02
C PRO J 346 -77.38 -52.35 -30.97
N ASN J 347 -78.02 -52.22 -29.80
CA ASN J 347 -78.93 -51.10 -29.58
C ASN J 347 -78.17 -49.79 -29.73
N ALA J 348 -78.77 -48.85 -30.46
CA ALA J 348 -78.13 -47.56 -30.77
C ALA J 348 -76.78 -47.74 -31.46
N SER J 349 -76.74 -48.65 -32.44
CA SER J 349 -75.52 -48.88 -33.20
C SER J 349 -75.18 -47.65 -34.05
N ILE J 350 -73.90 -47.54 -34.42
CA ILE J 350 -73.41 -46.35 -35.11
C ILE J 350 -74.15 -46.13 -36.42
N THR J 351 -74.58 -47.20 -37.09
CA THR J 351 -75.43 -47.04 -38.28
C THR J 351 -76.79 -46.47 -37.89
N VAL J 352 -77.38 -46.95 -36.79
CA VAL J 352 -78.63 -46.38 -36.30
C VAL J 352 -78.44 -44.94 -35.86
N GLN J 353 -77.27 -44.62 -35.31
CA GLN J 353 -77.01 -43.24 -34.90
C GLN J 353 -76.94 -42.32 -36.11
N TYR J 354 -76.26 -42.74 -37.17
CA TYR J 354 -76.19 -41.92 -38.38
C TYR J 354 -77.55 -41.79 -39.05
N LYS J 355 -78.40 -42.82 -38.94
CA LYS J 355 -79.73 -42.76 -39.55
C LYS J 355 -80.60 -41.72 -38.86
N ALA J 356 -80.65 -41.75 -37.53
CA ALA J 356 -81.42 -40.76 -36.78
C ALA J 356 -80.84 -39.35 -36.91
N LEU J 357 -79.52 -39.23 -37.03
CA LEU J 357 -78.91 -37.92 -37.20
C LEU J 357 -79.34 -37.28 -38.52
N MET J 358 -79.24 -38.04 -39.61
CA MET J 358 -79.72 -37.54 -40.89
C MET J 358 -81.24 -37.36 -40.89
N ALA J 359 -81.95 -38.14 -40.07
CA ALA J 359 -83.38 -37.94 -39.92
C ALA J 359 -83.70 -36.57 -39.33
N THR J 360 -82.80 -36.02 -38.51
CA THR J 360 -83.00 -34.69 -37.96
C THR J 360 -83.03 -33.64 -39.08
N GLU J 361 -82.25 -33.85 -40.14
CA GLU J 361 -82.22 -32.96 -41.28
C GLU J 361 -83.32 -33.22 -42.30
N GLY J 362 -84.20 -34.19 -42.04
CA GLY J 362 -85.24 -34.57 -42.98
C GLY J 362 -84.84 -35.61 -44.01
N VAL J 363 -83.66 -36.21 -43.89
CA VAL J 363 -83.18 -37.21 -44.83
C VAL J 363 -83.34 -38.59 -44.22
N ASN J 364 -83.60 -39.58 -45.07
CA ASN J 364 -83.79 -40.97 -44.65
C ASN J 364 -82.63 -41.80 -45.20
N ILE J 365 -81.77 -42.27 -44.31
CA ILE J 365 -80.66 -43.15 -44.67
C ILE J 365 -81.11 -44.60 -44.54
N GLU J 366 -80.63 -45.43 -45.46
CA GLU J 366 -80.88 -46.87 -45.44
C GLU J 366 -79.63 -47.57 -45.96
N PHE J 367 -79.17 -48.57 -45.24
CA PHE J 367 -77.98 -49.34 -45.60
C PHE J 367 -78.39 -50.71 -46.13
N THR J 368 -77.87 -51.06 -47.30
CA THR J 368 -78.07 -52.40 -47.83
C THR J 368 -77.17 -53.38 -47.09
N ASP J 369 -77.60 -54.66 -47.07
CA ASP J 369 -76.80 -55.69 -46.43
C ASP J 369 -75.42 -55.81 -47.08
N SER J 370 -75.37 -55.74 -48.42
CA SER J 370 -74.08 -55.74 -49.10
C SER J 370 -73.31 -54.46 -48.85
N GLY J 371 -74.02 -53.35 -48.64
CA GLY J 371 -73.34 -52.11 -48.28
C GLY J 371 -72.76 -52.17 -46.88
N ILE J 372 -73.49 -52.80 -45.96
CA ILE J 372 -72.94 -53.08 -44.65
C ILE J 372 -71.79 -54.08 -44.75
N LYS J 373 -71.93 -55.06 -45.65
CA LYS J 373 -70.90 -56.08 -45.80
C LYS J 373 -69.60 -55.49 -46.32
N ARG J 374 -69.68 -54.49 -47.20
CA ARG J 374 -68.47 -53.90 -47.78
C ARG J 374 -67.83 -52.83 -46.88
N ILE J 375 -68.57 -52.32 -45.89
CA ILE J 375 -67.96 -51.43 -44.90
C ILE J 375 -67.10 -52.24 -43.93
N ALA J 376 -67.62 -53.39 -43.47
CA ALA J 376 -66.85 -54.25 -42.59
C ALA J 376 -65.61 -54.78 -43.30
N GLU J 377 -65.73 -55.13 -44.58
CA GLU J 377 -64.57 -55.55 -45.35
C GLU J 377 -63.58 -54.41 -45.52
N ALA J 378 -64.07 -53.16 -45.59
CA ALA J 378 -63.17 -52.02 -45.71
C ALA J 378 -62.40 -51.80 -44.41
N ALA J 379 -63.09 -51.86 -43.27
CA ALA J 379 -62.41 -51.70 -41.99
C ALA J 379 -61.44 -52.84 -41.71
N TRP J 380 -61.77 -54.05 -42.17
CA TRP J 380 -60.86 -55.18 -41.97
C TRP J 380 -59.59 -55.01 -42.78
N GLN J 381 -59.71 -54.53 -44.02
CA GLN J 381 -58.54 -54.39 -44.88
C GLN J 381 -57.56 -53.37 -44.32
N VAL J 382 -58.06 -52.30 -43.71
CA VAL J 382 -57.17 -51.28 -43.16
C VAL J 382 -56.42 -51.83 -41.94
N ASN J 383 -57.12 -52.59 -41.09
CA ASN J 383 -56.46 -53.19 -39.93
C ASN J 383 -55.39 -54.19 -40.34
N GLU J 384 -55.61 -54.93 -41.44
CA GLU J 384 -54.60 -55.87 -41.92
C GLU J 384 -53.53 -55.14 -42.74
N SER J 385 -53.94 -54.18 -43.58
CA SER J 385 -52.95 -53.50 -44.42
C SER J 385 -51.99 -52.66 -43.60
N THR J 386 -52.43 -52.07 -42.49
CA THR J 386 -51.54 -51.20 -41.73
C THR J 386 -51.41 -51.65 -40.28
N GLU J 387 -52.39 -51.28 -39.44
CA GLU J 387 -52.39 -51.57 -38.02
C GLU J 387 -53.79 -51.95 -37.57
N ASN J 388 -53.88 -52.95 -36.70
CA ASN J 388 -55.16 -53.48 -36.27
C ASN J 388 -55.56 -52.73 -35.00
N ILE J 389 -56.57 -51.87 -35.12
CA ILE J 389 -57.12 -51.13 -33.98
C ILE J 389 -58.40 -51.76 -33.46
N GLY J 390 -58.80 -52.90 -34.02
CA GLY J 390 -60.05 -53.52 -33.62
C GLY J 390 -61.25 -52.81 -34.21
N ALA J 391 -62.38 -52.96 -33.53
CA ALA J 391 -63.63 -52.40 -34.01
C ALA J 391 -63.60 -50.89 -34.10
N ARG J 392 -62.60 -50.23 -33.50
CA ARG J 392 -62.49 -48.77 -33.62
C ARG J 392 -62.36 -48.34 -35.07
N ARG J 393 -61.85 -49.20 -35.94
CA ARG J 393 -61.72 -48.86 -37.35
C ARG J 393 -63.07 -48.59 -38.00
N LEU J 394 -64.15 -49.22 -37.50
CA LEU J 394 -65.48 -49.02 -38.08
C LEU J 394 -65.92 -47.56 -37.98
N HIS J 395 -65.52 -46.85 -36.91
CA HIS J 395 -65.94 -45.46 -36.75
C HIS J 395 -65.27 -44.56 -37.78
N THR J 396 -63.98 -44.74 -38.02
CA THR J 396 -63.27 -43.89 -38.96
C THR J 396 -63.74 -44.13 -40.39
N VAL J 397 -64.04 -45.39 -40.73
CA VAL J 397 -64.45 -45.71 -42.08
C VAL J 397 -65.86 -45.18 -42.37
N LEU J 398 -66.77 -45.30 -41.39
CA LEU J 398 -68.15 -44.89 -41.61
C LEU J 398 -68.25 -43.38 -41.79
N GLU J 399 -67.55 -42.61 -40.96
CA GLU J 399 -67.61 -41.16 -41.08
C GLU J 399 -67.00 -40.69 -42.40
N ARG J 400 -65.95 -41.38 -42.85
CA ARG J 400 -65.36 -41.05 -44.15
C ARG J 400 -66.33 -41.33 -45.30
N LEU J 401 -67.16 -42.36 -45.18
CA LEU J 401 -68.13 -42.66 -46.22
C LEU J 401 -69.28 -41.66 -46.21
N MET J 402 -69.75 -41.27 -45.03
CA MET J 402 -70.92 -40.43 -44.86
C MET J 402 -70.60 -38.94 -44.82
N GLU J 403 -69.34 -38.56 -44.93
CA GLU J 403 -68.97 -37.15 -44.82
C GLU J 403 -69.65 -36.31 -45.89
N GLU J 404 -69.85 -36.87 -47.08
CA GLU J 404 -70.50 -36.10 -48.14
C GLU J 404 -71.98 -35.93 -47.86
N ILE J 405 -72.64 -36.98 -47.36
CA ILE J 405 -74.04 -36.86 -46.98
C ILE J 405 -74.20 -35.97 -45.75
N SER J 406 -73.34 -36.14 -44.76
CA SER J 406 -73.47 -35.37 -43.52
C SER J 406 -73.35 -33.87 -43.78
N TYR J 407 -72.57 -33.48 -44.79
CA TYR J 407 -72.46 -32.06 -45.11
C TYR J 407 -73.69 -31.54 -45.84
N ASP J 408 -74.19 -32.29 -46.82
CA ASP J 408 -75.28 -31.83 -47.67
C ASP J 408 -76.65 -32.09 -47.09
N ALA J 409 -76.72 -32.72 -45.92
CA ALA J 409 -78.00 -33.20 -45.37
C ALA J 409 -79.01 -32.07 -45.23
N SER J 410 -78.55 -30.83 -45.05
CA SER J 410 -79.47 -29.71 -44.93
C SER J 410 -80.25 -29.49 -46.21
N ASP J 411 -79.56 -29.49 -47.35
CA ASP J 411 -80.21 -29.31 -48.64
C ASP J 411 -80.95 -30.55 -49.08
N LEU J 412 -80.69 -31.69 -48.47
CA LEU J 412 -81.28 -32.97 -48.87
C LEU J 412 -82.58 -33.30 -48.16
N SER J 413 -83.14 -32.36 -47.38
CA SER J 413 -84.34 -32.63 -46.61
C SER J 413 -85.50 -33.12 -47.49
N GLY J 414 -86.22 -34.13 -46.99
CA GLY J 414 -87.31 -34.72 -47.73
C GLY J 414 -86.92 -35.78 -48.74
N GLN J 415 -85.66 -36.20 -48.75
CA GLN J 415 -85.21 -37.22 -49.68
C GLN J 415 -84.78 -38.47 -48.91
N ASN J 416 -84.89 -39.63 -49.54
CA ASN J 416 -84.57 -40.93 -48.94
C ASN J 416 -83.29 -41.44 -49.62
N ILE J 417 -82.19 -41.51 -48.85
CA ILE J 417 -80.89 -42.00 -49.33
C ILE J 417 -80.67 -43.46 -48.96
N THR J 418 -80.07 -44.23 -49.87
CA THR J 418 -79.78 -45.64 -49.64
C THR J 418 -78.30 -45.88 -49.85
N ILE J 419 -77.61 -46.43 -48.86
CA ILE J 419 -76.19 -46.72 -49.00
C ILE J 419 -76.06 -48.14 -49.52
N ASP J 420 -75.65 -48.28 -50.78
CA ASP J 420 -75.53 -49.57 -51.42
C ASP J 420 -74.06 -49.94 -51.57
N ALA J 421 -73.82 -51.13 -52.12
CA ALA J 421 -72.45 -51.60 -52.31
C ALA J 421 -71.69 -50.71 -53.29
N ASP J 422 -72.39 -50.23 -54.34
CA ASP J 422 -71.74 -49.35 -55.30
C ASP J 422 -71.35 -48.02 -54.66
N TYR J 423 -72.14 -47.53 -53.71
CA TYR J 423 -71.81 -46.28 -53.04
C TYR J 423 -70.62 -46.46 -52.10
N VAL J 424 -70.54 -47.60 -51.42
CA VAL J 424 -69.43 -47.85 -50.52
C VAL J 424 -68.12 -47.94 -51.28
N SER J 425 -68.10 -48.68 -52.39
CA SER J 425 -66.89 -48.82 -53.19
C SER J 425 -66.47 -47.48 -53.80
N LYS J 426 -67.43 -46.59 -54.05
CA LYS J 426 -67.09 -45.31 -54.68
C LYS J 426 -66.26 -44.43 -53.76
N HIS J 427 -66.67 -44.29 -52.51
CA HIS J 427 -66.04 -43.34 -51.61
C HIS J 427 -64.90 -43.96 -50.83
N LEU J 428 -64.71 -45.27 -50.92
CA LEU J 428 -63.74 -45.98 -50.09
C LEU J 428 -62.63 -46.62 -50.91
N ASP J 429 -62.97 -47.54 -51.82
CA ASP J 429 -61.96 -48.39 -52.47
C ASP J 429 -60.77 -47.61 -53.00
N ALA J 430 -60.99 -46.36 -53.43
CA ALA J 430 -59.86 -45.52 -53.82
C ALA J 430 -58.96 -45.19 -52.63
N LEU J 431 -59.54 -45.06 -51.44
CA LEU J 431 -58.74 -44.76 -50.25
C LEU J 431 -58.09 -46.00 -49.66
N VAL J 432 -58.80 -47.13 -49.66
CA VAL J 432 -58.25 -48.37 -49.10
C VAL J 432 -57.14 -48.92 -49.99
N ALA J 433 -57.19 -48.63 -51.28
CA ALA J 433 -56.18 -49.16 -52.20
C ALA J 433 -54.80 -48.58 -51.94
N ASP J 434 -54.73 -47.34 -51.47
CA ASP J 434 -53.46 -46.68 -51.17
C ASP J 434 -53.23 -46.79 -49.66
N GLU J 435 -52.26 -47.62 -49.28
CA GLU J 435 -51.94 -47.77 -47.85
C GLU J 435 -51.22 -46.55 -47.31
N ASP J 436 -50.54 -45.79 -48.18
CA ASP J 436 -49.90 -44.56 -47.74
C ASP J 436 -50.95 -43.54 -47.29
N LEU J 437 -52.09 -43.49 -47.98
CA LEU J 437 -53.15 -42.56 -47.60
C LEU J 437 -54.00 -43.08 -46.44
N SER J 438 -54.10 -44.41 -46.27
CA SER J 438 -54.99 -44.98 -45.26
C SER J 438 -54.55 -44.64 -43.84
N ARG J 439 -53.24 -44.50 -43.61
CA ARG J 439 -52.75 -44.21 -42.26
C ARG J 439 -53.13 -42.79 -41.81
N PHE J 440 -53.19 -41.85 -42.74
CA PHE J 440 -53.61 -40.49 -42.39
C PHE J 440 -55.13 -40.37 -42.31
N ILE J 441 -55.83 -40.84 -43.34
CA ILE J 441 -57.26 -40.56 -43.46
C ILE J 441 -58.10 -41.49 -42.61
N LEU J 442 -57.79 -42.78 -42.62
CA LEU J 442 -58.64 -43.80 -41.99
C LEU J 442 -58.00 -44.39 -40.73
N SER K 1 -77.01 -22.49 -31.20
CA SER K 1 -77.35 -21.78 -32.42
C SER K 1 -77.84 -22.74 -33.49
N GLU K 2 -78.80 -22.29 -34.30
CA GLU K 2 -79.43 -23.13 -35.31
C GLU K 2 -78.79 -22.99 -36.69
N MET K 3 -77.69 -22.26 -36.81
CA MET K 3 -77.07 -22.02 -38.11
C MET K 3 -76.72 -23.32 -38.81
N THR K 4 -76.94 -23.36 -40.12
CA THR K 4 -76.61 -24.50 -40.95
C THR K 4 -75.12 -24.47 -41.30
N PRO K 5 -74.54 -25.62 -41.69
CA PRO K 5 -73.08 -25.65 -41.92
C PRO K 5 -72.57 -24.64 -42.94
N ARG K 6 -73.34 -24.35 -43.99
CA ARG K 6 -72.92 -23.32 -44.94
C ARG K 6 -72.96 -21.94 -44.33
N GLU K 7 -73.93 -21.68 -43.46
CA GLU K 7 -73.98 -20.39 -42.77
C GLU K 7 -72.80 -20.23 -41.83
N ILE K 8 -72.29 -21.34 -41.29
CA ILE K 8 -71.11 -21.28 -40.43
C ILE K 8 -69.87 -20.96 -41.24
N VAL K 9 -69.70 -21.63 -42.37
CA VAL K 9 -68.54 -21.38 -43.23
C VAL K 9 -68.56 -19.95 -43.75
N SER K 10 -69.75 -19.45 -44.12
CA SER K 10 -69.85 -18.10 -44.65
C SER K 10 -69.45 -17.06 -43.61
N GLU K 11 -69.77 -17.31 -42.33
CA GLU K 11 -69.35 -16.40 -41.27
C GLU K 11 -67.85 -16.49 -41.00
N LEU K 12 -67.29 -17.71 -41.07
CA LEU K 12 -65.85 -17.87 -40.86
C LEU K 12 -65.05 -17.22 -41.98
N ASP K 13 -65.61 -17.18 -43.20
CA ASP K 13 -64.94 -16.51 -44.30
C ASP K 13 -64.77 -15.02 -44.05
N LYS K 14 -65.62 -14.44 -43.20
CA LYS K 14 -65.47 -13.03 -42.84
C LYS K 14 -64.19 -12.78 -42.06
N HIS K 15 -63.62 -13.81 -41.44
CA HIS K 15 -62.38 -13.67 -40.69
C HIS K 15 -61.25 -14.49 -41.30
N ILE K 16 -61.38 -15.81 -41.37
CA ILE K 16 -60.35 -16.67 -41.94
C ILE K 16 -60.42 -16.60 -43.47
N ILE K 17 -59.25 -16.70 -44.11
CA ILE K 17 -59.13 -16.74 -45.57
C ILE K 17 -58.74 -18.16 -45.97
N GLY K 18 -59.50 -18.75 -46.89
CA GLY K 18 -59.20 -20.09 -47.36
C GLY K 18 -59.44 -21.12 -46.27
N GLN K 19 -58.74 -22.25 -46.39
CA GLN K 19 -58.85 -23.36 -45.43
C GLN K 19 -60.29 -23.84 -45.29
N ASP K 20 -60.99 -23.90 -46.43
CA ASP K 20 -62.43 -24.19 -46.41
C ASP K 20 -62.71 -25.58 -45.83
N ASN K 21 -61.83 -26.55 -46.09
CA ASN K 21 -62.04 -27.90 -45.57
C ASN K 21 -62.07 -27.90 -44.04
N ALA K 22 -61.18 -27.12 -43.42
CA ALA K 22 -61.22 -26.96 -41.97
C ALA K 22 -62.48 -26.23 -41.52
N LYS K 23 -62.97 -25.27 -42.33
CA LYS K 23 -64.23 -24.62 -42.00
C LYS K 23 -65.41 -25.58 -42.15
N ARG K 24 -65.41 -26.39 -43.22
CA ARG K 24 -66.48 -27.36 -43.41
C ARG K 24 -66.47 -28.40 -42.29
N SER K 25 -65.29 -28.77 -41.81
CA SER K 25 -65.21 -29.81 -40.78
C SER K 25 -65.68 -29.29 -39.43
N VAL K 26 -65.30 -28.07 -39.07
CA VAL K 26 -65.77 -27.49 -37.80
C VAL K 26 -67.27 -27.22 -37.84
N ALA K 27 -67.81 -26.88 -39.02
CA ALA K 27 -69.23 -26.61 -39.13
C ALA K 27 -70.06 -27.87 -38.87
N ILE K 28 -69.55 -29.03 -39.30
CA ILE K 28 -70.27 -30.29 -39.07
C ILE K 28 -70.35 -30.61 -37.59
N ALA K 29 -69.30 -30.29 -36.83
CA ALA K 29 -69.32 -30.58 -35.40
C ALA K 29 -70.30 -29.68 -34.66
N LEU K 30 -70.30 -28.38 -34.98
CA LEU K 30 -71.23 -27.45 -34.35
C LEU K 30 -72.67 -27.77 -34.73
N ARG K 31 -72.89 -28.24 -35.95
CA ARG K 31 -74.25 -28.59 -36.36
C ARG K 31 -74.73 -29.85 -35.66
N ASN K 32 -73.83 -30.79 -35.38
CA ASN K 32 -74.20 -31.99 -34.63
C ASN K 32 -74.67 -31.64 -33.23
N ARG K 33 -74.20 -30.52 -32.68
CA ARG K 33 -74.72 -30.04 -31.41
C ARG K 33 -76.22 -29.79 -31.48
N TRP K 34 -76.65 -29.00 -32.47
CA TRP K 34 -78.08 -28.73 -32.65
C TRP K 34 -78.85 -29.99 -33.07
N ARG K 35 -78.23 -30.86 -33.87
CA ARG K 35 -78.90 -32.08 -34.30
C ARG K 35 -79.16 -33.03 -33.12
N ARG K 36 -78.28 -33.02 -32.11
CA ARG K 36 -78.44 -33.93 -30.99
C ARG K 36 -79.62 -33.53 -30.11
N MET K 37 -79.79 -32.23 -29.86
CA MET K 37 -80.85 -31.77 -28.96
C MET K 37 -82.23 -32.14 -29.49
N GLN K 38 -82.38 -32.24 -30.81
CA GLN K 38 -83.64 -32.64 -31.42
C GLN K 38 -83.93 -34.13 -31.26
N LEU K 39 -82.95 -34.92 -30.83
CA LEU K 39 -83.13 -36.35 -30.70
C LEU K 39 -83.81 -36.70 -29.36
N ASN K 40 -84.11 -37.98 -29.19
CA ASN K 40 -84.80 -38.48 -28.01
C ASN K 40 -83.84 -38.64 -26.83
N GLU K 41 -84.40 -39.08 -25.69
CA GLU K 41 -83.62 -39.17 -24.47
C GLU K 41 -82.47 -40.17 -24.61
N GLU K 42 -82.68 -41.25 -25.35
CA GLU K 42 -81.65 -42.29 -25.43
C GLU K 42 -80.49 -41.88 -26.33
N LEU K 43 -80.79 -41.40 -27.53
CA LEU K 43 -79.74 -41.09 -28.49
C LEU K 43 -78.88 -39.91 -28.06
N ARG K 44 -79.45 -38.97 -27.30
CA ARG K 44 -78.68 -37.81 -26.85
C ARG K 44 -77.52 -38.23 -25.95
N HIS K 45 -77.67 -39.33 -25.21
CA HIS K 45 -76.57 -39.86 -24.42
C HIS K 45 -75.57 -40.64 -25.27
N GLU K 46 -76.08 -41.48 -26.18
CA GLU K 46 -75.20 -42.33 -26.97
C GLU K 46 -74.35 -41.52 -27.94
N VAL K 47 -74.94 -40.49 -28.55
CA VAL K 47 -74.18 -39.63 -29.45
C VAL K 47 -73.20 -38.78 -28.64
N THR K 48 -72.00 -38.64 -29.17
CA THR K 48 -70.90 -37.90 -28.55
C THR K 48 -70.31 -36.97 -29.61
N PRO K 49 -69.67 -35.88 -29.18
CA PRO K 49 -69.19 -34.89 -30.15
C PRO K 49 -68.17 -35.51 -31.10
N LYS K 50 -68.18 -35.02 -32.34
CA LYS K 50 -67.23 -35.49 -33.34
C LYS K 50 -66.02 -34.58 -33.20
N ASN K 51 -64.97 -35.10 -32.58
CA ASN K 51 -63.77 -34.31 -32.36
C ASN K 51 -62.95 -34.20 -33.64
N ILE K 52 -62.23 -33.10 -33.77
CA ILE K 52 -61.48 -32.77 -34.98
C ILE K 52 -60.00 -32.70 -34.64
N LEU K 53 -59.17 -33.13 -35.58
CA LEU K 53 -57.72 -33.04 -35.49
C LEU K 53 -57.25 -32.18 -36.64
N MET K 54 -56.83 -30.95 -36.35
CA MET K 54 -56.26 -30.12 -37.38
C MET K 54 -54.81 -30.50 -37.62
N ILE K 55 -54.40 -30.41 -38.88
CA ILE K 55 -53.06 -30.82 -39.31
C ILE K 55 -52.58 -29.81 -40.35
N GLY K 56 -51.34 -29.37 -40.20
CA GLY K 56 -50.76 -28.47 -41.15
C GLY K 56 -49.63 -27.64 -40.56
N PRO K 57 -48.96 -26.87 -41.40
CA PRO K 57 -47.90 -26.00 -40.88
C PRO K 57 -48.48 -24.90 -40.02
N THR K 58 -47.64 -24.39 -39.14
CA THR K 58 -48.05 -23.40 -38.17
C THR K 58 -48.50 -22.11 -38.84
N GLY K 59 -49.41 -21.41 -38.16
CA GLY K 59 -49.79 -20.07 -38.55
C GLY K 59 -50.76 -19.99 -39.70
N VAL K 60 -51.39 -21.09 -40.08
CA VAL K 60 -52.30 -21.10 -41.23
C VAL K 60 -53.74 -20.89 -40.77
N GLY K 61 -53.94 -20.61 -39.50
CA GLY K 61 -55.26 -20.29 -38.98
C GLY K 61 -56.00 -21.41 -38.29
N LYS K 62 -55.31 -22.50 -37.93
CA LYS K 62 -55.96 -23.57 -37.17
C LYS K 62 -56.63 -23.03 -35.91
N THR K 63 -55.89 -22.24 -35.13
CA THR K 63 -56.44 -21.71 -33.88
C THR K 63 -57.52 -20.68 -34.14
N GLU K 64 -57.33 -19.86 -35.17
CA GLU K 64 -58.31 -18.81 -35.45
C GLU K 64 -59.67 -19.40 -35.79
N ILE K 65 -59.69 -20.53 -36.50
CA ILE K 65 -60.95 -21.22 -36.78
C ILE K 65 -61.62 -21.63 -35.48
N ALA K 66 -60.85 -22.22 -34.57
CA ALA K 66 -61.41 -22.62 -33.28
C ALA K 66 -61.83 -21.40 -32.46
N ARG K 67 -61.07 -20.30 -32.55
CA ARG K 67 -61.42 -19.10 -31.80
C ARG K 67 -62.69 -18.48 -32.35
N ARG K 68 -62.75 -18.27 -33.66
CA ARG K 68 -63.95 -17.70 -34.27
C ARG K 68 -65.14 -18.64 -34.19
N LEU K 69 -64.91 -19.96 -34.18
CA LEU K 69 -66.01 -20.90 -34.05
C LEU K 69 -66.67 -20.78 -32.68
N ALA K 70 -65.87 -20.79 -31.62
CA ALA K 70 -66.42 -20.63 -30.27
C ALA K 70 -67.02 -19.24 -30.09
N LYS K 71 -66.34 -18.21 -30.61
CA LYS K 71 -66.90 -16.86 -30.56
C LYS K 71 -68.20 -16.77 -31.37
N LEU K 72 -68.31 -17.55 -32.43
CA LEU K 72 -69.54 -17.59 -33.20
C LEU K 72 -70.68 -18.21 -32.40
N ALA K 73 -70.37 -19.26 -31.65
CA ALA K 73 -71.35 -19.96 -30.82
C ALA K 73 -71.52 -19.35 -29.44
N ASN K 74 -70.73 -18.34 -29.09
CA ASN K 74 -70.69 -17.79 -27.73
C ASN K 74 -70.33 -18.84 -26.68
N ALA K 75 -69.62 -19.87 -27.09
CA ALA K 75 -69.25 -20.99 -26.25
C ALA K 75 -68.00 -20.67 -25.43
N PRO K 76 -67.84 -21.32 -24.28
CA PRO K 76 -66.55 -21.25 -23.58
C PRO K 76 -65.47 -21.88 -24.42
N PHE K 77 -64.26 -21.33 -24.31
CA PHE K 77 -63.14 -21.77 -25.13
C PHE K 77 -61.85 -21.60 -24.35
N ILE K 78 -60.90 -22.51 -24.61
CA ILE K 78 -59.57 -22.43 -24.02
C ILE K 78 -58.58 -23.09 -24.97
N LYS K 79 -57.38 -22.51 -25.06
CA LYS K 79 -56.27 -23.10 -25.81
C LYS K 79 -55.22 -23.58 -24.81
N VAL K 80 -54.84 -24.85 -24.93
CA VAL K 80 -53.88 -25.46 -24.02
C VAL K 80 -52.77 -26.10 -24.84
N GLU K 81 -51.52 -25.85 -24.44
CA GLU K 81 -50.38 -26.47 -25.07
C GLU K 81 -50.15 -27.85 -24.47
N ALA K 82 -50.17 -28.88 -25.32
CA ALA K 82 -50.07 -30.25 -24.84
C ALA K 82 -48.73 -30.51 -24.14
N THR K 83 -47.68 -29.78 -24.51
CA THR K 83 -46.37 -29.97 -23.90
C THR K 83 -46.28 -29.43 -22.47
N LYS K 84 -47.27 -28.66 -22.02
CA LYS K 84 -47.25 -28.14 -20.65
C LYS K 84 -47.26 -29.26 -19.62
N PHE K 85 -47.87 -30.40 -19.95
CA PHE K 85 -48.04 -31.51 -19.03
C PHE K 85 -46.88 -32.50 -19.06
N THR K 86 -45.88 -32.28 -19.92
CA THR K 86 -44.73 -33.18 -19.95
C THR K 86 -43.95 -33.13 -18.65
N GLU K 87 -43.95 -31.98 -17.99
CA GLU K 87 -43.18 -31.77 -16.76
C GLU K 87 -43.96 -32.23 -15.53
N GLY K 92 -45.32 -31.49 -11.72
CA GLY K 92 -45.98 -30.89 -12.87
C GLY K 92 -47.47 -30.68 -12.67
N LYS K 93 -48.10 -30.00 -13.62
CA LYS K 93 -49.52 -29.69 -13.50
C LYS K 93 -50.37 -30.89 -13.88
N GLU K 94 -51.54 -30.97 -13.26
CA GLU K 94 -52.50 -32.03 -13.54
C GLU K 94 -53.31 -31.70 -14.79
N VAL K 95 -53.71 -32.75 -15.51
CA VAL K 95 -54.48 -32.57 -16.73
C VAL K 95 -55.87 -32.03 -16.45
N ASP K 96 -56.42 -32.28 -15.25
CA ASP K 96 -57.76 -31.83 -14.92
C ASP K 96 -57.87 -30.31 -14.91
N SER K 97 -56.74 -29.60 -14.84
CA SER K 97 -56.77 -28.13 -14.85
C SER K 97 -57.40 -27.57 -16.11
N ILE K 98 -57.39 -28.34 -17.22
CA ILE K 98 -58.00 -27.88 -18.47
C ILE K 98 -59.46 -27.53 -18.26
N ILE K 99 -60.22 -28.44 -17.64
CA ILE K 99 -61.63 -28.17 -17.37
C ILE K 99 -61.80 -27.07 -16.33
N ARG K 100 -60.87 -26.99 -15.37
CA ARG K 100 -60.96 -25.95 -14.34
C ARG K 100 -60.80 -24.56 -14.94
N ASP K 101 -59.75 -24.37 -15.76
CA ASP K 101 -59.53 -23.08 -16.40
C ASP K 101 -60.61 -22.78 -17.43
N LEU K 102 -61.19 -23.81 -18.05
CA LEU K 102 -62.29 -23.60 -18.99
C LEU K 102 -63.50 -23.05 -18.27
N THR K 103 -63.83 -23.63 -17.11
CA THR K 103 -64.96 -23.12 -16.33
C THR K 103 -64.70 -21.71 -15.82
N ASP K 104 -63.43 -21.41 -15.50
CA ASP K 104 -63.11 -20.06 -15.05
C ASP K 104 -63.29 -19.05 -16.18
N ALA K 105 -63.02 -19.45 -17.43
CA ALA K 105 -63.32 -18.57 -18.55
C ALA K 105 -64.82 -18.49 -18.80
N ALA K 106 -65.53 -19.60 -18.62
CA ALA K 106 -66.99 -19.58 -18.76
C ALA K 106 -67.66 -18.74 -17.68
N VAL K 107 -67.11 -18.76 -16.46
CA VAL K 107 -67.68 -17.94 -15.39
C VAL K 107 -67.60 -16.46 -15.74
N LYS K 108 -66.41 -15.98 -16.10
CA LYS K 108 -66.26 -14.59 -16.50
C LYS K 108 -67.05 -14.28 -17.76
N MET K 109 -67.24 -15.28 -18.63
CA MET K 109 -68.00 -15.05 -19.85
C MET K 109 -69.48 -14.83 -19.53
N VAL K 110 -70.08 -15.74 -18.77
CA VAL K 110 -71.49 -15.59 -18.42
C VAL K 110 -71.71 -14.42 -17.49
N ARG K 111 -70.72 -14.09 -16.65
CA ARG K 111 -70.87 -12.99 -15.71
C ARG K 111 -70.92 -11.65 -16.45
N VAL K 112 -69.92 -11.38 -17.29
CA VAL K 112 -69.89 -10.13 -18.04
C VAL K 112 -71.10 -10.04 -18.96
N GLN K 113 -71.52 -11.16 -19.53
CA GLN K 113 -72.72 -11.17 -20.37
C GLN K 113 -73.97 -10.90 -19.54
N ALA K 114 -74.02 -11.45 -18.32
CA ALA K 114 -75.11 -11.12 -17.42
C ALA K 114 -75.13 -9.63 -17.09
N ILE K 115 -73.94 -9.04 -16.90
CA ILE K 115 -73.84 -7.61 -16.64
C ILE K 115 -74.40 -6.81 -17.80
N GLU K 116 -74.31 -7.34 -19.02
CA GLU K 116 -74.88 -6.64 -20.17
C GLU K 116 -76.40 -6.53 -20.07
N LYS K 117 -77.07 -7.60 -19.64
CA LYS K 117 -78.48 -7.49 -19.31
C LYS K 117 -78.68 -6.57 -18.11
N ASN K 118 -77.68 -6.53 -17.23
CA ASN K 118 -77.70 -5.61 -16.10
C ASN K 118 -77.28 -4.20 -16.50
N ARG K 119 -76.36 -4.06 -17.45
CA ARG K 119 -75.91 -2.73 -17.87
C ARG K 119 -77.07 -1.84 -18.31
N TYR K 120 -78.10 -2.44 -18.92
CA TYR K 120 -79.27 -1.68 -19.34
C TYR K 120 -80.22 -1.41 -18.17
N ARG K 121 -80.75 -2.48 -17.57
CA ARG K 121 -81.77 -2.33 -16.53
C ARG K 121 -81.26 -1.52 -15.34
N ALA K 122 -80.01 -1.75 -14.92
CA ALA K 122 -79.50 -1.09 -13.72
C ALA K 122 -79.45 0.42 -13.89
N GLU K 123 -79.10 0.89 -15.09
CA GLU K 123 -79.10 2.33 -15.34
C GLU K 123 -80.48 2.94 -15.12
N GLU K 124 -81.53 2.22 -15.48
CA GLU K 124 -82.88 2.72 -15.23
C GLU K 124 -83.20 2.70 -13.74
N LEU K 125 -82.93 1.59 -13.06
CA LEU K 125 -83.23 1.51 -11.63
C LEU K 125 -82.30 2.38 -10.80
N ALA K 126 -81.06 2.58 -11.25
CA ALA K 126 -80.16 3.50 -10.54
C ALA K 126 -80.60 4.95 -10.72
N GLU K 127 -81.19 5.29 -11.86
CA GLU K 127 -81.73 6.62 -12.04
C GLU K 127 -82.93 6.86 -11.14
N GLU K 128 -83.78 5.84 -10.97
CA GLU K 128 -84.93 5.98 -10.09
C GLU K 128 -84.52 6.08 -8.63
N ARG K 129 -83.35 5.54 -8.27
CA ARG K 129 -82.84 5.67 -6.91
C ARG K 129 -82.31 7.06 -6.65
N ILE K 130 -81.51 7.60 -7.57
CA ILE K 130 -80.91 8.92 -7.41
C ILE K 130 -81.92 10.04 -7.64
N LYS K 222 -72.17 4.84 -9.72
CA LYS K 222 -71.40 3.62 -9.97
C LYS K 222 -71.72 2.55 -8.93
N LEU K 223 -71.93 2.98 -7.68
CA LEU K 223 -72.25 2.04 -6.62
C LEU K 223 -73.62 1.40 -6.80
N LEU K 224 -74.58 2.14 -7.37
CA LEU K 224 -75.91 1.58 -7.58
C LEU K 224 -75.92 0.55 -8.70
N ILE K 225 -74.99 0.65 -9.65
CA ILE K 225 -74.88 -0.36 -10.70
C ILE K 225 -74.55 -1.72 -10.11
N GLU K 226 -73.68 -1.75 -9.09
CA GLU K 226 -73.34 -3.01 -8.45
C GLU K 226 -74.53 -3.57 -7.67
N GLU K 227 -75.14 -2.75 -6.82
CA GLU K 227 -76.25 -3.23 -6.00
C GLU K 227 -77.44 -3.66 -6.86
N GLU K 228 -77.69 -2.93 -7.96
CA GLU K 228 -78.79 -3.31 -8.84
C GLU K 228 -78.42 -4.52 -9.69
N ALA K 229 -77.20 -4.54 -10.25
CA ALA K 229 -76.77 -5.71 -11.01
C ALA K 229 -76.72 -6.95 -10.14
N ALA K 230 -76.32 -6.79 -8.87
CA ALA K 230 -76.38 -7.92 -7.93
C ALA K 230 -77.81 -8.30 -7.62
N LYS K 231 -78.70 -7.30 -7.50
CA LYS K 231 -80.11 -7.58 -7.27
C LYS K 231 -80.77 -8.21 -8.49
N LEU K 232 -80.35 -7.80 -9.69
CA LEU K 232 -80.89 -8.39 -10.91
C LEU K 232 -80.22 -9.73 -11.23
N VAL K 233 -78.92 -9.87 -10.93
CA VAL K 233 -78.22 -11.10 -11.28
C VAL K 233 -78.69 -12.24 -10.39
N ASN K 234 -78.66 -13.45 -10.92
CA ASN K 234 -79.08 -14.64 -10.20
C ASN K 234 -77.87 -15.57 -10.05
N PRO K 235 -77.33 -15.70 -8.84
CA PRO K 235 -76.05 -16.43 -8.73
C PRO K 235 -76.19 -17.93 -8.95
N GLU K 236 -77.27 -18.55 -8.49
CA GLU K 236 -77.49 -19.98 -8.77
C GLU K 236 -77.84 -20.22 -10.24
N GLU K 237 -78.44 -19.24 -10.92
CA GLU K 237 -78.67 -19.33 -12.35
C GLU K 237 -77.45 -18.92 -13.17
N LEU K 238 -76.45 -18.28 -12.55
CA LEU K 238 -75.24 -17.85 -13.25
C LEU K 238 -74.11 -18.84 -13.09
N LYS K 239 -73.68 -19.11 -11.85
CA LYS K 239 -72.64 -20.10 -11.62
C LYS K 239 -73.03 -21.48 -12.15
N GLN K 240 -74.33 -21.80 -12.13
CA GLN K 240 -74.80 -23.03 -12.78
C GLN K 240 -74.96 -22.86 -14.29
N ASP K 241 -75.04 -21.63 -14.80
CA ASP K 241 -75.14 -21.44 -16.24
C ASP K 241 -73.79 -21.71 -16.91
N ALA K 242 -72.71 -21.24 -16.28
CA ALA K 242 -71.38 -21.51 -16.82
C ALA K 242 -71.09 -23.01 -16.85
N ILE K 243 -71.63 -23.76 -15.90
CA ILE K 243 -71.51 -25.21 -15.94
C ILE K 243 -72.28 -25.77 -17.13
N ASP K 244 -73.50 -25.27 -17.36
CA ASP K 244 -74.25 -25.68 -18.54
C ASP K 244 -73.57 -25.21 -19.81
N ALA K 245 -72.94 -24.03 -19.79
CA ALA K 245 -72.22 -23.54 -20.94
C ALA K 245 -70.98 -24.38 -21.24
N VAL K 246 -70.32 -24.87 -20.20
CA VAL K 246 -69.15 -25.72 -20.41
C VAL K 246 -69.57 -27.11 -20.87
N GLU K 247 -70.53 -27.71 -20.18
CA GLU K 247 -70.92 -29.08 -20.51
C GLU K 247 -71.56 -29.16 -21.89
N GLN K 248 -72.51 -28.27 -22.17
CA GLN K 248 -73.21 -28.35 -23.45
C GLN K 248 -72.40 -27.72 -24.57
N HIS K 249 -71.90 -26.51 -24.36
CA HIS K 249 -71.28 -25.74 -25.42
C HIS K 249 -69.76 -25.72 -25.39
N GLY K 250 -69.13 -26.36 -24.41
CA GLY K 250 -67.71 -26.13 -24.20
C GLY K 250 -66.86 -26.58 -25.37
N ILE K 251 -65.75 -25.87 -25.56
CA ILE K 251 -64.81 -26.15 -26.64
C ILE K 251 -63.41 -26.02 -26.07
N VAL K 252 -62.51 -26.90 -26.50
CA VAL K 252 -61.12 -26.91 -26.05
C VAL K 252 -60.24 -27.13 -27.26
N PHE K 253 -59.19 -26.33 -27.38
CA PHE K 253 -58.21 -26.44 -28.46
C PHE K 253 -56.89 -26.89 -27.85
N ILE K 254 -56.40 -28.05 -28.27
CA ILE K 254 -55.14 -28.60 -27.79
C ILE K 254 -54.13 -28.39 -28.91
N ASP K 255 -53.24 -27.41 -28.72
CA ASP K 255 -52.23 -27.12 -29.72
C ASP K 255 -51.11 -28.14 -29.66
N GLU K 256 -50.40 -28.29 -30.78
CA GLU K 256 -49.17 -29.08 -30.88
C GLU K 256 -49.31 -30.46 -30.24
N ILE K 257 -50.41 -31.14 -30.55
CA ILE K 257 -50.61 -32.50 -30.05
C ILE K 257 -49.62 -33.49 -30.68
N ASP K 258 -49.07 -33.16 -31.86
CA ASP K 258 -48.15 -34.07 -32.52
C ASP K 258 -46.87 -34.27 -31.73
N LYS K 259 -46.52 -33.34 -30.85
CA LYS K 259 -45.26 -33.42 -30.11
C LYS K 259 -45.32 -34.40 -28.95
N ILE K 260 -46.51 -34.90 -28.58
CA ILE K 260 -46.62 -35.91 -27.54
C ILE K 260 -46.68 -37.33 -28.11
N CYS K 261 -46.50 -37.47 -29.42
CA CYS K 261 -46.46 -38.78 -30.04
C CYS K 261 -45.09 -39.43 -29.81
N LYS K 262 -45.08 -40.76 -29.90
CA LYS K 262 -43.86 -41.53 -29.72
C LYS K 262 -42.87 -41.28 -30.87
N SER K 267 -37.27 -43.87 -25.89
CA SER K 267 -38.04 -44.71 -24.99
C SER K 267 -38.43 -43.94 -23.72
N GLY K 268 -37.50 -43.15 -23.20
CA GLY K 268 -37.72 -42.38 -22.00
C GLY K 268 -38.80 -41.32 -22.15
N PRO K 269 -38.63 -40.41 -23.12
CA PRO K 269 -39.71 -39.45 -23.38
C PRO K 269 -40.98 -40.10 -23.91
N ASP K 270 -40.86 -41.22 -24.64
CA ASP K 270 -42.03 -41.87 -25.19
C ASP K 270 -43.00 -42.31 -24.09
N VAL K 271 -42.49 -42.62 -22.91
CA VAL K 271 -43.37 -42.93 -21.78
C VAL K 271 -44.03 -41.66 -21.26
N SER K 272 -43.24 -40.59 -21.08
CA SER K 272 -43.79 -39.31 -20.64
C SER K 272 -44.68 -38.68 -21.71
N ARG K 273 -44.35 -38.87 -22.99
CA ARG K 273 -45.18 -38.32 -24.05
C ARG K 273 -46.52 -39.05 -24.12
N GLU K 274 -46.48 -40.39 -24.23
CA GLU K 274 -47.71 -41.17 -24.27
C GLU K 274 -48.45 -41.16 -22.95
N GLY K 275 -47.77 -40.86 -21.85
CA GLY K 275 -48.46 -40.74 -20.58
C GLY K 275 -49.42 -39.57 -20.57
N VAL K 276 -49.04 -38.47 -21.23
CA VAL K 276 -49.93 -37.31 -21.33
C VAL K 276 -51.17 -37.67 -22.14
N GLN K 277 -51.01 -38.50 -23.16
CA GLN K 277 -52.17 -38.93 -23.95
C GLN K 277 -53.11 -39.74 -23.08
N ARG K 278 -52.55 -40.65 -22.29
CA ARG K 278 -53.36 -41.45 -21.37
C ARG K 278 -54.05 -40.58 -20.32
N ASP K 279 -53.40 -39.51 -19.88
CA ASP K 279 -54.03 -38.58 -18.94
C ASP K 279 -55.17 -37.82 -19.60
N LEU K 280 -55.03 -37.48 -20.88
CA LEU K 280 -56.08 -36.79 -21.62
C LEU K 280 -57.25 -37.70 -21.96
N LEU K 281 -57.03 -39.02 -21.96
CA LEU K 281 -58.05 -39.95 -22.43
C LEU K 281 -59.39 -39.84 -21.70
N PRO K 282 -59.44 -39.75 -20.37
CA PRO K 282 -60.76 -39.64 -19.70
C PRO K 282 -61.56 -38.43 -20.14
N LEU K 283 -60.90 -37.32 -20.46
CA LEU K 283 -61.66 -36.11 -20.82
C LEU K 283 -62.44 -36.31 -22.11
N VAL K 284 -61.87 -37.04 -23.08
CA VAL K 284 -62.54 -37.27 -24.35
C VAL K 284 -63.51 -38.45 -24.29
N GLU K 285 -63.11 -39.53 -23.62
CA GLU K 285 -64.00 -40.68 -23.44
C GLU K 285 -65.15 -40.35 -22.50
N GLY K 286 -65.03 -39.26 -21.75
CA GLY K 286 -66.03 -38.81 -20.79
C GLY K 286 -65.62 -39.14 -19.37
N CYS K 287 -65.88 -38.22 -18.46
CA CYS K 287 -65.48 -38.35 -17.05
C CYS K 287 -66.11 -37.19 -16.29
N THR K 288 -65.73 -37.06 -15.02
CA THR K 288 -66.18 -35.97 -14.19
C THR K 288 -64.98 -35.36 -13.46
N VAL K 289 -64.90 -34.03 -13.48
CA VAL K 289 -63.84 -33.26 -12.83
C VAL K 289 -64.48 -32.33 -11.81
N SER K 290 -63.84 -32.21 -10.64
CA SER K 290 -64.32 -31.34 -9.58
C SER K 290 -63.74 -29.94 -9.71
N THR K 291 -64.59 -28.94 -9.53
CA THR K 291 -64.17 -27.55 -9.53
C THR K 291 -64.87 -26.83 -8.38
N LYS K 292 -64.24 -25.74 -7.92
CA LYS K 292 -64.85 -24.93 -6.87
C LYS K 292 -66.18 -24.33 -7.32
N HIS K 293 -66.31 -24.04 -8.62
CA HIS K 293 -67.56 -23.53 -9.16
C HIS K 293 -68.65 -24.60 -9.26
N GLY K 294 -68.27 -25.86 -9.34
CA GLY K 294 -69.24 -26.93 -9.44
C GLY K 294 -68.61 -28.19 -10.00
N MET K 295 -69.46 -29.14 -10.32
CA MET K 295 -69.04 -30.44 -10.81
C MET K 295 -69.43 -30.56 -12.27
N VAL K 296 -68.44 -30.68 -13.15
CA VAL K 296 -68.63 -30.65 -14.59
C VAL K 296 -68.39 -32.04 -15.18
N LYS K 297 -69.11 -32.36 -16.25
CA LYS K 297 -68.91 -33.59 -17.01
C LYS K 297 -68.42 -33.25 -18.42
N THR K 298 -67.44 -34.03 -18.90
CA THR K 298 -66.76 -33.74 -20.16
C THR K 298 -67.32 -34.50 -21.34
N ASP K 299 -68.43 -35.23 -21.15
CA ASP K 299 -68.87 -36.17 -22.18
C ASP K 299 -69.21 -35.45 -23.48
N HIS K 300 -69.89 -34.32 -23.40
CA HIS K 300 -70.39 -33.63 -24.57
C HIS K 300 -69.53 -32.43 -24.98
N ILE K 301 -68.40 -32.20 -24.31
CA ILE K 301 -67.50 -31.13 -24.70
C ILE K 301 -66.86 -31.47 -26.04
N LEU K 302 -66.73 -30.45 -26.90
CA LEU K 302 -66.02 -30.60 -28.17
C LEU K 302 -64.57 -30.21 -28.02
N PHE K 303 -63.69 -30.93 -28.72
CA PHE K 303 -62.26 -30.72 -28.63
C PHE K 303 -61.67 -30.60 -30.04
N ILE K 304 -60.62 -29.80 -30.15
CA ILE K 304 -59.91 -29.61 -31.40
C ILE K 304 -58.42 -29.75 -31.12
N ALA K 305 -57.80 -30.79 -31.68
CA ALA K 305 -56.37 -30.99 -31.59
C ALA K 305 -55.68 -30.55 -32.88
N SER K 306 -54.46 -30.02 -32.74
CA SER K 306 -53.70 -29.53 -33.89
C SER K 306 -52.23 -29.89 -33.72
N GLY K 307 -51.58 -30.13 -34.83
CA GLY K 307 -50.16 -30.39 -34.85
C GLY K 307 -49.60 -30.38 -36.25
N ALA K 308 -48.32 -30.06 -36.40
CA ALA K 308 -47.71 -30.10 -37.72
C ALA K 308 -47.58 -31.52 -38.24
N PHE K 309 -47.35 -32.48 -37.35
CA PHE K 309 -47.23 -33.90 -37.70
C PHE K 309 -46.19 -34.13 -38.80
N GLN K 310 -45.12 -33.33 -38.79
CA GLN K 310 -43.99 -33.60 -39.67
C GLN K 310 -43.05 -34.64 -39.08
N ILE K 311 -42.85 -34.61 -37.76
CA ILE K 311 -42.02 -35.61 -37.10
C ILE K 311 -42.79 -36.91 -36.90
N ALA K 312 -44.07 -36.83 -36.54
CA ALA K 312 -44.90 -37.99 -36.24
C ALA K 312 -46.18 -37.91 -37.07
N LYS K 313 -47.04 -38.91 -36.92
CA LYS K 313 -48.29 -39.03 -37.65
C LYS K 313 -49.41 -39.33 -36.69
N PRO K 314 -50.67 -39.02 -37.05
CA PRO K 314 -51.80 -39.36 -36.16
C PRO K 314 -51.86 -40.82 -35.79
N SER K 315 -51.36 -41.71 -36.67
CA SER K 315 -51.31 -43.13 -36.35
C SER K 315 -50.43 -43.41 -35.12
N ASP K 316 -49.46 -42.53 -34.84
CA ASP K 316 -48.61 -42.70 -33.67
C ASP K 316 -49.33 -42.41 -32.36
N LEU K 317 -50.51 -41.78 -32.41
CA LEU K 317 -51.30 -41.58 -31.20
C LEU K 317 -51.80 -42.91 -30.67
N ILE K 318 -52.08 -42.95 -29.38
CA ILE K 318 -52.55 -44.18 -28.73
C ILE K 318 -53.88 -44.58 -29.35
N PRO K 319 -54.18 -45.87 -29.47
CA PRO K 319 -55.40 -46.27 -30.19
C PRO K 319 -56.68 -45.71 -29.58
N GLU K 320 -56.75 -45.59 -28.25
CA GLU K 320 -57.94 -45.01 -27.63
C GLU K 320 -58.11 -43.54 -28.00
N LEU K 321 -57.02 -42.84 -28.34
CA LEU K 321 -57.11 -41.45 -28.73
C LEU K 321 -57.46 -41.28 -30.20
N GLN K 322 -57.00 -42.18 -31.07
CA GLN K 322 -57.28 -42.06 -32.49
C GLN K 322 -58.76 -42.21 -32.79
N GLY K 323 -59.47 -43.06 -32.04
CA GLY K 323 -60.90 -43.25 -32.27
C GLY K 323 -61.78 -42.18 -31.68
N ARG K 324 -61.24 -41.34 -30.80
CA ARG K 324 -61.97 -40.23 -30.24
C ARG K 324 -61.80 -38.96 -31.07
N LEU K 325 -61.18 -39.06 -32.22
CA LEU K 325 -60.99 -37.95 -33.14
C LEU K 325 -61.55 -38.38 -34.49
N PRO K 326 -62.88 -38.49 -34.59
CA PRO K 326 -63.47 -39.03 -35.83
C PRO K 326 -63.18 -38.20 -37.07
N ILE K 327 -63.11 -36.88 -36.96
CA ILE K 327 -62.96 -35.98 -38.10
C ILE K 327 -61.50 -35.58 -38.23
N ARG K 328 -60.94 -35.74 -39.43
CA ARG K 328 -59.57 -35.35 -39.73
C ARG K 328 -59.57 -34.35 -40.89
N VAL K 329 -58.70 -33.36 -40.80
CA VAL K 329 -58.59 -32.35 -41.85
C VAL K 329 -57.16 -31.81 -41.88
N GLU K 330 -56.63 -31.57 -43.07
CA GLU K 330 -55.34 -30.95 -43.27
C GLU K 330 -55.54 -29.53 -43.77
N LEU K 331 -54.83 -28.58 -43.18
CA LEU K 331 -54.91 -27.19 -43.58
C LEU K 331 -53.74 -26.87 -44.51
N GLN K 332 -54.04 -26.23 -45.62
CA GLN K 332 -53.03 -25.96 -46.63
C GLN K 332 -52.16 -24.78 -46.23
N ALA K 333 -50.93 -24.78 -46.72
CA ALA K 333 -50.04 -23.64 -46.52
C ALA K 333 -50.55 -22.46 -47.34
N LEU K 334 -50.44 -21.27 -46.76
CA LEU K 334 -50.91 -20.07 -47.43
C LEU K 334 -49.89 -19.68 -48.51
N THR K 335 -50.40 -19.28 -49.67
CA THR K 335 -49.53 -18.89 -50.77
C THR K 335 -49.33 -17.37 -50.76
N THR K 336 -48.50 -16.89 -51.69
CA THR K 336 -48.30 -15.44 -51.84
C THR K 336 -49.60 -14.75 -52.19
N SER K 337 -50.44 -15.41 -53.00
CA SER K 337 -51.75 -14.86 -53.33
C SER K 337 -52.65 -14.83 -52.10
N ASP K 338 -52.56 -15.85 -51.25
CA ASP K 338 -53.35 -15.87 -50.02
C ASP K 338 -52.87 -14.78 -49.06
N PHE K 339 -51.57 -14.49 -49.04
CA PHE K 339 -51.06 -13.41 -48.21
C PHE K 339 -51.66 -12.07 -48.60
N GLU K 340 -51.76 -11.80 -49.91
CA GLU K 340 -52.37 -10.54 -50.36
C GLU K 340 -53.83 -10.45 -49.93
N ARG K 341 -54.53 -11.58 -49.92
CA ARG K 341 -55.92 -11.58 -49.49
C ARG K 341 -56.04 -11.35 -47.99
N ILE K 342 -55.17 -12.01 -47.20
CA ILE K 342 -55.22 -11.88 -45.74
C ILE K 342 -54.95 -10.44 -45.31
N LEU K 343 -54.16 -9.71 -46.09
CA LEU K 343 -53.84 -8.33 -45.73
C LEU K 343 -55.05 -7.41 -45.86
N THR K 344 -56.02 -7.76 -46.71
CA THR K 344 -57.08 -6.82 -47.08
C THR K 344 -58.47 -7.41 -46.82
N GLU K 345 -58.76 -8.54 -47.49
CA GLU K 345 -60.11 -9.10 -47.48
C GLU K 345 -60.73 -9.33 -46.11
N PRO K 346 -60.03 -9.89 -45.11
CA PRO K 346 -60.70 -10.21 -43.84
C PRO K 346 -61.25 -8.95 -43.18
N ASN K 347 -62.39 -9.10 -42.51
CA ASN K 347 -62.91 -8.01 -41.71
C ASN K 347 -61.90 -7.67 -40.62
N ALA K 348 -61.64 -6.37 -40.44
CA ALA K 348 -60.63 -5.89 -39.50
C ALA K 348 -59.25 -6.48 -39.78
N SER K 349 -58.87 -6.51 -41.06
CA SER K 349 -57.54 -6.99 -41.43
C SER K 349 -56.46 -6.03 -40.93
N ILE K 350 -55.24 -6.57 -40.79
CA ILE K 350 -54.15 -5.82 -40.18
C ILE K 350 -53.87 -4.52 -40.93
N THR K 351 -54.06 -4.52 -42.26
CA THR K 351 -53.94 -3.27 -43.01
C THR K 351 -55.06 -2.29 -42.63
N VAL K 352 -56.29 -2.79 -42.48
CA VAL K 352 -57.38 -1.93 -42.02
C VAL K 352 -57.13 -1.44 -40.62
N GLN K 353 -56.52 -2.27 -39.77
CA GLN K 353 -56.21 -1.85 -38.41
C GLN K 353 -55.19 -0.71 -38.41
N TYR K 354 -54.13 -0.84 -39.22
CA TYR K 354 -53.15 0.22 -39.31
C TYR K 354 -53.72 1.49 -39.92
N LYS K 355 -54.67 1.36 -40.85
CA LYS K 355 -55.26 2.53 -41.47
C LYS K 355 -56.07 3.32 -40.45
N ALA K 356 -56.93 2.62 -39.70
CA ALA K 356 -57.71 3.28 -38.66
C ALA K 356 -56.84 3.79 -37.52
N LEU K 357 -55.72 3.13 -37.24
CA LEU K 357 -54.81 3.61 -36.22
C LEU K 357 -54.22 4.95 -36.59
N MET K 358 -53.70 5.08 -37.81
CA MET K 358 -53.16 6.36 -38.26
C MET K 358 -54.26 7.40 -38.48
N ALA K 359 -55.48 6.97 -38.81
CA ALA K 359 -56.58 7.92 -38.90
C ALA K 359 -56.83 8.60 -37.56
N THR K 360 -56.52 7.93 -36.46
CA THR K 360 -56.68 8.53 -35.15
C THR K 360 -55.81 9.76 -35.01
N GLU K 361 -54.66 9.77 -35.69
CA GLU K 361 -53.72 10.88 -35.71
C GLU K 361 -54.06 11.95 -36.74
N GLY K 362 -55.14 11.82 -37.49
CA GLY K 362 -55.45 12.74 -38.55
C GLY K 362 -54.78 12.38 -39.86
N VAL K 363 -54.15 11.22 -39.92
CA VAL K 363 -53.41 10.74 -41.09
C VAL K 363 -54.29 9.75 -41.84
N ASN K 364 -54.16 9.76 -43.16
CA ASN K 364 -54.90 8.84 -44.02
C ASN K 364 -53.91 7.93 -44.72
N ILE K 365 -53.92 6.65 -44.37
CA ILE K 365 -53.06 5.66 -45.02
C ILE K 365 -53.83 5.03 -46.17
N GLU K 366 -53.12 4.75 -47.26
CA GLU K 366 -53.69 4.05 -48.40
C GLU K 366 -52.62 3.16 -49.00
N PHE K 367 -52.95 1.89 -49.24
CA PHE K 367 -52.03 0.91 -49.79
C PHE K 367 -52.39 0.64 -51.25
N THR K 368 -51.39 0.73 -52.13
CA THR K 368 -51.59 0.35 -53.52
C THR K 368 -51.62 -1.16 -53.65
N ASP K 369 -52.30 -1.63 -54.71
CA ASP K 369 -52.35 -3.07 -54.96
C ASP K 369 -50.96 -3.66 -55.15
N SER K 370 -50.09 -2.94 -55.87
CA SER K 370 -48.71 -3.38 -56.01
C SER K 370 -47.95 -3.28 -54.68
N GLY K 371 -48.34 -2.34 -53.82
CA GLY K 371 -47.73 -2.26 -52.51
C GLY K 371 -48.12 -3.41 -51.60
N ILE K 372 -49.39 -3.83 -51.67
CA ILE K 372 -49.81 -5.03 -50.96
C ILE K 372 -49.15 -6.26 -51.54
N LYS K 373 -48.98 -6.29 -52.87
CA LYS K 373 -48.38 -7.45 -53.52
C LYS K 373 -46.92 -7.63 -53.10
N ARG K 374 -46.19 -6.53 -52.92
CA ARG K 374 -44.79 -6.63 -52.54
C ARG K 374 -44.59 -6.86 -51.06
N ILE K 375 -45.61 -6.62 -50.24
CA ILE K 375 -45.54 -7.02 -48.84
C ILE K 375 -45.71 -8.52 -48.72
N ALA K 376 -46.66 -9.10 -49.46
CA ALA K 376 -46.84 -10.54 -49.45
C ALA K 376 -45.61 -11.26 -49.99
N GLU K 377 -44.99 -10.69 -51.03
CA GLU K 377 -43.75 -11.25 -51.56
C GLU K 377 -42.61 -11.14 -50.56
N ALA K 378 -42.60 -10.07 -49.75
CA ALA K 378 -41.55 -9.91 -48.75
C ALA K 378 -41.67 -10.95 -47.65
N ALA K 379 -42.89 -11.15 -47.14
CA ALA K 379 -43.10 -12.15 -46.10
C ALA K 379 -42.85 -13.56 -46.60
N TRP K 380 -43.13 -13.81 -47.89
CA TRP K 380 -42.87 -15.11 -48.46
C TRP K 380 -41.37 -15.40 -48.53
N GLN K 381 -40.58 -14.39 -48.92
CA GLN K 381 -39.14 -14.60 -49.07
C GLN K 381 -38.48 -14.90 -47.73
N VAL K 382 -38.94 -14.26 -46.65
CA VAL K 382 -38.35 -14.50 -45.33
C VAL K 382 -38.68 -15.91 -44.86
N ASN K 383 -39.92 -16.35 -45.09
CA ASN K 383 -40.29 -17.71 -44.73
C ASN K 383 -39.49 -18.73 -45.52
N GLU K 384 -39.17 -18.42 -46.78
CA GLU K 384 -38.37 -19.33 -47.57
C GLU K 384 -36.87 -19.18 -47.29
N SER K 385 -36.39 -17.95 -47.13
CA SER K 385 -34.96 -17.74 -46.92
C SER K 385 -34.49 -18.29 -45.58
N THR K 386 -35.34 -18.24 -44.54
CA THR K 386 -34.90 -18.69 -43.22
C THR K 386 -35.79 -19.79 -42.67
N GLU K 387 -36.93 -19.41 -42.10
CA GLU K 387 -37.87 -20.34 -41.48
C GLU K 387 -39.29 -19.92 -41.81
N ASN K 388 -40.14 -20.91 -42.09
CA ASN K 388 -41.50 -20.66 -42.53
C ASN K 388 -42.42 -20.64 -41.32
N ILE K 389 -42.89 -19.45 -40.95
CA ILE K 389 -43.83 -19.28 -39.84
C ILE K 389 -45.27 -19.10 -40.31
N GLY K 390 -45.52 -19.19 -41.62
CA GLY K 390 -46.85 -18.97 -42.12
C GLY K 390 -47.21 -17.50 -42.16
N ALA K 391 -48.52 -17.23 -42.09
CA ALA K 391 -49.02 -15.86 -42.21
C ALA K 391 -48.55 -14.95 -41.09
N ARG K 392 -48.01 -15.48 -39.98
CA ARG K 392 -47.51 -14.63 -38.92
C ARG K 392 -46.39 -13.72 -39.42
N ARG K 393 -45.68 -14.11 -40.48
CA ARG K 393 -44.62 -13.26 -41.02
C ARG K 393 -45.18 -11.93 -41.49
N LEU K 394 -46.45 -11.89 -41.90
CA LEU K 394 -47.07 -10.66 -42.37
C LEU K 394 -47.09 -9.59 -41.28
N HIS K 395 -47.25 -9.98 -40.03
CA HIS K 395 -47.30 -9.00 -38.94
C HIS K 395 -45.94 -8.34 -38.73
N THR K 396 -44.87 -9.13 -38.73
CA THR K 396 -43.53 -8.58 -38.49
C THR K 396 -43.10 -7.67 -39.63
N VAL K 397 -43.44 -8.03 -40.85
CA VAL K 397 -43.01 -7.24 -42.01
C VAL K 397 -43.78 -5.92 -42.07
N LEU K 398 -45.08 -5.95 -41.79
CA LEU K 398 -45.89 -4.75 -41.92
C LEU K 398 -45.46 -3.69 -40.92
N GLU K 399 -45.24 -4.10 -39.67
CA GLU K 399 -44.83 -3.15 -38.64
C GLU K 399 -43.44 -2.59 -38.94
N ARG K 400 -42.56 -3.41 -39.51
CA ARG K 400 -41.25 -2.92 -39.91
C ARG K 400 -41.36 -1.87 -41.01
N LEU K 401 -42.34 -2.03 -41.90
CA LEU K 401 -42.55 -1.06 -42.97
C LEU K 401 -43.15 0.23 -42.42
N MET K 402 -44.10 0.12 -41.51
CA MET K 402 -44.87 1.26 -41.02
C MET K 402 -44.26 1.93 -39.80
N GLU K 403 -43.13 1.44 -39.30
CA GLU K 403 -42.56 1.99 -38.08
C GLU K 403 -42.21 3.46 -38.22
N GLU K 404 -41.80 3.89 -39.40
CA GLU K 404 -41.46 5.29 -39.61
C GLU K 404 -42.70 6.17 -39.64
N ILE K 405 -43.76 5.69 -40.30
CA ILE K 405 -45.02 6.44 -40.28
C ILE K 405 -45.62 6.39 -38.89
N SER K 406 -45.57 5.22 -38.25
CA SER K 406 -46.07 5.08 -36.89
C SER K 406 -45.27 5.94 -35.92
N TYR K 407 -44.01 6.26 -36.26
CA TYR K 407 -43.24 7.15 -35.39
C TYR K 407 -43.68 8.60 -35.57
N ASP K 408 -43.89 9.02 -36.81
CA ASP K 408 -44.17 10.41 -37.15
C ASP K 408 -45.64 10.77 -37.23
N ALA K 409 -46.56 9.84 -36.99
CA ALA K 409 -47.98 10.10 -37.28
C ALA K 409 -48.52 11.32 -36.55
N SER K 410 -47.95 11.68 -35.39
CA SER K 410 -48.40 12.85 -34.66
C SER K 410 -48.16 14.12 -35.47
N ASP K 411 -46.94 14.28 -36.01
CA ASP K 411 -46.59 15.47 -36.76
C ASP K 411 -47.18 15.48 -38.16
N LEU K 412 -47.61 14.33 -38.66
CA LEU K 412 -48.16 14.18 -39.99
C LEU K 412 -49.66 14.37 -40.06
N SER K 413 -50.28 14.83 -38.97
CA SER K 413 -51.74 14.99 -38.91
C SER K 413 -52.24 15.89 -40.04
N GLY K 414 -53.38 15.51 -40.62
CA GLY K 414 -53.95 16.25 -41.72
C GLY K 414 -53.32 15.97 -43.06
N GLN K 415 -52.46 14.96 -43.16
CA GLN K 415 -51.78 14.60 -44.39
C GLN K 415 -52.18 13.20 -44.85
N ASN K 416 -52.08 12.98 -46.17
CA ASN K 416 -52.49 11.74 -46.81
C ASN K 416 -51.27 10.95 -47.25
N ILE K 417 -51.05 9.84 -46.61
CA ILE K 417 -49.92 8.97 -46.87
C ILE K 417 -50.38 7.85 -47.79
N THR K 418 -49.51 7.47 -48.75
CA THR K 418 -49.75 6.37 -49.68
C THR K 418 -48.58 5.40 -49.64
N ILE K 419 -48.86 4.14 -49.36
CA ILE K 419 -47.85 3.08 -49.38
C ILE K 419 -47.84 2.45 -50.77
N ASP K 420 -46.78 2.70 -51.53
CA ASP K 420 -46.67 2.20 -52.89
C ASP K 420 -45.56 1.16 -52.98
N ALA K 421 -45.40 0.61 -54.18
CA ALA K 421 -44.37 -0.40 -54.39
C ALA K 421 -42.99 0.17 -54.13
N ASP K 422 -42.77 1.44 -54.51
CA ASP K 422 -41.50 2.07 -54.25
C ASP K 422 -41.25 2.27 -52.76
N TYR K 423 -42.30 2.58 -51.99
CA TYR K 423 -42.13 2.75 -50.56
C TYR K 423 -41.84 1.42 -49.89
N VAL K 424 -42.47 0.35 -50.35
CA VAL K 424 -42.25 -0.97 -49.76
C VAL K 424 -40.82 -1.43 -50.01
N SER K 425 -40.34 -1.30 -51.24
CA SER K 425 -38.98 -1.72 -51.57
C SER K 425 -37.94 -0.87 -50.82
N LYS K 426 -38.26 0.39 -50.52
CA LYS K 426 -37.32 1.28 -49.87
C LYS K 426 -37.03 0.85 -48.43
N HIS K 427 -38.07 0.48 -47.67
CA HIS K 427 -37.93 0.17 -46.26
C HIS K 427 -37.67 -1.31 -45.99
N LEU K 428 -37.77 -2.17 -47.01
CA LEU K 428 -37.75 -3.61 -46.82
C LEU K 428 -36.61 -4.29 -47.56
N ASP K 429 -36.54 -4.17 -48.89
CA ASP K 429 -35.61 -4.97 -49.70
C ASP K 429 -34.20 -4.98 -49.15
N ALA K 430 -33.76 -3.88 -48.52
CA ALA K 430 -32.45 -3.86 -47.89
C ALA K 430 -32.38 -4.85 -46.72
N LEU K 431 -33.50 -5.02 -46.01
CA LEU K 431 -33.55 -5.97 -44.90
C LEU K 431 -33.74 -7.40 -45.39
N VAL K 432 -34.57 -7.59 -46.42
CA VAL K 432 -34.81 -8.92 -46.95
C VAL K 432 -33.58 -9.47 -47.66
N ALA K 433 -32.75 -8.59 -48.22
CA ALA K 433 -31.58 -9.05 -48.96
C ALA K 433 -30.54 -9.72 -48.05
N ASP K 434 -30.48 -9.31 -46.78
CA ASP K 434 -29.54 -9.87 -45.81
C ASP K 434 -30.28 -10.87 -44.94
N GLU K 435 -29.98 -12.16 -45.12
CA GLU K 435 -30.64 -13.18 -44.32
C GLU K 435 -30.15 -13.19 -42.89
N ASP K 436 -28.93 -12.73 -42.65
CA ASP K 436 -28.35 -12.68 -41.32
C ASP K 436 -29.12 -11.70 -40.43
N SER L 1 -48.36 9.00 -21.19
CA SER L 1 -47.66 10.21 -21.59
C SER L 1 -47.88 10.47 -23.08
N GLU L 2 -48.00 11.75 -23.43
CA GLU L 2 -48.27 12.17 -24.79
C GLU L 2 -47.02 12.54 -25.59
N MET L 3 -45.82 12.33 -25.03
CA MET L 3 -44.57 12.66 -25.70
C MET L 3 -44.53 12.05 -27.09
N THR L 4 -44.04 12.81 -28.06
CA THR L 4 -43.87 12.27 -29.40
C THR L 4 -42.63 11.40 -29.44
N PRO L 5 -42.57 10.44 -30.37
CA PRO L 5 -41.44 9.48 -30.35
C PRO L 5 -40.06 10.11 -30.43
N ARG L 6 -39.92 11.26 -31.10
CA ARG L 6 -38.64 11.95 -31.08
C ARG L 6 -38.30 12.47 -29.68
N GLU L 7 -39.31 12.92 -28.93
CA GLU L 7 -39.09 13.36 -27.54
C GLU L 7 -38.67 12.19 -26.66
N ILE L 8 -39.08 10.97 -27.00
CA ILE L 8 -38.69 9.81 -26.20
C ILE L 8 -37.21 9.49 -26.42
N VAL L 9 -36.77 9.46 -27.68
CA VAL L 9 -35.37 9.18 -27.98
C VAL L 9 -34.47 10.26 -27.40
N SER L 10 -34.89 11.52 -27.49
CA SER L 10 -34.08 12.61 -26.93
C SER L 10 -33.93 12.46 -25.43
N GLU L 11 -34.97 11.95 -24.75
CA GLU L 11 -34.86 11.70 -23.32
C GLU L 11 -33.96 10.50 -23.04
N LEU L 12 -34.03 9.48 -23.90
CA LEU L 12 -33.16 8.32 -23.73
C LEU L 12 -31.70 8.67 -23.97
N ASP L 13 -31.42 9.62 -24.86
CA ASP L 13 -30.05 10.05 -25.10
C ASP L 13 -29.42 10.66 -23.86
N LYS L 14 -30.23 11.18 -22.94
CA LYS L 14 -29.69 11.71 -21.69
C LYS L 14 -29.08 10.61 -20.82
N HIS L 15 -29.46 9.36 -21.05
CA HIS L 15 -28.92 8.24 -20.28
C HIS L 15 -28.14 7.26 -21.15
N ILE L 16 -28.77 6.64 -22.14
CA ILE L 16 -28.09 5.71 -23.03
C ILE L 16 -27.29 6.49 -24.07
N ILE L 17 -26.15 5.94 -24.48
CA ILE L 17 -25.30 6.50 -25.53
C ILE L 17 -25.40 5.61 -26.76
N GLY L 18 -25.69 6.21 -27.90
CA GLY L 18 -25.80 5.46 -29.14
C GLY L 18 -27.02 4.54 -29.12
N GLN L 19 -26.93 3.47 -29.92
CA GLN L 19 -28.01 2.49 -30.02
C GLN L 19 -29.33 3.15 -30.41
N ASP L 20 -29.26 4.12 -31.33
CA ASP L 20 -30.42 4.93 -31.67
C ASP L 20 -31.55 4.06 -32.24
N ASN L 21 -31.19 3.02 -32.99
CA ASN L 21 -32.22 2.16 -33.59
C ASN L 21 -33.06 1.48 -32.53
N ALA L 22 -32.43 1.03 -31.44
CA ALA L 22 -33.19 0.48 -30.33
C ALA L 22 -34.02 1.56 -29.64
N LYS L 23 -33.52 2.79 -29.59
CA LYS L 23 -34.32 3.89 -29.03
C LYS L 23 -35.51 4.21 -29.92
N ARG L 24 -35.29 4.25 -31.24
CA ARG L 24 -36.40 4.52 -32.14
C ARG L 24 -37.44 3.41 -32.06
N SER L 25 -37.00 2.17 -31.87
CA SER L 25 -37.94 1.06 -31.85
C SER L 25 -38.79 1.06 -30.59
N VAL L 26 -38.18 1.32 -29.43
CA VAL L 26 -38.96 1.37 -28.19
C VAL L 26 -39.90 2.57 -28.19
N ALA L 27 -39.51 3.67 -28.82
CA ALA L 27 -40.37 4.85 -28.87
C ALA L 27 -41.64 4.57 -29.66
N ILE L 28 -41.54 3.76 -30.72
CA ILE L 28 -42.70 3.43 -31.53
C ILE L 28 -43.73 2.66 -30.71
N ALA L 29 -43.25 1.78 -29.82
CA ALA L 29 -44.16 0.99 -29.01
C ALA L 29 -44.87 1.86 -27.98
N LEU L 30 -44.13 2.74 -27.31
CA LEU L 30 -44.73 3.61 -26.32
C LEU L 30 -45.70 4.59 -26.96
N ARG L 31 -45.42 5.02 -28.18
CA ARG L 31 -46.34 5.94 -28.86
C ARG L 31 -47.61 5.25 -29.28
N ASN L 32 -47.53 3.96 -29.67
CA ASN L 32 -48.73 3.22 -30.02
C ASN L 32 -49.68 3.12 -28.85
N ARG L 33 -49.15 3.17 -27.62
CA ARG L 33 -50.00 3.19 -26.43
C ARG L 33 -50.95 4.39 -26.45
N TRP L 34 -50.40 5.60 -26.60
CA TRP L 34 -51.23 6.79 -26.64
C TRP L 34 -52.14 6.80 -27.88
N ARG L 35 -51.69 6.22 -28.99
CA ARG L 35 -52.52 6.14 -30.19
C ARG L 35 -53.71 5.24 -30.00
N ARG L 36 -53.58 4.19 -29.20
CA ARG L 36 -54.68 3.26 -29.05
C ARG L 36 -55.80 3.93 -28.26
N MET L 37 -55.44 4.71 -27.24
CA MET L 37 -56.45 5.32 -26.39
C MET L 37 -57.33 6.30 -27.17
N GLN L 38 -56.77 6.94 -28.20
CA GLN L 38 -57.52 7.88 -29.03
C GLN L 38 -58.48 7.19 -30.01
N LEU L 39 -58.39 5.86 -30.16
CA LEU L 39 -59.22 5.08 -31.07
C LEU L 39 -60.61 4.81 -30.48
N ASN L 40 -61.45 4.18 -31.30
CA ASN L 40 -62.81 3.82 -30.91
C ASN L 40 -62.82 2.53 -30.10
N GLU L 41 -64.02 2.10 -29.68
CA GLU L 41 -64.13 0.94 -28.80
C GLU L 41 -63.64 -0.34 -29.45
N GLU L 42 -63.89 -0.51 -30.75
CA GLU L 42 -63.56 -1.77 -31.43
C GLU L 42 -62.06 -1.91 -31.64
N LEU L 43 -61.44 -0.87 -32.19
CA LEU L 43 -60.03 -0.94 -32.57
C LEU L 43 -59.13 -1.07 -31.36
N ARG L 44 -59.52 -0.50 -30.22
CA ARG L 44 -58.69 -0.57 -29.01
C ARG L 44 -58.53 -2.01 -28.54
N HIS L 45 -59.52 -2.86 -28.82
CA HIS L 45 -59.39 -4.29 -28.49
C HIS L 45 -58.56 -5.03 -29.53
N GLU L 46 -58.79 -4.75 -30.81
CA GLU L 46 -58.10 -5.49 -31.87
C GLU L 46 -56.61 -5.18 -31.88
N VAL L 47 -56.24 -3.91 -31.66
CA VAL L 47 -54.83 -3.54 -31.64
C VAL L 47 -54.18 -4.10 -30.38
N THR L 48 -52.97 -4.61 -30.54
CA THR L 48 -52.19 -5.21 -29.47
C THR L 48 -50.81 -4.60 -29.50
N PRO L 49 -50.10 -4.60 -28.37
CA PRO L 49 -48.80 -3.93 -28.32
C PRO L 49 -47.84 -4.54 -29.31
N LYS L 50 -46.95 -3.70 -29.86
CA LYS L 50 -45.95 -4.16 -30.80
C LYS L 50 -44.74 -4.53 -29.95
N ASN L 51 -44.54 -5.83 -29.75
CA ASN L 51 -43.45 -6.30 -28.92
C ASN L 51 -42.12 -6.22 -29.65
N ILE L 52 -41.04 -6.04 -28.89
CA ILE L 52 -39.73 -5.81 -29.44
C ILE L 52 -38.80 -6.94 -29.02
N LEU L 53 -37.89 -7.31 -29.92
CA LEU L 53 -36.85 -8.28 -29.65
C LEU L 53 -35.51 -7.58 -29.84
N MET L 54 -34.82 -7.30 -28.74
CA MET L 54 -33.50 -6.73 -28.81
C MET L 54 -32.48 -7.82 -29.09
N ILE L 55 -31.43 -7.47 -29.83
CA ILE L 55 -30.43 -8.42 -30.27
C ILE L 55 -29.06 -7.76 -30.17
N GLY L 56 -28.10 -8.46 -29.59
CA GLY L 56 -26.75 -7.95 -29.49
C GLY L 56 -25.96 -8.56 -28.36
N PRO L 57 -24.68 -8.22 -28.29
CA PRO L 57 -23.83 -8.71 -27.20
C PRO L 57 -24.23 -8.07 -25.87
N THR L 58 -23.85 -8.75 -24.78
CA THR L 58 -24.25 -8.31 -23.46
C THR L 58 -23.63 -6.96 -23.11
N GLY L 59 -24.34 -6.19 -22.30
CA GLY L 59 -23.81 -4.96 -21.73
C GLY L 59 -23.84 -3.75 -22.64
N VAL L 60 -24.57 -3.80 -23.74
CA VAL L 60 -24.61 -2.68 -24.69
C VAL L 60 -25.79 -1.76 -24.40
N GLY L 61 -26.52 -2.03 -23.32
CA GLY L 61 -27.61 -1.17 -22.89
C GLY L 61 -29.01 -1.62 -23.26
N LYS L 62 -29.19 -2.88 -23.67
CA LYS L 62 -30.54 -3.39 -23.94
C LYS L 62 -31.45 -3.21 -22.73
N THR L 63 -31.00 -3.62 -21.54
CA THR L 63 -31.83 -3.52 -20.36
C THR L 63 -32.02 -2.07 -19.95
N GLU L 64 -30.98 -1.25 -20.11
CA GLU L 64 -31.08 0.15 -19.69
C GLU L 64 -32.13 0.89 -20.50
N ILE L 65 -32.26 0.56 -21.78
CA ILE L 65 -33.30 1.16 -22.60
C ILE L 65 -34.68 0.79 -22.05
N ALA L 66 -34.87 -0.48 -21.73
CA ALA L 66 -36.14 -0.91 -21.15
C ALA L 66 -36.36 -0.29 -19.77
N ARG L 67 -35.28 -0.14 -19.00
CA ARG L 67 -35.40 0.43 -17.66
C ARG L 67 -35.76 1.91 -17.73
N ARG L 68 -35.00 2.68 -18.51
CA ARG L 68 -35.30 4.10 -18.65
C ARG L 68 -36.63 4.34 -19.37
N LEU L 69 -37.03 3.43 -20.26
CA LEU L 69 -38.30 3.58 -20.95
C LEU L 69 -39.46 3.49 -19.96
N ALA L 70 -39.45 2.46 -19.12
CA ALA L 70 -40.48 2.35 -18.09
C ALA L 70 -40.38 3.47 -17.08
N LYS L 71 -39.15 3.82 -16.67
CA LYS L 71 -38.98 4.96 -15.78
C LYS L 71 -39.44 6.25 -16.42
N LEU L 72 -39.29 6.38 -17.74
CA LEU L 72 -39.78 7.56 -18.43
C LEU L 72 -41.30 7.60 -18.42
N ALA L 73 -41.94 6.46 -18.58
CA ALA L 73 -43.39 6.36 -18.59
C ALA L 73 -44.00 6.19 -17.20
N ASN L 74 -43.18 6.06 -16.17
CA ASN L 74 -43.64 5.74 -14.81
C ASN L 74 -44.42 4.43 -14.77
N ALA L 75 -44.17 3.55 -15.72
CA ALA L 75 -44.86 2.28 -15.89
C ALA L 75 -44.26 1.21 -14.98
N PRO L 76 -45.06 0.20 -14.61
CA PRO L 76 -44.49 -0.97 -13.93
C PRO L 76 -43.51 -1.70 -14.83
N PHE L 77 -42.46 -2.24 -14.22
CA PHE L 77 -41.39 -2.88 -14.98
C PHE L 77 -40.81 -4.02 -14.15
N ILE L 78 -40.39 -5.07 -14.85
CA ILE L 78 -39.72 -6.21 -14.24
C ILE L 78 -38.78 -6.83 -15.27
N LYS L 79 -37.63 -7.29 -14.81
CA LYS L 79 -36.69 -8.04 -15.65
C LYS L 79 -36.68 -9.49 -15.18
N VAL L 80 -36.90 -10.41 -16.12
CA VAL L 80 -36.99 -11.83 -15.82
C VAL L 80 -36.01 -12.59 -16.72
N GLU L 81 -35.24 -13.48 -16.11
CA GLU L 81 -34.33 -14.33 -16.87
C GLU L 81 -35.10 -15.54 -17.39
N ALA L 82 -35.10 -15.72 -18.71
CA ALA L 82 -35.90 -16.79 -19.31
C ALA L 82 -35.43 -18.16 -18.85
N THR L 83 -34.15 -18.30 -18.50
CA THR L 83 -33.62 -19.59 -18.06
C THR L 83 -34.09 -19.99 -16.67
N LYS L 84 -34.71 -19.07 -15.92
CA LYS L 84 -35.21 -19.41 -14.58
C LYS L 84 -36.27 -20.50 -14.63
N PHE L 85 -37.01 -20.59 -15.73
CA PHE L 85 -38.11 -21.53 -15.86
C PHE L 85 -37.70 -22.87 -16.43
N THR L 86 -36.42 -23.06 -16.76
CA THR L 86 -35.95 -24.34 -17.29
C THR L 86 -36.07 -25.46 -16.25
N GLU L 87 -35.94 -25.11 -14.97
CA GLU L 87 -35.95 -26.10 -13.90
C GLU L 87 -37.37 -26.42 -13.41
N GLY L 92 -40.06 -26.71 -10.41
CA GLY L 92 -39.65 -25.39 -10.86
C GLY L 92 -40.73 -24.34 -10.72
N LYS L 93 -40.38 -23.09 -10.98
CA LYS L 93 -41.31 -21.99 -10.83
C LYS L 93 -42.28 -21.91 -12.00
N GLU L 94 -43.49 -21.47 -11.72
CA GLU L 94 -44.49 -21.27 -12.76
C GLU L 94 -44.24 -19.97 -13.50
N VAL L 95 -44.59 -19.97 -14.78
CA VAL L 95 -44.40 -18.78 -15.60
C VAL L 95 -45.31 -17.63 -15.18
N ASP L 96 -46.45 -17.94 -14.54
CA ASP L 96 -47.39 -16.91 -14.13
C ASP L 96 -46.81 -15.97 -13.08
N SER L 97 -45.72 -16.36 -12.41
CA SER L 97 -45.10 -15.51 -11.41
C SER L 97 -44.63 -14.18 -11.97
N ILE L 98 -44.36 -14.12 -13.29
CA ILE L 98 -43.94 -12.86 -13.90
C ILE L 98 -44.98 -11.77 -13.67
N ILE L 99 -46.24 -12.06 -13.97
CA ILE L 99 -47.30 -11.08 -13.75
C ILE L 99 -47.50 -10.82 -12.27
N ARG L 100 -47.32 -11.85 -11.43
CA ARG L 100 -47.46 -11.69 -10.00
C ARG L 100 -46.39 -10.74 -9.46
N ASP L 101 -45.13 -10.99 -9.82
CA ASP L 101 -44.05 -10.13 -9.37
C ASP L 101 -44.15 -8.73 -10.00
N LEU L 102 -44.70 -8.62 -11.20
CA LEU L 102 -44.89 -7.31 -11.81
C LEU L 102 -45.89 -6.47 -11.03
N THR L 103 -47.01 -7.08 -10.62
CA THR L 103 -48.01 -6.34 -9.85
C THR L 103 -47.48 -5.94 -8.48
N ASP L 104 -46.65 -6.80 -7.86
CA ASP L 104 -46.08 -6.45 -6.56
C ASP L 104 -45.16 -5.24 -6.68
N ALA L 105 -44.44 -5.12 -7.79
CA ALA L 105 -43.66 -3.91 -8.03
C ALA L 105 -44.56 -2.73 -8.31
N ALA L 106 -45.65 -2.95 -9.06
CA ALA L 106 -46.62 -1.89 -9.30
C ALA L 106 -47.34 -1.47 -8.03
N VAL L 107 -47.55 -2.41 -7.10
CA VAL L 107 -48.20 -2.06 -5.83
C VAL L 107 -47.32 -1.10 -5.04
N LYS L 108 -46.05 -1.45 -4.83
CA LYS L 108 -45.16 -0.55 -4.11
C LYS L 108 -44.93 0.75 -4.88
N MET L 109 -45.00 0.70 -6.21
CA MET L 109 -44.80 1.90 -7.02
C MET L 109 -45.94 2.88 -6.83
N VAL L 110 -47.19 2.40 -6.97
CA VAL L 110 -48.34 3.28 -6.77
C VAL L 110 -48.45 3.69 -5.30
N ARG L 111 -48.02 2.83 -4.39
CA ARG L 111 -48.14 3.13 -2.96
C ARG L 111 -47.20 4.26 -2.55
N VAL L 112 -45.91 4.14 -2.90
CA VAL L 112 -44.94 5.17 -2.54
C VAL L 112 -45.27 6.49 -3.23
N GLN L 113 -45.74 6.42 -4.49
CA GLN L 113 -46.17 7.63 -5.18
C GLN L 113 -47.41 8.24 -4.56
N ALA L 114 -48.31 7.41 -4.03
CA ALA L 114 -49.46 7.94 -3.29
C ALA L 114 -49.04 8.59 -1.99
N ILE L 115 -47.97 8.08 -1.36
CA ILE L 115 -47.45 8.71 -0.15
C ILE L 115 -46.92 10.11 -0.44
N GLU L 116 -46.40 10.34 -1.65
CA GLU L 116 -45.90 11.65 -2.02
C GLU L 116 -47.01 12.68 -2.08
N LYS L 117 -48.22 12.28 -2.49
CA LYS L 117 -49.36 13.20 -2.50
C LYS L 117 -49.82 13.52 -1.09
N ASN L 118 -50.06 12.49 -0.27
CA ASN L 118 -50.47 12.72 1.11
C ASN L 118 -49.42 13.46 1.92
N ARG L 119 -48.17 13.47 1.46
CA ARG L 119 -47.10 14.14 2.20
C ARG L 119 -47.39 15.63 2.36
N TYR L 120 -48.12 16.22 1.42
CA TYR L 120 -48.38 17.66 1.47
C TYR L 120 -49.58 17.98 2.33
N ARG L 121 -50.76 17.47 1.97
CA ARG L 121 -51.99 17.81 2.68
C ARG L 121 -51.90 17.41 4.15
N ALA L 122 -51.29 16.27 4.45
CA ALA L 122 -51.28 15.79 5.83
C ALA L 122 -50.51 16.71 6.76
N GLU L 123 -49.45 17.36 6.26
CA GLU L 123 -48.72 18.30 7.08
C GLU L 123 -49.58 19.51 7.43
N GLU L 124 -50.48 19.92 6.53
CA GLU L 124 -51.38 21.03 6.82
C GLU L 124 -52.41 20.62 7.87
N LEU L 125 -53.08 19.48 7.64
CA LEU L 125 -54.07 19.01 8.61
C LEU L 125 -53.44 18.58 9.92
N ALA L 126 -52.20 18.05 9.89
CA ALA L 126 -51.53 17.72 11.15
C ALA L 126 -51.18 18.97 11.95
N GLU L 127 -50.84 20.06 11.25
CA GLU L 127 -50.57 21.31 11.95
C GLU L 127 -51.83 21.86 12.58
N GLU L 128 -52.96 21.79 11.87
CA GLU L 128 -54.21 22.26 12.45
C GLU L 128 -54.63 21.42 13.64
N ARG L 129 -54.22 20.15 13.67
CA ARG L 129 -54.54 19.31 14.82
C ARG L 129 -53.67 19.68 16.02
N ILE L 130 -52.37 19.89 15.80
CA ILE L 130 -51.47 20.19 16.91
C ILE L 130 -51.68 21.61 17.44
N LEU L 131 -52.27 22.49 16.63
CA LEU L 131 -52.59 23.83 17.11
C LEU L 131 -53.84 23.88 17.98
N ASP L 132 -54.68 22.84 17.94
CA ASP L 132 -55.87 22.82 18.78
C ASP L 132 -55.53 22.57 20.26
N VAL L 133 -54.41 21.88 20.53
CA VAL L 133 -54.04 21.68 21.94
C VAL L 133 -53.35 22.91 22.48
N LEU L 134 -52.59 23.63 21.64
CA LEU L 134 -51.92 24.85 22.08
C LEU L 134 -52.92 25.99 22.24
N ILE L 135 -53.85 26.11 21.31
CA ILE L 135 -54.81 27.20 21.34
C ILE L 135 -56.23 26.66 21.25
N GLU L 150 -60.40 33.88 10.01
CA GLU L 150 -59.03 34.34 10.12
C GLU L 150 -58.30 33.64 11.26
N PRO L 151 -57.05 33.24 11.03
CA PRO L 151 -56.28 32.61 12.10
C PRO L 151 -55.98 33.59 13.23
N SER L 152 -55.97 33.07 14.45
CA SER L 152 -55.64 33.87 15.61
C SER L 152 -54.15 34.21 15.61
N ALA L 153 -53.79 35.26 16.36
CA ALA L 153 -52.40 35.69 16.42
C ALA L 153 -51.53 34.65 17.12
N ALA L 154 -52.03 34.04 18.19
CA ALA L 154 -51.30 32.92 18.79
C ALA L 154 -51.23 31.75 17.82
N ARG L 155 -52.34 31.47 17.13
CA ARG L 155 -52.38 30.38 16.16
C ARG L 155 -51.21 30.49 15.19
N GLN L 156 -50.85 31.72 14.81
CA GLN L 156 -49.66 31.95 14.00
C GLN L 156 -48.39 32.01 14.86
N ALA L 157 -48.50 32.57 16.07
CA ALA L 157 -47.34 32.66 16.95
C ALA L 157 -46.83 31.27 17.36
N PHE L 158 -47.75 30.33 17.56
CA PHE L 158 -47.36 28.93 17.78
C PHE L 158 -47.02 28.23 16.48
N ARG L 159 -47.70 28.58 15.38
CA ARG L 159 -47.40 27.98 14.08
C ARG L 159 -45.98 28.31 13.62
N LYS L 160 -45.47 29.48 14.01
CA LYS L 160 -44.11 29.84 13.65
C LYS L 160 -43.09 29.01 14.43
N LYS L 161 -43.28 28.90 15.74
CA LYS L 161 -42.37 28.11 16.57
C LYS L 161 -42.40 26.63 16.21
N LEU L 162 -43.52 26.14 15.68
CA LEU L 162 -43.60 24.75 15.26
C LEU L 162 -42.74 24.49 14.04
N ARG L 163 -42.90 25.32 13.00
CA ARG L 163 -42.10 25.15 11.79
C ARG L 163 -40.62 25.38 12.06
N GLU L 164 -40.31 26.22 13.04
CA GLU L 164 -38.92 26.41 13.46
C GLU L 164 -38.35 25.17 14.14
N GLY L 165 -39.20 24.25 14.59
CA GLY L 165 -38.74 23.03 15.21
C GLY L 165 -38.89 23.06 16.72
N GLN L 166 -38.85 21.86 17.31
CA GLN L 166 -38.98 21.71 18.75
C GLN L 166 -38.47 20.34 19.20
N LYS L 216 -45.80 12.74 24.78
CA LYS L 216 -44.75 13.11 23.85
C LYS L 216 -45.23 14.14 22.83
N ILE L 217 -44.39 15.13 22.54
CA ILE L 217 -44.75 16.21 21.63
C ILE L 217 -44.15 15.95 20.25
N LYS L 218 -42.81 15.89 20.19
CA LYS L 218 -42.13 15.71 18.91
C LYS L 218 -42.57 14.45 18.17
N ASP L 219 -42.92 13.40 18.91
CA ASP L 219 -43.35 12.16 18.27
C ASP L 219 -44.76 12.28 17.68
N ALA L 220 -45.57 13.20 18.22
CA ALA L 220 -46.98 13.28 17.85
C ALA L 220 -47.18 13.71 16.40
N MET L 221 -46.27 14.54 15.86
CA MET L 221 -46.44 15.01 14.49
C MET L 221 -46.34 13.87 13.49
N LYS L 222 -45.62 12.80 13.85
CA LYS L 222 -45.49 11.64 12.97
C LYS L 222 -46.77 10.80 12.97
N LEU L 223 -47.41 10.64 14.13
CA LEU L 223 -48.61 9.82 14.21
C LEU L 223 -49.76 10.42 13.42
N LEU L 224 -49.85 11.75 13.36
CA LEU L 224 -50.94 12.39 12.63
C LEU L 224 -50.78 12.26 11.12
N ILE L 225 -49.54 12.09 10.64
CA ILE L 225 -49.33 11.87 9.22
C ILE L 225 -49.95 10.55 8.78
N GLU L 226 -49.94 9.54 9.66
CA GLU L 226 -50.57 8.28 9.31
C GLU L 226 -52.08 8.40 9.31
N GLU L 227 -52.65 8.94 10.40
CA GLU L 227 -54.10 9.06 10.50
C GLU L 227 -54.66 9.97 9.42
N GLU L 228 -53.93 11.02 9.05
CA GLU L 228 -54.42 11.90 8.00
C GLU L 228 -54.22 11.30 6.61
N ALA L 229 -53.05 10.73 6.35
CA ALA L 229 -52.84 10.05 5.07
C ALA L 229 -53.77 8.86 4.91
N ALA L 230 -54.07 8.15 6.01
CA ALA L 230 -55.10 7.12 5.95
C ALA L 230 -56.47 7.73 5.71
N LYS L 231 -56.77 8.87 6.36
CA LYS L 231 -58.04 9.54 6.12
C LYS L 231 -58.12 10.09 4.70
N LEU L 232 -56.98 10.48 4.13
CA LEU L 232 -56.96 10.99 2.76
C LEU L 232 -56.89 9.88 1.70
N VAL L 233 -56.20 8.78 1.99
CA VAL L 233 -56.00 7.74 0.99
C VAL L 233 -57.30 6.96 0.76
N ASN L 234 -57.41 6.38 -0.44
CA ASN L 234 -58.55 5.54 -0.83
C ASN L 234 -58.02 4.22 -1.34
N PRO L 235 -57.97 3.18 -0.49
CA PRO L 235 -57.29 1.93 -0.89
C PRO L 235 -57.91 1.24 -2.10
N GLU L 236 -59.22 1.31 -2.29
CA GLU L 236 -59.82 0.70 -3.48
C GLU L 236 -59.41 1.41 -4.77
N GLU L 237 -59.05 2.69 -4.69
CA GLU L 237 -58.50 3.38 -5.85
C GLU L 237 -57.01 3.14 -6.02
N LEU L 238 -56.34 2.57 -5.02
CA LEU L 238 -54.89 2.34 -5.06
C LEU L 238 -54.53 0.93 -5.52
N LYS L 239 -54.98 -0.08 -4.79
CA LYS L 239 -54.72 -1.47 -5.20
C LYS L 239 -55.30 -1.75 -6.58
N GLN L 240 -56.40 -1.10 -6.94
CA GLN L 240 -56.94 -1.18 -8.30
C GLN L 240 -56.17 -0.30 -9.27
N ASP L 241 -55.41 0.68 -8.78
CA ASP L 241 -54.60 1.51 -9.66
C ASP L 241 -53.38 0.73 -10.15
N ALA L 242 -52.76 -0.05 -9.26
CA ALA L 242 -51.63 -0.88 -9.67
C ALA L 242 -52.05 -1.89 -10.74
N ILE L 243 -53.29 -2.37 -10.67
CA ILE L 243 -53.81 -3.24 -11.72
C ILE L 243 -53.96 -2.48 -13.03
N ASP L 244 -54.51 -1.26 -12.98
CA ASP L 244 -54.60 -0.45 -14.20
C ASP L 244 -53.22 -0.06 -14.70
N ALA L 245 -52.27 0.17 -13.80
CA ALA L 245 -50.90 0.48 -14.21
C ALA L 245 -50.23 -0.71 -14.88
N VAL L 246 -50.54 -1.93 -14.41
CA VAL L 246 -49.99 -3.12 -15.03
C VAL L 246 -50.65 -3.40 -16.37
N GLU L 247 -51.98 -3.38 -16.40
CA GLU L 247 -52.68 -3.75 -17.63
C GLU L 247 -52.44 -2.73 -18.73
N GLN L 248 -52.57 -1.45 -18.41
CA GLN L 248 -52.42 -0.43 -19.44
C GLN L 248 -50.94 -0.12 -19.72
N HIS L 249 -50.17 0.12 -18.66
CA HIS L 249 -48.81 0.61 -18.80
C HIS L 249 -47.73 -0.45 -18.59
N GLY L 250 -48.11 -1.68 -18.27
CA GLY L 250 -47.12 -2.65 -17.82
C GLY L 250 -46.08 -2.97 -18.87
N ILE L 251 -44.87 -3.25 -18.40
CA ILE L 251 -43.74 -3.57 -19.27
C ILE L 251 -42.97 -4.72 -18.62
N VAL L 252 -42.49 -5.65 -19.45
CA VAL L 252 -41.72 -6.80 -18.97
C VAL L 252 -40.53 -6.99 -19.91
N PHE L 253 -39.35 -7.18 -19.33
CA PHE L 253 -38.12 -7.43 -20.07
C PHE L 253 -37.69 -8.86 -19.79
N ILE L 254 -37.62 -9.67 -20.84
CA ILE L 254 -37.21 -11.06 -20.74
C ILE L 254 -35.79 -11.13 -21.30
N ASP L 255 -34.82 -11.27 -20.41
CA ASP L 255 -33.42 -11.33 -20.81
C ASP L 255 -33.09 -12.72 -21.37
N GLU L 256 -32.05 -12.78 -22.19
CA GLU L 256 -31.47 -14.03 -22.66
C GLU L 256 -32.52 -14.99 -23.19
N ILE L 257 -33.45 -14.46 -24.00
CA ILE L 257 -34.45 -15.30 -24.62
C ILE L 257 -33.83 -16.26 -25.63
N ASP L 258 -32.64 -15.95 -26.15
CA ASP L 258 -32.00 -16.79 -27.15
C ASP L 258 -31.61 -18.15 -26.58
N LYS L 259 -31.46 -18.27 -25.26
CA LYS L 259 -31.00 -19.52 -24.65
C LYS L 259 -32.08 -20.58 -24.53
N ILE L 260 -33.36 -20.23 -24.75
CA ILE L 260 -34.44 -21.21 -24.75
C ILE L 260 -34.79 -21.71 -26.14
N CYS L 261 -34.05 -21.29 -27.16
CA CYS L 261 -34.25 -21.81 -28.51
C CYS L 261 -33.69 -23.21 -28.65
N LYS L 262 -34.19 -23.94 -29.64
CA LYS L 262 -33.74 -25.30 -29.92
C LYS L 262 -32.31 -25.32 -30.42
N SER L 267 -32.10 -32.89 -28.12
CA SER L 267 -33.52 -33.23 -28.15
C SER L 267 -34.14 -33.14 -26.76
N GLY L 268 -33.38 -33.55 -25.75
CA GLY L 268 -33.84 -33.51 -24.37
C GLY L 268 -34.05 -32.10 -23.85
N PRO L 269 -33.03 -31.25 -23.93
CA PRO L 269 -33.23 -29.84 -23.58
C PRO L 269 -34.16 -29.09 -24.53
N ASP L 270 -34.18 -29.47 -25.81
CA ASP L 270 -35.03 -28.78 -26.79
C ASP L 270 -36.51 -28.85 -26.42
N VAL L 271 -36.92 -29.93 -25.74
CA VAL L 271 -38.31 -30.01 -25.26
C VAL L 271 -38.51 -29.06 -24.09
N SER L 272 -37.59 -29.06 -23.12
CA SER L 272 -37.68 -28.15 -21.99
C SER L 272 -37.45 -26.69 -22.39
N ARG L 273 -36.59 -26.45 -23.39
CA ARG L 273 -36.36 -25.07 -23.85
C ARG L 273 -37.58 -24.51 -24.57
N GLU L 274 -38.08 -25.23 -25.58
CA GLU L 274 -39.28 -24.80 -26.29
C GLU L 274 -40.53 -24.90 -25.43
N GLY L 275 -40.50 -25.72 -24.38
CA GLY L 275 -41.63 -25.78 -23.47
C GLY L 275 -41.81 -24.48 -22.72
N VAL L 276 -40.70 -23.81 -22.37
CA VAL L 276 -40.80 -22.49 -21.76
C VAL L 276 -41.44 -21.50 -22.71
N GLN L 277 -41.16 -21.66 -24.01
CA GLN L 277 -41.77 -20.77 -25.00
C GLN L 277 -43.28 -20.93 -25.03
N ARG L 278 -43.75 -22.18 -24.99
CA ARG L 278 -45.18 -22.43 -24.96
C ARG L 278 -45.81 -21.92 -23.67
N ASP L 279 -45.09 -22.02 -22.55
CA ASP L 279 -45.60 -21.48 -21.30
C ASP L 279 -45.70 -19.96 -21.33
N LEU L 280 -44.75 -19.31 -22.01
CA LEU L 280 -44.80 -17.85 -22.19
C LEU L 280 -45.86 -17.42 -23.18
N LEU L 281 -46.28 -18.31 -24.07
CA LEU L 281 -47.18 -17.94 -25.17
C LEU L 281 -48.47 -17.27 -24.73
N PRO L 282 -49.21 -17.79 -23.74
CA PRO L 282 -50.47 -17.13 -23.36
C PRO L 282 -50.30 -15.69 -22.90
N LEU L 283 -49.17 -15.36 -22.26
CA LEU L 283 -49.01 -14.00 -21.75
C LEU L 283 -48.96 -12.99 -22.88
N VAL L 284 -48.32 -13.35 -24.00
CA VAL L 284 -48.22 -12.43 -25.12
C VAL L 284 -49.46 -12.49 -26.01
N GLU L 285 -50.00 -13.68 -26.22
CA GLU L 285 -51.25 -13.82 -26.97
C GLU L 285 -52.43 -13.26 -26.21
N GLY L 286 -52.24 -13.01 -24.91
CA GLY L 286 -53.28 -12.50 -24.05
C GLY L 286 -53.86 -13.61 -23.21
N CYS L 287 -54.17 -13.30 -21.95
CA CYS L 287 -54.68 -14.28 -21.01
C CYS L 287 -55.09 -13.52 -19.75
N THR L 288 -55.50 -14.26 -18.73
CA THR L 288 -55.87 -13.69 -17.45
C THR L 288 -55.16 -14.47 -16.36
N VAL L 289 -54.49 -13.77 -15.46
CA VAL L 289 -53.73 -14.37 -14.37
C VAL L 289 -54.31 -13.87 -13.05
N SER L 290 -54.43 -14.79 -12.09
CA SER L 290 -54.97 -14.47 -10.77
C SER L 290 -53.84 -14.09 -9.82
N THR L 291 -54.08 -13.02 -9.06
CA THR L 291 -53.14 -12.56 -8.05
C THR L 291 -53.92 -12.19 -6.80
N LYS L 292 -53.23 -12.21 -5.65
CA LYS L 292 -53.86 -11.80 -4.40
C LYS L 292 -54.31 -10.35 -4.47
N HIS L 293 -53.60 -9.51 -5.21
CA HIS L 293 -54.00 -8.12 -5.37
C HIS L 293 -55.19 -7.96 -6.30
N GLY L 294 -55.43 -8.92 -7.17
CA GLY L 294 -56.55 -8.84 -8.09
C GLY L 294 -56.35 -9.75 -9.29
N MET L 295 -57.20 -9.54 -10.29
CA MET L 295 -57.20 -10.32 -11.51
C MET L 295 -56.70 -9.43 -12.65
N VAL L 296 -55.56 -9.78 -13.23
CA VAL L 296 -54.90 -8.96 -14.24
C VAL L 296 -55.03 -9.64 -15.61
N LYS L 297 -55.13 -8.81 -16.65
CA LYS L 297 -55.15 -9.28 -18.03
C LYS L 297 -53.90 -8.81 -18.76
N THR L 298 -53.30 -9.71 -19.54
CA THR L 298 -52.01 -9.48 -20.15
C THR L 298 -52.10 -8.98 -21.59
N ASP L 299 -53.30 -8.69 -22.09
CA ASP L 299 -53.47 -8.44 -23.52
C ASP L 299 -52.67 -7.22 -23.96
N HIS L 300 -52.69 -6.14 -23.20
CA HIS L 300 -52.10 -4.87 -23.60
C HIS L 300 -50.72 -4.61 -22.99
N ILE L 301 -50.18 -5.57 -22.24
CA ILE L 301 -48.84 -5.40 -21.68
C ILE L 301 -47.80 -5.43 -22.79
N LEU L 302 -46.80 -4.56 -22.68
CA LEU L 302 -45.68 -4.54 -23.61
C LEU L 302 -44.54 -5.41 -23.08
N PHE L 303 -43.86 -6.08 -24.00
CA PHE L 303 -42.78 -6.99 -23.66
C PHE L 303 -41.56 -6.68 -24.51
N ILE L 304 -40.39 -6.89 -23.93
CA ILE L 304 -39.12 -6.68 -24.60
C ILE L 304 -38.27 -7.92 -24.32
N ALA L 305 -37.98 -8.69 -25.38
CA ALA L 305 -37.09 -9.83 -25.28
C ALA L 305 -35.71 -9.47 -25.80
N SER L 306 -34.68 -10.07 -25.19
CA SER L 306 -33.31 -9.78 -25.57
C SER L 306 -32.48 -11.06 -25.53
N GLY L 307 -31.50 -11.13 -26.43
CA GLY L 307 -30.58 -12.24 -26.48
C GLY L 307 -29.40 -11.97 -27.40
N ALA L 308 -28.26 -12.63 -27.16
CA ALA L 308 -27.13 -12.47 -28.06
C ALA L 308 -27.39 -13.13 -29.41
N PHE L 309 -28.15 -14.23 -29.44
CA PHE L 309 -28.49 -14.95 -30.67
C PHE L 309 -27.25 -15.32 -31.49
N GLN L 310 -26.15 -15.61 -30.80
CA GLN L 310 -24.98 -16.13 -31.50
C GLN L 310 -25.08 -17.64 -31.70
N ILE L 311 -25.65 -18.36 -30.71
CA ILE L 311 -25.84 -19.80 -30.85
C ILE L 311 -27.06 -20.12 -31.70
N ALA L 312 -28.14 -19.35 -31.52
CA ALA L 312 -29.40 -19.57 -32.22
C ALA L 312 -29.83 -18.27 -32.88
N LYS L 313 -30.97 -18.32 -33.56
CA LYS L 313 -31.52 -17.17 -34.26
C LYS L 313 -32.98 -17.01 -33.90
N PRO L 314 -33.54 -15.81 -34.06
CA PRO L 314 -34.96 -15.62 -33.76
C PRO L 314 -35.87 -16.56 -34.54
N SER L 315 -35.45 -16.98 -35.74
CA SER L 315 -36.22 -17.96 -36.50
C SER L 315 -36.34 -19.30 -35.75
N ASP L 316 -35.40 -19.61 -34.86
CA ASP L 316 -35.47 -20.83 -34.06
C ASP L 316 -36.54 -20.77 -32.98
N LEU L 317 -37.07 -19.59 -32.66
CA LEU L 317 -38.14 -19.48 -31.69
C LEU L 317 -39.39 -20.15 -32.23
N ILE L 318 -40.28 -20.54 -31.32
CA ILE L 318 -41.50 -21.19 -31.79
C ILE L 318 -42.29 -20.18 -32.63
N PRO L 319 -42.96 -20.61 -33.69
CA PRO L 319 -43.59 -19.63 -34.60
C PRO L 319 -44.64 -18.76 -33.96
N GLU L 320 -45.42 -19.29 -33.00
CA GLU L 320 -46.42 -18.45 -32.34
C GLU L 320 -45.75 -17.32 -31.59
N LEU L 321 -44.49 -17.52 -31.20
CA LEU L 321 -43.74 -16.48 -30.52
C LEU L 321 -43.13 -15.49 -31.51
N GLN L 322 -42.72 -15.97 -32.68
CA GLN L 322 -42.13 -15.07 -33.67
C GLN L 322 -43.13 -14.04 -34.15
N GLY L 323 -44.40 -14.42 -34.27
CA GLY L 323 -45.41 -13.48 -34.72
C GLY L 323 -45.89 -12.53 -33.66
N ARG L 324 -45.55 -12.79 -32.40
CA ARG L 324 -45.87 -11.90 -31.31
C ARG L 324 -44.74 -10.92 -30.99
N LEU L 325 -43.69 -10.89 -31.81
CA LEU L 325 -42.57 -9.96 -31.65
C LEU L 325 -42.42 -9.18 -32.94
N PRO L 326 -43.37 -8.28 -33.22
CA PRO L 326 -43.36 -7.60 -34.53
C PRO L 326 -42.13 -6.76 -34.81
N ILE L 327 -41.57 -6.12 -33.79
CA ILE L 327 -40.44 -5.21 -33.96
C ILE L 327 -39.16 -5.92 -33.58
N ARG L 328 -38.17 -5.89 -34.47
CA ARG L 328 -36.87 -6.49 -34.23
C ARG L 328 -35.81 -5.42 -34.37
N VAL L 329 -34.79 -5.47 -33.51
CA VAL L 329 -33.70 -4.51 -33.57
C VAL L 329 -32.43 -5.17 -33.06
N GLU L 330 -31.31 -4.85 -33.71
CA GLU L 330 -29.99 -5.30 -33.30
C GLU L 330 -29.25 -4.10 -32.72
N LEU L 331 -28.60 -4.30 -31.58
CA LEU L 331 -27.84 -3.25 -30.91
C LEU L 331 -26.35 -3.40 -31.20
N GLN L 332 -25.69 -2.29 -31.58
CA GLN L 332 -24.29 -2.32 -31.98
C GLN L 332 -23.37 -2.40 -30.77
N ALA L 333 -22.19 -3.00 -31.00
CA ALA L 333 -21.16 -3.07 -29.96
C ALA L 333 -20.56 -1.69 -29.68
N LEU L 334 -20.34 -1.41 -28.41
CA LEU L 334 -19.75 -0.16 -27.97
C LEU L 334 -18.25 -0.15 -28.24
N THR L 335 -17.71 1.05 -28.47
CA THR L 335 -16.29 1.26 -28.73
C THR L 335 -15.63 2.00 -27.56
N THR L 336 -14.31 2.19 -27.69
CA THR L 336 -13.57 2.94 -26.68
C THR L 336 -14.04 4.39 -26.61
N SER L 337 -14.38 4.98 -27.76
CA SER L 337 -14.89 6.35 -27.79
C SER L 337 -16.22 6.46 -27.07
N ASP L 338 -17.07 5.43 -27.20
CA ASP L 338 -18.32 5.43 -26.47
C ASP L 338 -18.10 5.35 -24.96
N PHE L 339 -17.06 4.61 -24.53
CA PHE L 339 -16.74 4.56 -23.11
C PHE L 339 -16.41 5.94 -22.56
N GLU L 340 -15.64 6.73 -23.31
CA GLU L 340 -15.31 8.08 -22.88
C GLU L 340 -16.57 8.93 -22.76
N ARG L 341 -17.52 8.71 -23.67
CA ARG L 341 -18.78 9.46 -23.61
C ARG L 341 -19.63 9.01 -22.41
N ILE L 342 -19.70 7.69 -22.17
CA ILE L 342 -20.50 7.17 -21.07
C ILE L 342 -20.00 7.68 -19.73
N LEU L 343 -18.69 7.93 -19.63
CA LEU L 343 -18.12 8.39 -18.36
C LEU L 343 -18.58 9.81 -18.03
N THR L 344 -18.92 10.60 -19.04
CA THR L 344 -19.14 12.03 -18.82
C THR L 344 -20.51 12.49 -19.30
N GLU L 345 -20.79 12.30 -20.60
CA GLU L 345 -21.98 12.87 -21.22
C GLU L 345 -23.30 12.55 -20.52
N PRO L 346 -23.61 11.32 -20.12
CA PRO L 346 -24.94 11.03 -19.57
C PRO L 346 -25.20 11.83 -18.30
N ASN L 347 -26.46 12.22 -18.11
CA ASN L 347 -26.86 12.90 -16.89
C ASN L 347 -26.61 11.99 -15.70
N ALA L 348 -26.00 12.54 -14.65
CA ALA L 348 -25.60 11.78 -13.48
C ALA L 348 -24.69 10.61 -13.84
N SER L 349 -23.71 10.88 -14.71
CA SER L 349 -22.74 9.86 -15.08
C SER L 349 -21.86 9.50 -13.89
N ILE L 350 -21.28 8.29 -13.94
CA ILE L 350 -20.54 7.76 -12.80
C ILE L 350 -19.39 8.67 -12.39
N THR L 351 -18.78 9.38 -13.34
CA THR L 351 -17.77 10.37 -12.98
C THR L 351 -18.40 11.55 -12.24
N VAL L 352 -19.57 12.00 -12.68
CA VAL L 352 -20.29 13.05 -11.96
C VAL L 352 -20.71 12.56 -10.58
N GLN L 353 -21.07 11.28 -10.47
CA GLN L 353 -21.45 10.74 -9.17
C GLN L 353 -20.27 10.74 -8.21
N TYR L 354 -19.09 10.31 -8.68
CA TYR L 354 -17.91 10.33 -7.84
C TYR L 354 -17.50 11.76 -7.47
N LYS L 355 -17.73 12.71 -8.38
CA LYS L 355 -17.37 14.09 -8.10
C LYS L 355 -18.20 14.66 -6.97
N ALA L 356 -19.53 14.49 -7.05
CA ALA L 356 -20.40 14.96 -5.98
C ALA L 356 -20.21 14.18 -4.68
N LEU L 357 -19.88 12.89 -4.77
CA LEU L 357 -19.65 12.10 -3.56
C LEU L 357 -18.44 12.62 -2.79
N MET L 358 -17.32 12.84 -3.49
CA MET L 358 -16.17 13.44 -2.83
C MET L 358 -16.46 14.86 -2.40
N ALA L 359 -17.39 15.53 -3.08
CA ALA L 359 -17.84 16.84 -2.63
C ALA L 359 -18.49 16.76 -1.26
N THR L 360 -19.15 15.64 -0.93
CA THR L 360 -19.74 15.52 0.39
C THR L 360 -18.69 15.67 1.48
N GLU L 361 -17.47 15.19 1.22
CA GLU L 361 -16.36 15.29 2.16
C GLU L 361 -15.55 16.59 2.03
N GLY L 362 -15.91 17.50 1.13
CA GLY L 362 -15.12 18.70 0.94
C GLY L 362 -13.98 18.60 -0.04
N VAL L 363 -13.88 17.51 -0.80
CA VAL L 363 -12.83 17.32 -1.79
C VAL L 363 -13.38 17.58 -3.18
N ASN L 364 -12.53 18.08 -4.07
CA ASN L 364 -12.90 18.41 -5.45
C ASN L 364 -12.20 17.43 -6.38
N ILE L 365 -12.98 16.60 -7.05
CA ILE L 365 -12.42 15.74 -8.09
C ILE L 365 -12.58 16.46 -9.43
N GLU L 366 -11.55 16.34 -10.27
CA GLU L 366 -11.63 16.85 -11.64
C GLU L 366 -10.85 15.87 -12.49
N PHE L 367 -11.46 15.44 -13.58
CA PHE L 367 -10.86 14.47 -14.50
C PHE L 367 -10.41 15.20 -15.76
N THR L 368 -9.16 14.98 -16.16
CA THR L 368 -8.67 15.50 -17.42
C THR L 368 -9.22 14.67 -18.57
N ASP L 369 -9.29 15.30 -19.74
CA ASP L 369 -9.75 14.58 -20.93
C ASP L 369 -8.85 13.38 -21.22
N SER L 370 -7.54 13.55 -21.06
CA SER L 370 -6.62 12.42 -21.21
C SER L 370 -6.79 11.41 -20.08
N GLY L 371 -7.20 11.86 -18.89
CA GLY L 371 -7.46 10.94 -17.80
C GLY L 371 -8.72 10.11 -18.03
N ILE L 372 -9.76 10.73 -18.58
CA ILE L 372 -10.94 9.98 -18.99
C ILE L 372 -10.61 9.04 -20.14
N LYS L 373 -9.75 9.49 -21.06
CA LYS L 373 -9.39 8.67 -22.21
C LYS L 373 -8.65 7.41 -21.80
N ARG L 374 -7.81 7.49 -20.77
CA ARG L 374 -7.05 6.33 -20.33
C ARG L 374 -7.84 5.40 -19.42
N ILE L 375 -8.96 5.86 -18.86
CA ILE L 375 -9.85 4.97 -18.13
C ILE L 375 -10.63 4.11 -19.12
N ALA L 376 -11.14 4.72 -20.19
CA ALA L 376 -11.85 3.96 -21.22
C ALA L 376 -10.94 2.95 -21.89
N GLU L 377 -9.68 3.33 -22.14
CA GLU L 377 -8.71 2.40 -22.70
C GLU L 377 -8.40 1.27 -21.72
N ALA L 378 -8.42 1.55 -20.42
CA ALA L 378 -8.16 0.52 -19.43
C ALA L 378 -9.29 -0.48 -19.39
N ALA L 379 -10.54 0.00 -19.37
CA ALA L 379 -11.68 -0.90 -19.39
C ALA L 379 -11.75 -1.69 -20.68
N TRP L 380 -11.32 -1.09 -21.78
CA TRP L 380 -11.32 -1.81 -23.05
C TRP L 380 -10.29 -2.94 -23.04
N GLN L 381 -9.11 -2.69 -22.47
CA GLN L 381 -8.06 -3.70 -22.47
C GLN L 381 -8.46 -4.91 -21.65
N VAL L 382 -9.19 -4.70 -20.55
CA VAL L 382 -9.60 -5.82 -19.72
C VAL L 382 -10.64 -6.69 -20.42
N ASN L 383 -11.60 -6.04 -21.11
CA ASN L 383 -12.60 -6.80 -21.85
C ASN L 383 -11.99 -7.62 -22.98
N GLU L 384 -10.93 -7.11 -23.61
CA GLU L 384 -10.24 -7.86 -24.65
C GLU L 384 -9.27 -8.89 -24.08
N SER L 385 -8.55 -8.50 -23.02
CA SER L 385 -7.54 -9.41 -22.46
C SER L 385 -8.18 -10.64 -21.83
N THR L 386 -9.38 -10.50 -21.24
CA THR L 386 -9.99 -11.63 -20.55
C THR L 386 -11.40 -11.93 -21.08
N GLU L 387 -12.39 -11.19 -20.61
CA GLU L 387 -13.78 -11.39 -20.99
C GLU L 387 -14.45 -10.04 -21.18
N ASN L 388 -15.29 -9.94 -22.21
CA ASN L 388 -15.91 -8.68 -22.57
C ASN L 388 -17.24 -8.60 -21.83
N ILE L 389 -17.31 -7.72 -20.83
CA ILE L 389 -18.53 -7.50 -20.06
C ILE L 389 -19.26 -6.23 -20.50
N GLY L 390 -18.77 -5.55 -21.52
CA GLY L 390 -19.39 -4.31 -21.95
C GLY L 390 -19.05 -3.15 -21.02
N ALA L 391 -19.94 -2.16 -21.02
CA ALA L 391 -19.72 -0.93 -20.26
C ALA L 391 -19.68 -1.17 -18.75
N ARG L 392 -20.10 -2.35 -18.29
CA ARG L 392 -20.00 -2.66 -16.86
C ARG L 392 -18.56 -2.59 -16.37
N ARG L 393 -17.59 -2.83 -17.26
CA ARG L 393 -16.19 -2.78 -16.85
C ARG L 393 -15.79 -1.40 -16.36
N LEU L 394 -16.46 -0.35 -16.85
CA LEU L 394 -16.13 1.01 -16.44
C LEU L 394 -16.34 1.20 -14.94
N HIS L 395 -17.33 0.53 -14.37
CA HIS L 395 -17.60 0.67 -12.94
C HIS L 395 -16.47 0.05 -12.10
N THR L 396 -16.02 -1.14 -12.47
CA THR L 396 -14.98 -1.81 -11.68
C THR L 396 -13.65 -1.07 -11.77
N VAL L 397 -13.34 -0.51 -12.94
CA VAL L 397 -12.07 0.19 -13.11
C VAL L 397 -12.06 1.51 -12.37
N LEU L 398 -13.18 2.24 -12.41
CA LEU L 398 -13.23 3.56 -11.79
C LEU L 398 -13.10 3.45 -10.27
N GLU L 399 -13.82 2.52 -9.66
CA GLU L 399 -13.74 2.37 -8.21
C GLU L 399 -12.35 1.92 -7.77
N ARG L 400 -11.70 1.08 -8.59
CA ARG L 400 -10.32 0.68 -8.28
C ARG L 400 -9.36 1.87 -8.37
N LEU L 401 -9.63 2.81 -9.28
CA LEU L 401 -8.77 3.98 -9.40
C LEU L 401 -8.99 4.94 -8.24
N MET L 402 -10.24 5.12 -7.82
CA MET L 402 -10.61 6.11 -6.82
C MET L 402 -10.62 5.57 -5.39
N GLU L 403 -10.29 4.29 -5.19
CA GLU L 403 -10.38 3.71 -3.86
C GLU L 403 -9.49 4.41 -2.86
N GLU L 404 -8.33 4.91 -3.31
CA GLU L 404 -7.43 5.60 -2.40
C GLU L 404 -7.97 6.97 -2.01
N ILE L 405 -8.55 7.68 -2.98
CA ILE L 405 -9.17 8.96 -2.67
C ILE L 405 -10.42 8.78 -1.83
N SER L 406 -11.25 7.78 -2.16
CA SER L 406 -12.50 7.58 -1.44
C SER L 406 -12.25 7.24 0.02
N TYR L 407 -11.11 6.64 0.34
CA TYR L 407 -10.79 6.36 1.74
C TYR L 407 -10.30 7.62 2.44
N ASP L 408 -9.45 8.38 1.78
CA ASP L 408 -8.79 9.55 2.38
C ASP L 408 -9.61 10.82 2.28
N ALA L 409 -10.80 10.76 1.66
CA ALA L 409 -11.56 11.97 1.38
C ALA L 409 -11.89 12.75 2.65
N SER L 410 -11.99 12.07 3.79
CA SER L 410 -12.27 12.77 5.04
C SER L 410 -11.12 13.70 5.41
N ASP L 411 -9.88 13.21 5.35
CA ASP L 411 -8.72 14.01 5.68
C ASP L 411 -8.32 14.97 4.56
N LEU L 412 -8.79 14.72 3.34
CA LEU L 412 -8.44 15.56 2.19
C LEU L 412 -9.39 16.74 2.01
N SER L 413 -10.30 16.96 2.96
CA SER L 413 -11.19 18.11 2.88
C SER L 413 -10.35 19.38 2.76
N GLY L 414 -10.78 20.29 1.88
CA GLY L 414 -10.03 21.49 1.58
C GLY L 414 -8.99 21.34 0.52
N GLN L 415 -8.98 20.22 -0.20
CA GLN L 415 -8.03 20.00 -1.27
C GLN L 415 -8.74 19.82 -2.61
N ASN L 416 -8.02 20.19 -3.68
CA ASN L 416 -8.49 20.00 -5.06
C ASN L 416 -7.66 18.89 -5.66
N ILE L 417 -8.27 17.75 -5.88
CA ILE L 417 -7.58 16.61 -6.48
C ILE L 417 -7.89 16.60 -7.96
N THR L 418 -6.88 16.28 -8.77
CA THR L 418 -7.00 16.26 -10.21
C THR L 418 -6.61 14.87 -10.69
N ILE L 419 -7.52 14.21 -11.39
CA ILE L 419 -7.25 12.89 -11.94
C ILE L 419 -6.70 13.12 -13.34
N ASP L 420 -5.41 12.86 -13.52
CA ASP L 420 -4.73 13.08 -14.78
C ASP L 420 -4.31 11.74 -15.38
N ALA L 421 -3.73 11.82 -16.58
CA ALA L 421 -3.27 10.60 -17.24
C ALA L 421 -2.19 9.90 -16.43
N ASP L 422 -1.30 10.68 -15.80
CA ASP L 422 -0.28 10.09 -14.96
C ASP L 422 -0.88 9.41 -13.73
N TYR L 423 -1.96 9.96 -13.19
CA TYR L 423 -2.60 9.34 -12.04
C TYR L 423 -3.30 8.04 -12.43
N VAL L 424 -3.93 8.02 -13.61
CA VAL L 424 -4.63 6.82 -14.05
C VAL L 424 -3.63 5.68 -14.31
N SER L 425 -2.52 5.98 -15.00
CA SER L 425 -1.52 4.96 -15.27
C SER L 425 -0.87 4.45 -13.99
N LYS L 426 -0.78 5.30 -12.97
CA LYS L 426 -0.15 4.91 -11.71
C LYS L 426 -0.91 3.82 -10.98
N HIS L 427 -2.24 3.96 -10.88
CA HIS L 427 -3.05 3.06 -10.08
C HIS L 427 -3.60 1.88 -10.88
N LEU L 428 -3.43 1.89 -12.20
CA LEU L 428 -4.10 0.94 -13.07
C LEU L 428 -3.12 0.09 -13.86
N ASP L 429 -2.20 0.71 -14.62
CA ASP L 429 -1.40 -0.01 -15.60
C ASP L 429 -0.68 -1.21 -14.99
N ALA L 430 -0.30 -1.15 -13.72
CA ALA L 430 0.28 -2.30 -13.06
C ALA L 430 -0.73 -3.44 -12.94
N LEU L 431 -2.01 -3.11 -12.76
CA LEU L 431 -3.04 -4.13 -12.65
C LEU L 431 -3.47 -4.66 -14.02
N VAL L 432 -3.63 -3.76 -15.00
CA VAL L 432 -4.03 -4.18 -16.34
C VAL L 432 -2.94 -5.03 -17.00
N ALA L 433 -1.68 -4.81 -16.63
CA ALA L 433 -0.57 -5.55 -17.24
C ALA L 433 -0.62 -7.03 -16.90
N ASP L 434 -1.13 -7.38 -15.72
CA ASP L 434 -1.20 -8.77 -15.28
C ASP L 434 -2.63 -9.26 -15.49
N GLU L 435 -2.81 -10.16 -16.46
CA GLU L 435 -4.14 -10.68 -16.74
C GLU L 435 -4.61 -11.65 -15.67
N ASP L 436 -3.67 -12.32 -14.99
CA ASP L 436 -4.06 -13.21 -13.90
C ASP L 436 -4.69 -12.42 -12.75
N LEU L 437 -4.19 -11.22 -12.49
CA LEU L 437 -4.75 -10.39 -11.42
C LEU L 437 -6.01 -9.68 -11.86
N SER L 438 -6.10 -9.25 -13.12
CA SER L 438 -7.26 -8.51 -13.61
C SER L 438 -8.56 -9.29 -13.43
N ARG L 439 -8.50 -10.63 -13.45
CA ARG L 439 -9.69 -11.44 -13.31
C ARG L 439 -10.27 -11.36 -11.90
N PHE L 440 -9.41 -11.29 -10.89
CA PHE L 440 -9.87 -11.10 -9.51
C PHE L 440 -10.32 -9.66 -9.28
N ILE L 441 -9.45 -8.70 -9.56
CA ILE L 441 -9.62 -7.34 -9.06
C ILE L 441 -10.58 -6.53 -9.93
N LEU L 442 -10.47 -6.64 -11.24
CA LEU L 442 -11.22 -5.78 -12.15
C LEU L 442 -12.33 -6.55 -12.89
N THR M 4 -27.26 -36.68 97.73
CA THR M 4 -26.15 -37.61 97.87
C THR M 4 -25.30 -37.67 96.60
N PRO M 5 -24.05 -38.11 96.74
CA PRO M 5 -23.14 -38.15 95.57
C PRO M 5 -23.58 -38.91 94.33
N ARG M 6 -24.26 -40.07 94.45
CA ARG M 6 -24.77 -40.69 93.23
C ARG M 6 -25.86 -39.83 92.60
N GLU M 7 -26.65 -39.14 93.44
CA GLU M 7 -27.57 -38.17 92.90
C GLU M 7 -26.80 -37.05 92.23
N ILE M 8 -25.59 -36.78 92.71
CA ILE M 8 -24.70 -35.84 92.03
C ILE M 8 -24.17 -36.47 90.75
N VAL M 9 -23.72 -37.72 90.83
CA VAL M 9 -23.22 -38.42 89.64
C VAL M 9 -24.33 -38.62 88.62
N SER M 10 -25.53 -38.97 89.09
CA SER M 10 -26.65 -39.17 88.16
C SER M 10 -27.05 -37.88 87.46
N GLU M 11 -26.93 -36.75 88.16
CA GLU M 11 -27.21 -35.45 87.53
C GLU M 11 -26.09 -35.08 86.56
N LEU M 12 -24.84 -35.40 86.90
CA LEU M 12 -23.73 -35.13 85.99
C LEU M 12 -23.80 -35.99 84.73
N ASP M 13 -24.36 -37.20 84.84
CA ASP M 13 -24.54 -38.05 83.67
C ASP M 13 -25.48 -37.42 82.66
N LYS M 14 -26.37 -36.53 83.10
CA LYS M 14 -27.25 -35.82 82.17
C LYS M 14 -26.47 -34.89 81.25
N HIS M 15 -25.27 -34.47 81.65
CA HIS M 15 -24.45 -33.59 80.84
C HIS M 15 -23.17 -34.27 80.36
N ILE M 16 -22.30 -34.66 81.28
CA ILE M 16 -21.06 -35.34 80.92
C ILE M 16 -21.34 -36.80 80.59
N ILE M 17 -20.58 -37.34 79.64
CA ILE M 17 -20.68 -38.75 79.25
C ILE M 17 -19.42 -39.45 79.76
N GLY M 18 -19.62 -40.57 80.47
CA GLY M 18 -18.48 -41.31 80.98
C GLY M 18 -17.75 -40.53 82.06
N GLN M 19 -16.47 -40.85 82.22
CA GLN M 19 -15.61 -40.19 83.22
C GLN M 19 -16.20 -40.32 84.62
N ASP M 20 -16.76 -41.49 84.94
CA ASP M 20 -17.49 -41.67 86.19
C ASP M 20 -16.58 -41.47 87.39
N ASN M 21 -15.30 -41.88 87.29
CA ASN M 21 -14.39 -41.71 88.41
C ASN M 21 -14.21 -40.25 88.79
N ALA M 22 -14.10 -39.38 87.78
CA ALA M 22 -14.06 -37.95 88.05
C ALA M 22 -15.39 -37.45 88.61
N LYS M 23 -16.50 -38.04 88.18
CA LYS M 23 -17.80 -37.70 88.76
C LYS M 23 -17.90 -38.16 90.21
N ARG M 24 -17.44 -39.38 90.49
CA ARG M 24 -17.47 -39.86 91.87
C ARG M 24 -16.57 -39.02 92.77
N SER M 25 -15.44 -38.56 92.23
CA SER M 25 -14.50 -37.83 93.07
C SER M 25 -15.00 -36.44 93.43
N VAL M 26 -15.57 -35.72 92.46
CA VAL M 26 -16.11 -34.39 92.73
C VAL M 26 -17.33 -34.48 93.65
N ALA M 27 -18.11 -35.55 93.51
CA ALA M 27 -19.30 -35.73 94.34
C ALA M 27 -18.92 -35.91 95.80
N ILE M 28 -17.80 -36.57 96.07
CA ILE M 28 -17.34 -36.77 97.44
C ILE M 28 -17.00 -35.42 98.07
N ALA M 29 -16.41 -34.51 97.30
CA ALA M 29 -16.02 -33.21 97.83
C ALA M 29 -17.23 -32.33 98.13
N LEU M 30 -18.21 -32.31 97.22
CA LEU M 30 -19.41 -31.51 97.46
C LEU M 30 -20.21 -32.04 98.63
N ARG M 31 -20.24 -33.36 98.82
CA ARG M 31 -20.98 -33.93 99.94
C ARG M 31 -20.27 -33.67 101.27
N ASN M 32 -18.93 -33.62 101.27
CA ASN M 32 -18.21 -33.28 102.49
C ASN M 32 -18.56 -31.87 102.97
N ARG M 33 -18.97 -31.01 102.04
CA ARG M 33 -19.47 -29.68 102.40
C ARG M 33 -20.70 -29.78 103.30
N TRP M 34 -21.69 -30.57 102.89
CA TRP M 34 -22.89 -30.73 103.71
C TRP M 34 -22.60 -31.44 105.01
N ARG M 35 -21.69 -32.41 105.00
CA ARG M 35 -21.39 -33.16 106.21
C ARG M 35 -20.69 -32.28 107.25
N ARG M 36 -19.93 -31.28 106.79
CA ARG M 36 -19.18 -30.44 107.72
C ARG M 36 -20.11 -29.52 108.50
N MET M 37 -21.10 -28.92 107.83
CA MET M 37 -22.01 -28.00 108.50
C MET M 37 -22.73 -28.69 109.64
N GLN M 38 -22.91 -29.99 109.52
CA GLN M 38 -23.53 -30.88 110.50
C GLN M 38 -22.65 -31.14 111.72
N LEU M 39 -21.37 -30.77 111.69
CA LEU M 39 -20.46 -31.01 112.81
C LEU M 39 -20.61 -29.96 113.91
N ASN M 40 -19.84 -30.18 114.98
CA ASN M 40 -19.77 -29.29 116.13
C ASN M 40 -18.83 -28.13 115.81
N GLU M 41 -18.68 -27.22 116.77
CA GLU M 41 -17.92 -26.00 116.51
C GLU M 41 -16.45 -26.27 116.20
N GLU M 42 -15.84 -27.26 116.87
CA GLU M 42 -14.41 -27.48 116.73
C GLU M 42 -14.05 -28.14 115.40
N LEU M 43 -14.73 -29.23 115.05
CA LEU M 43 -14.38 -30.00 113.87
C LEU M 43 -14.61 -29.23 112.58
N ARG M 44 -15.60 -28.32 112.56
CA ARG M 44 -15.89 -27.56 111.36
C ARG M 44 -14.72 -26.68 110.94
N HIS M 45 -13.91 -26.23 111.89
CA HIS M 45 -12.70 -25.48 111.58
C HIS M 45 -11.58 -26.40 111.14
N GLU M 46 -11.40 -27.53 111.83
CA GLU M 46 -10.30 -28.44 111.54
C GLU M 46 -10.47 -29.12 110.18
N VAL M 47 -11.71 -29.48 109.82
CA VAL M 47 -11.94 -30.08 108.51
C VAL M 47 -11.75 -29.04 107.43
N THR M 48 -11.11 -29.44 106.35
CA THR M 48 -10.81 -28.56 105.22
C THR M 48 -11.27 -29.28 103.96
N PRO M 49 -11.58 -28.53 102.90
CA PRO M 49 -12.13 -29.16 101.69
C PRO M 49 -11.11 -30.13 101.11
N LYS M 50 -11.62 -31.21 100.52
CA LYS M 50 -10.75 -32.19 99.89
C LYS M 50 -10.63 -31.75 98.44
N ASN M 51 -9.48 -31.17 98.11
CA ASN M 51 -9.25 -30.66 96.78
C ASN M 51 -8.93 -31.79 95.81
N ILE M 52 -9.27 -31.58 94.54
CA ILE M 52 -9.15 -32.61 93.52
C ILE M 52 -8.16 -32.15 92.46
N LEU M 53 -7.39 -33.10 91.94
CA LEU M 53 -6.46 -32.87 90.83
C LEU M 53 -6.92 -33.75 89.68
N MET M 54 -7.49 -33.13 88.65
CA MET M 54 -7.88 -33.85 87.45
C MET M 54 -6.66 -34.05 86.55
N ILE M 55 -6.62 -35.20 85.88
CA ILE M 55 -5.50 -35.59 85.04
C ILE M 55 -6.05 -36.28 83.80
N GLY M 56 -5.54 -35.88 82.63
CA GLY M 56 -5.93 -36.47 81.39
C GLY M 56 -5.71 -35.56 80.20
N PRO M 57 -5.94 -36.08 79.00
CA PRO M 57 -5.79 -35.25 77.79
C PRO M 57 -6.89 -34.21 77.72
N THR M 58 -6.61 -33.16 76.97
CA THR M 58 -7.52 -32.02 76.89
C THR M 58 -8.84 -32.44 76.25
N GLY M 59 -9.91 -31.77 76.66
CA GLY M 59 -11.21 -31.92 76.03
C GLY M 59 -12.01 -33.14 76.43
N VAL M 60 -11.64 -33.82 77.50
CA VAL M 60 -12.34 -35.03 77.92
C VAL M 60 -13.40 -34.69 78.97
N GLY M 61 -13.59 -33.40 79.23
CA GLY M 61 -14.64 -32.95 80.12
C GLY M 61 -14.22 -32.60 81.54
N LYS M 62 -12.92 -32.44 81.79
CA LYS M 62 -12.47 -32.03 83.13
C LYS M 62 -13.16 -30.75 83.58
N THR M 63 -13.14 -29.72 82.71
CA THR M 63 -13.76 -28.45 83.08
C THR M 63 -15.27 -28.55 83.16
N GLU M 64 -15.88 -29.34 82.27
CA GLU M 64 -17.33 -29.45 82.27
C GLU M 64 -17.84 -30.05 83.57
N ILE M 65 -17.10 -31.00 84.13
CA ILE M 65 -17.47 -31.54 85.44
C ILE M 65 -17.44 -30.44 86.50
N ALA M 66 -16.39 -29.63 86.49
CA ALA M 66 -16.31 -28.53 87.44
C ALA M 66 -17.39 -27.48 87.17
N ARG M 67 -17.71 -27.24 85.90
CA ARG M 67 -18.74 -26.27 85.57
C ARG M 67 -20.13 -26.76 85.99
N ARG M 68 -20.48 -27.98 85.60
CA ARG M 68 -21.77 -28.53 85.98
C ARG M 68 -21.87 -28.77 87.49
N LEU M 69 -20.74 -29.06 88.15
CA LEU M 69 -20.78 -29.26 89.59
C LEU M 69 -21.14 -27.96 90.31
N ALA M 70 -20.47 -26.87 89.95
CA ALA M 70 -20.80 -25.57 90.55
C ALA M 70 -22.20 -25.11 90.15
N LYS M 71 -22.56 -25.32 88.88
CA LYS M 71 -23.93 -25.00 88.45
C LYS M 71 -24.95 -25.86 89.18
N LEU M 72 -24.57 -27.10 89.51
CA LEU M 72 -25.47 -27.96 90.27
C LEU M 72 -25.65 -27.44 91.69
N ALA M 73 -24.58 -26.94 92.30
CA ALA M 73 -24.63 -26.42 93.66
C ALA M 73 -25.04 -24.95 93.71
N ASN M 74 -25.20 -24.30 92.56
CA ASN M 74 -25.44 -22.86 92.46
C ASN M 74 -24.32 -22.05 93.12
N ALA M 75 -23.12 -22.63 93.17
CA ALA M 75 -21.95 -22.04 93.81
C ALA M 75 -21.23 -21.07 92.87
N PRO M 76 -20.51 -20.10 93.42
CA PRO M 76 -19.62 -19.28 92.58
C PRO M 76 -18.53 -20.15 91.99
N PHE M 77 -18.12 -19.82 90.77
CA PHE M 77 -17.15 -20.61 90.05
C PHE M 77 -16.30 -19.70 89.18
N ILE M 78 -15.04 -20.10 89.00
CA ILE M 78 -14.13 -19.40 88.12
C ILE M 78 -13.10 -20.41 87.61
N LYS M 79 -12.74 -20.28 86.34
CA LYS M 79 -11.66 -21.06 85.75
C LYS M 79 -10.49 -20.12 85.53
N VAL M 80 -9.32 -20.49 86.06
CA VAL M 80 -8.13 -19.66 85.99
C VAL M 80 -7.01 -20.50 85.40
N GLU M 81 -6.32 -19.95 84.42
CA GLU M 81 -5.18 -20.59 83.78
C GLU M 81 -3.91 -20.28 84.57
N ALA M 82 -3.23 -21.34 85.03
CA ALA M 82 -2.06 -21.18 85.89
C ALA M 82 -0.92 -20.46 85.18
N THR M 83 -0.84 -20.56 83.85
CA THR M 83 0.23 -19.90 83.12
C THR M 83 0.04 -18.39 83.04
N LYS M 84 -1.13 -17.88 83.41
CA LYS M 84 -1.36 -16.44 83.40
C LYS M 84 -0.41 -15.72 84.36
N PHE M 85 0.00 -16.39 85.44
CA PHE M 85 0.83 -15.77 86.48
C PHE M 85 2.32 -15.91 86.23
N THR M 86 2.74 -16.57 85.14
CA THR M 86 4.15 -16.71 84.85
C THR M 86 4.81 -15.36 84.54
N GLU M 87 4.07 -14.42 83.96
CA GLU M 87 4.60 -13.13 83.54
C GLU M 87 4.62 -12.11 84.68
N GLY M 92 3.54 -8.43 86.11
CA GLY M 92 2.51 -9.43 85.95
C GLY M 92 1.38 -9.29 86.96
N LYS M 93 0.33 -10.10 86.78
CA LYS M 93 -0.83 -10.06 87.65
C LYS M 93 -0.55 -10.79 88.97
N GLU M 94 -1.20 -10.31 90.03
CA GLU M 94 -1.10 -10.93 91.34
C GLU M 94 -2.02 -12.14 91.44
N VAL M 95 -1.60 -13.12 92.24
CA VAL M 95 -2.38 -14.34 92.41
C VAL M 95 -3.68 -14.09 93.17
N ASP M 96 -3.74 -13.04 94.00
CA ASP M 96 -4.93 -12.76 94.78
C ASP M 96 -6.12 -12.40 93.91
N SER M 97 -5.89 -12.03 92.64
CA SER M 97 -6.98 -11.68 91.74
C SER M 97 -7.96 -12.82 91.55
N ILE M 98 -7.53 -14.06 91.76
CA ILE M 98 -8.43 -15.21 91.64
C ILE M 98 -9.64 -15.04 92.55
N ILE M 99 -9.39 -14.73 93.82
CA ILE M 99 -10.48 -14.53 94.77
C ILE M 99 -11.27 -13.27 94.42
N ARG M 100 -10.59 -12.24 93.90
CA ARG M 100 -11.28 -11.01 93.53
C ARG M 100 -12.26 -11.27 92.39
N ASP M 101 -11.78 -11.91 91.33
CA ASP M 101 -12.65 -12.22 90.21
C ASP M 101 -13.73 -13.23 90.59
N LEU M 102 -13.43 -14.12 91.53
CA LEU M 102 -14.45 -15.06 91.99
C LEU M 102 -15.59 -14.34 92.70
N THR M 103 -15.27 -13.39 93.58
CA THR M 103 -16.30 -12.64 94.27
C THR M 103 -17.10 -11.79 93.31
N ASP M 104 -16.46 -11.25 92.26
CA ASP M 104 -17.19 -10.46 91.28
C ASP M 104 -18.19 -11.32 90.51
N ALA M 105 -17.86 -12.59 90.26
CA ALA M 105 -18.84 -13.50 89.69
C ALA M 105 -19.91 -13.86 90.69
N ALA M 106 -19.54 -14.02 91.97
CA ALA M 106 -20.52 -14.28 93.00
C ALA M 106 -21.44 -13.08 93.22
N VAL M 107 -20.92 -11.87 93.05
CA VAL M 107 -21.76 -10.68 93.21
C VAL M 107 -22.86 -10.64 92.16
N LYS M 108 -22.48 -10.78 90.88
CA LYS M 108 -23.48 -10.79 89.82
C LYS M 108 -24.39 -12.00 89.92
N MET M 109 -23.87 -13.11 90.46
CA MET M 109 -24.70 -14.31 90.60
C MET M 109 -25.81 -14.09 91.62
N VAL M 110 -25.43 -13.64 92.83
CA VAL M 110 -26.45 -13.40 93.85
C VAL M 110 -27.34 -12.23 93.48
N ARG M 111 -26.83 -11.26 92.73
CA ARG M 111 -27.63 -10.10 92.36
C ARG M 111 -28.72 -10.47 91.36
N VAL M 112 -28.34 -11.13 90.26
CA VAL M 112 -29.33 -11.55 89.26
C VAL M 112 -30.33 -12.53 89.88
N GLN M 113 -29.84 -13.39 90.78
CA GLN M 113 -30.74 -14.30 91.49
C GLN M 113 -31.64 -13.54 92.45
N ALA M 114 -31.14 -12.46 93.05
CA ALA M 114 -31.99 -11.62 93.87
C ALA M 114 -33.06 -10.92 93.03
N ILE M 115 -32.73 -10.57 91.79
CA ILE M 115 -33.70 -9.95 90.88
C ILE M 115 -34.82 -10.93 90.54
N GLU M 116 -34.53 -12.23 90.50
CA GLU M 116 -35.57 -13.21 90.21
C GLU M 116 -36.62 -13.25 91.31
N LYS M 117 -36.20 -13.18 92.57
CA LYS M 117 -37.16 -13.00 93.66
C LYS M 117 -37.93 -11.70 93.48
N ASN M 118 -37.26 -10.67 92.94
CA ASN M 118 -37.91 -9.40 92.66
C ASN M 118 -38.72 -9.39 91.37
N ARG M 119 -38.36 -10.21 90.37
CA ARG M 119 -39.05 -10.15 89.08
C ARG M 119 -40.55 -10.39 89.21
N TYR M 120 -40.95 -11.16 90.21
CA TYR M 120 -42.38 -11.43 90.44
C TYR M 120 -43.04 -10.41 91.38
N ARG M 121 -42.59 -10.37 92.63
CA ARG M 121 -43.22 -9.51 93.63
C ARG M 121 -43.35 -8.06 93.15
N ALA M 122 -42.30 -7.57 92.48
CA ALA M 122 -42.34 -6.18 91.98
C ALA M 122 -43.46 -5.98 90.96
N GLU M 123 -43.72 -6.98 90.11
CA GLU M 123 -44.83 -6.90 89.16
C GLU M 123 -46.18 -6.76 89.87
N GLU M 124 -46.35 -7.43 91.00
CA GLU M 124 -47.59 -7.27 91.78
C GLU M 124 -47.64 -5.91 92.45
N LEU M 125 -46.53 -5.51 93.09
CA LEU M 125 -46.50 -4.23 93.79
C LEU M 125 -46.47 -3.05 92.83
N ALA M 126 -45.85 -3.21 91.65
CA ALA M 126 -45.88 -2.13 90.67
C ALA M 126 -47.26 -1.99 90.05
N GLU M 127 -47.98 -3.09 89.85
CA GLU M 127 -49.38 -3.01 89.45
C GLU M 127 -50.18 -2.21 90.48
N GLU M 128 -50.14 -2.65 91.75
CA GLU M 128 -50.86 -1.96 92.82
C GLU M 128 -50.50 -0.47 92.89
N ARG M 129 -49.29 -0.10 92.46
CA ARG M 129 -48.94 1.32 92.42
C ARG M 129 -49.61 2.03 91.26
N ILE M 130 -49.62 1.41 90.07
CA ILE M 130 -50.22 2.04 88.90
C ILE M 130 -51.74 2.04 88.95
N LEU M 131 -52.36 1.17 89.76
CA LEU M 131 -53.81 1.23 89.91
C LEU M 131 -54.24 2.39 90.80
N ASP M 132 -53.33 2.97 91.58
CA ASP M 132 -53.70 4.05 92.49
C ASP M 132 -53.95 5.35 91.75
N VAL M 133 -53.27 5.57 90.63
CA VAL M 133 -53.49 6.81 89.87
C VAL M 133 -54.81 6.75 89.08
N LEU M 134 -55.13 5.59 88.52
CA LEU M 134 -56.33 5.45 87.71
C LEU M 134 -57.59 5.22 88.54
N ILE M 135 -57.49 4.52 89.67
CA ILE M 135 -58.61 4.44 90.59
C ILE M 135 -58.17 4.86 91.99
N PRO M 151 -60.88 -12.63 91.28
CA PRO M 151 -60.26 -11.35 90.97
C PRO M 151 -61.22 -10.18 91.16
N SER M 152 -60.71 -9.03 91.59
CA SER M 152 -61.55 -7.86 91.76
C SER M 152 -61.99 -7.31 90.40
N ALA M 153 -63.09 -6.56 90.42
CA ALA M 153 -63.58 -5.94 89.19
C ALA M 153 -62.55 -4.96 88.63
N ALA M 154 -61.95 -4.14 89.51
CA ALA M 154 -60.86 -3.28 89.07
C ALA M 154 -59.65 -4.07 88.63
N ARG M 155 -59.35 -5.18 89.33
CA ARG M 155 -58.23 -6.03 88.95
C ARG M 155 -58.35 -6.47 87.48
N GLN M 156 -59.56 -6.77 87.04
CA GLN M 156 -59.78 -7.15 85.65
C GLN M 156 -59.85 -5.92 84.73
N ALA M 157 -60.51 -4.85 85.18
CA ALA M 157 -60.58 -3.64 84.36
C ALA M 157 -59.20 -3.09 84.04
N PHE M 158 -58.24 -3.24 84.97
CA PHE M 158 -56.86 -2.87 84.66
C PHE M 158 -56.16 -3.94 83.83
N ARG M 159 -56.45 -5.22 84.08
CA ARG M 159 -55.86 -6.30 83.30
C ARG M 159 -56.23 -6.19 81.83
N LYS M 160 -57.39 -5.63 81.52
CA LYS M 160 -57.81 -5.45 80.13
C LYS M 160 -57.04 -4.34 79.46
N LYS M 161 -56.90 -3.20 80.13
CA LYS M 161 -56.18 -2.05 79.57
C LYS M 161 -54.70 -2.35 79.39
N PRO M 235 -29.17 -4.76 100.61
CA PRO M 235 -27.81 -4.78 100.04
C PRO M 235 -26.79 -5.33 101.03
N GLU M 236 -26.97 -5.03 102.31
CA GLU M 236 -26.08 -5.62 103.32
C GLU M 236 -26.31 -7.11 103.46
N GLU M 237 -27.50 -7.59 103.12
CA GLU M 237 -27.73 -9.02 103.05
C GLU M 237 -27.34 -9.60 101.70
N LEU M 238 -27.10 -8.75 100.70
CA LEU M 238 -26.76 -9.20 99.35
C LEU M 238 -25.24 -9.22 99.12
N LYS M 239 -24.60 -8.05 99.23
CA LYS M 239 -23.14 -8.00 99.10
C LYS M 239 -22.45 -8.89 100.11
N GLN M 240 -23.05 -9.06 101.30
CA GLN M 240 -22.55 -10.01 102.27
C GLN M 240 -22.95 -11.45 101.94
N ASP M 241 -23.95 -11.65 101.08
CA ASP M 241 -24.32 -13.00 100.68
C ASP M 241 -23.32 -13.58 99.69
N ALA M 242 -22.83 -12.76 98.76
CA ALA M 242 -21.82 -13.23 97.82
C ALA M 242 -20.54 -13.63 98.55
N ILE M 243 -20.22 -12.93 99.66
CA ILE M 243 -19.08 -13.33 100.47
C ILE M 243 -19.32 -14.69 101.13
N ASP M 244 -20.52 -14.89 101.68
CA ASP M 244 -20.86 -16.20 102.23
C ASP M 244 -20.91 -17.27 101.15
N ALA M 245 -21.38 -16.90 99.95
CA ALA M 245 -21.41 -17.84 98.84
C ALA M 245 -19.99 -18.21 98.40
N VAL M 246 -19.05 -17.27 98.46
CA VAL M 246 -17.67 -17.56 98.10
C VAL M 246 -16.99 -18.38 99.19
N GLU M 247 -17.11 -17.96 100.45
CA GLU M 247 -16.40 -18.62 101.52
C GLU M 247 -16.92 -20.04 101.74
N GLN M 248 -18.24 -20.19 101.79
CA GLN M 248 -18.81 -21.51 102.07
C GLN M 248 -18.86 -22.38 100.82
N HIS M 249 -19.40 -21.84 99.72
CA HIS M 249 -19.68 -22.65 98.53
C HIS M 249 -18.66 -22.48 97.41
N GLY M 250 -17.65 -21.62 97.58
CA GLY M 250 -16.84 -21.22 96.45
C GLY M 250 -16.08 -22.39 95.82
N ILE M 251 -15.89 -22.29 94.50
CA ILE M 251 -15.18 -23.29 93.73
C ILE M 251 -14.29 -22.57 92.73
N VAL M 252 -13.09 -23.10 92.52
CA VAL M 252 -12.13 -22.54 91.57
C VAL M 252 -11.52 -23.69 90.78
N PHE M 253 -11.44 -23.53 89.47
CA PHE M 253 -10.83 -24.51 88.59
C PHE M 253 -9.54 -23.92 88.04
N ILE M 254 -8.43 -24.57 88.34
CA ILE M 254 -7.12 -24.14 87.86
C ILE M 254 -6.75 -25.10 86.75
N ASP M 255 -6.84 -24.62 85.52
CA ASP M 255 -6.52 -25.43 84.35
C ASP M 255 -5.00 -25.48 84.17
N GLU M 256 -4.54 -26.52 83.48
CA GLU M 256 -3.14 -26.68 83.05
C GLU M 256 -2.15 -26.40 84.18
N ILE M 257 -2.43 -26.97 85.36
CA ILE M 257 -1.50 -26.84 86.48
C ILE M 257 -0.20 -27.58 86.21
N ASP M 258 -0.21 -28.58 85.33
CA ASP M 258 1.00 -29.36 85.06
C ASP M 258 2.10 -28.51 84.42
N LYS M 259 1.75 -27.40 83.79
CA LYS M 259 2.73 -26.58 83.09
C LYS M 259 3.57 -25.71 84.01
N ILE M 260 3.19 -25.58 85.29
CA ILE M 260 4.00 -24.83 86.25
C ILE M 260 4.94 -25.72 87.05
N CYS M 261 5.00 -27.00 86.74
CA CYS M 261 5.93 -27.91 87.40
C CYS M 261 7.34 -27.72 86.87
N LYS M 262 8.31 -28.12 87.67
CA LYS M 262 9.72 -28.02 87.30
C LYS M 262 10.06 -28.97 86.16
N GLY M 268 16.04 -21.55 85.28
CA GLY M 268 15.38 -20.30 84.94
C GLY M 268 13.88 -20.35 85.12
N PRO M 269 13.17 -20.99 84.18
CA PRO M 269 11.71 -21.09 84.32
C PRO M 269 11.26 -21.85 85.55
N ASP M 270 12.07 -22.82 86.00
CA ASP M 270 11.68 -23.62 87.17
C ASP M 270 11.49 -22.74 88.41
N VAL M 271 12.21 -21.63 88.51
CA VAL M 271 12.01 -20.70 89.61
C VAL M 271 10.69 -19.95 89.43
N SER M 272 10.45 -19.42 88.23
CA SER M 272 9.19 -18.74 87.95
C SER M 272 8.01 -19.70 87.95
N ARG M 273 8.22 -20.95 87.51
CA ARG M 273 7.15 -21.93 87.52
C ARG M 273 6.77 -22.32 88.94
N GLU M 274 7.76 -22.75 89.73
CA GLU M 274 7.51 -23.11 91.13
C GLU M 274 7.17 -21.89 91.97
N GLY M 275 7.54 -20.69 91.53
CA GLY M 275 7.14 -19.49 92.24
C GLY M 275 5.64 -19.28 92.21
N VAL M 276 5.00 -19.62 91.10
CA VAL M 276 3.54 -19.53 91.01
C VAL M 276 2.88 -20.50 91.99
N GLN M 277 3.47 -21.67 92.18
CA GLN M 277 2.92 -22.64 93.13
C GLN M 277 2.96 -22.09 94.55
N ARG M 278 4.08 -21.48 94.92
CA ARG M 278 4.21 -20.88 96.23
C ARG M 278 3.25 -19.71 96.40
N ASP M 279 3.00 -18.95 95.32
CA ASP M 279 2.01 -17.88 95.39
C ASP M 279 0.60 -18.43 95.56
N LEU M 280 0.32 -19.59 94.96
CA LEU M 280 -0.97 -20.25 95.14
C LEU M 280 -1.11 -20.89 96.52
N LEU M 281 0.02 -21.17 97.19
CA LEU M 281 -0.01 -21.94 98.43
C LEU M 281 -0.90 -21.35 99.53
N PRO M 282 -0.84 -20.04 99.85
CA PRO M 282 -1.71 -19.54 100.93
C PRO M 282 -3.19 -19.72 100.65
N LEU M 283 -3.61 -19.68 99.38
CA LEU M 283 -5.04 -19.79 99.09
C LEU M 283 -5.58 -21.15 99.48
N VAL M 284 -4.80 -22.21 99.27
CA VAL M 284 -5.25 -23.55 99.62
C VAL M 284 -5.01 -23.86 101.10
N GLU M 285 -3.86 -23.43 101.63
CA GLU M 285 -3.59 -23.58 103.05
C GLU M 285 -4.48 -22.69 103.89
N GLY M 286 -5.12 -21.71 103.27
CA GLY M 286 -5.99 -20.77 103.95
C GLY M 286 -5.30 -19.45 104.17
N CYS M 287 -6.05 -18.37 104.02
CA CYS M 287 -5.55 -17.00 104.14
C CYS M 287 -6.75 -16.08 104.08
N THR M 288 -6.49 -14.78 104.07
CA THR M 288 -7.54 -13.78 103.93
C THR M 288 -7.11 -12.78 102.87
N VAL M 289 -8.01 -12.50 101.93
CA VAL M 289 -7.75 -11.59 100.82
C VAL M 289 -8.73 -10.43 100.92
N SER M 290 -8.23 -9.23 100.65
CA SER M 290 -9.05 -8.03 100.72
C SER M 290 -9.65 -7.73 99.34
N THR M 291 -10.94 -7.38 99.33
CA THR M 291 -11.65 -7.01 98.12
C THR M 291 -12.51 -5.80 98.41
N LYS M 292 -12.84 -5.06 97.34
CA LYS M 292 -13.72 -3.90 97.50
C LYS M 292 -15.09 -4.32 98.01
N HIS M 293 -15.54 -5.52 97.66
CA HIS M 293 -16.82 -6.02 98.15
C HIS M 293 -16.75 -6.46 99.62
N GLY M 294 -15.57 -6.76 100.12
CA GLY M 294 -15.42 -7.19 101.50
C GLY M 294 -14.13 -7.96 101.70
N MET M 295 -14.03 -8.59 102.87
CA MET M 295 -12.87 -9.35 103.28
C MET M 295 -13.24 -10.83 103.27
N VAL M 296 -12.60 -11.60 102.40
CA VAL M 296 -12.93 -13.00 102.18
C VAL M 296 -11.83 -13.90 102.74
N LYS M 297 -12.24 -15.06 103.25
CA LYS M 297 -11.33 -16.09 103.73
C LYS M 297 -11.43 -17.32 102.84
N THR M 298 -10.27 -17.89 102.50
CA THR M 298 -10.17 -18.97 101.52
C THR M 298 -10.14 -20.36 102.12
N ASP M 299 -10.31 -20.48 103.44
CA ASP M 299 -10.05 -21.76 104.11
C ASP M 299 -10.94 -22.87 103.58
N HIS M 300 -12.22 -22.58 103.38
CA HIS M 300 -13.20 -23.59 103.04
C HIS M 300 -13.53 -23.64 101.56
N ILE M 301 -12.85 -22.83 100.74
CA ILE M 301 -13.07 -22.87 99.30
C ILE M 301 -12.56 -24.19 98.73
N LEU M 302 -13.32 -24.76 97.80
CA LEU M 302 -12.91 -25.97 97.09
C LEU M 302 -12.19 -25.60 95.80
N PHE M 303 -11.19 -26.39 95.45
CA PHE M 303 -10.36 -26.13 94.29
C PHE M 303 -10.25 -27.40 93.45
N ILE M 304 -10.16 -27.22 92.15
CA ILE M 304 -9.99 -28.32 91.20
C ILE M 304 -8.85 -27.92 90.25
N ALA M 305 -7.74 -28.64 90.32
CA ALA M 305 -6.63 -28.45 89.41
C ALA M 305 -6.66 -29.51 88.32
N SER M 306 -6.23 -29.14 87.12
CA SER M 306 -6.22 -30.04 85.98
C SER M 306 -4.97 -29.85 85.16
N GLY M 307 -4.49 -30.93 84.58
CA GLY M 307 -3.34 -30.89 83.69
C GLY M 307 -3.14 -32.21 82.97
N ALA M 308 -2.53 -32.17 81.79
CA ALA M 308 -2.25 -33.40 81.07
C ALA M 308 -1.21 -34.24 81.77
N PHE M 309 -0.23 -33.60 82.42
CA PHE M 309 0.84 -34.29 83.14
C PHE M 309 1.58 -35.30 82.25
N GLN M 310 1.71 -34.97 80.97
CA GLN M 310 2.55 -35.79 80.08
C GLN M 310 4.01 -35.37 80.16
N ILE M 311 4.28 -34.07 80.31
CA ILE M 311 5.65 -33.60 80.46
C ILE M 311 6.14 -33.80 81.90
N ALA M 312 5.27 -33.54 82.87
CA ALA M 312 5.59 -33.62 84.29
C ALA M 312 4.57 -34.52 84.98
N LYS M 313 4.71 -34.68 86.28
CA LYS M 313 3.82 -35.50 87.09
C LYS M 313 3.39 -34.72 88.30
N PRO M 314 2.25 -35.06 88.92
CA PRO M 314 1.84 -34.37 90.14
C PRO M 314 2.92 -34.40 91.21
N SER M 315 3.78 -35.41 91.17
CA SER M 315 4.91 -35.50 92.09
C SER M 315 5.85 -34.31 91.96
N ASP M 316 5.93 -33.71 90.76
CA ASP M 316 6.80 -32.57 90.56
C ASP M 316 6.31 -31.29 91.21
N LEU M 317 5.05 -31.26 91.65
CA LEU M 317 4.53 -30.09 92.35
C LEU M 317 5.24 -29.93 93.69
N ILE M 318 5.24 -28.70 94.19
CA ILE M 318 5.91 -28.46 95.47
C ILE M 318 5.22 -29.28 96.55
N PRO M 319 5.95 -29.80 97.54
CA PRO M 319 5.33 -30.73 98.49
C PRO M 319 4.15 -30.15 99.28
N GLU M 320 4.20 -28.86 99.64
CA GLU M 320 3.08 -28.27 100.35
C GLU M 320 1.83 -28.27 99.49
N LEU M 321 1.99 -28.25 98.16
CA LEU M 321 0.85 -28.27 97.26
C LEU M 321 0.32 -29.69 97.01
N GLN M 322 1.19 -30.69 96.98
CA GLN M 322 0.75 -32.04 96.69
C GLN M 322 -0.20 -32.56 97.77
N GLY M 323 0.03 -32.18 99.02
CA GLY M 323 -0.81 -32.59 100.13
C GLY M 323 -2.10 -31.82 100.30
N ARG M 324 -2.22 -30.68 99.63
CA ARG M 324 -3.45 -29.91 99.65
C ARG M 324 -4.40 -30.32 98.54
N LEU M 325 -4.08 -31.41 97.85
CA LEU M 325 -4.92 -31.98 96.79
C LEU M 325 -5.16 -33.44 97.16
N PRO M 326 -5.95 -33.69 98.22
CA PRO M 326 -6.09 -35.06 98.72
C PRO M 326 -6.66 -36.06 97.72
N ILE M 327 -7.59 -35.64 96.85
CA ILE M 327 -8.26 -36.54 95.92
C ILE M 327 -7.60 -36.44 94.56
N ARG M 328 -7.22 -37.59 93.99
CA ARG M 328 -6.62 -37.67 92.68
C ARG M 328 -7.46 -38.58 91.79
N VAL M 329 -7.62 -38.19 90.52
CA VAL M 329 -8.39 -38.96 89.55
C VAL M 329 -7.82 -38.71 88.16
N GLU M 330 -7.80 -39.75 87.33
CA GLU M 330 -7.40 -39.65 85.94
C GLU M 330 -8.63 -39.79 85.05
N LEU M 331 -8.77 -38.92 84.05
CA LEU M 331 -9.89 -38.97 83.12
C LEU M 331 -9.47 -39.67 81.84
N GLN M 332 -10.31 -40.61 81.39
CA GLN M 332 -9.98 -41.43 80.23
C GLN M 332 -10.23 -40.66 78.94
N ALA M 333 -9.50 -41.05 77.90
CA ALA M 333 -9.70 -40.49 76.57
C ALA M 333 -11.01 -40.98 75.95
N LEU M 334 -11.67 -40.07 75.24
CA LEU M 334 -12.92 -40.38 74.57
C LEU M 334 -12.67 -41.11 73.25
N THR M 335 -13.49 -42.13 72.97
CA THR M 335 -13.40 -42.90 71.73
C THR M 335 -14.39 -42.38 70.69
N THR M 336 -14.35 -43.00 69.50
CA THR M 336 -15.31 -42.66 68.45
C THR M 336 -16.73 -42.95 68.91
N SER M 337 -16.92 -44.03 69.66
CA SER M 337 -18.23 -44.36 70.19
C SER M 337 -18.69 -43.31 71.18
N ASP M 338 -17.76 -42.77 71.97
CA ASP M 338 -18.12 -41.69 72.89
C ASP M 338 -18.50 -40.42 72.14
N PHE M 339 -17.86 -40.17 70.99
CA PHE M 339 -18.23 -39.03 70.17
C PHE M 339 -19.68 -39.13 69.71
N GLU M 340 -20.11 -40.33 69.30
CA GLU M 340 -21.50 -40.52 68.88
C GLU M 340 -22.45 -40.25 70.04
N ARG M 341 -22.05 -40.63 71.26
CA ARG M 341 -22.88 -40.39 72.43
C ARG M 341 -22.93 -38.92 72.78
N ILE M 342 -21.78 -38.24 72.72
CA ILE M 342 -21.72 -36.81 73.06
C ILE M 342 -22.59 -36.00 72.12
N LEU M 343 -22.73 -36.44 70.87
CA LEU M 343 -23.53 -35.69 69.90
C LEU M 343 -25.01 -35.71 70.27
N THR M 344 -25.46 -36.74 70.98
CA THR M 344 -26.89 -36.96 71.17
C THR M 344 -27.28 -37.06 72.65
N GLU M 345 -26.70 -38.04 73.35
CA GLU M 345 -27.15 -38.37 74.72
C GLU M 345 -27.20 -37.20 75.69
N PRO M 346 -26.19 -36.32 75.78
CA PRO M 346 -26.23 -35.28 76.80
C PRO M 346 -27.43 -34.35 76.60
N ASN M 347 -27.98 -33.87 77.72
CA ASN M 347 -29.05 -32.90 77.66
C ASN M 347 -28.56 -31.62 76.97
N ALA M 348 -29.37 -31.10 76.05
CA ALA M 348 -29.00 -29.94 75.24
C ALA M 348 -27.70 -30.19 74.48
N SER M 349 -27.59 -31.38 73.89
CA SER M 349 -26.42 -31.70 73.09
C SER M 349 -26.38 -30.85 71.82
N ILE M 350 -25.18 -30.72 71.26
CA ILE M 350 -24.99 -29.81 70.13
C ILE M 350 -25.89 -30.17 68.94
N THR M 351 -26.19 -31.46 68.76
CA THR M 351 -27.15 -31.84 67.73
C THR M 351 -28.57 -31.35 68.09
N VAL M 352 -28.95 -31.47 69.36
CA VAL M 352 -30.24 -30.94 69.81
C VAL M 352 -30.27 -29.43 69.68
N GLN M 353 -29.14 -28.77 69.91
CA GLN M 353 -29.10 -27.31 69.78
C GLN M 353 -29.31 -26.89 68.34
N TYR M 354 -28.64 -27.57 67.39
CA TYR M 354 -28.84 -27.26 65.99
C TYR M 354 -30.26 -27.56 65.53
N LYS M 355 -30.89 -28.59 66.11
CA LYS M 355 -32.26 -28.93 65.74
C LYS M 355 -33.24 -27.84 66.14
N ALA M 356 -33.15 -27.38 67.40
CA ALA M 356 -34.02 -26.31 67.87
C ALA M 356 -33.73 -24.98 67.16
N LEU M 357 -32.47 -24.73 66.79
CA LEU M 357 -32.14 -23.49 66.10
C LEU M 357 -32.80 -23.43 64.72
N MET M 358 -32.68 -24.50 63.94
CA MET M 358 -33.37 -24.56 62.65
C MET M 358 -34.87 -24.62 62.83
N ALA M 359 -35.35 -25.15 63.96
CA ALA M 359 -36.78 -25.12 64.25
C ALA M 359 -37.29 -23.70 64.38
N THR M 360 -36.43 -22.78 64.83
CA THR M 360 -36.83 -21.38 64.91
C THR M 360 -37.15 -20.82 63.53
N GLU M 361 -36.46 -21.30 62.50
CA GLU M 361 -36.72 -20.89 61.13
C GLU M 361 -37.83 -21.70 60.45
N GLY M 362 -38.47 -22.62 61.16
CA GLY M 362 -39.50 -23.45 60.58
C GLY M 362 -39.02 -24.71 59.91
N VAL M 363 -37.74 -25.05 60.04
CA VAL M 363 -37.17 -26.24 59.42
C VAL M 363 -37.04 -27.32 60.49
N ASN M 364 -37.18 -28.57 60.08
CA ASN M 364 -37.09 -29.72 60.98
C ASN M 364 -35.85 -30.52 60.58
N ILE M 365 -34.83 -30.52 61.44
CA ILE M 365 -33.62 -31.29 61.22
C ILE M 365 -33.77 -32.65 61.88
N GLU M 366 -33.24 -33.68 61.22
CA GLU M 366 -33.20 -35.03 61.75
C GLU M 366 -31.91 -35.69 61.30
N PHE M 367 -31.19 -36.28 62.24
CA PHE M 367 -29.92 -36.95 61.98
C PHE M 367 -30.12 -38.46 62.04
N THR M 368 -29.66 -39.16 61.01
CA THR M 368 -29.67 -40.62 61.02
C THR M 368 -28.56 -41.14 61.91
N ASP M 369 -28.75 -42.36 62.42
CA ASP M 369 -27.73 -43.00 63.25
C ASP M 369 -26.42 -43.16 62.49
N SER M 370 -26.50 -43.54 61.21
CA SER M 370 -25.30 -43.62 60.39
C SER M 370 -24.75 -42.22 60.08
N GLY M 371 -25.61 -41.21 60.03
CA GLY M 371 -25.13 -39.85 59.84
C GLY M 371 -24.41 -39.31 61.07
N ILE M 372 -24.91 -39.65 62.26
CA ILE M 372 -24.18 -39.34 63.49
C ILE M 372 -22.89 -40.14 63.56
N LYS M 373 -22.93 -41.40 63.09
CA LYS M 373 -21.74 -42.25 63.14
C LYS M 373 -20.62 -41.72 62.26
N ARG M 374 -20.98 -41.13 61.11
CA ARG M 374 -19.95 -40.62 60.20
C ARG M 374 -19.45 -39.23 60.57
N ILE M 375 -20.18 -38.51 61.42
CA ILE M 375 -19.65 -37.26 61.96
C ILE M 375 -18.59 -37.54 63.02
N ALA M 376 -18.86 -38.50 63.90
CA ALA M 376 -17.88 -38.90 64.90
C ALA M 376 -16.62 -39.48 64.26
N GLU M 377 -16.80 -40.27 63.19
CA GLU M 377 -15.66 -40.76 62.44
C GLU M 377 -14.90 -39.63 61.76
N ALA M 378 -15.61 -38.58 61.34
CA ALA M 378 -14.95 -37.44 60.70
C ALA M 378 -14.11 -36.65 61.71
N ALA M 379 -14.67 -36.39 62.90
CA ALA M 379 -13.91 -35.69 63.92
C ALA M 379 -12.73 -36.51 64.42
N TRP M 380 -12.87 -37.83 64.45
CA TRP M 380 -11.77 -38.69 64.88
C TRP M 380 -10.61 -38.66 63.89
N GLN M 381 -10.92 -38.68 62.58
CA GLN M 381 -9.87 -38.70 61.58
C GLN M 381 -9.05 -37.43 61.60
N VAL M 382 -9.69 -36.29 61.86
CA VAL M 382 -8.96 -35.02 61.91
C VAL M 382 -8.04 -34.98 63.12
N ASN M 383 -8.52 -35.48 64.26
CA ASN M 383 -7.66 -35.54 65.45
C ASN M 383 -6.47 -36.46 65.24
N GLU M 384 -6.65 -37.55 64.49
CA GLU M 384 -5.53 -38.45 64.20
C GLU M 384 -4.67 -37.93 63.05
N SER M 385 -5.30 -37.38 62.01
CA SER M 385 -4.53 -36.93 60.86
C SER M 385 -3.65 -35.72 61.16
N THR M 386 -4.08 -34.83 62.06
CA THR M 386 -3.31 -33.61 62.32
C THR M 386 -2.95 -33.45 63.80
N GLU M 387 -3.90 -32.95 64.60
CA GLU M 387 -3.71 -32.71 66.02
C GLU M 387 -4.97 -33.11 66.77
N ASN M 388 -4.81 -33.75 67.93
CA ASN M 388 -5.94 -34.28 68.69
C ASN M 388 -6.38 -33.20 69.69
N ILE M 389 -7.54 -32.60 69.43
CA ILE M 389 -8.12 -31.60 70.32
C ILE M 389 -9.24 -32.18 71.19
N GLY M 390 -9.49 -33.48 71.10
CA GLY M 390 -10.57 -34.10 71.84
C GLY M 390 -11.94 -33.85 71.23
N ALA M 391 -12.96 -33.95 72.09
CA ALA M 391 -14.34 -33.83 71.64
C ALA M 391 -14.66 -32.47 71.06
N ARG M 392 -13.81 -31.47 71.28
CA ARG M 392 -14.03 -30.15 70.71
C ARG M 392 -14.06 -30.20 69.19
N ARG M 393 -13.40 -31.20 68.58
CA ARG M 393 -13.42 -31.34 67.13
C ARG M 393 -14.84 -31.52 66.60
N LEU M 394 -15.73 -32.08 67.43
CA LEU M 394 -17.12 -32.27 67.03
C LEU M 394 -17.80 -30.94 66.70
N HIS M 395 -17.42 -29.87 67.40
CA HIS M 395 -18.05 -28.58 67.15
C HIS M 395 -17.65 -28.02 65.78
N THR M 396 -16.37 -28.11 65.42
CA THR M 396 -15.91 -27.57 64.15
C THR M 396 -16.47 -28.36 62.98
N VAL M 397 -16.57 -29.67 63.12
CA VAL M 397 -17.05 -30.52 62.03
C VAL M 397 -18.54 -30.32 61.81
N LEU M 398 -19.31 -30.21 62.90
CA LEU M 398 -20.76 -30.09 62.78
C LEU M 398 -21.16 -28.78 62.10
N GLU M 399 -20.54 -27.67 62.51
CA GLU M 399 -20.88 -26.38 61.91
C GLU M 399 -20.47 -26.34 60.44
N ARG M 400 -19.35 -26.98 60.10
CA ARG M 400 -18.94 -27.06 58.70
C ARG M 400 -19.94 -27.88 57.87
N LEU M 401 -20.54 -28.90 58.48
CA LEU M 401 -21.54 -29.70 57.77
C LEU M 401 -22.85 -28.92 57.61
N MET M 402 -23.25 -28.18 58.63
CA MET M 402 -24.53 -27.50 58.67
C MET M 402 -24.50 -26.07 58.14
N GLU M 403 -23.34 -25.59 57.68
CA GLU M 403 -23.23 -24.20 57.25
C GLU M 403 -24.15 -23.89 56.07
N GLU M 404 -24.38 -24.86 55.19
CA GLU M 404 -25.25 -24.64 54.04
C GLU M 404 -26.71 -24.58 54.47
N ILE M 405 -27.12 -25.44 55.40
CA ILE M 405 -28.48 -25.41 55.91
C ILE M 405 -28.69 -24.17 56.77
N SER M 406 -27.72 -23.84 57.63
CA SER M 406 -27.90 -22.70 58.53
C SER M 406 -28.07 -21.39 57.76
N TYR M 407 -27.48 -21.30 56.57
CA TYR M 407 -27.69 -20.09 55.76
C TYR M 407 -29.06 -20.09 55.08
N ASP M 408 -29.47 -21.23 54.52
CA ASP M 408 -30.69 -21.31 53.73
C ASP M 408 -31.93 -21.55 54.57
N ALA M 409 -31.78 -21.66 55.90
CA ALA M 409 -32.89 -22.05 56.77
C ALA M 409 -34.08 -21.10 56.65
N SER M 410 -33.83 -19.84 56.29
CA SER M 410 -34.91 -18.89 56.11
C SER M 410 -35.82 -19.30 54.95
N ASP M 411 -35.22 -19.63 53.81
CA ASP M 411 -36.01 -20.03 52.64
C ASP M 411 -36.52 -21.46 52.75
N LEU M 412 -35.94 -22.28 53.61
CA LEU M 412 -36.33 -23.68 53.76
C LEU M 412 -37.44 -23.88 54.78
N SER M 413 -38.03 -22.79 55.28
CA SER M 413 -39.08 -22.88 56.29
C SER M 413 -40.21 -23.77 55.78
N GLY M 414 -40.74 -24.60 56.68
CA GLY M 414 -41.79 -25.53 56.33
C GLY M 414 -41.34 -26.80 55.66
N GLN M 415 -40.04 -27.07 55.61
CA GLN M 415 -39.49 -28.27 55.01
C GLN M 415 -38.83 -29.14 56.07
N ASN M 416 -38.78 -30.44 55.78
CA ASN M 416 -38.15 -31.43 56.67
C ASN M 416 -36.86 -31.88 55.99
N ILE M 417 -35.73 -31.49 56.58
CA ILE M 417 -34.41 -31.87 56.08
C ILE M 417 -33.91 -33.06 56.89
N THR M 418 -33.23 -33.98 56.22
CA THR M 418 -32.71 -35.19 56.85
C THR M 418 -31.21 -35.27 56.61
N ILE M 419 -30.43 -35.35 57.69
CA ILE M 419 -28.99 -35.50 57.60
C ILE M 419 -28.70 -37.00 57.61
N ASP M 420 -28.26 -37.52 56.48
CA ASP M 420 -27.98 -38.93 56.31
C ASP M 420 -26.49 -39.14 56.09
N ALA M 421 -26.10 -40.42 55.98
CA ALA M 421 -24.70 -40.74 55.75
C ALA M 421 -24.20 -40.19 54.44
N ASP M 422 -25.07 -40.19 53.41
CA ASP M 422 -24.70 -39.62 52.12
C ASP M 422 -24.49 -38.11 52.21
N TYR M 423 -25.28 -37.42 53.05
CA TYR M 423 -25.12 -35.98 53.20
C TYR M 423 -23.83 -35.65 53.94
N VAL M 424 -23.47 -36.44 54.95
CA VAL M 424 -22.26 -36.19 55.71
C VAL M 424 -21.03 -36.37 54.83
N SER M 425 -20.97 -37.47 54.07
CA SER M 425 -19.83 -37.70 53.19
C SER M 425 -19.72 -36.66 52.08
N LYS M 426 -20.86 -36.09 51.65
CA LYS M 426 -20.85 -35.13 50.56
C LYS M 426 -20.17 -33.82 50.97
N HIS M 427 -20.47 -33.32 52.17
CA HIS M 427 -19.96 -32.04 52.62
C HIS M 427 -18.63 -32.15 53.36
N LEU M 428 -18.20 -33.37 53.71
CA LEU M 428 -17.06 -33.57 54.60
C LEU M 428 -15.90 -34.29 53.92
N ASP M 429 -16.11 -35.53 53.44
CA ASP M 429 -15.01 -36.39 53.01
C ASP M 429 -14.03 -35.68 52.09
N ALA M 430 -14.51 -34.73 51.28
CA ALA M 430 -13.60 -33.95 50.44
C ALA M 430 -12.66 -33.09 51.28
N LEU M 431 -13.15 -32.58 52.42
CA LEU M 431 -12.31 -31.77 53.30
C LEU M 431 -11.40 -32.63 54.16
N VAL M 432 -11.92 -33.76 54.66
CA VAL M 432 -11.12 -34.64 55.51
C VAL M 432 -10.02 -35.32 54.71
N ALA M 433 -10.25 -35.53 53.41
CA ALA M 433 -9.24 -36.21 52.58
C ALA M 433 -7.97 -35.38 52.45
N ASP M 434 -8.09 -34.06 52.47
CA ASP M 434 -6.94 -33.17 52.34
C ASP M 434 -6.55 -32.70 53.73
N GLU M 435 -5.42 -33.18 54.23
CA GLU M 435 -4.96 -32.77 55.56
C GLU M 435 -4.43 -31.35 55.55
N ASP M 436 -3.97 -30.87 54.39
CA ASP M 436 -3.52 -29.48 54.30
C ASP M 436 -4.70 -28.52 54.52
N LEU M 437 -5.88 -28.88 54.01
CA LEU M 437 -7.06 -28.04 54.21
C LEU M 437 -7.70 -28.25 55.57
N SER M 438 -7.60 -29.46 56.14
CA SER M 438 -8.31 -29.75 57.39
C SER M 438 -7.84 -28.87 58.53
N ARG M 439 -6.56 -28.49 58.56
CA ARG M 439 -6.04 -27.68 59.66
C ARG M 439 -6.54 -26.24 59.62
N PHE M 440 -6.78 -25.70 58.42
CA PHE M 440 -7.38 -24.38 58.31
C PHE M 440 -8.87 -24.42 58.60
N ILE M 441 -9.59 -25.32 57.92
CA ILE M 441 -11.05 -25.30 57.94
C ILE M 441 -11.60 -25.98 59.19
N LEU M 442 -11.05 -27.14 59.56
CA LEU M 442 -11.63 -27.94 60.64
C LEU M 442 -10.77 -27.93 61.91
N GLU N 2 -34.18 -7.46 62.18
CA GLU N 2 -34.84 -8.69 61.76
C GLU N 2 -34.45 -9.07 60.34
N MET N 3 -33.33 -8.51 59.87
CA MET N 3 -32.89 -8.77 58.51
C MET N 3 -32.52 -10.23 58.33
N THR N 4 -32.96 -10.80 57.21
CA THR N 4 -32.60 -12.17 56.86
C THR N 4 -31.17 -12.21 56.34
N PRO N 5 -30.53 -13.39 56.38
CA PRO N 5 -29.10 -13.45 56.00
C PRO N 5 -28.81 -12.93 54.61
N ARG N 6 -29.72 -13.14 53.65
CA ARG N 6 -29.50 -12.58 52.32
C ARG N 6 -29.60 -11.06 52.32
N GLU N 7 -30.49 -10.50 53.14
CA GLU N 7 -30.57 -9.05 53.26
C GLU N 7 -29.31 -8.46 53.87
N ILE N 8 -28.63 -9.24 54.73
CA ILE N 8 -27.37 -8.76 55.31
C ILE N 8 -26.27 -8.77 54.26
N VAL N 9 -26.16 -9.85 53.49
CA VAL N 9 -25.12 -9.93 52.47
C VAL N 9 -25.33 -8.85 51.40
N SER N 10 -26.59 -8.61 51.01
CA SER N 10 -26.86 -7.60 50.00
C SER N 10 -26.48 -6.20 50.46
N GLU N 11 -26.64 -5.92 51.76
CA GLU N 11 -26.21 -4.63 52.29
C GLU N 11 -24.69 -4.55 52.35
N LEU N 12 -24.02 -5.65 52.70
CA LEU N 12 -22.57 -5.66 52.74
C LEU N 12 -21.95 -5.50 51.35
N ASP N 13 -22.64 -5.98 50.31
CA ASP N 13 -22.16 -5.80 48.94
C ASP N 13 -22.09 -4.33 48.55
N LYS N 14 -22.88 -3.47 49.19
CA LYS N 14 -22.80 -2.04 48.93
C LYS N 14 -21.47 -1.45 49.35
N HIS N 15 -20.76 -2.09 50.26
CA HIS N 15 -19.46 -1.61 50.72
C HIS N 15 -18.33 -2.57 50.35
N ILE N 16 -18.36 -3.80 50.85
CA ILE N 16 -17.32 -4.77 50.53
C ILE N 16 -17.58 -5.36 49.15
N ILE N 17 -16.49 -5.69 48.44
CA ILE N 17 -16.55 -6.33 47.13
C ILE N 17 -16.09 -7.77 47.26
N GLY N 18 -16.90 -8.70 46.75
CA GLY N 18 -16.51 -10.10 46.81
C GLY N 18 -16.53 -10.61 48.24
N GLN N 19 -15.74 -11.65 48.49
CA GLN N 19 -15.63 -12.26 49.81
C GLN N 19 -16.99 -12.70 50.34
N ASP N 20 -17.82 -13.24 49.44
CA ASP N 20 -19.19 -13.55 49.79
C ASP N 20 -19.26 -14.58 50.93
N ASN N 21 -18.32 -15.53 50.96
CA ASN N 21 -18.33 -16.54 52.01
C ASN N 21 -18.20 -15.92 53.40
N ALA N 22 -17.32 -14.93 53.54
CA ALA N 22 -17.23 -14.20 54.80
C ALA N 22 -18.50 -13.42 55.08
N LYS N 23 -19.15 -12.91 54.04
CA LYS N 23 -20.44 -12.23 54.22
C LYS N 23 -21.53 -13.22 54.64
N ARG N 24 -21.55 -14.40 54.02
CA ARG N 24 -22.54 -15.40 54.39
C ARG N 24 -22.31 -15.89 55.82
N SER N 25 -21.05 -15.96 56.25
CA SER N 25 -20.75 -16.47 57.58
C SER N 25 -21.15 -15.46 58.67
N VAL N 26 -20.84 -14.19 58.45
CA VAL N 26 -21.23 -13.17 59.44
C VAL N 26 -22.74 -13.01 59.48
N ALA N 27 -23.43 -13.20 58.36
CA ALA N 27 -24.87 -13.06 58.32
C ALA N 27 -25.56 -14.13 59.17
N ILE N 28 -24.99 -15.34 59.19
CA ILE N 28 -25.56 -16.41 60.00
C ILE N 28 -25.45 -16.09 61.48
N ALA N 29 -24.35 -15.44 61.88
CA ALA N 29 -24.16 -15.10 63.28
C ALA N 29 -25.13 -14.02 63.74
N LEU N 30 -25.31 -12.98 62.92
CA LEU N 30 -26.26 -11.92 63.26
C LEU N 30 -27.69 -12.42 63.25
N ARG N 31 -28.01 -13.37 62.38
CA ARG N 31 -29.37 -13.90 62.33
C ARG N 31 -29.67 -14.77 63.54
N ASN N 32 -28.66 -15.48 64.07
CA ASN N 32 -28.86 -16.28 65.26
C ASN N 32 -29.21 -15.41 66.47
N ARG N 33 -28.77 -14.15 66.46
CA ARG N 33 -29.18 -13.22 67.51
C ARG N 33 -30.69 -13.07 67.54
N TRP N 34 -31.30 -12.75 66.40
CA TRP N 34 -32.75 -12.64 66.33
C TRP N 34 -33.42 -14.00 66.53
N ARG N 35 -32.80 -15.08 66.07
CA ARG N 35 -33.37 -16.41 66.27
C ARG N 35 -33.41 -16.78 67.73
N ARG N 36 -32.43 -16.30 68.52
CA ARG N 36 -32.39 -16.66 69.92
C ARG N 36 -33.51 -15.98 70.71
N MET N 37 -33.78 -14.71 70.43
CA MET N 37 -34.76 -13.95 71.19
C MET N 37 -36.15 -14.57 71.07
N GLN N 38 -36.44 -15.22 69.95
CA GLN N 38 -37.72 -15.89 69.74
C GLN N 38 -37.85 -17.17 70.55
N LEU N 39 -36.76 -17.68 71.11
CA LEU N 39 -36.79 -18.94 71.83
C LEU N 39 -37.29 -18.73 73.27
N ASN N 40 -37.44 -19.84 73.98
CA ASN N 40 -37.95 -19.84 75.34
C ASN N 40 -36.85 -19.45 76.33
N GLU N 41 -37.24 -19.38 77.61
CA GLU N 41 -36.31 -18.93 78.64
C GLU N 41 -35.10 -19.85 78.75
N GLU N 42 -35.31 -21.15 78.56
CA GLU N 42 -34.21 -22.10 78.76
C GLU N 42 -33.21 -22.06 77.60
N LEU N 43 -33.71 -22.13 76.36
CA LEU N 43 -32.80 -22.20 75.22
C LEU N 43 -32.01 -20.92 75.02
N ARG N 44 -32.57 -19.78 75.44
CA ARG N 44 -31.86 -18.50 75.29
C ARG N 44 -30.58 -18.48 76.12
N HIS N 45 -30.54 -19.19 77.23
CA HIS N 45 -29.30 -19.28 78.01
C HIS N 45 -28.33 -20.29 77.43
N GLU N 46 -28.84 -21.46 77.01
CA GLU N 46 -27.96 -22.52 76.52
C GLU N 46 -27.32 -22.14 75.20
N VAL N 47 -28.06 -21.49 74.31
CA VAL N 47 -27.49 -21.06 73.04
C VAL N 47 -26.49 -19.94 73.29
N THR N 48 -25.37 -20.00 72.59
CA THR N 48 -24.29 -19.04 72.71
C THR N 48 -23.92 -18.59 71.29
N PRO N 49 -23.36 -17.40 71.16
CA PRO N 49 -23.10 -16.87 69.80
C PRO N 49 -22.15 -17.79 69.04
N LYS N 50 -22.34 -17.84 67.72
CA LYS N 50 -21.46 -18.64 66.86
C LYS N 50 -20.34 -17.70 66.45
N ASN N 51 -19.18 -17.87 67.07
CA ASN N 51 -18.04 -17.01 66.78
C ASN N 51 -17.39 -17.41 65.47
N ILE N 52 -16.78 -16.44 64.80
CA ILE N 52 -16.21 -16.63 63.48
C ILE N 52 -14.71 -16.38 63.54
N LEU N 53 -13.97 -17.16 62.76
CA LEU N 53 -12.52 -16.99 62.61
C LEU N 53 -12.25 -16.68 61.14
N MET N 54 -11.91 -15.42 60.86
CA MET N 54 -11.52 -15.04 59.51
C MET N 54 -10.07 -15.41 59.25
N ILE N 55 -9.80 -15.80 58.00
CA ILE N 55 -8.48 -16.29 57.59
C ILE N 55 -8.20 -15.73 56.21
N GLY N 56 -7.00 -15.19 56.02
CA GLY N 56 -6.58 -14.68 54.73
C GLY N 56 -5.49 -13.63 54.83
N PRO N 57 -4.98 -13.22 53.68
CA PRO N 57 -3.96 -12.17 53.67
C PRO N 57 -4.53 -10.83 54.07
N THR N 58 -3.65 -9.96 54.54
CA THR N 58 -4.06 -8.67 55.05
C THR N 58 -4.70 -7.81 53.96
N GLY N 59 -5.63 -6.96 54.39
CA GLY N 59 -6.20 -5.96 53.50
C GLY N 59 -7.28 -6.45 52.56
N VAL N 60 -7.82 -7.64 52.78
CA VAL N 60 -8.83 -8.20 51.88
C VAL N 60 -10.23 -7.89 52.37
N GLY N 61 -10.34 -7.11 53.45
CA GLY N 61 -11.63 -6.67 53.95
C GLY N 61 -12.19 -7.44 55.12
N LYS N 62 -11.36 -8.26 55.79
CA LYS N 62 -11.82 -8.95 56.99
C LYS N 62 -12.39 -7.96 58.01
N THR N 63 -11.65 -6.89 58.29
CA THR N 63 -12.11 -5.91 59.27
C THR N 63 -13.30 -5.12 58.75
N GLU N 64 -13.32 -4.80 57.47
CA GLU N 64 -14.41 -3.99 56.93
C GLU N 64 -15.74 -4.72 57.06
N ILE N 65 -15.72 -6.05 56.91
CA ILE N 65 -16.93 -6.83 57.11
C ILE N 65 -17.42 -6.69 58.54
N ALA N 66 -16.50 -6.82 59.51
CA ALA N 66 -16.88 -6.67 60.91
C ALA N 66 -17.32 -5.24 61.22
N ARG N 67 -16.67 -4.26 60.59
CA ARG N 67 -17.05 -2.86 60.84
C ARG N 67 -18.42 -2.56 60.27
N ARG N 68 -18.63 -2.91 59.00
CA ARG N 68 -19.93 -2.69 58.39
C ARG N 68 -21.01 -3.56 59.03
N LEU N 69 -20.64 -4.74 59.55
CA LEU N 69 -21.63 -5.58 60.22
C LEU N 69 -22.14 -4.94 61.50
N ALA N 70 -21.21 -4.46 62.34
CA ALA N 70 -21.63 -3.77 63.55
C ALA N 70 -22.34 -2.46 63.24
N LYS N 71 -21.83 -1.73 62.25
CA LYS N 71 -22.51 -0.52 61.81
C LYS N 71 -23.89 -0.82 61.24
N LEU N 72 -24.06 -1.97 60.61
CA LEU N 72 -25.37 -2.37 60.10
C LEU N 72 -26.33 -2.66 61.24
N ALA N 73 -25.84 -3.28 62.31
CA ALA N 73 -26.66 -3.61 63.46
C ALA N 73 -26.73 -2.49 64.48
N ASN N 74 -26.01 -1.39 64.26
CA ASN N 74 -25.87 -0.32 65.25
C ASN N 74 -25.29 -0.82 66.56
N ALA N 75 -24.55 -1.92 66.52
CA ALA N 75 -23.99 -2.57 67.68
C ALA N 75 -22.69 -1.91 68.11
N PRO N 76 -22.35 -2.01 69.40
CA PRO N 76 -21.00 -1.60 69.82
C PRO N 76 -19.95 -2.47 69.17
N PHE N 77 -18.79 -1.87 68.88
CA PHE N 77 -17.74 -2.56 68.16
C PHE N 77 -16.39 -2.04 68.63
N ILE N 78 -15.40 -2.92 68.61
CA ILE N 78 -14.03 -2.57 68.93
C ILE N 78 -13.10 -3.53 68.20
N LYS N 79 -11.98 -3.00 67.71
CA LYS N 79 -10.91 -3.80 67.11
C LYS N 79 -9.71 -3.78 68.05
N VAL N 80 -9.21 -4.96 68.40
CA VAL N 80 -8.11 -5.11 69.34
C VAL N 80 -7.03 -5.98 68.70
N GLU N 81 -5.78 -5.56 68.80
CA GLU N 81 -4.65 -6.35 68.32
C GLU N 81 -4.24 -7.36 69.39
N ALA N 82 -4.27 -8.63 69.04
CA ALA N 82 -3.99 -9.69 70.02
C ALA N 82 -2.57 -9.59 70.57
N THR N 83 -1.64 -9.04 69.78
CA THR N 83 -0.26 -8.91 70.22
C THR N 83 -0.08 -7.83 71.28
N LYS N 84 -1.10 -6.99 71.52
CA LYS N 84 -0.99 -5.96 72.54
C LYS N 84 -0.79 -6.55 73.94
N PHE N 85 -1.29 -7.76 74.19
CA PHE N 85 -1.26 -8.38 75.50
C PHE N 85 -0.02 -9.24 75.73
N THR N 86 0.88 -9.34 74.74
CA THR N 86 2.10 -10.12 74.93
C THR N 86 3.01 -9.52 75.99
N GLU N 87 3.00 -8.19 76.11
CA GLU N 87 3.88 -7.48 77.03
C GLU N 87 3.31 -7.44 78.45
N GLY N 92 2.27 -5.28 81.70
CA GLY N 92 1.43 -5.20 80.51
C GLY N 92 -0.03 -4.96 80.83
N LYS N 93 -0.83 -4.75 79.79
CA LYS N 93 -2.24 -4.47 79.95
C LYS N 93 -3.03 -5.75 80.24
N GLU N 94 -4.10 -5.60 81.01
CA GLU N 94 -4.98 -6.72 81.31
C GLU N 94 -5.95 -6.96 80.15
N VAL N 95 -6.32 -8.23 79.97
CA VAL N 95 -7.23 -8.60 78.90
C VAL N 95 -8.63 -8.04 79.13
N ASP N 96 -9.00 -7.79 80.39
CA ASP N 96 -10.34 -7.29 80.70
C ASP N 96 -10.59 -5.91 80.10
N SER N 97 -9.53 -5.19 79.71
CA SER N 97 -9.68 -3.87 79.11
C SER N 97 -10.49 -3.90 77.82
N ILE N 98 -10.55 -5.05 77.14
CA ILE N 98 -11.34 -5.18 75.93
C ILE N 98 -12.80 -4.82 76.19
N ILE N 99 -13.38 -5.43 77.23
CA ILE N 99 -14.78 -5.13 77.58
C ILE N 99 -14.91 -3.70 78.10
N ARG N 100 -13.88 -3.19 78.80
CA ARG N 100 -13.94 -1.82 79.29
C ARG N 100 -13.96 -0.82 78.16
N ASP N 101 -13.05 -0.97 77.19
CA ASP N 101 -13.02 -0.06 76.05
C ASP N 101 -14.25 -0.22 75.15
N LEU N 102 -14.81 -1.44 75.09
CA LEU N 102 -16.03 -1.65 74.31
C LEU N 102 -17.21 -0.89 74.90
N THR N 103 -17.36 -0.94 76.22
CA THR N 103 -18.45 -0.21 76.87
C THR N 103 -18.25 1.31 76.74
N ASP N 104 -17.00 1.76 76.75
CA ASP N 104 -16.75 3.18 76.56
C ASP N 104 -17.14 3.64 75.16
N ALA N 105 -16.97 2.76 74.17
CA ALA N 105 -17.48 3.06 72.83
C ALA N 105 -19.00 2.96 72.79
N ALA N 106 -19.57 1.99 73.50
CA ALA N 106 -21.03 1.88 73.57
C ALA N 106 -21.65 3.04 74.33
N VAL N 107 -20.97 3.57 75.35
CA VAL N 107 -21.49 4.74 76.07
C VAL N 107 -21.58 5.94 75.16
N LYS N 108 -20.49 6.24 74.44
CA LYS N 108 -20.50 7.36 73.51
C LYS N 108 -21.44 7.10 72.33
N MET N 109 -21.67 5.84 71.99
CA MET N 109 -22.59 5.52 70.89
C MET N 109 -24.04 5.78 71.30
N VAL N 110 -24.45 5.27 72.46
CA VAL N 110 -25.82 5.47 72.91
C VAL N 110 -26.07 6.93 73.31
N ARG N 111 -25.01 7.63 73.74
CA ARG N 111 -25.18 9.02 74.16
C ARG N 111 -25.40 9.94 72.97
N VAL N 112 -24.55 9.84 71.94
CA VAL N 112 -24.71 10.68 70.75
C VAL N 112 -26.01 10.35 70.04
N GLN N 113 -26.40 9.08 70.02
CA GLN N 113 -27.69 8.72 69.44
C GLN N 113 -28.85 9.23 70.27
N ALA N 114 -28.68 9.30 71.61
CA ALA N 114 -29.71 9.90 72.44
C ALA N 114 -29.82 11.40 72.22
N ILE N 115 -28.68 12.06 71.93
CA ILE N 115 -28.71 13.48 71.58
C ILE N 115 -29.49 13.70 70.29
N GLU N 116 -29.46 12.72 69.37
CA GLU N 116 -30.22 12.83 68.13
C GLU N 116 -31.73 12.88 68.40
N LYS N 117 -32.21 12.05 69.34
CA LYS N 117 -33.62 12.14 69.74
C LYS N 117 -33.92 13.46 70.43
N ASN N 118 -32.94 14.02 71.13
CA ASN N 118 -33.15 15.27 71.86
C ASN N 118 -33.04 16.51 70.97
N ARG N 119 -32.38 16.40 69.81
CA ARG N 119 -32.11 17.55 68.94
C ARG N 119 -33.37 18.38 68.67
N TYR N 120 -34.31 17.82 67.91
CA TYR N 120 -35.57 18.50 67.66
C TYR N 120 -36.36 18.72 68.94
N ARG N 121 -36.25 17.80 69.89
CA ARG N 121 -37.02 17.91 71.12
C ARG N 121 -36.50 19.04 72.01
N ALA N 122 -35.17 19.13 72.17
CA ALA N 122 -34.60 20.23 72.94
C ALA N 122 -34.84 21.57 72.25
N GLU N 123 -34.87 21.58 70.92
CA GLU N 123 -35.22 22.79 70.18
C GLU N 123 -36.64 23.24 70.53
N GLU N 124 -37.60 22.31 70.46
CA GLU N 124 -38.98 22.63 70.79
C GLU N 124 -39.10 23.22 72.18
N LEU N 125 -38.42 22.62 73.17
CA LEU N 125 -38.58 23.10 74.54
C LEU N 125 -37.83 24.40 74.77
N ALA N 126 -36.72 24.61 74.06
CA ALA N 126 -36.09 25.93 74.05
C ALA N 126 -37.04 26.98 73.49
N GLU N 127 -37.80 26.60 72.45
CA GLU N 127 -38.86 27.48 71.94
C GLU N 127 -39.95 27.67 72.99
N GLU N 128 -40.26 26.62 73.76
CA GLU N 128 -41.24 26.76 74.83
C GLU N 128 -40.74 27.72 75.90
N ARG N 129 -39.46 27.61 76.27
CA ARG N 129 -38.90 28.53 77.26
C ARG N 129 -38.90 29.96 76.75
N ILE N 130 -38.65 30.16 75.45
CA ILE N 130 -38.65 31.52 74.92
C ILE N 130 -40.05 32.09 74.90
N LEU N 131 -41.06 31.25 74.65
CA LEU N 131 -42.44 31.72 74.73
C LEU N 131 -42.82 32.08 76.17
N ASP N 132 -42.26 31.35 77.13
CA ASP N 132 -42.54 31.64 78.53
C ASP N 132 -41.91 32.95 78.97
N VAL N 133 -40.70 33.25 78.47
CA VAL N 133 -40.04 34.49 78.86
C VAL N 133 -40.69 35.68 78.18
N LEU N 134 -41.24 35.49 76.98
CA LEU N 134 -42.00 36.54 76.33
C LEU N 134 -43.29 36.83 77.09
N ILE N 135 -44.04 35.79 77.42
CA ILE N 135 -45.26 35.95 78.20
C ILE N 135 -45.24 35.08 79.44
N GLU N 227 -29.97 21.82 79.12
CA GLU N 227 -30.83 21.48 80.24
C GLU N 227 -31.99 20.61 79.81
N GLU N 228 -32.48 20.84 78.59
CA GLU N 228 -33.64 20.08 78.12
C GLU N 228 -33.26 18.68 77.64
N ALA N 229 -32.21 18.58 76.81
CA ALA N 229 -31.68 17.28 76.44
C ALA N 229 -31.34 16.44 77.68
N ALA N 230 -30.87 17.09 78.75
CA ALA N 230 -30.69 16.40 80.02
C ALA N 230 -32.03 16.06 80.65
N LYS N 231 -33.01 16.97 80.56
CA LYS N 231 -34.33 16.69 81.10
C LYS N 231 -35.02 15.57 80.31
N LEU N 232 -34.81 15.53 79.00
CA LEU N 232 -35.43 14.50 78.16
C LEU N 232 -34.67 13.17 78.24
N VAL N 233 -33.34 13.22 78.33
CA VAL N 233 -32.56 11.99 78.36
C VAL N 233 -32.75 11.32 79.72
N ASN N 234 -32.60 10.00 79.74
CA ASN N 234 -32.75 9.22 80.96
C ASN N 234 -31.40 8.58 81.28
N PRO N 235 -30.69 9.04 82.30
CA PRO N 235 -29.35 8.50 82.54
C PRO N 235 -29.36 7.06 83.05
N GLU N 236 -30.32 6.68 83.89
CA GLU N 236 -30.41 5.29 84.31
C GLU N 236 -30.87 4.40 83.16
N GLU N 237 -31.60 4.94 82.20
CA GLU N 237 -31.95 4.22 80.99
C GLU N 237 -30.88 4.33 79.90
N LEU N 238 -29.91 5.24 80.04
CA LEU N 238 -28.85 5.42 79.05
C LEU N 238 -27.59 4.64 79.40
N LYS N 239 -26.98 4.93 80.55
CA LYS N 239 -25.80 4.17 80.98
C LYS N 239 -26.12 2.68 81.12
N GLN N 240 -27.37 2.35 81.46
CA GLN N 240 -27.80 0.95 81.44
C GLN N 240 -28.14 0.46 80.04
N ASP N 241 -28.37 1.38 79.08
CA ASP N 241 -28.62 0.97 77.70
C ASP N 241 -27.34 0.51 77.03
N ALA N 242 -26.23 1.22 77.27
CA ALA N 242 -24.95 0.79 76.71
C ALA N 242 -24.55 -0.58 77.23
N ILE N 243 -24.91 -0.89 78.48
CA ILE N 243 -24.65 -2.23 79.00
C ILE N 243 -25.50 -3.26 78.25
N ASP N 244 -26.79 -2.96 78.04
CA ASP N 244 -27.62 -3.85 77.25
C ASP N 244 -27.16 -3.92 75.81
N ALA N 245 -26.65 -2.80 75.28
CA ALA N 245 -26.10 -2.80 73.92
C ALA N 245 -24.84 -3.65 73.84
N VAL N 246 -24.03 -3.65 74.90
CA VAL N 246 -22.82 -4.46 74.90
C VAL N 246 -23.16 -5.94 75.10
N GLU N 247 -24.00 -6.24 76.10
CA GLU N 247 -24.28 -7.63 76.41
C GLU N 247 -25.06 -8.29 75.28
N GLN N 248 -26.10 -7.64 74.78
CA GLN N 248 -26.93 -8.27 73.75
C GLN N 248 -26.32 -8.14 72.36
N HIS N 249 -25.92 -6.94 71.98
CA HIS N 249 -25.50 -6.65 70.62
C HIS N 249 -23.99 -6.58 70.42
N GLY N 250 -23.22 -6.72 71.49
CA GLY N 250 -21.80 -6.38 71.40
C GLY N 250 -21.05 -7.23 70.40
N ILE N 251 -20.02 -6.61 69.80
CA ILE N 251 -19.16 -7.26 68.81
C ILE N 251 -17.73 -6.85 69.09
N VAL N 252 -16.81 -7.81 68.94
CA VAL N 252 -15.38 -7.58 69.15
C VAL N 252 -14.62 -8.26 68.02
N PHE N 253 -13.69 -7.53 67.42
CA PHE N 253 -12.84 -8.05 66.36
C PHE N 253 -11.42 -8.17 66.89
N ILE N 254 -10.89 -9.40 66.90
CA ILE N 254 -9.54 -9.66 67.37
C ILE N 254 -8.68 -9.88 66.13
N ASP N 255 -7.86 -8.88 65.81
CA ASP N 255 -6.99 -8.97 64.65
C ASP N 255 -5.76 -9.82 64.97
N GLU N 256 -5.16 -10.39 63.92
CA GLU N 256 -3.87 -11.09 64.00
C GLU N 256 -3.81 -12.09 65.16
N ILE N 257 -4.89 -12.87 65.29
CA ILE N 257 -4.92 -13.93 66.31
C ILE N 257 -3.92 -15.04 66.01
N ASP N 258 -3.52 -15.19 64.74
CA ASP N 258 -2.59 -16.26 64.38
C ASP N 258 -1.22 -16.06 65.01
N LYS N 259 -0.87 -14.84 65.38
CA LYS N 259 0.46 -14.55 65.91
C LYS N 259 0.64 -14.98 67.36
N ILE N 260 -0.45 -15.33 68.06
CA ILE N 260 -0.35 -15.83 69.42
C ILE N 260 -0.32 -17.34 69.49
N CYS N 261 -0.25 -18.02 68.35
CA CYS N 261 -0.11 -19.47 68.35
C CYS N 261 1.34 -19.88 68.62
N PRO N 269 8.48 -17.77 74.11
CA PRO N 269 7.30 -17.05 73.65
C PRO N 269 6.03 -17.90 73.65
N ASP N 270 6.17 -19.21 73.43
CA ASP N 270 5.00 -20.09 73.36
C ASP N 270 4.20 -20.08 74.66
N VAL N 271 4.85 -19.86 75.80
CA VAL N 271 4.11 -19.73 77.05
C VAL N 271 3.38 -18.39 77.11
N SER N 272 4.08 -17.31 76.76
CA SER N 272 3.44 -15.99 76.72
C SER N 272 2.41 -15.89 75.61
N ARG N 273 2.63 -16.56 74.47
CA ARG N 273 1.65 -16.54 73.40
C ARG N 273 0.38 -17.28 73.80
N GLU N 274 0.54 -18.53 74.24
CA GLU N 274 -0.61 -19.32 74.68
C GLU N 274 -1.21 -18.78 75.97
N GLY N 275 -0.45 -18.02 76.76
CA GLY N 275 -1.01 -17.40 77.94
C GLY N 275 -2.06 -16.35 77.58
N VAL N 276 -1.83 -15.60 76.51
CA VAL N 276 -2.83 -14.63 76.06
C VAL N 276 -4.11 -15.33 75.63
N GLN N 277 -3.99 -16.50 75.00
CA GLN N 277 -5.17 -17.27 74.62
C GLN N 277 -5.93 -17.69 75.87
N ARG N 278 -5.19 -18.17 76.87
CA ARG N 278 -5.79 -18.57 78.14
C ARG N 278 -6.43 -17.39 78.83
N ASP N 279 -5.83 -16.20 78.72
CA ASP N 279 -6.45 -15.01 79.28
C ASP N 279 -7.72 -14.61 78.54
N LEU N 280 -7.77 -14.84 77.22
CA LEU N 280 -8.95 -14.55 76.43
C LEU N 280 -10.08 -15.57 76.67
N LEU N 281 -9.75 -16.75 77.18
CA LEU N 281 -10.73 -17.84 77.29
C LEU N 281 -11.98 -17.48 78.08
N PRO N 282 -11.91 -16.86 79.26
CA PRO N 282 -13.15 -16.55 80.00
C PRO N 282 -14.11 -15.66 79.23
N LEU N 283 -13.60 -14.75 78.40
CA LEU N 283 -14.50 -13.84 77.69
C LEU N 283 -15.39 -14.58 76.70
N VAL N 284 -14.86 -15.60 76.04
CA VAL N 284 -15.65 -16.36 75.07
C VAL N 284 -16.48 -17.45 75.74
N GLU N 285 -15.90 -18.13 76.74
CA GLU N 285 -16.64 -19.12 77.51
C GLU N 285 -17.69 -18.48 78.40
N GLY N 286 -17.61 -17.16 78.59
CA GLY N 286 -18.52 -16.40 79.41
C GLY N 286 -17.92 -16.08 80.77
N CYS N 287 -18.20 -14.87 81.25
CA CYS N 287 -17.64 -14.39 82.52
C CYS N 287 -18.33 -13.06 82.82
N THR N 288 -17.85 -12.40 83.88
CA THR N 288 -18.34 -11.08 84.26
C THR N 288 -17.15 -10.17 84.50
N VAL N 289 -17.19 -8.98 83.91
CA VAL N 289 -16.12 -7.99 84.06
C VAL N 289 -16.72 -6.75 84.70
N SER N 290 -15.98 -6.16 85.63
CA SER N 290 -16.43 -4.96 86.31
C SER N 290 -15.95 -3.72 85.58
N THR N 291 -16.84 -2.75 85.44
CA THR N 291 -16.51 -1.48 84.81
C THR N 291 -17.13 -0.35 85.64
N LYS N 292 -16.55 0.84 85.50
CA LYS N 292 -17.11 2.00 86.19
C LYS N 292 -18.52 2.29 85.74
N HIS N 293 -18.84 2.01 84.47
CA HIS N 293 -20.20 2.19 83.96
C HIS N 293 -21.15 1.13 84.47
N GLY N 294 -20.66 -0.02 84.88
CA GLY N 294 -21.53 -1.08 85.37
C GLY N 294 -20.83 -2.42 85.31
N MET N 295 -21.63 -3.46 85.51
CA MET N 295 -21.17 -4.84 85.53
C MET N 295 -21.70 -5.54 84.28
N VAL N 296 -20.79 -5.95 83.39
CA VAL N 296 -21.15 -6.50 82.09
C VAL N 296 -20.86 -8.00 82.08
N LYS N 297 -21.71 -8.73 81.34
CA LYS N 297 -21.51 -10.16 81.13
C LYS N 297 -21.21 -10.41 79.66
N THR N 298 -20.23 -11.28 79.40
CA THR N 298 -19.70 -11.52 78.07
C THR N 298 -20.33 -12.73 77.37
N ASP N 299 -21.33 -13.36 77.99
CA ASP N 299 -21.80 -14.65 77.49
C ASP N 299 -22.33 -14.56 76.06
N HIS N 300 -23.10 -13.52 75.77
CA HIS N 300 -23.78 -13.40 74.49
C HIS N 300 -23.07 -12.46 73.51
N ILE N 301 -21.90 -11.95 73.87
CA ILE N 301 -21.13 -11.11 72.96
C ILE N 301 -20.61 -11.96 71.80
N LEU N 302 -20.67 -11.40 70.59
CA LEU N 302 -20.11 -12.03 69.41
C LEU N 302 -18.68 -11.56 69.19
N PHE N 303 -17.84 -12.47 68.72
CA PHE N 303 -16.43 -12.19 68.51
C PHE N 303 -16.01 -12.62 67.11
N ILE N 304 -15.06 -11.89 66.55
CA ILE N 304 -14.52 -12.19 65.24
C ILE N 304 -12.99 -12.14 65.36
N ALA N 305 -12.35 -13.28 65.20
CA ALA N 305 -10.90 -13.37 65.18
C ALA N 305 -10.41 -13.48 63.75
N SER N 306 -9.24 -12.90 63.48
CA SER N 306 -8.67 -12.90 62.14
C SER N 306 -7.16 -13.09 62.22
N GLY N 307 -6.62 -13.75 61.20
CA GLY N 307 -5.20 -13.96 61.09
C GLY N 307 -4.81 -14.50 59.74
N ALA N 308 -3.57 -14.24 59.30
CA ALA N 308 -3.11 -14.79 58.04
C ALA N 308 -2.94 -16.30 58.11
N PHE N 309 -2.52 -16.82 59.28
CA PHE N 309 -2.32 -18.25 59.50
C PHE N 309 -1.38 -18.86 58.47
N GLN N 310 -0.39 -18.08 58.02
CA GLN N 310 0.66 -18.64 57.17
C GLN N 310 1.76 -19.30 57.99
N ILE N 311 2.10 -18.71 59.14
CA ILE N 311 3.10 -19.31 60.02
C ILE N 311 2.50 -20.44 60.84
N ALA N 312 1.28 -20.24 61.33
CA ALA N 312 0.58 -21.19 62.19
C ALA N 312 -0.78 -21.50 61.58
N LYS N 313 -1.52 -22.38 62.24
CA LYS N 313 -2.83 -22.81 61.77
C LYS N 313 -3.81 -22.81 62.91
N PRO N 314 -5.12 -22.73 62.64
CA PRO N 314 -6.11 -22.74 63.73
C PRO N 314 -6.02 -23.96 64.65
N SER N 315 -5.55 -25.11 64.15
CA SER N 315 -5.35 -26.26 65.03
C SER N 315 -4.34 -25.98 66.14
N ASP N 316 -3.40 -25.07 65.91
CA ASP N 316 -2.40 -24.70 66.90
C ASP N 316 -2.95 -23.87 68.05
N LEU N 317 -4.16 -23.33 67.93
CA LEU N 317 -4.76 -22.60 69.03
C LEU N 317 -5.05 -23.57 70.17
N ILE N 318 -5.14 -23.02 71.38
CA ILE N 318 -5.40 -23.91 72.51
C ILE N 318 -6.76 -24.56 72.29
N PRO N 319 -6.96 -25.83 72.68
CA PRO N 319 -8.19 -26.51 72.29
C PRO N 319 -9.45 -25.82 72.80
N GLU N 320 -9.44 -25.27 74.01
CA GLU N 320 -10.64 -24.59 74.52
C GLU N 320 -11.02 -23.41 73.66
N LEU N 321 -10.07 -22.83 72.92
CA LEU N 321 -10.39 -21.73 72.02
C LEU N 321 -10.93 -22.22 70.68
N GLN N 322 -10.45 -23.39 70.22
CA GLN N 322 -10.90 -23.91 68.93
C GLN N 322 -12.39 -24.24 68.94
N GLY N 323 -12.92 -24.71 70.08
CA GLY N 323 -14.32 -25.05 70.18
C GLY N 323 -15.24 -23.87 70.41
N ARG N 324 -14.69 -22.71 70.74
CA ARG N 324 -15.46 -21.49 70.89
C ARG N 324 -15.50 -20.67 69.60
N LEU N 325 -14.98 -21.22 68.50
CA LEU N 325 -15.00 -20.56 67.19
C LEU N 325 -15.66 -21.51 66.20
N PRO N 326 -16.98 -21.71 66.34
CA PRO N 326 -17.67 -22.71 65.51
C PRO N 326 -17.60 -22.43 64.02
N ILE N 327 -17.63 -21.17 63.61
CA ILE N 327 -17.69 -20.82 62.20
C ILE N 327 -16.30 -20.44 61.72
N ARG N 328 -15.86 -21.06 60.62
CA ARG N 328 -14.58 -20.80 60.00
C ARG N 328 -14.81 -20.41 58.55
N VAL N 329 -14.04 -19.44 58.07
CA VAL N 329 -14.14 -18.98 56.68
C VAL N 329 -12.79 -18.44 56.25
N GLU N 330 -12.42 -18.70 55.00
CA GLU N 330 -11.22 -18.15 54.39
C GLU N 330 -11.61 -17.07 53.39
N LEU N 331 -10.91 -15.95 53.44
CA LEU N 331 -11.15 -14.84 52.51
C LEU N 331 -10.14 -14.89 51.40
N GLN N 332 -10.61 -14.77 50.17
CA GLN N 332 -9.76 -14.89 48.99
C GLN N 332 -8.98 -13.60 48.74
N ALA N 333 -7.82 -13.75 48.09
CA ALA N 333 -7.02 -12.60 47.69
C ALA N 333 -7.72 -11.85 46.55
N LEU N 334 -7.62 -10.53 46.59
CA LEU N 334 -8.26 -9.70 45.57
C LEU N 334 -7.44 -9.73 44.28
N THR N 335 -8.12 -9.83 43.15
CA THR N 335 -7.48 -9.86 41.84
C THR N 335 -7.48 -8.46 41.21
N THR N 336 -6.86 -8.37 40.02
CA THR N 336 -6.85 -7.11 39.28
C THR N 336 -8.27 -6.70 38.89
N SER N 337 -9.12 -7.67 38.53
CA SER N 337 -10.50 -7.37 38.20
C SER N 337 -11.26 -6.88 39.43
N ASP N 338 -10.95 -7.45 40.60
CA ASP N 338 -11.58 -6.98 41.83
C ASP N 338 -11.12 -5.57 42.17
N PHE N 339 -9.86 -5.23 41.84
CA PHE N 339 -9.39 -3.87 42.06
C PHE N 339 -10.20 -2.87 41.24
N GLU N 340 -10.50 -3.22 39.98
CA GLU N 340 -11.32 -2.33 39.16
C GLU N 340 -12.71 -2.15 39.75
N ARG N 341 -13.26 -3.22 40.34
CA ARG N 341 -14.58 -3.11 40.97
C ARG N 341 -14.51 -2.27 42.25
N ILE N 342 -13.48 -2.48 43.07
CA ILE N 342 -13.36 -1.74 44.32
C ILE N 342 -13.24 -0.25 44.06
N LEU N 343 -12.63 0.13 42.94
CA LEU N 343 -12.46 1.55 42.63
C LEU N 343 -13.78 2.24 42.35
N THR N 344 -14.79 1.49 41.90
CA THR N 344 -16.01 2.10 41.37
C THR N 344 -17.26 1.58 42.09
N GLU N 345 -17.48 0.27 42.03
CA GLU N 345 -18.73 -0.33 42.49
C GLU N 345 -19.14 0.02 43.92
N PRO N 346 -18.26 -0.02 44.94
CA PRO N 346 -18.73 0.21 46.31
C PRO N 346 -19.33 1.58 46.47
N ASN N 347 -20.35 1.67 47.33
CA ASN N 347 -20.92 2.96 47.66
C ASN N 347 -19.84 3.83 48.31
N ALA N 348 -19.75 5.08 47.87
CA ALA N 348 -18.70 6.01 48.33
C ALA N 348 -17.29 5.46 48.10
N SER N 349 -17.06 4.89 46.92
CA SER N 349 -15.75 4.38 46.56
C SER N 349 -14.75 5.54 46.42
N ILE N 350 -13.46 5.19 46.56
CA ILE N 350 -12.41 6.20 46.59
C ILE N 350 -12.39 7.05 45.32
N THR N 351 -12.76 6.48 44.17
CA THR N 351 -12.89 7.29 42.96
C THR N 351 -14.06 8.27 43.07
N VAL N 352 -15.19 7.81 43.61
CA VAL N 352 -16.32 8.72 43.84
C VAL N 352 -15.95 9.78 44.87
N GLN N 353 -15.13 9.43 45.86
CA GLN N 353 -14.71 10.41 46.86
C GLN N 353 -13.86 11.50 46.21
N TYR N 354 -12.92 11.10 45.35
CA TYR N 354 -12.09 12.08 44.65
C TYR N 354 -12.90 12.93 43.69
N LYS N 355 -13.95 12.36 43.10
CA LYS N 355 -14.77 13.11 42.13
C LYS N 355 -15.49 14.26 42.80
N ALA N 356 -16.20 13.98 43.90
CA ALA N 356 -16.88 15.05 44.62
C ALA N 356 -15.91 16.03 45.27
N LEU N 357 -14.73 15.55 45.69
CA LEU N 357 -13.73 16.44 46.25
C LEU N 357 -13.30 17.49 45.24
N MET N 358 -12.99 17.06 44.01
CA MET N 358 -12.68 18.02 42.96
C MET N 358 -13.93 18.81 42.57
N ALA N 359 -15.11 18.21 42.71
CA ALA N 359 -16.34 18.95 42.50
C ALA N 359 -16.48 20.09 43.49
N THR N 360 -15.90 19.95 44.69
CA THR N 360 -15.93 21.05 45.66
C THR N 360 -15.19 22.26 45.12
N GLU N 361 -14.16 22.04 44.30
CA GLU N 361 -13.39 23.11 43.68
C GLU N 361 -14.02 23.62 42.38
N GLY N 362 -15.16 23.08 41.97
CA GLY N 362 -15.73 23.45 40.69
C GLY N 362 -15.21 22.64 39.52
N VAL N 363 -14.42 21.60 39.77
CA VAL N 363 -13.83 20.76 38.75
C VAL N 363 -14.64 19.47 38.65
N ASN N 364 -14.73 18.93 37.44
CA ASN N 364 -15.47 17.70 37.17
C ASN N 364 -14.48 16.63 36.74
N ILE N 365 -14.28 15.63 37.60
CA ILE N 365 -13.41 14.50 37.29
C ILE N 365 -14.22 13.40 36.66
N GLU N 366 -13.64 12.72 35.68
CA GLU N 366 -14.26 11.55 35.05
C GLU N 366 -13.16 10.57 34.71
N PHE N 367 -13.35 9.31 35.12
CA PHE N 367 -12.38 8.25 34.88
C PHE N 367 -12.88 7.34 33.76
N THR N 368 -12.03 7.09 32.78
CA THR N 368 -12.33 6.13 31.72
C THR N 368 -12.18 4.71 32.24
N ASP N 369 -12.92 3.79 31.61
CA ASP N 369 -12.81 2.38 31.98
C ASP N 369 -11.40 1.87 31.81
N SER N 370 -10.72 2.25 30.72
CA SER N 370 -9.32 1.88 30.55
C SER N 370 -8.43 2.62 31.54
N GLY N 371 -8.82 3.83 31.95
CA GLY N 371 -8.06 4.52 32.97
C GLY N 371 -8.19 3.87 34.34
N ILE N 372 -9.40 3.39 34.66
CA ILE N 372 -9.59 2.59 35.87
C ILE N 372 -8.84 1.26 35.74
N LYS N 373 -8.84 0.68 34.53
CA LYS N 373 -8.18 -0.60 34.32
C LYS N 373 -6.67 -0.50 34.53
N ARG N 374 -6.07 0.64 34.15
CA ARG N 374 -4.62 0.80 34.29
C ARG N 374 -4.21 1.23 35.68
N ILE N 375 -5.14 1.72 36.50
CA ILE N 375 -4.84 1.97 37.91
C ILE N 375 -4.78 0.65 38.66
N ALA N 376 -5.75 -0.24 38.41
CA ALA N 376 -5.74 -1.56 39.05
C ALA N 376 -4.51 -2.35 38.65
N GLU N 377 -4.10 -2.26 37.38
CA GLU N 377 -2.87 -2.91 36.94
C GLU N 377 -1.63 -2.30 37.58
N ALA N 378 -1.67 -0.99 37.86
CA ALA N 378 -0.53 -0.34 38.51
C ALA N 378 -0.39 -0.79 39.95
N ALA N 379 -1.50 -0.84 40.70
CA ALA N 379 -1.44 -1.29 42.09
C ALA N 379 -1.08 -2.76 42.18
N TRP N 380 -1.49 -3.57 41.20
CA TRP N 380 -1.14 -4.98 41.20
C TRP N 380 0.35 -5.18 40.98
N GLN N 381 0.94 -4.39 40.07
CA GLN N 381 2.35 -4.56 39.76
C GLN N 381 3.22 -4.23 40.98
N VAL N 382 2.81 -3.22 41.76
CA VAL N 382 3.59 -2.86 42.95
C VAL N 382 3.53 -3.96 44.00
N ASN N 383 2.34 -4.54 44.20
CA ASN N 383 2.21 -5.64 45.16
C ASN N 383 3.03 -6.85 44.76
N GLU N 384 3.14 -7.12 43.46
CA GLU N 384 3.97 -8.23 42.98
C GLU N 384 5.44 -7.86 42.93
N SER N 385 5.76 -6.63 42.47
CA SER N 385 7.16 -6.26 42.32
C SER N 385 7.86 -6.14 43.67
N THR N 386 7.16 -5.72 44.72
CA THR N 386 7.82 -5.52 46.00
C THR N 386 7.14 -6.33 47.10
N GLU N 387 6.04 -5.81 47.64
CA GLU N 387 5.31 -6.43 48.73
C GLU N 387 3.82 -6.28 48.50
N ASN N 388 3.07 -7.34 48.80
CA ASN N 388 1.64 -7.36 48.53
C ASN N 388 0.91 -6.86 49.77
N ILE N 389 0.35 -5.65 49.69
CA ILE N 389 -0.42 -5.07 50.78
C ILE N 389 -1.92 -5.20 50.56
N GLY N 390 -2.35 -5.86 49.49
CA GLY N 390 -3.77 -5.96 49.20
C GLY N 390 -4.33 -4.68 48.60
N ALA N 391 -5.63 -4.50 48.80
CA ALA N 391 -6.34 -3.36 48.22
C ALA N 391 -5.85 -2.02 48.75
N ARG N 392 -5.09 -2.01 49.85
CA ARG N 392 -4.55 -0.76 50.35
C ARG N 392 -3.65 -0.06 49.33
N ARG N 393 -3.05 -0.83 48.41
CA ARG N 393 -2.21 -0.24 47.38
C ARG N 393 -3.00 0.71 46.48
N LEU N 394 -4.30 0.46 46.32
CA LEU N 394 -5.12 1.34 45.49
C LEU N 394 -5.15 2.77 46.02
N HIS N 395 -5.09 2.93 47.35
CA HIS N 395 -5.11 4.27 47.92
C HIS N 395 -3.82 5.02 47.60
N THR N 396 -2.67 4.36 47.74
CA THR N 396 -1.40 5.03 47.51
C THR N 396 -1.21 5.40 46.04
N VAL N 397 -1.68 4.53 45.12
CA VAL N 397 -1.50 4.78 43.70
C VAL N 397 -2.41 5.91 43.22
N LEU N 398 -3.65 5.95 43.69
CA LEU N 398 -4.60 6.94 43.22
C LEU N 398 -4.18 8.36 43.63
N GLU N 399 -3.75 8.53 44.89
CA GLU N 399 -3.33 9.85 45.35
C GLU N 399 -2.08 10.32 44.62
N ARG N 400 -1.16 9.39 44.29
CA ARG N 400 0.01 9.75 43.50
C ARG N 400 -0.39 10.20 42.11
N LEU N 401 -1.45 9.61 41.55
CA LEU N 401 -1.93 10.01 40.23
C LEU N 401 -2.64 11.36 40.27
N MET N 402 -3.45 11.59 41.31
CA MET N 402 -4.29 12.78 41.39
C MET N 402 -3.63 13.96 42.08
N GLU N 403 -2.38 13.80 42.54
CA GLU N 403 -1.73 14.86 43.30
C GLU N 403 -1.59 16.15 42.50
N GLU N 404 -1.39 16.05 41.19
CA GLU N 404 -1.24 17.26 40.38
C GLU N 404 -2.58 17.97 40.20
N ILE N 405 -3.66 17.19 40.00
CA ILE N 405 -4.99 17.80 39.93
C ILE N 405 -5.39 18.32 41.30
N SER N 406 -5.12 17.55 42.35
CA SER N 406 -5.48 17.96 43.70
C SER N 406 -4.73 19.24 44.08
N TYR N 407 -3.57 19.46 43.49
CA TYR N 407 -2.84 20.70 43.78
C TYR N 407 -3.45 21.88 43.03
N ASP N 408 -3.81 21.68 41.76
CA ASP N 408 -4.28 22.77 40.91
C ASP N 408 -5.80 22.95 40.88
N ALA N 409 -6.57 22.14 41.60
CA ALA N 409 -8.03 22.14 41.44
C ALA N 409 -8.65 23.51 41.70
N SER N 410 -8.00 24.34 42.53
CA SER N 410 -8.52 25.67 42.78
C SER N 410 -8.52 26.51 41.51
N ASP N 411 -7.40 26.49 40.77
CA ASP N 411 -7.29 27.27 39.55
C ASP N 411 -8.03 26.63 38.38
N LEU N 412 -8.37 25.34 38.49
CA LEU N 412 -9.05 24.62 37.44
C LEU N 412 -10.56 24.68 37.55
N SER N 413 -11.10 25.51 38.46
CA SER N 413 -12.53 25.58 38.65
C SER N 413 -13.25 25.89 37.35
N GLY N 414 -14.39 25.23 37.13
CA GLY N 414 -15.16 25.40 35.92
C GLY N 414 -14.68 24.62 34.72
N GLN N 415 -13.73 23.70 34.90
CA GLN N 415 -13.20 22.87 33.83
C GLN N 415 -13.57 21.41 34.06
N ASN N 416 -13.62 20.66 32.96
CA ASN N 416 -13.92 19.23 33.00
C ASN N 416 -12.65 18.46 32.68
N ILE N 417 -12.10 17.78 33.68
CA ILE N 417 -10.90 16.97 33.53
C ILE N 417 -11.31 15.53 33.30
N THR N 418 -10.55 14.83 32.45
CA THR N 418 -10.81 13.44 32.11
C THR N 418 -9.55 12.63 32.39
N ILE N 419 -9.68 11.61 33.23
CA ILE N 419 -8.57 10.71 33.54
C ILE N 419 -8.66 9.54 32.56
N ASP N 420 -7.71 9.49 31.64
CA ASP N 420 -7.68 8.46 30.61
C ASP N 420 -6.48 7.54 30.82
N ALA N 421 -6.39 6.52 29.97
CA ALA N 421 -5.28 5.57 30.06
C ALA N 421 -3.95 6.27 29.81
N ASP N 422 -3.95 7.24 28.89
CA ASP N 422 -2.73 8.01 28.62
C ASP N 422 -2.33 8.85 29.83
N TYR N 423 -3.31 9.38 30.57
CA TYR N 423 -3.00 10.16 31.75
C TYR N 423 -2.45 9.27 32.85
N VAL N 424 -3.01 8.07 32.99
CA VAL N 424 -2.54 7.14 34.01
C VAL N 424 -1.10 6.72 33.74
N SER N 425 -0.81 6.35 32.50
CA SER N 425 0.54 5.94 32.14
C SER N 425 1.55 7.08 32.27
N LYS N 426 1.11 8.32 32.09
CA LYS N 426 2.02 9.46 32.14
C LYS N 426 2.55 9.71 33.55
N HIS N 427 1.68 9.64 34.56
CA HIS N 427 2.05 9.97 35.93
C HIS N 427 2.53 8.78 36.74
N LEU N 428 2.39 7.57 36.21
CA LEU N 428 2.63 6.34 36.98
C LEU N 428 3.75 5.49 36.40
N ASP N 429 3.64 5.04 35.15
CA ASP N 429 4.55 4.04 34.59
C ASP N 429 6.02 4.36 34.86
N ALA N 430 6.38 5.64 34.89
CA ALA N 430 7.75 6.01 35.24
C ALA N 430 8.08 5.63 36.68
N LEU N 431 7.09 5.64 37.57
CA LEU N 431 7.31 5.29 38.96
C LEU N 431 7.26 3.78 39.16
N SER O 1 -8.16 27.36 56.61
CA SER O 1 -7.71 28.37 55.67
C SER O 1 -8.05 27.97 54.24
N GLU O 2 -8.41 28.95 53.43
CA GLU O 2 -8.82 28.73 52.05
C GLU O 2 -7.67 28.89 51.04
N MET O 3 -6.44 29.08 51.53
CA MET O 3 -5.29 29.25 50.66
C MET O 3 -5.21 28.10 49.65
N THR O 4 -5.01 28.45 48.38
CA THR O 4 -4.80 27.46 47.35
C THR O 4 -3.40 26.86 47.49
N PRO O 5 -3.18 25.66 46.96
CA PRO O 5 -1.87 25.00 47.16
C PRO O 5 -0.65 25.78 46.66
N ARG O 6 -0.77 26.55 45.59
CA ARG O 6 0.36 27.39 45.20
C ARG O 6 0.64 28.48 46.24
N GLU O 7 -0.41 29.01 46.87
CA GLU O 7 -0.24 29.99 47.94
C GLU O 7 0.46 29.37 49.16
N ILE O 8 0.28 28.06 49.38
CA ILE O 8 0.96 27.41 50.50
C ILE O 8 2.45 27.27 50.23
N VAL O 9 2.81 26.81 49.04
CA VAL O 9 4.23 26.66 48.70
C VAL O 9 4.93 28.00 48.69
N SER O 10 4.28 29.04 48.18
CA SER O 10 4.89 30.37 48.14
C SER O 10 5.16 30.89 49.54
N GLU O 11 4.27 30.59 50.48
CA GLU O 11 4.50 30.99 51.86
C GLU O 11 5.63 30.17 52.48
N LEU O 12 5.70 28.87 52.14
CA LEU O 12 6.77 28.02 52.66
C LEU O 12 8.13 28.41 52.09
N ASP O 13 8.18 28.94 50.88
CA ASP O 13 9.43 29.41 50.31
C ASP O 13 10.01 30.57 51.11
N LYS O 14 9.17 31.30 51.84
CA LYS O 14 9.65 32.38 52.69
C LYS O 14 10.50 31.86 53.85
N HIS O 15 10.34 30.59 54.23
CA HIS O 15 11.13 30.00 55.30
C HIS O 15 12.04 28.89 54.80
N ILE O 16 11.48 27.81 54.26
CA ILE O 16 12.27 26.71 53.75
C ILE O 16 12.84 27.09 52.38
N ILE O 17 14.05 26.60 52.09
CA ILE O 17 14.70 26.78 50.80
C ILE O 17 14.70 25.45 50.07
N GLY O 18 14.23 25.47 48.83
CA GLY O 18 14.20 24.26 48.02
C GLY O 18 13.19 23.26 48.56
N GLN O 19 13.42 21.99 48.25
CA GLN O 19 12.55 20.90 48.68
C GLN O 19 11.10 21.15 48.23
N ASP O 20 10.94 21.65 47.01
CA ASP O 20 9.62 22.04 46.53
C ASP O 20 8.66 20.87 46.48
N ASN O 21 9.15 19.67 46.16
CA ASN O 21 8.28 18.51 46.10
C ASN O 21 7.64 18.23 47.46
N ALA O 22 8.42 18.35 48.54
CA ALA O 22 7.85 18.23 49.87
C ALA O 22 6.87 19.35 50.17
N LYS O 23 7.12 20.55 49.64
CA LYS O 23 6.18 21.65 49.80
C LYS O 23 4.90 21.39 49.03
N ARG O 24 5.02 20.87 47.80
CA ARG O 24 3.83 20.57 47.02
C ARG O 24 3.02 19.45 47.67
N SER O 25 3.70 18.49 48.30
CA SER O 25 2.99 17.35 48.88
C SER O 25 2.19 17.76 50.12
N VAL O 26 2.80 18.57 50.99
CA VAL O 26 2.09 19.04 52.18
C VAL O 26 0.95 19.99 51.81
N ALA O 27 1.12 20.76 50.74
CA ALA O 27 0.07 21.68 50.33
C ALA O 27 -1.18 20.94 49.87
N ILE O 28 -0.99 19.80 49.19
CA ILE O 28 -2.12 19.00 48.73
C ILE O 28 -2.91 18.47 49.92
N ALA O 29 -2.20 18.11 51.00
CA ALA O 29 -2.88 17.60 52.18
C ALA O 29 -3.68 18.70 52.88
N LEU O 30 -3.08 19.89 53.01
CA LEU O 30 -3.79 20.99 53.65
C LEU O 30 -4.96 21.45 52.81
N ARG O 31 -4.84 21.37 51.47
CA ARG O 31 -5.95 21.78 50.62
C ARG O 31 -7.11 20.79 50.68
N ASN O 32 -6.81 19.50 50.83
CA ASN O 32 -7.88 18.51 50.95
C ASN O 32 -8.73 18.75 52.20
N ARG O 33 -8.16 19.36 53.24
CA ARG O 33 -8.93 19.74 54.43
C ARG O 33 -10.06 20.68 54.06
N TRP O 34 -9.74 21.76 53.35
CA TRP O 34 -10.77 22.72 52.95
C TRP O 34 -11.76 22.09 51.98
N ARG O 35 -11.30 21.19 51.11
CA ARG O 35 -12.18 20.54 50.16
C ARG O 35 -13.15 19.59 50.84
N ARG O 36 -12.75 18.98 51.95
CA ARG O 36 -13.64 18.02 52.59
C ARG O 36 -14.83 18.73 53.22
N MET O 37 -14.59 19.89 53.82
CA MET O 37 -15.67 20.60 54.50
C MET O 37 -16.77 21.03 53.52
N GLN O 38 -16.41 21.28 52.26
CA GLN O 38 -17.41 21.67 51.27
C GLN O 38 -18.28 20.50 50.81
N LEU O 39 -17.92 19.27 51.13
CA LEU O 39 -18.66 18.11 50.67
C LEU O 39 -19.91 17.86 51.52
N ASN O 40 -20.68 16.86 51.11
CA ASN O 40 -21.90 16.48 51.77
C ASN O 40 -21.59 15.67 53.02
N GLU O 41 -22.65 15.28 53.74
CA GLU O 41 -22.48 14.61 55.02
C GLU O 41 -21.78 13.27 54.86
N GLU O 42 -22.05 12.54 53.78
CA GLU O 42 -21.51 11.19 53.62
C GLU O 42 -20.03 11.20 53.28
N LEU O 43 -19.65 12.00 52.29
CA LEU O 43 -18.27 11.99 51.80
C LEU O 43 -17.30 12.53 52.83
N ARG O 44 -17.74 13.45 53.69
CA ARG O 44 -16.86 14.01 54.72
C ARG O 44 -16.39 12.94 55.69
N HIS O 45 -17.20 11.92 55.93
CA HIS O 45 -16.77 10.81 56.77
C HIS O 45 -15.87 9.83 56.01
N GLU O 46 -16.23 9.51 54.77
CA GLU O 46 -15.48 8.51 54.00
C GLU O 46 -14.09 9.01 53.64
N VAL O 47 -13.97 10.29 53.29
CA VAL O 47 -12.65 10.85 52.98
C VAL O 47 -11.85 10.97 54.26
N THR O 48 -10.56 10.63 54.18
CA THR O 48 -9.65 10.65 55.30
C THR O 48 -8.38 11.40 54.88
N PRO O 49 -7.65 11.97 55.84
CA PRO O 49 -6.49 12.78 55.46
C PRO O 49 -5.48 11.95 54.70
N LYS O 50 -4.81 12.59 53.75
CA LYS O 50 -3.80 11.91 52.94
C LYS O 50 -2.49 12.12 53.69
N ASN O 51 -2.02 11.09 54.37
CA ASN O 51 -0.81 11.20 55.17
C ASN O 51 0.42 11.15 54.28
N ILE O 52 1.50 11.80 54.75
CA ILE O 52 2.71 11.96 53.96
C ILE O 52 3.86 11.26 54.69
N LEU O 53 4.76 10.68 53.91
CA LEU O 53 5.98 10.08 54.42
C LEU O 53 7.15 10.83 53.81
N MET O 54 7.82 11.63 54.61
CA MET O 54 9.02 12.32 54.18
C MET O 54 10.21 11.38 54.25
N ILE O 55 11.13 11.54 53.29
CA ILE O 55 12.28 10.65 53.16
C ILE O 55 13.49 11.50 52.78
N GLY O 56 14.61 11.28 53.45
CA GLY O 56 15.83 11.99 53.14
C GLY O 56 16.80 12.05 54.30
N PRO O 57 18.00 12.58 54.04
CA PRO O 57 18.99 12.72 55.10
C PRO O 57 18.57 13.77 56.12
N THR O 58 19.13 13.65 57.32
CA THR O 58 18.74 14.51 58.42
C THR O 58 19.07 15.97 58.12
N GLY O 59 18.24 16.87 58.65
CA GLY O 59 18.54 18.28 58.61
C GLY O 59 18.22 18.99 57.32
N VAL O 60 17.46 18.37 56.42
CA VAL O 60 17.17 18.99 55.12
C VAL O 60 15.86 19.78 55.17
N GLY O 61 15.26 19.88 56.35
CA GLY O 61 14.06 20.67 56.53
C GLY O 61 12.76 19.91 56.56
N LYS O 62 12.80 18.58 56.69
CA LYS O 62 11.57 17.81 56.81
C LYS O 62 10.69 18.33 57.94
N THR O 63 11.28 18.54 59.12
CA THR O 63 10.50 19.00 60.26
C THR O 63 10.05 20.45 60.08
N GLU O 64 10.92 21.28 59.49
CA GLU O 64 10.58 22.69 59.34
C GLU O 64 9.37 22.86 58.44
N ILE O 65 9.23 22.02 57.43
CA ILE O 65 8.04 22.07 56.58
C ILE O 65 6.81 21.77 57.41
N ALA O 66 6.86 20.71 58.22
CA ALA O 66 5.73 20.38 59.07
C ALA O 66 5.49 21.47 60.10
N ARG O 67 6.56 22.08 60.61
CA ARG O 67 6.41 23.15 61.58
C ARG O 67 5.79 24.39 60.95
N ARG O 68 6.36 24.85 59.84
CA ARG O 68 5.79 26.02 59.18
C ARG O 68 4.41 25.73 58.61
N LEU O 69 4.13 24.48 58.23
CA LEU O 69 2.80 24.15 57.72
C LEU O 69 1.74 24.30 58.79
N ALA O 70 1.99 23.73 59.97
CA ALA O 70 1.04 23.87 61.07
C ALA O 70 0.98 25.32 61.55
N LYS O 71 2.13 25.99 61.64
CA LYS O 71 2.13 27.41 61.99
C LYS O 71 1.40 28.23 60.94
N LEU O 72 1.45 27.80 59.68
CA LEU O 72 0.70 28.49 58.64
C LEU O 72 -0.80 28.29 58.84
N ALA O 73 -1.21 27.10 59.25
CA ALA O 73 -2.62 26.78 59.46
C ALA O 73 -3.11 27.13 60.86
N ASN O 74 -2.23 27.59 61.75
CA ASN O 74 -2.55 27.81 63.16
C ASN O 74 -3.06 26.53 63.82
N ALA O 75 -2.70 25.38 63.29
CA ALA O 75 -3.13 24.08 63.74
C ALA O 75 -2.29 23.61 64.91
N PRO O 76 -2.84 22.75 65.77
CA PRO O 76 -2.02 22.10 66.79
C PRO O 76 -0.97 21.21 66.14
N PHE O 77 0.19 21.14 66.78
CA PHE O 77 1.32 20.40 66.21
C PHE O 77 2.15 19.79 67.34
N ILE O 78 2.72 18.63 67.05
CA ILE O 78 3.63 17.95 67.96
C ILE O 78 4.59 17.10 67.13
N LYS O 79 5.85 17.06 67.58
CA LYS O 79 6.85 16.17 67.00
C LYS O 79 7.16 15.08 68.01
N VAL O 80 7.07 13.82 67.55
CA VAL O 80 7.28 12.66 68.41
C VAL O 80 8.33 11.77 67.77
N GLU O 81 9.30 11.33 68.56
CA GLU O 81 10.31 10.39 68.11
C GLU O 81 9.77 8.97 68.25
N ALA O 82 9.72 8.24 67.14
CA ALA O 82 9.11 6.90 67.15
C ALA O 82 9.87 5.94 68.07
N THR O 83 11.17 6.16 68.29
CA THR O 83 11.96 5.27 69.14
C THR O 83 11.65 5.43 70.63
N LYS O 84 10.91 6.47 71.02
CA LYS O 84 10.56 6.65 72.42
C LYS O 84 9.71 5.50 72.95
N PHE O 85 8.94 4.86 72.08
CA PHE O 85 8.02 3.79 72.47
C PHE O 85 8.65 2.40 72.43
N THR O 86 9.92 2.28 72.04
CA THR O 86 10.58 0.98 72.02
C THR O 86 10.72 0.40 73.42
N GLU O 87 10.90 1.26 74.43
CA GLU O 87 11.11 0.83 75.80
C GLU O 87 9.78 0.58 76.51
N LYS O 93 6.35 4.05 77.83
CA LYS O 93 5.22 4.97 77.65
C LYS O 93 4.19 4.41 76.68
N GLU O 94 2.93 4.78 76.88
CA GLU O 94 1.87 4.37 75.98
C GLU O 94 1.84 5.27 74.74
N VAL O 95 1.41 4.68 73.62
CA VAL O 95 1.35 5.43 72.36
C VAL O 95 0.25 6.48 72.42
N ASP O 96 -0.78 6.28 73.25
CA ASP O 96 -1.89 7.22 73.33
C ASP O 96 -1.44 8.59 73.84
N SER O 97 -0.27 8.67 74.47
CA SER O 97 0.24 9.95 74.96
C SER O 97 0.41 10.97 73.84
N ILE O 98 0.58 10.52 72.60
CA ILE O 98 0.73 11.43 71.47
C ILE O 98 -0.48 12.36 71.37
N ILE O 99 -1.68 11.79 71.40
CA ILE O 99 -2.89 12.61 71.35
C ILE O 99 -3.04 13.44 72.62
N ARG O 100 -2.62 12.89 73.77
CA ARG O 100 -2.72 13.64 75.03
C ARG O 100 -1.84 14.86 75.01
N ASP O 101 -0.57 14.70 74.63
CA ASP O 101 0.34 15.84 74.56
C ASP O 101 -0.06 16.81 73.45
N LEU O 102 -0.67 16.31 72.38
CA LEU O 102 -1.14 17.18 71.31
C LEU O 102 -2.25 18.11 71.79
N THR O 103 -3.21 17.56 72.56
CA THR O 103 -4.28 18.37 73.11
C THR O 103 -3.76 19.38 74.12
N ASP O 104 -2.73 19.02 74.89
CA ASP O 104 -2.15 19.94 75.85
C ASP O 104 -1.49 21.12 75.15
N ALA O 105 -0.89 20.90 73.98
CA ALA O 105 -0.38 22.01 73.19
C ALA O 105 -1.51 22.80 72.56
N ALA O 106 -2.57 22.11 72.13
CA ALA O 106 -3.74 22.81 71.60
C ALA O 106 -4.46 23.61 72.68
N VAL O 107 -4.48 23.10 73.91
CA VAL O 107 -5.09 23.86 75.00
C VAL O 107 -4.35 25.17 75.22
N LYS O 108 -3.02 25.10 75.33
CA LYS O 108 -2.23 26.32 75.53
C LYS O 108 -2.27 27.21 74.30
N MET O 109 -2.44 26.62 73.11
CA MET O 109 -2.49 27.43 71.90
C MET O 109 -3.78 28.24 71.84
N VAL O 110 -4.92 27.58 72.06
CA VAL O 110 -6.20 28.29 72.01
C VAL O 110 -6.35 29.25 73.18
N ARG O 111 -5.75 28.93 74.33
CA ARG O 111 -5.88 29.79 75.51
C ARG O 111 -5.13 31.10 75.32
N VAL O 112 -3.84 31.03 74.95
CA VAL O 112 -3.06 32.24 74.72
C VAL O 112 -3.68 33.06 73.59
N GLN O 113 -4.18 32.38 72.55
CA GLN O 113 -4.87 33.09 71.48
C GLN O 113 -6.17 33.71 71.97
N ALA O 114 -6.86 33.05 72.90
CA ALA O 114 -8.05 33.64 73.50
C ALA O 114 -7.68 34.84 74.37
N ILE O 115 -6.50 34.81 74.99
CA ILE O 115 -6.02 35.97 75.75
C ILE O 115 -5.79 37.17 74.83
N GLU O 116 -5.36 36.92 73.60
CA GLU O 116 -5.15 38.02 72.66
C GLU O 116 -6.44 38.76 72.36
N LYS O 117 -7.55 38.02 72.28
CA LYS O 117 -8.87 38.67 72.21
C LYS O 117 -9.22 39.32 73.54
N ASN O 118 -8.82 38.71 74.65
CA ASN O 118 -9.10 39.28 75.97
C ASN O 118 -8.17 40.45 76.31
N ARG O 119 -6.92 40.39 75.82
CA ARG O 119 -5.95 41.45 76.09
C ARG O 119 -6.49 42.84 75.74
N TYR O 120 -7.41 42.92 74.78
CA TYR O 120 -7.93 44.22 74.35
C TYR O 120 -9.17 44.66 75.13
N ARG O 121 -10.27 43.90 75.02
CA ARG O 121 -11.51 44.25 75.73
C ARG O 121 -11.26 44.51 77.21
N ALA O 122 -10.49 43.63 77.86
CA ALA O 122 -10.22 43.77 79.29
C ALA O 122 -9.65 45.14 79.61
N GLU O 123 -8.76 45.65 78.75
CA GLU O 123 -8.21 46.99 78.94
C GLU O 123 -9.29 48.07 78.91
N GLU O 124 -10.31 47.90 78.06
CA GLU O 124 -11.40 48.86 78.03
C GLU O 124 -12.28 48.74 79.28
N LEU O 125 -12.67 47.51 79.62
CA LEU O 125 -13.55 47.31 80.77
C LEU O 125 -12.83 47.57 82.09
N ALA O 126 -11.52 47.39 82.14
CA ALA O 126 -10.76 47.67 83.36
C ALA O 126 -10.61 49.17 83.57
N PRO O 151 -19.21 60.57 77.79
CA PRO O 151 -18.31 60.54 78.95
C PRO O 151 -18.18 61.92 79.61
N SER O 152 -18.00 61.94 80.93
CA SER O 152 -17.81 63.20 81.63
C SER O 152 -16.45 63.78 81.30
N ALA O 153 -16.32 65.11 81.49
CA ALA O 153 -15.05 65.76 81.25
C ALA O 153 -13.98 65.26 82.21
N ALA O 154 -14.33 65.12 83.50
CA ALA O 154 -13.40 64.53 84.45
C ALA O 154 -13.15 63.05 84.16
N ARG O 155 -14.14 62.36 83.59
CA ARG O 155 -13.95 60.98 83.19
C ARG O 155 -12.83 60.86 82.15
N GLN O 156 -12.76 61.82 81.23
CA GLN O 156 -11.69 61.84 80.24
C GLN O 156 -10.41 62.42 80.81
N ALA O 157 -10.52 63.42 81.70
CA ALA O 157 -9.33 64.03 82.30
C ALA O 157 -8.55 63.02 83.13
N PHE O 158 -9.26 62.11 83.82
CA PHE O 158 -8.59 61.02 84.52
C PHE O 158 -8.19 59.89 83.56
N ARG O 159 -8.97 59.67 82.50
CA ARG O 159 -8.61 58.65 81.52
C ARG O 159 -7.31 59.02 80.80
N LYS O 160 -7.04 60.31 80.64
CA LYS O 160 -5.81 60.74 79.99
C LYS O 160 -4.60 60.53 80.90
N LYS O 161 -4.73 60.90 82.17
CA LYS O 161 -3.63 60.70 83.12
C LYS O 161 -3.38 59.23 83.36
N LEU O 162 -4.38 58.37 83.15
CA LEU O 162 -4.21 56.94 83.34
C LEU O 162 -3.35 56.34 82.23
N ARG O 163 -3.69 56.63 80.97
CA ARG O 163 -2.93 56.10 79.83
C ARG O 163 -1.52 56.70 79.79
N LEU O 224 -7.56 43.47 87.39
CA LEU O 224 -8.82 43.55 86.65
C LEU O 224 -8.74 42.83 85.31
N ILE O 225 -7.52 42.70 84.77
CA ILE O 225 -7.33 41.97 83.53
C ILE O 225 -7.71 40.50 83.71
N GLU O 226 -7.39 39.93 84.87
CA GLU O 226 -7.79 38.55 85.15
C GLU O 226 -9.29 38.43 85.28
N GLU O 227 -9.91 39.26 86.12
CA GLU O 227 -11.35 39.15 86.36
C GLU O 227 -12.14 39.40 85.08
N GLU O 228 -11.68 40.34 84.25
CA GLU O 228 -12.41 40.63 83.00
C GLU O 228 -12.15 39.56 81.94
N ALA O 229 -10.89 39.17 81.76
CA ALA O 229 -10.59 38.09 80.83
C ALA O 229 -11.28 36.81 81.25
N ALA O 230 -11.36 36.55 82.56
CA ALA O 230 -12.14 35.42 83.05
C ALA O 230 -13.63 35.64 82.82
N LYS O 231 -14.09 36.87 82.98
CA LYS O 231 -15.49 37.19 82.65
C LYS O 231 -15.73 37.10 81.15
N LEU O 232 -14.74 37.44 80.34
CA LEU O 232 -14.88 37.39 78.89
C LEU O 232 -14.67 35.99 78.32
N VAL O 233 -13.77 35.20 78.91
CA VAL O 233 -13.47 33.89 78.35
C VAL O 233 -14.60 32.91 78.64
N ASN O 234 -14.81 31.97 77.72
CA ASN O 234 -15.82 30.92 77.86
C ASN O 234 -15.11 29.59 77.95
N PRO O 235 -15.10 28.92 79.12
CA PRO O 235 -14.32 27.69 79.21
C PRO O 235 -14.91 26.54 78.41
N GLU O 236 -16.24 26.44 78.34
CA GLU O 236 -16.87 25.39 77.53
C GLU O 236 -16.68 25.62 76.04
N GLU O 237 -16.52 26.87 75.61
CA GLU O 237 -16.18 27.14 74.21
C GLU O 237 -14.68 27.11 73.94
N LEU O 238 -13.86 27.13 74.99
CA LEU O 238 -12.39 27.13 74.85
C LEU O 238 -11.82 25.72 74.94
N LYS O 239 -12.03 25.03 76.07
CA LYS O 239 -11.56 23.66 76.21
C LYS O 239 -12.15 22.75 75.13
N GLN O 240 -13.38 23.06 74.66
CA GLN O 240 -13.95 22.34 73.53
C GLN O 240 -13.43 22.83 72.18
N ASP O 241 -12.83 24.03 72.12
CA ASP O 241 -12.26 24.50 70.87
C ASP O 241 -10.94 23.79 70.57
N ALA O 242 -10.11 23.55 71.59
CA ALA O 242 -8.88 22.82 71.40
C ALA O 242 -9.16 21.40 70.90
N ILE O 243 -10.27 20.80 71.34
CA ILE O 243 -10.68 19.50 70.82
C ILE O 243 -11.05 19.60 69.35
N ASP O 244 -11.82 20.64 68.98
CA ASP O 244 -12.12 20.86 67.57
C ASP O 244 -10.87 21.23 66.79
N ALA O 245 -9.94 21.95 67.43
CA ALA O 245 -8.67 22.26 66.76
C ALA O 245 -7.83 21.01 66.55
N VAL O 246 -7.88 20.07 67.50
CA VAL O 246 -7.13 18.82 67.36
C VAL O 246 -7.80 17.91 66.34
N GLU O 247 -9.11 17.71 66.48
CA GLU O 247 -9.80 16.77 65.60
C GLU O 247 -9.80 17.25 64.15
N GLN O 248 -10.13 18.53 63.94
CA GLN O 248 -10.22 19.03 62.58
C GLN O 248 -8.86 19.41 62.00
N HIS O 249 -8.08 20.18 62.74
CA HIS O 249 -6.85 20.77 62.20
C HIS O 249 -5.57 20.07 62.65
N GLY O 250 -5.68 19.04 63.49
CA GLY O 250 -4.50 18.53 64.17
C GLY O 250 -3.47 17.98 63.21
N ILE O 251 -2.20 18.11 63.61
CA ILE O 251 -1.06 17.63 62.83
C ILE O 251 -0.07 17.00 63.80
N VAL O 252 0.54 15.90 63.38
CA VAL O 252 1.53 15.17 64.17
C VAL O 252 2.68 14.79 63.26
N PHE O 253 3.91 15.04 63.73
CA PHE O 253 5.11 14.69 63.00
C PHE O 253 5.83 13.58 63.75
N ILE O 254 5.97 12.43 63.10
CA ILE O 254 6.65 11.28 63.68
C ILE O 254 8.03 11.22 63.04
N ASP O 255 9.05 11.60 63.79
CA ASP O 255 10.41 11.60 63.29
C ASP O 255 10.95 10.18 63.30
N GLU O 256 11.94 9.94 62.44
CA GLU O 256 12.73 8.70 62.43
C GLU O 256 11.86 7.45 62.48
N ILE O 257 10.81 7.43 61.66
CA ILE O 257 9.95 6.24 61.56
C ILE O 257 10.70 5.06 60.94
N ASP O 258 11.76 5.32 60.18
CA ASP O 258 12.49 4.24 59.52
C ASP O 258 13.16 3.30 60.52
N LYS O 259 13.40 3.77 61.74
CA LYS O 259 14.12 2.99 62.74
C LYS O 259 13.25 1.92 63.42
N ILE O 260 11.93 1.96 63.23
CA ILE O 260 11.05 0.93 63.77
C ILE O 260 10.74 -0.17 62.76
N CYS O 261 11.33 -0.13 61.58
CA CYS O 261 11.13 -1.18 60.59
C CYS O 261 11.95 -2.41 60.96
N LYS O 262 11.53 -3.55 60.41
CA LYS O 262 12.22 -4.82 60.64
C LYS O 262 13.60 -4.83 59.99
N GLY O 268 14.29 -10.54 67.79
CA GLY O 268 14.17 -9.81 69.04
C GLY O 268 13.62 -8.42 68.87
N PRO O 269 14.45 -7.48 68.40
CA PRO O 269 13.97 -6.11 68.19
C PRO O 269 12.86 -6.00 67.15
N ASP O 270 12.84 -6.88 66.14
CA ASP O 270 11.83 -6.80 65.10
C ASP O 270 10.41 -6.93 65.66
N VAL O 271 10.24 -7.67 66.76
CA VAL O 271 8.92 -7.76 67.41
C VAL O 271 8.60 -6.44 68.12
N SER O 272 9.55 -5.91 68.90
CA SER O 272 9.34 -4.64 69.57
C SER O 272 9.28 -3.46 68.59
N ARG O 273 10.04 -3.53 67.49
CA ARG O 273 9.99 -2.46 66.50
C ARG O 273 8.65 -2.45 65.77
N GLU O 274 8.25 -3.60 65.22
CA GLU O 274 6.96 -3.72 64.56
C GLU O 274 5.80 -3.64 65.56
N GLY O 275 6.06 -3.92 66.84
CA GLY O 275 5.03 -3.75 67.83
C GLY O 275 4.60 -2.31 67.99
N VAL O 276 5.56 -1.38 67.86
CA VAL O 276 5.24 0.04 67.90
C VAL O 276 4.35 0.43 66.72
N GLN O 277 4.57 -0.19 65.56
CA GLN O 277 3.76 0.11 64.38
C GLN O 277 2.31 -0.28 64.61
N ARG O 278 2.08 -1.47 65.18
CA ARG O 278 0.72 -1.90 65.47
C ARG O 278 0.08 -0.99 66.52
N ASP O 279 0.87 -0.52 67.49
CA ASP O 279 0.35 0.41 68.48
C ASP O 279 -0.02 1.74 67.83
N LEU O 280 0.75 2.18 66.84
CA LEU O 280 0.44 3.39 66.10
C LEU O 280 -0.74 3.20 65.15
N LEU O 281 -1.03 1.95 64.77
CA LEU O 281 -2.04 1.69 63.74
C LEU O 281 -3.40 2.28 64.05
N PRO O 282 -3.97 2.13 65.26
CA PRO O 282 -5.31 2.71 65.49
C PRO O 282 -5.38 4.21 65.30
N LEU O 283 -4.31 4.94 65.59
CA LEU O 283 -4.38 6.40 65.47
C LEU O 283 -4.58 6.84 64.03
N VAL O 284 -3.96 6.16 63.07
CA VAL O 284 -4.11 6.53 61.67
C VAL O 284 -5.37 5.94 61.06
N GLU O 285 -5.70 4.69 61.40
CA GLU O 285 -6.93 4.07 60.93
C GLU O 285 -8.15 4.73 61.55
N GLY O 286 -7.94 5.49 62.63
CA GLY O 286 -9.01 6.15 63.35
C GLY O 286 -9.34 5.40 64.63
N CYS O 287 -9.62 6.15 65.69
CA CYS O 287 -9.90 5.59 67.02
C CYS O 287 -10.37 6.74 67.90
N THR O 288 -10.59 6.45 69.18
CA THR O 288 -10.98 7.46 70.15
C THR O 288 -10.07 7.32 71.35
N VAL O 289 -9.50 8.44 71.80
CA VAL O 289 -8.58 8.46 72.94
C VAL O 289 -9.17 9.37 74.02
N SER O 290 -9.07 8.93 75.27
CA SER O 290 -9.59 9.69 76.39
C SER O 290 -8.50 10.59 76.96
N THR O 291 -8.88 11.83 77.26
CA THR O 291 -8.00 12.80 77.88
C THR O 291 -8.78 13.55 78.95
N LYS O 292 -8.02 14.11 79.91
CA LYS O 292 -8.66 14.90 80.96
C LYS O 292 -9.39 16.11 80.37
N HIS O 293 -8.89 16.65 79.26
CA HIS O 293 -9.57 17.76 78.60
C HIS O 293 -10.83 17.33 77.86
N GLY O 294 -10.94 16.07 77.49
CA GLY O 294 -12.10 15.60 76.78
C GLY O 294 -11.81 14.32 76.02
N MET O 295 -12.74 13.96 75.15
CA MET O 295 -12.66 12.75 74.34
C MET O 295 -12.41 13.15 72.89
N VAL O 296 -11.25 12.77 72.36
CA VAL O 296 -10.79 13.18 71.04
C VAL O 296 -10.86 12.00 70.08
N LYS O 297 -11.17 12.29 68.82
CA LYS O 297 -11.16 11.30 67.75
C LYS O 297 -10.05 11.62 66.75
N THR O 298 -9.33 10.59 66.32
CA THR O 298 -8.14 10.74 65.50
C THR O 298 -8.41 10.56 64.00
N ASP O 299 -9.68 10.40 63.59
CA ASP O 299 -9.96 10.00 62.22
C ASP O 299 -9.44 11.02 61.21
N HIS O 300 -9.62 12.30 61.48
CA HIS O 300 -9.29 13.35 60.53
C HIS O 300 -7.97 14.05 60.80
N ILE O 301 -7.20 13.60 61.80
CA ILE O 301 -5.89 14.17 62.08
C ILE O 301 -4.94 13.84 60.94
N LEU O 302 -4.12 14.82 60.56
CA LEU O 302 -3.08 14.62 59.57
C LEU O 302 -1.77 14.23 60.24
N PHE O 303 -1.02 13.36 59.60
CA PHE O 303 0.22 12.85 60.15
C PHE O 303 1.33 12.96 59.12
N ILE O 304 2.54 13.20 59.61
CA ILE O 304 3.74 13.29 58.77
C ILE O 304 4.81 12.42 59.41
N ALA O 305 5.19 11.34 58.72
CA ALA O 305 6.28 10.49 59.15
C ALA O 305 7.53 10.79 58.34
N SER O 306 8.70 10.67 58.99
CA SER O 306 9.96 10.97 58.35
C SER O 306 11.01 9.95 58.79
N GLY O 307 11.93 9.66 57.88
CA GLY O 307 13.03 8.77 58.18
C GLY O 307 14.07 8.80 57.08
N ALA O 308 15.33 8.49 57.43
CA ALA O 308 16.36 8.42 56.41
C ALA O 308 16.15 7.24 55.47
N PHE O 309 15.64 6.12 55.99
CA PHE O 309 15.38 4.91 55.20
C PHE O 309 16.61 4.43 54.44
N GLN O 310 17.79 4.63 55.01
CA GLN O 310 19.00 4.05 54.44
C GLN O 310 19.19 2.61 54.87
N ILE O 311 18.83 2.29 56.12
CA ILE O 311 18.91 0.91 56.60
C ILE O 311 17.72 0.09 56.11
N ALA O 312 16.53 0.68 56.13
CA ALA O 312 15.30 0.00 55.75
C ALA O 312 14.58 0.81 54.68
N LYS O 313 13.45 0.32 54.23
CA LYS O 313 12.65 0.96 53.20
C LYS O 313 11.20 1.04 53.65
N PRO O 314 10.42 1.97 53.07
CA PRO O 314 8.99 2.03 53.44
C PRO O 314 8.26 0.73 53.22
N SER O 315 8.70 -0.10 52.27
CA SER O 315 8.10 -1.42 52.07
C SER O 315 8.27 -2.31 53.30
N ASP O 316 9.29 -2.05 54.13
CA ASP O 316 9.48 -2.82 55.35
C ASP O 316 8.45 -2.52 56.43
N LEU O 317 7.70 -1.43 56.29
CA LEU O 317 6.63 -1.12 57.22
C LEU O 317 5.51 -2.14 57.09
N ILE O 318 4.72 -2.29 58.15
CA ILE O 318 3.63 -3.25 58.17
C ILE O 318 2.62 -2.86 57.09
N PRO O 319 1.95 -3.82 56.45
CA PRO O 319 1.07 -3.46 55.32
C PRO O 319 -0.06 -2.50 55.69
N GLU O 320 -0.61 -2.61 56.89
CA GLU O 320 -1.67 -1.69 57.29
C GLU O 320 -1.16 -0.26 57.41
N LEU O 321 0.14 -0.09 57.68
CA LEU O 321 0.71 1.25 57.77
C LEU O 321 1.06 1.82 56.41
N GLN O 322 1.47 0.97 55.46
CA GLN O 322 1.82 1.46 54.14
C GLN O 322 0.62 2.04 53.41
N GLY O 323 -0.57 1.49 53.63
CA GLY O 323 -1.76 2.01 52.98
C GLY O 323 -2.34 3.24 53.62
N ARG O 324 -1.88 3.57 54.82
CA ARG O 324 -2.31 4.78 55.52
C ARG O 324 -1.38 5.96 55.27
N LEU O 325 -0.42 5.82 54.37
CA LEU O 325 0.51 6.90 54.01
C LEU O 325 0.45 7.09 52.50
N PRO O 326 -0.66 7.63 51.99
CA PRO O 326 -0.84 7.70 50.52
C PRO O 326 0.21 8.54 49.81
N ILE O 327 0.69 9.61 50.41
CA ILE O 327 1.60 10.54 49.76
C ILE O 327 3.02 10.24 50.23
N ARG O 328 3.92 10.04 49.27
CA ARG O 328 5.33 9.79 49.54
C ARG O 328 6.16 10.86 48.84
N VAL O 329 7.21 11.31 49.50
CA VAL O 329 8.09 12.32 48.92
C VAL O 329 9.50 12.11 49.48
N GLU O 330 10.50 12.30 48.64
CA GLU O 330 11.89 12.27 49.03
C GLU O 330 12.43 13.68 49.00
N LEU O 331 13.16 14.07 50.06
CA LEU O 331 13.75 15.39 50.16
C LEU O 331 15.22 15.31 49.76
N GLN O 332 15.64 16.24 48.91
CA GLN O 332 17.00 16.24 48.38
C GLN O 332 17.98 16.79 49.40
N ALA O 333 19.23 16.33 49.30
CA ALA O 333 20.30 16.87 50.11
C ALA O 333 20.64 18.28 49.66
N LEU O 334 20.94 19.14 50.63
CA LEU O 334 21.25 20.53 50.36
C LEU O 334 22.68 20.66 49.83
N THR O 335 22.87 21.51 48.82
CA THR O 335 24.19 21.76 48.24
C THR O 335 24.85 22.99 48.85
N THR O 336 26.08 23.27 48.42
CA THR O 336 26.78 24.47 48.88
C THR O 336 26.04 25.74 48.45
N SER O 337 25.47 25.72 47.24
CA SER O 337 24.69 26.87 46.77
C SER O 337 23.42 27.04 47.60
N ASP O 338 22.81 25.92 48.01
CA ASP O 338 21.64 26.00 48.86
C ASP O 338 21.98 26.53 50.25
N PHE O 339 23.17 26.21 50.77
CA PHE O 339 23.59 26.76 52.05
C PHE O 339 23.68 28.27 52.00
N GLU O 340 24.21 28.82 50.90
CA GLU O 340 24.30 30.26 50.76
C GLU O 340 22.91 30.88 50.74
N ARG O 341 21.95 30.19 50.12
CA ARG O 341 20.58 30.70 50.10
C ARG O 341 19.94 30.61 51.47
N ILE O 342 20.15 29.50 52.18
CA ILE O 342 19.57 29.33 53.51
C ILE O 342 20.07 30.39 54.48
N LEU O 343 21.31 30.86 54.28
CA LEU O 343 21.87 31.86 55.18
C LEU O 343 21.18 33.20 55.04
N THR O 344 20.59 33.49 53.87
CA THR O 344 20.13 34.84 53.57
C THR O 344 18.65 34.84 53.17
N GLU O 345 18.31 34.11 52.11
CA GLU O 345 16.98 34.19 51.51
C GLU O 345 15.80 33.97 52.46
N PRO O 346 15.80 32.98 53.37
CA PRO O 346 14.61 32.75 54.19
C PRO O 346 14.27 33.95 55.07
N ASN O 347 12.98 34.17 55.27
CA ASN O 347 12.54 35.20 56.19
C ASN O 347 13.05 34.87 57.59
N ALA O 348 13.61 35.87 58.26
CA ALA O 348 14.23 35.67 59.58
C ALA O 348 15.33 34.63 59.52
N SER O 349 16.17 34.71 58.48
CA SER O 349 17.29 33.79 58.35
C SER O 349 18.32 34.05 59.45
N ILE O 350 19.13 33.03 59.73
CA ILE O 350 20.06 33.10 60.86
C ILE O 350 21.03 34.27 60.73
N THR O 351 21.40 34.63 59.49
CA THR O 351 22.22 35.83 59.31
C THR O 351 21.43 37.09 59.66
N VAL O 352 20.16 37.15 59.26
CA VAL O 352 19.31 38.28 59.64
C VAL O 352 19.12 38.31 61.15
N GLN O 353 19.05 37.15 61.78
CA GLN O 353 18.89 37.10 63.23
C GLN O 353 20.11 37.65 63.94
N TYR O 354 21.32 37.26 63.50
CA TYR O 354 22.53 37.79 64.11
C TYR O 354 22.67 39.28 63.87
N LYS O 355 22.20 39.77 62.73
CA LYS O 355 22.31 41.19 62.42
C LYS O 355 21.46 42.01 63.37
N ALA O 356 20.20 41.62 63.54
CA ALA O 356 19.31 42.34 64.47
C ALA O 356 19.76 42.16 65.92
N LEU O 357 20.34 41.02 66.25
CA LEU O 357 20.84 40.81 67.61
C LEU O 357 21.97 41.80 67.94
N MET O 358 22.94 41.90 67.04
CA MET O 358 24.00 42.88 67.24
C MET O 358 23.49 44.30 67.12
N ALA O 359 22.41 44.52 66.36
CA ALA O 359 21.79 45.84 66.30
C ALA O 359 21.25 46.28 67.66
N THR O 360 20.84 45.33 68.49
CA THR O 360 20.37 45.67 69.83
C THR O 360 21.48 46.30 70.66
N GLU O 361 22.72 45.88 70.43
CA GLU O 361 23.87 46.43 71.13
C GLU O 361 24.41 47.70 70.48
N GLY O 362 23.76 48.18 69.42
CA GLY O 362 24.23 49.34 68.69
C GLY O 362 25.21 49.07 67.58
N VAL O 363 25.47 47.80 67.25
CA VAL O 363 26.43 47.42 66.22
C VAL O 363 25.69 47.07 64.94
N ASN O 364 26.33 47.34 63.81
CA ASN O 364 25.76 47.07 62.49
C ASN O 364 26.63 45.99 61.84
N ILE O 365 26.06 44.80 61.68
CA ILE O 365 26.73 43.69 61.01
C ILE O 365 26.34 43.69 59.56
N GLU O 366 27.30 43.37 58.69
CA GLU O 366 27.05 43.24 57.26
C GLU O 366 27.93 42.11 56.74
N PHE O 367 27.32 41.19 55.99
CA PHE O 367 28.02 40.05 55.42
C PHE O 367 28.23 40.26 53.92
N THR O 368 29.46 40.09 53.48
CA THR O 368 29.76 40.13 52.05
C THR O 368 29.31 38.84 51.38
N ASP O 369 29.03 38.94 50.08
CA ASP O 369 28.65 37.75 49.32
C ASP O 369 29.72 36.68 49.37
N SER O 370 30.99 37.09 49.25
CA SER O 370 32.09 36.13 49.40
C SER O 370 32.21 35.64 50.83
N GLY O 371 31.85 36.47 51.80
CA GLY O 371 31.86 36.02 53.19
C GLY O 371 30.77 35.00 53.47
N ILE O 372 29.58 35.20 52.90
CA ILE O 372 28.54 34.19 52.96
C ILE O 372 28.96 32.93 52.20
N LYS O 373 29.66 33.13 51.07
CA LYS O 373 30.07 32.00 50.25
C LYS O 373 31.08 31.11 50.99
N ARG O 374 31.95 31.72 51.79
CA ARG O 374 32.96 30.94 52.51
C ARG O 374 32.44 30.33 53.79
N ILE O 375 31.30 30.80 54.30
CA ILE O 375 30.65 30.13 55.42
C ILE O 375 29.98 28.84 54.95
N ALA O 376 29.28 28.90 53.82
CA ALA O 376 28.66 27.71 53.26
C ALA O 376 29.71 26.66 52.88
N GLU O 377 30.84 27.12 52.32
CA GLU O 377 31.94 26.20 52.02
C GLU O 377 32.55 25.61 53.28
N ALA O 378 32.55 26.37 54.38
CA ALA O 378 33.08 25.85 55.63
C ALA O 378 32.18 24.77 56.21
N ALA O 379 30.86 25.01 56.21
CA ALA O 379 29.92 24.03 56.71
C ALA O 379 29.90 22.78 55.83
N TRP O 380 30.11 22.94 54.52
CA TRP O 380 30.14 21.79 53.63
C TRP O 380 31.35 20.92 53.90
N GLN O 381 32.50 21.54 54.15
CA GLN O 381 33.72 20.77 54.37
C GLN O 381 33.63 19.94 55.64
N VAL O 382 32.99 20.48 56.68
CA VAL O 382 32.87 19.73 57.94
C VAL O 382 31.95 18.54 57.77
N ASN O 383 30.84 18.71 57.06
CA ASN O 383 29.93 17.59 56.82
C ASN O 383 30.60 16.50 56.01
N GLU O 384 31.47 16.87 55.08
CA GLU O 384 32.19 15.88 54.29
C GLU O 384 33.39 15.32 55.03
N SER O 385 34.13 16.17 55.74
CA SER O 385 35.33 15.71 56.43
C SER O 385 35.01 14.74 57.57
N THR O 386 33.88 14.93 58.26
CA THR O 386 33.56 14.09 59.41
C THR O 386 32.22 13.40 59.25
N GLU O 387 31.14 14.12 59.55
CA GLU O 387 29.78 13.58 59.50
C GLU O 387 28.83 14.62 58.92
N ASN O 388 27.91 14.16 58.08
CA ASN O 388 27.00 15.06 57.37
C ASN O 388 25.73 15.20 58.21
N ILE O 389 25.56 16.36 58.83
CA ILE O 389 24.37 16.67 59.62
C ILE O 389 23.37 17.54 58.86
N GLY O 390 23.65 17.85 57.59
CA GLY O 390 22.78 18.72 56.83
C GLY O 390 22.98 20.19 57.18
N ALA O 391 21.92 20.98 56.94
CA ALA O 391 21.99 22.42 57.16
C ALA O 391 22.24 22.81 58.61
N ARG O 392 22.09 21.86 59.55
CA ARG O 392 22.37 22.16 60.95
C ARG O 392 23.81 22.61 61.17
N ARG O 393 24.73 22.20 60.28
CA ARG O 393 26.12 22.62 60.42
C ARG O 393 26.26 24.14 60.30
N LEU O 394 25.35 24.78 59.55
CA LEU O 394 25.41 26.23 59.39
C LEU O 394 25.27 26.95 60.72
N HIS O 395 24.48 26.40 61.64
CA HIS O 395 24.31 27.05 62.94
C HIS O 395 25.60 26.97 63.77
N THR O 396 26.25 25.81 63.79
CA THR O 396 27.46 25.66 64.59
C THR O 396 28.61 26.50 64.04
N VAL O 397 28.71 26.61 62.72
CA VAL O 397 29.80 27.36 62.12
C VAL O 397 29.62 28.86 62.32
N LEU O 398 28.38 29.35 62.17
CA LEU O 398 28.14 30.78 62.27
C LEU O 398 28.40 31.30 63.68
N GLU O 399 27.93 30.58 64.69
CA GLU O 399 28.15 31.03 66.08
C GLU O 399 29.63 31.00 66.43
N ARG O 400 30.37 30.02 65.91
CA ARG O 400 31.81 29.98 66.12
C ARG O 400 32.50 31.18 65.48
N LEU O 401 31.99 31.64 64.34
CA LEU O 401 32.56 32.81 63.68
C LEU O 401 32.23 34.08 64.43
N MET O 402 31.00 34.21 64.91
CA MET O 402 30.50 35.43 65.52
C MET O 402 30.72 35.49 67.03
N GLU O 403 31.31 34.45 67.62
CA GLU O 403 31.46 34.42 69.09
C GLU O 403 32.28 35.59 69.60
N GLU O 404 33.28 36.02 68.82
CA GLU O 404 34.11 37.14 69.26
C GLU O 404 33.36 38.45 69.19
N ILE O 405 32.56 38.64 68.13
CA ILE O 405 31.74 39.83 68.01
C ILE O 405 30.61 39.81 69.05
N SER O 406 29.97 38.65 69.22
CA SER O 406 28.84 38.57 70.15
C SER O 406 29.27 38.90 71.57
N TYR O 407 30.52 38.63 71.92
CA TYR O 407 31.02 38.97 73.25
C TYR O 407 31.31 40.46 73.37
N ASP O 408 31.94 41.05 72.35
CA ASP O 408 32.40 42.43 72.40
C ASP O 408 31.34 43.43 71.95
N ALA O 409 30.14 42.96 71.58
CA ALA O 409 29.14 43.83 70.97
C ALA O 409 28.76 45.00 71.88
N SER O 410 28.89 44.82 73.20
CA SER O 410 28.59 45.92 74.12
C SER O 410 29.57 47.07 73.93
N ASP O 411 30.87 46.77 73.87
CA ASP O 411 31.89 47.80 73.73
C ASP O 411 31.99 48.32 72.31
N LEU O 412 31.46 47.60 71.33
CA LEU O 412 31.52 47.99 69.93
C LEU O 412 30.33 48.83 69.50
N SER O 413 29.48 49.24 70.45
CA SER O 413 28.29 50.00 70.12
C SER O 413 28.66 51.26 69.31
N GLY O 414 27.84 51.56 68.30
CA GLY O 414 28.08 52.69 67.42
C GLY O 414 29.07 52.44 66.30
N GLN O 415 29.49 51.20 66.09
CA GLN O 415 30.43 50.84 65.04
C GLN O 415 29.76 49.95 63.99
N ASN O 416 30.30 50.00 62.78
CA ASN O 416 29.81 49.19 61.68
C ASN O 416 30.85 48.10 61.41
N ILE O 417 30.49 46.86 61.72
CA ILE O 417 31.36 45.72 61.49
C ILE O 417 30.97 45.06 60.19
N THR O 418 31.97 44.59 59.44
CA THR O 418 31.77 43.97 58.14
C THR O 418 32.39 42.59 58.17
N ILE O 419 31.59 41.57 57.86
CA ILE O 419 32.06 40.20 57.78
C ILE O 419 32.44 39.93 56.33
N ASP O 420 33.74 39.81 56.06
CA ASP O 420 34.28 39.60 54.73
C ASP O 420 34.89 38.21 54.60
N ALA O 421 35.36 37.89 53.39
CA ALA O 421 35.99 36.59 53.16
C ALA O 421 37.25 36.43 53.99
N ASP O 422 38.02 37.51 54.16
CA ASP O 422 39.21 37.45 54.98
C ASP O 422 38.88 37.21 56.45
N TYR O 423 37.77 37.76 56.94
CA TYR O 423 37.38 37.53 58.33
C TYR O 423 36.92 36.08 58.53
N VAL O 424 36.21 35.53 57.54
CA VAL O 424 35.71 34.16 57.66
C VAL O 424 36.87 33.15 57.67
N SER O 425 37.81 33.29 56.73
CA SER O 425 38.93 32.35 56.68
C SER O 425 39.80 32.43 57.92
N LYS O 426 39.85 33.61 58.55
CA LYS O 426 40.71 33.85 59.71
C LYS O 426 40.21 33.10 60.95
N HIS O 427 38.90 33.14 61.23
CA HIS O 427 38.34 32.56 62.45
C HIS O 427 37.93 31.10 62.27
N LEU O 428 37.97 30.58 61.04
CA LEU O 428 37.46 29.25 60.71
C LEU O 428 38.54 28.33 60.16
N ASP O 429 39.19 28.70 59.04
CA ASP O 429 40.06 27.78 58.30
C ASP O 429 41.04 27.03 59.21
N ALA O 430 41.53 27.68 60.28
CA ALA O 430 42.37 26.98 61.23
C ALA O 430 41.62 25.85 61.92
N LEU O 431 40.32 26.04 62.17
CA LEU O 431 39.51 25.01 62.81
C LEU O 431 39.11 23.94 61.81
N VAL O 432 38.71 24.34 60.60
CA VAL O 432 38.29 23.38 59.58
C VAL O 432 39.47 22.54 59.12
N ALA O 433 40.69 23.08 59.20
CA ALA O 433 41.86 22.34 58.73
C ALA O 433 42.14 21.12 59.60
N ASP O 434 41.81 21.17 60.88
CA ASP O 434 42.05 20.08 61.80
C ASP O 434 40.72 19.34 62.00
N GLU O 435 40.64 18.11 61.48
CA GLU O 435 39.43 17.32 61.61
C GLU O 435 39.25 16.79 63.02
N ASP O 436 40.35 16.59 63.75
CA ASP O 436 40.24 16.13 65.14
C ASP O 436 39.55 17.17 66.00
N LEU O 437 39.80 18.46 65.73
CA LEU O 437 39.17 19.52 66.50
C LEU O 437 37.74 19.78 66.03
N SER O 438 37.47 19.66 64.73
CA SER O 438 36.16 20.00 64.17
C SER O 438 35.05 19.17 64.81
N ARG O 439 35.33 17.93 65.21
CA ARG O 439 34.31 17.11 65.83
C ARG O 439 33.89 17.66 67.19
N PHE O 440 34.83 18.23 67.94
CA PHE O 440 34.48 18.83 69.22
C PHE O 440 33.81 20.19 69.04
N ILE O 441 34.45 21.07 68.27
CA ILE O 441 34.04 22.47 68.25
C ILE O 441 32.86 22.71 67.32
N LEU O 442 32.89 22.12 66.13
CA LEU O 442 31.88 22.43 65.09
C LEU O 442 30.89 21.29 64.85
N SER P 1 19.05 39.87 84.89
CA SER P 1 20.13 40.77 85.25
C SER P 1 20.77 41.40 84.00
N GLU P 2 21.20 42.65 84.13
CA GLU P 2 21.75 43.41 83.02
C GLU P 2 23.28 43.39 82.95
N MET P 3 23.93 42.59 83.80
CA MET P 3 25.39 42.53 83.85
C MET P 3 25.99 42.24 82.48
N THR P 4 27.08 42.92 82.15
CA THR P 4 27.80 42.67 80.92
C THR P 4 28.68 41.43 81.08
N PRO P 5 29.07 40.81 79.97
CA PRO P 5 29.82 39.54 80.09
C PRO P 5 31.09 39.64 80.91
N ARG P 6 31.79 40.78 80.86
CA ARG P 6 32.98 40.93 81.70
C ARG P 6 32.60 41.03 83.18
N GLU P 7 31.46 41.66 83.49
CA GLU P 7 31.01 41.71 84.87
C GLU P 7 30.64 40.33 85.40
N ILE P 8 30.20 39.43 84.52
CA ILE P 8 29.88 38.07 84.93
C ILE P 8 31.16 37.31 85.24
N VAL P 9 32.14 37.40 84.36
CA VAL P 9 33.41 36.70 84.58
C VAL P 9 34.10 37.21 85.83
N SER P 10 34.05 38.53 86.05
CA SER P 10 34.69 39.11 87.24
C SER P 10 34.03 38.60 88.52
N GLU P 11 32.71 38.37 88.49
CA GLU P 11 32.03 37.79 89.64
C GLU P 11 32.38 36.33 89.82
N LEU P 12 32.54 35.59 88.72
CA LEU P 12 32.91 34.18 88.80
C LEU P 12 34.33 33.99 89.32
N ASP P 13 35.24 34.93 89.03
CA ASP P 13 36.59 34.85 89.56
C ASP P 13 36.65 34.91 91.08
N LYS P 14 35.63 35.51 91.71
CA LYS P 14 35.55 35.53 93.16
C LYS P 14 35.34 34.14 93.75
N HIS P 15 34.83 33.20 92.95
CA HIS P 15 34.62 31.83 93.41
C HIS P 15 35.51 30.86 92.65
N ILE P 16 35.34 30.74 91.33
CA ILE P 16 36.14 29.83 90.53
C ILE P 16 37.51 30.46 90.26
N ILE P 17 38.56 29.63 90.20
CA ILE P 17 39.90 30.06 89.87
C ILE P 17 40.25 29.53 88.49
N GLY P 18 40.73 30.42 87.62
CA GLY P 18 41.11 30.02 86.28
C GLY P 18 39.88 29.63 85.46
N GLN P 19 40.12 28.80 84.45
CA GLN P 19 39.06 28.32 83.56
C GLN P 19 38.29 29.47 82.92
N ASP P 20 39.02 30.51 82.53
CA ASP P 20 38.39 31.74 82.05
C ASP P 20 37.54 31.50 80.80
N ASN P 21 37.99 30.58 79.93
CA ASN P 21 37.23 30.32 78.71
C ASN P 21 35.83 29.79 79.01
N ALA P 22 35.72 28.91 80.00
CA ALA P 22 34.40 28.47 80.45
C ALA P 22 33.61 29.61 81.07
N LYS P 23 34.29 30.53 81.75
CA LYS P 23 33.60 31.70 82.29
C LYS P 23 33.12 32.62 81.17
N ARG P 24 33.96 32.84 80.16
CA ARG P 24 33.55 33.68 79.05
C ARG P 24 32.39 33.05 78.28
N SER P 25 32.38 31.73 78.16
CA SER P 25 31.35 31.07 77.37
C SER P 25 30.00 31.13 78.07
N VAL P 26 29.99 30.87 79.38
CA VAL P 26 28.73 30.97 80.12
C VAL P 26 28.24 32.39 80.17
N ALA P 27 29.15 33.37 80.20
CA ALA P 27 28.74 34.77 80.24
C ALA P 27 28.02 35.16 78.96
N ILE P 28 28.45 34.61 77.83
CA ILE P 28 27.79 34.90 76.56
C ILE P 28 26.37 34.39 76.56
N ALA P 29 26.15 33.22 77.19
CA ALA P 29 24.82 32.65 77.21
C ALA P 29 23.87 33.48 78.09
N LEU P 30 24.35 33.89 79.27
CA LEU P 30 23.52 34.70 80.15
C LEU P 30 23.26 36.08 79.56
N ARG P 31 24.21 36.63 78.81
CA ARG P 31 23.99 37.94 78.20
C ARG P 31 22.98 37.88 77.07
N ASN P 32 22.94 36.77 76.34
CA ASN P 32 21.94 36.62 75.28
C ASN P 32 20.53 36.62 75.83
N ARG P 33 20.36 36.20 77.09
CA ARG P 33 19.05 36.29 77.74
C ARG P 33 18.57 37.74 77.77
N TRP P 34 19.41 38.64 78.29
CA TRP P 34 19.05 40.06 78.30
C TRP P 34 18.96 40.64 76.90
N ARG P 35 19.81 40.17 75.98
CA ARG P 35 19.77 40.68 74.61
C ARG P 35 18.48 40.28 73.92
N ARG P 36 17.91 39.13 74.27
CA ARG P 36 16.70 38.67 73.60
C ARG P 36 15.49 39.52 74.01
N MET P 37 15.39 39.87 75.30
CA MET P 37 14.22 40.60 75.78
C MET P 37 14.11 41.97 75.12
N GLN P 38 15.23 42.55 74.71
CA GLN P 38 15.22 43.84 74.02
C GLN P 38 14.72 43.74 72.58
N LEU P 39 14.57 42.53 72.05
CA LEU P 39 14.16 42.31 70.68
C LEU P 39 12.65 42.45 70.52
N ASN P 40 12.20 42.37 69.27
CA ASN P 40 10.78 42.48 68.94
C ASN P 40 10.08 41.15 69.17
N GLU P 41 8.76 41.13 68.91
CA GLU P 41 7.97 39.94 69.21
C GLU P 41 8.43 38.74 68.39
N GLU P 42 8.87 38.97 67.14
CA GLU P 42 9.21 37.87 66.26
C GLU P 42 10.55 37.22 66.62
N LEU P 43 11.58 38.04 66.80
CA LEU P 43 12.92 37.50 67.04
C LEU P 43 13.02 36.81 68.39
N ARG P 44 12.22 37.24 69.38
CA ARG P 44 12.26 36.61 70.70
C ARG P 44 11.84 35.15 70.63
N HIS P 45 10.97 34.79 69.68
CA HIS P 45 10.59 33.39 69.49
C HIS P 45 11.66 32.64 68.71
N GLU P 46 12.19 33.25 67.64
CA GLU P 46 13.15 32.56 66.78
C GLU P 46 14.48 32.32 67.48
N VAL P 47 14.95 33.31 68.27
CA VAL P 47 16.20 33.12 69.00
C VAL P 47 15.99 32.11 70.11
N THR P 48 16.97 31.24 70.29
CA THR P 48 16.94 30.17 71.28
C THR P 48 18.24 30.20 72.06
N PRO P 49 18.25 29.68 73.29
CA PRO P 49 19.45 29.79 74.11
C PRO P 49 20.62 29.08 73.45
N LYS P 50 21.81 29.61 73.66
CA LYS P 50 23.02 29.01 73.13
C LYS P 50 23.52 28.06 74.20
N ASN P 51 23.28 26.76 73.98
CA ASN P 51 23.67 25.76 74.96
C ASN P 51 25.17 25.50 74.92
N ILE P 52 25.71 25.12 76.07
CA ILE P 52 27.15 24.95 76.23
C ILE P 52 27.44 23.49 76.58
N LEU P 53 28.56 23.00 76.07
CA LEU P 53 29.06 21.67 76.39
C LEU P 53 30.43 21.86 77.03
N MET P 54 30.50 21.63 78.34
CA MET P 54 31.78 21.68 79.03
C MET P 54 32.51 20.36 78.82
N ILE P 55 33.83 20.44 78.74
CA ILE P 55 34.67 19.28 78.46
C ILE P 55 35.92 19.38 79.32
N GLY P 56 36.28 18.27 79.96
CA GLY P 56 37.48 18.22 80.77
C GLY P 56 37.43 17.15 81.84
N PRO P 57 38.54 16.96 82.53
CA PRO P 57 38.60 15.99 83.62
C PRO P 57 37.76 16.45 84.81
N THR P 58 37.39 15.47 85.64
CA THR P 58 36.51 15.75 86.75
C THR P 58 37.17 16.69 87.76
N GLY P 59 36.33 17.48 88.43
CA GLY P 59 36.76 18.30 89.55
C GLY P 59 37.45 19.61 89.21
N VAL P 60 37.38 20.06 87.96
CA VAL P 60 38.06 21.28 87.57
C VAL P 60 37.14 22.49 87.65
N GLY P 61 35.93 22.28 88.15
CA GLY P 61 34.98 23.37 88.36
C GLY P 61 33.91 23.55 87.31
N LYS P 62 33.70 22.56 86.43
CA LYS P 62 32.61 22.65 85.45
C LYS P 62 31.27 22.91 86.14
N THR P 63 30.97 22.13 87.18
CA THR P 63 29.69 22.28 87.87
C THR P 63 29.65 23.59 88.66
N GLU P 64 30.78 23.97 89.27
CA GLU P 64 30.81 25.18 90.08
C GLU P 64 30.51 26.42 89.24
N ILE P 65 30.96 26.43 87.99
CA ILE P 65 30.61 27.52 87.09
C ILE P 65 29.11 27.58 86.87
N ALA P 66 28.50 26.44 86.59
CA ALA P 66 27.04 26.40 86.40
C ALA P 66 26.31 26.75 87.68
N ARG P 67 26.84 26.33 88.84
CA ARG P 67 26.18 26.63 90.11
C ARG P 67 26.28 28.12 90.43
N ARG P 68 27.49 28.68 90.36
CA ARG P 68 27.65 30.11 90.63
C ARG P 68 26.95 30.95 89.57
N LEU P 69 26.84 30.44 88.34
CA LEU P 69 26.13 31.19 87.29
C LEU P 69 24.65 31.31 87.61
N ALA P 70 24.01 30.20 87.95
CA ALA P 70 22.60 30.25 88.32
C ALA P 70 22.40 31.02 89.62
N LYS P 71 23.29 30.82 90.60
CA LYS P 71 23.24 31.59 91.83
C LYS P 71 23.47 33.07 91.56
N LEU P 72 24.29 33.40 90.56
CA LEU P 72 24.49 34.80 90.18
C LEU P 72 23.23 35.39 89.57
N ALA P 73 22.52 34.62 88.76
CA ALA P 73 21.30 35.06 88.12
C ALA P 73 20.06 34.85 88.97
N ASN P 74 20.19 34.23 90.14
CA ASN P 74 19.07 33.84 90.99
C ASN P 74 18.10 32.91 90.26
N ALA P 75 18.60 32.20 89.25
CA ALA P 75 17.82 31.33 88.40
C ALA P 75 17.64 29.97 89.05
N PRO P 76 16.56 29.26 88.71
CA PRO P 76 16.44 27.86 89.12
C PRO P 76 17.53 27.01 88.48
N PHE P 77 17.97 26.00 89.22
CA PHE P 77 19.09 25.18 88.78
C PHE P 77 18.90 23.76 89.26
N ILE P 78 19.38 22.81 88.46
CA ILE P 78 19.38 21.40 88.82
C ILE P 78 20.54 20.72 88.11
N LYS P 79 21.18 19.79 88.81
CA LYS P 79 22.21 18.94 88.23
C LYS P 79 21.66 17.53 88.11
N VAL P 80 21.72 16.96 86.91
CA VAL P 80 21.17 15.65 86.62
C VAL P 80 22.26 14.80 85.97
N GLU P 81 22.41 13.58 86.45
CA GLU P 81 23.35 12.63 85.88
C GLU P 81 22.70 11.92 84.70
N ALA P 82 23.34 12.02 83.53
CA ALA P 82 22.74 11.47 82.31
C ALA P 82 22.57 9.96 82.39
N THR P 83 23.43 9.27 83.16
CA THR P 83 23.33 7.82 83.27
C THR P 83 22.16 7.34 84.13
N LYS P 84 21.49 8.25 84.85
CA LYS P 84 20.34 7.86 85.67
C LYS P 84 19.23 7.25 84.81
N PHE P 85 19.14 7.66 83.56
CA PHE P 85 18.07 7.25 82.66
C PHE P 85 18.43 6.00 81.86
N THR P 86 19.63 5.44 82.04
CA THR P 86 20.00 4.22 81.33
C THR P 86 19.13 3.05 81.77
N GLU P 87 18.71 3.03 83.03
CA GLU P 87 17.91 1.94 83.56
C GLU P 87 16.43 2.15 83.29
N LYS P 93 13.50 5.69 85.23
CA LYS P 93 12.87 6.98 85.39
C LYS P 93 12.64 7.66 84.04
N GLU P 94 11.59 8.46 83.96
CA GLU P 94 11.30 9.22 82.74
C GLU P 94 12.17 10.47 82.67
N VAL P 95 12.49 10.87 81.44
CA VAL P 95 13.34 12.05 81.24
C VAL P 95 12.61 13.34 81.64
N ASP P 96 11.29 13.34 81.57
CA ASP P 96 10.52 14.55 81.90
C ASP P 96 10.69 14.96 83.34
N SER P 97 11.16 14.06 84.22
CA SER P 97 11.35 14.38 85.62
C SER P 97 12.33 15.53 85.83
N ILE P 98 13.23 15.77 84.87
CA ILE P 98 14.19 16.88 84.98
C ILE P 98 13.45 18.20 85.15
N ILE P 99 12.47 18.47 84.29
CA ILE P 99 11.69 19.70 84.40
C ILE P 99 10.84 19.69 85.67
N ARG P 100 10.35 18.53 86.08
CA ARG P 100 9.54 18.44 87.29
C ARG P 100 10.36 18.79 88.53
N ASP P 101 11.54 18.18 88.66
CA ASP P 101 12.41 18.48 89.79
C ASP P 101 12.95 19.90 89.71
N LEU P 102 13.13 20.43 88.50
CA LEU P 102 13.59 21.81 88.36
C LEU P 102 12.54 22.78 88.88
N THR P 103 11.27 22.54 88.52
CA THR P 103 10.19 23.40 89.02
C THR P 103 10.04 23.28 90.53
N ASP P 104 10.28 22.08 91.07
CA ASP P 104 10.20 21.90 92.52
C ASP P 104 11.28 22.70 93.24
N ALA P 105 12.46 22.82 92.63
CA ALA P 105 13.51 23.69 93.19
C ALA P 105 13.15 25.16 93.01
N ALA P 106 12.56 25.51 91.87
CA ALA P 106 12.12 26.89 91.66
C ALA P 106 10.99 27.28 92.59
N VAL P 107 10.10 26.33 92.91
CA VAL P 107 9.02 26.62 93.85
C VAL P 107 9.58 26.98 95.22
N LYS P 108 10.44 26.11 95.77
CA LYS P 108 11.05 26.40 97.06
C LYS P 108 11.95 27.63 96.99
N MET P 109 12.48 27.94 95.81
CA MET P 109 13.31 29.12 95.67
C MET P 109 12.49 30.40 95.72
N VAL P 110 11.42 30.46 94.92
CA VAL P 110 10.58 31.66 94.93
C VAL P 110 9.79 31.75 96.24
N ARG P 111 9.52 30.63 96.90
CA ARG P 111 8.77 30.66 98.15
C ARG P 111 9.61 31.24 99.30
N VAL P 112 10.83 30.71 99.49
CA VAL P 112 11.68 31.21 100.57
C VAL P 112 12.06 32.66 100.32
N GLN P 113 12.26 33.03 99.06
CA GLN P 113 12.53 34.42 98.72
C GLN P 113 11.31 35.31 98.96
N ALA P 114 10.10 34.77 98.78
CA ALA P 114 8.91 35.53 99.10
C ALA P 114 8.74 35.69 100.61
N ILE P 115 9.22 34.72 101.39
CA ILE P 115 9.18 34.84 102.85
C ILE P 115 10.08 35.97 103.33
N GLU P 116 11.17 36.23 102.61
CA GLU P 116 12.08 37.30 102.95
C GLU P 116 11.41 38.67 102.78
N ASN P 234 0.29 35.84 98.13
CA ASN P 234 -0.59 35.65 96.97
C ASN P 234 -0.07 34.48 96.18
N PRO P 235 -0.79 33.35 96.24
CA PRO P 235 -0.29 32.11 95.61
C PRO P 235 -0.29 32.11 94.09
N GLU P 236 -1.26 32.73 93.44
CA GLU P 236 -1.30 32.74 91.99
C GLU P 236 -0.15 33.55 91.38
N GLU P 237 0.37 34.53 92.09
CA GLU P 237 1.57 35.22 91.61
C GLU P 237 2.86 34.51 92.00
N LEU P 238 2.79 33.54 92.91
CA LEU P 238 3.97 32.82 93.39
C LEU P 238 4.19 31.51 92.63
N LYS P 239 3.22 30.60 92.69
CA LYS P 239 3.32 29.35 91.94
C LYS P 239 3.47 29.61 90.43
N GLN P 240 2.89 30.71 89.94
CA GLN P 240 3.12 31.14 88.57
C GLN P 240 4.45 31.85 88.40
N ASP P 241 5.07 32.33 89.48
CA ASP P 241 6.38 32.96 89.39
C ASP P 241 7.48 31.92 89.17
N ALA P 242 7.39 30.78 89.88
CA ALA P 242 8.36 29.71 89.67
C ALA P 242 8.31 29.17 88.25
N ILE P 243 7.12 29.17 87.63
CA ILE P 243 7.00 28.78 86.23
C ILE P 243 7.68 29.79 85.32
N ASP P 244 7.46 31.08 85.55
CA ASP P 244 8.18 32.10 84.79
C ASP P 244 9.67 32.06 85.07
N ALA P 245 10.06 31.73 86.30
CA ALA P 245 11.47 31.59 86.64
C ALA P 245 12.10 30.39 85.93
N VAL P 246 11.34 29.30 85.77
CA VAL P 246 11.86 28.13 85.06
C VAL P 246 11.92 28.40 83.57
N GLU P 247 10.83 28.92 83.00
CA GLU P 247 10.78 29.12 81.56
C GLU P 247 11.78 30.19 81.10
N GLN P 248 11.81 31.33 81.79
CA GLN P 248 12.67 32.42 81.34
C GLN P 248 14.11 32.21 81.79
N HIS P 249 14.31 31.93 83.08
CA HIS P 249 15.64 31.93 83.67
C HIS P 249 16.22 30.53 83.87
N GLY P 250 15.48 29.48 83.54
CA GLY P 250 15.85 28.15 83.97
C GLY P 250 17.20 27.71 83.43
N ILE P 251 17.89 26.90 84.23
CA ILE P 251 19.19 26.35 83.90
C ILE P 251 19.22 24.89 84.36
N VAL P 252 19.83 24.02 83.55
CA VAL P 252 19.97 22.61 83.86
C VAL P 252 21.38 22.18 83.50
N PHE P 253 22.03 21.46 84.41
CA PHE P 253 23.37 20.94 84.20
C PHE P 253 23.29 19.41 84.08
N ILE P 254 23.69 18.90 82.93
CA ILE P 254 23.69 17.46 82.66
C ILE P 254 25.14 16.99 82.75
N ASP P 255 25.47 16.32 83.83
CA ASP P 255 26.83 15.83 84.06
C ASP P 255 27.06 14.58 83.23
N GLU P 256 28.34 14.30 82.97
CA GLU P 256 28.78 13.05 82.33
C GLU P 256 27.96 12.73 81.08
N ILE P 257 27.73 13.75 80.25
CA ILE P 257 27.00 13.49 79.02
C ILE P 257 27.80 12.57 78.09
N ASP P 258 29.12 12.53 78.25
CA ASP P 258 29.96 11.71 77.37
C ASP P 258 29.71 10.21 77.51
N LYS P 259 29.15 9.77 78.65
CA LYS P 259 28.97 8.34 78.87
C LYS P 259 27.77 7.74 78.15
N ILE P 260 26.88 8.57 77.59
CA ILE P 260 25.74 8.06 76.81
C ILE P 260 26.03 8.02 75.32
N CYS P 261 27.26 8.35 74.91
CA CYS P 261 27.64 8.23 73.51
C CYS P 261 27.84 6.77 73.13
N LYS P 262 27.77 6.50 71.84
CA LYS P 262 27.99 5.17 71.31
C LYS P 262 29.44 4.75 71.47
N SER P 267 26.85 -2.70 70.79
CA SER P 267 25.61 -2.49 70.05
C SER P 267 24.41 -2.43 71.00
N GLY P 268 24.43 -3.29 72.01
CA GLY P 268 23.37 -3.36 72.98
C GLY P 268 23.24 -2.09 73.81
N PRO P 269 24.32 -1.69 74.49
CA PRO P 269 24.28 -0.42 75.23
C PRO P 269 24.14 0.79 74.34
N ASP P 270 24.68 0.73 73.11
CA ASP P 270 24.62 1.87 72.21
C ASP P 270 23.17 2.27 71.90
N VAL P 271 22.25 1.31 71.90
CA VAL P 271 20.84 1.63 71.71
C VAL P 271 20.28 2.32 72.95
N SER P 272 20.56 1.77 74.13
CA SER P 272 20.12 2.39 75.38
C SER P 272 20.84 3.70 75.64
N ARG P 273 22.12 3.81 75.26
CA ARG P 273 22.85 5.06 75.45
C ARG P 273 22.31 6.16 74.56
N GLU P 274 22.24 5.89 73.24
CA GLU P 274 21.70 6.86 72.31
C GLU P 274 20.20 7.04 72.49
N GLY P 275 19.51 6.06 73.07
CA GLY P 275 18.09 6.23 73.35
C GLY P 275 17.83 7.34 74.36
N VAL P 276 18.75 7.49 75.33
CA VAL P 276 18.64 8.60 76.28
C VAL P 276 18.80 9.93 75.57
N GLN P 277 19.64 9.97 74.53
CA GLN P 277 19.84 11.20 73.78
C GLN P 277 18.55 11.62 73.08
N ARG P 278 17.86 10.65 72.46
CA ARG P 278 16.59 10.95 71.80
C ARG P 278 15.53 11.37 72.81
N ASP P 279 15.54 10.78 74.01
CA ASP P 279 14.60 11.20 75.04
C ASP P 279 14.89 12.62 75.52
N LEU P 280 16.17 13.00 75.56
CA LEU P 280 16.55 14.35 75.92
C LEU P 280 16.27 15.35 74.80
N LEU P 281 16.15 14.87 73.55
CA LEU P 281 16.05 15.76 72.41
C LEU P 281 14.88 16.75 72.48
N PRO P 282 13.65 16.35 72.84
CA PRO P 282 12.56 17.34 72.88
C PRO P 282 12.80 18.49 73.83
N LEU P 283 13.51 18.26 74.94
CA LEU P 283 13.69 19.32 75.92
C LEU P 283 14.53 20.46 75.37
N VAL P 284 15.54 20.15 74.56
CA VAL P 284 16.40 21.19 73.99
C VAL P 284 15.79 21.79 72.73
N GLU P 285 15.18 20.95 71.88
CA GLU P 285 14.50 21.46 70.70
C GLU P 285 13.24 22.23 71.08
N GLY P 286 12.80 22.08 72.33
CA GLY P 286 11.60 22.74 72.82
C GLY P 286 10.44 21.77 72.86
N CYS P 287 9.61 21.90 73.89
CA CYS P 287 8.46 21.01 74.11
C CYS P 287 7.67 21.58 75.28
N THR P 288 6.64 20.85 75.71
CA THR P 288 5.85 21.24 76.86
C THR P 288 5.70 20.04 77.78
N VAL P 289 5.98 20.24 79.07
CA VAL P 289 5.91 19.18 80.07
C VAL P 289 4.87 19.57 81.11
N SER P 290 4.08 18.59 81.53
CA SER P 290 3.05 18.81 82.52
C SER P 290 3.60 18.55 83.91
N THR P 291 3.27 19.44 84.84
CA THR P 291 3.65 19.30 86.24
C THR P 291 2.45 19.66 87.10
N LYS P 292 2.46 19.16 88.34
CA LYS P 292 1.40 19.52 89.29
C LYS P 292 1.38 21.02 89.55
N HIS P 293 2.54 21.67 89.51
CA HIS P 293 2.61 23.11 89.70
C HIS P 293 2.10 23.89 88.50
N GLY P 294 2.10 23.28 87.32
CA GLY P 294 1.64 23.96 86.13
C GLY P 294 2.17 23.30 84.87
N MET P 295 2.00 24.01 83.76
CA MET P 295 2.43 23.55 82.45
C MET P 295 3.62 24.39 82.00
N VAL P 296 4.78 23.76 81.86
CA VAL P 296 6.03 24.46 81.58
C VAL P 296 6.47 24.19 80.15
N LYS P 297 7.10 25.19 79.54
CA LYS P 297 7.68 25.07 78.20
C LYS P 297 9.20 25.21 78.29
N THR P 298 9.91 24.36 77.55
CA THR P 298 11.36 24.23 77.65
C THR P 298 12.12 25.01 76.59
N ASP P 299 11.44 25.81 75.77
CA ASP P 299 12.11 26.39 74.61
C ASP P 299 13.27 27.29 75.00
N HIS P 300 13.09 28.10 76.03
CA HIS P 300 14.07 29.13 76.38
C HIS P 300 14.95 28.73 77.57
N ILE P 301 14.82 27.51 78.08
CA ILE P 301 15.69 27.06 79.15
C ILE P 301 17.10 26.88 78.63
N LEU P 302 18.08 27.27 79.44
CA LEU P 302 19.48 27.08 79.14
C LEU P 302 19.97 25.77 79.73
N PHE P 303 20.86 25.10 79.01
CA PHE P 303 21.39 23.80 79.42
C PHE P 303 22.91 23.81 79.33
N ILE P 304 23.54 23.05 80.23
CA ILE P 304 24.98 22.90 80.26
C ILE P 304 25.28 21.41 80.37
N ALA P 305 25.88 20.84 79.34
CA ALA P 305 26.32 19.45 79.36
C ALA P 305 27.81 19.39 79.62
N SER P 306 28.24 18.34 80.33
CA SER P 306 29.65 18.18 80.68
C SER P 306 30.03 16.71 80.57
N GLY P 307 31.28 16.48 80.20
CA GLY P 307 31.83 15.13 80.14
C GLY P 307 33.33 15.15 79.94
N ALA P 308 34.01 14.10 80.39
CA ALA P 308 35.45 14.00 80.16
C ALA P 308 35.75 13.78 78.67
N PHE P 309 34.89 13.05 77.98
CA PHE P 309 35.04 12.76 76.56
C PHE P 309 36.40 12.15 76.24
N GLN P 310 36.93 11.37 77.18
CA GLN P 310 38.14 10.62 76.89
C GLN P 310 37.83 9.33 76.15
N ILE P 311 36.72 8.68 76.49
CA ILE P 311 36.30 7.47 75.79
C ILE P 311 35.63 7.81 74.46
N ALA P 312 34.79 8.85 74.44
CA ALA P 312 34.04 9.23 73.27
C ALA P 312 34.30 10.70 72.98
N LYS P 313 33.68 11.20 71.92
CA LYS P 313 33.83 12.58 71.49
C LYS P 313 32.47 13.18 71.23
N PRO P 314 32.35 14.51 71.28
CA PRO P 314 31.06 15.14 70.99
C PRO P 314 30.50 14.78 69.62
N SER P 315 31.36 14.48 68.65
CA SER P 315 30.87 14.03 67.35
C SER P 315 30.08 12.72 67.46
N ASP P 316 30.35 11.92 68.49
CA ASP P 316 29.61 10.68 68.71
C ASP P 316 28.18 10.92 69.16
N LEU P 317 27.86 12.14 69.60
CA LEU P 317 26.48 12.47 69.94
C LEU P 317 25.61 12.47 68.68
N ILE P 318 24.32 12.27 68.88
CA ILE P 318 23.37 12.23 67.77
C ILE P 318 23.36 13.58 67.07
N PRO P 319 23.16 13.63 65.75
CA PRO P 319 23.28 14.92 65.04
C PRO P 319 22.30 15.98 65.52
N GLU P 320 21.08 15.60 65.89
CA GLU P 320 20.13 16.60 66.38
C GLU P 320 20.60 17.20 67.71
N LEU P 321 21.41 16.45 68.46
CA LEU P 321 21.92 16.96 69.72
C LEU P 321 23.16 17.84 69.51
N GLN P 322 23.99 17.52 68.51
CA GLN P 322 25.18 18.32 68.26
C GLN P 322 24.84 19.74 67.84
N GLY P 323 23.73 19.92 67.11
CA GLY P 323 23.32 21.25 66.68
C GLY P 323 22.61 22.05 67.74
N ARG P 324 22.20 21.42 68.83
CA ARG P 324 21.57 22.11 69.94
C ARG P 324 22.56 22.54 71.01
N LEU P 325 23.87 22.38 70.77
CA LEU P 325 24.91 22.79 71.70
C LEU P 325 25.88 23.71 70.95
N PRO P 326 25.44 24.92 70.62
CA PRO P 326 26.27 25.79 69.76
C PRO P 326 27.62 26.15 70.37
N ILE P 327 27.72 26.31 71.69
CA ILE P 327 28.94 26.77 72.33
C ILE P 327 29.69 25.57 72.89
N ARG P 328 30.97 25.45 72.56
CA ARG P 328 31.83 24.39 73.05
C ARG P 328 33.04 25.02 73.75
N VAL P 329 33.44 24.40 74.86
CA VAL P 329 34.60 24.88 75.62
C VAL P 329 35.25 23.70 76.33
N GLU P 330 36.57 23.72 76.39
CA GLU P 330 37.34 22.73 77.13
C GLU P 330 37.93 23.40 78.36
N LEU P 331 37.82 22.74 79.51
CA LEU P 331 38.36 23.26 80.76
C LEU P 331 39.70 22.61 81.04
N GLN P 332 40.69 23.43 81.40
CA GLN P 332 42.04 22.95 81.62
C GLN P 332 42.17 22.28 82.99
N ALA P 333 43.14 21.39 83.09
CA ALA P 333 43.45 20.75 84.36
C ALA P 333 44.04 21.79 85.32
N LEU P 334 43.67 21.67 86.60
CA LEU P 334 44.12 22.64 87.58
C LEU P 334 45.56 22.36 87.98
N THR P 335 46.33 23.42 88.17
CA THR P 335 47.72 23.32 88.56
C THR P 335 47.88 23.46 90.07
N THR P 336 49.13 23.32 90.54
CA THR P 336 49.41 23.52 91.95
C THR P 336 49.17 24.96 92.37
N SER P 337 49.50 25.91 91.48
CA SER P 337 49.32 27.33 91.81
C SER P 337 47.84 27.67 91.98
N ASP P 338 46.97 27.05 91.18
CA ASP P 338 45.53 27.29 91.34
C ASP P 338 45.00 26.74 92.66
N PHE P 339 45.55 25.62 93.13
CA PHE P 339 45.14 25.07 94.41
C PHE P 339 45.42 26.04 95.55
N GLU P 340 46.60 26.67 95.54
CA GLU P 340 46.93 27.64 96.58
C GLU P 340 45.96 28.82 96.53
N ARG P 341 45.53 29.21 95.34
CA ARG P 341 44.55 30.29 95.22
C ARG P 341 43.18 29.84 95.71
N ILE P 342 42.76 28.62 95.36
CA ILE P 342 41.46 28.12 95.76
C ILE P 342 41.37 28.04 97.28
N LEU P 343 42.49 27.78 97.95
CA LEU P 343 42.49 27.65 99.39
C LEU P 343 42.21 28.99 100.08
N THR P 344 42.55 30.10 99.43
CA THR P 344 42.55 31.39 100.11
C THR P 344 41.68 32.42 99.39
N GLU P 345 42.02 32.72 98.13
CA GLU P 345 41.41 33.83 97.40
C GLU P 345 39.88 33.83 97.35
N PRO P 346 39.19 32.71 97.07
CA PRO P 346 37.73 32.80 96.92
C PRO P 346 37.06 33.26 98.21
N ASN P 347 35.98 34.03 98.06
CA ASN P 347 35.18 34.39 99.21
C ASN P 347 34.63 33.14 99.87
N ALA P 348 34.74 33.08 101.20
CA ALA P 348 34.32 31.90 101.97
C ALA P 348 35.08 30.65 101.54
N SER P 349 36.40 30.79 101.35
CA SER P 349 37.24 29.66 101.03
C SER P 349 37.34 28.70 102.21
N ILE P 350 37.67 27.43 101.91
CA ILE P 350 37.68 26.39 102.93
C ILE P 350 38.65 26.69 104.07
N THR P 351 39.75 27.37 103.79
CA THR P 351 40.64 27.81 104.86
C THR P 351 40.00 28.87 105.75
N VAL P 352 39.30 29.83 105.14
CA VAL P 352 38.55 30.83 105.93
C VAL P 352 37.44 30.15 106.72
N GLN P 353 36.84 29.10 106.15
CA GLN P 353 35.79 28.39 106.87
C GLN P 353 36.35 27.71 108.11
N TYR P 354 37.50 27.03 107.98
CA TYR P 354 38.13 26.40 109.13
C TYR P 354 38.57 27.42 110.16
N LYS P 355 38.98 28.60 109.71
CA LYS P 355 39.40 29.64 110.63
C LYS P 355 38.22 30.12 111.47
N ALA P 356 37.11 30.43 110.81
CA ALA P 356 35.91 30.84 111.53
C ALA P 356 35.34 29.72 112.39
N LEU P 357 35.47 28.47 111.95
CA LEU P 357 34.96 27.35 112.73
C LEU P 357 35.71 27.22 114.06
N MET P 358 37.04 27.22 113.99
CA MET P 358 37.85 27.20 115.20
C MET P 358 37.69 28.48 116.02
N ALA P 359 37.34 29.57 115.34
CA ALA P 359 37.06 30.83 116.03
C ALA P 359 35.89 30.70 116.99
N THR P 360 34.93 29.84 116.67
CA THR P 360 33.80 29.63 117.56
C THR P 360 34.25 29.03 118.89
N GLU P 361 35.30 28.22 118.87
CA GLU P 361 35.83 27.60 120.07
C GLU P 361 36.79 28.51 120.83
N GLY P 362 37.04 29.73 120.34
CA GLY P 362 37.99 30.63 120.95
C GLY P 362 39.43 30.48 120.49
N VAL P 363 39.68 29.66 119.46
CA VAL P 363 41.02 29.40 118.94
C VAL P 363 41.22 30.22 117.68
N ASN P 364 42.46 30.64 117.44
CA ASN P 364 42.82 31.43 116.28
C ASN P 364 43.73 30.60 115.38
N ILE P 365 43.22 30.24 114.20
CA ILE P 365 44.00 29.52 113.21
C ILE P 365 44.63 30.54 112.26
N GLU P 366 45.87 30.29 111.86
CA GLU P 366 46.55 31.11 110.87
C GLU P 366 47.44 30.20 110.03
N PHE P 367 47.33 30.33 108.71
CA PHE P 367 48.08 29.52 107.76
C PHE P 367 49.20 30.33 107.14
N THR P 368 50.41 29.78 107.18
CA THR P 368 51.54 30.41 106.51
C THR P 368 51.45 30.18 105.00
N ASP P 369 52.07 31.09 104.25
CA ASP P 369 52.11 30.95 102.79
C ASP P 369 52.80 29.65 102.39
N SER P 370 53.89 29.30 103.07
CA SER P 370 54.53 28.01 102.82
C SER P 370 53.67 26.86 103.31
N GLY P 371 52.87 27.09 104.35
CA GLY P 371 51.93 26.06 104.79
C GLY P 371 50.79 25.86 103.82
N ILE P 372 50.28 26.94 103.23
CA ILE P 372 49.31 26.82 102.15
C ILE P 372 49.95 26.19 100.93
N LYS P 373 51.21 26.51 100.66
CA LYS P 373 51.91 25.98 99.49
C LYS P 373 52.09 24.47 99.59
N ARG P 374 52.35 23.95 100.80
CA ARG P 374 52.58 22.52 100.97
C ARG P 374 51.29 21.71 101.05
N ILE P 375 50.15 22.36 101.30
CA ILE P 375 48.87 21.65 101.22
C ILE P 375 48.49 21.42 99.77
N ALA P 376 48.67 22.44 98.92
CA ALA P 376 48.39 22.29 97.49
C ALA P 376 49.30 21.24 96.87
N GLU P 377 50.58 21.23 97.26
CA GLU P 377 51.49 20.20 96.79
C GLU P 377 51.08 18.82 97.26
N ALA P 378 50.51 18.73 98.46
CA ALA P 378 50.06 17.44 98.98
C ALA P 378 48.85 16.93 98.19
N ALA P 379 47.87 17.81 97.93
CA ALA P 379 46.72 17.41 97.15
C ALA P 379 47.11 17.08 95.71
N TRP P 380 48.12 17.75 95.18
CA TRP P 380 48.57 17.46 93.82
C TRP P 380 49.21 16.08 93.75
N GLN P 381 50.03 15.72 94.75
CA GLN P 381 50.73 14.45 94.71
C GLN P 381 49.76 13.27 94.76
N VAL P 382 48.68 13.40 95.54
CA VAL P 382 47.72 12.30 95.64
C VAL P 382 46.98 12.12 94.31
N ASN P 383 46.62 13.23 93.66
CA ASN P 383 45.96 13.13 92.36
C ASN P 383 46.88 12.50 91.32
N GLU P 384 48.18 12.75 91.41
CA GLU P 384 49.14 12.13 90.49
C GLU P 384 49.49 10.72 90.90
N SER P 385 49.68 10.48 92.21
CA SER P 385 50.10 9.16 92.66
C SER P 385 49.00 8.12 92.46
N THR P 386 47.72 8.50 92.58
CA THR P 386 46.65 7.52 92.49
C THR P 386 45.63 7.87 91.41
N GLU P 387 44.69 8.76 91.74
CA GLU P 387 43.61 9.16 90.84
C GLU P 387 43.38 10.65 90.97
N ASN P 388 43.14 11.32 89.84
CA ASN P 388 43.00 12.77 89.82
C ASN P 388 41.51 13.10 89.97
N ILE P 389 41.13 13.62 91.14
CA ILE P 389 39.77 14.06 91.41
C ILE P 389 39.61 15.57 91.29
N GLY P 390 40.66 16.28 90.89
CA GLY P 390 40.60 17.73 90.83
C GLY P 390 40.70 18.37 92.19
N ALA P 391 40.14 19.58 92.29
CA ALA P 391 40.23 20.36 93.52
C ALA P 391 39.52 19.72 94.69
N ARG P 392 38.69 18.70 94.46
CA ARG P 392 38.05 18.00 95.57
C ARG P 392 39.07 17.41 96.53
N ARG P 393 40.26 17.10 96.05
CA ARG P 393 41.30 16.55 96.92
C ARG P 393 41.68 17.52 98.03
N LEU P 394 41.57 18.83 97.77
CA LEU P 394 41.91 19.82 98.79
C LEU P 394 41.05 19.66 100.03
N HIS P 395 39.80 19.25 99.86
CA HIS P 395 38.92 19.08 101.02
C HIS P 395 39.37 17.91 101.88
N THR P 396 39.73 16.80 101.25
CA THR P 396 40.14 15.60 101.99
C THR P 396 41.46 15.84 102.72
N VAL P 397 42.39 16.56 102.08
CA VAL P 397 43.70 16.77 102.70
C VAL P 397 43.60 17.73 103.87
N LEU P 398 42.81 18.79 103.74
CA LEU P 398 42.73 19.81 104.78
C LEU P 398 42.11 19.24 106.06
N GLU P 399 41.02 18.49 105.93
CA GLU P 399 40.38 17.92 107.12
C GLU P 399 41.30 16.91 107.79
N ARG P 400 42.08 16.16 107.01
CA ARG P 400 43.05 15.23 107.60
C ARG P 400 44.13 15.98 108.36
N LEU P 401 44.52 17.17 107.88
CA LEU P 401 45.53 17.94 108.59
C LEU P 401 44.96 18.56 109.87
N MET P 402 43.73 19.05 109.82
CA MET P 402 43.11 19.78 110.92
C MET P 402 42.35 18.90 111.89
N GLU P 403 42.29 17.59 111.66
CA GLU P 403 41.47 16.73 112.51
C GLU P 403 41.93 16.76 113.95
N GLU P 404 43.22 16.95 114.20
CA GLU P 404 43.71 16.99 115.57
C GLU P 404 43.33 18.30 116.25
N ILE P 405 43.42 19.42 115.53
CA ILE P 405 42.99 20.69 116.09
C ILE P 405 41.49 20.72 116.26
N SER P 406 40.75 20.23 115.26
CA SER P 406 39.30 20.27 115.33
C SER P 406 38.78 19.47 116.52
N TYR P 407 39.50 18.43 116.92
CA TYR P 407 39.11 17.63 118.06
C TYR P 407 39.41 18.36 119.37
N ASP P 408 40.57 18.98 119.44
CA ASP P 408 41.08 19.63 120.65
C ASP P 408 40.64 21.08 120.79
N ALA P 409 39.90 21.63 119.82
CA ALA P 409 39.63 23.06 119.80
C ALA P 409 38.93 23.53 121.07
N SER P 410 38.16 22.65 121.72
CA SER P 410 37.48 23.03 122.95
C SER P 410 38.48 23.35 124.06
N ASP P 411 39.48 22.48 124.23
CA ASP P 411 40.48 22.68 125.28
C ASP P 411 41.51 23.74 124.91
N LEU P 412 41.62 24.09 123.64
CA LEU P 412 42.61 25.06 123.15
C LEU P 412 42.08 26.49 123.12
N SER P 413 40.90 26.73 123.69
CA SER P 413 40.30 28.06 123.66
C SER P 413 41.24 29.11 124.25
N GLY P 414 41.29 30.27 123.59
CA GLY P 414 42.18 31.34 124.00
C GLY P 414 43.60 31.19 123.52
N GLN P 415 43.88 30.22 122.64
CA GLN P 415 45.21 29.99 122.10
C GLN P 415 45.23 30.26 120.60
N ASN P 416 46.41 30.60 120.11
CA ASN P 416 46.59 30.87 118.70
C ASN P 416 47.41 29.73 118.12
N ILE P 417 46.78 28.92 117.29
CA ILE P 417 47.50 27.86 116.62
C ILE P 417 47.86 28.38 115.24
N THR P 418 49.07 28.08 114.79
CA THR P 418 49.55 28.55 113.49
C THR P 418 49.98 27.35 112.67
N ILE P 419 49.41 27.22 111.47
CA ILE P 419 49.72 26.11 110.59
C ILE P 419 50.88 26.52 109.70
N ASP P 420 52.02 25.89 109.92
CA ASP P 420 53.25 26.18 109.19
C ASP P 420 53.62 25.00 108.31
N ALA P 421 54.70 25.19 107.54
CA ALA P 421 55.18 24.13 106.65
C ALA P 421 55.60 22.90 107.43
N ASP P 422 56.20 23.09 108.61
CA ASP P 422 56.59 21.97 109.45
C ASP P 422 55.37 21.22 109.99
N TYR P 423 54.28 21.93 110.28
CA TYR P 423 53.07 21.28 110.77
C TYR P 423 52.41 20.47 109.66
N VAL P 424 52.40 21.00 108.44
CA VAL P 424 51.79 20.30 107.32
C VAL P 424 52.55 19.02 107.02
N SER P 425 53.87 19.10 106.96
CA SER P 425 54.68 17.91 106.69
C SER P 425 54.58 16.88 107.81
N LYS P 426 54.35 17.34 109.05
CA LYS P 426 54.28 16.42 110.17
C LYS P 426 53.05 15.51 110.10
N HIS P 427 51.89 16.09 109.75
CA HIS P 427 50.63 15.35 109.76
C HIS P 427 50.32 14.70 108.41
N LEU P 428 51.07 15.02 107.37
CA LEU P 428 50.71 14.61 106.01
C LEU P 428 51.75 13.72 105.37
N ASP P 429 53.01 14.18 105.22
CA ASP P 429 54.01 13.48 104.43
C ASP P 429 54.08 11.99 104.73
N ALA P 430 53.82 11.59 105.97
CA ALA P 430 53.79 10.16 106.30
C ALA P 430 52.64 9.44 105.60
N LEU P 431 51.54 10.15 105.33
CA LEU P 431 50.39 9.55 104.67
C LEU P 431 50.54 9.59 103.15
N GLU Q 2 25.97 20.09 122.19
CA GLU Q 2 27.18 20.89 122.23
C GLU Q 2 28.35 20.07 122.75
N MET Q 3 28.24 18.75 122.66
CA MET Q 3 29.28 17.88 123.17
C MET Q 3 30.56 18.05 122.35
N THR Q 4 31.70 18.11 123.05
CA THR Q 4 33.00 18.20 122.40
C THR Q 4 33.38 16.80 121.89
N PRO Q 5 34.25 16.72 120.89
CA PRO Q 5 34.56 15.40 120.29
C PRO Q 5 35.10 14.35 121.26
N ARG Q 6 35.84 14.75 122.31
CA ARG Q 6 36.25 13.81 123.35
C ARG Q 6 35.04 13.31 124.12
N GLU Q 7 34.05 14.17 124.36
CA GLU Q 7 32.83 13.76 125.03
C GLU Q 7 32.01 12.79 124.18
N ILE Q 8 32.11 12.89 122.85
CA ILE Q 8 31.40 11.96 121.97
C ILE Q 8 32.04 10.59 122.02
N VAL Q 9 33.38 10.55 121.92
CA VAL Q 9 34.10 9.28 121.94
C VAL Q 9 33.92 8.57 123.28
N SER Q 10 33.95 9.34 124.39
CA SER Q 10 33.79 8.73 125.70
C SER Q 10 32.40 8.11 125.89
N GLU Q 11 31.37 8.72 125.30
CA GLU Q 11 30.04 8.14 125.37
C GLU Q 11 29.94 6.89 124.50
N LEU Q 12 30.60 6.90 123.34
CA LEU Q 12 30.60 5.73 122.46
C LEU Q 12 31.35 4.56 123.08
N ASP Q 13 32.37 4.83 123.90
CA ASP Q 13 33.07 3.75 124.59
C ASP Q 13 32.15 3.00 125.54
N LYS Q 14 31.07 3.66 126.01
CA LYS Q 14 30.08 3.01 126.85
C LYS Q 14 29.34 1.91 126.12
N HIS Q 15 29.32 1.93 124.79
CA HIS Q 15 28.66 0.89 124.00
C HIS Q 15 29.65 0.15 123.12
N ILE Q 16 30.31 0.82 122.19
CA ILE Q 16 31.29 0.18 121.32
C ILE Q 16 32.61 -0.01 122.07
N ILE Q 17 33.30 -1.11 121.76
CA ILE Q 17 34.61 -1.41 122.32
C ILE Q 17 35.66 -1.24 121.23
N GLY Q 18 36.70 -0.47 121.53
CA GLY Q 18 37.76 -0.26 120.56
C GLY Q 18 37.25 0.57 119.39
N GLN Q 19 37.92 0.39 118.25
CA GLN Q 19 37.57 1.11 117.02
C GLN Q 19 37.58 2.62 117.22
N ASP Q 20 38.57 3.10 117.98
CA ASP Q 20 38.60 4.51 118.38
C ASP Q 20 38.70 5.43 117.17
N ASN Q 21 39.42 5.02 116.12
CA ASN Q 21 39.58 5.87 114.95
C ASN Q 21 38.23 6.15 114.28
N ALA Q 22 37.37 5.14 114.20
CA ALA Q 22 36.01 5.37 113.71
C ALA Q 22 35.21 6.24 114.67
N LYS Q 23 35.46 6.13 115.97
CA LYS Q 23 34.79 7.01 116.94
C LYS Q 23 35.29 8.45 116.81
N ARG Q 24 36.59 8.64 116.63
CA ARG Q 24 37.11 9.99 116.45
C ARG Q 24 36.61 10.61 115.15
N SER Q 25 36.45 9.79 114.11
CA SER Q 25 36.04 10.32 112.82
C SER Q 25 34.58 10.77 112.86
N VAL Q 26 33.70 9.98 113.47
CA VAL Q 26 32.30 10.36 113.58
C VAL Q 26 32.14 11.56 114.51
N ALA Q 27 32.99 11.68 115.53
CA ALA Q 27 32.88 12.81 116.45
C ALA Q 27 33.19 14.13 115.76
N ILE Q 28 34.16 14.12 114.84
CA ILE Q 28 34.50 15.34 114.10
C ILE Q 28 33.33 15.80 113.26
N ALA Q 29 32.58 14.84 112.70
CA ALA Q 29 31.44 15.20 111.86
C ALA Q 29 30.32 15.79 112.69
N LEU Q 30 30.02 15.18 113.84
CA LEU Q 30 28.97 15.71 114.71
C LEU Q 30 29.36 17.06 115.27
N ARG Q 31 30.65 17.27 115.50
CA ARG Q 31 31.10 18.57 116.02
C ARG Q 31 31.01 19.65 114.95
N ASN Q 32 31.23 19.30 113.69
CA ASN Q 32 31.10 20.28 112.61
C ASN Q 32 29.67 20.80 112.48
N ARG Q 33 28.68 20.00 112.89
CA ARG Q 33 27.30 20.46 112.90
C ARG Q 33 27.13 21.67 113.82
N TRP Q 34 27.57 21.55 115.08
CA TRP Q 34 27.49 22.67 116.01
C TRP Q 34 28.40 23.82 115.62
N ARG Q 35 29.56 23.51 115.05
CA ARG Q 35 30.47 24.56 114.60
C ARG Q 35 29.87 25.37 113.45
N ARG Q 36 29.03 24.73 112.62
CA ARG Q 36 28.44 25.43 111.48
C ARG Q 36 27.41 26.44 111.93
N MET Q 37 26.56 26.09 112.90
CA MET Q 37 25.48 26.98 113.33
C MET Q 37 26.02 28.29 113.88
N GLN Q 38 27.22 28.27 114.45
CA GLN Q 38 27.87 29.45 115.00
C GLN Q 38 28.41 30.38 113.93
N LEU Q 39 28.48 29.95 112.68
CA LEU Q 39 29.04 30.76 111.61
C LEU Q 39 27.99 31.74 111.06
N ASN Q 40 28.43 32.58 110.13
CA ASN Q 40 27.58 33.60 109.55
C ASN Q 40 26.68 33.00 108.47
N GLU Q 41 25.83 33.85 107.89
CA GLU Q 41 24.83 33.38 106.93
C GLU Q 41 25.49 32.77 105.69
N GLU Q 42 26.64 33.32 105.27
CA GLU Q 42 27.27 32.84 104.04
C GLU Q 42 27.95 31.48 104.24
N LEU Q 43 28.75 31.35 105.31
CA LEU Q 43 29.50 30.12 105.52
C LEU Q 43 28.60 28.93 105.82
N ARG Q 44 27.44 29.16 106.44
CA ARG Q 44 26.55 28.04 106.76
C ARG Q 44 26.04 27.35 105.51
N HIS Q 45 25.91 28.08 104.40
CA HIS Q 45 25.52 27.45 103.14
C HIS Q 45 26.71 26.78 102.46
N GLU Q 46 27.88 27.44 102.45
CA GLU Q 46 29.03 26.90 101.74
C GLU Q 46 29.55 25.64 102.40
N VAL Q 47 29.55 25.59 103.73
CA VAL Q 47 30.00 24.40 104.44
C VAL Q 47 28.95 23.30 104.30
N THR Q 48 29.42 22.09 104.07
CA THR Q 48 28.59 20.91 103.88
C THR Q 48 29.14 19.81 104.78
N PRO Q 49 28.31 18.82 105.14
CA PRO Q 49 28.75 17.81 106.10
C PRO Q 49 29.95 17.04 105.55
N LYS Q 50 30.83 16.63 106.45
CA LYS Q 50 31.99 15.84 106.08
C LYS Q 50 31.55 14.39 106.18
N ASN Q 51 31.31 13.78 105.02
CA ASN Q 51 30.83 12.41 105.01
C ASN Q 51 31.95 11.44 105.28
N ILE Q 52 31.60 10.29 105.87
CA ILE Q 52 32.56 9.30 106.33
C ILE Q 52 32.33 8.00 105.56
N LEU Q 53 33.42 7.31 105.26
CA LEU Q 53 33.39 5.99 104.63
C LEU Q 53 34.05 5.00 105.58
N MET Q 54 33.24 4.14 106.20
CA MET Q 54 33.78 3.08 107.03
C MET Q 54 34.23 1.91 106.17
N ILE Q 55 35.31 1.27 106.61
CA ILE Q 55 35.94 0.18 105.86
C ILE Q 55 36.38 -0.88 106.87
N GLY Q 56 36.07 -2.14 106.58
CA GLY Q 56 36.48 -3.24 107.41
C GLY Q 56 35.60 -4.46 107.27
N PRO Q 57 35.99 -5.56 107.93
CA PRO Q 57 35.18 -6.78 107.87
C PRO Q 57 33.86 -6.60 108.62
N THR Q 58 32.90 -7.44 108.26
CA THR Q 58 31.57 -7.32 108.83
C THR Q 58 31.59 -7.59 110.32
N GLY Q 59 30.66 -6.95 111.03
CA GLY Q 59 30.43 -7.23 112.43
C GLY Q 59 31.39 -6.60 113.41
N VAL Q 60 32.19 -5.62 112.97
CA VAL Q 60 33.17 -5.00 113.85
C VAL Q 60 32.62 -3.73 114.49
N GLY Q 61 31.33 -3.44 114.25
CA GLY Q 61 30.68 -2.31 114.87
C GLY Q 61 30.53 -1.06 114.04
N LYS Q 62 30.74 -1.14 112.72
CA LYS Q 62 30.52 0.02 111.85
C LYS Q 62 29.11 0.59 112.04
N THR Q 63 28.09 -0.28 111.97
CA THR Q 63 26.72 0.19 112.08
C THR Q 63 26.41 0.66 113.50
N GLU Q 64 26.96 -0.01 114.50
CA GLU Q 64 26.67 0.36 115.88
C GLU Q 64 27.17 1.77 116.20
N ILE Q 65 28.32 2.14 115.64
CA ILE Q 65 28.81 3.51 115.81
C ILE Q 65 27.82 4.51 115.24
N ALA Q 66 27.34 4.24 114.03
CA ALA Q 66 26.34 5.12 113.42
C ALA Q 66 25.04 5.09 114.19
N ARG Q 67 24.67 3.92 114.73
CA ARG Q 67 23.43 3.83 115.48
C ARG Q 67 23.54 4.60 116.80
N ARG Q 68 24.61 4.33 117.56
CA ARG Q 68 24.80 5.05 118.81
C ARG Q 68 25.08 6.53 118.58
N LEU Q 69 25.68 6.89 117.43
CA LEU Q 69 25.92 8.30 117.14
C LEU Q 69 24.62 9.06 116.95
N ALA Q 70 23.72 8.53 116.12
CA ALA Q 70 22.43 9.17 115.92
C ALA Q 70 21.59 9.13 117.19
N LYS Q 71 21.62 8.00 117.90
CA LYS Q 71 20.93 7.91 119.19
C LYS Q 71 21.53 8.89 120.20
N LEU Q 72 22.84 9.15 120.10
CA LEU Q 72 23.45 10.15 120.98
C LEU Q 72 22.95 11.55 120.65
N ALA Q 73 22.77 11.83 119.37
CA ALA Q 73 22.30 13.13 118.90
C ALA Q 73 20.79 13.26 118.85
N ASN Q 74 20.05 12.18 119.14
CA ASN Q 74 18.60 12.15 118.97
C ASN Q 74 18.19 12.45 117.53
N ALA Q 75 19.09 12.21 116.60
CA ALA Q 75 18.89 12.50 115.20
C ALA Q 75 18.10 11.38 114.53
N PRO Q 76 17.38 11.70 113.46
CA PRO Q 76 16.78 10.64 112.64
C PRO Q 76 17.87 9.79 112.01
N PHE Q 77 17.57 8.51 111.84
CA PHE Q 77 18.56 7.56 111.34
C PHE Q 77 17.88 6.48 110.52
N ILE Q 78 18.59 6.01 109.51
CA ILE Q 78 18.14 4.90 108.69
C ILE Q 78 19.37 4.17 108.13
N LYS Q 79 19.27 2.85 108.06
CA LYS Q 79 20.27 2.02 107.41
C LYS Q 79 19.68 1.46 106.13
N VAL Q 80 20.38 1.65 105.01
CA VAL Q 80 19.91 1.21 103.70
C VAL Q 80 20.98 0.36 103.05
N GLU Q 81 20.58 -0.78 102.50
CA GLU Q 81 21.50 -1.63 101.77
C GLU Q 81 21.62 -1.12 100.34
N ALA Q 82 22.84 -0.79 99.93
CA ALA Q 82 23.05 -0.20 98.63
C ALA Q 82 22.64 -1.15 97.50
N THR Q 83 22.71 -2.47 97.75
CA THR Q 83 22.35 -3.44 96.73
C THR Q 83 20.85 -3.51 96.49
N LYS Q 84 20.04 -2.90 97.35
CA LYS Q 84 18.59 -2.92 97.16
C LYS Q 84 18.18 -2.27 95.84
N PHE Q 85 18.98 -1.32 95.35
CA PHE Q 85 18.65 -0.54 94.16
C PHE Q 85 19.19 -1.15 92.87
N THR Q 86 19.90 -2.28 92.94
CA THR Q 86 20.42 -2.92 91.73
C THR Q 86 19.29 -3.42 90.84
N GLU Q 87 18.18 -3.82 91.44
CA GLU Q 87 17.06 -4.38 90.71
C GLU Q 87 16.17 -3.28 90.15
N GLY Q 92 12.36 -1.72 89.75
CA GLY Q 92 13.02 -1.61 91.03
C GLY Q 92 12.64 -0.36 91.79
N LYS Q 93 13.13 -0.26 93.03
CA LYS Q 93 12.80 0.87 93.88
C LYS Q 93 13.62 2.10 93.50
N GLU Q 94 13.03 3.27 93.69
CA GLU Q 94 13.71 4.53 93.43
C GLU Q 94 14.62 4.90 94.60
N VAL Q 95 15.72 5.59 94.27
CA VAL Q 95 16.68 5.98 95.30
C VAL Q 95 16.10 7.04 96.24
N ASP Q 96 15.13 7.82 95.77
CA ASP Q 96 14.55 8.87 96.60
C ASP Q 96 13.83 8.33 97.82
N SER Q 97 13.51 7.04 97.82
CA SER Q 97 12.84 6.43 98.98
C SER Q 97 13.65 6.54 100.25
N ILE Q 98 14.97 6.68 100.14
CA ILE Q 98 15.83 6.82 101.33
C ILE Q 98 15.38 8.01 102.16
N ILE Q 99 15.21 9.18 101.53
CA ILE Q 99 14.75 10.36 102.24
C ILE Q 99 13.31 10.20 102.72
N ARG Q 100 12.49 9.48 101.95
CA ARG Q 100 11.10 9.26 102.35
C ARG Q 100 11.03 8.42 103.61
N ASP Q 101 11.72 7.27 103.62
CA ASP Q 101 11.73 6.41 104.79
C ASP Q 101 12.42 7.07 105.98
N LEU Q 102 13.40 7.93 105.71
CA LEU Q 102 14.06 8.66 106.80
C LEU Q 102 13.10 9.62 107.48
N THR Q 103 12.28 10.34 106.69
CA THR Q 103 11.31 11.25 107.27
C THR Q 103 10.24 10.50 108.05
N ASP Q 104 9.84 9.32 107.56
CA ASP Q 104 8.85 8.51 108.27
C ASP Q 104 9.36 8.08 109.65
N ALA Q 105 10.67 7.79 109.74
CA ALA Q 105 11.26 7.50 111.04
C ALA Q 105 11.36 8.75 111.90
N ALA Q 106 11.69 9.89 111.29
CA ALA Q 106 11.71 11.15 112.03
C ALA Q 106 10.32 11.56 112.49
N VAL Q 107 9.28 11.25 111.70
CA VAL Q 107 7.92 11.58 112.10
C VAL Q 107 7.55 10.81 113.36
N LYS Q 108 7.73 9.48 113.32
CA LYS Q 108 7.44 8.68 114.49
C LYS Q 108 8.37 9.02 115.64
N MET Q 109 9.59 9.47 115.33
CA MET Q 109 10.52 9.85 116.39
C MET Q 109 10.07 11.12 117.08
N VAL Q 110 9.77 12.17 116.31
CA VAL Q 110 9.31 13.42 116.89
C VAL Q 110 7.92 13.26 117.53
N ARG Q 111 7.10 12.35 117.00
CA ARG Q 111 5.75 12.19 117.54
C ARG Q 111 5.77 11.53 118.92
N VAL Q 112 6.49 10.43 119.07
CA VAL Q 112 6.56 9.74 120.36
C VAL Q 112 7.24 10.61 121.41
N GLN Q 113 8.26 11.37 121.02
CA GLN Q 113 8.90 12.30 121.95
C GLN Q 113 7.98 13.44 122.34
N ALA Q 114 7.11 13.88 121.42
CA ALA Q 114 6.10 14.87 121.77
C ALA Q 114 5.06 14.29 122.72
N ILE Q 115 4.78 12.99 122.59
CA ILE Q 115 3.88 12.35 123.54
C ILE Q 115 4.49 12.34 124.95
N GLU Q 116 5.82 12.26 125.05
CA GLU Q 116 6.48 12.30 126.35
C GLU Q 116 6.28 13.63 127.06
N LYS Q 117 6.22 14.73 126.28
CA LYS Q 117 5.91 16.04 126.82
C LYS Q 117 4.45 16.13 127.22
N ASN Q 118 3.54 15.79 126.31
CA ASN Q 118 2.11 15.82 126.59
C ASN Q 118 1.69 14.82 127.67
N ARG Q 119 2.52 13.81 127.95
CA ARG Q 119 2.17 12.76 128.92
C ARG Q 119 1.90 13.32 130.31
N TYR Q 120 2.53 14.42 130.66
CA TYR Q 120 2.33 15.00 131.98
C TYR Q 120 1.13 15.94 132.03
N ARG Q 121 1.14 16.98 131.17
CA ARG Q 121 0.11 17.99 131.25
C ARG Q 121 -1.28 17.37 131.09
N ALA Q 122 -1.42 16.39 130.19
CA ALA Q 122 -2.74 15.81 129.97
C ALA Q 122 -3.23 15.11 131.22
N GLU Q 123 -2.33 14.50 131.98
CA GLU Q 123 -2.73 13.88 133.24
C GLU Q 123 -3.21 14.91 134.24
N GLU Q 124 -2.62 16.11 134.24
CA GLU Q 124 -3.12 17.16 135.12
C GLU Q 124 -4.45 17.71 134.61
N LEU Q 125 -4.50 18.08 133.33
CA LEU Q 125 -5.74 18.60 132.76
C LEU Q 125 -6.83 17.55 132.67
N ALA Q 126 -6.48 16.27 132.44
CA ALA Q 126 -7.51 15.22 132.46
C ALA Q 126 -8.07 15.00 133.85
N GLU Q 127 -7.23 15.15 134.89
CA GLU Q 127 -7.75 15.04 136.25
C GLU Q 127 -8.73 16.16 136.55
N GLU Q 128 -8.45 17.36 136.05
CA GLU Q 128 -9.35 18.50 136.29
C GLU Q 128 -10.70 18.27 135.59
N ARG Q 129 -10.70 17.54 134.47
CA ARG Q 129 -11.93 17.26 133.75
C ARG Q 129 -12.76 16.21 134.45
N ILE Q 130 -12.13 15.13 134.92
CA ILE Q 130 -12.85 14.06 135.59
C ILE Q 130 -13.30 14.48 136.98
N LEU Q 131 -12.64 15.48 137.58
CA LEU Q 131 -13.11 16.00 138.86
C LEU Q 131 -14.31 16.93 138.72
N ASP Q 132 -14.59 17.43 137.51
CA ASP Q 132 -15.76 18.27 137.32
C ASP Q 132 -17.05 17.47 137.37
N VAL Q 133 -17.01 16.18 137.05
CA VAL Q 133 -18.22 15.38 137.13
C VAL Q 133 -18.47 14.90 138.57
N LEU Q 134 -17.41 14.61 139.32
CA LEU Q 134 -17.58 14.18 140.70
C LEU Q 134 -17.99 15.34 141.61
N ILE Q 135 -17.34 16.49 141.45
CA ILE Q 135 -17.65 17.68 142.24
C ILE Q 135 -17.82 18.83 141.26
N PRO Q 136 -19.02 19.01 140.68
CA PRO Q 136 -19.23 20.10 139.72
C PRO Q 136 -19.07 21.45 140.38
N PRO Q 137 -18.27 22.35 139.78
CA PRO Q 137 -18.16 23.70 140.32
C PRO Q 137 -19.48 24.44 140.23
N ALA Q 138 -19.72 25.33 141.19
CA ALA Q 138 -20.96 26.09 141.23
C ALA Q 138 -20.97 27.20 140.19
N SER Q 152 -11.16 22.28 146.72
CA SER Q 152 -12.11 21.88 147.74
C SER Q 152 -11.65 20.60 148.44
N ALA Q 153 -12.18 20.37 149.65
CA ALA Q 153 -11.83 19.16 150.39
C ALA Q 153 -12.30 17.91 149.67
N ALA Q 154 -13.52 17.95 149.12
CA ALA Q 154 -14.00 16.83 148.33
C ALA Q 154 -13.26 16.74 146.99
N ARG Q 155 -12.77 17.86 146.48
CA ARG Q 155 -11.98 17.85 145.25
C ARG Q 155 -10.69 17.04 145.45
N GLN Q 156 -10.09 17.15 146.63
CA GLN Q 156 -8.91 16.34 146.95
C GLN Q 156 -9.30 14.93 147.40
N ALA Q 157 -10.42 14.78 148.10
CA ALA Q 157 -10.86 13.45 148.53
C ALA Q 157 -11.15 12.54 147.35
N PHE Q 158 -11.68 13.10 146.25
CA PHE Q 158 -11.84 12.34 145.02
C PHE Q 158 -10.53 12.22 144.25
N ARG Q 159 -9.68 13.25 144.31
CA ARG Q 159 -8.38 13.20 143.63
C ARG Q 159 -7.49 12.10 144.20
N LYS Q 160 -7.64 11.81 145.50
CA LYS Q 160 -6.84 10.74 146.12
C LYS Q 160 -7.33 9.37 145.67
N LYS Q 161 -8.65 9.15 145.72
CA LYS Q 161 -9.20 7.87 145.29
C LYS Q 161 -8.93 7.61 143.81
N LEU Q 162 -8.79 8.68 143.02
CA LEU Q 162 -8.49 8.53 141.60
C LEU Q 162 -7.07 8.02 141.39
N ARG Q 163 -6.08 8.65 142.03
CA ARG Q 163 -4.70 8.22 141.89
C ARG Q 163 -4.49 6.83 142.48
N GLU Q 164 -5.27 6.45 143.49
CA GLU Q 164 -5.22 5.10 144.04
C GLU Q 164 -5.74 4.05 143.06
N GLY Q 165 -6.46 4.47 142.03
CA GLY Q 165 -6.97 3.57 141.02
C GLY Q 165 -8.46 3.29 141.18
N GLN Q 166 -9.07 2.80 140.10
CA GLN Q 166 -10.49 2.49 140.08
C GLN Q 166 -10.83 1.58 138.91
N LYS Q 216 -18.79 4.70 130.69
CA LYS Q 216 -17.57 4.08 131.18
C LYS Q 216 -16.71 5.08 131.92
N ILE Q 217 -16.14 4.64 133.05
CA ILE Q 217 -15.33 5.51 133.89
C ILE Q 217 -13.85 5.28 133.61
N LYS Q 218 -13.38 4.05 133.88
CA LYS Q 218 -11.97 3.73 133.70
C LYS Q 218 -11.50 4.00 132.27
N ASP Q 219 -12.40 3.91 131.28
CA ASP Q 219 -12.00 4.16 129.91
C ASP Q 219 -11.87 5.66 129.62
N ALA Q 220 -12.56 6.51 130.38
CA ALA Q 220 -12.62 7.93 130.06
C ALA Q 220 -11.27 8.64 130.23
N MET Q 221 -10.44 8.17 131.18
CA MET Q 221 -9.17 8.84 131.42
C MET Q 221 -8.24 8.74 130.22
N LYS Q 222 -8.39 7.68 129.42
CA LYS Q 222 -7.56 7.54 128.23
C LYS Q 222 -8.01 8.49 127.13
N LEU Q 223 -9.32 8.69 126.99
CA LEU Q 223 -9.83 9.58 125.94
C LEU Q 223 -9.42 11.03 126.18
N LEU Q 224 -9.31 11.46 127.44
CA LEU Q 224 -8.93 12.84 127.71
C LEU Q 224 -7.47 13.09 127.42
N ILE Q 225 -6.63 12.05 127.46
CA ILE Q 225 -5.22 12.21 127.10
C ILE Q 225 -5.09 12.58 125.63
N GLU Q 226 -5.97 12.05 124.78
CA GLU Q 226 -5.91 12.41 123.36
C GLU Q 226 -6.38 13.83 123.14
N GLU Q 227 -7.56 14.18 123.67
CA GLU Q 227 -8.09 15.53 123.48
C GLU Q 227 -7.19 16.58 124.12
N GLU Q 228 -6.56 16.27 125.24
CA GLU Q 228 -5.67 17.25 125.86
C GLU Q 228 -4.33 17.32 125.14
N ALA Q 229 -3.73 16.16 124.82
CA ALA Q 229 -2.49 16.17 124.06
C ALA Q 229 -2.69 16.78 122.68
N ALA Q 230 -3.85 16.58 122.07
CA ALA Q 230 -4.17 17.28 120.82
C ALA Q 230 -4.33 18.78 121.06
N LYS Q 231 -4.97 19.15 122.18
CA LYS Q 231 -5.12 20.57 122.51
C LYS Q 231 -3.76 21.20 122.83
N LEU Q 232 -2.84 20.43 123.41
CA LEU Q 232 -1.52 20.94 123.76
C LEU Q 232 -0.57 20.91 122.57
N VAL Q 233 -0.68 19.88 121.72
CA VAL Q 233 0.26 19.74 120.61
C VAL Q 233 -0.04 20.78 119.53
N ASN Q 234 0.97 21.09 118.73
CA ASN Q 234 0.85 22.00 117.60
C ASN Q 234 1.33 21.25 116.37
N PRO Q 235 0.42 20.63 115.60
CA PRO Q 235 0.86 19.73 114.52
C PRO Q 235 1.71 20.41 113.47
N GLU Q 236 1.46 21.69 113.17
CA GLU Q 236 2.32 22.39 112.23
C GLU Q 236 3.73 22.58 112.79
N GLU Q 237 3.89 22.57 114.11
CA GLU Q 237 5.21 22.58 114.71
C GLU Q 237 5.80 21.17 114.83
N LEU Q 238 5.00 20.11 114.62
CA LEU Q 238 5.47 18.74 114.76
C LEU Q 238 5.90 18.13 113.43
N LYS Q 239 4.97 18.05 112.46
CA LYS Q 239 5.31 17.55 111.14
C LYS Q 239 6.41 18.39 110.49
N GLN Q 240 6.46 19.68 110.80
CA GLN Q 240 7.56 20.53 110.35
C GLN Q 240 8.80 20.35 111.21
N ASP Q 241 8.68 19.80 112.41
CA ASP Q 241 9.85 19.54 113.24
C ASP Q 241 10.63 18.34 112.70
N ALA Q 242 9.93 17.29 112.28
CA ALA Q 242 10.61 16.14 111.70
C ALA Q 242 11.37 16.52 110.44
N ILE Q 243 10.84 17.48 109.67
CA ILE Q 243 11.55 18.00 108.51
C ILE Q 243 12.82 18.74 108.93
N ASP Q 244 12.73 19.59 109.96
CA ASP Q 244 13.92 20.25 110.46
C ASP Q 244 14.88 19.23 111.08
N ALA Q 245 14.34 18.19 111.71
CA ALA Q 245 15.19 17.13 112.26
C ALA Q 245 15.90 16.36 111.17
N VAL Q 246 15.24 16.15 110.02
CA VAL Q 246 15.89 15.45 108.92
C VAL Q 246 16.91 16.35 108.24
N GLU Q 247 16.52 17.58 107.92
CA GLU Q 247 17.41 18.46 107.19
C GLU Q 247 18.63 18.82 108.02
N GLN Q 248 18.41 19.21 109.28
CA GLN Q 248 19.53 19.66 110.09
C GLN Q 248 20.31 18.48 110.70
N HIS Q 249 19.60 17.55 111.33
CA HIS Q 249 20.24 16.51 112.11
C HIS Q 249 20.31 15.16 111.40
N GLY Q 250 19.78 15.05 110.19
CA GLY Q 250 19.58 13.74 109.59
C GLY Q 250 20.87 12.98 109.37
N ILE Q 251 20.77 11.66 109.49
CA ILE Q 251 21.90 10.75 109.30
C ILE Q 251 21.39 9.53 108.53
N VAL Q 252 22.22 9.03 107.60
CA VAL Q 252 21.89 7.87 106.78
C VAL Q 252 23.11 6.97 106.71
N PHE Q 253 22.91 5.68 106.94
CA PHE Q 253 23.98 4.70 106.86
C PHE Q 253 23.75 3.82 105.64
N ILE Q 254 24.69 3.84 104.71
CA ILE Q 254 24.62 3.04 103.50
C ILE Q 254 25.58 1.88 103.69
N ASP Q 255 25.03 0.70 103.94
CA ASP Q 255 25.83 -0.50 104.16
C ASP Q 255 26.30 -1.04 102.82
N GLU Q 256 27.40 -1.79 102.86
CA GLU Q 256 27.90 -2.56 101.71
C GLU Q 256 27.97 -1.73 100.43
N ILE Q 257 28.50 -0.51 100.57
CA ILE Q 257 28.68 0.35 99.40
C ILE Q 257 29.76 -0.21 98.46
N ASP Q 258 30.68 -1.03 98.97
CA ASP Q 258 31.73 -1.57 98.13
C ASP Q 258 31.20 -2.49 97.04
N LYS Q 259 30.00 -3.05 97.22
CA LYS Q 259 29.46 -4.00 96.27
C LYS Q 259 28.88 -3.35 95.02
N ILE Q 260 28.72 -2.02 95.01
CA ILE Q 260 28.27 -1.31 93.83
C ILE Q 260 29.42 -0.74 93.00
N CYS Q 261 30.66 -1.00 93.38
CA CYS Q 261 31.82 -0.60 92.59
C CYS Q 261 31.98 -1.48 91.37
N LYS Q 262 32.70 -0.95 90.38
CA LYS Q 262 32.96 -1.69 89.14
C LYS Q 262 33.91 -2.86 89.38
N GLY Q 268 28.29 -5.50 81.92
CA GLY Q 268 26.89 -5.68 82.30
C GLY Q 268 26.56 -5.08 83.65
N PRO Q 269 26.95 -5.76 84.73
CA PRO Q 269 26.67 -5.23 86.07
C PRO Q 269 27.34 -3.90 86.37
N ASP Q 270 28.51 -3.63 85.77
CA ASP Q 270 29.22 -2.39 86.04
C ASP Q 270 28.40 -1.16 85.67
N VAL Q 271 27.51 -1.27 84.69
CA VAL Q 271 26.61 -0.17 84.36
C VAL Q 271 25.53 -0.03 85.42
N SER Q 272 24.89 -1.15 85.80
CA SER Q 272 23.88 -1.13 86.85
C SER Q 272 24.48 -0.81 88.22
N ARG Q 273 25.73 -1.25 88.46
CA ARG Q 273 26.38 -0.93 89.73
C ARG Q 273 26.73 0.55 89.83
N GLU Q 274 27.44 1.07 88.82
CA GLU Q 274 27.78 2.50 88.79
C GLU Q 274 26.57 3.38 88.57
N GLY Q 275 25.49 2.84 88.00
CA GLY Q 275 24.28 3.61 87.86
C GLY Q 275 23.65 3.95 89.20
N VAL Q 276 23.75 3.03 90.17
CA VAL Q 276 23.26 3.31 91.51
C VAL Q 276 24.06 4.43 92.16
N GLN Q 277 25.37 4.51 91.89
CA GLN Q 277 26.18 5.57 92.45
C GLN Q 277 25.72 6.92 91.94
N ARG Q 278 25.44 7.00 90.63
CA ARG Q 278 24.95 8.23 90.04
C ARG Q 278 23.56 8.58 90.57
N ASP Q 279 22.71 7.58 90.84
CA ASP Q 279 21.41 7.86 91.44
C ASP Q 279 21.55 8.39 92.85
N LEU Q 280 22.55 7.90 93.60
CA LEU Q 280 22.83 8.40 94.94
C LEU Q 280 23.47 9.78 94.91
N LEU Q 281 24.11 10.14 93.80
CA LEU Q 281 24.91 11.37 93.75
C LEU Q 281 24.12 12.63 94.11
N PRO Q 282 22.91 12.88 93.60
CA PRO Q 282 22.21 14.11 93.98
C PRO Q 282 21.97 14.24 95.47
N LEU Q 283 21.79 13.14 96.19
CA LEU Q 283 21.50 13.24 97.62
C LEU Q 283 22.69 13.80 98.39
N VAL Q 284 23.91 13.44 98.01
CA VAL Q 284 25.10 13.92 98.71
C VAL Q 284 25.55 15.30 98.23
N GLU Q 285 25.48 15.54 96.92
CA GLU Q 285 25.78 16.85 96.36
C GLU Q 285 24.70 17.86 96.75
N GLY Q 286 23.56 17.37 97.22
CA GLY Q 286 22.43 18.20 97.60
C GLY Q 286 21.35 18.19 96.55
N CYS Q 287 20.09 18.21 97.00
CA CYS Q 287 18.93 18.15 96.12
C CYS Q 287 17.69 18.38 96.99
N THR Q 288 16.52 18.28 96.37
CA THR Q 288 15.27 18.39 97.09
C THR Q 288 14.39 17.22 96.68
N VAL Q 289 13.82 16.54 97.67
CA VAL Q 289 12.98 15.38 97.45
C VAL Q 289 11.60 15.68 98.02
N SER Q 290 10.57 15.27 97.29
CA SER Q 290 9.19 15.50 97.71
C SER Q 290 8.70 14.32 98.55
N THR Q 291 8.03 14.64 99.65
CA THR Q 291 7.43 13.64 100.52
C THR Q 291 6.04 14.12 100.91
N LYS Q 292 5.17 13.18 101.27
CA LYS Q 292 3.83 13.54 101.71
C LYS Q 292 3.89 14.40 102.97
N HIS Q 293 4.90 14.18 103.82
CA HIS Q 293 5.06 14.99 105.02
C HIS Q 293 5.57 16.39 104.70
N GLY Q 294 6.23 16.57 103.57
CA GLY Q 294 6.74 17.88 103.21
C GLY Q 294 7.83 17.76 102.17
N MET Q 295 8.50 18.88 101.94
CA MET Q 295 9.56 19.01 100.95
C MET Q 295 10.89 19.13 101.69
N VAL Q 296 11.76 18.14 101.50
CA VAL Q 296 13.00 18.04 102.26
C VAL Q 296 14.18 18.35 101.36
N LYS Q 297 15.21 18.98 101.92
CA LYS Q 297 16.45 19.25 101.24
C LYS Q 297 17.58 18.45 101.89
N THR Q 298 18.42 17.84 101.06
CA THR Q 298 19.44 16.89 101.49
C THR Q 298 20.82 17.50 101.70
N ASP Q 299 20.95 18.82 101.57
CA ASP Q 299 22.28 19.42 101.50
C ASP Q 299 23.09 19.17 102.77
N HIS Q 300 22.47 19.31 103.93
CA HIS Q 300 23.18 19.24 105.20
C HIS Q 300 23.05 17.90 105.91
N ILE Q 301 22.40 16.92 105.28
CA ILE Q 301 22.31 15.59 105.87
C ILE Q 301 23.69 14.94 105.90
N LEU Q 302 23.99 14.25 107.00
CA LEU Q 302 25.22 13.47 107.13
C LEU Q 302 24.99 12.04 106.68
N PHE Q 303 26.00 11.47 106.05
CA PHE Q 303 25.91 10.12 105.50
C PHE Q 303 27.12 9.32 105.95
N ILE Q 304 26.90 8.01 106.14
CA ILE Q 304 27.97 7.08 106.49
C ILE Q 304 27.84 5.88 105.57
N ALA Q 305 28.83 5.68 104.72
CA ALA Q 305 28.91 4.51 103.86
C ALA Q 305 29.90 3.50 104.44
N SER Q 306 29.62 2.22 104.23
CA SER Q 306 30.47 1.17 104.75
C SER Q 306 30.60 0.06 103.74
N GLY Q 307 31.75 -0.60 103.74
CA GLY Q 307 32.00 -1.74 102.89
C GLY Q 307 33.27 -2.45 103.26
N ALA Q 308 33.34 -3.75 102.98
CA ALA Q 308 34.57 -4.50 103.26
C ALA Q 308 35.70 -4.08 102.33
N PHE Q 309 35.38 -3.73 101.08
CA PHE Q 309 36.36 -3.29 100.09
C PHE Q 309 37.49 -4.30 99.91
N GLN Q 310 37.17 -5.59 100.04
CA GLN Q 310 38.12 -6.64 99.70
C GLN Q 310 38.11 -6.94 98.21
N ILE Q 311 36.93 -6.91 97.58
CA ILE Q 311 36.83 -7.11 96.14
C ILE Q 311 37.22 -5.85 95.39
N ALA Q 312 36.78 -4.69 95.88
CA ALA Q 312 37.01 -3.41 95.22
C ALA Q 312 37.63 -2.44 96.22
N LYS Q 313 37.91 -1.22 95.77
CA LYS Q 313 38.52 -0.19 96.58
C LYS Q 313 37.73 1.10 96.44
N PRO Q 314 37.84 2.02 97.41
CA PRO Q 314 37.14 3.29 97.29
C PRO Q 314 37.50 4.06 96.02
N SER Q 315 38.72 3.86 95.49
CA SER Q 315 39.09 4.49 94.22
C SER Q 315 38.20 4.02 93.07
N ASP Q 316 37.62 2.82 93.18
CA ASP Q 316 36.71 2.31 92.15
C ASP Q 316 35.37 3.04 92.13
N LEU Q 317 35.05 3.81 93.17
CA LEU Q 317 33.85 4.62 93.16
C LEU Q 317 33.98 5.74 92.14
N ILE Q 318 32.84 6.24 91.68
CA ILE Q 318 32.80 7.30 90.68
C ILE Q 318 33.47 8.55 91.27
N PRO Q 319 34.17 9.36 90.46
CA PRO Q 319 34.93 10.48 91.04
C PRO Q 319 34.08 11.48 91.80
N GLU Q 320 32.86 11.75 91.34
CA GLU Q 320 31.99 12.68 92.06
C GLU Q 320 31.60 12.14 93.44
N LEU Q 321 31.58 10.81 93.61
CA LEU Q 321 31.25 10.22 94.90
C LEU Q 321 32.45 10.19 95.82
N GLN Q 322 33.66 10.02 95.27
CA GLN Q 322 34.86 9.98 96.10
C GLN Q 322 35.09 11.31 96.79
N GLY Q 323 34.75 12.42 96.13
CA GLY Q 323 34.92 13.74 96.72
C GLY Q 323 33.85 14.15 97.70
N ARG Q 324 32.74 13.42 97.73
CA ARG Q 324 31.68 13.68 98.70
C ARG Q 324 31.85 12.86 99.96
N LEU Q 325 32.96 12.15 100.11
CA LEU Q 325 33.27 11.35 101.30
C LEU Q 325 34.61 11.80 101.84
N PRO Q 326 34.67 13.02 102.40
CA PRO Q 326 35.98 13.57 102.81
C PRO Q 326 36.69 12.74 103.86
N ILE Q 327 35.96 12.12 104.78
CA ILE Q 327 36.58 11.41 105.89
C ILE Q 327 36.58 9.93 105.59
N ARG Q 328 37.75 9.31 105.72
CA ARG Q 328 37.92 7.87 105.52
C ARG Q 328 38.51 7.29 106.79
N VAL Q 329 38.04 6.10 107.16
CA VAL Q 329 38.55 5.40 108.34
C VAL Q 329 38.40 3.90 108.11
N GLU Q 330 39.40 3.15 108.57
CA GLU Q 330 39.36 1.69 108.53
C GLU Q 330 39.15 1.17 109.94
N LEU Q 331 38.23 0.22 110.09
CA LEU Q 331 37.94 -0.38 111.38
C LEU Q 331 38.67 -1.71 111.50
N GLN Q 332 39.36 -1.92 112.62
CA GLN Q 332 40.17 -3.10 112.84
C GLN Q 332 39.32 -4.31 113.18
N ALA Q 333 39.84 -5.49 112.86
CA ALA Q 333 39.17 -6.73 113.24
C ALA Q 333 39.24 -6.91 114.75
N LEU Q 334 38.13 -7.38 115.32
CA LEU Q 334 38.08 -7.58 116.77
C LEU Q 334 38.91 -8.79 117.17
N THR Q 335 39.47 -8.73 118.37
CA THR Q 335 40.29 -9.79 118.93
C THR Q 335 39.52 -10.52 120.04
N THR Q 336 40.16 -11.55 120.59
CA THR Q 336 39.56 -12.28 121.71
C THR Q 336 39.43 -11.39 122.93
N SER Q 337 40.41 -10.51 123.16
CA SER Q 337 40.34 -9.60 124.30
C SER Q 337 39.20 -8.60 124.15
N ASP Q 338 38.96 -8.14 122.92
CA ASP Q 338 37.83 -7.24 122.69
C ASP Q 338 36.50 -7.94 122.93
N PHE Q 339 36.41 -9.23 122.61
CA PHE Q 339 35.19 -9.98 122.87
C PHE Q 339 34.89 -10.02 124.37
N GLU Q 340 35.92 -10.22 125.19
CA GLU Q 340 35.72 -10.21 126.64
C GLU Q 340 35.23 -8.86 127.11
N ARG Q 341 35.71 -7.79 126.49
CA ARG Q 341 35.24 -6.47 126.85
C ARG Q 341 33.81 -6.24 126.39
N ILE Q 342 33.48 -6.68 125.17
CA ILE Q 342 32.14 -6.49 124.65
C ILE Q 342 31.11 -7.19 125.51
N LEU Q 343 31.49 -8.31 126.12
CA LEU Q 343 30.55 -9.08 126.93
C LEU Q 343 30.17 -8.33 128.20
N THR Q 344 31.04 -7.45 128.69
CA THR Q 344 30.86 -6.89 130.03
C THR Q 344 30.84 -5.37 130.01
N GLU Q 345 31.93 -4.76 129.54
CA GLU Q 345 32.12 -3.31 129.65
C GLU Q 345 30.98 -2.47 129.11
N PRO Q 346 30.41 -2.72 127.92
CA PRO Q 346 29.40 -1.81 127.38
C PRO Q 346 28.17 -1.71 128.28
N ASN Q 347 27.58 -0.53 128.31
CA ASN Q 347 26.34 -0.34 129.05
C ASN Q 347 25.27 -1.25 128.47
N ALA Q 348 24.56 -1.95 129.35
CA ALA Q 348 23.56 -2.95 128.94
C ALA Q 348 24.16 -4.01 128.03
N SER Q 349 25.33 -4.52 128.42
CA SER Q 349 25.96 -5.59 127.66
C SER Q 349 25.13 -6.87 127.75
N ILE Q 350 25.31 -7.74 126.75
CA ILE Q 350 24.46 -8.93 126.63
C ILE Q 350 24.54 -9.79 127.88
N THR Q 351 25.69 -9.81 128.55
CA THR Q 351 25.79 -10.50 129.83
C THR Q 351 24.94 -9.80 130.88
N VAL Q 352 24.96 -8.46 130.90
CA VAL Q 352 24.09 -7.72 131.81
C VAL Q 352 22.63 -7.94 131.47
N GLN Q 353 22.31 -8.09 130.17
CA GLN Q 353 20.93 -8.33 129.78
C GLN Q 353 20.44 -9.67 130.29
N TYR Q 354 21.26 -10.72 130.14
CA TYR Q 354 20.90 -12.03 130.65
C TYR Q 354 20.79 -12.06 132.16
N LYS Q 355 21.59 -11.25 132.85
CA LYS Q 355 21.57 -11.25 134.32
C LYS Q 355 20.24 -10.73 134.84
N ALA Q 356 19.80 -9.56 134.33
CA ALA Q 356 18.51 -9.02 134.75
C ALA Q 356 17.34 -9.88 134.26
N LEU Q 357 17.49 -10.53 133.10
CA LEU Q 357 16.43 -11.42 132.63
C LEU Q 357 16.20 -12.56 133.61
N MET Q 358 17.28 -13.22 134.03
CA MET Q 358 17.15 -14.25 135.04
C MET Q 358 16.78 -13.66 136.40
N ALA Q 359 17.16 -12.40 136.65
CA ALA Q 359 16.73 -11.74 137.88
C ALA Q 359 15.22 -11.63 137.95
N THR Q 360 14.56 -11.49 136.79
CA THR Q 360 13.11 -11.46 136.75
C THR Q 360 12.49 -12.73 137.30
N GLU Q 361 13.14 -13.87 137.07
CA GLU Q 361 12.63 -15.14 137.57
C GLU Q 361 13.04 -15.40 139.00
N GLY Q 362 13.75 -14.46 139.64
CA GLY Q 362 14.26 -14.67 140.98
C GLY Q 362 15.62 -15.34 141.04
N VAL Q 363 16.30 -15.52 139.91
CA VAL Q 363 17.59 -16.17 139.86
C VAL Q 363 18.67 -15.11 139.73
N ASN Q 364 19.83 -15.39 140.31
CA ASN Q 364 20.97 -14.48 140.28
C ASN Q 364 22.08 -15.13 139.47
N ILE Q 365 22.36 -14.58 138.30
CA ILE Q 365 23.45 -15.06 137.46
C ILE Q 365 24.71 -14.26 137.77
N GLU Q 366 25.85 -14.96 137.75
CA GLU Q 366 27.15 -14.34 137.92
C GLU Q 366 28.15 -15.06 137.04
N PHE Q 367 28.92 -14.31 136.26
CA PHE Q 367 29.91 -14.86 135.35
C PHE Q 367 31.30 -14.63 135.92
N THR Q 368 32.10 -15.70 135.97
CA THR Q 368 33.49 -15.58 136.37
C THR Q 368 34.30 -14.98 135.22
N ASP Q 369 35.42 -14.35 135.59
CA ASP Q 369 36.30 -13.78 134.57
C ASP Q 369 36.82 -14.87 133.63
N SER Q 370 37.17 -16.03 134.17
CA SER Q 370 37.58 -17.15 133.32
C SER Q 370 36.40 -17.69 132.54
N GLY Q 371 35.18 -17.59 133.10
CA GLY Q 371 34.01 -18.00 132.34
C GLY Q 371 33.70 -17.06 131.20
N ILE Q 372 33.89 -15.76 131.42
CA ILE Q 372 33.81 -14.80 130.33
C ILE Q 372 34.94 -15.01 129.34
N LYS Q 373 36.12 -15.37 129.84
CA LYS Q 373 37.27 -15.55 128.96
C LYS Q 373 37.08 -16.74 128.03
N ARG Q 374 36.41 -17.79 128.50
CA ARG Q 374 36.20 -18.97 127.68
C ARG Q 374 35.02 -18.85 126.73
N ILE Q 375 34.12 -17.88 126.97
CA ILE Q 375 33.07 -17.61 126.00
C ILE Q 375 33.64 -16.88 124.79
N ALA Q 376 34.50 -15.89 125.04
CA ALA Q 376 35.15 -15.17 123.95
C ALA Q 376 36.04 -16.11 123.13
N GLU Q 377 36.74 -17.02 123.81
CA GLU Q 377 37.53 -18.03 123.09
C GLU Q 377 36.65 -18.97 122.29
N ALA Q 378 35.45 -19.26 122.78
CA ALA Q 378 34.54 -20.13 122.04
C ALA Q 378 34.03 -19.45 120.77
N ALA Q 379 33.62 -18.18 120.89
CA ALA Q 379 33.16 -17.45 119.72
C ALA Q 379 34.27 -17.23 118.72
N TRP Q 380 35.51 -17.05 119.19
CA TRP Q 380 36.64 -16.87 118.28
C TRP Q 380 36.93 -18.14 117.50
N GLN Q 381 36.85 -19.30 118.16
CA GLN Q 381 37.17 -20.55 117.48
C GLN Q 381 36.17 -20.85 116.36
N VAL Q 382 34.90 -20.49 116.57
CA VAL Q 382 33.90 -20.75 115.54
C VAL Q 382 34.13 -19.85 114.33
N ASN Q 383 34.48 -18.60 114.56
CA ASN Q 383 34.77 -17.69 113.45
C ASN Q 383 35.99 -18.14 112.66
N GLU Q 384 36.98 -18.71 113.33
CA GLU Q 384 38.17 -19.21 112.62
C GLU Q 384 37.90 -20.59 112.02
N SER Q 385 37.20 -21.46 112.75
CA SER Q 385 36.97 -22.81 112.25
C SER Q 385 36.06 -22.82 111.03
N THR Q 386 35.10 -21.90 110.95
CA THR Q 386 34.15 -21.94 109.84
C THR Q 386 34.12 -20.62 109.06
N GLU Q 387 33.38 -19.64 109.58
CA GLU Q 387 33.20 -18.34 108.94
C GLU Q 387 33.22 -17.25 110.00
N ASN Q 388 33.86 -16.12 109.68
CA ASN Q 388 34.05 -15.04 110.64
C ASN Q 388 32.90 -14.05 110.48
N ILE Q 389 31.99 -14.03 111.46
CA ILE Q 389 30.87 -13.10 111.48
C ILE Q 389 31.12 -11.90 112.41
N GLY Q 390 32.30 -11.81 113.00
CA GLY Q 390 32.57 -10.74 113.93
C GLY Q 390 31.91 -10.98 115.29
N ALA Q 391 31.67 -9.88 115.99
CA ALA Q 391 31.11 -9.96 117.34
C ALA Q 391 29.72 -10.57 117.37
N ARG Q 392 29.06 -10.72 116.22
CA ARG Q 392 27.75 -11.38 116.19
C ARG Q 392 27.82 -12.81 116.73
N ARG Q 393 28.99 -13.44 116.64
CA ARG Q 393 29.13 -14.80 117.14
C ARG Q 393 28.89 -14.88 118.65
N LEU Q 394 29.18 -13.79 119.38
CA LEU Q 394 28.98 -13.79 120.83
C LEU Q 394 27.52 -14.02 121.20
N HIS Q 395 26.58 -13.52 120.39
CA HIS Q 395 25.17 -13.70 120.70
C HIS Q 395 24.74 -15.16 120.56
N THR Q 396 25.17 -15.82 119.48
CA THR Q 396 24.79 -17.21 119.27
C THR Q 396 25.42 -18.12 120.32
N VAL Q 397 26.66 -17.82 120.73
CA VAL Q 397 27.34 -18.67 121.70
C VAL Q 397 26.72 -18.51 123.09
N LEU Q 398 26.37 -17.28 123.47
CA LEU Q 398 25.85 -17.04 124.81
C LEU Q 398 24.49 -17.70 125.01
N GLU Q 399 23.59 -17.59 124.03
CA GLU Q 399 22.26 -18.17 124.16
C GLU Q 399 22.32 -19.70 124.21
N ARG Q 400 23.25 -20.31 123.45
CA ARG Q 400 23.42 -21.76 123.51
C ARG Q 400 23.91 -22.22 124.88
N LEU Q 401 24.73 -21.41 125.54
CA LEU Q 401 25.21 -21.76 126.87
C LEU Q 401 24.11 -21.60 127.91
N MET Q 402 23.31 -20.55 127.80
CA MET Q 402 22.30 -20.20 128.80
C MET Q 402 20.94 -20.82 128.51
N GLU Q 403 20.81 -21.60 127.43
CA GLU Q 403 19.50 -22.15 127.07
C GLU Q 403 18.95 -23.05 128.16
N GLU Q 404 19.83 -23.76 128.88
CA GLU Q 404 19.36 -24.66 129.94
C GLU Q 404 18.92 -23.86 131.17
N ILE Q 405 19.66 -22.81 131.53
CA ILE Q 405 19.25 -21.96 132.64
C ILE Q 405 18.00 -21.17 132.28
N SER Q 406 17.95 -20.64 131.05
CA SER Q 406 16.80 -19.82 130.65
C SER Q 406 15.51 -20.65 130.65
N TYR Q 407 15.61 -21.96 130.44
CA TYR Q 407 14.42 -22.80 130.47
C TYR Q 407 13.98 -23.10 131.90
N ASP Q 408 14.93 -23.37 132.79
CA ASP Q 408 14.62 -23.77 134.16
C ASP Q 408 14.50 -22.59 135.12
N ALA Q 409 14.66 -21.35 134.64
CA ALA Q 409 14.74 -20.19 135.52
C ALA Q 409 13.49 -20.05 136.39
N SER Q 410 12.34 -20.54 135.91
CA SER Q 410 11.12 -20.48 136.71
C SER Q 410 11.26 -21.35 137.98
N ASP Q 411 11.75 -22.58 137.81
CA ASP Q 411 11.90 -23.48 138.95
C ASP Q 411 13.12 -23.17 139.80
N LEU Q 412 14.08 -22.42 139.27
CA LEU Q 412 15.30 -22.07 139.97
C LEU Q 412 15.20 -20.77 140.77
N SER Q 413 14.00 -20.20 140.87
CA SER Q 413 13.82 -18.94 141.58
C SER Q 413 14.33 -19.03 143.01
N GLY Q 414 15.01 -17.99 143.47
CA GLY Q 414 15.61 -17.98 144.78
C GLY Q 414 16.96 -18.64 144.89
N GLN Q 415 17.58 -19.00 143.77
CA GLN Q 415 18.89 -19.63 143.75
C GLN Q 415 19.92 -18.72 143.09
N ASN Q 416 21.18 -18.89 143.49
CA ASN Q 416 22.30 -18.14 142.93
C ASN Q 416 23.09 -19.08 142.04
N ILE Q 417 23.01 -18.86 140.73
CA ILE Q 417 23.74 -19.66 139.75
C ILE Q 417 25.03 -18.94 139.39
N THR Q 418 26.10 -19.70 139.21
CA THR Q 418 27.42 -19.17 138.90
C THR Q 418 27.89 -19.79 137.60
N ILE Q 419 28.21 -18.96 136.63
CA ILE Q 419 28.75 -19.42 135.35
C ILE Q 419 30.26 -19.39 135.47
N ASP Q 420 30.87 -20.56 135.53
CA ASP Q 420 32.31 -20.71 135.67
C ASP Q 420 32.92 -21.31 134.41
N ALA Q 421 34.25 -21.42 134.43
CA ALA Q 421 34.96 -21.99 133.29
C ALA Q 421 34.55 -23.45 133.07
N ASP Q 422 34.32 -24.18 134.15
CA ASP Q 422 33.87 -25.57 134.02
C ASP Q 422 32.48 -25.66 133.40
N TYR Q 423 31.61 -24.69 133.71
CA TYR Q 423 30.27 -24.69 133.14
C TYR Q 423 30.31 -24.36 131.65
N VAL Q 424 31.17 -23.43 131.26
CA VAL Q 424 31.26 -23.03 129.85
C VAL Q 424 31.76 -24.20 129.00
N SER Q 425 32.82 -24.86 129.46
CA SER Q 425 33.37 -25.98 128.70
C SER Q 425 32.38 -27.15 128.64
N LYS Q 426 31.54 -27.28 129.65
CA LYS Q 426 30.61 -28.41 129.69
C LYS Q 426 29.54 -28.29 128.59
N HIS Q 427 29.00 -27.09 128.39
CA HIS Q 427 27.90 -26.88 127.45
C HIS Q 427 28.37 -26.55 126.04
N LEU Q 428 29.66 -26.27 125.87
CA LEU Q 428 30.16 -25.71 124.62
C LEU Q 428 31.18 -26.60 123.94
N ASP Q 429 32.27 -26.96 124.65
CA ASP Q 429 33.42 -27.59 124.01
C ASP Q 429 33.03 -28.80 123.16
N ALA Q 430 31.98 -29.52 123.56
CA ALA Q 430 31.50 -30.62 122.72
C ALA Q 430 30.95 -30.11 121.40
N LEU Q 431 30.34 -28.92 121.41
CA LEU Q 431 29.80 -28.34 120.17
C LEU Q 431 30.89 -27.70 119.32
N VAL Q 432 31.81 -26.97 119.95
CA VAL Q 432 32.88 -26.32 119.20
C VAL Q 432 33.83 -27.35 118.59
N ALA Q 433 33.94 -28.52 119.21
CA ALA Q 433 34.88 -29.54 118.71
C ALA Q 433 34.45 -30.07 117.34
N ASP Q 434 33.15 -30.10 117.08
CA ASP Q 434 32.61 -30.60 115.81
C ASP Q 434 32.27 -29.40 114.94
N GLU Q 435 33.05 -29.20 113.87
CA GLU Q 435 32.80 -28.07 112.98
C GLU Q 435 31.57 -28.32 112.10
N ASP Q 436 31.24 -29.59 111.85
CA ASP Q 436 30.04 -29.90 111.09
C ASP Q 436 28.80 -29.43 111.84
N LEU Q 437 28.79 -29.57 113.16
CA LEU Q 437 27.65 -29.14 113.96
C LEU Q 437 27.64 -27.63 114.20
N SER Q 438 28.82 -27.02 114.30
CA SER Q 438 28.90 -25.60 114.65
C SER Q 438 28.20 -24.72 113.61
N ARG Q 439 28.32 -25.08 112.32
CA ARG Q 439 27.66 -24.31 111.28
C ARG Q 439 26.16 -24.29 111.47
N PHE Q 440 25.57 -25.42 111.86
CA PHE Q 440 24.15 -25.45 112.15
C PHE Q 440 23.83 -24.75 113.47
N ILE Q 441 24.45 -25.19 114.57
CA ILE Q 441 23.98 -24.76 115.87
C ILE Q 441 24.47 -23.36 116.22
N LEU Q 442 25.73 -23.04 115.92
CA LEU Q 442 26.31 -21.78 116.36
C LEU Q 442 26.52 -20.80 115.21
N GLU R 2 1.64 -15.55 130.16
CA GLU R 2 2.66 -15.77 131.17
C GLU R 2 3.01 -17.25 131.30
N MET R 3 2.67 -18.04 130.27
CA MET R 3 2.90 -19.48 130.32
C MET R 3 4.40 -19.78 130.37
N THR R 4 4.77 -20.73 131.22
CA THR R 4 6.16 -21.18 131.29
C THR R 4 6.46 -22.09 130.10
N PRO R 5 7.73 -22.22 129.71
CA PRO R 5 8.06 -23.01 128.52
C PRO R 5 7.57 -24.46 128.54
N ARG R 6 7.51 -25.09 129.72
CA ARG R 6 6.95 -26.44 129.76
C ARG R 6 5.45 -26.42 129.49
N GLU R 7 4.76 -25.37 129.93
CA GLU R 7 3.34 -25.24 129.62
C GLU R 7 3.09 -25.00 128.14
N ILE R 8 4.04 -24.37 127.43
CA ILE R 8 3.89 -24.15 125.99
C ILE R 8 4.03 -25.47 125.23
N VAL R 9 5.07 -26.24 125.55
CA VAL R 9 5.30 -27.52 124.87
C VAL R 9 4.13 -28.47 125.13
N SER R 10 3.62 -28.48 126.36
CA SER R 10 2.51 -29.38 126.70
C SER R 10 1.26 -29.04 125.91
N GLU R 11 1.04 -27.74 125.64
CA GLU R 11 -0.09 -27.35 124.81
C GLU R 11 0.15 -27.72 123.35
N LEU R 12 1.39 -27.57 122.88
CA LEU R 12 1.71 -27.94 121.51
C LEU R 12 1.60 -29.45 121.28
N ASP R 13 1.87 -30.24 122.32
CA ASP R 13 1.70 -31.69 122.20
C ASP R 13 0.26 -32.07 121.94
N LYS R 14 -0.70 -31.22 122.32
CA LYS R 14 -2.09 -31.47 122.02
C LYS R 14 -2.38 -31.44 120.52
N HIS R 15 -1.53 -30.78 119.75
CA HIS R 15 -1.71 -30.70 118.30
C HIS R 15 -0.58 -31.38 117.55
N ILE R 16 0.66 -30.92 117.69
CA ILE R 16 1.79 -31.53 117.02
C ILE R 16 2.21 -32.78 117.76
N ILE R 17 2.69 -33.77 117.02
CA ILE R 17 3.20 -35.03 117.57
C ILE R 17 4.72 -35.02 117.41
N GLY R 18 5.42 -35.29 118.51
CA GLY R 18 6.87 -35.34 118.44
C GLY R 18 7.46 -33.96 118.17
N GLN R 19 8.66 -33.97 117.58
CA GLN R 19 9.36 -32.72 117.24
C GLN R 19 9.54 -31.83 118.47
N ASP R 20 9.85 -32.47 119.61
CA ASP R 20 9.91 -31.74 120.88
C ASP R 20 10.97 -30.64 120.86
N ASN R 21 12.09 -30.86 120.16
CA ASN R 21 13.13 -29.85 120.11
C ASN R 21 12.65 -28.56 119.46
N ALA R 22 11.86 -28.68 118.39
CA ALA R 22 11.24 -27.49 117.80
C ALA R 22 10.22 -26.87 118.75
N LYS R 23 9.53 -27.69 119.54
CA LYS R 23 8.61 -27.16 120.54
C LYS R 23 9.35 -26.44 121.66
N ARG R 24 10.46 -27.01 122.12
CA ARG R 24 11.25 -26.35 123.15
C ARG R 24 11.85 -25.05 122.64
N SER R 25 12.24 -25.02 121.36
CA SER R 25 12.89 -23.82 120.81
C SER R 25 11.90 -22.67 120.66
N VAL R 26 10.70 -22.96 120.16
CA VAL R 26 9.69 -21.91 120.05
C VAL R 26 9.21 -21.44 121.41
N ALA R 27 9.18 -22.32 122.41
CA ALA R 27 8.74 -21.92 123.75
C ALA R 27 9.71 -20.93 124.37
N ILE R 28 11.01 -21.09 124.13
CA ILE R 28 11.99 -20.16 124.67
C ILE R 28 11.79 -18.77 124.07
N ALA R 29 11.42 -18.70 122.80
CA ALA R 29 11.21 -17.40 122.17
C ALA R 29 9.97 -16.72 122.71
N LEU R 30 8.87 -17.46 122.87
CA LEU R 30 7.66 -16.89 123.43
C LEU R 30 7.84 -16.48 124.88
N ARG R 31 8.65 -17.22 125.63
CA ARG R 31 8.89 -16.87 127.02
C ARG R 31 9.75 -15.63 127.14
N ASN R 32 10.69 -15.42 126.21
CA ASN R 32 11.51 -14.22 126.23
C ASN R 32 10.68 -12.96 126.05
N ARG R 33 9.53 -13.07 125.38
CA ARG R 33 8.60 -11.95 125.26
C ARG R 33 8.15 -11.47 126.64
N TRP R 34 7.64 -12.39 127.46
CA TRP R 34 7.20 -12.05 128.81
C TRP R 34 8.36 -11.61 129.69
N ARG R 35 9.53 -12.21 129.51
CA ARG R 35 10.70 -11.83 130.30
C ARG R 35 11.16 -10.42 129.99
N ARG R 36 10.95 -9.97 128.75
CA ARG R 36 11.40 -8.64 128.36
C ARG R 36 10.54 -7.56 129.00
N MET R 37 9.23 -7.77 129.04
CA MET R 37 8.33 -6.74 129.56
C MET R 37 8.62 -6.42 131.03
N GLN R 38 9.12 -7.40 131.79
CA GLN R 38 9.45 -7.20 133.19
C GLN R 38 10.75 -6.43 133.39
N LEU R 39 11.55 -6.22 132.35
CA LEU R 39 12.83 -5.53 132.52
C LEU R 39 12.62 -4.01 132.56
N ASN R 40 13.72 -3.31 132.77
CA ASN R 40 13.71 -1.86 132.86
C ASN R 40 13.64 -1.24 131.46
N GLU R 41 13.59 0.09 131.42
CA GLU R 41 13.40 0.78 130.15
C GLU R 41 14.54 0.54 129.17
N GLU R 42 15.77 0.42 129.67
CA GLU R 42 16.93 0.33 128.79
C GLU R 42 17.03 -1.05 128.13
N LEU R 43 16.93 -2.11 128.94
CA LEU R 43 17.13 -3.46 128.44
C LEU R 43 16.03 -3.89 127.48
N ARG R 44 14.81 -3.36 127.66
CA ARG R 44 13.70 -3.72 126.78
C ARG R 44 13.98 -3.30 125.34
N HIS R 45 14.75 -2.23 125.15
CA HIS R 45 15.15 -1.84 123.81
C HIS R 45 16.31 -2.69 123.30
N GLU R 46 17.31 -2.94 124.17
CA GLU R 46 18.51 -3.65 123.72
C GLU R 46 18.20 -5.12 123.40
N VAL R 47 17.35 -5.75 124.21
CA VAL R 47 16.98 -7.13 123.93
C VAL R 47 16.08 -7.17 122.69
N THR R 48 16.32 -8.17 121.85
CA THR R 48 15.60 -8.36 120.60
C THR R 48 15.15 -9.83 120.53
N PRO R 49 14.09 -10.11 119.76
CA PRO R 49 13.56 -11.48 119.76
C PRO R 49 14.60 -12.47 119.26
N LYS R 50 14.54 -13.68 119.80
CA LYS R 50 15.45 -14.74 119.38
C LYS R 50 14.74 -15.47 118.25
N ASN R 51 15.18 -15.19 117.02
CA ASN R 51 14.55 -15.79 115.86
C ASN R 51 15.00 -17.23 115.69
N ILE R 52 14.13 -18.04 115.09
CA ILE R 52 14.35 -19.47 114.96
C ILE R 52 14.43 -19.82 113.48
N LEU R 53 15.29 -20.78 113.16
CA LEU R 53 15.41 -21.33 111.81
C LEU R 53 15.07 -22.81 111.89
N MET R 54 13.90 -23.17 111.37
CA MET R 54 13.53 -24.58 111.30
C MET R 54 14.18 -25.24 110.10
N ILE R 55 14.57 -26.51 110.29
CA ILE R 55 15.29 -27.28 109.28
C ILE R 55 14.75 -28.70 109.30
N GLY R 56 14.46 -29.24 108.13
CA GLY R 56 14.01 -30.60 108.02
C GLY R 56 13.20 -30.81 106.76
N PRO R 57 12.83 -32.07 106.52
CA PRO R 57 12.00 -32.37 105.34
C PRO R 57 10.60 -31.80 105.51
N THR R 58 9.94 -31.64 104.37
CA THR R 58 8.62 -31.04 104.31
C THR R 58 7.59 -31.87 105.07
N GLY R 59 6.59 -31.17 105.60
CA GLY R 59 5.42 -31.84 106.15
C GLY R 59 5.60 -32.45 107.52
N VAL R 60 6.68 -32.12 108.22
CA VAL R 60 6.94 -32.71 109.54
C VAL R 60 6.40 -31.82 110.64
N GLY R 61 5.68 -30.76 110.26
CA GLY R 61 5.04 -29.89 111.23
C GLY R 61 5.75 -28.60 111.56
N LYS R 62 6.74 -28.18 110.77
CA LYS R 62 7.39 -26.89 111.00
C LYS R 62 6.38 -25.76 111.04
N THR R 63 5.50 -25.69 110.03
CA THR R 63 4.53 -24.62 109.97
C THR R 63 3.47 -24.76 111.06
N GLU R 64 3.06 -26.00 111.36
CA GLU R 64 2.02 -26.19 112.35
C GLU R 64 2.48 -25.71 113.72
N ILE R 65 3.76 -25.87 114.02
CA ILE R 65 4.31 -25.35 115.27
C ILE R 65 4.16 -23.83 115.31
N ALA R 66 4.54 -23.17 114.21
CA ALA R 66 4.40 -21.72 114.14
C ALA R 66 2.93 -21.31 114.16
N ARG R 67 2.06 -22.09 113.53
CA ARG R 67 0.64 -21.75 113.50
C ARG R 67 0.03 -21.91 114.89
N ARG R 68 0.24 -23.07 115.51
CA ARG R 68 -0.29 -23.28 116.85
C ARG R 68 0.36 -22.37 117.88
N LEU R 69 1.63 -21.99 117.66
CA LEU R 69 2.29 -21.08 118.59
C LEU R 69 1.62 -19.71 118.57
N ALA R 70 1.39 -19.16 117.37
CA ALA R 70 0.71 -17.88 117.27
C ALA R 70 -0.74 -17.98 117.73
N LYS R 71 -1.42 -19.07 117.36
CA LYS R 71 -2.78 -19.30 117.85
C LYS R 71 -2.80 -19.45 119.36
N LEU R 72 -1.74 -20.03 119.93
CA LEU R 72 -1.66 -20.14 121.39
C LEU R 72 -1.51 -18.77 122.04
N ALA R 73 -0.72 -17.89 121.42
CA ALA R 73 -0.51 -16.55 121.94
C ALA R 73 -1.55 -15.54 121.47
N ASN R 74 -2.48 -15.94 120.60
CA ASN R 74 -3.44 -15.04 119.96
C ASN R 74 -2.75 -13.93 119.19
N ALA R 75 -1.53 -14.17 118.75
CA ALA R 75 -0.70 -13.20 118.06
C ALA R 75 -1.05 -13.15 116.58
N PRO R 76 -0.80 -12.02 115.93
CA PRO R 76 -0.90 -11.99 114.46
C PRO R 76 0.14 -12.92 113.86
N PHE R 77 -0.23 -13.53 112.74
CA PHE R 77 0.63 -14.52 112.11
C PHE R 77 0.45 -14.46 110.61
N ILE R 78 1.53 -14.74 109.89
CA ILE R 78 1.51 -14.82 108.43
C ILE R 78 2.60 -15.78 107.99
N LYS R 79 2.31 -16.57 106.95
CA LYS R 79 3.28 -17.43 106.31
C LYS R 79 3.58 -16.83 104.93
N VAL R 80 4.87 -16.61 104.66
CA VAL R 80 5.30 -16.01 103.41
C VAL R 80 6.36 -16.90 102.76
N GLU R 81 6.19 -17.17 101.47
CA GLU R 81 7.15 -17.96 100.72
C GLU R 81 8.28 -17.05 100.25
N ALA R 82 9.52 -17.39 100.62
CA ALA R 82 10.65 -16.52 100.30
C ALA R 82 10.87 -16.41 98.79
N THR R 83 10.49 -17.43 98.03
CA THR R 83 10.67 -17.38 96.57
C THR R 83 9.70 -16.44 95.88
N LYS R 84 8.67 -15.95 96.58
CA LYS R 84 7.73 -15.02 95.98
C LYS R 84 8.44 -13.75 95.52
N PHE R 85 9.54 -13.38 96.19
CA PHE R 85 10.24 -12.14 95.93
C PHE R 85 11.34 -12.27 94.88
N THR R 86 11.55 -13.47 94.33
CA THR R 86 12.58 -13.64 93.29
C THR R 86 12.21 -12.89 92.01
N GLU R 87 10.93 -12.78 91.69
CA GLU R 87 10.49 -12.13 90.45
C GLU R 87 10.40 -10.62 90.61
N LYS R 93 7.03 -8.09 93.48
CA LYS R 93 6.47 -7.53 94.70
C LYS R 93 7.56 -7.04 95.65
N GLU R 94 7.23 -6.03 96.44
CA GLU R 94 8.15 -5.49 97.43
C GLU R 94 8.12 -6.34 98.69
N VAL R 95 9.28 -6.40 99.37
CA VAL R 95 9.38 -7.18 100.60
C VAL R 95 8.56 -6.56 101.73
N ASP R 96 8.32 -5.24 101.67
CA ASP R 96 7.59 -4.56 102.73
C ASP R 96 6.15 -5.06 102.84
N SER R 97 5.64 -5.73 101.80
CA SER R 97 4.28 -6.26 101.83
C SER R 97 4.06 -7.27 102.96
N ILE R 98 5.13 -7.90 103.45
CA ILE R 98 5.01 -8.85 104.56
C ILE R 98 4.38 -8.18 105.77
N ILE R 99 4.92 -7.02 106.16
CA ILE R 99 4.37 -6.30 107.31
C ILE R 99 2.98 -5.76 106.99
N ARG R 100 2.74 -5.39 105.73
CA ARG R 100 1.42 -4.89 105.34
C ARG R 100 0.35 -5.97 105.45
N ASP R 101 0.62 -7.15 104.87
CA ASP R 101 -0.34 -8.25 104.97
C ASP R 101 -0.47 -8.75 106.40
N LEU R 102 0.59 -8.66 107.19
CA LEU R 102 0.51 -9.06 108.59
C LEU R 102 -0.42 -8.14 109.37
N THR R 103 -0.33 -6.83 109.14
CA THR R 103 -1.23 -5.90 109.81
C THR R 103 -2.67 -6.10 109.37
N ASP R 104 -2.88 -6.46 108.10
CA ASP R 104 -4.24 -6.72 107.62
C ASP R 104 -4.86 -7.95 108.28
N ALA R 105 -4.03 -8.96 108.60
CA ALA R 105 -4.53 -10.09 109.37
C ALA R 105 -4.75 -9.71 110.83
N ALA R 106 -3.87 -8.88 111.38
CA ALA R 106 -4.06 -8.40 112.75
C ALA R 106 -5.28 -7.50 112.87
N VAL R 107 -5.58 -6.73 111.82
CA VAL R 107 -6.77 -5.88 111.83
C VAL R 107 -8.03 -6.74 111.92
N LYS R 108 -8.18 -7.70 111.00
CA LYS R 108 -9.33 -8.59 111.04
C LYS R 108 -9.32 -9.44 112.31
N MET R 109 -8.15 -9.70 112.88
CA MET R 109 -8.08 -10.49 114.11
C MET R 109 -8.62 -9.70 115.29
N VAL R 110 -8.13 -8.46 115.48
CA VAL R 110 -8.59 -7.66 116.60
C VAL R 110 -10.03 -7.20 116.39
N ARG R 111 -10.47 -7.08 115.13
CA ARG R 111 -11.83 -6.61 114.88
C ARG R 111 -12.86 -7.69 115.21
N VAL R 112 -12.67 -8.91 114.70
CA VAL R 112 -13.60 -9.99 115.00
C VAL R 112 -13.59 -10.31 116.50
N GLN R 113 -12.42 -10.19 117.13
CA GLN R 113 -12.34 -10.40 118.58
C GLN R 113 -13.03 -9.27 119.33
N ALA R 114 -12.95 -8.04 118.81
CA ALA R 114 -13.70 -6.94 119.40
C ALA R 114 -15.20 -7.11 119.20
N ILE R 115 -15.60 -7.74 118.09
CA ILE R 115 -17.01 -8.06 117.89
C ILE R 115 -17.51 -9.01 118.97
N GLU R 116 -16.66 -9.95 119.41
CA GLU R 116 -17.05 -10.87 120.48
C GLU R 116 -17.31 -10.15 121.79
N LYS R 117 -16.60 -9.05 122.03
CA LYS R 117 -16.88 -8.23 123.21
C LYS R 117 -18.14 -7.41 123.00
N ASN R 118 -18.16 -6.56 121.97
CA ASN R 118 -19.35 -5.77 121.66
C ASN R 118 -20.58 -6.64 121.49
N ARG R 119 -20.41 -7.92 121.11
CA ARG R 119 -21.54 -8.84 121.01
C ARG R 119 -22.31 -8.91 122.33
N TYR R 120 -21.63 -8.76 123.46
CA TYR R 120 -22.29 -8.89 124.76
C TYR R 120 -22.99 -7.58 125.15
N ARG R 121 -22.22 -6.50 125.30
CA ARG R 121 -22.79 -5.24 125.76
C ARG R 121 -23.88 -4.72 124.83
N ALA R 122 -23.67 -4.83 123.51
CA ALA R 122 -24.63 -4.27 122.56
C ALA R 122 -26.01 -4.93 122.69
N GLU R 123 -26.03 -6.24 122.96
CA GLU R 123 -27.30 -6.93 123.16
C GLU R 123 -28.07 -6.36 124.34
N GLU R 124 -27.38 -5.97 125.40
CA GLU R 124 -28.05 -5.35 126.54
C GLU R 124 -28.55 -3.96 126.18
N LEU R 125 -27.70 -3.15 125.56
CA LEU R 125 -28.11 -1.80 125.18
C LEU R 125 -29.14 -1.81 124.06
N ALA R 126 -29.08 -2.80 123.17
CA ALA R 126 -30.10 -2.89 122.12
C ALA R 126 -31.44 -3.31 122.70
N GLU R 127 -31.44 -4.17 123.72
CA GLU R 127 -32.68 -4.54 124.38
C GLU R 127 -33.30 -3.33 125.08
N GLU R 128 -32.47 -2.51 125.72
CA GLU R 128 -32.98 -1.32 126.39
C GLU R 128 -33.54 -0.31 125.38
N ARG R 129 -33.03 -0.33 124.15
CA ARG R 129 -33.55 0.57 123.12
C ARG R 129 -34.89 0.09 122.59
N ILE R 130 -35.02 -1.21 122.33
CA ILE R 130 -36.26 -1.73 121.76
C ILE R 130 -37.39 -1.73 122.78
N LEU R 131 -37.06 -1.82 124.07
CA LEU R 131 -38.07 -1.77 125.12
C LEU R 131 -38.62 -0.35 125.34
N ASP R 132 -37.97 0.67 124.79
CA ASP R 132 -38.48 2.04 124.91
C ASP R 132 -39.67 2.26 124.00
N GLU R 150 -35.66 0.33 139.44
CA GLU R 150 -36.23 -1.00 139.21
C GLU R 150 -36.98 -1.06 137.88
N PRO R 151 -36.78 -2.13 137.12
CA PRO R 151 -37.49 -2.26 135.84
C PRO R 151 -38.96 -2.53 136.06
N SER R 152 -39.78 -2.02 135.14
CA SER R 152 -41.21 -2.17 135.25
C SER R 152 -41.64 -3.61 134.98
N ALA R 153 -42.83 -3.95 135.47
CA ALA R 153 -43.37 -5.29 135.23
C ALA R 153 -43.61 -5.53 133.75
N ALA R 154 -44.18 -4.54 133.06
CA ALA R 154 -44.36 -4.65 131.61
C ALA R 154 -43.02 -4.59 130.88
N ARG R 155 -42.04 -3.89 131.46
CA ARG R 155 -40.71 -3.86 130.87
C ARG R 155 -40.13 -5.27 130.76
N GLN R 156 -40.34 -6.09 131.80
CA GLN R 156 -39.87 -7.47 131.78
C GLN R 156 -40.82 -8.40 131.04
N ALA R 157 -42.12 -8.12 131.08
CA ALA R 157 -43.08 -8.94 130.32
C ALA R 157 -42.79 -8.86 128.83
N PHE R 158 -42.34 -7.70 128.36
CA PHE R 158 -41.90 -7.56 126.98
C PHE R 158 -40.49 -8.08 126.79
N ARG R 159 -39.60 -7.83 127.75
CA ARG R 159 -38.23 -8.36 127.66
C ARG R 159 -38.24 -9.88 127.56
N LYS R 160 -39.22 -10.55 128.18
CA LYS R 160 -39.27 -12.01 128.12
C LYS R 160 -39.74 -12.49 126.75
N LYS R 161 -40.82 -11.90 126.22
CA LYS R 161 -41.28 -12.29 124.89
C LYS R 161 -40.25 -11.97 123.82
N LEU R 162 -39.36 -11.01 124.10
CA LEU R 162 -38.30 -10.68 123.15
C LEU R 162 -37.26 -11.79 123.07
N ARG R 163 -36.77 -12.24 124.24
CA ARG R 163 -35.75 -13.29 124.25
C ARG R 163 -36.30 -14.61 123.74
N GLU R 164 -37.60 -14.84 123.89
CA GLU R 164 -38.23 -16.08 123.40
C GLU R 164 -38.24 -16.09 121.87
N ALA R 230 -20.70 0.25 117.24
CA ALA R 230 -20.01 1.45 116.78
C ALA R 230 -19.85 2.45 117.91
N LYS R 231 -20.91 2.60 118.71
CA LYS R 231 -20.85 3.50 119.86
C LYS R 231 -19.90 2.97 120.93
N LEU R 232 -19.85 1.65 121.10
CA LEU R 232 -18.98 1.05 122.11
C LEU R 232 -17.54 0.97 121.63
N VAL R 233 -17.34 0.68 120.34
CA VAL R 233 -15.99 0.53 119.81
C VAL R 233 -15.28 1.88 119.81
N ASN R 234 -13.96 1.83 119.98
CA ASN R 234 -13.05 2.98 119.87
C ASN R 234 -12.13 2.65 118.75
N PRO R 235 -12.44 3.02 117.51
CA PRO R 235 -11.59 2.70 116.38
C PRO R 235 -10.16 3.13 116.60
N GLU R 236 -9.93 4.23 117.33
CA GLU R 236 -8.57 4.64 117.67
C GLU R 236 -7.93 3.67 118.67
N GLU R 237 -8.74 2.98 119.48
CA GLU R 237 -8.21 1.92 120.33
C GLU R 237 -8.14 0.57 119.63
N LEU R 238 -8.80 0.42 118.47
CA LEU R 238 -8.84 -0.84 117.74
C LEU R 238 -7.78 -0.90 116.64
N LYS R 239 -7.85 0.03 115.67
CA LYS R 239 -6.83 0.09 114.63
C LYS R 239 -5.43 0.27 115.20
N GLN R 240 -5.32 0.96 116.34
CA GLN R 240 -4.06 1.07 117.05
C GLN R 240 -3.74 -0.18 117.87
N ASP R 241 -4.73 -1.02 118.15
CA ASP R 241 -4.48 -2.27 118.85
C ASP R 241 -3.81 -3.29 117.94
N ALA R 242 -4.26 -3.38 116.69
CA ALA R 242 -3.63 -4.28 115.74
C ALA R 242 -2.17 -3.91 115.51
N ILE R 243 -1.85 -2.62 115.59
CA ILE R 243 -0.45 -2.19 115.50
C ILE R 243 0.33 -2.65 116.71
N ASP R 244 -0.23 -2.49 117.91
CA ASP R 244 0.43 -3.01 119.12
C ASP R 244 0.51 -4.53 119.09
N ALA R 245 -0.51 -5.18 118.53
CA ALA R 245 -0.47 -6.63 118.40
C ALA R 245 0.61 -7.08 117.42
N VAL R 246 0.83 -6.29 116.36
CA VAL R 246 1.87 -6.63 115.40
C VAL R 246 3.25 -6.34 115.99
N GLU R 247 3.42 -5.14 116.55
CA GLU R 247 4.73 -4.77 117.05
C GLU R 247 5.15 -5.64 118.23
N GLN R 248 4.26 -5.82 119.19
CA GLN R 248 4.62 -6.57 120.37
C GLN R 248 4.54 -8.08 120.14
N HIS R 249 3.42 -8.54 119.60
CA HIS R 249 3.15 -9.97 119.52
C HIS R 249 3.37 -10.58 118.14
N GLY R 250 3.76 -9.78 117.15
CA GLY R 250 3.73 -10.26 115.78
C GLY R 250 4.64 -11.44 115.53
N ILE R 251 4.23 -12.31 114.62
CA ILE R 251 4.98 -13.50 114.23
C ILE R 251 4.88 -13.64 112.72
N VAL R 252 5.98 -14.04 112.08
CA VAL R 252 6.04 -14.25 110.65
C VAL R 252 6.79 -15.55 110.39
N PHE R 253 6.24 -16.38 109.52
CA PHE R 253 6.86 -17.63 109.13
C PHE R 253 7.31 -17.52 107.68
N ILE R 254 8.60 -17.65 107.45
CA ILE R 254 9.17 -17.57 106.12
C ILE R 254 9.52 -19.01 105.73
N ASP R 255 8.72 -19.59 104.85
CA ASP R 255 8.93 -20.94 104.38
C ASP R 255 10.04 -20.95 103.34
N GLU R 256 10.68 -22.11 103.17
CA GLU R 256 11.65 -22.38 102.10
C GLU R 256 12.71 -21.29 101.98
N ILE R 257 13.26 -20.88 103.12
CA ILE R 257 14.34 -19.90 103.08
C ILE R 257 15.61 -20.47 102.46
N ASP R 258 15.77 -21.79 102.49
CA ASP R 258 16.97 -22.40 101.93
C ASP R 258 17.08 -22.19 100.43
N LYS R 259 15.97 -21.95 99.74
CA LYS R 259 16.00 -21.83 98.30
C LYS R 259 16.52 -20.48 97.83
N ILE R 260 16.66 -19.50 98.73
CA ILE R 260 17.25 -18.23 98.37
C ILE R 260 18.74 -18.17 98.65
N CYS R 261 19.34 -19.28 99.06
CA CYS R 261 20.78 -19.34 99.28
C CYS R 261 21.52 -19.49 97.95
N LYS R 262 22.79 -19.08 97.96
CA LYS R 262 23.66 -19.17 96.80
C LYS R 262 23.93 -20.61 96.41
N SER R 267 25.71 -17.78 89.22
CA SER R 267 26.07 -16.40 89.51
C SER R 267 24.88 -15.47 89.28
N GLY R 268 24.10 -15.76 88.24
CA GLY R 268 22.94 -14.97 87.90
C GLY R 268 21.83 -15.03 88.92
N PRO R 269 21.33 -16.24 89.21
CA PRO R 269 20.35 -16.37 90.32
C PRO R 269 20.93 -16.03 91.68
N ASP R 270 22.22 -16.26 91.90
CA ASP R 270 22.82 -15.99 93.21
C ASP R 270 22.71 -14.51 93.59
N VAL R 271 22.71 -13.61 92.60
CA VAL R 271 22.51 -12.20 92.91
C VAL R 271 21.05 -11.94 93.29
N SER R 272 20.12 -12.47 92.49
CA SER R 272 18.70 -12.32 92.81
C SER R 272 18.30 -13.10 94.05
N ARG R 273 18.92 -14.26 94.29
CA ARG R 273 18.62 -15.02 95.49
C ARG R 273 19.12 -14.28 96.73
N GLU R 274 20.41 -13.90 96.74
CA GLU R 274 20.96 -13.13 97.84
C GLU R 274 20.41 -11.72 97.91
N GLY R 275 19.87 -11.20 96.81
CA GLY R 275 19.24 -9.90 96.86
C GLY R 275 17.99 -9.90 97.73
N VAL R 276 17.25 -11.02 97.71
CA VAL R 276 16.09 -11.15 98.59
C VAL R 276 16.49 -11.15 100.05
N GLN R 277 17.65 -11.73 100.37
CA GLN R 277 18.13 -11.75 101.75
C GLN R 277 18.43 -10.33 102.24
N ARG R 278 19.09 -9.52 101.41
CA ARG R 278 19.36 -8.14 101.78
C ARG R 278 18.07 -7.34 101.92
N ASP R 279 17.08 -7.64 101.09
CA ASP R 279 15.78 -6.97 101.23
C ASP R 279 15.08 -7.38 102.52
N LEU R 280 15.23 -8.63 102.93
CA LEU R 280 14.67 -9.10 104.18
C LEU R 280 15.44 -8.57 105.38
N LEU R 281 16.69 -8.17 105.17
CA LEU R 281 17.57 -7.78 106.28
C LEU R 281 17.01 -6.67 107.15
N PRO R 282 16.49 -5.56 106.62
CA PRO R 282 15.98 -4.50 107.51
C PRO R 282 14.86 -4.96 108.44
N LEU R 283 14.02 -5.90 108.00
CA LEU R 283 12.90 -6.31 108.84
C LEU R 283 13.38 -6.99 110.12
N VAL R 284 14.45 -7.78 110.02
CA VAL R 284 14.96 -8.48 111.20
C VAL R 284 15.89 -7.60 112.03
N GLU R 285 16.74 -6.81 111.39
CA GLU R 285 17.59 -5.87 112.10
C GLU R 285 16.77 -4.74 112.72
N GLY R 286 15.51 -4.59 112.29
CA GLY R 286 14.64 -3.55 112.77
C GLY R 286 14.53 -2.43 111.76
N CYS R 287 13.35 -1.87 111.62
CA CYS R 287 13.07 -0.81 110.65
C CYS R 287 11.66 -0.30 110.92
N THR R 288 11.18 0.61 110.07
CA THR R 288 9.82 1.11 110.16
C THR R 288 9.20 1.05 108.78
N VAL R 289 8.00 0.48 108.70
CA VAL R 289 7.27 0.32 107.45
C VAL R 289 5.96 1.09 107.55
N SER R 290 5.59 1.74 106.45
CA SER R 290 4.36 2.52 106.39
C SER R 290 3.21 1.65 105.87
N THR R 291 2.06 1.76 106.52
CA THR R 291 0.84 1.07 106.10
C THR R 291 -0.32 2.04 106.23
N LYS R 292 -1.38 1.77 105.47
CA LYS R 292 -2.58 2.60 105.56
C LYS R 292 -3.17 2.57 106.96
N HIS R 293 -3.03 1.44 107.66
CA HIS R 293 -3.52 1.35 109.03
C HIS R 293 -2.64 2.12 110.02
N GLY R 294 -1.39 2.36 109.67
CA GLY R 294 -0.50 3.09 110.56
C GLY R 294 0.96 2.82 110.23
N MET R 295 1.82 3.25 111.14
CA MET R 295 3.27 3.15 111.01
C MET R 295 3.77 2.10 111.99
N VAL R 296 4.31 1.00 111.46
CA VAL R 296 4.70 -0.15 112.26
C VAL R 296 6.22 -0.23 112.33
N LYS R 297 6.73 -0.70 113.47
CA LYS R 297 8.15 -0.97 113.67
C LYS R 297 8.36 -2.47 113.86
N THR R 298 9.40 -3.00 113.21
CA THR R 298 9.65 -4.43 113.13
C THR R 298 10.64 -4.93 114.17
N ASP R 299 11.08 -4.07 115.08
CA ASP R 299 12.21 -4.43 115.94
C ASP R 299 11.91 -5.65 116.80
N HIS R 300 10.71 -5.72 117.37
CA HIS R 300 10.37 -6.76 118.33
C HIS R 300 9.54 -7.90 117.74
N ILE R 301 9.30 -7.89 116.43
CA ILE R 301 8.58 -8.99 115.80
C ILE R 301 9.43 -10.25 115.82
N LEU R 302 8.79 -11.39 116.10
CA LEU R 302 9.45 -12.69 116.03
C LEU R 302 9.28 -13.30 114.65
N PHE R 303 10.32 -13.99 114.19
CA PHE R 303 10.31 -14.58 112.86
C PHE R 303 10.74 -16.04 112.95
N ILE R 304 10.19 -16.85 112.06
CA ILE R 304 10.53 -18.27 111.96
C ILE R 304 10.80 -18.57 110.50
N ALA R 305 12.04 -18.92 110.19
CA ALA R 305 12.41 -19.35 108.85
C ALA R 305 12.53 -20.87 108.81
N SER R 306 12.18 -21.45 107.68
CA SER R 306 12.22 -22.90 107.53
C SER R 306 12.74 -23.26 106.15
N GLY R 307 13.45 -24.38 106.09
CA GLY R 307 13.94 -24.89 104.83
C GLY R 307 14.48 -26.30 104.97
N ALA R 308 14.45 -27.07 103.87
CA ALA R 308 15.01 -28.41 103.90
C ALA R 308 16.54 -28.37 104.02
N PHE R 309 17.17 -27.37 103.40
CA PHE R 309 18.62 -27.21 103.44
C PHE R 309 19.36 -28.46 102.98
N GLN R 310 18.78 -29.17 102.01
CA GLN R 310 19.49 -30.29 101.39
C GLN R 310 20.41 -29.80 100.27
N ILE R 311 19.98 -28.80 99.51
CA ILE R 311 20.82 -28.23 98.46
C ILE R 311 21.86 -27.28 99.05
N ALA R 312 21.45 -26.47 100.03
CA ALA R 312 22.30 -25.47 100.64
C ALA R 312 22.28 -25.68 102.15
N LYS R 313 23.02 -24.83 102.86
CA LYS R 313 23.15 -24.89 104.31
C LYS R 313 22.96 -23.52 104.90
N PRO R 314 22.59 -23.41 106.18
CA PRO R 314 22.46 -22.08 106.80
C PRO R 314 23.69 -21.20 106.69
N SER R 315 24.89 -21.79 106.63
CA SER R 315 26.10 -21.01 106.44
C SER R 315 26.12 -20.26 105.11
N ASP R 316 25.39 -20.75 104.10
CA ASP R 316 25.32 -20.07 102.81
C ASP R 316 24.52 -18.78 102.86
N LEU R 317 23.74 -18.57 103.93
CA LEU R 317 23.03 -17.31 104.09
C LEU R 317 24.02 -16.18 104.32
N ILE R 318 23.59 -14.97 104.01
CA ILE R 318 24.43 -13.80 104.17
C ILE R 318 24.78 -13.65 105.65
N PRO R 319 25.97 -13.18 105.98
CA PRO R 319 26.38 -13.14 107.40
C PRO R 319 25.48 -12.30 108.29
N GLU R 320 24.94 -11.20 107.79
CA GLU R 320 24.04 -10.38 108.59
C GLU R 320 22.76 -11.14 108.93
N LEU R 321 22.37 -12.08 108.08
CA LEU R 321 21.17 -12.88 108.33
C LEU R 321 21.45 -14.03 109.29
N GLN R 322 22.66 -14.60 109.22
CA GLN R 322 23.00 -15.71 110.11
C GLN R 322 23.02 -15.27 111.57
N GLY R 323 23.43 -14.02 111.83
CA GLY R 323 23.47 -13.52 113.19
C GLY R 323 22.13 -13.06 113.72
N ARG R 324 21.13 -12.94 112.85
CA ARG R 324 19.78 -12.58 113.25
C ARG R 324 18.90 -13.80 113.49
N LEU R 325 19.46 -15.00 113.46
CA LEU R 325 18.73 -16.24 113.73
C LEU R 325 19.44 -17.00 114.84
N PRO R 326 19.37 -16.49 116.08
CA PRO R 326 20.16 -17.12 117.16
C PRO R 326 19.79 -18.56 117.46
N ILE R 327 18.51 -18.93 117.36
CA ILE R 327 18.05 -20.27 117.74
C ILE R 327 17.92 -21.12 116.48
N ARG R 328 18.56 -22.29 116.51
CA ARG R 328 18.50 -23.25 115.42
C ARG R 328 17.99 -24.59 115.94
N VAL R 329 17.18 -25.27 115.14
CA VAL R 329 16.64 -26.58 115.51
C VAL R 329 16.38 -27.37 114.23
N GLU R 330 16.65 -28.67 114.28
CA GLU R 330 16.34 -29.58 113.19
C GLU R 330 15.15 -30.44 113.60
N LEU R 331 14.20 -30.60 112.69
CA LEU R 331 13.00 -31.40 112.91
C LEU R 331 13.18 -32.76 112.27
N GLN R 332 12.87 -33.82 113.03
CA GLN R 332 13.07 -35.19 112.58
C GLN R 332 11.97 -35.60 111.62
N ALA R 333 12.30 -36.55 110.73
CA ALA R 333 11.29 -37.12 109.84
C ALA R 333 10.31 -37.96 110.63
N LEU R 334 9.05 -37.88 110.22
CA LEU R 334 7.97 -38.60 110.89
C LEU R 334 7.98 -40.06 110.47
N THR R 335 7.77 -40.94 111.44
CA THR R 335 7.72 -42.38 111.21
C THR R 335 6.28 -42.85 111.05
N THR R 336 6.14 -44.14 110.77
CA THR R 336 4.81 -44.73 110.69
C THR R 336 4.10 -44.64 112.04
N SER R 337 4.85 -44.78 113.14
CA SER R 337 4.24 -44.70 114.47
C SER R 337 3.66 -43.31 114.72
N ASP R 338 4.33 -42.28 114.22
CA ASP R 338 3.79 -40.93 114.38
C ASP R 338 2.52 -40.73 113.58
N PHE R 339 2.41 -41.37 112.41
CA PHE R 339 1.18 -41.30 111.63
C PHE R 339 0.00 -41.86 112.41
N GLU R 340 0.21 -42.99 113.11
CA GLU R 340 -0.86 -43.56 113.92
C GLU R 340 -1.28 -42.62 115.03
N ARG R 341 -0.31 -41.87 115.60
CA ARG R 341 -0.64 -40.92 116.63
C ARG R 341 -1.39 -39.72 116.07
N ILE R 342 -0.96 -39.21 114.91
CA ILE R 342 -1.59 -38.05 114.30
C ILE R 342 -3.04 -38.32 113.95
N LEU R 343 -3.36 -39.57 113.61
CA LEU R 343 -4.73 -39.91 113.22
C LEU R 343 -5.68 -39.82 114.41
N THR R 344 -5.18 -39.99 115.63
CA THR R 344 -6.05 -40.15 116.79
C THR R 344 -5.74 -39.14 117.87
N GLU R 345 -4.51 -39.17 118.39
CA GLU R 345 -4.14 -38.40 119.57
C GLU R 345 -4.49 -36.91 119.51
N PRO R 346 -4.19 -36.18 118.43
CA PRO R 346 -4.43 -34.73 118.45
C PRO R 346 -5.91 -34.43 118.67
N ASN R 347 -6.17 -33.35 119.40
CA ASN R 347 -7.55 -32.89 119.57
C ASN R 347 -8.13 -32.55 118.21
N ALA R 348 -9.36 -33.00 117.96
CA ALA R 348 -10.02 -32.83 116.68
C ALA R 348 -9.20 -33.43 115.53
N SER R 349 -8.65 -34.62 115.77
CA SER R 349 -7.90 -35.32 114.74
C SER R 349 -8.82 -35.74 113.61
N ILE R 350 -8.23 -35.95 112.43
CA ILE R 350 -9.02 -36.20 111.22
C ILE R 350 -9.92 -37.42 111.36
N THR R 351 -9.50 -38.42 112.13
CA THR R 351 -10.39 -39.55 112.42
C THR R 351 -11.57 -39.13 113.28
N VAL R 352 -11.32 -38.30 114.29
CA VAL R 352 -12.42 -37.76 115.10
C VAL R 352 -13.32 -36.88 114.25
N GLN R 353 -12.74 -36.18 113.28
CA GLN R 353 -13.54 -35.34 112.41
C GLN R 353 -14.51 -36.19 111.58
N TYR R 354 -13.99 -37.29 111.01
CA TYR R 354 -14.83 -38.19 110.23
C TYR R 354 -15.88 -38.89 111.10
N LYS R 355 -15.55 -39.16 112.36
CA LYS R 355 -16.50 -39.85 113.23
C LYS R 355 -17.74 -39.01 113.48
N ALA R 356 -17.54 -37.75 113.87
CA ALA R 356 -18.68 -36.86 114.08
C ALA R 356 -19.38 -36.52 112.76
N LEU R 357 -18.65 -36.51 111.64
CA LEU R 357 -19.26 -36.23 110.35
C LEU R 357 -20.32 -37.29 110.02
N MET R 358 -19.95 -38.56 110.14
CA MET R 358 -20.92 -39.63 109.97
C MET R 358 -21.92 -39.66 111.12
N ALA R 359 -21.53 -39.17 112.29
CA ALA R 359 -22.45 -39.13 113.43
C ALA R 359 -23.67 -38.25 113.16
N THR R 360 -23.51 -37.17 112.38
CA THR R 360 -24.68 -36.35 112.06
C THR R 360 -25.68 -37.10 111.17
N GLU R 361 -25.19 -38.03 110.36
CA GLU R 361 -26.06 -38.85 109.53
C GLU R 361 -26.68 -40.00 110.31
N GLY R 362 -26.41 -40.09 111.61
CA GLY R 362 -26.93 -41.16 112.42
C GLY R 362 -26.07 -42.40 112.42
N VAL R 363 -24.89 -42.33 111.80
CA VAL R 363 -23.99 -43.47 111.69
C VAL R 363 -22.90 -43.31 112.73
N ASN R 364 -22.43 -44.44 113.25
CA ASN R 364 -21.39 -44.44 114.27
C ASN R 364 -20.17 -45.12 113.67
N ILE R 365 -19.11 -44.34 113.44
CA ILE R 365 -17.86 -44.87 112.93
C ILE R 365 -16.96 -45.24 114.10
N GLU R 366 -16.24 -46.35 113.95
CA GLU R 366 -15.26 -46.79 114.92
C GLU R 366 -14.10 -47.42 114.18
N PHE R 367 -12.89 -47.00 114.51
CA PHE R 367 -11.68 -47.49 113.87
C PHE R 367 -10.96 -48.42 114.85
N THR R 368 -10.61 -49.60 114.37
CA THR R 368 -9.79 -50.53 115.15
C THR R 368 -8.34 -50.06 115.17
N ASP R 369 -7.62 -50.46 116.22
CA ASP R 369 -6.20 -50.12 116.32
C ASP R 369 -5.42 -50.68 115.13
N SER R 370 -5.73 -51.90 114.71
CA SER R 370 -5.10 -52.46 113.52
C SER R 370 -5.58 -51.75 112.26
N GLY R 371 -6.81 -51.24 112.26
CA GLY R 371 -7.28 -50.46 111.13
C GLY R 371 -6.59 -49.12 111.02
N ILE R 372 -6.34 -48.48 112.17
CA ILE R 372 -5.52 -47.26 112.18
C ILE R 372 -4.09 -47.59 111.79
N LYS R 373 -3.59 -48.75 112.22
CA LYS R 373 -2.21 -49.12 111.92
C LYS R 373 -1.99 -49.34 110.43
N ARG R 374 -3.00 -49.86 109.73
CA ARG R 374 -2.87 -50.13 108.31
C ARG R 374 -3.14 -48.90 107.44
N ILE R 375 -3.77 -47.86 108.00
CA ILE R 375 -3.88 -46.60 107.27
C ILE R 375 -2.54 -45.87 107.27
N ALA R 376 -1.87 -45.84 108.42
CA ALA R 376 -0.55 -45.21 108.49
C ALA R 376 0.45 -45.95 107.62
N GLU R 377 0.37 -47.29 107.59
CA GLU R 377 1.23 -48.06 106.70
C GLU R 377 0.90 -47.78 105.23
N ALA R 378 -0.38 -47.50 104.93
CA ALA R 378 -0.75 -47.18 103.56
C ALA R 378 -0.19 -45.83 103.13
N ALA R 379 -0.31 -44.82 103.99
CA ALA R 379 0.22 -43.50 103.67
C ALA R 379 1.74 -43.52 103.58
N TRP R 380 2.39 -44.35 104.39
CA TRP R 380 3.85 -44.45 104.34
C TRP R 380 4.31 -45.06 103.03
N GLN R 381 3.61 -46.09 102.55
CA GLN R 381 4.03 -46.77 101.33
C GLN R 381 3.92 -45.86 100.12
N VAL R 382 2.90 -45.01 100.08
CA VAL R 382 2.75 -44.09 98.95
C VAL R 382 3.86 -43.06 98.97
N ASN R 383 4.22 -42.55 100.15
CA ASN R 383 5.31 -41.60 100.25
C ASN R 383 6.63 -42.23 99.82
N GLU R 384 6.84 -43.52 100.13
CA GLU R 384 8.05 -44.21 99.70
C GLU R 384 7.96 -44.69 98.26
N SER R 385 6.81 -45.22 97.85
CA SER R 385 6.71 -45.76 96.50
C SER R 385 6.82 -44.66 95.45
N THR R 386 6.35 -43.44 95.76
CA THR R 386 6.40 -42.37 94.76
C THR R 386 7.15 -41.16 95.32
N GLU R 387 6.46 -40.32 96.10
CA GLU R 387 7.01 -39.08 96.62
C GLU R 387 6.53 -38.84 98.05
N ASN R 388 7.43 -38.35 98.90
CA ASN R 388 7.13 -38.19 100.32
C ASN R 388 6.57 -36.79 100.55
N ILE R 389 5.27 -36.72 100.84
CA ILE R 389 4.60 -35.46 101.16
C ILE R 389 4.41 -35.25 102.66
N GLY R 390 4.92 -36.17 103.46
CA GLY R 390 4.75 -36.08 104.91
C GLY R 390 3.35 -36.52 105.34
N ALA R 391 2.95 -36.02 106.50
CA ALA R 391 1.66 -36.42 107.08
C ALA R 391 0.49 -35.99 106.23
N ARG R 392 0.70 -35.10 105.25
CA ARG R 392 -0.38 -34.70 104.36
C ARG R 392 -0.96 -35.89 103.61
N ARG R 393 -0.17 -36.95 103.42
CA ARG R 393 -0.67 -38.16 102.75
C ARG R 393 -1.82 -38.81 103.51
N LEU R 394 -1.85 -38.64 104.84
CA LEU R 394 -2.92 -39.24 105.63
C LEU R 394 -4.29 -38.73 105.21
N HIS R 395 -4.36 -37.48 104.77
CA HIS R 395 -5.63 -36.92 104.32
C HIS R 395 -6.09 -37.58 103.03
N THR R 396 -5.16 -37.82 102.11
CA THR R 396 -5.50 -38.41 100.81
C THR R 396 -6.00 -39.85 100.97
N VAL R 397 -5.36 -40.61 101.86
CA VAL R 397 -5.71 -42.03 102.02
C VAL R 397 -7.04 -42.20 102.76
N LEU R 398 -7.26 -41.38 103.80
CA LEU R 398 -8.46 -41.55 104.62
C LEU R 398 -9.73 -41.27 103.81
N GLU R 399 -9.74 -40.19 103.03
CA GLU R 399 -10.92 -39.87 102.25
C GLU R 399 -11.18 -40.93 101.18
N ARG R 400 -10.11 -41.48 100.60
CA ARG R 400 -10.28 -42.56 99.63
C ARG R 400 -10.86 -43.81 100.30
N LEU R 401 -10.50 -44.05 101.56
CA LEU R 401 -11.03 -45.20 102.28
C LEU R 401 -12.49 -44.99 102.67
N MET R 402 -12.84 -43.79 103.11
CA MET R 402 -14.16 -43.50 103.65
C MET R 402 -15.15 -43.03 102.60
N GLU R 403 -14.73 -42.92 101.33
CA GLU R 403 -15.61 -42.37 100.31
C GLU R 403 -16.89 -43.18 100.15
N GLU R 404 -16.81 -44.50 100.33
CA GLU R 404 -17.98 -45.34 100.19
C GLU R 404 -18.91 -45.22 101.39
N ILE R 405 -18.37 -45.19 102.61
CA ILE R 405 -19.20 -44.91 103.78
C ILE R 405 -19.67 -43.47 103.74
N SER R 406 -18.78 -42.55 103.37
CA SER R 406 -19.21 -41.16 103.29
C SER R 406 -20.33 -41.00 102.29
N TYR R 407 -20.42 -41.90 101.30
CA TYR R 407 -21.55 -41.82 100.39
C TYR R 407 -22.86 -42.36 100.99
N ASP R 408 -22.82 -43.52 101.61
CA ASP R 408 -24.05 -44.19 102.04
C ASP R 408 -24.55 -43.69 103.37
N ALA R 409 -23.84 -42.73 103.97
CA ALA R 409 -24.13 -42.32 105.34
C ALA R 409 -25.57 -41.87 105.51
N SER R 410 -26.19 -41.33 104.45
CA SER R 410 -27.60 -40.98 104.53
C SER R 410 -28.47 -42.22 104.71
N ASP R 411 -28.25 -43.24 103.88
CA ASP R 411 -29.04 -44.47 103.95
C ASP R 411 -28.62 -45.38 105.09
N LEU R 412 -27.43 -45.18 105.66
CA LEU R 412 -26.92 -46.02 106.73
C LEU R 412 -27.28 -45.48 108.12
N SER R 413 -28.13 -44.48 108.20
CA SER R 413 -28.48 -43.88 109.49
C SER R 413 -28.98 -44.93 110.46
N GLY R 414 -28.55 -44.81 111.72
CA GLY R 414 -28.93 -45.77 112.73
C GLY R 414 -28.12 -47.04 112.76
N GLN R 415 -27.03 -47.12 112.00
CA GLN R 415 -26.18 -48.30 111.96
C GLN R 415 -24.81 -47.97 112.56
N ASN R 416 -24.15 -49.01 113.08
CA ASN R 416 -22.82 -48.89 113.65
C ASN R 416 -21.85 -49.54 112.68
N ILE R 417 -21.02 -48.72 112.04
CA ILE R 417 -20.01 -49.20 111.10
C ILE R 417 -18.68 -49.28 111.83
N THR R 418 -17.90 -50.30 111.50
CA THR R 418 -16.59 -50.54 112.13
C THR R 418 -15.53 -50.60 111.04
N ILE R 419 -14.51 -49.76 111.16
CA ILE R 419 -13.39 -49.76 110.23
C ILE R 419 -12.32 -50.68 110.81
N ASP R 420 -12.13 -51.83 110.17
CA ASP R 420 -11.18 -52.84 110.63
C ASP R 420 -10.04 -52.97 109.62
N ALA R 421 -9.07 -53.83 109.97
CA ALA R 421 -7.93 -54.05 109.09
C ALA R 421 -8.38 -54.66 107.77
N ASP R 422 -9.37 -55.55 107.81
CA ASP R 422 -9.89 -56.14 106.59
C ASP R 422 -10.58 -55.10 105.71
N TYR R 423 -11.25 -54.12 106.32
CA TYR R 423 -11.89 -53.06 105.54
C TYR R 423 -10.86 -52.15 104.91
N VAL R 424 -9.78 -51.85 105.65
CA VAL R 424 -8.73 -50.97 105.11
C VAL R 424 -8.04 -51.63 103.92
N SER R 425 -7.67 -52.90 104.06
CA SER R 425 -7.01 -53.61 102.97
C SER R 425 -7.93 -53.77 101.76
N LYS R 426 -9.24 -53.85 101.98
CA LYS R 426 -10.18 -54.05 100.89
C LYS R 426 -10.24 -52.85 99.95
N HIS R 427 -10.30 -51.64 100.52
CA HIS R 427 -10.48 -50.42 99.74
C HIS R 427 -9.16 -49.77 99.32
N LEU R 428 -8.02 -50.25 99.83
CA LEU R 428 -6.75 -49.57 99.64
C LEU R 428 -5.73 -50.42 98.89
N ASP R 429 -5.36 -51.59 99.43
CA ASP R 429 -4.23 -52.36 98.92
C ASP R 429 -4.26 -52.53 97.40
N ALA R 430 -5.45 -52.60 96.80
CA ALA R 430 -5.56 -52.68 95.35
C ALA R 430 -5.05 -51.40 94.69
N SER S 1 24.72 -7.31 -57.52
CA SER S 1 25.70 -6.74 -56.61
C SER S 1 25.40 -7.14 -55.16
N GLU S 2 26.47 -7.37 -54.39
CA GLU S 2 26.35 -7.79 -53.00
C GLU S 2 26.40 -6.64 -52.01
N MET S 3 26.40 -5.38 -52.49
CA MET S 3 26.46 -4.20 -51.64
C MET S 3 25.39 -4.26 -50.55
N THR S 4 25.80 -3.99 -49.31
CA THR S 4 24.85 -3.92 -48.21
C THR S 4 24.07 -2.63 -48.33
N PRO S 5 22.88 -2.56 -47.73
CA PRO S 5 22.04 -1.36 -47.90
C PRO S 5 22.69 -0.03 -47.47
N ARG S 6 23.53 -0.03 -46.43
CA ARG S 6 24.24 1.20 -46.08
C ARG S 6 25.21 1.62 -47.18
N GLU S 7 25.82 0.65 -47.88
CA GLU S 7 26.67 0.96 -49.02
C GLU S 7 25.87 1.54 -50.19
N ILE S 8 24.61 1.17 -50.34
CA ILE S 8 23.79 1.72 -51.41
C ILE S 8 23.43 3.17 -51.13
N VAL S 9 22.96 3.45 -49.91
CA VAL S 9 22.60 4.82 -49.56
C VAL S 9 23.82 5.74 -49.61
N SER S 10 24.97 5.24 -49.12
CA SER S 10 26.17 6.05 -49.14
C SER S 10 26.60 6.37 -50.56
N GLU S 11 26.38 5.44 -51.49
CA GLU S 11 26.68 5.72 -52.89
C GLU S 11 25.66 6.70 -53.47
N LEU S 12 24.40 6.58 -53.05
CA LEU S 12 23.38 7.51 -53.53
C LEU S 12 23.60 8.91 -52.98
N ASP S 13 24.18 9.04 -51.79
CA ASP S 13 24.49 10.36 -51.25
C ASP S 13 25.51 11.10 -52.09
N LYS S 14 26.32 10.39 -52.87
CA LYS S 14 27.26 11.03 -53.77
C LYS S 14 26.56 11.81 -54.89
N HIS S 15 25.31 11.46 -55.20
CA HIS S 15 24.55 12.14 -56.25
C HIS S 15 23.35 12.88 -55.69
N ILE S 16 22.39 12.18 -55.07
CA ILE S 16 21.22 12.81 -54.49
C ILE S 16 21.57 13.41 -53.14
N ILE S 17 20.91 14.53 -52.81
CA ILE S 17 21.06 15.20 -51.51
C ILE S 17 19.79 14.99 -50.70
N GLY S 18 19.95 14.54 -49.45
CA GLY S 18 18.80 14.36 -48.61
C GLY S 18 17.93 13.21 -49.10
N GLN S 19 16.65 13.26 -48.77
CA GLN S 19 15.68 12.23 -49.18
C GLN S 19 16.15 10.84 -48.76
N ASP S 20 16.73 10.76 -47.56
CA ASP S 20 17.36 9.51 -47.11
C ASP S 20 16.34 8.37 -47.03
N ASN S 21 15.09 8.69 -46.66
CA ASN S 21 14.08 7.64 -46.56
C ASN S 21 13.83 6.99 -47.90
N ALA S 22 13.78 7.79 -48.97
CA ALA S 22 13.67 7.20 -50.30
C ALA S 22 14.93 6.40 -50.66
N LYS S 23 16.09 6.83 -50.19
CA LYS S 23 17.31 6.05 -50.41
C LYS S 23 17.28 4.75 -49.60
N ARG S 24 16.81 4.82 -48.35
CA ARG S 24 16.72 3.60 -47.55
C ARG S 24 15.71 2.62 -48.15
N SER S 25 14.63 3.14 -48.73
CA SER S 25 13.58 2.26 -49.25
C SER S 25 14.05 1.54 -50.51
N VAL S 26 14.72 2.25 -51.42
CA VAL S 26 15.23 1.62 -52.63
C VAL S 26 16.35 0.64 -52.32
N ALA S 27 17.15 0.91 -51.29
CA ALA S 27 18.24 0.01 -50.93
C ALA S 27 17.69 -1.33 -50.44
N ILE S 28 16.57 -1.30 -49.72
CA ILE S 28 15.95 -2.53 -49.24
C ILE S 28 15.48 -3.39 -50.40
N ALA S 29 14.98 -2.75 -51.46
CA ALA S 29 14.51 -3.49 -52.63
C ALA S 29 15.66 -4.14 -53.38
N LEU S 30 16.75 -3.38 -53.59
CA LEU S 30 17.91 -3.93 -54.27
C LEU S 30 18.57 -5.04 -53.46
N ARG S 31 18.53 -4.93 -52.13
CA ARG S 31 19.15 -5.96 -51.29
C ARG S 31 18.34 -7.25 -51.29
N ASN S 32 17.02 -7.16 -51.37
CA ASN S 32 16.20 -8.37 -51.44
C ASN S 32 16.51 -9.19 -52.69
N ARG S 33 16.98 -8.52 -53.75
CA ARG S 33 17.41 -9.22 -54.96
C ARG S 33 18.54 -10.20 -54.66
N TRP S 34 19.60 -9.74 -54.00
CA TRP S 34 20.72 -10.61 -53.69
C TRP S 34 20.32 -11.72 -52.73
N ARG S 35 19.42 -11.42 -51.80
CA ARG S 35 18.96 -12.41 -50.83
C ARG S 35 18.13 -13.50 -51.48
N ARG S 36 17.39 -13.16 -52.54
CA ARG S 36 16.53 -14.17 -53.14
C ARG S 36 17.37 -15.24 -53.84
N MET S 37 18.42 -14.83 -54.55
CA MET S 37 19.23 -15.79 -55.30
C MET S 37 19.88 -16.82 -54.39
N GLN S 38 20.23 -16.43 -53.16
CA GLN S 38 20.86 -17.35 -52.24
C GLN S 38 19.88 -18.38 -51.68
N LEU S 39 18.56 -18.22 -51.88
CA LEU S 39 17.56 -19.11 -51.31
C LEU S 39 17.41 -20.41 -52.10
N ASN S 40 16.54 -21.28 -51.59
CA ASN S 40 16.28 -22.57 -52.19
C ASN S 40 15.35 -22.41 -53.41
N GLU S 41 15.08 -23.53 -54.08
CA GLU S 41 14.34 -23.46 -55.34
C GLU S 41 12.92 -22.96 -55.14
N GLU S 42 12.27 -23.33 -54.04
CA GLU S 42 10.86 -23.00 -53.84
C GLU S 42 10.66 -21.54 -53.49
N LEU S 43 11.43 -21.03 -52.52
CA LEU S 43 11.22 -19.68 -52.04
C LEU S 43 11.58 -18.61 -53.07
N ARG S 44 12.53 -18.91 -53.97
CA ARG S 44 12.92 -17.94 -54.99
C ARG S 44 11.78 -17.60 -55.94
N HIS S 45 10.86 -18.55 -56.18
CA HIS S 45 9.69 -18.27 -57.00
C HIS S 45 8.63 -17.51 -56.20
N GLU S 46 8.41 -17.91 -54.96
CA GLU S 46 7.35 -17.32 -54.15
C GLU S 46 7.67 -15.87 -53.80
N VAL S 47 8.95 -15.56 -53.52
CA VAL S 47 9.32 -14.18 -53.24
C VAL S 47 9.20 -13.35 -54.51
N THR S 48 8.67 -12.15 -54.34
CA THR S 48 8.46 -11.21 -55.44
C THR S 48 9.12 -9.89 -55.04
N PRO S 49 9.51 -9.09 -56.02
CA PRO S 49 10.18 -7.85 -55.70
C PRO S 49 9.23 -6.96 -54.89
N LYS S 50 9.79 -6.20 -53.97
CA LYS S 50 9.02 -5.30 -53.13
C LYS S 50 9.02 -3.96 -53.86
N ASN S 51 7.90 -3.64 -54.48
CA ASN S 51 7.79 -2.43 -55.29
C ASN S 51 7.62 -1.21 -54.39
N ILE S 52 8.08 -0.07 -54.88
CA ILE S 52 8.11 1.17 -54.12
C ILE S 52 7.22 2.19 -54.81
N LEU S 53 6.54 3.00 -54.01
CA LEU S 53 5.73 4.11 -54.50
C LEU S 53 6.34 5.38 -53.94
N MET S 54 7.04 6.13 -54.78
CA MET S 54 7.56 7.42 -54.36
C MET S 54 6.46 8.47 -54.41
N ILE S 55 6.48 9.38 -53.45
CA ILE S 55 5.43 10.37 -53.28
C ILE S 55 6.08 11.70 -52.90
N GLY S 56 5.67 12.79 -53.56
CA GLY S 56 6.18 14.10 -53.26
C GLY S 56 6.05 15.07 -54.42
N PRO S 57 6.38 16.33 -54.18
CA PRO S 57 6.32 17.33 -55.25
C PRO S 57 7.37 17.06 -56.31
N THR S 58 7.11 17.57 -57.50
CA THR S 58 7.98 17.30 -58.63
C THR S 58 9.38 17.86 -58.38
N GLY S 59 10.38 17.19 -58.96
CA GLY S 59 11.73 17.70 -58.99
C GLY S 59 12.53 17.52 -57.72
N VAL S 60 12.08 16.68 -56.80
CA VAL S 60 12.78 16.50 -55.53
C VAL S 60 13.76 15.32 -55.62
N GLY S 61 13.89 14.75 -56.82
CA GLY S 61 14.84 13.68 -57.05
C GLY S 61 14.29 12.28 -57.04
N LYS S 62 12.97 12.11 -57.13
CA LYS S 62 12.38 10.77 -57.21
C LYS S 62 12.99 9.97 -58.36
N THR S 63 13.04 10.57 -59.55
CA THR S 63 13.57 9.86 -60.71
C THR S 63 15.08 9.65 -60.58
N GLU S 64 15.79 10.62 -60.03
CA GLU S 64 17.25 10.51 -59.93
C GLU S 64 17.65 9.34 -59.05
N ILE S 65 16.88 9.07 -57.99
CA ILE S 65 17.14 7.90 -57.17
C ILE S 65 16.99 6.63 -58.00
N ALA S 66 15.91 6.55 -58.77
CA ALA S 66 15.71 5.37 -59.62
C ALA S 66 16.77 5.29 -60.71
N ARG S 67 17.20 6.43 -61.25
CA ARG S 67 18.22 6.41 -62.29
C ARG S 67 19.57 5.99 -61.72
N ARG S 68 19.99 6.63 -60.63
CA ARG S 68 21.25 6.25 -60.00
C ARG S 68 21.20 4.84 -59.43
N LEU S 69 20.02 4.38 -59.00
CA LEU S 69 19.89 3.03 -58.47
C LEU S 69 20.14 2.00 -59.57
N ALA S 70 19.49 2.17 -60.73
CA ALA S 70 19.72 1.27 -61.84
C ALA S 70 21.14 1.40 -62.37
N LYS S 71 21.64 2.64 -62.44
CA LYS S 71 23.03 2.84 -62.84
C LYS S 71 24.00 2.21 -61.84
N LEU S 72 23.64 2.20 -60.55
CA LEU S 72 24.48 1.56 -59.55
C LEU S 72 24.51 0.04 -59.73
N ALA S 73 23.37 -0.55 -60.06
CA ALA S 73 23.27 -2.00 -60.26
C ALA S 73 23.63 -2.43 -61.67
N ASN S 74 23.89 -1.48 -62.58
CA ASN S 74 24.08 -1.76 -64.00
C ASN S 74 22.86 -2.44 -64.62
N ALA S 75 21.70 -2.23 -64.02
CA ALA S 75 20.45 -2.87 -64.42
C ALA S 75 19.81 -2.11 -65.58
N PRO S 76 19.00 -2.80 -66.39
CA PRO S 76 18.17 -2.09 -67.37
C PRO S 76 17.18 -1.19 -66.66
N PHE S 77 16.89 -0.04 -67.30
CA PHE S 77 16.03 0.95 -66.70
C PHE S 77 15.27 1.68 -67.79
N ILE S 78 14.04 2.08 -67.46
CA ILE S 78 13.20 2.87 -68.34
C ILE S 78 12.25 3.70 -67.49
N LYS S 79 11.99 4.93 -67.92
CA LYS S 79 11.00 5.78 -67.30
C LYS S 79 9.82 5.89 -68.24
N VAL S 80 8.62 5.59 -67.74
CA VAL S 80 7.41 5.59 -68.54
C VAL S 80 6.37 6.47 -67.86
N GLU S 81 5.75 7.35 -68.64
CA GLU S 81 4.69 8.22 -68.16
C GLU S 81 3.36 7.48 -68.23
N ALA S 82 2.68 7.37 -67.08
CA ALA S 82 1.45 6.60 -67.02
C ALA S 82 0.35 7.21 -67.89
N THR S 83 0.39 8.53 -68.12
CA THR S 83 -0.63 9.18 -68.92
C THR S 83 -0.49 8.90 -70.42
N LYS S 84 0.64 8.34 -70.85
CA LYS S 84 0.82 8.02 -72.27
C LYS S 84 -0.23 7.03 -72.76
N PHE S 85 -0.72 6.17 -71.87
CA PHE S 85 -1.66 5.12 -72.24
C PHE S 85 -3.11 5.55 -72.12
N THR S 86 -3.38 6.78 -71.71
CA THR S 86 -4.74 7.28 -71.61
C THR S 86 -5.39 7.38 -72.98
N LYS S 93 -1.39 3.48 -77.47
CA LYS S 93 -0.32 2.50 -77.37
C LYS S 93 -0.67 1.38 -76.40
N GLU S 94 -0.16 0.19 -76.66
CA GLU S 94 -0.36 -0.94 -75.76
C GLU S 94 0.60 -0.85 -74.58
N VAL S 95 0.14 -1.35 -73.44
CA VAL S 95 0.96 -1.32 -72.23
C VAL S 95 2.17 -2.25 -72.36
N ASP S 96 2.10 -3.27 -73.19
CA ASP S 96 3.19 -4.23 -73.32
C ASP S 96 4.45 -3.58 -73.88
N SER S 97 4.33 -2.40 -74.49
CA SER S 97 5.49 -1.70 -75.02
C SER S 97 6.53 -1.37 -73.95
N ILE S 98 6.12 -1.26 -72.69
CA ILE S 98 7.06 -0.97 -71.60
C ILE S 98 8.16 -2.02 -71.57
N ILE S 99 7.79 -3.30 -71.55
CA ILE S 99 8.78 -4.37 -71.54
C ILE S 99 9.55 -4.40 -72.85
N ARG S 100 8.90 -4.05 -73.96
CA ARG S 100 9.57 -4.03 -75.25
C ARG S 100 10.66 -2.97 -75.28
N ASP S 101 10.32 -1.75 -74.87
CA ASP S 101 11.32 -0.68 -74.85
C ASP S 101 12.39 -0.94 -73.78
N LEU S 102 12.02 -1.60 -72.69
CA LEU S 102 13.01 -1.94 -71.67
C LEU S 102 14.05 -2.92 -72.21
N THR S 103 13.60 -3.94 -72.94
CA THR S 103 14.54 -4.89 -73.53
C THR S 103 15.40 -4.22 -74.60
N ASP S 104 14.85 -3.24 -75.33
CA ASP S 104 15.64 -2.53 -76.32
C ASP S 104 16.74 -1.70 -75.69
N ALA S 105 16.50 -1.13 -74.50
CA ALA S 105 17.56 -0.46 -73.77
C ALA S 105 18.56 -1.45 -73.19
N ALA S 106 18.06 -2.60 -72.71
CA ALA S 106 18.95 -3.63 -72.21
C ALA S 106 19.82 -4.24 -73.31
N VAL S 107 19.26 -4.38 -74.52
CA VAL S 107 20.05 -4.90 -75.65
C VAL S 107 21.24 -3.98 -75.93
N LYS S 108 20.98 -2.69 -76.08
CA LYS S 108 22.07 -1.74 -76.32
C LYS S 108 22.99 -1.64 -75.12
N MET S 109 22.47 -1.82 -73.91
CA MET S 109 23.31 -1.77 -72.73
C MET S 109 24.29 -2.94 -72.71
N VAL S 110 23.79 -4.16 -72.90
CA VAL S 110 24.68 -5.32 -72.90
C VAL S 110 25.58 -5.33 -74.14
N ARG S 111 25.11 -4.75 -75.24
CA ARG S 111 25.91 -4.74 -76.46
C ARG S 111 27.10 -3.80 -76.32
N VAL S 112 26.87 -2.56 -75.89
CA VAL S 112 27.97 -1.61 -75.73
C VAL S 112 28.94 -2.08 -74.65
N GLN S 113 28.42 -2.69 -73.59
CA GLN S 113 29.30 -3.24 -72.55
C GLN S 113 30.09 -4.44 -73.07
N ALA S 114 29.50 -5.23 -73.97
CA ALA S 114 30.26 -6.33 -74.58
C ALA S 114 31.34 -5.81 -75.51
N ILE S 115 31.11 -4.66 -76.15
CA ILE S 115 32.16 -4.01 -76.94
C ILE S 115 33.32 -3.57 -76.05
N GLU S 116 33.03 -3.24 -74.80
CA GLU S 116 34.09 -2.83 -73.88
C GLU S 116 35.05 -3.98 -73.58
N LYS S 117 34.52 -5.17 -73.30
CA LYS S 117 35.37 -6.34 -73.11
C LYS S 117 36.25 -6.60 -74.32
N ASN S 118 35.80 -6.21 -75.50
CA ASN S 118 36.60 -6.42 -76.70
C ASN S 118 37.46 -5.22 -77.06
N ARG S 119 37.37 -4.10 -76.34
CA ARG S 119 38.20 -2.94 -76.68
C ARG S 119 39.67 -3.21 -76.40
N TYR S 120 39.97 -3.96 -75.34
CA TYR S 120 41.35 -4.27 -74.95
C TYR S 120 41.93 -5.40 -75.80
N ARG S 121 41.34 -6.59 -75.75
CA ARG S 121 41.89 -7.76 -76.42
C ARG S 121 42.03 -7.55 -77.93
N ALA S 122 41.01 -6.95 -78.57
CA ALA S 122 41.04 -6.80 -80.03
C ALA S 122 42.21 -5.94 -80.49
N GLU S 123 42.57 -4.92 -79.72
CA GLU S 123 43.73 -4.10 -80.08
C GLU S 123 45.01 -4.93 -80.12
N GLU S 124 45.14 -5.91 -79.22
CA GLU S 124 46.29 -6.79 -79.26
C GLU S 124 46.23 -7.72 -80.46
N LEU S 125 45.08 -8.36 -80.69
CA LEU S 125 44.95 -9.28 -81.81
C LEU S 125 44.97 -8.55 -83.15
N ALA S 126 44.50 -7.30 -83.20
CA ALA S 126 44.55 -6.54 -84.43
C ALA S 126 45.98 -6.09 -84.73
N PRO S 235 26.51 -14.16 -79.76
CA PRO S 235 25.22 -13.47 -79.85
C PRO S 235 24.11 -14.18 -79.09
N GLU S 236 24.15 -15.51 -79.07
CA GLU S 236 23.18 -16.26 -78.27
C GLU S 236 23.42 -16.06 -76.78
N GLU S 237 24.66 -15.75 -76.39
CA GLU S 237 24.93 -15.37 -75.01
C GLU S 237 24.70 -13.89 -74.76
N LEU S 238 24.54 -13.08 -75.81
CA LEU S 238 24.35 -11.64 -75.68
C LEU S 238 22.87 -11.25 -75.70
N LYS S 239 22.17 -11.56 -76.80
CA LYS S 239 20.74 -11.29 -76.86
C LYS S 239 19.97 -12.01 -75.75
N GLN S 240 20.46 -13.18 -75.33
CA GLN S 240 19.89 -13.85 -74.17
C GLN S 240 20.36 -13.24 -72.86
N ASP S 241 21.46 -12.47 -72.87
CA ASP S 241 21.92 -11.80 -71.66
C ASP S 241 21.02 -10.61 -71.33
N ALA S 242 20.61 -9.84 -72.35
CA ALA S 242 19.69 -8.73 -72.12
C ALA S 242 18.37 -9.22 -71.56
N ILE S 243 17.92 -10.42 -71.95
CA ILE S 243 16.73 -11.01 -71.37
C ILE S 243 16.95 -11.34 -69.90
N ASP S 244 18.09 -11.95 -69.57
CA ASP S 244 18.41 -12.22 -68.17
C ASP S 244 18.61 -10.92 -67.39
N ALA S 245 19.17 -9.89 -68.04
CA ALA S 245 19.32 -8.60 -67.38
C ALA S 245 17.97 -7.94 -67.12
N VAL S 246 17.00 -8.13 -68.02
CA VAL S 246 15.66 -7.58 -67.81
C VAL S 246 14.91 -8.37 -66.75
N GLU S 247 14.91 -9.70 -66.88
CA GLU S 247 14.12 -10.52 -65.96
C GLU S 247 14.68 -10.45 -64.54
N GLN S 248 15.99 -10.61 -64.39
CA GLN S 248 16.56 -10.63 -63.06
C GLN S 248 16.77 -9.22 -62.51
N HIS S 249 17.39 -8.34 -63.28
CA HIS S 249 17.80 -7.03 -62.81
C HIS S 249 16.91 -5.88 -63.24
N GLY S 250 15.86 -6.15 -64.04
CA GLY S 250 15.16 -5.06 -64.69
C GLY S 250 14.48 -4.12 -63.70
N ILE S 251 14.40 -2.85 -64.08
CA ILE S 251 13.79 -1.81 -63.28
C ILE S 251 12.95 -0.93 -64.20
N VAL S 252 11.81 -0.48 -63.71
CA VAL S 252 10.90 0.38 -64.47
C VAL S 252 10.40 1.47 -63.54
N PHE S 253 10.45 2.72 -64.01
CA PHE S 253 9.97 3.87 -63.26
C PHE S 253 8.73 4.40 -63.96
N ILE S 254 7.60 4.39 -63.26
CA ILE S 254 6.34 4.89 -63.78
C ILE S 254 6.09 6.23 -63.11
N ASP S 255 6.29 7.31 -63.87
CA ASP S 255 6.10 8.65 -63.34
C ASP S 255 4.61 8.98 -63.29
N GLU S 256 4.27 9.94 -62.42
CA GLU S 256 2.94 10.54 -62.36
C GLU S 256 1.82 9.50 -62.37
N ILE S 257 2.00 8.45 -61.55
CA ILE S 257 0.97 7.44 -61.41
C ILE S 257 -0.28 7.98 -60.74
N ASP S 258 -0.15 9.06 -59.96
CA ASP S 258 -1.31 9.62 -59.26
C ASP S 258 -2.36 10.16 -60.22
N LYS S 259 -1.98 10.48 -61.44
CA LYS S 259 -2.91 11.07 -62.39
C LYS S 259 -3.85 10.06 -63.01
N ILE S 260 -3.59 8.75 -62.85
CA ILE S 260 -4.51 7.74 -63.35
C ILE S 260 -5.49 7.27 -62.29
N CYS S 261 -5.50 7.89 -61.11
CA CYS S 261 -6.46 7.55 -60.09
C CYS S 261 -7.82 8.16 -60.39
N LYS S 262 -8.85 7.56 -59.83
CA LYS S 262 -10.23 8.03 -59.99
C LYS S 262 -10.41 9.39 -59.31
N SER S 267 -16.62 10.31 -64.12
CA SER S 267 -16.97 8.93 -64.41
C SER S 267 -16.37 8.47 -65.72
N GLY S 268 -16.38 9.36 -66.71
CA GLY S 268 -15.85 9.07 -68.03
C GLY S 268 -14.35 8.84 -68.02
N PRO S 269 -13.58 9.81 -67.54
CA PRO S 269 -12.12 9.58 -67.39
C PRO S 269 -11.80 8.49 -66.38
N ASP S 270 -12.63 8.33 -65.34
CA ASP S 270 -12.35 7.33 -64.30
C ASP S 270 -12.29 5.92 -64.86
N VAL S 271 -13.04 5.63 -65.93
CA VAL S 271 -12.96 4.32 -66.57
C VAL S 271 -11.65 4.18 -67.35
N SER S 272 -11.31 5.19 -68.14
CA SER S 272 -10.04 5.18 -68.88
C SER S 272 -8.84 5.29 -67.95
N ARG S 273 -8.96 6.02 -66.84
CA ARG S 273 -7.86 6.14 -65.90
C ARG S 273 -7.61 4.82 -65.19
N GLU S 274 -8.66 4.25 -64.58
CA GLU S 274 -8.56 2.96 -63.91
C GLU S 274 -8.35 1.82 -64.89
N GLY S 275 -8.72 2.01 -66.16
CA GLY S 275 -8.44 0.99 -67.16
C GLY S 275 -6.95 0.81 -67.39
N VAL S 276 -6.20 1.92 -67.31
CA VAL S 276 -4.74 1.83 -67.41
C VAL S 276 -4.16 1.02 -66.26
N GLN S 277 -4.77 1.14 -65.07
CA GLN S 277 -4.31 0.38 -63.92
C GLN S 277 -4.47 -1.11 -64.15
N ARG S 278 -5.63 -1.52 -64.66
CA ARG S 278 -5.87 -2.92 -64.95
C ARG S 278 -4.93 -3.44 -66.03
N ASP S 279 -4.61 -2.60 -67.01
CA ASP S 279 -3.66 -2.99 -68.04
C ASP S 279 -2.26 -3.15 -67.47
N LEU S 280 -1.89 -2.31 -66.50
CA LEU S 280 -0.60 -2.44 -65.84
C LEU S 280 -0.57 -3.63 -64.89
N LEU S 281 -1.73 -4.11 -64.46
CA LEU S 281 -1.80 -5.15 -63.43
C LEU S 281 -1.04 -6.43 -63.78
N PRO S 282 -1.15 -7.01 -64.97
CA PRO S 282 -0.40 -8.25 -65.25
C PRO S 282 1.09 -8.10 -65.12
N LEU S 283 1.65 -6.92 -65.42
CA LEU S 283 3.10 -6.77 -65.38
C LEU S 283 3.63 -6.91 -63.95
N VAL S 284 2.90 -6.39 -62.96
CA VAL S 284 3.35 -6.46 -61.57
C VAL S 284 2.96 -7.79 -60.92
N GLU S 285 1.76 -8.29 -61.21
CA GLU S 285 1.36 -9.60 -60.71
C GLU S 285 2.15 -10.71 -61.38
N GLY S 286 2.82 -10.40 -62.48
CA GLY S 286 3.59 -11.36 -63.23
C GLY S 286 2.86 -11.79 -64.48
N CYS S 287 3.59 -11.98 -65.56
CA CYS S 287 3.03 -12.34 -66.86
C CYS S 287 4.21 -12.63 -67.79
N THR S 288 3.90 -12.88 -69.06
CA THR S 288 4.92 -13.10 -70.07
C THR S 288 4.57 -12.25 -71.28
N VAL S 289 5.57 -11.52 -71.79
CA VAL S 289 5.41 -10.63 -72.94
C VAL S 289 6.33 -11.10 -74.06
N SER S 290 5.82 -11.06 -75.28
CA SER S 290 6.59 -11.46 -76.44
C SER S 290 7.29 -10.25 -77.05
N THR S 291 8.57 -10.45 -77.40
CA THR S 291 9.37 -9.42 -78.06
C THR S 291 10.17 -10.08 -79.18
N LYS S 292 10.57 -9.26 -80.15
CA LYS S 292 11.40 -9.77 -81.24
C LYS S 292 12.73 -10.31 -80.72
N HIS S 293 13.24 -9.73 -79.63
CA HIS S 293 14.48 -10.21 -79.02
C HIS S 293 14.28 -11.51 -78.24
N GLY S 294 13.06 -11.82 -77.81
CA GLY S 294 12.82 -13.03 -77.07
C GLY S 294 11.54 -12.93 -76.27
N MET S 295 11.36 -13.90 -75.38
CA MET S 295 10.18 -14.00 -74.54
C MET S 295 10.59 -13.69 -73.11
N VAL S 296 10.05 -12.60 -72.56
CA VAL S 296 10.45 -12.09 -71.25
C VAL S 296 9.34 -12.33 -70.25
N LYS S 297 9.73 -12.60 -68.99
CA LYS S 297 8.79 -12.74 -67.89
C LYS S 297 8.99 -11.61 -66.88
N THR S 298 7.89 -11.03 -66.41
CA THR S 298 7.91 -9.83 -65.60
C THR S 298 7.86 -10.09 -64.10
N ASP S 299 7.92 -11.36 -63.68
CA ASP S 299 7.64 -11.70 -62.28
C ASP S 299 8.61 -11.02 -61.32
N HIS S 300 9.90 -11.01 -61.66
CA HIS S 300 10.93 -10.53 -60.75
C HIS S 300 11.41 -9.11 -61.05
N ILE S 301 10.79 -8.44 -62.04
CA ILE S 301 11.15 -7.06 -62.32
C ILE S 301 10.74 -6.16 -61.17
N LEU S 302 11.60 -5.19 -60.83
CA LEU S 302 11.29 -4.18 -59.84
C LEU S 302 10.69 -2.95 -60.51
N PHE S 303 9.73 -2.33 -59.82
CA PHE S 303 9.03 -1.18 -60.34
C PHE S 303 9.02 -0.08 -59.28
N ILE S 304 9.06 1.17 -59.75
CA ILE S 304 9.00 2.34 -58.89
C ILE S 304 7.96 3.28 -59.49
N ALA S 305 6.87 3.50 -58.76
CA ALA S 305 5.84 4.44 -59.16
C ALA S 305 5.99 5.74 -58.38
N SER S 306 5.66 6.85 -59.04
CA SER S 306 5.79 8.16 -58.43
C SER S 306 4.60 9.04 -58.81
N GLY S 307 4.22 9.91 -57.89
CA GLY S 307 3.17 10.87 -58.13
C GLY S 307 3.09 11.90 -57.02
N ALA S 308 2.58 13.10 -57.33
CA ALA S 308 2.42 14.11 -56.29
C ALA S 308 1.34 13.73 -55.29
N PHE S 309 0.28 13.06 -55.76
CA PHE S 309 -0.83 12.62 -54.92
C PHE S 309 -1.46 13.77 -54.13
N GLN S 310 -1.47 14.96 -54.73
CA GLN S 310 -2.20 16.08 -54.15
C GLN S 310 -3.68 16.04 -54.52
N ILE S 311 -3.99 15.63 -55.76
CA ILE S 311 -5.38 15.49 -56.17
C ILE S 311 -6.00 14.20 -55.65
N ALA S 312 -5.23 13.12 -55.68
CA ALA S 312 -5.70 11.79 -55.27
C ALA S 312 -4.75 11.23 -54.23
N LYS S 313 -5.04 10.03 -53.76
CA LYS S 313 -4.25 9.35 -52.76
C LYS S 313 -3.99 7.92 -53.20
N PRO S 314 -2.93 7.29 -52.67
CA PRO S 314 -2.66 5.89 -53.05
C PRO S 314 -3.83 4.96 -52.78
N SER S 315 -4.68 5.27 -51.79
CA SER S 315 -5.88 4.48 -51.55
C SER S 315 -6.83 4.49 -52.74
N ASP S 316 -6.77 5.54 -53.57
CA ASP S 316 -7.62 5.61 -54.75
C ASP S 316 -7.21 4.63 -55.85
N LEU S 317 -6.02 4.06 -55.76
CA LEU S 317 -5.59 3.04 -56.71
C LEU S 317 -6.42 1.78 -56.53
N ILE S 318 -6.51 0.98 -57.60
CA ILE S 318 -7.29 -0.25 -57.57
C ILE S 318 -6.68 -1.18 -56.52
N PRO S 319 -7.49 -1.98 -55.83
CA PRO S 319 -6.95 -2.79 -54.72
C PRO S 319 -5.87 -3.76 -55.12
N GLU S 320 -5.96 -4.35 -56.31
CA GLU S 320 -4.91 -5.27 -56.75
C GLU S 320 -3.59 -4.53 -56.95
N LEU S 321 -3.63 -3.23 -57.24
CA LEU S 321 -2.41 -2.45 -57.41
C LEU S 321 -1.83 -2.01 -56.07
N GLN S 322 -2.69 -1.71 -55.08
CA GLN S 322 -2.19 -1.26 -53.79
C GLN S 322 -1.38 -2.35 -53.10
N GLY S 323 -1.76 -3.61 -53.29
CA GLY S 323 -1.05 -4.71 -52.68
C GLY S 323 0.22 -5.13 -53.38
N ARG S 324 0.42 -4.63 -54.60
CA ARG S 324 1.66 -4.89 -55.33
C ARG S 324 2.70 -3.81 -55.12
N LEU S 325 2.46 -2.86 -54.22
CA LEU S 325 3.42 -1.80 -53.90
C LEU S 325 3.70 -1.84 -52.41
N PRO S 326 4.40 -2.88 -51.93
CA PRO S 326 4.59 -3.04 -50.48
C PRO S 326 5.37 -1.90 -49.83
N ILE S 327 6.37 -1.35 -50.50
CA ILE S 327 7.21 -0.32 -49.92
C ILE S 327 6.73 1.04 -50.42
N ARG S 328 6.45 1.94 -49.50
CA ARG S 328 5.98 3.29 -49.79
C ARG S 328 6.89 4.30 -49.10
N VAL S 329 7.11 5.44 -49.74
CA VAL S 329 7.93 6.49 -49.13
C VAL S 329 7.48 7.85 -49.65
N GLU S 330 7.53 8.85 -48.78
CA GLU S 330 7.26 10.24 -49.14
C GLU S 330 8.58 10.99 -49.17
N LEU S 331 8.79 11.75 -50.23
CA LEU S 331 10.00 12.55 -50.42
C LEU S 331 9.71 13.99 -50.03
N GLN S 332 10.61 14.58 -49.26
CA GLN S 332 10.40 15.91 -48.75
C GLN S 332 10.68 16.96 -49.82
N ALA S 333 10.02 18.10 -49.67
CA ALA S 333 10.31 19.23 -50.53
C ALA S 333 11.68 19.77 -50.17
N LEU S 334 12.44 20.15 -51.18
CA LEU S 334 13.77 20.68 -50.96
C LEU S 334 13.64 22.11 -50.47
N THR S 335 14.42 22.46 -49.46
CA THR S 335 14.35 23.81 -48.90
C THR S 335 15.44 24.68 -49.53
N THR S 336 15.48 25.95 -49.13
CA THR S 336 16.55 26.84 -49.59
C THR S 336 17.90 26.30 -49.18
N SER S 337 17.98 25.70 -48.00
CA SER S 337 19.22 25.08 -47.54
C SER S 337 19.56 23.86 -48.39
N ASP S 338 18.54 23.07 -48.78
CA ASP S 338 18.78 21.93 -49.65
C ASP S 338 19.22 22.34 -51.04
N PHE S 339 18.69 23.46 -51.55
CA PHE S 339 19.13 23.97 -52.85
C PHE S 339 20.62 24.32 -52.82
N GLU S 340 21.07 24.93 -51.71
CA GLU S 340 22.48 25.26 -51.58
C GLU S 340 23.34 24.01 -51.57
N ARG S 341 22.84 22.93 -50.96
CA ARG S 341 23.59 21.69 -50.95
C ARG S 341 23.61 21.04 -52.34
N ILE S 342 22.48 21.06 -53.03
CA ILE S 342 22.40 20.45 -54.36
C ILE S 342 23.33 21.13 -55.34
N LEU S 343 23.56 22.44 -55.16
CA LEU S 343 24.42 23.17 -56.08
C LEU S 343 25.87 22.72 -55.98
N THR S 344 26.29 22.19 -54.82
CA THR S 344 27.70 21.97 -54.55
C THR S 344 27.99 20.52 -54.15
N GLU S 345 27.36 20.06 -53.07
CA GLU S 345 27.69 18.77 -52.47
C GLU S 345 27.68 17.58 -53.44
N PRO S 346 26.69 17.42 -54.33
CA PRO S 346 26.66 16.22 -55.16
C PRO S 346 27.89 16.10 -56.03
N ASN S 347 28.34 14.86 -56.23
CA ASN S 347 29.41 14.62 -57.18
C ASN S 347 28.94 15.06 -58.56
N ALA S 348 29.80 15.80 -59.26
CA ALA S 348 29.45 16.37 -60.56
C ALA S 348 28.21 17.26 -60.47
N SER S 349 28.15 18.09 -59.43
CA SER S 349 27.06 19.03 -59.28
C SER S 349 27.11 20.08 -60.39
N ILE S 350 25.94 20.69 -60.66
CA ILE S 350 25.83 21.62 -61.79
C ILE S 350 26.81 22.78 -61.68
N THR S 351 27.12 23.21 -60.46
CA THR S 351 28.17 24.22 -60.29
C THR S 351 29.54 23.67 -60.67
N VAL S 352 29.84 22.43 -60.27
CA VAL S 352 31.09 21.80 -60.68
C VAL S 352 31.12 21.61 -62.20
N GLN S 353 29.97 21.33 -62.80
CA GLN S 353 29.92 21.15 -64.26
C GLN S 353 30.24 22.46 -64.96
N TYR S 354 29.65 23.57 -64.50
CA TYR S 354 29.95 24.86 -65.09
C TYR S 354 31.40 25.26 -64.87
N LYS S 355 31.98 24.86 -63.74
CA LYS S 355 33.37 25.20 -63.46
C LYS S 355 34.31 24.50 -64.43
N ALA S 356 34.13 23.19 -64.61
CA ALA S 356 34.96 22.45 -65.56
C ALA S 356 34.72 22.87 -66.99
N LEU S 357 33.48 23.28 -67.33
CA LEU S 357 33.20 23.73 -68.69
C LEU S 357 33.96 25.02 -69.02
N MET S 358 33.89 26.01 -68.12
CA MET S 358 34.66 27.23 -68.33
C MET S 358 36.16 26.97 -68.24
N ALA S 359 36.56 25.94 -67.49
CA ALA S 359 37.98 25.57 -67.44
C ALA S 359 38.48 25.11 -68.80
N THR S 360 37.59 24.52 -69.63
CA THR S 360 37.98 24.13 -70.97
C THR S 360 38.38 25.35 -71.79
N GLU S 361 37.77 26.50 -71.52
CA GLU S 361 38.10 27.74 -72.20
C GLU S 361 39.28 28.48 -71.55
N GLY S 362 39.89 27.93 -70.51
CA GLY S 362 40.96 28.60 -69.81
C GLY S 362 40.53 29.54 -68.71
N VAL S 363 39.25 29.58 -68.38
CA VAL S 363 38.72 30.46 -67.35
C VAL S 363 38.53 29.67 -66.07
N ASN S 364 38.70 30.33 -64.93
CA ASN S 364 38.54 29.72 -63.63
C ASN S 364 37.34 30.37 -62.94
N ILE S 365 36.26 29.61 -62.78
CA ILE S 365 35.06 30.07 -62.09
C ILE S 365 35.17 29.68 -60.62
N GLU S 366 34.71 30.57 -59.75
CA GLU S 366 34.65 30.31 -58.32
C GLU S 366 33.40 30.97 -57.76
N PHE S 367 32.62 30.22 -57.00
CA PHE S 367 31.37 30.71 -56.41
C PHE S 367 31.59 30.94 -54.92
N THR S 368 31.21 32.13 -54.46
CA THR S 368 31.24 32.42 -53.03
C THR S 368 30.06 31.73 -52.36
N ASP S 369 30.22 31.46 -51.06
CA ASP S 369 29.14 30.86 -50.29
C ASP S 369 27.89 31.72 -50.31
N SER S 370 28.05 33.04 -50.19
CA SER S 370 26.91 33.94 -50.31
C SER S 370 26.37 33.99 -51.73
N GLY S 371 27.22 33.78 -52.74
CA GLY S 371 26.73 33.73 -54.11
C GLY S 371 25.92 32.49 -54.38
N ILE S 372 26.33 31.35 -53.81
CA ILE S 372 25.50 30.15 -53.88
C ILE S 372 24.22 30.33 -53.08
N LYS S 373 24.31 31.03 -51.94
CA LYS S 373 23.13 31.22 -51.09
C LYS S 373 22.08 32.06 -51.81
N ARG S 374 22.51 33.04 -52.61
CA ARG S 374 21.57 33.91 -53.31
C ARG S 374 21.04 33.29 -54.59
N ILE S 375 21.71 32.24 -55.11
CA ILE S 375 21.14 31.50 -56.22
C ILE S 375 20.00 30.61 -55.74
N ALA S 376 20.20 29.92 -54.61
CA ALA S 376 19.14 29.09 -54.05
C ALA S 376 17.94 29.93 -53.64
N GLU S 377 18.19 31.12 -53.08
CA GLU S 377 17.09 32.03 -52.76
C GLU S 377 16.38 32.53 -54.01
N ALA S 378 17.12 32.68 -55.12
CA ALA S 378 16.50 33.12 -56.37
C ALA S 378 15.59 32.03 -56.93
N ALA S 379 16.06 30.78 -56.94
CA ALA S 379 15.24 29.69 -57.43
C ALA S 379 14.02 29.45 -56.53
N TRP S 380 14.18 29.68 -55.22
CA TRP S 380 13.05 29.52 -54.31
C TRP S 380 11.98 30.58 -54.56
N GLN S 381 12.40 31.83 -54.80
CA GLN S 381 11.42 32.89 -55.00
C GLN S 381 10.59 32.66 -56.26
N VAL S 382 11.20 32.12 -57.31
CA VAL S 382 10.46 31.86 -58.54
C VAL S 382 9.44 30.74 -58.33
N ASN S 383 9.82 29.69 -57.60
CA ASN S 383 8.89 28.61 -57.32
C ASN S 383 7.72 29.09 -56.48
N GLU S 384 7.94 30.03 -55.56
CA GLU S 384 6.85 30.58 -54.75
C GLU S 384 6.08 31.66 -55.51
N SER S 385 6.80 32.52 -56.25
CA SER S 385 6.13 33.60 -56.95
C SER S 385 5.22 33.12 -58.08
N THR S 386 5.59 32.03 -58.75
CA THR S 386 4.78 31.57 -59.88
C THR S 386 4.33 30.12 -59.72
N GLU S 387 5.21 29.17 -60.03
CA GLU S 387 4.91 27.75 -59.96
C GLU S 387 6.12 27.00 -59.41
N ASN S 388 5.86 26.01 -58.55
CA ASN S 388 6.94 25.29 -57.88
C ASN S 388 7.30 24.08 -58.73
N ILE S 389 8.46 24.13 -59.37
CA ILE S 389 8.98 23.01 -60.16
C ILE S 389 10.04 22.21 -59.42
N GLY S 390 10.31 22.54 -58.16
CA GLY S 390 11.34 21.85 -57.42
C GLY S 390 12.74 22.29 -57.83
N ALA S 391 13.70 21.38 -57.61
CA ALA S 391 15.10 21.68 -57.87
C ALA S 391 15.38 21.96 -59.34
N ARG S 392 14.46 21.63 -60.24
CA ARG S 392 14.67 21.97 -61.65
C ARG S 392 14.84 23.47 -61.85
N ARG S 393 14.29 24.29 -60.95
CA ARG S 393 14.46 25.73 -61.05
C ARG S 393 15.92 26.13 -60.95
N LEU S 394 16.74 25.35 -60.24
CA LEU S 394 18.16 25.67 -60.11
C LEU S 394 18.87 25.68 -61.45
N HIS S 395 18.46 24.82 -62.39
CA HIS S 395 19.11 24.77 -63.69
C HIS S 395 18.82 26.03 -64.51
N THR S 396 17.56 26.47 -64.53
CA THR S 396 17.20 27.64 -65.34
C THR S 396 17.82 28.91 -64.79
N VAL S 397 17.92 29.03 -63.47
CA VAL S 397 18.47 30.23 -62.86
C VAL S 397 19.98 30.30 -63.09
N LEU S 398 20.67 29.16 -62.96
CA LEU S 398 22.12 29.15 -63.09
C LEU S 398 22.55 29.50 -64.50
N GLU S 399 21.90 28.92 -65.52
CA GLU S 399 22.26 29.21 -66.89
C GLU S 399 21.96 30.67 -67.23
N ARG S 400 20.88 31.21 -66.68
CA ARG S 400 20.58 32.63 -66.89
C ARG S 400 21.64 33.52 -66.25
N LEU S 401 22.20 33.09 -65.12
CA LEU S 401 23.26 33.87 -64.46
C LEU S 401 24.57 33.79 -65.24
N MET S 402 24.91 32.61 -65.75
CA MET S 402 26.19 32.35 -66.38
C MET S 402 26.18 32.59 -67.90
N GLU S 403 25.05 33.01 -68.48
CA GLU S 403 24.96 33.15 -69.93
C GLU S 403 25.97 34.16 -70.46
N GLU S 404 26.26 35.21 -69.69
CA GLU S 404 27.21 36.21 -70.16
C GLU S 404 28.64 35.69 -70.10
N ILE S 405 28.97 34.94 -69.05
CA ILE S 405 30.29 34.32 -68.96
C ILE S 405 30.45 33.21 -69.99
N SER S 406 29.41 32.39 -70.16
CA SER S 406 29.52 31.26 -71.08
C SER S 406 29.74 31.73 -72.52
N TYR S 407 29.24 32.93 -72.86
CA TYR S 407 29.50 33.46 -74.20
C TYR S 407 30.89 34.03 -74.33
N ASP S 408 31.35 34.79 -73.33
CA ASP S 408 32.63 35.48 -73.42
C ASP S 408 33.80 34.61 -73.00
N ALA S 409 33.55 33.35 -72.62
CA ALA S 409 34.59 32.51 -72.05
C ALA S 409 35.77 32.35 -72.99
N SER S 410 35.55 32.44 -74.29
CA SER S 410 36.64 32.34 -75.25
C SER S 410 37.63 33.49 -75.07
N ASP S 411 37.11 34.72 -74.98
CA ASP S 411 37.96 35.89 -74.84
C ASP S 411 38.50 36.06 -73.43
N LEU S 412 37.87 35.42 -72.44
CA LEU S 412 38.26 35.56 -71.05
C LEU S 412 39.30 34.53 -70.63
N SER S 413 39.85 33.77 -71.58
CA SER S 413 40.81 32.73 -71.25
C SER S 413 41.99 33.31 -70.48
N GLY S 414 42.44 32.56 -69.48
CA GLY S 414 43.53 33.00 -68.63
C GLY S 414 43.13 33.95 -67.52
N GLN S 415 41.84 34.14 -67.28
CA GLN S 415 41.35 35.02 -66.23
C GLN S 415 40.61 34.21 -65.17
N ASN S 416 40.59 34.75 -63.95
CA ASN S 416 39.92 34.12 -62.82
C ASN S 416 38.67 34.96 -62.52
N ILE S 417 37.51 34.39 -62.80
CA ILE S 417 36.22 35.03 -62.54
C ILE S 417 35.69 34.53 -61.21
N THR S 418 35.06 35.43 -60.46
CA THR S 418 34.50 35.11 -59.16
C THR S 418 33.02 35.47 -59.15
N ILE S 419 32.17 34.50 -58.87
CA ILE S 419 30.74 34.72 -58.75
C ILE S 419 30.44 35.04 -57.30
N ASP S 420 30.09 36.29 -57.02
CA ASP S 420 29.83 36.77 -55.68
C ASP S 420 28.35 37.13 -55.53
N ALA S 421 27.98 37.54 -54.31
CA ALA S 421 26.59 37.92 -54.05
C ALA S 421 26.20 39.13 -54.88
N ASP S 422 27.12 40.07 -55.08
CA ASP S 422 26.83 41.23 -55.91
C ASP S 422 26.63 40.86 -57.37
N TYR S 423 27.36 39.85 -57.86
CA TYR S 423 27.20 39.41 -59.23
C TYR S 423 25.85 38.71 -59.43
N VAL S 424 25.44 37.91 -58.44
CA VAL S 424 24.16 37.19 -58.54
C VAL S 424 23.00 38.17 -58.56
N SER S 425 23.02 39.15 -57.64
CA SER S 425 21.95 40.14 -57.58
C SER S 425 21.92 41.02 -58.84
N LYS S 426 23.09 41.23 -59.47
CA LYS S 426 23.15 42.09 -60.64
C LYS S 426 22.43 41.47 -61.83
N HIS S 427 22.62 40.16 -62.05
CA HIS S 427 22.08 39.49 -63.23
C HIS S 427 20.69 38.89 -63.01
N LEU S 428 20.22 38.79 -61.77
CA LEU S 428 18.96 38.10 -61.49
C LEU S 428 17.92 39.03 -60.88
N SER T 1 33.30 21.41 -87.46
CA SER T 1 33.96 22.65 -87.82
C SER T 1 34.53 23.35 -86.58
N GLU T 2 35.68 23.99 -86.76
CA GLU T 2 36.39 24.63 -85.66
C GLU T 2 36.07 26.11 -85.51
N MET T 3 35.10 26.62 -86.26
CA MET T 3 34.75 28.03 -86.22
C MET T 3 34.42 28.48 -84.80
N THR T 4 34.90 29.67 -84.45
CA THR T 4 34.60 30.28 -83.16
C THR T 4 33.23 30.93 -83.21
N PRO T 5 32.59 31.15 -82.06
CA PRO T 5 31.21 31.67 -82.07
C PRO T 5 31.03 32.97 -82.84
N ARG T 6 32.02 33.87 -82.81
CA ARG T 6 31.91 35.09 -83.61
C ARG T 6 31.99 34.80 -85.11
N GLU T 7 32.80 33.81 -85.49
CA GLU T 7 32.85 33.42 -86.90
C GLU T 7 31.53 32.83 -87.36
N ILE T 8 30.77 32.20 -86.47
CA ILE T 8 29.47 31.65 -86.84
C ILE T 8 28.46 32.77 -87.04
N VAL T 9 28.43 33.73 -86.12
CA VAL T 9 27.49 34.85 -86.24
C VAL T 9 27.77 35.66 -87.49
N SER T 10 29.06 35.89 -87.79
CA SER T 10 29.41 36.68 -88.96
C SER T 10 28.97 35.97 -90.25
N GLU T 11 29.02 34.64 -90.27
CA GLU T 11 28.53 33.91 -91.42
C GLU T 11 27.01 33.95 -91.50
N LEU T 12 26.34 33.88 -90.34
CA LEU T 12 24.88 33.97 -90.32
C LEU T 12 24.40 35.36 -90.72
N ASP T 13 25.19 36.39 -90.44
CA ASP T 13 24.83 37.74 -90.87
C ASP T 13 24.79 37.86 -92.39
N LYS T 14 25.51 36.99 -93.10
CA LYS T 14 25.46 36.98 -94.56
C LYS T 14 24.09 36.56 -95.09
N HIS T 15 23.30 35.85 -94.27
CA HIS T 15 21.96 35.41 -94.67
C HIS T 15 20.87 36.04 -93.81
N ILE T 16 20.85 35.79 -92.50
CA ILE T 16 19.85 36.39 -91.63
C ILE T 16 20.22 37.83 -91.33
N ILE T 17 19.21 38.69 -91.18
CA ILE T 17 19.39 40.09 -90.81
C ILE T 17 18.93 40.28 -89.38
N GLY T 18 19.79 40.90 -88.56
CA GLY T 18 19.42 41.15 -87.18
C GLY T 18 19.31 39.86 -86.41
N GLN T 19 18.51 39.89 -85.34
CA GLN T 19 18.28 38.72 -84.49
C GLN T 19 19.60 38.17 -83.96
N ASP T 20 20.51 39.07 -83.57
CA ASP T 20 21.86 38.66 -83.18
C ASP T 20 21.85 37.74 -81.97
N ASN T 21 20.91 37.93 -81.04
CA ASN T 21 20.86 37.10 -79.83
C ASN T 21 20.61 35.63 -80.19
N ALA T 22 19.71 35.37 -81.13
CA ALA T 22 19.50 34.01 -81.60
C ALA T 22 20.73 33.48 -82.33
N LYS T 23 21.45 34.35 -83.03
CA LYS T 23 22.71 33.92 -83.67
C LYS T 23 23.76 33.60 -82.61
N ARG T 24 23.84 34.43 -81.57
CA ARG T 24 24.81 34.16 -80.51
C ARG T 24 24.46 32.88 -79.77
N SER T 25 23.16 32.57 -79.62
CA SER T 25 22.75 31.40 -78.88
C SER T 25 23.03 30.12 -79.66
N VAL T 26 22.74 30.11 -80.96
CA VAL T 26 23.02 28.93 -81.77
C VAL T 26 24.52 28.71 -81.92
N ALA T 27 25.31 29.78 -81.94
CA ALA T 27 26.75 29.65 -82.07
C ALA T 27 27.36 28.97 -80.86
N ILE T 28 26.82 29.23 -79.66
CA ILE T 28 27.33 28.60 -78.45
C ILE T 28 27.08 27.09 -78.51
N ALA T 29 25.95 26.69 -79.08
CA ALA T 29 25.63 25.27 -79.16
C ALA T 29 26.56 24.55 -80.14
N LEU T 30 26.79 25.14 -81.32
CA LEU T 30 27.68 24.54 -82.28
C LEU T 30 29.12 24.52 -81.78
N ARG T 31 29.52 25.52 -80.99
CA ARG T 31 30.87 25.55 -80.46
C ARG T 31 31.08 24.50 -79.37
N ASN T 32 30.04 24.21 -78.58
CA ASN T 32 30.16 23.17 -77.55
C ASN T 32 30.39 21.80 -78.18
N ARG T 33 29.94 21.59 -79.42
CA ARG T 33 30.25 20.35 -80.13
C ARG T 33 31.75 20.15 -80.27
N TRP T 34 32.45 21.16 -80.80
CA TRP T 34 33.90 21.07 -80.92
C TRP T 34 34.57 21.07 -79.55
N ARG T 35 34.00 21.78 -78.57
CA ARG T 35 34.57 21.79 -77.22
C ARG T 35 34.48 20.41 -76.58
N ARG T 36 33.44 19.64 -76.92
CA ARG T 36 33.26 18.34 -76.30
C ARG T 36 34.28 17.33 -76.81
N MET T 37 34.56 17.33 -78.11
CA MET T 37 35.47 16.35 -78.68
C MET T 37 36.88 16.47 -78.10
N GLN T 38 37.26 17.68 -77.69
CA GLN T 38 38.56 17.89 -77.06
C GLN T 38 38.64 17.35 -75.65
N LEU T 39 37.51 16.99 -75.04
CA LEU T 39 37.49 16.51 -73.68
C LEU T 39 37.85 15.02 -73.61
N ASN T 40 37.94 14.52 -72.38
CA ASN T 40 38.33 13.14 -72.14
C ASN T 40 37.14 12.20 -72.35
N GLU T 41 37.40 10.90 -72.17
CA GLU T 41 36.39 9.88 -72.45
C GLU T 41 35.18 10.03 -71.52
N GLU T 42 35.40 10.44 -70.27
CA GLU T 42 34.30 10.51 -69.32
C GLU T 42 33.40 11.72 -69.58
N LEU T 43 34.00 12.90 -69.73
CA LEU T 43 33.20 14.12 -69.88
C LEU T 43 32.44 14.13 -71.19
N ARG T 44 32.96 13.48 -72.24
CA ARG T 44 32.26 13.45 -73.51
C ARG T 44 30.91 12.76 -73.40
N HIS T 45 30.78 11.79 -72.49
CA HIS T 45 29.49 11.16 -72.25
C HIS T 45 28.59 12.02 -71.37
N GLU T 46 29.15 12.61 -70.31
CA GLU T 46 28.33 13.36 -69.36
C GLU T 46 27.80 14.65 -69.98
N VAL T 47 28.61 15.33 -70.79
CA VAL T 47 28.15 16.54 -71.45
C VAL T 47 27.14 16.17 -72.52
N THR T 48 26.08 16.97 -72.62
CA THR T 48 25.00 16.78 -73.56
C THR T 48 24.75 18.10 -74.26
N PRO T 49 24.18 18.08 -75.46
CA PRO T 49 24.02 19.32 -76.22
C PRO T 49 23.13 20.30 -75.46
N LYS T 50 23.43 21.59 -75.62
CA LYS T 50 22.62 22.63 -75.00
C LYS T 50 21.54 22.97 -76.00
N ASN T 51 20.33 22.49 -75.74
CA ASN T 51 19.22 22.72 -76.66
C ASN T 51 18.68 24.14 -76.52
N ILE T 52 18.14 24.65 -77.63
CA ILE T 52 17.68 26.03 -77.70
C ILE T 52 16.19 26.05 -77.97
N LEU T 53 15.51 27.04 -77.37
CA LEU T 53 14.09 27.28 -77.59
C LEU T 53 13.96 28.68 -78.17
N MET T 54 13.64 28.78 -79.46
CA MET T 54 13.38 30.07 -80.06
C MET T 54 11.97 30.54 -79.73
N ILE T 55 11.81 31.84 -79.55
CA ILE T 55 10.55 32.44 -79.15
C ILE T 55 10.39 33.74 -79.92
N GLY T 56 9.20 33.95 -80.48
CA GLY T 56 8.91 35.16 -81.19
C GLY T 56 7.82 34.99 -82.21
N PRO T 57 7.41 36.10 -82.84
CA PRO T 57 6.39 36.01 -83.89
C PRO T 57 6.94 35.31 -85.11
N THR T 58 6.01 34.80 -85.90
CA THR T 58 6.34 34.01 -87.08
C THR T 58 7.11 34.84 -88.10
N GLY T 59 7.96 34.17 -88.87
CA GLY T 59 8.57 34.77 -90.03
C GLY T 59 9.74 35.69 -89.75
N VAL T 60 10.28 35.67 -88.53
CA VAL T 60 11.37 36.57 -88.18
C VAL T 60 12.72 35.88 -88.38
N GLY T 61 12.69 34.66 -88.92
CA GLY T 61 13.91 33.95 -89.24
C GLY T 61 14.35 32.88 -88.26
N LYS T 62 13.48 32.44 -87.35
CA LYS T 62 13.84 31.35 -86.45
C LYS T 62 14.30 30.12 -87.22
N THR T 63 13.52 29.70 -88.22
CA THR T 63 13.88 28.52 -88.98
C THR T 63 15.10 28.76 -89.84
N GLU T 64 15.23 29.97 -90.40
CA GLU T 64 16.36 30.25 -91.28
C GLU T 64 17.68 30.15 -90.52
N ILE T 65 17.67 30.55 -89.24
CA ILE T 65 18.87 30.39 -88.42
C ILE T 65 19.22 28.92 -88.29
N ALA T 66 18.23 28.07 -88.00
CA ALA T 66 18.49 26.64 -87.90
C ALA T 66 18.90 26.05 -89.24
N ARG T 67 18.32 26.54 -90.33
CA ARG T 67 18.67 26.02 -91.66
C ARG T 67 20.09 26.41 -92.04
N ARG T 68 20.42 27.69 -91.91
CA ARG T 68 21.78 28.14 -92.23
C ARG T 68 22.80 27.58 -91.25
N LEU T 69 22.40 27.33 -90.00
CA LEU T 69 23.33 26.74 -89.03
C LEU T 69 23.72 25.33 -89.44
N ALA T 70 22.73 24.50 -89.77
CA ALA T 70 23.01 23.15 -90.24
C ALA T 70 23.73 23.16 -91.58
N LYS T 71 23.30 24.03 -92.50
CA LYS T 71 24.00 24.18 -93.77
C LYS T 71 25.42 24.67 -93.57
N LEU T 72 25.65 25.49 -92.53
CA LEU T 72 27.01 25.94 -92.22
C LEU T 72 27.87 24.78 -91.72
N ALA T 73 27.30 23.90 -90.91
CA ALA T 73 28.01 22.76 -90.35
C ALA T 73 27.99 21.55 -91.27
N ASN T 74 27.27 21.61 -92.40
CA ASN T 74 27.05 20.46 -93.28
C ASN T 74 26.37 19.30 -92.56
N ALA T 75 25.63 19.61 -91.50
CA ALA T 75 24.97 18.62 -90.65
C ALA T 75 23.64 18.20 -91.25
N PRO T 76 23.18 17.00 -90.92
CA PRO T 76 21.79 16.62 -91.26
C PRO T 76 20.81 17.52 -90.51
N PHE T 77 19.69 17.80 -91.16
CA PHE T 77 18.70 18.73 -90.62
C PHE T 77 17.32 18.30 -91.08
N ILE T 78 16.34 18.55 -90.22
CA ILE T 78 14.93 18.29 -90.53
C ILE T 78 14.08 19.26 -89.73
N LYS T 79 13.00 19.75 -90.34
CA LYS T 79 12.01 20.56 -89.66
C LYS T 79 10.74 19.74 -89.49
N VAL T 80 10.25 19.64 -88.26
CA VAL T 80 9.08 18.83 -87.93
C VAL T 80 8.09 19.72 -87.18
N GLU T 81 6.83 19.66 -87.60
CA GLU T 81 5.76 20.39 -86.93
C GLU T 81 5.25 19.56 -85.76
N ALA T 82 5.31 20.13 -84.55
CA ALA T 82 4.94 19.38 -83.35
C ALA T 82 3.48 18.95 -83.36
N THR T 83 2.62 19.72 -84.04
CA THR T 83 1.20 19.37 -84.10
C THR T 83 0.90 18.17 -84.99
N LYS T 84 1.88 17.71 -85.78
CA LYS T 84 1.66 16.54 -86.63
C LYS T 84 1.33 15.30 -85.80
N PHE T 85 1.84 15.25 -84.56
CA PHE T 85 1.69 14.08 -83.71
C PHE T 85 0.44 14.12 -82.83
N THR T 86 -0.36 15.18 -82.93
CA THR T 86 -1.59 15.27 -82.13
C THR T 86 -2.59 14.19 -82.54
N GLU T 87 -2.61 13.82 -83.82
CA GLU T 87 -3.57 12.85 -84.34
C GLU T 87 -3.08 11.42 -84.12
N GLU T 94 4.00 7.91 -85.33
CA GLU T 94 4.89 7.73 -84.19
C GLU T 94 5.95 8.82 -84.15
N VAL T 95 6.38 9.17 -82.92
CA VAL T 95 7.38 10.22 -82.76
C VAL T 95 8.76 9.78 -83.25
N ASP T 96 9.03 8.47 -83.28
CA ASP T 96 10.33 7.98 -83.70
C ASP T 96 10.64 8.29 -85.16
N SER T 97 9.61 8.61 -85.96
CA SER T 97 9.81 8.95 -87.36
C SER T 97 10.73 10.14 -87.56
N ILE T 98 10.84 11.03 -86.56
CA ILE T 98 11.73 12.18 -86.66
C ILE T 98 13.15 11.72 -86.95
N ILE T 99 13.65 10.77 -86.14
CA ILE T 99 14.99 10.25 -86.35
C ILE T 99 15.08 9.46 -87.66
N ARG T 100 14.00 8.77 -88.04
CA ARG T 100 14.01 8.01 -89.28
C ARG T 100 14.13 8.95 -90.49
N ASP T 101 13.30 9.98 -90.53
CA ASP T 101 13.37 10.94 -91.63
C ASP T 101 14.67 11.74 -91.59
N LEU T 102 15.22 11.97 -90.40
CA LEU T 102 16.49 12.67 -90.29
C LEU T 102 17.62 11.85 -90.91
N THR T 103 17.65 10.54 -90.63
CA THR T 103 18.65 9.68 -91.22
C THR T 103 18.47 9.56 -92.72
N ASP T 104 17.22 9.60 -93.19
CA ASP T 104 16.95 9.54 -94.62
C ASP T 104 17.47 10.79 -95.34
N ALA T 105 17.40 11.94 -94.68
CA ALA T 105 18.01 13.14 -95.24
C ALA T 105 19.54 13.08 -95.16
N ALA T 106 20.06 12.52 -94.07
CA ALA T 106 21.51 12.34 -93.95
C ALA T 106 22.05 11.33 -94.95
N VAL T 107 21.25 10.31 -95.31
CA VAL T 107 21.68 9.33 -96.30
C VAL T 107 21.85 10.00 -97.67
N LYS T 108 20.83 10.73 -98.12
CA LYS T 108 20.93 11.43 -99.40
C LYS T 108 21.98 12.54 -99.34
N MET T 109 22.24 13.09 -98.15
CA MET T 109 23.25 14.14 -98.02
C MET T 109 24.65 13.57 -98.19
N VAL T 110 24.97 12.49 -97.46
CA VAL T 110 26.30 11.89 -97.58
C VAL T 110 26.49 11.21 -98.93
N ARG T 111 25.39 10.75 -99.55
CA ARG T 111 25.50 10.06 -100.83
C ARG T 111 25.83 11.03 -101.96
N VAL T 112 25.06 12.11 -102.08
CA VAL T 112 25.33 13.10 -103.13
C VAL T 112 26.69 13.75 -102.92
N GLN T 113 27.08 13.97 -101.66
CA GLN T 113 28.41 14.49 -101.37
C GLN T 113 29.50 13.48 -101.72
N ALA T 114 29.21 12.18 -101.53
CA ALA T 114 30.17 11.17 -101.96
C ALA T 114 30.27 11.10 -103.48
N ILE T 115 29.17 11.40 -104.18
CA ILE T 115 29.21 11.48 -105.64
C ILE T 115 30.12 12.61 -106.10
N GLU T 116 30.18 13.69 -105.33
CA GLU T 116 31.06 14.81 -105.69
C GLU T 116 32.53 14.39 -105.67
N LYS T 117 32.91 13.55 -104.70
CA LYS T 117 34.27 13.01 -104.70
C LYS T 117 34.49 12.05 -105.86
N ASN T 118 33.48 11.24 -106.18
CA ASN T 118 33.56 10.31 -107.30
C ASN T 118 33.40 10.99 -108.64
N ARG T 119 32.76 12.15 -108.69
CA ARG T 119 32.57 12.87 -109.95
C ARG T 119 33.91 13.21 -110.60
N TYR T 120 34.94 13.46 -109.80
CA TYR T 120 36.26 13.81 -110.32
C TYR T 120 37.02 12.57 -110.76
N ARG T 121 37.32 11.67 -109.82
CA ARG T 121 38.17 10.53 -110.11
C ARG T 121 37.59 9.64 -111.21
N ALA T 122 36.28 9.42 -111.20
CA ALA T 122 35.67 8.52 -112.17
C ALA T 122 35.76 9.06 -113.60
N ASN T 234 32.70 3.15 -100.90
CA ASN T 234 32.67 2.23 -99.77
C ASN T 234 31.33 2.31 -99.02
N PRO T 235 30.37 1.45 -99.37
CA PRO T 235 29.02 1.56 -98.80
C PRO T 235 28.96 1.37 -97.28
N GLU T 236 29.80 0.50 -96.71
CA GLU T 236 29.84 0.37 -95.26
C GLU T 236 30.43 1.60 -94.60
N GLU T 237 31.27 2.35 -95.31
CA GLU T 237 31.74 3.65 -94.82
C GLU T 237 30.77 4.79 -95.12
N LEU T 238 29.77 4.56 -95.98
CA LEU T 238 28.81 5.59 -96.38
C LEU T 238 27.52 5.51 -95.56
N LYS T 239 26.82 4.38 -95.62
CA LYS T 239 25.61 4.21 -94.81
C LYS T 239 25.91 4.34 -93.33
N GLN T 240 27.12 3.96 -92.90
CA GLN T 240 27.56 4.21 -91.54
C GLN T 240 28.03 5.64 -91.33
N ASP T 241 28.32 6.38 -92.40
CA ASP T 241 28.70 7.79 -92.27
C ASP T 241 27.49 8.66 -91.95
N ALA T 242 26.35 8.38 -92.60
CA ALA T 242 25.12 9.11 -92.29
C ALA T 242 24.69 8.89 -90.85
N ILE T 243 24.95 7.70 -90.31
CA ILE T 243 24.67 7.43 -88.90
C ILE T 243 25.58 8.27 -88.01
N ASP T 244 26.88 8.32 -88.32
CA ASP T 244 27.78 9.19 -87.57
C ASP T 244 27.42 10.66 -87.78
N ALA T 245 26.96 11.03 -88.97
CA ALA T 245 26.54 12.41 -89.23
C ALA T 245 25.30 12.77 -88.42
N VAL T 246 24.38 11.81 -88.23
CA VAL T 246 23.18 12.08 -87.44
C VAL T 246 23.53 12.13 -85.95
N GLU T 247 24.26 11.12 -85.47
CA GLU T 247 24.54 11.04 -84.03
C GLU T 247 25.42 12.19 -83.58
N GLN T 248 26.50 12.47 -84.31
CA GLN T 248 27.43 13.51 -83.88
C GLN T 248 26.92 14.90 -84.25
N HIS T 249 26.55 15.09 -85.51
CA HIS T 249 26.25 16.41 -86.04
C HIS T 249 24.76 16.71 -86.17
N GLY T 250 23.89 15.75 -85.84
CA GLY T 250 22.48 15.89 -86.21
C GLY T 250 21.82 17.10 -85.56
N ILE T 251 20.86 17.66 -86.29
CA ILE T 251 20.09 18.82 -85.84
C ILE T 251 18.63 18.60 -86.22
N VAL T 252 17.73 19.00 -85.33
CA VAL T 252 16.29 18.89 -85.54
C VAL T 252 15.64 20.18 -85.09
N PHE T 253 14.75 20.72 -85.92
CA PHE T 253 14.00 21.93 -85.61
C PHE T 253 12.54 21.55 -85.42
N ILE T 254 12.02 21.80 -84.22
CA ILE T 254 10.63 21.50 -83.88
C ILE T 254 9.89 22.83 -83.87
N ASP T 255 9.11 23.07 -84.91
CA ASP T 255 8.36 24.32 -85.04
C ASP T 255 7.12 24.26 -84.13
N GLU T 256 6.63 25.45 -83.77
CA GLU T 256 5.37 25.62 -83.05
C GLU T 256 5.25 24.67 -81.86
N ILE T 257 6.31 24.60 -81.07
CA ILE T 257 6.26 23.79 -79.86
C ILE T 257 5.28 24.37 -78.86
N ASP T 258 4.99 25.67 -78.95
CA ASP T 258 4.09 26.29 -77.99
C ASP T 258 2.67 25.77 -78.08
N LYS T 259 2.28 25.19 -79.22
CA LYS T 259 0.90 24.75 -79.40
C LYS T 259 0.59 23.42 -78.73
N ILE T 260 1.61 22.69 -78.25
CA ILE T 260 1.35 21.45 -77.51
C ILE T 260 1.36 21.71 -76.00
N GLY T 268 -9.24 17.56 -72.08
CA GLY T 268 -9.23 16.78 -73.30
C GLY T 268 -7.95 16.91 -74.10
N PRO T 269 -7.81 18.03 -74.83
CA PRO T 269 -6.58 18.24 -75.61
C PRO T 269 -5.32 18.30 -74.76
N ASP T 270 -5.43 18.77 -73.52
CA ASP T 270 -4.25 18.89 -72.66
C ASP T 270 -3.57 17.54 -72.44
N VAL T 271 -4.34 16.45 -72.44
CA VAL T 271 -3.73 15.12 -72.33
C VAL T 271 -3.02 14.77 -73.63
N SER T 272 -3.69 14.98 -74.76
CA SER T 272 -3.06 14.72 -76.06
C SER T 272 -1.94 15.70 -76.35
N ARG T 273 -2.06 16.95 -75.90
CA ARG T 273 -0.99 17.92 -76.11
C ARG T 273 0.25 17.56 -75.30
N GLU T 274 0.08 17.37 -74.00
CA GLU T 274 1.19 16.98 -73.14
C GLU T 274 1.65 15.55 -73.41
N GLY T 275 0.80 14.72 -74.01
CA GLY T 275 1.23 13.39 -74.37
C GLY T 275 2.30 13.41 -75.44
N VAL T 276 2.21 14.36 -76.37
CA VAL T 276 3.27 14.51 -77.38
C VAL T 276 4.58 14.91 -76.73
N GLN T 277 4.53 15.72 -75.67
CA GLN T 277 5.75 16.13 -74.99
C GLN T 277 6.43 14.92 -74.37
N ARG T 278 5.65 14.06 -73.71
CA ARG T 278 6.22 12.85 -73.11
C ARG T 278 6.77 11.92 -74.18
N ASP T 279 6.14 11.86 -75.35
CA ASP T 279 6.67 11.05 -76.43
C ASP T 279 7.98 11.63 -76.97
N LEU T 280 8.09 12.96 -76.98
CA LEU T 280 9.33 13.61 -77.38
C LEU T 280 10.42 13.48 -76.32
N LEU T 281 10.03 13.22 -75.07
CA LEU T 281 10.99 13.23 -73.97
C LEU T 281 12.18 12.29 -74.15
N PRO T 282 12.01 11.03 -74.55
CA PRO T 282 13.19 10.15 -74.71
C PRO T 282 14.20 10.66 -75.72
N LEU T 283 13.76 11.33 -76.78
CA LEU T 283 14.71 11.76 -77.81
C LEU T 283 15.70 12.78 -77.26
N VAL T 284 15.25 13.68 -76.38
CA VAL T 284 16.13 14.69 -75.81
C VAL T 284 16.91 14.16 -74.62
N GLU T 285 16.26 13.36 -73.78
CA GLU T 285 16.94 12.71 -72.66
C GLU T 285 17.93 11.66 -73.13
N GLY T 286 17.81 11.24 -74.38
CA GLY T 286 18.66 10.23 -74.97
C GLY T 286 17.92 8.91 -75.04
N CYS T 287 18.15 8.18 -76.13
CA CYS T 287 17.47 6.91 -76.39
C CYS T 287 18.12 6.31 -77.62
N THR T 288 17.57 5.18 -78.08
CA THR T 288 18.05 4.53 -79.30
C THR T 288 16.84 4.20 -80.15
N VAL T 289 16.90 4.56 -81.44
CA VAL T 289 15.82 4.33 -82.38
C VAL T 289 16.34 3.42 -83.48
N SER T 290 15.51 2.46 -83.89
CA SER T 290 15.86 1.53 -84.94
C SER T 290 15.42 2.07 -86.30
N THR T 291 16.30 1.95 -87.28
CA THR T 291 16.02 2.36 -88.65
C THR T 291 16.56 1.30 -89.60
N LYS T 292 15.99 1.25 -90.80
CA LYS T 292 16.49 0.32 -91.81
C LYS T 292 17.94 0.60 -92.16
N HIS T 293 18.36 1.87 -92.10
CA HIS T 293 19.75 2.23 -92.36
C HIS T 293 20.68 1.84 -91.22
N GLY T 294 20.15 1.67 -90.00
CA GLY T 294 20.98 1.30 -88.88
C GLY T 294 20.31 1.66 -87.57
N MET T 295 21.09 1.58 -86.50
CA MET T 295 20.64 1.85 -85.14
C MET T 295 21.27 3.15 -84.68
N VAL T 296 20.44 4.16 -84.43
CA VAL T 296 20.91 5.51 -84.11
C VAL T 296 20.65 5.82 -82.65
N LYS T 297 21.56 6.60 -82.06
CA LYS T 297 21.40 7.10 -80.69
C LYS T 297 21.23 8.61 -80.72
N THR T 298 20.28 9.10 -79.92
CA THR T 298 19.87 10.49 -79.94
C THR T 298 20.55 11.35 -78.88
N ASP T 299 21.52 10.78 -78.14
CA ASP T 299 22.04 11.48 -76.97
C ASP T 299 22.69 12.82 -77.34
N HIS T 300 23.47 12.84 -78.41
CA HIS T 300 24.25 14.02 -78.77
C HIS T 300 23.63 14.87 -79.86
N ILE T 301 22.44 14.53 -80.33
CA ILE T 301 21.75 15.35 -81.32
C ILE T 301 21.34 16.68 -80.70
N LEU T 302 21.50 17.75 -81.48
CA LEU T 302 21.05 19.08 -81.06
C LEU T 302 19.64 19.32 -81.57
N PHE T 303 18.84 20.02 -80.76
CA PHE T 303 17.45 20.30 -81.09
C PHE T 303 17.17 21.78 -80.92
N ILE T 304 16.26 22.28 -81.74
CA ILE T 304 15.82 23.67 -81.68
C ILE T 304 14.30 23.66 -81.73
N ALA T 305 13.68 24.08 -80.63
CA ALA T 305 12.23 24.25 -80.57
C ALA T 305 11.86 25.72 -80.73
N SER T 306 10.73 25.97 -81.36
CA SER T 306 10.29 27.34 -81.61
C SER T 306 8.79 27.44 -81.41
N GLY T 307 8.36 28.61 -80.96
CA GLY T 307 6.94 28.91 -80.80
C GLY T 307 6.69 30.37 -80.52
N ALA T 308 5.50 30.86 -80.89
CA ALA T 308 5.16 32.24 -80.58
C ALA T 308 4.97 32.46 -79.08
N PHE T 309 4.45 31.45 -78.38
CA PHE T 309 4.23 31.49 -76.94
C PHE T 309 3.40 32.71 -76.51
N GLN T 310 2.45 33.10 -77.36
CA GLN T 310 1.49 34.13 -76.98
C GLN T 310 0.32 33.52 -76.20
N ILE T 311 -0.12 32.32 -76.58
CA ILE T 311 -1.18 31.65 -75.85
C ILE T 311 -0.65 30.99 -74.58
N ALA T 312 0.54 30.39 -74.65
CA ALA T 312 1.15 29.68 -73.54
C ALA T 312 2.56 30.21 -73.31
N LYS T 313 3.24 29.65 -72.32
CA LYS T 313 4.59 30.05 -71.95
C LYS T 313 5.46 28.83 -71.81
N PRO T 314 6.79 28.96 -71.93
CA PRO T 314 7.67 27.81 -71.74
C PRO T 314 7.49 27.12 -70.40
N SER T 315 7.08 27.87 -69.36
CA SER T 315 6.80 27.24 -68.07
C SER T 315 5.66 26.22 -68.16
N ASP T 316 4.77 26.38 -69.13
CA ASP T 316 3.68 25.42 -69.31
C ASP T 316 4.16 24.07 -69.85
N LEU T 317 5.39 24.00 -70.36
CA LEU T 317 5.95 22.73 -70.80
C LEU T 317 6.19 21.83 -69.59
N ILE T 318 6.22 20.52 -69.85
CA ILE T 318 6.41 19.54 -68.80
C ILE T 318 7.79 19.77 -68.16
N PRO T 319 7.94 19.54 -66.86
CA PRO T 319 9.21 19.89 -66.20
C PRO T 319 10.42 19.16 -66.77
N GLU T 320 10.27 17.91 -67.20
CA GLU T 320 11.39 17.19 -67.80
C GLU T 320 11.82 17.82 -69.12
N LEU T 321 10.90 18.49 -69.81
CA LEU T 321 11.23 19.14 -71.07
C LEU T 321 11.87 20.50 -70.84
N GLN T 322 11.46 21.21 -69.78
CA GLN T 322 12.03 22.52 -69.51
C GLN T 322 13.51 22.44 -69.17
N GLY T 323 13.92 21.35 -68.51
CA GLY T 323 15.32 21.18 -68.15
C GLY T 323 16.19 20.68 -69.28
N ARG T 324 15.59 20.20 -70.36
CA ARG T 324 16.33 19.76 -71.54
C ARG T 324 16.49 20.86 -72.57
N LEU T 325 16.09 22.09 -72.23
CA LEU T 325 16.23 23.25 -73.11
C LEU T 325 16.99 24.34 -72.36
N PRO T 326 18.29 24.12 -72.12
CA PRO T 326 19.05 25.07 -71.27
C PRO T 326 19.10 26.48 -71.81
N ILE T 327 19.18 26.67 -73.13
CA ILE T 327 19.36 27.98 -73.74
C ILE T 327 18.01 28.50 -74.21
N ARG T 328 17.67 29.72 -73.80
CA ARG T 328 16.43 30.38 -74.21
C ARG T 328 16.78 31.69 -74.88
N VAL T 329 16.03 32.03 -75.94
CA VAL T 329 16.24 33.29 -76.66
C VAL T 329 14.92 33.73 -77.27
N GLU T 330 14.68 35.03 -77.25
CA GLU T 330 13.52 35.64 -77.90
C GLU T 330 14.00 36.40 -79.12
N LEU T 331 13.30 36.22 -80.24
CA LEU T 331 13.63 36.89 -81.49
C LEU T 331 12.71 38.10 -81.66
N GLN T 332 13.30 39.24 -82.00
CA GLN T 332 12.56 40.48 -82.11
C GLN T 332 11.78 40.53 -83.40
N ALA T 333 10.67 41.28 -83.39
CA ALA T 333 9.90 41.50 -84.60
C ALA T 333 10.67 42.41 -85.54
N LEU T 334 10.57 42.11 -86.83
CA LEU T 334 11.27 42.87 -87.85
C LEU T 334 10.56 44.18 -88.11
N THR T 335 11.33 45.26 -88.26
CA THR T 335 10.78 46.57 -88.54
C THR T 335 10.80 46.85 -90.04
N THR T 336 10.27 48.01 -90.43
CA THR T 336 10.33 48.40 -91.83
C THR T 336 11.77 48.56 -92.30
N SER T 337 12.64 49.06 -91.42
CA SER T 337 14.06 49.20 -91.78
C SER T 337 14.70 47.84 -91.96
N ASP T 338 14.32 46.86 -91.13
CA ASP T 338 14.85 45.51 -91.29
C ASP T 338 14.37 44.87 -92.59
N PHE T 339 13.14 45.16 -93.01
CA PHE T 339 12.65 44.64 -94.28
C PHE T 339 13.52 45.13 -95.43
N GLU T 340 13.91 46.41 -95.40
CA GLU T 340 14.77 46.95 -96.45
C GLU T 340 16.12 46.25 -96.46
N ARG T 341 16.62 45.88 -95.27
CA ARG T 341 17.89 45.17 -95.21
C ARG T 341 17.75 43.74 -95.72
N ILE T 342 16.66 43.06 -95.35
CA ILE T 342 16.44 41.68 -95.78
C ILE T 342 16.34 41.59 -97.30
N LEU T 343 15.82 42.62 -97.95
CA LEU T 343 15.66 42.58 -99.39
C LEU T 343 17.00 42.60 -100.11
N THR T 344 18.03 43.17 -99.50
CA THR T 344 19.28 43.44 -100.20
C THR T 344 20.48 42.80 -99.51
N GLU T 345 20.72 43.19 -98.26
CA GLU T 345 21.95 42.81 -97.55
C GLU T 345 22.26 41.31 -97.56
N PRO T 346 21.30 40.41 -97.33
CA PRO T 346 21.66 38.98 -97.25
C PRO T 346 22.26 38.47 -98.54
N ASN T 347 23.23 37.57 -98.41
CA ASN T 347 23.75 36.89 -99.58
C ASN T 347 22.64 36.11 -100.24
N ALA T 348 22.54 36.23 -101.57
CA ALA T 348 21.46 35.62 -102.34
C ALA T 348 20.09 36.07 -101.83
N SER T 349 19.96 37.37 -101.56
CA SER T 349 18.68 37.92 -101.13
C SER T 349 17.68 37.84 -102.28
N ILE T 350 16.39 37.89 -101.92
CA ILE T 350 15.34 37.68 -102.91
C ILE T 350 15.41 38.70 -104.04
N THR T 351 15.85 39.92 -103.76
CA THR T 351 16.07 40.89 -104.82
C THR T 351 17.22 40.46 -105.74
N VAL T 352 18.31 39.95 -105.15
CA VAL T 352 19.41 39.43 -105.97
C VAL T 352 18.97 38.22 -106.77
N GLN T 353 18.08 37.40 -106.22
CA GLN T 353 17.59 36.23 -106.94
C GLN T 353 16.77 36.66 -108.16
N TYR T 354 15.89 37.65 -108.00
CA TYR T 354 15.12 38.14 -109.14
C TYR T 354 16.01 38.80 -110.18
N LYS T 355 17.09 39.45 -109.76
CA LYS T 355 18.00 40.10 -110.70
C LYS T 355 18.70 39.08 -111.58
N ALA T 356 19.26 38.03 -110.97
CA ALA T 356 19.93 36.99 -111.74
C ALA T 356 18.94 36.18 -112.58
N LEU T 357 17.71 36.01 -112.11
CA LEU T 357 16.71 35.27 -112.88
C LEU T 357 16.37 36.02 -114.17
N MET T 358 16.08 37.33 -114.07
CA MET T 358 15.85 38.13 -115.26
C MET T 358 17.12 38.26 -116.10
N ALA T 359 18.29 38.17 -115.47
CA ALA T 359 19.54 38.16 -116.23
C ALA T 359 19.64 36.96 -117.15
N THR T 360 19.02 35.84 -116.76
CA THR T 360 19.01 34.65 -117.62
C THR T 360 18.27 34.93 -118.92
N GLU T 361 17.26 35.80 -118.89
CA GLU T 361 16.50 36.17 -120.07
C GLU T 361 17.16 37.31 -120.86
N GLY T 362 18.33 37.79 -120.42
CA GLY T 362 18.99 38.91 -121.06
C GLY T 362 18.58 40.28 -120.57
N VAL T 363 17.80 40.36 -119.50
CA VAL T 363 17.31 41.62 -118.94
C VAL T 363 18.12 41.99 -117.71
N ASN T 364 18.28 43.30 -117.48
CA ASN T 364 19.02 43.82 -116.34
C ASN T 364 18.06 44.56 -115.42
N ILE T 365 17.81 43.99 -114.24
CA ILE T 365 16.96 44.61 -113.23
C ILE T 365 17.82 45.43 -112.30
N GLU T 366 17.29 46.57 -111.88
CA GLU T 366 17.95 47.43 -110.89
C GLU T 366 16.87 48.07 -110.03
N PHE T 367 17.05 47.99 -108.71
CA PHE T 367 16.11 48.54 -107.75
C PHE T 367 16.68 49.81 -107.14
N THR T 368 15.90 50.89 -107.16
CA THR T 368 16.30 52.11 -106.48
C THR T 368 16.12 51.95 -104.97
N ASP T 369 16.89 52.72 -104.22
CA ASP T 369 16.76 52.68 -102.76
C ASP T 369 15.36 53.05 -102.30
N SER T 370 14.77 54.06 -102.95
CA SER T 370 13.38 54.40 -102.64
C SER T 370 12.41 53.33 -103.12
N GLY T 371 12.76 52.61 -104.19
CA GLY T 371 11.93 51.50 -104.62
C GLY T 371 11.99 50.34 -103.65
N ILE T 372 13.17 50.06 -103.10
CA ILE T 372 13.27 49.07 -102.03
C ILE T 372 12.53 49.57 -100.79
N LYS T 373 12.62 50.88 -100.52
CA LYS T 373 11.97 51.44 -99.33
C LYS T 373 10.46 51.32 -99.41
N ARG T 374 9.89 51.47 -100.61
CA ARG T 374 8.44 51.40 -100.76
C ARG T 374 7.92 49.97 -100.85
N ILE T 375 8.79 49.00 -101.13
CA ILE T 375 8.37 47.61 -101.05
C ILE T 375 8.25 47.17 -99.59
N ALA T 376 9.23 47.55 -98.77
CA ALA T 376 9.17 47.24 -97.35
C ALA T 376 7.97 47.91 -96.69
N GLU T 377 7.67 49.15 -97.07
CA GLU T 377 6.49 49.84 -96.58
C GLU T 377 5.21 49.16 -97.04
N ALA T 378 5.23 48.57 -98.23
CA ALA T 378 4.06 47.86 -98.74
C ALA T 378 3.82 46.58 -97.95
N ALA T 379 4.89 45.82 -97.70
CA ALA T 379 4.75 44.60 -96.91
C ALA T 379 4.39 44.89 -95.47
N TRP T 380 4.87 46.03 -94.93
CA TRP T 380 4.52 46.39 -93.56
C TRP T 380 3.04 46.74 -93.44
N GLN T 381 2.49 47.44 -94.44
CA GLN T 381 1.10 47.86 -94.37
C GLN T 381 0.15 46.66 -94.41
N VAL T 382 0.49 45.62 -95.18
CA VAL T 382 -0.39 44.45 -95.27
C VAL T 382 -0.40 43.68 -93.96
N ASN T 383 0.77 43.55 -93.32
CA ASN T 383 0.83 42.88 -92.02
C ASN T 383 0.06 43.63 -90.94
N GLU T 384 0.04 44.97 -91.00
CA GLU T 384 -0.73 45.76 -90.05
C GLU T 384 -2.20 45.83 -90.42
N SER T 385 -2.49 45.98 -91.72
CA SER T 385 -3.88 46.11 -92.15
C SER T 385 -4.66 44.81 -91.98
N THR T 386 -4.02 43.66 -92.14
CA THR T 386 -4.75 42.40 -92.08
C THR T 386 -4.17 41.47 -91.03
N GLU T 387 -3.10 40.76 -91.37
CA GLU T 387 -2.46 39.80 -90.48
C GLU T 387 -0.96 39.90 -90.64
N ASN T 388 -0.23 39.80 -89.52
CA ASN T 388 1.22 39.99 -89.52
C ASN T 388 1.85 38.63 -89.72
N ILE T 389 2.43 38.42 -90.91
CA ILE T 389 3.12 37.18 -91.24
C ILE T 389 4.63 37.32 -91.12
N GLY T 390 5.13 38.46 -90.67
CA GLY T 390 6.55 38.66 -90.60
C GLY T 390 7.15 38.90 -91.97
N ALA T 391 8.44 38.59 -92.10
CA ALA T 391 9.16 38.85 -93.33
C ALA T 391 8.64 38.05 -94.52
N ARG T 392 7.81 37.02 -94.28
CA ARG T 392 7.22 36.27 -95.39
C ARG T 392 6.39 37.16 -96.32
N ARG T 393 5.86 38.26 -95.80
CA ARG T 393 5.08 39.16 -96.65
C ARG T 393 5.93 39.73 -97.78
N LEU T 394 7.24 39.85 -97.58
CA LEU T 394 8.12 40.38 -98.61
C LEU T 394 8.11 39.52 -99.87
N HIS T 395 7.96 38.20 -99.73
CA HIS T 395 7.95 37.32 -100.90
C HIS T 395 6.69 37.52 -101.73
N THR T 396 5.53 37.62 -101.07
CA THR T 396 4.28 37.77 -101.80
C THR T 396 4.21 39.13 -102.50
N VAL T 397 4.74 40.18 -101.86
CA VAL T 397 4.66 41.51 -102.44
C VAL T 397 5.59 41.65 -103.64
N LEU T 398 6.80 41.08 -103.54
CA LEU T 398 7.78 41.24 -104.63
C LEU T 398 7.33 40.53 -105.90
N GLU T 399 6.80 39.31 -105.76
CA GLU T 399 6.35 38.58 -106.94
C GLU T 399 5.16 39.26 -107.60
N ARG T 400 4.29 39.87 -106.80
CA ARG T 400 3.18 40.65 -107.34
C ARG T 400 3.68 41.87 -108.11
N LEU T 401 4.78 42.48 -107.65
CA LEU T 401 5.34 43.62 -108.35
C LEU T 401 6.03 43.21 -109.65
N MET T 402 6.75 42.09 -109.61
CA MET T 402 7.58 41.64 -110.72
C MET T 402 6.86 40.70 -111.68
N GLU T 403 5.58 40.38 -111.44
CA GLU T 403 4.88 39.42 -112.27
C GLU T 403 4.79 39.87 -113.73
N GLU T 404 4.67 41.18 -113.96
CA GLU T 404 4.58 41.68 -115.33
C GLU T 404 5.93 41.59 -116.05
N ILE T 405 7.02 41.90 -115.34
CA ILE T 405 8.35 41.76 -115.94
C ILE T 405 8.71 40.30 -116.14
N SER T 406 8.42 39.45 -115.15
CA SER T 406 8.80 38.04 -115.25
C SER T 406 8.11 37.36 -116.43
N TYR T 407 6.92 37.82 -116.79
CA TYR T 407 6.25 37.25 -117.96
C TYR T 407 6.88 37.76 -119.25
N ASP T 408 7.16 39.06 -119.31
CA ASP T 408 7.65 39.70 -120.52
C ASP T 408 9.15 39.61 -120.68
N ALA T 409 9.84 38.97 -119.73
CA ALA T 409 11.31 38.98 -119.73
C ALA T 409 11.89 38.40 -121.02
N SER T 410 11.15 37.51 -121.68
CA SER T 410 11.63 36.94 -122.94
C SER T 410 11.72 37.99 -124.04
N ASP T 411 10.66 38.79 -124.21
CA ASP T 411 10.67 39.81 -125.25
C ASP T 411 11.49 41.04 -124.86
N LEU T 412 11.80 41.20 -123.58
CA LEU T 412 12.54 42.35 -123.09
C LEU T 412 14.05 42.13 -123.08
N SER T 413 14.53 41.03 -123.67
CA SER T 413 15.96 40.72 -123.67
C SER T 413 16.76 41.88 -124.27
N GLY T 414 17.92 42.16 -123.67
CA GLY T 414 18.74 43.26 -124.11
C GLY T 414 18.35 44.62 -123.61
N GLN T 415 17.43 44.69 -122.63
CA GLN T 415 16.96 45.95 -122.06
C GLN T 415 17.41 46.06 -120.61
N ASN T 416 17.50 47.30 -120.15
CA ASN T 416 17.88 47.60 -118.78
C ASN T 416 16.65 48.10 -118.05
N ILE T 417 16.14 47.30 -117.12
CA ILE T 417 14.97 47.62 -116.33
C ILE T 417 15.41 48.21 -115.00
N THR T 418 14.69 49.23 -114.54
CA THR T 418 14.95 49.90 -113.27
C THR T 418 13.64 49.94 -112.49
N ILE T 419 13.64 49.39 -111.28
CA ILE T 419 12.46 49.43 -110.42
C ILE T 419 12.59 50.68 -109.53
N ASP T 420 11.73 51.66 -109.76
CA ASP T 420 11.77 52.92 -109.02
C ASP T 420 10.54 53.04 -108.12
N ALA T 421 10.51 54.13 -107.35
CA ALA T 421 9.39 54.36 -106.45
C ALA T 421 8.08 54.51 -107.20
N ASP T 422 8.12 55.16 -108.37
CA ASP T 422 6.92 55.31 -109.17
C ASP T 422 6.42 53.97 -109.71
N TYR T 423 7.34 53.05 -110.03
CA TYR T 423 6.94 51.74 -110.51
C TYR T 423 6.32 50.91 -109.38
N VAL T 424 6.87 51.01 -108.17
CA VAL T 424 6.35 50.26 -107.04
C VAL T 424 4.94 50.72 -106.70
N SER T 425 4.74 52.05 -106.62
CA SER T 425 3.42 52.56 -106.29
C SER T 425 2.39 52.23 -107.36
N LYS T 426 2.82 52.11 -108.61
CA LYS T 426 1.88 51.86 -109.69
C LYS T 426 1.27 50.47 -109.60
N HIS T 427 2.09 49.45 -109.34
CA HIS T 427 1.64 48.06 -109.35
C HIS T 427 1.12 47.59 -108.00
N LEU T 428 1.28 48.40 -106.95
CA LEU T 428 0.98 47.97 -105.59
C LEU T 428 -0.11 48.82 -104.94
N ASP T 429 0.10 50.13 -104.80
CA ASP T 429 -0.76 50.97 -103.97
C ASP T 429 -2.25 50.76 -104.24
N ALA T 430 -2.61 50.44 -105.49
CA ALA T 430 -4.00 50.10 -105.77
C ALA T 430 -4.41 48.83 -105.05
N LEU T 431 -3.50 47.87 -104.90
CA LEU T 431 -3.81 46.62 -104.21
C LEU T 431 -3.75 46.79 -102.69
N VAL T 432 -2.76 47.55 -102.19
CA VAL T 432 -2.63 47.76 -100.76
C VAL T 432 -3.78 48.61 -100.22
N ALA T 433 -4.35 49.47 -101.07
CA ALA T 433 -5.43 50.35 -100.61
C ALA T 433 -6.69 49.57 -100.26
N ASP T 434 -6.93 48.43 -100.91
CA ASP T 434 -8.10 47.61 -100.66
C ASP T 434 -7.70 46.43 -99.80
N GLU T 435 -8.14 46.43 -98.53
CA GLU T 435 -7.80 45.34 -97.62
C GLU T 435 -8.57 44.07 -97.98
N ASP T 436 -9.76 44.21 -98.56
CA ASP T 436 -10.51 43.03 -98.99
C ASP T 436 -9.74 42.26 -100.05
N LEU T 437 -9.04 42.97 -100.94
CA LEU T 437 -8.24 42.29 -101.96
C LEU T 437 -6.90 41.84 -101.43
N SER T 438 -6.29 42.63 -100.52
CA SER T 438 -4.94 42.33 -100.05
C SER T 438 -4.85 40.94 -99.42
N ARG T 439 -5.91 40.52 -98.74
CA ARG T 439 -5.93 39.19 -98.13
C ARG T 439 -5.89 38.10 -99.19
N PHE T 440 -6.55 38.32 -100.33
CA PHE T 440 -6.48 37.36 -101.43
C PHE T 440 -5.13 37.43 -102.15
N ILE T 441 -4.75 38.64 -102.59
CA ILE T 441 -3.65 38.80 -103.53
C ILE T 441 -2.27 38.94 -102.87
N LEU T 442 -2.22 39.15 -101.56
CA LEU T 442 -0.96 39.43 -100.88
C LEU T 442 -0.84 38.73 -99.54
N SER U 1 11.14 21.87 -120.42
CA SER U 1 10.81 22.51 -121.68
C SER U 1 11.28 23.97 -121.70
N GLU U 2 11.68 24.44 -122.88
CA GLU U 2 12.23 25.78 -123.05
C GLU U 2 11.20 26.82 -123.51
N MET U 3 9.92 26.45 -123.57
CA MET U 3 8.89 27.37 -124.03
C MET U 3 8.87 28.64 -123.19
N THR U 4 8.68 29.77 -123.87
CA THR U 4 8.58 31.07 -123.23
C THR U 4 7.17 31.27 -122.68
N PRO U 5 6.99 32.19 -121.71
CA PRO U 5 5.67 32.32 -121.08
C PRO U 5 4.52 32.58 -122.05
N ARG U 6 4.76 33.33 -123.13
CA ARG U 6 3.71 33.54 -124.11
C ARG U 6 3.39 32.26 -124.88
N GLU U 7 4.40 31.43 -125.15
CA GLU U 7 4.16 30.16 -125.81
C GLU U 7 3.35 29.22 -124.93
N ILE U 8 3.48 29.36 -123.61
CA ILE U 8 2.70 28.53 -122.69
C ILE U 8 1.24 28.96 -122.71
N VAL U 9 1.00 30.28 -122.61
CA VAL U 9 -0.38 30.78 -122.62
C VAL U 9 -1.06 30.47 -123.94
N SER U 10 -0.32 30.60 -125.05
CA SER U 10 -0.90 30.31 -126.36
C SER U 10 -1.30 28.85 -126.46
N GLU U 11 -0.54 27.96 -125.84
CA GLU U 11 -0.91 26.55 -125.82
C GLU U 11 -2.12 26.31 -124.92
N LEU U 12 -2.18 27.03 -123.79
CA LEU U 12 -3.32 26.88 -122.89
C LEU U 12 -4.60 27.43 -123.49
N ASP U 13 -4.51 28.45 -124.35
CA ASP U 13 -5.70 28.97 -125.02
C ASP U 13 -6.34 27.93 -125.94
N LYS U 14 -5.57 26.94 -126.38
CA LYS U 14 -6.13 25.86 -127.19
C LYS U 14 -7.11 24.99 -126.40
N HIS U 15 -7.01 24.98 -125.08
CA HIS U 15 -7.91 24.20 -124.23
C HIS U 15 -8.77 25.09 -123.36
N ILE U 16 -8.17 25.87 -122.46
CA ILE U 16 -8.92 26.76 -121.59
C ILE U 16 -9.32 28.01 -122.38
N ILE U 17 -10.50 28.54 -122.03
CA ILE U 17 -11.02 29.77 -122.63
C ILE U 17 -10.93 30.86 -121.57
N GLY U 18 -10.32 31.99 -121.93
CA GLY U 18 -10.23 33.09 -121.00
C GLY U 18 -9.31 32.77 -119.84
N GLN U 19 -9.54 33.44 -118.72
CA GLN U 19 -8.74 33.26 -117.51
C GLN U 19 -7.26 33.47 -117.78
N ASP U 20 -6.96 34.48 -118.60
CA ASP U 20 -5.60 34.70 -119.05
C ASP U 20 -4.65 34.98 -117.89
N ASN U 21 -5.14 35.68 -116.86
CA ASN U 21 -4.30 35.99 -115.71
C ASN U 21 -3.81 34.72 -115.02
N ALA U 22 -4.69 33.73 -114.88
CA ALA U 22 -4.27 32.45 -114.35
C ALA U 22 -3.31 31.73 -115.30
N LYS U 23 -3.50 31.91 -116.61
CA LYS U 23 -2.55 31.35 -117.56
C LYS U 23 -1.20 32.04 -117.47
N ARG U 24 -1.20 33.38 -117.35
CA ARG U 24 0.05 34.11 -117.22
C ARG U 24 0.78 33.74 -115.94
N SER U 25 0.03 33.48 -114.87
CA SER U 25 0.67 33.19 -113.59
C SER U 25 1.30 31.81 -113.60
N VAL U 26 0.62 30.81 -114.16
CA VAL U 26 1.20 29.47 -114.24
C VAL U 26 2.38 29.43 -115.20
N ALA U 27 2.36 30.25 -116.25
CA ALA U 27 3.47 30.27 -117.18
C ALA U 27 4.74 30.81 -116.52
N ILE U 28 4.59 31.79 -115.63
CA ILE U 28 5.75 32.33 -114.93
C ILE U 28 6.39 31.27 -114.06
N ALA U 29 5.57 30.41 -113.46
CA ALA U 29 6.11 29.37 -112.59
C ALA U 29 6.86 28.31 -113.41
N LEU U 30 6.29 27.91 -114.54
CA LEU U 30 6.95 26.92 -115.39
C LEU U 30 8.22 27.47 -116.03
N ARG U 31 8.25 28.77 -116.32
CA ARG U 31 9.44 29.37 -116.91
C ARG U 31 10.58 29.48 -115.90
N ASN U 32 10.25 29.72 -114.62
CA ASN U 32 11.28 29.78 -113.60
C ASN U 32 12.00 28.45 -113.43
N ARG U 33 11.32 27.33 -113.76
CA ARG U 33 11.99 26.03 -113.77
C ARG U 33 13.17 26.03 -114.72
N TRP U 34 12.94 26.43 -115.98
CA TRP U 34 14.02 26.50 -116.93
C TRP U 34 15.03 27.59 -116.57
N ARG U 35 14.57 28.70 -115.99
CA ARG U 35 15.49 29.76 -115.59
C ARG U 35 16.40 29.32 -114.47
N ARG U 36 15.94 28.40 -113.61
CA ARG U 36 16.76 27.97 -112.48
C ARG U 36 17.91 27.08 -112.95
N MET U 37 17.64 26.17 -113.90
CA MET U 37 18.66 25.23 -114.34
C MET U 37 19.86 25.94 -114.96
N GLN U 38 19.64 27.12 -115.55
CA GLN U 38 20.72 27.91 -116.14
C GLN U 38 21.58 28.59 -115.10
N LEU U 39 21.16 28.63 -113.84
CA LEU U 39 21.91 29.31 -112.79
C LEU U 39 23.03 28.42 -112.26
N ASN U 40 23.83 28.99 -111.37
CA ASN U 40 24.98 28.31 -110.79
C ASN U 40 24.56 27.37 -109.66
N GLU U 41 25.54 26.67 -109.08
CA GLU U 41 25.25 25.65 -108.07
C GLU U 41 24.59 26.25 -106.83
N GLU U 42 24.97 27.48 -106.46
CA GLU U 42 24.44 28.06 -105.23
C GLU U 42 23.00 28.53 -105.39
N LEU U 43 22.71 29.30 -106.44
CA LEU U 43 21.39 29.87 -106.60
C LEU U 43 20.34 28.81 -106.89
N ARG U 44 20.71 27.69 -107.51
CA ARG U 44 19.75 26.63 -107.79
C ARG U 44 19.17 26.04 -106.51
N HIS U 45 19.95 26.06 -105.43
CA HIS U 45 19.44 25.63 -104.14
C HIS U 45 18.60 26.73 -103.49
N GLU U 46 19.06 27.97 -103.54
CA GLU U 46 18.38 29.06 -102.86
C GLU U 46 17.04 29.37 -103.50
N VAL U 47 16.96 29.35 -104.84
CA VAL U 47 15.70 29.60 -105.51
C VAL U 47 14.76 28.42 -105.30
N THR U 48 13.49 28.72 -105.04
CA THR U 48 12.46 27.73 -104.78
C THR U 48 11.28 28.06 -105.67
N PRO U 49 10.44 27.08 -105.99
CA PRO U 49 9.35 27.33 -106.93
C PRO U 49 8.40 28.39 -106.39
N LYS U 50 7.83 29.16 -107.29
CA LYS U 50 6.88 30.19 -106.92
C LYS U 50 5.51 29.52 -106.97
N ASN U 51 4.97 29.23 -105.79
CA ASN U 51 3.69 28.53 -105.72
C ASN U 51 2.53 29.48 -105.99
N ILE U 52 1.45 28.92 -106.52
CA ILE U 52 0.31 29.73 -106.95
C ILE U 52 -0.91 29.35 -106.13
N LEU U 53 -1.73 30.35 -105.84
CA LEU U 53 -3.01 30.17 -105.17
C LEU U 53 -4.09 30.67 -106.12
N MET U 54 -4.84 29.74 -106.69
CA MET U 54 -5.98 30.09 -107.53
C MET U 54 -7.18 30.41 -106.67
N ILE U 55 -7.98 31.37 -107.15
CA ILE U 55 -9.13 31.88 -106.41
C ILE U 55 -10.27 32.11 -107.37
N GLY U 56 -11.46 31.64 -107.01
CA GLY U 56 -12.63 31.85 -107.81
C GLY U 56 -13.71 30.81 -107.58
N PRO U 57 -14.87 31.02 -108.19
CA PRO U 57 -15.97 30.06 -108.07
C PRO U 57 -15.63 28.76 -108.80
N THR U 58 -16.32 27.70 -108.39
CA THR U 58 -16.04 26.38 -108.92
C THR U 58 -16.35 26.30 -110.41
N GLY U 59 -15.61 25.44 -111.10
CA GLY U 59 -15.89 25.13 -112.49
C GLY U 59 -15.42 26.13 -113.51
N VAL U 60 -14.56 27.07 -113.12
CA VAL U 60 -14.10 28.11 -114.05
C VAL U 60 -12.78 27.71 -114.70
N GLY U 61 -12.30 26.50 -114.44
CA GLY U 61 -11.10 25.99 -115.08
C GLY U 61 -9.82 26.07 -114.28
N LYS U 62 -9.89 26.31 -112.97
CA LYS U 62 -8.68 26.31 -112.14
C LYS U 62 -7.92 24.99 -112.29
N THR U 63 -8.62 23.87 -112.16
CA THR U 63 -7.96 22.57 -112.26
C THR U 63 -7.49 22.29 -113.68
N GLU U 64 -8.28 22.71 -114.68
CA GLU U 64 -7.92 22.43 -116.05
C GLU U 64 -6.62 23.10 -116.42
N ILE U 65 -6.39 24.30 -115.91
CA ILE U 65 -5.11 24.97 -116.14
C ILE U 65 -3.98 24.14 -115.56
N ALA U 66 -4.15 23.67 -114.32
CA ALA U 66 -3.13 22.83 -113.69
C ALA U 66 -2.99 21.51 -114.45
N ARG U 67 -4.09 20.96 -114.95
CA ARG U 67 -4.02 19.70 -115.68
C ARG U 67 -3.31 19.88 -117.02
N ARG U 68 -3.73 20.88 -117.80
CA ARG U 68 -3.07 21.13 -119.08
C ARG U 68 -1.64 21.61 -118.91
N LEU U 69 -1.34 22.30 -117.80
CA LEU U 69 0.03 22.76 -117.57
C LEU U 69 0.97 21.57 -117.35
N ALA U 70 0.58 20.64 -116.47
CA ALA U 70 1.40 19.46 -116.25
C ALA U 70 1.44 18.59 -117.49
N LYS U 71 0.29 18.43 -118.17
CA LYS U 71 0.27 17.70 -119.43
C LYS U 71 1.14 18.38 -120.49
N LEU U 72 1.21 19.72 -120.44
CA LEU U 72 2.09 20.43 -121.37
C LEU U 72 3.55 20.16 -121.07
N ALA U 73 3.91 20.08 -119.79
CA ALA U 73 5.28 19.83 -119.37
C ALA U 73 5.63 18.35 -119.27
N ASN U 74 4.65 17.46 -119.49
CA ASN U 74 4.83 16.03 -119.28
C ASN U 74 5.24 15.71 -117.83
N ALA U 75 4.89 16.60 -116.92
CA ALA U 75 5.26 16.50 -115.52
C ALA U 75 4.30 15.59 -114.77
N PRO U 76 4.75 14.97 -113.68
CA PRO U 76 3.82 14.27 -112.80
C PRO U 76 2.83 15.26 -112.18
N PHE U 77 1.61 14.78 -111.97
CA PHE U 77 0.54 15.63 -111.47
C PHE U 77 -0.42 14.82 -110.61
N ILE U 78 -0.97 15.48 -109.60
CA ILE U 78 -1.99 14.88 -108.73
C ILE U 78 -2.87 15.99 -108.19
N LYS U 79 -4.16 15.71 -108.07
CA LYS U 79 -5.12 16.60 -107.43
C LYS U 79 -5.55 15.98 -106.11
N VAL U 80 -5.42 16.74 -105.03
CA VAL U 80 -5.75 16.27 -103.69
C VAL U 80 -6.74 17.24 -103.06
N GLU U 81 -7.79 16.71 -102.46
CA GLU U 81 -8.75 17.52 -101.74
C GLU U 81 -8.24 17.77 -100.33
N ALA U 82 -8.09 19.04 -99.96
CA ALA U 82 -7.52 19.38 -98.66
C ALA U 82 -8.39 18.87 -97.51
N THR U 83 -9.69 18.72 -97.73
CA THR U 83 -10.59 18.24 -96.69
C THR U 83 -10.44 16.75 -96.40
N LYS U 84 -9.73 16.01 -97.25
CA LYS U 84 -9.53 14.58 -97.00
C LYS U 84 -8.79 14.32 -95.69
N PHE U 85 -7.93 15.26 -95.27
CA PHE U 85 -7.08 15.08 -94.10
C PHE U 85 -7.72 15.58 -92.81
N THR U 86 -8.94 16.10 -92.86
CA THR U 86 -9.62 16.56 -91.64
C THR U 86 -9.92 15.41 -90.70
N GLU U 87 -10.18 14.23 -91.24
CA GLU U 87 -10.56 13.07 -90.44
C GLU U 87 -9.34 12.33 -89.92
N GLY U 92 -7.24 8.82 -89.48
CA GLY U 92 -7.24 9.49 -90.78
C GLY U 92 -5.96 9.27 -91.56
N LYS U 93 -5.95 9.74 -92.80
CA LYS U 93 -4.80 9.55 -93.68
C LYS U 93 -3.70 10.55 -93.37
N GLU U 94 -2.46 10.11 -93.57
CA GLU U 94 -1.30 10.98 -93.37
C GLU U 94 -1.10 11.90 -94.56
N VAL U 95 -0.55 13.09 -94.29
CA VAL U 95 -0.33 14.06 -95.35
C VAL U 95 0.77 13.60 -96.31
N ASP U 96 1.69 12.75 -95.83
CA ASP U 96 2.78 12.29 -96.67
C ASP U 96 2.30 11.46 -97.86
N SER U 97 1.07 10.96 -97.82
CA SER U 97 0.52 10.17 -98.93
C SER U 97 0.48 10.96 -100.23
N ILE U 98 0.43 12.30 -100.17
CA ILE U 98 0.42 13.11 -101.37
C ILE U 98 1.64 12.82 -102.23
N ILE U 99 2.84 12.85 -101.62
CA ILE U 99 4.06 12.56 -102.36
C ILE U 99 4.10 11.09 -102.79
N ARG U 100 3.52 10.19 -101.98
CA ARG U 100 3.50 8.77 -102.32
C ARG U 100 2.63 8.53 -103.55
N ASP U 101 1.41 9.07 -103.56
CA ASP U 101 0.52 8.91 -104.71
C ASP U 101 1.05 9.64 -105.94
N LEU U 102 1.78 10.74 -105.74
CA LEU U 102 2.36 11.45 -106.87
C LEU U 102 3.44 10.60 -107.55
N THR U 103 4.31 9.96 -106.76
CA THR U 103 5.34 9.11 -107.33
C THR U 103 4.73 7.89 -108.02
N ASP U 104 3.61 7.38 -107.49
CA ASP U 104 2.95 6.25 -108.13
C ASP U 104 2.39 6.64 -109.48
N ALA U 105 1.90 7.88 -109.63
CA ALA U 105 1.49 8.35 -110.95
C ALA U 105 2.70 8.60 -111.84
N ALA U 106 3.79 9.11 -111.26
CA ALA U 106 5.02 9.30 -112.03
C ALA U 106 5.63 7.98 -112.47
N VAL U 107 5.52 6.94 -111.64
CA VAL U 107 6.02 5.64 -112.04
C VAL U 107 5.27 5.13 -113.26
N LYS U 108 3.93 5.13 -113.20
CA LYS U 108 3.15 4.70 -114.35
C LYS U 108 3.33 5.61 -115.55
N MET U 109 3.62 6.89 -115.31
CA MET U 109 3.84 7.82 -116.42
C MET U 109 5.15 7.50 -117.13
N VAL U 110 6.24 7.37 -116.38
CA VAL U 110 7.53 7.08 -117.01
C VAL U 110 7.56 5.66 -117.57
N ARG U 111 6.78 4.74 -116.99
CA ARG U 111 6.78 3.36 -117.48
C ARG U 111 6.06 3.25 -118.82
N VAL U 112 4.85 3.79 -118.93
CA VAL U 112 4.11 3.72 -120.19
C VAL U 112 4.85 4.49 -121.28
N GLN U 113 5.51 5.59 -120.91
CA GLN U 113 6.31 6.34 -121.87
C GLN U 113 7.57 5.58 -122.27
N ALA U 114 8.13 4.79 -121.36
CA ALA U 114 9.27 3.96 -121.71
C ALA U 114 8.84 2.80 -122.61
N ILE U 115 7.60 2.34 -122.48
CA ILE U 115 7.07 1.32 -123.38
C ILE U 115 6.95 1.87 -124.80
N GLU U 116 6.73 3.18 -124.95
CA GLU U 116 6.62 3.77 -126.27
C GLU U 116 7.96 3.77 -127.01
N LYS U 117 9.05 3.95 -126.27
CA LYS U 117 10.37 3.87 -126.88
C LYS U 117 10.73 2.44 -127.26
N ASN U 118 10.57 1.51 -126.32
CA ASN U 118 10.87 0.11 -126.59
C ASN U 118 9.92 -0.49 -127.60
N ARG U 119 8.82 0.20 -127.92
CA ARG U 119 7.86 -0.33 -128.89
C ARG U 119 8.50 -0.49 -130.26
N TYR U 120 9.49 0.35 -130.58
CA TYR U 120 10.15 0.29 -131.89
C TYR U 120 11.24 -0.77 -131.94
N ARG U 121 12.28 -0.63 -131.09
CA ARG U 121 13.42 -1.52 -131.16
C ARG U 121 13.02 -2.97 -130.91
N ALA U 122 12.08 -3.22 -129.99
CA ALA U 122 11.74 -4.59 -129.62
C ALA U 122 11.09 -5.36 -130.77
N GLU U 123 10.38 -4.66 -131.65
CA GLU U 123 9.76 -5.29 -132.81
C GLU U 123 10.83 -5.77 -133.80
N GLU U 228 12.36 -8.25 -124.58
CA GLU U 228 13.26 -7.30 -125.22
C GLU U 228 13.11 -5.92 -124.59
N ALA U 229 11.87 -5.48 -124.42
CA ALA U 229 11.63 -4.20 -123.75
C ALA U 229 12.24 -4.18 -122.35
N ALA U 230 12.17 -5.31 -121.64
CA ALA U 230 12.86 -5.42 -120.36
C ALA U 230 14.38 -5.42 -120.54
N LYS U 231 14.86 -6.07 -121.61
CA LYS U 231 16.29 -6.05 -121.89
C LYS U 231 16.76 -4.66 -122.32
N LEU U 232 15.91 -3.93 -123.03
CA LEU U 232 16.26 -2.58 -123.47
C LEU U 232 16.10 -1.57 -122.35
N VAL U 233 15.03 -1.70 -121.54
CA VAL U 233 14.81 -0.74 -120.47
C VAL U 233 15.88 -0.88 -119.40
N ASN U 234 16.04 0.17 -118.61
CA ASN U 234 17.00 0.21 -117.50
C ASN U 234 16.20 0.54 -116.24
N PRO U 235 15.77 -0.47 -115.48
CA PRO U 235 14.91 -0.21 -114.31
C PRO U 235 15.53 0.75 -113.31
N GLU U 236 16.85 0.70 -113.12
CA GLU U 236 17.49 1.67 -112.24
C GLU U 236 17.47 3.06 -112.85
N GLU U 237 17.40 3.17 -114.17
CA GLU U 237 17.21 4.46 -114.83
C GLU U 237 15.73 4.83 -114.95
N LEU U 238 14.80 3.90 -114.72
CA LEU U 238 13.37 4.14 -114.84
C LEU U 238 12.73 4.50 -113.51
N LYS U 239 12.81 3.60 -112.52
CA LYS U 239 12.28 3.91 -111.20
C LYS U 239 12.96 5.13 -110.59
N GLN U 240 14.23 5.36 -110.94
CA GLN U 240 14.92 6.59 -110.56
C GLN U 240 14.54 7.77 -111.46
N ASP U 241 13.97 7.52 -112.64
CA ASP U 241 13.53 8.62 -113.49
C ASP U 241 12.25 9.24 -112.96
N ALA U 242 11.32 8.41 -112.47
CA ALA U 242 10.09 8.93 -111.87
C ALA U 242 10.40 9.79 -110.66
N ILE U 243 11.46 9.45 -109.92
CA ILE U 243 11.89 10.29 -108.80
C ILE U 243 12.42 11.63 -109.30
N ASP U 244 13.26 11.61 -110.35
CA ASP U 244 13.73 12.86 -110.94
C ASP U 244 12.57 13.63 -111.56
N ALA U 245 11.59 12.93 -112.12
CA ALA U 245 10.41 13.59 -112.66
C ALA U 245 9.58 14.23 -111.55
N VAL U 246 9.51 13.58 -110.38
CA VAL U 246 8.76 14.14 -109.26
C VAL U 246 9.52 15.31 -108.64
N GLU U 247 10.81 15.12 -108.36
CA GLU U 247 11.57 16.16 -107.68
C GLU U 247 11.73 17.39 -108.56
N GLN U 248 12.11 17.19 -109.83
CA GLN U 248 12.36 18.33 -110.69
C GLN U 248 11.08 18.90 -111.29
N HIS U 249 10.24 18.04 -111.85
CA HIS U 249 9.08 18.48 -112.62
C HIS U 249 7.76 18.37 -111.87
N GLY U 250 7.75 17.86 -110.64
CA GLY U 250 6.50 17.48 -110.01
C GLY U 250 5.57 18.66 -109.79
N ILE U 251 4.28 18.37 -109.85
CA ILE U 251 3.23 19.36 -109.66
C ILE U 251 2.12 18.73 -108.81
N VAL U 252 1.55 19.53 -107.92
CA VAL U 252 0.47 19.08 -107.04
C VAL U 252 -0.58 20.18 -107.00
N PHE U 253 -1.84 19.80 -107.16
CA PHE U 253 -2.97 20.71 -107.08
C PHE U 253 -3.78 20.38 -105.83
N ILE U 254 -3.88 21.33 -104.91
CA ILE U 254 -4.62 21.16 -103.68
C ILE U 254 -5.92 21.94 -103.86
N ASP U 255 -7.01 21.22 -104.09
CA ASP U 255 -8.31 21.84 -104.29
C ASP U 255 -8.89 22.29 -102.94
N GLU U 256 -9.78 23.26 -103.00
CA GLU U 256 -10.58 23.70 -101.85
C GLU U 256 -9.73 23.94 -100.60
N ILE U 257 -8.60 24.63 -100.78
CA ILE U 257 -7.75 24.97 -99.64
C ILE U 257 -8.43 25.97 -98.71
N ASP U 258 -9.40 26.74 -99.22
CA ASP U 258 -10.08 27.74 -98.39
C ASP U 258 -10.86 27.12 -97.25
N LYS U 259 -11.24 25.84 -97.37
CA LYS U 259 -12.08 25.20 -96.36
C LYS U 259 -11.30 24.77 -95.11
N ILE U 260 -9.97 24.80 -95.15
CA ILE U 260 -9.16 24.51 -93.96
C ILE U 260 -8.75 25.77 -93.20
N CYS U 261 -9.21 26.93 -93.64
CA CYS U 261 -8.95 28.16 -92.90
C CYS U 261 -9.80 28.22 -91.63
N LYS U 262 -9.35 29.04 -90.69
CA LYS U 262 -10.07 29.23 -89.43
C LYS U 262 -11.38 29.97 -89.65
N SER U 267 -13.80 26.98 -82.75
CA SER U 267 -12.54 26.72 -82.07
C SER U 267 -12.13 25.27 -82.24
N GLY U 268 -13.10 24.37 -82.17
CA GLY U 268 -12.87 22.95 -82.31
C GLY U 268 -12.38 22.56 -83.69
N PRO U 269 -13.16 22.89 -84.73
CA PRO U 269 -12.67 22.66 -86.10
C PRO U 269 -11.46 23.51 -86.46
N ASP U 270 -11.34 24.72 -85.89
CA ASP U 270 -10.22 25.59 -86.23
C ASP U 270 -8.87 24.95 -85.87
N VAL U 271 -8.84 24.11 -84.85
CA VAL U 271 -7.60 23.38 -84.52
C VAL U 271 -7.34 22.30 -85.55
N SER U 272 -8.36 21.51 -85.89
CA SER U 272 -8.20 20.47 -86.91
C SER U 272 -8.01 21.06 -88.31
N ARG U 273 -8.64 22.20 -88.62
CA ARG U 273 -8.48 22.83 -89.92
C ARG U 273 -7.07 23.38 -90.10
N GLU U 274 -6.62 24.20 -89.14
CA GLU U 274 -5.26 24.74 -89.19
C GLU U 274 -4.21 23.66 -88.94
N GLY U 275 -4.60 22.55 -88.30
CA GLY U 275 -3.66 21.44 -88.13
C GLY U 275 -3.26 20.82 -89.45
N VAL U 276 -4.20 20.76 -90.40
CA VAL U 276 -3.87 20.27 -91.74
C VAL U 276 -2.88 21.20 -92.42
N GLN U 277 -2.99 22.51 -92.17
CA GLN U 277 -2.06 23.47 -92.76
C GLN U 277 -0.64 23.22 -92.29
N ARG U 278 -0.47 23.00 -90.98
CA ARG U 278 0.85 22.71 -90.44
C ARG U 278 1.38 21.38 -90.95
N ASP U 279 0.50 20.39 -91.12
CA ASP U 279 0.95 19.11 -91.67
C ASP U 279 1.40 19.28 -93.11
N LEU U 280 0.75 20.17 -93.86
CA LEU U 280 1.17 20.48 -95.21
C LEU U 280 2.44 21.31 -95.23
N LEU U 281 2.74 22.00 -94.12
CA LEU U 281 3.84 22.96 -94.09
C LEU U 281 5.19 22.38 -94.51
N PRO U 282 5.62 21.22 -94.02
CA PRO U 282 6.94 20.70 -94.44
C PRO U 282 7.06 20.47 -95.93
N LEU U 283 5.97 20.11 -96.62
CA LEU U 283 6.06 19.78 -98.04
C LEU U 283 6.44 21.00 -98.88
N VAL U 284 5.93 22.18 -98.53
CA VAL U 284 6.24 23.39 -99.29
C VAL U 284 7.55 24.03 -98.85
N GLU U 285 7.82 24.04 -97.54
CA GLU U 285 9.08 24.55 -97.02
C GLU U 285 10.25 23.64 -97.38
N GLY U 286 9.95 22.42 -97.81
CA GLY U 286 10.96 21.43 -98.15
C GLY U 286 11.13 20.41 -97.05
N CYS U 287 11.31 19.17 -97.44
CA CYS U 287 11.44 18.03 -96.53
C CYS U 287 11.82 16.82 -97.37
N THR U 288 11.88 15.65 -96.74
CA THR U 288 12.15 14.40 -97.44
C THR U 288 11.11 13.37 -97.00
N VAL U 289 10.49 12.70 -97.97
CA VAL U 289 9.47 11.70 -97.72
C VAL U 289 9.96 10.35 -98.25
N SER U 290 9.71 9.30 -97.48
CA SER U 290 10.11 7.96 -97.87
C SER U 290 8.99 7.28 -98.63
N THR U 291 9.36 6.60 -99.72
CA THR U 291 8.43 5.82 -100.51
C THR U 291 9.08 4.50 -100.88
N LYS U 292 8.25 3.51 -101.18
CA LYS U 292 8.78 2.21 -101.60
C LYS U 292 9.59 2.33 -102.88
N HIS U 293 9.22 3.27 -103.75
CA HIS U 293 9.97 3.50 -104.98
C HIS U 293 11.28 4.22 -104.75
N GLY U 294 11.42 4.95 -103.66
CA GLY U 294 12.64 5.66 -103.39
C GLY U 294 12.43 6.78 -102.39
N MET U 295 13.44 7.63 -102.27
CA MET U 295 13.44 8.71 -101.30
C MET U 295 13.33 10.03 -102.07
N VAL U 296 12.23 10.74 -101.87
CA VAL U 296 11.91 11.94 -102.64
C VAL U 296 12.08 13.17 -101.76
N LYS U 297 12.52 14.27 -102.38
CA LYS U 297 12.62 15.57 -101.73
C LYS U 297 11.63 16.54 -102.38
N THR U 298 10.93 17.31 -101.55
CA THR U 298 9.84 18.16 -102.00
C THR U 298 10.27 19.61 -102.25
N ASP U 299 11.57 19.91 -102.15
CA ASP U 299 12.00 21.30 -102.14
C ASP U 299 11.61 22.02 -103.42
N HIS U 300 11.78 21.38 -104.57
CA HIS U 300 11.57 22.02 -105.87
C HIS U 300 10.23 21.68 -106.52
N ILE U 301 9.36 20.93 -105.84
CA ILE U 301 8.04 20.63 -106.37
C ILE U 301 7.21 21.91 -106.42
N LEU U 302 6.44 22.08 -107.51
CA LEU U 302 5.52 23.19 -107.65
C LEU U 302 4.13 22.79 -107.15
N PHE U 303 3.46 23.74 -106.52
CA PHE U 303 2.14 23.49 -105.94
C PHE U 303 1.17 24.57 -106.39
N ILE U 304 -0.09 24.18 -106.55
CA ILE U 304 -1.16 25.09 -106.94
C ILE U 304 -2.32 24.84 -105.98
N ALA U 305 -2.64 25.84 -105.15
CA ALA U 305 -3.78 25.77 -104.27
C ALA U 305 -4.94 26.57 -104.86
N SER U 306 -6.16 26.09 -104.62
CA SER U 306 -7.35 26.72 -105.14
C SER U 306 -8.46 26.69 -104.10
N GLY U 307 -9.28 27.72 -104.11
CA GLY U 307 -10.43 27.79 -103.23
C GLY U 307 -11.35 28.94 -103.60
N ALA U 308 -12.64 28.81 -103.28
CA ALA U 308 -13.55 29.91 -103.53
C ALA U 308 -13.26 31.10 -102.62
N PHE U 309 -12.83 30.83 -101.39
CA PHE U 309 -12.49 31.87 -100.41
C PHE U 309 -13.64 32.86 -100.21
N GLN U 310 -14.87 32.35 -100.30
CA GLN U 310 -16.02 33.19 -99.97
C GLN U 310 -16.30 33.22 -98.47
N ILE U 311 -16.11 32.10 -97.78
CA ILE U 311 -16.28 32.08 -96.34
C ILE U 311 -15.06 32.67 -95.63
N ALA U 312 -13.86 32.35 -96.11
CA ALA U 312 -12.61 32.78 -95.51
C ALA U 312 -11.76 33.45 -96.58
N LYS U 313 -10.60 33.92 -96.18
CA LYS U 313 -9.68 34.60 -97.10
C LYS U 313 -8.31 34.03 -96.92
N PRO U 314 -7.43 34.12 -97.93
CA PRO U 314 -6.08 33.60 -97.78
C PRO U 314 -5.31 34.16 -96.59
N SER U 315 -5.63 35.38 -96.14
CA SER U 315 -4.99 35.89 -94.93
C SER U 315 -5.28 35.02 -93.73
N ASP U 316 -6.41 34.30 -93.75
CA ASP U 316 -6.77 33.40 -92.67
C ASP U 316 -5.89 32.16 -92.63
N LEU U 317 -5.12 31.90 -93.70
CA LEU U 317 -4.17 30.79 -93.70
C LEU U 317 -3.07 31.06 -92.70
N ILE U 318 -2.42 29.99 -92.23
CA ILE U 318 -1.37 30.14 -91.25
C ILE U 318 -0.25 30.96 -91.90
N PRO U 319 0.44 31.81 -91.13
CA PRO U 319 1.43 32.70 -91.74
C PRO U 319 2.56 31.98 -92.47
N GLU U 320 2.98 30.82 -92.00
CA GLU U 320 4.04 30.08 -92.71
C GLU U 320 3.55 29.64 -94.09
N LEU U 321 2.24 29.48 -94.26
CA LEU U 321 1.69 29.07 -95.54
C LEU U 321 1.52 30.25 -96.50
N GLN U 322 1.19 31.44 -95.99
CA GLN U 322 0.98 32.58 -96.86
C GLN U 322 2.26 32.98 -97.58
N GLY U 323 3.41 32.82 -96.94
CA GLY U 323 4.68 33.16 -97.56
C GLY U 323 5.20 32.13 -98.51
N ARG U 324 4.64 30.93 -98.48
CA ARG U 324 4.99 29.88 -99.41
C ARG U 324 4.12 29.88 -100.65
N LEU U 325 3.27 30.89 -100.81
CA LEU U 325 2.41 31.04 -101.99
C LEU U 325 2.65 32.43 -102.56
N PRO U 326 3.83 32.67 -103.17
CA PRO U 326 4.16 34.03 -103.62
C PRO U 326 3.22 34.58 -104.69
N ILE U 327 2.73 33.73 -105.60
CA ILE U 327 1.91 34.18 -106.72
C ILE U 327 0.44 33.91 -106.39
N ARG U 328 -0.40 34.94 -106.52
CA ARG U 328 -1.84 34.86 -106.28
C ARG U 328 -2.56 35.30 -107.53
N VAL U 329 -3.69 34.66 -107.83
CA VAL U 329 -4.49 35.04 -108.99
C VAL U 329 -5.95 34.73 -108.71
N GLU U 330 -6.83 35.60 -109.16
CA GLU U 330 -8.28 35.39 -109.09
C GLU U 330 -8.78 35.08 -110.50
N LEU U 331 -9.60 34.04 -110.61
CA LEU U 331 -10.17 33.64 -111.89
C LEU U 331 -11.59 34.17 -112.01
N GLN U 332 -11.90 34.75 -113.16
CA GLN U 332 -13.19 35.38 -113.37
C GLN U 332 -14.27 34.33 -113.64
N ALA U 333 -15.51 34.68 -113.29
CA ALA U 333 -16.64 33.81 -113.60
C ALA U 333 -16.90 33.76 -115.10
N LEU U 334 -17.25 32.58 -115.57
CA LEU U 334 -17.53 32.37 -116.98
C LEU U 334 -18.91 32.90 -117.34
N THR U 335 -18.99 33.57 -118.49
CA THR U 335 -20.23 34.14 -119.01
C THR U 335 -20.87 33.16 -120.00
N THR U 336 -22.05 33.56 -120.50
CA THR U 336 -22.70 32.76 -121.53
C THR U 336 -21.87 32.70 -122.80
N SER U 337 -21.16 33.78 -123.12
CA SER U 337 -20.30 33.79 -124.30
C SER U 337 -19.16 32.79 -124.16
N ASP U 338 -18.62 32.64 -122.95
CA ASP U 338 -17.57 31.66 -122.73
C ASP U 338 -18.09 30.23 -122.88
N PHE U 339 -19.34 29.98 -122.49
CA PHE U 339 -19.92 28.66 -122.69
C PHE U 339 -19.99 28.31 -124.18
N GLU U 340 -20.37 29.27 -125.02
CA GLU U 340 -20.41 29.03 -126.46
C GLU U 340 -19.02 28.72 -126.98
N ARG U 341 -17.99 29.36 -126.42
CA ARG U 341 -16.62 29.07 -126.84
C ARG U 341 -16.18 27.70 -126.36
N ILE U 342 -16.50 27.35 -125.11
CA ILE U 342 -16.08 26.07 -124.55
C ILE U 342 -16.70 24.91 -125.35
N LEU U 343 -17.89 25.11 -125.91
CA LEU U 343 -18.54 24.05 -126.66
C LEU U 343 -17.82 23.73 -127.95
N THR U 344 -17.09 24.69 -128.51
CA THR U 344 -16.56 24.56 -129.86
C THR U 344 -15.05 24.76 -129.92
N GLU U 345 -14.58 25.93 -129.50
CA GLU U 345 -13.18 26.32 -129.68
C GLU U 345 -12.15 25.33 -129.14
N PRO U 346 -12.27 24.78 -127.93
CA PRO U 346 -11.19 23.93 -127.41
C PRO U 346 -10.98 22.70 -128.28
N ASN U 347 -9.72 22.28 -128.40
CA ASN U 347 -9.42 21.05 -129.11
C ASN U 347 -10.11 19.89 -128.42
N ALA U 348 -10.76 19.04 -129.21
CA ALA U 348 -11.55 17.92 -128.69
C ALA U 348 -12.65 18.40 -127.75
N SER U 349 -13.34 19.47 -128.13
CA SER U 349 -14.46 19.96 -127.35
C SER U 349 -15.61 18.96 -127.38
N ILE U 350 -16.48 19.04 -126.37
CA ILE U 350 -17.54 18.05 -126.20
C ILE U 350 -18.46 17.97 -127.42
N THR U 351 -18.67 19.09 -128.11
CA THR U 351 -19.44 19.04 -129.35
C THR U 351 -18.71 18.26 -130.42
N VAL U 352 -17.39 18.47 -130.54
CA VAL U 352 -16.60 17.69 -131.49
C VAL U 352 -16.59 16.22 -131.10
N GLN U 353 -16.60 15.94 -129.79
CA GLN U 353 -16.63 14.55 -129.35
C GLN U 353 -17.94 13.88 -129.76
N TYR U 354 -19.06 14.58 -129.56
CA TYR U 354 -20.35 14.04 -129.97
C TYR U 354 -20.45 13.89 -131.47
N LYS U 355 -19.80 14.78 -132.24
CA LYS U 355 -19.87 14.70 -133.68
C LYS U 355 -19.18 13.44 -134.19
N ALA U 356 -17.95 13.20 -133.74
CA ALA U 356 -17.24 12.00 -134.17
C ALA U 356 -17.86 10.72 -133.61
N LEU U 357 -18.47 10.79 -132.43
CA LEU U 357 -19.15 9.62 -131.88
C LEU U 357 -20.29 9.18 -132.78
N MET U 358 -21.13 10.13 -133.19
CA MET U 358 -22.18 9.82 -134.15
C MET U 358 -21.60 9.47 -135.51
N ALA U 359 -20.42 10.01 -135.84
CA ALA U 359 -19.75 9.61 -137.07
C ALA U 359 -19.41 8.13 -137.06
N THR U 360 -19.19 7.56 -135.87
CA THR U 360 -18.95 6.12 -135.78
C THR U 360 -20.15 5.33 -136.27
N GLU U 361 -21.36 5.85 -136.04
CA GLU U 361 -22.57 5.18 -136.49
C GLU U 361 -22.92 5.48 -137.94
N GLY U 362 -22.11 6.27 -138.64
CA GLY U 362 -22.43 6.69 -139.99
C GLY U 362 -23.29 7.93 -140.08
N VAL U 363 -23.52 8.61 -138.95
CA VAL U 363 -24.34 9.81 -138.90
C VAL U 363 -23.43 11.02 -138.84
N ASN U 364 -23.88 12.13 -139.44
CA ASN U 364 -23.13 13.38 -139.48
C ASN U 364 -23.90 14.42 -138.67
N ILE U 365 -23.34 14.80 -137.51
CA ILE U 365 -23.93 15.83 -136.67
C ILE U 365 -23.35 17.18 -137.05
N GLU U 366 -24.19 18.21 -137.02
CA GLU U 366 -23.78 19.58 -137.29
C GLU U 366 -24.60 20.50 -136.39
N PHE U 367 -23.92 21.41 -135.69
CA PHE U 367 -24.55 22.35 -134.79
C PHE U 367 -24.54 23.75 -135.42
N THR U 368 -25.70 24.39 -135.44
CA THR U 368 -25.79 25.78 -135.89
C THR U 368 -25.27 26.71 -134.80
N ASP U 369 -24.81 27.89 -135.22
CA ASP U 369 -24.34 28.89 -134.26
C ASP U 369 -25.44 29.28 -133.29
N SER U 370 -26.67 29.44 -133.78
CA SER U 370 -27.78 29.70 -132.88
C SER U 370 -28.12 28.48 -132.04
N GLY U 371 -27.88 27.28 -132.56
CA GLY U 371 -28.09 26.08 -131.75
C GLY U 371 -27.06 25.94 -130.64
N ILE U 372 -25.81 26.29 -130.92
CA ILE U 372 -24.80 26.38 -129.88
C ILE U 372 -25.13 27.51 -128.90
N LYS U 373 -25.68 28.62 -129.43
CA LYS U 373 -26.00 29.75 -128.58
C LYS U 373 -27.12 29.43 -127.58
N ARG U 374 -28.09 28.61 -127.99
CA ARG U 374 -29.20 28.27 -127.11
C ARG U 374 -28.87 27.16 -126.13
N ILE U 375 -27.80 26.39 -126.38
CA ILE U 375 -27.34 25.43 -125.40
C ILE U 375 -26.64 26.13 -124.24
N ALA U 376 -25.79 27.11 -124.55
CA ALA U 376 -25.13 27.88 -123.51
C ALA U 376 -26.13 28.67 -122.68
N GLU U 377 -27.15 29.23 -123.33
CA GLU U 377 -28.21 29.91 -122.60
C GLU U 377 -28.99 28.93 -121.74
N ALA U 378 -29.13 27.69 -122.19
CA ALA U 378 -29.83 26.69 -121.40
C ALA U 378 -29.01 26.32 -120.15
N ALA U 379 -27.71 26.09 -120.33
CA ALA U 379 -26.86 25.78 -119.19
C ALA U 379 -26.76 26.95 -118.22
N TRP U 380 -26.79 28.18 -118.74
CA TRP U 380 -26.73 29.34 -117.87
C TRP U 380 -27.98 29.47 -117.02
N GLN U 381 -29.15 29.21 -117.61
CA GLN U 381 -30.40 29.38 -116.87
C GLN U 381 -30.51 28.38 -115.72
N VAL U 382 -30.01 27.16 -115.92
CA VAL U 382 -30.07 26.16 -114.84
C VAL U 382 -29.17 26.56 -113.69
N ASN U 383 -27.97 27.07 -114.00
CA ASN U 383 -27.06 27.53 -112.96
C ASN U 383 -27.65 28.70 -112.19
N GLU U 384 -28.41 29.58 -112.86
CA GLU U 384 -29.05 30.69 -112.17
C GLU U 384 -30.34 30.25 -111.48
N SER U 385 -31.14 29.39 -112.14
CA SER U 385 -32.41 28.99 -111.56
C SER U 385 -32.25 28.13 -110.31
N THR U 386 -31.20 27.31 -110.23
CA THR U 386 -31.05 26.41 -109.09
C THR U 386 -29.70 26.59 -108.38
N GLU U 387 -28.65 25.98 -108.92
CA GLU U 387 -27.32 26.01 -108.33
C GLU U 387 -26.27 26.15 -109.42
N ASN U 388 -25.25 26.98 -109.18
CA ASN U 388 -24.26 27.28 -110.20
C ASN U 388 -23.11 26.28 -110.05
N ILE U 389 -23.00 25.36 -111.01
CA ILE U 389 -21.92 24.38 -111.04
C ILE U 389 -20.82 24.76 -112.03
N GLY U 390 -20.92 25.91 -112.66
CA GLY U 390 -19.94 26.30 -113.65
C GLY U 390 -20.15 25.56 -114.97
N ALA U 391 -19.05 25.44 -115.72
CA ALA U 391 -19.11 24.84 -117.05
C ALA U 391 -19.52 23.38 -117.04
N ARG U 392 -19.52 22.72 -115.89
CA ARG U 392 -19.96 21.33 -115.81
C ARG U 392 -21.40 21.16 -116.27
N ARG U 393 -22.22 22.21 -116.14
CA ARG U 393 -23.60 22.12 -116.58
C ARG U 393 -23.71 21.84 -118.07
N LEU U 394 -22.72 22.28 -118.86
CA LEU U 394 -22.75 22.04 -120.29
C LEU U 394 -22.78 20.56 -120.62
N HIS U 395 -22.13 19.73 -119.80
CA HIS U 395 -22.13 18.29 -120.06
C HIS U 395 -23.51 17.68 -119.85
N THR U 396 -24.19 18.06 -118.77
CA THR U 396 -25.49 17.48 -118.46
C THR U 396 -26.54 17.91 -119.50
N VAL U 397 -26.47 19.15 -119.96
CA VAL U 397 -27.46 19.66 -120.90
C VAL U 397 -27.28 19.02 -122.28
N LEU U 398 -26.03 18.87 -122.71
CA LEU U 398 -25.76 18.35 -124.06
C LEU U 398 -26.21 16.91 -124.18
N GLU U 399 -25.90 16.08 -123.18
CA GLU U 399 -26.31 14.68 -123.24
C GLU U 399 -27.82 14.55 -123.21
N ARG U 400 -28.49 15.43 -122.47
CA ARG U 400 -29.96 15.43 -122.45
C ARG U 400 -30.52 15.80 -123.81
N LEU U 401 -29.87 16.70 -124.53
CA LEU U 401 -30.34 17.07 -125.86
C LEU U 401 -30.10 15.96 -126.86
N MET U 402 -28.93 15.30 -126.79
CA MET U 402 -28.51 14.32 -127.78
C MET U 402 -28.92 12.89 -127.46
N GLU U 403 -29.63 12.68 -126.35
CA GLU U 403 -29.97 11.32 -125.94
C GLU U 403 -30.84 10.60 -126.98
N GLU U 404 -31.70 11.34 -127.68
CA GLU U 404 -32.56 10.71 -128.68
C GLU U 404 -31.77 10.33 -129.92
N ILE U 405 -30.84 11.20 -130.35
CA ILE U 405 -29.99 10.87 -131.48
C ILE U 405 -29.03 9.75 -131.11
N SER U 406 -28.44 9.83 -129.91
CA SER U 406 -27.48 8.82 -129.48
C SER U 406 -28.14 7.46 -129.39
N TYR U 407 -29.44 7.43 -129.12
CA TYR U 407 -30.12 6.15 -129.06
C TYR U 407 -30.38 5.61 -130.48
N ASP U 408 -30.81 6.48 -131.38
CA ASP U 408 -31.21 6.09 -132.73
C ASP U 408 -30.07 6.08 -133.73
N ALA U 409 -28.84 6.43 -133.31
CA ALA U 409 -27.74 6.63 -134.24
C ALA U 409 -27.46 5.40 -135.09
N SER U 410 -27.76 4.21 -134.57
CA SER U 410 -27.55 2.98 -135.35
C SER U 410 -28.47 2.97 -136.58
N ASP U 411 -29.76 3.27 -136.39
CA ASP U 411 -30.71 3.24 -137.48
C ASP U 411 -30.60 4.45 -138.41
N LEU U 412 -29.96 5.52 -137.95
CA LEU U 412 -29.83 6.75 -138.71
C LEU U 412 -28.58 6.79 -139.58
N SER U 413 -27.85 5.68 -139.67
CA SER U 413 -26.61 5.65 -140.45
C SER U 413 -26.85 6.11 -141.88
N GLY U 414 -25.92 6.91 -142.39
CA GLY U 414 -26.04 7.46 -143.73
C GLY U 414 -26.89 8.70 -143.85
N GLN U 415 -27.31 9.30 -142.72
CA GLN U 415 -28.11 10.51 -142.73
C GLN U 415 -27.33 11.66 -142.10
N ASN U 416 -27.69 12.88 -142.51
CA ASN U 416 -27.05 14.09 -142.00
C ASN U 416 -28.04 14.78 -141.08
N ILE U 417 -27.75 14.77 -139.77
CA ILE U 417 -28.58 15.43 -138.76
C ILE U 417 -27.94 16.75 -138.39
N THR U 418 -28.76 17.77 -138.18
CA THR U 418 -28.31 19.10 -137.79
C THR U 418 -29.06 19.56 -136.55
N ILE U 419 -28.32 20.00 -135.54
CA ILE U 419 -28.89 20.51 -134.30
C ILE U 419 -29.08 22.02 -134.49
N ASP U 420 -30.33 22.46 -134.60
CA ASP U 420 -30.65 23.86 -134.81
C ASP U 420 -31.32 24.46 -133.58
N ALA U 421 -31.60 25.76 -133.66
CA ALA U 421 -32.23 26.45 -132.54
C ALA U 421 -33.59 25.86 -132.22
N ASP U 422 -34.35 25.49 -133.25
CA ASP U 422 -35.64 24.85 -133.04
C ASP U 422 -35.50 23.47 -132.39
N TYR U 423 -34.45 22.74 -132.72
CA TYR U 423 -34.22 21.42 -132.12
C TYR U 423 -33.82 21.56 -130.66
N VAL U 424 -33.00 22.56 -130.35
CA VAL U 424 -32.56 22.77 -128.97
C VAL U 424 -33.75 23.13 -128.09
N SER U 425 -34.59 24.05 -128.56
CA SER U 425 -35.76 24.47 -127.78
C SER U 425 -36.76 23.33 -127.62
N LYS U 426 -36.83 22.42 -128.59
CA LYS U 426 -37.81 21.34 -128.53
C LYS U 426 -37.51 20.35 -127.41
N HIS U 427 -36.25 19.97 -127.24
CA HIS U 427 -35.86 18.95 -126.28
C HIS U 427 -35.49 19.51 -124.91
N LEU U 428 -35.40 20.84 -124.78
CA LEU U 428 -34.87 21.46 -123.57
C LEU U 428 -35.87 22.37 -122.89
N ASP U 429 -36.35 23.42 -123.57
CA ASP U 429 -37.12 24.49 -122.94
C ASP U 429 -38.23 23.95 -122.03
N ALA U 430 -38.84 22.83 -122.41
CA ALA U 430 -39.81 22.19 -121.53
C ALA U 430 -39.19 21.77 -120.21
N LEU U 431 -37.92 21.33 -120.25
CA LEU U 431 -37.23 20.92 -119.03
C LEU U 431 -36.71 22.13 -118.25
N VAL U 432 -36.18 23.13 -118.95
CA VAL U 432 -35.63 24.30 -118.27
C VAL U 432 -36.74 25.12 -117.61
N ALA U 433 -37.94 25.10 -118.18
CA ALA U 433 -39.07 25.83 -117.62
C ALA U 433 -39.45 25.31 -116.24
N SER V 1 -19.99 -5.75 -126.68
CA SER V 1 -21.14 -6.20 -127.44
C SER V 1 -21.63 -5.10 -128.37
N GLU V 2 -22.09 -5.49 -129.55
CA GLU V 2 -22.53 -4.54 -130.57
C GLU V 2 -24.04 -4.28 -130.55
N MET V 3 -24.75 -4.81 -129.55
CA MET V 3 -26.20 -4.66 -129.47
C MET V 3 -26.60 -3.18 -129.53
N THR V 4 -27.59 -2.87 -130.35
CA THR V 4 -28.13 -1.53 -130.42
C THR V 4 -28.97 -1.26 -129.18
N PRO V 5 -29.19 0.01 -128.82
CA PRO V 5 -29.93 0.32 -127.58
C PRO V 5 -31.32 -0.29 -127.49
N ARG V 6 -32.06 -0.43 -128.60
CA ARG V 6 -33.36 -1.09 -128.51
C ARG V 6 -33.20 -2.57 -128.19
N GLU V 7 -32.14 -3.20 -128.70
CA GLU V 7 -31.86 -4.59 -128.37
C GLU V 7 -31.52 -4.76 -126.90
N ILE V 8 -30.93 -3.73 -126.28
CA ILE V 8 -30.62 -3.79 -124.86
C ILE V 8 -31.89 -3.71 -124.03
N VAL V 9 -32.77 -2.76 -124.36
CA VAL V 9 -34.02 -2.61 -123.62
C VAL V 9 -34.88 -3.85 -123.76
N SER V 10 -34.92 -4.43 -124.96
CA SER V 10 -35.73 -5.63 -125.19
C SER V 10 -35.23 -6.80 -124.36
N GLU V 11 -33.91 -6.90 -124.17
CA GLU V 11 -33.37 -7.97 -123.32
C GLU V 11 -33.67 -7.69 -121.85
N LEU V 12 -33.61 -6.43 -121.43
CA LEU V 12 -33.94 -6.10 -120.04
C LEU V 12 -35.41 -6.32 -119.73
N ASP V 13 -36.30 -6.16 -120.72
CA ASP V 13 -37.71 -6.44 -120.50
C ASP V 13 -37.97 -7.90 -120.16
N LYS V 14 -37.08 -8.80 -120.56
CA LYS V 14 -37.21 -10.21 -120.18
C LYS V 14 -37.05 -10.42 -118.69
N HIS V 15 -36.41 -9.48 -117.99
CA HIS V 15 -36.21 -9.59 -116.55
C HIS V 15 -36.93 -8.48 -115.80
N ILE V 16 -36.57 -7.22 -116.02
CA ILE V 16 -37.23 -6.09 -115.36
C ILE V 16 -38.56 -5.80 -116.04
N ILE V 17 -39.54 -5.36 -115.25
CA ILE V 17 -40.85 -4.95 -115.74
C ILE V 17 -40.98 -3.44 -115.63
N GLY V 18 -41.37 -2.78 -116.72
CA GLY V 18 -41.55 -1.35 -116.68
C GLY V 18 -40.21 -0.65 -116.54
N GLN V 19 -40.26 0.57 -115.98
CA GLN V 19 -39.05 1.37 -115.75
C GLN V 19 -38.26 1.55 -117.04
N ASP V 20 -38.98 1.78 -118.14
CA ASP V 20 -38.35 1.81 -119.45
C ASP V 20 -37.33 2.95 -119.56
N ASN V 21 -37.61 4.08 -118.90
CA ASN V 21 -36.70 5.22 -118.97
C ASN V 21 -35.33 4.87 -118.39
N ALA V 22 -35.30 4.13 -117.28
CA ALA V 22 -34.04 3.64 -116.75
C ALA V 22 -33.39 2.64 -117.70
N LYS V 23 -34.19 1.83 -118.40
CA LYS V 23 -33.63 0.91 -119.39
C LYS V 23 -33.06 1.67 -120.58
N ARG V 24 -33.77 2.71 -121.05
CA ARG V 24 -33.24 3.50 -122.16
C ARG V 24 -31.98 4.24 -121.75
N SER V 25 -31.92 4.68 -120.49
CA SER V 25 -30.76 5.44 -120.05
C SER V 25 -29.52 4.56 -119.95
N VAL V 26 -29.67 3.36 -119.39
CA VAL V 26 -28.55 2.45 -119.30
C VAL V 26 -28.14 1.95 -120.69
N ALA V 27 -29.08 1.81 -121.61
CA ALA V 27 -28.76 1.34 -122.96
C ALA V 27 -27.88 2.35 -123.70
N ILE V 28 -28.12 3.64 -123.48
CA ILE V 28 -27.30 4.67 -124.12
C ILE V 28 -25.86 4.60 -123.62
N ALA V 29 -25.69 4.28 -122.33
CA ALA V 29 -24.34 4.21 -121.77
C ALA V 29 -23.58 3.01 -122.32
N LEU V 30 -24.21 1.84 -122.38
CA LEU V 30 -23.53 0.67 -122.93
C LEU V 30 -23.25 0.84 -124.41
N ARG V 31 -24.11 1.57 -125.12
CA ARG V 31 -23.87 1.80 -126.55
C ARG V 31 -22.72 2.77 -126.79
N ASN V 32 -22.53 3.74 -125.90
CA ASN V 32 -21.39 4.66 -126.04
C ASN V 32 -20.05 3.94 -125.92
N ARG V 33 -20.02 2.82 -125.20
CA ARG V 33 -18.81 2.00 -125.13
C ARG V 33 -18.38 1.53 -126.52
N TRP V 34 -19.30 0.91 -127.27
CA TRP V 34 -18.99 0.44 -128.61
C TRP V 34 -18.73 1.60 -129.57
N ARG V 35 -19.42 2.72 -129.39
CA ARG V 35 -19.20 3.88 -130.25
C ARG V 35 -17.81 4.46 -130.02
N ARG V 36 -17.30 4.35 -128.80
CA ARG V 36 -16.00 4.93 -128.51
C ARG V 36 -14.90 4.14 -129.19
N MET V 37 -15.00 2.81 -129.19
CA MET V 37 -13.94 1.98 -129.75
C MET V 37 -13.76 2.23 -131.24
N GLN V 38 -14.84 2.61 -131.94
CA GLN V 38 -14.73 2.89 -133.36
C GLN V 38 -14.06 4.23 -133.66
N LEU V 39 -13.86 5.09 -132.67
CA LEU V 39 -13.28 6.41 -132.88
C LEU V 39 -11.75 6.32 -133.01
N ASN V 40 -11.15 7.46 -133.29
CA ASN V 40 -9.71 7.58 -133.46
C ASN V 40 -9.00 7.63 -132.10
N GLU V 41 -7.68 7.71 -132.15
CA GLU V 41 -6.87 7.62 -130.93
C GLU V 41 -7.16 8.78 -129.98
N GLU V 42 -7.40 9.97 -130.51
CA GLU V 42 -7.55 11.15 -129.66
C GLU V 42 -8.90 11.14 -128.93
N LEU V 43 -9.97 10.91 -129.68
CA LEU V 43 -11.31 11.00 -129.12
C LEU V 43 -11.58 9.90 -128.09
N ARG V 44 -10.95 8.74 -128.25
CA ARG V 44 -11.16 7.65 -127.29
C ARG V 44 -10.68 8.03 -125.90
N HIS V 45 -9.68 8.90 -125.81
CA HIS V 45 -9.23 9.40 -124.52
C HIS V 45 -10.13 10.51 -123.99
N GLU V 46 -10.54 11.44 -124.87
CA GLU V 46 -11.33 12.59 -124.43
C GLU V 46 -12.74 12.16 -124.01
N VAL V 47 -13.35 11.23 -124.73
CA VAL V 47 -14.68 10.75 -124.36
C VAL V 47 -14.57 9.91 -123.09
N THR V 48 -15.53 10.09 -122.20
CA THR V 48 -15.60 9.41 -120.92
C THR V 48 -17.00 8.83 -120.75
N PRO V 49 -17.14 7.78 -119.95
CA PRO V 49 -18.45 7.14 -119.84
C PRO V 49 -19.49 8.13 -119.31
N LYS V 50 -20.72 7.96 -119.77
CA LYS V 50 -21.81 8.81 -119.31
C LYS V 50 -22.41 8.11 -118.10
N ASN V 51 -22.11 8.63 -116.92
CA ASN V 51 -22.58 8.02 -115.69
C ASN V 51 -24.05 8.34 -115.45
N ILE V 52 -24.74 7.42 -114.77
CA ILE V 52 -26.17 7.52 -114.56
C ILE V 52 -26.45 7.61 -113.07
N LEU V 53 -27.47 8.39 -112.73
CA LEU V 53 -27.95 8.52 -111.35
C LEU V 53 -29.39 8.04 -111.33
N MET V 54 -29.62 6.87 -110.76
CA MET V 54 -30.98 6.38 -110.57
C MET V 54 -31.63 7.02 -109.36
N ILE V 55 -32.93 7.27 -109.46
CA ILE V 55 -33.69 7.97 -108.43
C ILE V 55 -35.06 7.30 -108.31
N GLY V 56 -35.48 7.04 -107.08
CA GLY V 56 -36.78 6.46 -106.84
C GLY V 56 -36.86 5.73 -105.52
N PRO V 57 -38.05 5.27 -105.17
CA PRO V 57 -38.22 4.50 -103.93
C PRO V 57 -37.54 3.15 -104.02
N THR V 58 -37.22 2.60 -102.86
CA THR V 58 -36.46 1.35 -102.82
C THR V 58 -37.25 0.21 -103.43
N GLY V 59 -36.53 -0.74 -104.02
CA GLY V 59 -37.12 -1.97 -104.49
C GLY V 59 -37.82 -1.90 -105.84
N VAL V 60 -37.60 -0.84 -106.62
CA VAL V 60 -38.29 -0.69 -107.90
C VAL V 60 -37.45 -1.25 -109.05
N GLY V 61 -36.32 -1.86 -108.74
CA GLY V 61 -35.48 -2.49 -109.75
C GLY V 61 -34.28 -1.70 -110.20
N LYS V 62 -33.89 -0.65 -109.47
CA LYS V 62 -32.68 0.08 -109.81
C LYS V 62 -31.47 -0.84 -109.89
N THR V 63 -31.28 -1.68 -108.86
CA THR V 63 -30.12 -2.55 -108.84
C THR V 63 -30.24 -3.66 -109.89
N GLU V 64 -31.45 -4.18 -110.09
CA GLU V 64 -31.63 -5.27 -111.04
C GLU V 64 -31.26 -4.84 -112.45
N ILE V 65 -31.57 -3.59 -112.80
CA ILE V 65 -31.17 -3.07 -114.11
C ILE V 65 -29.65 -3.08 -114.22
N ALA V 66 -28.96 -2.59 -113.20
CA ALA V 66 -27.50 -2.60 -113.21
C ALA V 66 -26.97 -4.02 -113.20
N ARG V 67 -27.64 -4.93 -112.48
CA ARG V 67 -27.18 -6.32 -112.44
C ARG V 67 -27.38 -7.00 -113.79
N ARG V 68 -28.59 -6.90 -114.34
CA ARG V 68 -28.85 -7.49 -115.66
C ARG V 68 -28.06 -6.80 -116.76
N LEU V 69 -27.75 -5.51 -116.60
CA LEU V 69 -26.95 -4.82 -117.61
C LEU V 69 -25.53 -5.36 -117.66
N ALA V 70 -24.88 -5.49 -116.50
CA ALA V 70 -23.54 -6.05 -116.48
C ALA V 70 -23.55 -7.52 -116.87
N LYS V 71 -24.54 -8.27 -116.41
CA LYS V 71 -24.68 -9.67 -116.83
C LYS V 71 -24.94 -9.76 -118.33
N LEU V 72 -25.63 -8.78 -118.90
CA LEU V 72 -25.84 -8.77 -120.35
C LEU V 72 -24.53 -8.52 -121.10
N ALA V 73 -23.69 -7.64 -120.57
CA ALA V 73 -22.42 -7.32 -121.18
C ALA V 73 -21.29 -8.26 -120.76
N ASN V 74 -21.56 -9.19 -119.84
CA ASN V 74 -20.54 -10.05 -119.24
C ASN V 74 -19.44 -9.25 -118.56
N ALA V 75 -19.76 -8.03 -118.13
CA ALA V 75 -18.84 -7.10 -117.52
C ALA V 75 -18.67 -7.39 -116.03
N PRO V 76 -17.53 -7.02 -115.46
CA PRO V 76 -17.39 -7.05 -114.00
C PRO V 76 -18.37 -6.08 -113.36
N PHE V 77 -18.86 -6.44 -112.17
CA PHE V 77 -19.88 -5.66 -111.50
C PHE V 77 -19.69 -5.79 -110.00
N ILE V 78 -20.02 -4.72 -109.28
CA ILE V 78 -20.01 -4.72 -107.83
C ILE V 78 -21.03 -3.69 -107.34
N LYS V 79 -21.72 -4.03 -106.24
CA LYS V 79 -22.61 -3.11 -105.57
C LYS V 79 -22.01 -2.71 -104.24
N VAL V 80 -21.89 -1.40 -104.01
CA VAL V 80 -21.26 -0.87 -102.81
C VAL V 80 -22.22 0.12 -102.16
N GLU V 81 -22.39 -0.02 -100.83
CA GLU V 81 -23.20 0.90 -100.07
C GLU V 81 -22.35 2.12 -99.70
N ALA V 82 -22.80 3.30 -100.12
CA ALA V 82 -22.02 4.51 -99.89
C ALA V 82 -21.84 4.80 -98.40
N THR V 83 -22.77 4.34 -97.57
CA THR V 83 -22.67 4.58 -96.13
C THR V 83 -21.60 3.74 -95.46
N LYS V 84 -21.04 2.75 -96.15
CA LYS V 84 -19.98 1.93 -95.57
C LYS V 84 -18.75 2.78 -95.23
N PHE V 85 -18.52 3.85 -95.97
CA PHE V 85 -17.33 4.67 -95.82
C PHE V 85 -17.49 5.83 -94.84
N THR V 86 -18.66 5.96 -94.23
CA THR V 86 -18.89 7.01 -93.23
C THR V 86 -18.04 6.78 -91.99
N GLY V 92 -11.89 3.37 -90.39
CA GLY V 92 -12.81 2.99 -91.44
C GLY V 92 -12.11 2.47 -92.69
N LYS V 93 -12.89 1.93 -93.62
CA LYS V 93 -12.34 1.38 -94.86
C LYS V 93 -12.01 2.49 -95.85
N GLU V 94 -11.01 2.22 -96.69
CA GLU V 94 -10.61 3.15 -97.73
C GLU V 94 -11.52 3.03 -98.95
N VAL V 95 -11.70 4.15 -99.65
CA VAL V 95 -12.57 4.16 -100.83
C VAL V 95 -11.96 3.34 -101.97
N ASP V 96 -10.64 3.18 -101.99
CA ASP V 96 -9.99 2.44 -103.07
C ASP V 96 -10.37 0.97 -103.09
N SER V 97 -10.94 0.44 -101.99
CA SER V 97 -11.33 -0.96 -101.95
C SER V 97 -12.37 -1.31 -102.99
N ILE V 98 -13.15 -0.33 -103.47
CA ILE V 98 -14.15 -0.59 -104.50
C ILE V 98 -13.50 -1.20 -105.74
N ILE V 99 -12.43 -0.57 -106.23
CA ILE V 99 -11.74 -1.10 -107.40
C ILE V 99 -11.06 -2.42 -107.08
N ARG V 100 -10.57 -2.59 -105.84
CA ARG V 100 -9.93 -3.84 -105.45
C ARG V 100 -10.93 -4.98 -105.47
N ASP V 101 -12.09 -4.77 -104.83
CA ASP V 101 -13.12 -5.81 -104.81
C ASP V 101 -13.71 -6.04 -106.19
N LEU V 102 -13.76 -5.00 -107.03
CA LEU V 102 -14.25 -5.19 -108.39
C LEU V 102 -13.33 -6.08 -109.20
N THR V 103 -12.01 -5.88 -109.08
CA THR V 103 -11.06 -6.73 -109.77
C THR V 103 -11.10 -8.15 -109.26
N ASP V 104 -11.34 -8.34 -107.96
CA ASP V 104 -11.44 -9.69 -107.40
C ASP V 104 -12.67 -10.43 -107.94
N ALA V 105 -13.76 -9.71 -108.21
CA ALA V 105 -14.88 -10.31 -108.89
C ALA V 105 -14.57 -10.56 -110.35
N ALA V 106 -13.84 -9.63 -111.00
CA ALA V 106 -13.44 -9.82 -112.38
C ALA V 106 -12.44 -10.97 -112.53
N VAL V 107 -11.60 -11.19 -111.51
CA VAL V 107 -10.65 -12.31 -111.56
C VAL V 107 -11.41 -13.63 -111.56
N LYS V 108 -12.32 -13.80 -110.59
CA LYS V 108 -13.10 -15.03 -110.53
C LYS V 108 -14.02 -15.19 -111.73
N MET V 109 -14.43 -14.06 -112.33
CA MET V 109 -15.30 -14.14 -113.50
C MET V 109 -14.53 -14.63 -114.72
N VAL V 110 -13.36 -14.04 -115.00
CA VAL V 110 -12.57 -14.48 -116.15
C VAL V 110 -11.99 -15.86 -115.92
N ARG V 111 -11.74 -16.24 -114.67
CA ARG V 111 -11.15 -17.55 -114.39
C ARG V 111 -12.16 -18.68 -114.62
N VAL V 112 -13.35 -18.56 -114.02
CA VAL V 112 -14.37 -19.59 -114.22
C VAL V 112 -14.78 -19.66 -115.69
N GLN V 113 -14.80 -18.52 -116.37
CA GLN V 113 -15.10 -18.51 -117.80
C GLN V 113 -13.96 -19.13 -118.62
N ALA V 114 -12.72 -18.97 -118.15
CA ALA V 114 -11.61 -19.66 -118.82
C ALA V 114 -11.64 -21.16 -118.57
N ILE V 115 -12.18 -21.57 -117.41
CA ILE V 115 -12.36 -23.00 -117.13
C ILE V 115 -13.35 -23.61 -118.11
N GLU V 116 -14.35 -22.84 -118.55
CA GLU V 116 -15.33 -23.35 -119.49
C GLU V 116 -14.71 -23.67 -120.85
N LYS V 117 -13.65 -22.97 -121.22
CA LYS V 117 -12.97 -23.26 -122.49
C LYS V 117 -12.11 -24.51 -122.37
N ASN V 118 -11.51 -24.73 -121.21
CA ASN V 118 -10.64 -25.88 -120.99
C ASN V 118 -11.40 -27.15 -120.64
N ARG V 119 -12.67 -27.04 -120.25
CA ARG V 119 -13.44 -28.22 -119.85
C ARG V 119 -13.55 -29.22 -121.00
N TYR V 120 -13.53 -28.75 -122.24
CA TYR V 120 -13.68 -29.62 -123.39
C TYR V 120 -12.35 -30.27 -123.78
N ARG V 121 -11.36 -29.46 -124.16
CA ARG V 121 -10.09 -29.99 -124.64
C ARG V 121 -9.42 -30.89 -123.61
N ALA V 122 -9.50 -30.53 -122.34
CA ALA V 122 -8.79 -31.29 -121.31
C ALA V 122 -9.33 -32.71 -121.18
N GLU V 123 -10.64 -32.89 -121.40
CA GLU V 123 -11.20 -34.24 -121.35
C GLU V 123 -10.64 -35.12 -122.47
N GLU V 124 -10.32 -34.52 -123.61
CA GLU V 124 -9.75 -35.28 -124.72
C GLU V 124 -8.30 -35.65 -124.43
N SER V 152 -5.99 -47.79 -132.03
CA SER V 152 -5.99 -49.24 -131.91
C SER V 152 -7.36 -49.75 -131.48
N ALA V 153 -7.65 -51.03 -131.77
CA ALA V 153 -8.91 -51.61 -131.35
C ALA V 153 -9.01 -51.67 -129.83
N ALA V 154 -7.92 -52.05 -129.16
CA ALA V 154 -7.91 -52.02 -127.70
C ALA V 154 -7.94 -50.59 -127.17
N ARG V 155 -7.39 -49.64 -127.93
CA ARG V 155 -7.45 -48.24 -127.53
C ARG V 155 -8.90 -47.75 -127.46
N GLN V 156 -9.74 -48.21 -128.40
CA GLN V 156 -11.15 -47.88 -128.36
C GLN V 156 -11.92 -48.76 -127.37
N ALA V 157 -11.52 -50.02 -127.25
CA ALA V 157 -12.20 -50.93 -126.31
C ALA V 157 -12.06 -50.43 -124.87
N PHE V 158 -10.90 -49.86 -124.53
CA PHE V 158 -10.74 -49.22 -123.23
C PHE V 158 -11.39 -47.84 -123.18
N ARG V 159 -11.38 -47.11 -124.30
CA ARG V 159 -12.02 -45.79 -124.33
C ARG V 159 -13.53 -45.90 -124.12
N LYS V 160 -14.14 -47.01 -124.54
CA LYS V 160 -15.57 -47.19 -124.33
C LYS V 160 -15.88 -47.48 -122.86
N LYS V 161 -15.12 -48.39 -122.24
CA LYS V 161 -15.33 -48.70 -120.83
C LYS V 161 -15.06 -47.50 -119.94
N LEU V 162 -14.18 -46.59 -120.39
CA LEU V 162 -13.90 -45.39 -119.61
C LEU V 162 -15.08 -44.44 -119.59
N ARG V 163 -15.64 -44.14 -120.77
CA ARG V 163 -16.79 -43.25 -120.84
C ARG V 163 -18.01 -43.85 -120.14
N GLU V 164 -18.11 -45.18 -120.12
CA GLU V 164 -19.19 -45.85 -119.41
C GLU V 164 -19.07 -45.70 -117.90
N GLY V 165 -17.90 -45.30 -117.40
CA GLY V 165 -17.69 -45.13 -115.98
C GLY V 165 -16.85 -46.23 -115.37
N ILE V 217 -7.41 -44.79 -109.44
CA ILE V 217 -7.76 -44.71 -110.86
C ILE V 217 -8.82 -43.64 -111.10
N LYS V 218 -9.93 -43.74 -110.38
CA LYS V 218 -11.03 -42.79 -110.55
C LYS V 218 -10.63 -41.38 -110.17
N ASP V 219 -9.71 -41.24 -109.20
CA ASP V 219 -9.23 -39.92 -108.81
C ASP V 219 -8.30 -39.31 -109.84
N ALA V 220 -7.67 -40.14 -110.68
CA ALA V 220 -6.64 -39.65 -111.59
C ALA V 220 -7.23 -38.77 -112.70
N MET V 221 -8.46 -39.05 -113.12
CA MET V 221 -9.07 -38.26 -114.19
C MET V 221 -9.23 -36.80 -113.79
N LYS V 222 -9.40 -36.53 -112.49
CA LYS V 222 -9.56 -35.15 -112.02
C LYS V 222 -8.23 -34.40 -111.99
N LEU V 223 -7.14 -35.10 -111.64
CA LEU V 223 -5.84 -34.44 -111.58
C LEU V 223 -5.36 -34.01 -112.97
N LEU V 224 -5.67 -34.79 -114.00
CA LEU V 224 -5.22 -34.44 -115.35
C LEU V 224 -5.98 -33.23 -115.89
N ILE V 225 -7.19 -32.98 -115.40
CA ILE V 225 -7.94 -31.79 -115.81
C ILE V 225 -7.20 -30.53 -115.37
N GLU V 226 -6.60 -30.56 -114.18
CA GLU V 226 -5.82 -29.42 -113.72
C GLU V 226 -4.56 -29.22 -114.56
N GLU V 227 -3.78 -30.29 -114.75
CA GLU V 227 -2.52 -30.18 -115.48
C GLU V 227 -2.76 -29.78 -116.94
N GLU V 228 -3.81 -30.32 -117.56
CA GLU V 228 -4.09 -29.98 -118.95
C GLU V 228 -4.68 -28.57 -119.08
N ALA V 229 -5.64 -28.23 -118.22
CA ALA V 229 -6.19 -26.88 -118.24
C ALA V 229 -5.11 -25.84 -117.92
N ALA V 230 -4.20 -26.17 -117.01
CA ALA V 230 -3.05 -25.30 -116.77
C ALA V 230 -2.13 -25.27 -117.99
N LYS V 231 -1.98 -26.41 -118.67
CA LYS V 231 -1.18 -26.44 -119.89
C LYS V 231 -1.87 -25.68 -121.02
N LEU V 232 -3.20 -25.70 -121.06
CA LEU V 232 -3.94 -24.97 -122.08
C LEU V 232 -4.11 -23.49 -121.74
N VAL V 233 -4.24 -23.15 -120.45
CA VAL V 233 -4.51 -21.77 -120.06
C VAL V 233 -3.23 -20.94 -120.16
N ASN V 234 -3.42 -19.62 -120.24
CA ASN V 234 -2.31 -18.66 -120.35
C ASN V 234 -2.48 -17.60 -119.27
N PRO V 235 -1.82 -17.76 -118.09
CA PRO V 235 -2.12 -16.87 -116.95
C PRO V 235 -1.82 -15.38 -117.16
N GLU V 236 -0.76 -15.04 -117.92
CA GLU V 236 -0.50 -13.63 -118.21
C GLU V 236 -1.56 -13.02 -119.11
N GLU V 237 -2.26 -13.84 -119.88
CA GLU V 237 -3.42 -13.38 -120.63
C GLU V 237 -4.70 -13.41 -119.81
N LEU V 238 -4.69 -14.04 -118.63
CA LEU V 238 -5.88 -14.15 -117.78
C LEU V 238 -5.93 -13.08 -116.70
N LYS V 239 -4.93 -13.03 -115.80
CA LYS V 239 -4.88 -11.99 -114.79
C LYS V 239 -4.84 -10.59 -115.41
N GLN V 240 -4.25 -10.47 -116.60
CA GLN V 240 -4.30 -9.23 -117.37
C GLN V 240 -5.62 -9.06 -118.10
N ASP V 241 -6.39 -10.14 -118.28
CA ASP V 241 -7.71 -10.02 -118.91
C ASP V 241 -8.73 -9.41 -117.94
N ALA V 242 -8.68 -9.81 -116.67
CA ALA V 242 -9.57 -9.22 -115.68
C ALA V 242 -9.31 -7.74 -115.54
N ILE V 243 -8.05 -7.31 -115.71
CA ILE V 243 -7.73 -5.88 -115.72
C ILE V 243 -8.34 -5.18 -116.94
N ASP V 244 -8.21 -5.79 -118.13
CA ASP V 244 -8.86 -5.22 -119.31
C ASP V 244 -10.38 -5.27 -119.18
N ALA V 245 -10.91 -6.31 -118.54
CA ALA V 245 -12.34 -6.39 -118.31
C ALA V 245 -12.82 -5.32 -117.34
N VAL V 246 -11.99 -4.98 -116.34
CA VAL V 246 -12.36 -3.93 -115.40
C VAL V 246 -12.22 -2.55 -116.05
N GLU V 247 -11.08 -2.30 -116.71
CA GLU V 247 -10.84 -0.98 -117.27
C GLU V 247 -11.82 -0.68 -118.39
N GLN V 248 -12.00 -1.62 -119.32
CA GLN V 248 -12.85 -1.37 -120.47
C GLN V 248 -14.33 -1.54 -120.15
N HIS V 249 -14.68 -2.67 -119.54
CA HIS V 249 -16.08 -3.05 -119.37
C HIS V 249 -16.62 -2.82 -117.96
N GLY V 250 -15.80 -2.35 -117.03
CA GLY V 250 -16.19 -2.39 -115.63
C GLY V 250 -17.42 -1.55 -115.33
N ILE V 251 -18.18 -2.01 -114.33
CA ILE V 251 -19.39 -1.32 -113.88
C ILE V 251 -19.42 -1.37 -112.36
N VAL V 252 -19.87 -0.27 -111.75
CA VAL V 252 -19.98 -0.15 -110.30
C VAL V 252 -21.32 0.51 -109.99
N PHE V 253 -22.05 -0.07 -109.05
CA PHE V 253 -23.33 0.45 -108.59
C PHE V 253 -23.15 0.94 -107.15
N ILE V 254 -23.38 2.23 -106.95
CA ILE V 254 -23.27 2.85 -105.63
C ILE V 254 -24.70 3.08 -105.15
N ASP V 255 -25.13 2.24 -104.20
CA ASP V 255 -26.48 2.33 -103.66
C ASP V 255 -26.54 3.47 -102.65
N GLU V 256 -27.76 3.99 -102.45
CA GLU V 256 -28.07 4.95 -101.39
C GLU V 256 -27.08 6.12 -101.34
N ILE V 257 -26.76 6.67 -102.52
CA ILE V 257 -25.87 7.82 -102.59
C ILE V 257 -26.51 9.07 -101.99
N ASP V 258 -27.85 9.13 -101.94
CA ASP V 258 -28.52 10.32 -101.41
C ASP V 258 -28.22 10.52 -99.93
N LYS V 259 -27.84 9.47 -99.23
CA LYS V 259 -27.63 9.57 -97.78
C LYS V 259 -26.30 10.23 -97.42
N ILE V 260 -25.39 10.40 -98.38
CA ILE V 260 -24.14 11.12 -98.11
C ILE V 260 -24.22 12.59 -98.45
N CYS V 261 -25.39 13.08 -98.84
CA CYS V 261 -25.57 14.51 -99.09
C CYS V 261 -25.64 15.26 -97.77
N PRO V 269 -21.93 15.66 -89.24
CA PRO V 269 -22.04 14.63 -90.27
C PRO V 269 -21.82 15.17 -91.68
N ASP V 270 -22.19 16.43 -91.92
CA ASP V 270 -22.07 17.01 -93.26
C ASP V 270 -20.62 17.01 -93.75
N VAL V 271 -19.65 17.12 -92.83
CA VAL V 271 -18.25 17.02 -93.24
C VAL V 271 -17.89 15.57 -93.57
N SER V 272 -18.29 14.63 -92.73
CA SER V 272 -18.05 13.22 -93.00
C SER V 272 -18.87 12.72 -94.19
N ARG V 273 -20.07 13.24 -94.39
CA ARG V 273 -20.88 12.84 -95.54
C ARG V 273 -20.26 13.33 -96.84
N GLU V 274 -20.00 14.64 -96.93
CA GLU V 274 -19.37 15.21 -98.11
C GLU V 274 -17.92 14.79 -98.26
N GLY V 275 -17.27 14.36 -97.18
CA GLY V 275 -15.93 13.83 -97.29
C GLY V 275 -15.87 12.55 -98.09
N VAL V 276 -16.90 11.71 -97.96
CA VAL V 276 -16.98 10.49 -98.78
C VAL V 276 -17.11 10.85 -100.25
N GLN V 277 -17.80 11.95 -100.56
CA GLN V 277 -17.94 12.38 -101.95
C GLN V 277 -16.59 12.76 -102.53
N ARG V 278 -15.80 13.52 -101.78
CA ARG V 278 -14.47 13.90 -102.25
C ARG V 278 -13.57 12.67 -102.40
N ASP V 279 -13.74 11.68 -101.52
CA ASP V 279 -12.98 10.44 -101.65
C ASP V 279 -13.39 9.66 -102.89
N LEU V 280 -14.69 9.71 -103.24
CA LEU V 280 -15.17 9.06 -104.47
C LEU V 280 -14.76 9.82 -105.72
N LEU V 281 -14.48 11.13 -105.59
CA LEU V 281 -14.25 11.97 -106.75
C LEU V 281 -13.16 11.48 -107.69
N PRO V 282 -11.97 11.08 -107.22
CA PRO V 282 -10.93 10.63 -108.18
C PRO V 282 -11.36 9.45 -109.03
N LEU V 283 -12.18 8.55 -108.50
CA LEU V 283 -12.55 7.37 -109.26
C LEU V 283 -13.36 7.72 -110.50
N VAL V 284 -14.23 8.72 -110.40
CA VAL V 284 -15.06 9.12 -111.55
C VAL V 284 -14.31 10.08 -112.46
N GLU V 285 -13.57 11.02 -111.88
CA GLU V 285 -12.74 11.92 -112.68
C GLU V 285 -11.59 11.18 -113.33
N GLY V 286 -11.30 9.97 -112.87
CA GLY V 286 -10.23 9.15 -113.38
C GLY V 286 -9.03 9.19 -112.45
N CYS V 287 -8.36 8.06 -112.31
CA CYS V 287 -7.23 7.91 -111.40
C CYS V 287 -6.62 6.53 -111.67
N THR V 288 -5.63 6.16 -110.87
CA THR V 288 -5.02 4.85 -110.95
C THR V 288 -4.93 4.28 -109.53
N VAL V 289 -5.38 3.03 -109.38
CA VAL V 289 -5.39 2.35 -108.09
C VAL V 289 -4.52 1.10 -108.19
N SER V 290 -3.76 0.84 -107.13
CA SER V 290 -2.87 -0.31 -107.08
C SER V 290 -3.59 -1.50 -106.46
N THR V 291 -3.42 -2.67 -107.08
CA THR V 291 -3.98 -3.92 -106.58
C THR V 291 -2.93 -5.01 -106.73
N LYS V 292 -3.08 -6.05 -105.91
CA LYS V 292 -2.16 -7.19 -106.01
C LYS V 292 -2.24 -7.85 -107.39
N HIS V 293 -3.41 -7.82 -108.03
CA HIS V 293 -3.56 -8.38 -109.37
C HIS V 293 -2.94 -7.51 -110.44
N GLY V 294 -2.78 -6.21 -110.18
CA GLY V 294 -2.19 -5.31 -111.16
C GLY V 294 -2.56 -3.88 -110.85
N MET V 295 -2.27 -3.01 -111.82
CA MET V 295 -2.49 -1.58 -111.71
C MET V 295 -3.64 -1.20 -112.65
N VAL V 296 -4.74 -0.73 -112.07
CA VAL V 296 -5.97 -0.47 -112.82
C VAL V 296 -6.19 1.03 -112.92
N LYS V 297 -6.77 1.46 -114.05
CA LYS V 297 -7.16 2.85 -114.27
C LYS V 297 -8.68 2.93 -114.38
N THR V 298 -9.25 3.93 -113.72
CA THR V 298 -10.70 4.07 -113.54
C THR V 298 -11.35 4.98 -114.58
N ASP V 299 -10.59 5.47 -115.56
CA ASP V 299 -11.10 6.54 -116.42
C ASP V 299 -12.35 6.10 -117.18
N HIS V 300 -12.35 4.88 -117.72
CA HIS V 300 -13.42 4.42 -118.60
C HIS V 300 -14.43 3.53 -117.90
N ILE V 301 -14.31 3.35 -116.59
CA ILE V 301 -15.29 2.57 -115.86
C ILE V 301 -16.62 3.30 -115.82
N LEU V 302 -17.72 2.54 -115.97
CA LEU V 302 -19.06 3.08 -115.84
C LEU V 302 -19.57 2.91 -114.42
N PHE V 303 -20.32 3.89 -113.94
CA PHE V 303 -20.82 3.89 -112.58
C PHE V 303 -22.32 4.19 -112.61
N ILE V 304 -23.04 3.61 -111.64
CA ILE V 304 -24.46 3.84 -111.49
C ILE V 304 -24.70 4.14 -110.02
N ALA V 305 -25.12 5.37 -109.71
CA ALA V 305 -25.49 5.77 -108.36
C ALA V 305 -27.00 5.76 -108.22
N SER V 306 -27.48 5.42 -107.02
CA SER V 306 -28.90 5.34 -106.75
C SER V 306 -29.20 5.88 -105.36
N GLY V 307 -30.38 6.48 -105.23
CA GLY V 307 -30.86 6.98 -103.96
C GLY V 307 -32.32 7.39 -104.02
N ALA V 308 -33.01 7.34 -102.88
CA ALA V 308 -34.40 7.78 -102.86
C ALA V 308 -34.51 9.30 -103.05
N PHE V 309 -33.53 10.04 -102.53
CA PHE V 309 -33.49 11.50 -102.64
C PHE V 309 -34.77 12.16 -102.12
N GLN V 310 -35.37 11.56 -101.09
CA GLN V 310 -36.48 12.19 -100.41
C GLN V 310 -36.01 13.19 -99.36
N ILE V 311 -34.92 12.88 -98.66
CA ILE V 311 -34.36 13.82 -97.69
C ILE V 311 -33.55 14.91 -98.38
N ALA V 312 -32.78 14.54 -99.39
CA ALA V 312 -31.90 15.46 -100.11
C ALA V 312 -32.20 15.39 -101.60
N LYS V 313 -31.47 16.17 -102.38
CA LYS V 313 -31.63 16.23 -103.83
C LYS V 313 -30.28 16.10 -104.48
N PRO V 314 -30.22 15.67 -105.75
CA PRO V 314 -28.93 15.59 -106.45
C PRO V 314 -28.17 16.90 -106.46
N SER V 315 -28.89 18.04 -106.41
CA SER V 315 -28.22 19.33 -106.32
C SER V 315 -27.38 19.44 -105.05
N ASP V 316 -27.74 18.70 -103.99
CA ASP V 316 -26.98 18.75 -102.75
C ASP V 316 -25.63 18.06 -102.87
N LEU V 317 -25.38 17.30 -103.94
CA LEU V 317 -24.08 16.70 -104.16
C LEU V 317 -23.05 17.77 -104.49
N ILE V 318 -21.78 17.45 -104.23
CA ILE V 318 -20.70 18.40 -104.47
C ILE V 318 -20.65 18.70 -105.98
N PRO V 319 -20.28 19.92 -106.37
CA PRO V 319 -20.37 20.27 -107.81
C PRO V 319 -19.52 19.39 -108.71
N GLU V 320 -18.35 18.95 -108.26
CA GLU V 320 -17.51 18.09 -109.08
C GLU V 320 -18.19 16.74 -109.33
N LEU V 321 -19.06 16.32 -108.40
CA LEU V 321 -19.76 15.05 -108.58
C LEU V 321 -20.98 15.19 -109.47
N GLN V 322 -21.66 16.34 -109.41
CA GLN V 322 -22.85 16.54 -110.25
C GLN V 322 -22.50 16.53 -111.72
N GLY V 323 -21.32 17.04 -112.09
CA GLY V 323 -20.92 17.06 -113.48
C GLY V 323 -20.38 15.74 -113.98
N ARG V 324 -20.10 14.81 -113.08
CA ARG V 324 -19.66 13.48 -113.44
C ARG V 324 -20.81 12.49 -113.56
N LEU V 325 -22.06 12.95 -113.47
CA LEU V 325 -23.24 12.10 -113.62
C LEU V 325 -24.13 12.71 -114.70
N PRO V 326 -23.71 12.65 -115.96
CA PRO V 326 -24.45 13.35 -117.02
C PRO V 326 -25.88 12.87 -117.20
N ILE V 327 -26.16 11.59 -116.99
CA ILE V 327 -27.47 11.01 -117.24
C ILE V 327 -28.23 10.88 -115.93
N ARG V 328 -29.45 11.40 -115.90
CA ARG V 328 -30.33 11.31 -114.74
C ARG V 328 -31.62 10.66 -115.18
N VAL V 329 -32.17 9.81 -114.31
CA VAL V 329 -33.43 9.14 -114.58
C VAL V 329 -34.12 8.84 -113.26
N GLU V 330 -35.44 8.98 -113.24
CA GLU V 330 -36.26 8.64 -112.09
C GLU V 330 -37.04 7.36 -112.39
N LEU V 331 -37.05 6.43 -111.44
CA LEU V 331 -37.77 5.18 -111.58
C LEU V 331 -39.11 5.28 -110.86
N GLN V 332 -40.18 4.87 -111.55
CA GLN V 332 -41.54 5.02 -111.05
C GLN V 332 -41.92 3.93 -110.05
N ALA V 333 -42.83 4.30 -109.15
CA ALA V 333 -43.46 3.34 -108.23
C ALA V 333 -44.47 2.45 -108.94
N LEU V 334 -44.43 1.16 -108.58
CA LEU V 334 -45.30 0.18 -109.19
C LEU V 334 -46.73 0.29 -108.65
N THR V 335 -47.72 0.14 -109.53
CA THR V 335 -49.11 0.18 -109.14
C THR V 335 -49.62 -1.25 -108.90
N THR V 336 -50.89 -1.36 -108.52
CA THR V 336 -51.50 -2.68 -108.34
C THR V 336 -51.52 -3.47 -109.63
N SER V 337 -51.76 -2.80 -110.76
CA SER V 337 -51.73 -3.48 -112.05
C SER V 337 -50.32 -3.95 -112.38
N ASP V 338 -49.31 -3.16 -112.03
CA ASP V 338 -47.93 -3.57 -112.27
C ASP V 338 -47.55 -4.75 -111.38
N PHE V 339 -48.07 -4.81 -110.16
CA PHE V 339 -47.82 -5.97 -109.31
C PHE V 339 -48.34 -7.24 -109.96
N GLU V 340 -49.52 -7.17 -110.57
CA GLU V 340 -50.06 -8.34 -111.26
C GLU V 340 -49.18 -8.75 -112.43
N ARG V 341 -48.57 -7.77 -113.11
CA ARG V 341 -47.68 -8.09 -114.21
C ARG V 341 -46.37 -8.69 -113.71
N ILE V 342 -45.83 -8.15 -112.61
CA ILE V 342 -44.57 -8.64 -112.06
C ILE V 342 -44.70 -10.09 -111.60
N LEU V 343 -45.88 -10.50 -111.15
CA LEU V 343 -46.07 -11.86 -110.66
C LEU V 343 -45.98 -12.90 -111.77
N THR V 344 -46.30 -12.52 -113.02
CA THR V 344 -46.49 -13.49 -114.09
C THR V 344 -45.58 -13.17 -115.28
N GLU V 345 -45.74 -11.97 -115.84
CA GLU V 345 -45.06 -11.60 -117.08
C GLU V 345 -43.55 -11.82 -117.10
N PRO V 346 -42.77 -11.47 -116.07
CA PRO V 346 -41.31 -11.60 -116.19
C PRO V 346 -40.90 -13.04 -116.43
N ASN V 347 -39.85 -13.22 -117.22
CA ASN V 347 -39.26 -14.54 -117.37
C ASN V 347 -38.75 -14.99 -116.01
N ALA V 348 -39.06 -16.23 -115.63
CA ALA V 348 -38.73 -16.76 -114.32
C ALA V 348 -39.31 -15.90 -113.19
N SER V 349 -40.57 -15.50 -113.36
CA SER V 349 -41.25 -14.73 -112.34
C SER V 349 -41.49 -15.59 -111.10
N ILE V 350 -41.68 -14.92 -109.97
CA ILE V 350 -41.78 -15.62 -108.69
C ILE V 350 -42.93 -16.63 -108.67
N THR V 351 -44.02 -16.34 -109.39
CA THR V 351 -45.08 -17.35 -109.51
C THR V 351 -44.61 -18.55 -110.32
N VAL V 352 -43.88 -18.30 -111.41
CA VAL V 352 -43.30 -19.41 -112.19
C VAL V 352 -42.27 -20.17 -111.36
N GLN V 353 -41.54 -19.48 -110.50
CA GLN V 353 -40.56 -20.16 -109.65
C GLN V 353 -41.24 -21.10 -108.66
N TYR V 354 -42.32 -20.64 -108.02
CA TYR V 354 -43.06 -21.51 -107.10
C TYR V 354 -43.71 -22.67 -107.83
N LYS V 355 -44.12 -22.47 -109.08
CA LYS V 355 -44.75 -23.54 -109.84
C LYS V 355 -43.74 -24.65 -110.13
N ALA V 356 -42.55 -24.27 -110.62
CA ALA V 356 -41.52 -25.27 -110.89
C ALA V 356 -40.99 -25.91 -109.62
N LEU V 357 -40.96 -25.17 -108.51
CA LEU V 357 -40.50 -25.76 -107.25
C LEU V 357 -41.46 -26.86 -106.77
N MET V 358 -42.77 -26.57 -106.77
CA MET V 358 -43.74 -27.59 -106.41
C MET V 358 -43.80 -28.72 -107.44
N ALA V 359 -43.45 -28.43 -108.70
CA ALA V 359 -43.36 -29.47 -109.70
C ALA V 359 -42.29 -30.49 -109.36
N THR V 360 -41.22 -30.05 -108.67
CA THR V 360 -40.18 -30.98 -108.26
C THR V 360 -40.74 -32.03 -107.31
N GLU V 361 -41.72 -31.66 -106.50
CA GLU V 361 -42.37 -32.59 -105.58
C GLU V 361 -43.52 -33.37 -106.25
N GLY V 362 -43.75 -33.17 -107.54
CA GLY V 362 -44.84 -33.83 -108.23
C GLY V 362 -46.18 -33.12 -108.17
N VAL V 363 -46.23 -31.90 -107.65
CA VAL V 363 -47.46 -31.14 -107.53
C VAL V 363 -47.53 -30.12 -108.65
N ASN V 364 -48.74 -29.84 -109.11
CA ASN V 364 -48.98 -28.88 -110.19
C ASN V 364 -49.74 -27.69 -109.61
N ILE V 365 -49.06 -26.55 -109.52
CA ILE V 365 -49.66 -25.32 -109.03
C ILE V 365 -50.21 -24.54 -110.23
N GLU V 366 -51.36 -23.91 -110.03
CA GLU V 366 -51.96 -23.04 -111.04
C GLU V 366 -52.64 -21.88 -110.32
N PHE V 367 -52.36 -20.67 -110.78
CA PHE V 367 -52.91 -19.45 -110.19
C PHE V 367 -53.98 -18.88 -111.12
N THR V 368 -55.15 -18.59 -110.56
CA THR V 368 -56.20 -17.93 -111.32
C THR V 368 -55.88 -16.44 -111.46
N ASP V 369 -56.43 -15.84 -112.52
CA ASP V 369 -56.23 -14.40 -112.73
C ASP V 369 -56.76 -13.60 -111.54
N SER V 370 -57.91 -13.99 -111.00
CA SER V 370 -58.42 -13.33 -109.81
C SER V 370 -57.57 -13.66 -108.59
N GLY V 371 -56.95 -14.83 -108.56
CA GLY V 371 -56.05 -15.15 -107.47
C GLY V 371 -54.77 -14.34 -107.51
N ILE V 372 -54.25 -14.13 -108.72
CA ILE V 372 -53.13 -13.21 -108.89
C ILE V 372 -53.56 -11.78 -108.57
N LYS V 373 -54.78 -11.40 -108.94
CA LYS V 373 -55.26 -10.05 -108.71
C LYS V 373 -55.38 -9.75 -107.23
N ARG V 374 -55.78 -10.74 -106.43
CA ARG V 374 -55.95 -10.53 -105.00
C ARG V 374 -54.63 -10.62 -104.23
N ILE V 375 -53.59 -11.20 -104.83
CA ILE V 375 -52.28 -11.16 -104.21
C ILE V 375 -51.68 -9.76 -104.35
N ALA V 376 -51.80 -9.17 -105.54
CA ALA V 376 -51.32 -7.81 -105.75
C ALA V 376 -52.07 -6.83 -104.88
N GLU V 377 -53.39 -7.02 -104.72
CA GLU V 377 -54.17 -6.18 -103.82
C GLU V 377 -53.74 -6.37 -102.36
N ALA V 378 -53.31 -7.59 -102.00
CA ALA V 378 -52.86 -7.82 -100.64
C ALA V 378 -51.54 -7.10 -100.36
N ALA V 379 -50.59 -7.20 -101.28
CA ALA V 379 -49.31 -6.52 -101.11
C ALA V 379 -49.46 -5.01 -101.13
N TRP V 380 -50.40 -4.49 -101.92
CA TRP V 380 -50.62 -3.06 -101.96
C TRP V 380 -51.19 -2.55 -100.63
N GLN V 381 -52.11 -3.30 -100.04
CA GLN V 381 -52.74 -2.86 -98.80
C GLN V 381 -51.72 -2.79 -97.66
N VAL V 382 -50.76 -3.71 -97.64
CA VAL V 382 -49.76 -3.69 -96.58
C VAL V 382 -48.83 -2.50 -96.74
N ASN V 383 -48.45 -2.19 -97.99
CA ASN V 383 -47.60 -1.03 -98.23
C ASN V 383 -48.32 0.27 -97.86
N GLU V 384 -49.63 0.34 -98.06
CA GLU V 384 -50.39 1.53 -97.66
C GLU V 384 -50.72 1.51 -96.17
N SER V 385 -51.09 0.34 -95.64
CA SER V 385 -51.48 0.28 -94.22
C SER V 385 -50.31 0.54 -93.29
N THR V 386 -49.09 0.13 -93.66
CA THR V 386 -47.96 0.30 -92.75
C THR V 386 -46.83 1.09 -93.39
N GLU V 387 -46.01 0.42 -94.20
CA GLU V 387 -44.85 1.02 -94.84
C GLU V 387 -44.71 0.50 -96.26
N ASN V 388 -44.35 1.39 -97.19
CA ASN V 388 -44.28 1.04 -98.60
C ASN V 388 -42.86 0.59 -98.92
N ILE V 389 -42.69 -0.71 -99.14
CA ILE V 389 -41.41 -1.29 -99.53
C ILE V 389 -41.33 -1.56 -101.02
N GLY V 390 -42.35 -1.19 -101.78
CA GLY V 390 -42.37 -1.49 -103.20
C GLY V 390 -42.69 -2.94 -103.49
N ALA V 391 -42.22 -3.40 -104.65
CA ALA V 391 -42.53 -4.74 -105.11
C ALA V 391 -41.97 -5.84 -104.21
N ARG V 392 -41.04 -5.52 -103.30
CA ARG V 392 -40.57 -6.54 -102.37
C ARG V 392 -41.71 -7.12 -101.53
N ARG V 393 -42.78 -6.35 -101.33
CA ARG V 393 -43.91 -6.87 -100.55
C ARG V 393 -44.50 -8.11 -101.21
N LEU V 394 -44.38 -8.23 -102.53
CA LEU V 394 -44.91 -9.40 -103.23
C LEU V 394 -44.23 -10.69 -102.77
N HIS V 395 -42.95 -10.62 -102.42
CA HIS V 395 -42.23 -11.82 -101.98
C HIS V 395 -42.74 -12.30 -100.62
N THR V 396 -42.92 -11.38 -99.67
CA THR V 396 -43.36 -11.77 -98.34
C THR V 396 -44.78 -12.30 -98.35
N VAL V 397 -45.65 -11.72 -99.19
CA VAL V 397 -47.05 -12.14 -99.22
C VAL V 397 -47.19 -13.52 -99.87
N LEU V 398 -46.44 -13.77 -100.95
CA LEU V 398 -46.58 -15.03 -101.67
C LEU V 398 -46.11 -16.21 -100.82
N GLU V 399 -44.97 -16.06 -100.15
CA GLU V 399 -44.46 -17.16 -99.32
C GLU V 399 -45.41 -17.44 -98.15
N ARG V 400 -46.02 -16.39 -97.60
CA ARG V 400 -47.00 -16.59 -96.53
C ARG V 400 -48.23 -17.33 -97.04
N LEU V 401 -48.62 -17.10 -98.30
CA LEU V 401 -49.77 -17.80 -98.85
C LEU V 401 -49.44 -19.26 -99.15
N MET V 402 -48.25 -19.51 -99.67
CA MET V 402 -47.85 -20.84 -100.14
C MET V 402 -47.16 -21.68 -99.06
N GLU V 403 -47.01 -21.16 -97.84
CA GLU V 403 -46.29 -21.88 -96.80
C GLU V 403 -46.93 -23.22 -96.47
N GLU V 404 -48.26 -23.31 -96.55
CA GLU V 404 -48.94 -24.56 -96.24
C GLU V 404 -48.74 -25.58 -97.36
N ILE V 405 -48.79 -25.14 -98.62
CA ILE V 405 -48.53 -26.03 -99.73
C ILE V 405 -47.07 -26.44 -99.78
N SER V 406 -46.16 -25.47 -99.56
CA SER V 406 -44.73 -25.76 -99.64
C SER V 406 -44.32 -26.81 -98.61
N TYR V 407 -45.00 -26.84 -97.46
CA TYR V 407 -44.67 -27.90 -96.51
C TYR V 407 -45.28 -29.23 -96.92
N ASP V 408 -46.53 -29.23 -97.39
CA ASP V 408 -47.23 -30.47 -97.67
C ASP V 408 -46.95 -31.01 -99.06
N ALA V 409 -46.11 -30.32 -99.84
CA ALA V 409 -45.89 -30.69 -101.24
C ALA V 409 -45.41 -32.13 -101.37
N SER V 410 -44.74 -32.67 -100.36
CA SER V 410 -44.27 -34.05 -100.40
C SER V 410 -45.42 -35.05 -100.43
N ASP V 411 -46.39 -34.90 -99.53
CA ASP V 411 -47.51 -35.83 -99.52
C ASP V 411 -48.52 -35.53 -100.62
N LEU V 412 -48.48 -34.33 -101.21
CA LEU V 412 -49.42 -33.93 -102.24
C LEU V 412 -48.96 -34.29 -103.64
N SER V 413 -47.88 -35.06 -103.75
CA SER V 413 -47.36 -35.46 -105.05
C SER V 413 -48.44 -36.15 -105.87
N GLY V 414 -48.50 -35.83 -107.16
CA GLY V 414 -49.51 -36.39 -108.03
C GLY V 414 -50.85 -35.71 -107.99
N GLN V 415 -50.95 -34.56 -107.32
CA GLN V 415 -52.18 -33.79 -107.23
C GLN V 415 -52.04 -32.45 -107.93
N ASN V 416 -53.16 -31.92 -108.40
CA ASN V 416 -53.22 -30.63 -109.06
C ASN V 416 -53.88 -29.64 -108.11
N ILE V 417 -53.10 -28.70 -107.59
CA ILE V 417 -53.59 -27.67 -106.69
C ILE V 417 -53.88 -26.42 -107.49
N THR V 418 -54.95 -25.71 -107.13
CA THR V 418 -55.37 -24.49 -107.82
C THR V 418 -55.45 -23.38 -106.80
N ILE V 419 -54.72 -22.29 -107.04
CA ILE V 419 -54.75 -21.11 -106.19
C ILE V 419 -55.81 -20.17 -106.74
N ASP V 420 -56.91 -20.02 -106.02
CA ASP V 420 -58.02 -19.19 -106.44
C ASP V 420 -58.14 -17.98 -105.53
N ALA V 421 -59.09 -17.10 -105.87
CA ALA V 421 -59.28 -15.89 -105.06
C ALA V 421 -59.71 -16.25 -103.65
N ASP V 422 -60.53 -17.29 -103.52
CA ASP V 422 -60.97 -17.76 -102.21
C ASP V 422 -59.82 -18.31 -101.38
N TYR V 423 -58.86 -18.97 -102.02
CA TYR V 423 -57.69 -19.48 -101.31
C TYR V 423 -56.82 -18.32 -100.83
N VAL V 424 -56.68 -17.29 -101.67
CA VAL V 424 -55.89 -16.12 -101.29
C VAL V 424 -56.54 -15.39 -100.12
N SER V 425 -57.85 -15.14 -100.22
CA SER V 425 -58.54 -14.44 -99.15
C SER V 425 -58.53 -15.23 -97.85
N LYS V 426 -58.52 -16.56 -97.94
CA LYS V 426 -58.56 -17.39 -96.74
C LYS V 426 -57.26 -17.30 -95.95
N HIS V 427 -56.11 -17.36 -96.63
CA HIS V 427 -54.82 -17.41 -95.95
C HIS V 427 -54.24 -16.02 -95.68
N LEU V 428 -54.86 -14.97 -96.21
CA LEU V 428 -54.30 -13.63 -96.16
C LEU V 428 -55.20 -12.66 -95.42
N ASP V 429 -56.43 -12.45 -95.88
CA ASP V 429 -57.28 -11.35 -95.39
C ASP V 429 -57.29 -11.26 -93.86
N ALA V 430 -57.23 -12.40 -93.17
CA ALA V 430 -57.15 -12.36 -91.72
C ALA V 430 -55.86 -11.68 -91.25
N LEU V 431 -54.76 -11.89 -91.98
CA LEU V 431 -53.50 -11.25 -91.63
C LEU V 431 -53.47 -9.79 -92.05
N VAL V 432 -53.99 -9.49 -93.25
CA VAL V 432 -53.99 -8.12 -93.74
C VAL V 432 -54.93 -7.25 -92.91
N ALA V 433 -55.99 -7.84 -92.34
CA ALA V 433 -56.95 -7.06 -91.58
C ALA V 433 -56.34 -6.48 -90.32
N ASP V 434 -55.36 -7.16 -89.72
CA ASP V 434 -54.72 -6.70 -88.50
C ASP V 434 -53.39 -6.07 -88.89
N GLU V 435 -53.30 -4.74 -88.74
CA GLU V 435 -52.07 -4.04 -89.07
C GLU V 435 -50.99 -4.28 -88.05
N ASP V 436 -51.38 -4.58 -86.80
CA ASP V 436 -50.40 -4.89 -85.77
C ASP V 436 -49.64 -6.17 -86.11
N LEU V 437 -50.34 -7.15 -86.69
CA LEU V 437 -49.69 -8.40 -87.08
C LEU V 437 -48.92 -8.26 -88.39
N SER V 438 -49.38 -7.41 -89.30
CA SER V 438 -48.79 -7.32 -90.63
C SER V 438 -47.34 -6.86 -90.58
N ARG V 439 -46.96 -6.08 -89.58
CA ARG V 439 -45.58 -5.62 -89.49
C ARG V 439 -44.63 -6.75 -89.14
N PHE V 440 -45.06 -7.69 -88.29
CA PHE V 440 -44.24 -8.86 -87.97
C PHE V 440 -44.19 -9.82 -89.16
N ILE V 441 -45.37 -10.27 -89.61
CA ILE V 441 -45.46 -11.43 -90.48
C ILE V 441 -45.17 -11.07 -91.94
N LEU V 442 -45.71 -9.95 -92.41
CA LEU V 442 -45.61 -9.59 -93.83
C LEU V 442 -44.68 -8.40 -94.06
N SER W 1 -28.73 -34.01 -99.13
CA SER W 1 -29.61 -35.08 -98.66
C SER W 1 -30.98 -34.96 -99.33
N GLU W 2 -31.59 -36.11 -99.61
CA GLU W 2 -32.86 -36.16 -100.31
C GLU W 2 -34.06 -36.23 -99.36
N MET W 3 -33.84 -36.08 -98.06
CA MET W 3 -34.91 -36.19 -97.08
C MET W 3 -36.05 -35.23 -97.40
N THR W 4 -37.28 -35.71 -97.24
CA THR W 4 -38.47 -34.90 -97.42
C THR W 4 -38.71 -34.07 -96.16
N PRO W 5 -39.46 -32.97 -96.27
CA PRO W 5 -39.62 -32.08 -95.10
C PRO W 5 -40.17 -32.75 -93.85
N ARG W 6 -41.07 -33.73 -93.99
CA ARG W 6 -41.53 -34.46 -92.82
C ARG W 6 -40.43 -35.32 -92.21
N GLU W 7 -39.57 -35.90 -93.05
CA GLU W 7 -38.44 -36.65 -92.55
C GLU W 7 -37.46 -35.76 -91.79
N ILE W 8 -37.39 -34.48 -92.18
CA ILE W 8 -36.52 -33.55 -91.47
C ILE W 8 -37.11 -33.21 -90.11
N VAL W 9 -38.42 -32.93 -90.07
CA VAL W 9 -39.07 -32.59 -88.81
C VAL W 9 -39.00 -33.76 -87.84
N SER W 10 -39.21 -34.98 -88.35
CA SER W 10 -39.19 -36.15 -87.47
C SER W 10 -37.81 -36.37 -86.87
N GLU W 11 -36.74 -36.04 -87.63
CA GLU W 11 -35.39 -36.15 -87.09
C GLU W 11 -35.12 -35.05 -86.06
N LEU W 12 -35.64 -33.84 -86.30
CA LEU W 12 -35.46 -32.76 -85.35
C LEU W 12 -36.22 -33.01 -84.05
N ASP W 13 -37.35 -33.73 -84.12
CA ASP W 13 -38.09 -34.09 -82.92
C ASP W 13 -37.28 -34.99 -81.99
N LYS W 14 -36.29 -35.72 -82.52
CA LYS W 14 -35.43 -36.54 -81.68
C LYS W 14 -34.55 -35.69 -80.76
N HIS W 15 -34.34 -34.42 -81.10
CA HIS W 15 -33.53 -33.52 -80.29
C HIS W 15 -34.36 -32.36 -79.73
N ILE W 16 -34.93 -31.52 -80.58
CA ILE W 16 -35.75 -30.40 -80.12
C ILE W 16 -37.12 -30.91 -79.72
N ILE W 17 -37.72 -30.28 -78.71
CA ILE W 17 -39.06 -30.59 -78.24
C ILE W 17 -39.98 -29.44 -78.65
N GLY W 18 -41.09 -29.78 -79.31
CA GLY W 18 -42.03 -28.76 -79.71
C GLY W 18 -41.44 -27.87 -80.79
N GLN W 19 -41.95 -26.63 -80.85
CA GLN W 19 -41.50 -25.64 -81.82
C GLN W 19 -41.61 -26.17 -83.25
N ASP W 20 -42.70 -26.88 -83.53
CA ASP W 20 -42.84 -27.56 -84.81
C ASP W 20 -42.84 -26.58 -85.99
N ASN W 21 -43.41 -25.39 -85.80
CA ASN W 21 -43.44 -24.40 -86.89
C ASN W 21 -42.04 -24.00 -87.32
N ALA W 22 -41.13 -23.80 -86.36
CA ALA W 22 -39.74 -23.53 -86.70
C ALA W 22 -39.10 -24.74 -87.38
N LYS W 23 -39.51 -25.95 -86.98
CA LYS W 23 -39.06 -27.16 -87.66
C LYS W 23 -39.62 -27.25 -89.08
N ARG W 24 -40.91 -26.91 -89.24
CA ARG W 24 -41.50 -26.94 -90.57
C ARG W 24 -40.87 -25.91 -91.49
N SER W 25 -40.47 -24.76 -90.93
CA SER W 25 -39.89 -23.70 -91.76
C SER W 25 -38.48 -24.05 -92.21
N VAL W 26 -37.65 -24.57 -91.32
CA VAL W 26 -36.29 -24.93 -91.70
C VAL W 26 -36.28 -26.10 -92.68
N ALA W 27 -37.24 -27.01 -92.57
CA ALA W 27 -37.30 -28.15 -93.48
C ALA W 27 -37.60 -27.71 -94.90
N ILE W 28 -38.45 -26.69 -95.05
CA ILE W 28 -38.75 -26.19 -96.39
C ILE W 28 -37.50 -25.59 -97.02
N ALA W 29 -36.65 -24.96 -96.22
CA ALA W 29 -35.42 -24.37 -96.75
C ALA W 29 -34.44 -25.44 -97.19
N LEU W 30 -34.26 -26.49 -96.37
CA LEU W 30 -33.35 -27.57 -96.73
C LEU W 30 -33.88 -28.36 -97.93
N ARG W 31 -35.19 -28.47 -98.08
CA ARG W 31 -35.76 -29.20 -99.20
C ARG W 31 -35.59 -28.44 -100.52
N ASN W 32 -35.65 -27.10 -100.48
CA ASN W 32 -35.44 -26.30 -101.69
C ASN W 32 -34.04 -26.47 -102.24
N ARG W 33 -33.06 -26.81 -101.39
CA ARG W 33 -31.72 -27.12 -101.87
C ARG W 33 -31.75 -28.28 -102.85
N TRP W 34 -32.35 -29.40 -102.43
CA TRP W 34 -32.48 -30.54 -103.33
C TRP W 34 -33.41 -30.25 -104.50
N ARG W 35 -34.44 -29.44 -104.28
CA ARG W 35 -35.35 -29.09 -105.37
C ARG W 35 -34.65 -28.24 -106.41
N ARG W 36 -33.67 -27.43 -106.00
CA ARG W 36 -32.97 -26.57 -106.95
C ARG W 36 -32.05 -27.37 -107.85
N MET W 37 -31.35 -28.37 -107.30
CA MET W 37 -30.38 -29.14 -108.08
C MET W 37 -31.05 -29.88 -109.23
N GLN W 38 -32.32 -30.25 -109.07
CA GLN W 38 -33.07 -30.93 -110.12
C GLN W 38 -33.49 -30.00 -111.25
N LEU W 39 -33.38 -28.69 -111.07
CA LEU W 39 -33.81 -27.73 -112.07
C LEU W 39 -32.74 -27.56 -113.16
N ASN W 40 -33.08 -26.78 -114.17
CA ASN W 40 -32.20 -26.55 -115.31
C ASN W 40 -31.14 -25.52 -114.96
N GLU W 41 -30.25 -25.26 -115.93
CA GLU W 41 -29.12 -24.36 -115.69
C GLU W 41 -29.58 -22.95 -115.35
N GLU W 42 -30.68 -22.50 -115.97
CA GLU W 42 -31.14 -21.13 -115.78
C GLU W 42 -31.79 -20.93 -114.42
N LEU W 43 -32.73 -21.80 -114.05
CA LEU W 43 -33.46 -21.62 -112.82
C LEU W 43 -32.56 -21.81 -111.59
N ARG W 44 -31.51 -22.62 -111.71
CA ARG W 44 -30.61 -22.83 -110.58
C ARG W 44 -29.90 -21.54 -110.18
N HIS W 45 -29.67 -20.64 -111.13
CA HIS W 45 -29.08 -19.35 -110.82
C HIS W 45 -30.13 -18.39 -110.25
N GLU W 46 -31.32 -18.34 -110.86
CA GLU W 46 -32.33 -17.37 -110.45
C GLU W 46 -32.88 -17.68 -109.06
N VAL W 47 -33.07 -18.96 -108.75
CA VAL W 47 -33.56 -19.33 -107.42
C VAL W 47 -32.46 -19.08 -106.39
N THR W 48 -32.86 -18.54 -105.25
CA THR W 48 -31.94 -18.21 -104.17
C THR W 48 -32.53 -18.80 -102.90
N PRO W 49 -31.69 -19.08 -101.90
CA PRO W 49 -32.19 -19.75 -100.70
C PRO W 49 -33.26 -18.90 -100.02
N LYS W 50 -34.22 -19.58 -99.41
CA LYS W 50 -35.27 -18.90 -98.67
C LYS W 50 -34.76 -18.77 -97.24
N ASN W 51 -34.33 -17.56 -96.89
CA ASN W 51 -33.79 -17.32 -95.57
C ASN W 51 -34.88 -17.22 -94.52
N ILE W 52 -34.54 -17.59 -93.30
CA ILE W 52 -35.51 -17.66 -92.21
C ILE W 52 -35.11 -16.67 -91.12
N LEU W 53 -36.14 -16.08 -90.50
CA LEU W 53 -35.95 -15.19 -89.35
C LEU W 53 -36.70 -15.82 -88.18
N MET W 54 -35.96 -16.37 -87.22
CA MET W 54 -36.56 -16.89 -86.01
C MET W 54 -36.87 -15.75 -85.04
N ILE W 55 -37.96 -15.90 -84.31
CA ILE W 55 -38.45 -14.88 -83.39
C ILE W 55 -38.96 -15.57 -82.13
N GLY W 56 -38.57 -15.06 -80.97
CA GLY W 56 -39.02 -15.60 -79.72
C GLY W 56 -38.08 -15.30 -78.57
N PRO W 57 -38.50 -15.66 -77.36
CA PRO W 57 -37.65 -15.45 -76.19
C PRO W 57 -36.43 -16.38 -76.23
N THR W 58 -35.39 -15.95 -75.51
CA THR W 58 -34.14 -16.69 -75.53
C THR W 58 -34.31 -18.08 -74.93
N GLY W 59 -33.52 -19.02 -75.44
CA GLY W 59 -33.44 -20.35 -74.86
C GLY W 59 -34.55 -21.31 -75.24
N VAL W 60 -35.35 -21.00 -76.25
CA VAL W 60 -36.46 -21.87 -76.64
C VAL W 60 -36.05 -22.83 -77.76
N GLY W 61 -34.77 -22.81 -78.13
CA GLY W 61 -34.25 -23.72 -79.12
C GLY W 61 -34.08 -23.20 -80.53
N LYS W 62 -34.11 -21.88 -80.73
CA LYS W 62 -33.84 -21.32 -82.06
C LYS W 62 -32.50 -21.80 -82.60
N THR W 63 -31.45 -21.70 -81.78
CA THR W 63 -30.12 -22.09 -82.23
C THR W 63 -30.00 -23.60 -82.40
N GLU W 64 -30.64 -24.37 -81.51
CA GLU W 64 -30.53 -25.82 -81.59
C GLU W 64 -31.14 -26.34 -82.88
N ILE W 65 -32.21 -25.71 -83.36
CA ILE W 65 -32.78 -26.08 -84.65
C ILE W 65 -31.76 -25.86 -85.76
N ALA W 66 -31.10 -24.71 -85.77
CA ALA W 66 -30.08 -24.44 -86.77
C ALA W 66 -28.89 -25.37 -86.61
N ARG W 67 -28.52 -25.70 -85.37
CA ARG W 67 -27.38 -26.59 -85.14
C ARG W 67 -27.71 -28.00 -85.60
N ARG W 68 -28.83 -28.55 -85.14
CA ARG W 68 -29.22 -29.89 -85.57
C ARG W 68 -29.54 -29.94 -87.06
N LEU W 69 -30.02 -28.84 -87.64
CA LEU W 69 -30.29 -28.81 -89.08
C LEU W 69 -29.00 -28.95 -89.87
N ALA W 70 -27.99 -28.15 -89.52
CA ALA W 70 -26.70 -28.26 -90.20
C ALA W 70 -26.05 -29.60 -89.90
N LYS W 71 -26.13 -30.06 -88.65
CA LYS W 71 -25.62 -31.40 -88.33
C LYS W 71 -26.40 -32.48 -89.06
N LEU W 72 -27.71 -32.28 -89.25
CA LEU W 72 -28.51 -33.23 -90.03
C LEU W 72 -28.12 -33.20 -91.50
N ALA W 73 -27.86 -32.00 -92.03
CA ALA W 73 -27.51 -31.85 -93.44
C ALA W 73 -26.03 -32.05 -93.71
N ASN W 74 -25.23 -32.26 -92.67
CA ASN W 74 -23.77 -32.39 -92.75
C ASN W 74 -23.13 -31.14 -93.37
N ALA W 75 -23.84 -29.99 -93.24
CA ALA W 75 -23.58 -28.66 -93.77
C ALA W 75 -22.61 -27.91 -92.85
N PRO W 76 -21.83 -27.01 -93.44
CA PRO W 76 -21.04 -26.08 -92.62
C PRO W 76 -21.95 -25.15 -91.84
N PHE W 77 -21.51 -24.79 -90.63
CA PHE W 77 -22.35 -23.98 -89.76
C PHE W 77 -21.49 -23.07 -88.90
N ILE W 78 -22.01 -21.89 -88.60
CA ILE W 78 -21.37 -20.93 -87.71
C ILE W 78 -22.47 -20.08 -87.08
N LYS W 79 -22.29 -19.76 -85.80
CA LYS W 79 -23.17 -18.83 -85.09
C LYS W 79 -22.41 -17.54 -84.83
N VAL W 80 -22.99 -16.42 -85.24
CA VAL W 80 -22.35 -15.11 -85.12
C VAL W 80 -23.32 -14.16 -84.40
N GLU W 81 -22.79 -13.43 -83.42
CA GLU W 81 -23.57 -12.43 -82.71
C GLU W 81 -23.54 -11.13 -83.50
N ALA W 82 -24.72 -10.63 -83.87
CA ALA W 82 -24.79 -9.44 -84.72
C ALA W 82 -24.20 -8.22 -84.04
N THR W 83 -24.22 -8.17 -82.71
CA THR W 83 -23.68 -7.03 -81.98
C THR W 83 -22.16 -6.99 -81.99
N LYS W 84 -21.49 -8.06 -82.43
CA LYS W 84 -20.03 -8.06 -82.50
C LYS W 84 -19.50 -6.98 -83.43
N PHE W 85 -20.27 -6.64 -84.46
CA PHE W 85 -19.83 -5.69 -85.48
C PHE W 85 -20.17 -4.24 -85.15
N THR W 86 -20.82 -3.99 -84.01
CA THR W 86 -21.15 -2.62 -83.62
C THR W 86 -19.89 -1.80 -83.37
N GLU W 87 -18.82 -2.44 -82.89
CA GLU W 87 -17.59 -1.73 -82.53
C GLU W 87 -16.65 -1.57 -83.71
N GLY W 92 -12.95 -2.00 -85.28
CA GLY W 92 -13.81 -3.16 -85.16
C GLY W 92 -13.60 -4.19 -86.25
N LYS W 93 -14.24 -5.35 -86.10
CA LYS W 93 -14.07 -6.44 -87.06
C LYS W 93 -14.89 -6.19 -88.31
N GLU W 94 -14.39 -6.71 -89.44
CA GLU W 94 -15.10 -6.65 -90.71
C GLU W 94 -16.15 -7.74 -90.81
N VAL W 95 -17.23 -7.43 -91.54
CA VAL W 95 -18.32 -8.39 -91.70
C VAL W 95 -17.92 -9.60 -92.53
N ASP W 96 -16.92 -9.46 -93.40
CA ASP W 96 -16.50 -10.57 -94.26
C ASP W 96 -15.92 -11.74 -93.46
N SER W 97 -15.55 -11.52 -92.19
CA SER W 97 -15.00 -12.58 -91.35
C SER W 97 -15.98 -13.73 -91.15
N ILE W 98 -17.28 -13.48 -91.29
CA ILE W 98 -18.28 -14.53 -91.15
C ILE W 98 -18.00 -15.66 -92.14
N ILE W 99 -17.80 -15.32 -93.41
CA ILE W 99 -17.51 -16.32 -94.43
C ILE W 99 -16.13 -16.94 -94.19
N ARG W 100 -15.18 -16.16 -93.68
CA ARG W 100 -13.84 -16.69 -93.41
C ARG W 100 -13.88 -17.75 -92.31
N ASP W 101 -14.54 -17.45 -91.19
CA ASP W 101 -14.65 -18.41 -90.10
C ASP W 101 -15.53 -19.59 -90.48
N LEU W 102 -16.51 -19.38 -91.34
CA LEU W 102 -17.38 -20.47 -91.78
C LEU W 102 -16.60 -21.52 -92.56
N THR W 103 -15.65 -21.09 -93.40
CA THR W 103 -14.92 -22.04 -94.24
C THR W 103 -14.13 -23.03 -93.41
N ASP W 104 -13.53 -22.58 -92.30
CA ASP W 104 -12.73 -23.49 -91.47
C ASP W 104 -13.58 -24.62 -90.90
N ALA W 105 -14.84 -24.34 -90.58
CA ALA W 105 -15.71 -25.40 -90.11
C ALA W 105 -16.06 -26.38 -91.22
N ALA W 106 -16.23 -25.90 -92.45
CA ALA W 106 -16.48 -26.81 -93.56
C ALA W 106 -15.29 -27.71 -93.82
N VAL W 107 -14.07 -27.18 -93.66
CA VAL W 107 -12.87 -27.98 -93.90
C VAL W 107 -12.87 -29.23 -93.02
N LYS W 108 -12.90 -29.02 -91.70
CA LYS W 108 -12.83 -30.14 -90.77
C LYS W 108 -14.02 -31.07 -90.95
N MET W 109 -15.17 -30.53 -91.32
CA MET W 109 -16.36 -31.36 -91.49
C MET W 109 -16.20 -32.30 -92.68
N VAL W 110 -15.90 -31.74 -93.86
CA VAL W 110 -15.76 -32.57 -95.05
C VAL W 110 -14.54 -33.47 -94.95
N ARG W 111 -13.53 -33.05 -94.19
CA ARG W 111 -12.34 -33.87 -94.05
C ARG W 111 -12.61 -35.11 -93.21
N VAL W 112 -13.28 -34.94 -92.07
CA VAL W 112 -13.54 -36.09 -91.19
C VAL W 112 -14.47 -37.09 -91.86
N GLN W 113 -15.40 -36.61 -92.69
CA GLN W 113 -16.26 -37.54 -93.43
C GLN W 113 -15.52 -38.19 -94.57
N ALA W 114 -14.64 -37.44 -95.25
CA ALA W 114 -13.75 -38.05 -96.24
C ALA W 114 -12.93 -39.16 -95.60
N ILE W 115 -12.54 -38.97 -94.33
CA ILE W 115 -11.87 -40.03 -93.59
C ILE W 115 -12.79 -41.23 -93.42
N GLU W 116 -14.07 -40.99 -93.09
CA GLU W 116 -15.04 -42.08 -92.93
C GLU W 116 -15.12 -42.95 -94.19
N LYS W 117 -14.97 -42.34 -95.36
CA LYS W 117 -14.88 -43.10 -96.60
C LYS W 117 -13.52 -43.77 -96.72
N ASN W 118 -12.44 -42.97 -96.71
CA ASN W 118 -11.09 -43.51 -96.77
C ASN W 118 -10.82 -44.50 -95.65
N ARG W 119 -11.53 -44.40 -94.53
CA ARG W 119 -11.36 -45.37 -93.43
C ARG W 119 -11.60 -46.80 -93.89
N TYR W 120 -12.51 -47.00 -94.84
CA TYR W 120 -12.84 -48.36 -95.28
C TYR W 120 -11.82 -48.89 -96.28
N ARG W 121 -11.70 -48.22 -97.44
CA ARG W 121 -10.82 -48.72 -98.49
C ARG W 121 -9.37 -48.82 -98.02
N ALA W 122 -8.89 -47.82 -97.26
CA ALA W 122 -7.49 -47.81 -96.86
C ALA W 122 -7.13 -49.03 -96.01
N GLU W 123 -8.05 -49.46 -95.14
CA GLU W 123 -7.80 -50.66 -94.35
C GLU W 123 -7.60 -51.88 -95.22
N GLU W 124 -8.32 -51.97 -96.35
CA GLU W 124 -8.12 -53.07 -97.28
C GLU W 124 -6.78 -52.96 -97.98
N LEU W 125 -6.46 -51.79 -98.52
CA LEU W 125 -5.20 -51.62 -99.22
C LEU W 125 -4.01 -51.67 -98.28
N ALA W 126 -4.19 -51.24 -97.02
CA ALA W 126 -3.09 -51.33 -96.06
C ALA W 126 -2.82 -52.77 -95.64
N GLU W 127 -3.88 -53.58 -95.54
CA GLU W 127 -3.69 -55.00 -95.26
C GLU W 127 -2.94 -55.68 -96.40
N GLU W 128 -3.28 -55.34 -97.64
CA GLU W 128 -2.58 -55.92 -98.79
C GLU W 128 -1.12 -55.50 -98.81
N ARG W 129 -0.80 -54.32 -98.28
CA ARG W 129 0.60 -53.88 -98.23
C ARG W 129 1.36 -54.65 -97.16
N ILE W 130 0.79 -54.78 -95.97
CA ILE W 130 1.48 -55.45 -94.87
C ILE W 130 1.58 -56.95 -95.11
N LEU W 131 0.69 -57.53 -95.91
CA LEU W 131 0.81 -58.93 -96.26
C LEU W 131 1.93 -59.19 -97.27
N ASP W 132 2.43 -58.15 -97.92
CA ASP W 132 3.53 -58.33 -98.88
C ASP W 132 4.86 -58.57 -98.17
N VAL W 133 5.02 -58.09 -96.94
CA VAL W 133 6.24 -58.38 -96.21
C VAL W 133 6.21 -59.76 -95.56
N LEU W 134 5.04 -60.21 -95.10
CA LEU W 134 4.93 -61.52 -94.48
C LEU W 134 4.97 -62.63 -95.53
N ILE W 135 4.22 -62.50 -96.60
CA ILE W 135 4.27 -63.47 -97.71
C ILE W 135 4.54 -62.70 -99.00
N PRO W 136 5.80 -62.45 -99.34
CA PRO W 136 6.12 -61.71 -100.57
C PRO W 136 5.70 -62.50 -101.81
N PRO W 137 4.98 -61.86 -102.74
CA PRO W 137 4.58 -62.49 -104.00
C PRO W 137 5.78 -62.82 -104.88
N ILE W 225 0.68 -43.46 -91.51
CA ILE W 225 -0.67 -42.94 -91.71
C ILE W 225 -0.65 -41.59 -92.43
N GLU W 226 0.30 -40.73 -92.06
CA GLU W 226 0.41 -39.43 -92.72
C GLU W 226 0.81 -39.59 -94.19
N GLU W 227 1.89 -40.33 -94.44
CA GLU W 227 2.36 -40.51 -95.82
C GLU W 227 1.32 -41.22 -96.68
N GLU W 228 0.60 -42.19 -96.11
CA GLU W 228 -0.41 -42.90 -96.88
C GLU W 228 -1.66 -42.04 -97.06
N ALA W 229 -2.13 -41.40 -95.99
CA ALA W 229 -3.27 -40.50 -96.13
C ALA W 229 -2.96 -39.31 -97.03
N ALA W 230 -1.71 -38.84 -97.04
CA ALA W 230 -1.32 -37.81 -97.98
C ALA W 230 -1.22 -38.37 -99.40
N LYS W 231 -0.76 -39.62 -99.53
CA LYS W 231 -0.76 -40.28 -100.84
C LYS W 231 -2.18 -40.58 -101.32
N LEU W 232 -3.09 -40.89 -100.40
CA LEU W 232 -4.47 -41.18 -100.76
C LEU W 232 -5.29 -39.91 -100.96
N VAL W 233 -5.05 -38.89 -100.13
CA VAL W 233 -5.81 -37.66 -100.25
C VAL W 233 -5.44 -36.94 -101.53
N ASN W 234 -6.39 -36.14 -102.02
CA ASN W 234 -6.17 -35.20 -103.12
C ASN W 234 -6.47 -33.84 -102.50
N PRO W 235 -5.45 -33.17 -101.94
CA PRO W 235 -5.70 -31.87 -101.27
C PRO W 235 -6.46 -30.86 -102.13
N GLU W 236 -6.25 -30.87 -103.45
CA GLU W 236 -7.03 -30.01 -104.33
C GLU W 236 -8.49 -30.44 -104.39
N GLU W 237 -8.80 -31.71 -104.10
CA GLU W 237 -10.17 -32.16 -103.94
C GLU W 237 -10.70 -31.94 -102.54
N LEU W 238 -9.83 -31.63 -101.58
CA LEU W 238 -10.24 -31.41 -100.18
C LEU W 238 -10.46 -29.94 -99.87
N LYS W 239 -9.41 -29.11 -100.02
CA LYS W 239 -9.56 -27.67 -99.81
C LYS W 239 -10.60 -27.06 -100.74
N GLN W 240 -10.76 -27.61 -101.94
CA GLN W 240 -11.83 -27.20 -102.83
C GLN W 240 -13.18 -27.82 -102.48
N ASP W 241 -13.19 -28.91 -101.71
CA ASP W 241 -14.45 -29.52 -101.30
C ASP W 241 -15.13 -28.69 -100.22
N ALA W 242 -14.35 -28.15 -99.27
CA ALA W 242 -14.92 -27.27 -98.26
C ALA W 242 -15.51 -26.01 -98.88
N ILE W 243 -14.92 -25.53 -99.98
CA ILE W 243 -15.50 -24.40 -100.70
C ILE W 243 -16.84 -24.80 -101.32
N ASP W 244 -16.90 -26.00 -101.91
CA ASP W 244 -18.17 -26.51 -102.41
C ASP W 244 -19.14 -26.76 -101.26
N ALA W 245 -18.63 -27.19 -100.10
CA ALA W 245 -19.48 -27.38 -98.94
C ALA W 245 -20.02 -26.06 -98.41
N VAL W 246 -19.21 -25.00 -98.46
CA VAL W 246 -19.68 -23.69 -98.01
C VAL W 246 -20.66 -23.09 -99.01
N GLU W 247 -20.30 -23.10 -100.30
CA GLU W 247 -21.13 -22.46 -101.30
C GLU W 247 -22.46 -23.20 -101.46
N GLN W 248 -22.42 -24.52 -101.57
CA GLN W 248 -23.65 -25.27 -101.81
C GLN W 248 -24.45 -25.49 -100.52
N HIS W 249 -23.78 -25.98 -99.48
CA HIS W 249 -24.46 -26.43 -98.28
C HIS W 249 -24.37 -25.46 -97.11
N GLY W 250 -23.67 -24.34 -97.26
CA GLY W 250 -23.33 -23.53 -96.11
C GLY W 250 -24.55 -22.97 -95.38
N ILE W 251 -24.40 -22.82 -94.07
CA ILE W 251 -25.45 -22.30 -93.20
C ILE W 251 -24.81 -21.34 -92.21
N VAL W 252 -25.49 -20.24 -91.92
CA VAL W 252 -25.02 -19.23 -90.97
C VAL W 252 -26.20 -18.83 -90.09
N PHE W 253 -25.98 -18.78 -88.78
CA PHE W 253 -26.97 -18.37 -87.81
C PHE W 253 -26.52 -17.03 -87.22
N ILE W 254 -27.34 -16.00 -87.41
CA ILE W 254 -27.05 -14.67 -86.90
C ILE W 254 -27.97 -14.47 -85.70
N ASP W 255 -27.39 -14.56 -84.51
CA ASP W 255 -28.15 -14.40 -83.27
C ASP W 255 -28.41 -12.91 -83.03
N GLU W 256 -29.46 -12.62 -82.26
CA GLU W 256 -29.79 -11.28 -81.77
C GLU W 256 -29.74 -10.22 -82.88
N ILE W 257 -30.36 -10.55 -84.02
CA ILE W 257 -30.46 -9.58 -85.10
C ILE W 257 -31.38 -8.41 -84.72
N ASP W 258 -32.29 -8.61 -83.77
CA ASP W 258 -33.20 -7.54 -83.40
C ASP W 258 -32.49 -6.36 -82.75
N LYS W 259 -31.30 -6.59 -82.19
CA LYS W 259 -30.59 -5.53 -81.48
C LYS W 259 -29.90 -4.53 -82.39
N ILE W 260 -29.80 -4.82 -83.69
CA ILE W 260 -29.23 -3.86 -84.64
C ILE W 260 -30.31 -3.04 -85.34
N CYS W 261 -31.57 -3.21 -84.98
CA CYS W 261 -32.63 -2.37 -85.54
C CYS W 261 -32.58 -0.97 -84.93
N LYS W 262 -33.20 -0.04 -85.64
CA LYS W 262 -33.28 1.34 -85.18
C LYS W 262 -34.19 1.44 -83.96
N SER W 267 -30.38 8.27 -82.47
CA SER W 267 -29.92 8.62 -83.81
C SER W 267 -28.48 8.18 -84.01
N GLY W 268 -27.67 8.34 -82.97
CA GLY W 268 -26.27 7.96 -83.01
C GLY W 268 -26.05 6.47 -83.18
N PRO W 269 -26.61 5.65 -82.27
CA PRO W 269 -26.54 4.20 -82.45
C PRO W 269 -27.30 3.72 -83.69
N ASP W 270 -28.37 4.41 -84.07
CA ASP W 270 -29.17 3.99 -85.23
C ASP W 270 -28.35 3.99 -86.52
N VAL W 271 -27.35 4.87 -86.65
CA VAL W 271 -26.48 4.84 -87.82
C VAL W 271 -25.54 3.64 -87.76
N SER W 272 -24.92 3.42 -86.60
CA SER W 272 -24.05 2.25 -86.43
C SER W 272 -24.83 0.94 -86.41
N ARG W 273 -26.06 0.94 -85.88
CA ARG W 273 -26.87 -0.28 -85.89
C ARG W 273 -27.28 -0.64 -87.31
N GLU W 274 -27.88 0.31 -88.03
CA GLU W 274 -28.26 0.09 -89.42
C GLU W 274 -27.06 -0.01 -90.35
N GLY W 275 -25.90 0.53 -89.95
CA GLY W 275 -24.71 0.36 -90.76
C GLY W 275 -24.28 -1.09 -90.84
N VAL W 276 -24.47 -1.85 -89.75
CA VAL W 276 -24.18 -3.28 -89.76
C VAL W 276 -25.10 -4.00 -90.74
N GLN W 277 -26.36 -3.56 -90.84
CA GLN W 277 -27.29 -4.18 -91.77
C GLN W 277 -26.82 -4.01 -93.21
N ARG W 278 -26.38 -2.80 -93.55
CA ARG W 278 -25.86 -2.56 -94.90
C ARG W 278 -24.60 -3.38 -95.16
N ASP W 279 -23.77 -3.55 -94.13
CA ASP W 279 -22.58 -4.38 -94.28
C ASP W 279 -22.94 -5.85 -94.48
N LEU W 280 -24.00 -6.30 -93.82
CA LEU W 280 -24.48 -7.67 -94.02
C LEU W 280 -25.19 -7.85 -95.36
N LEU W 281 -25.67 -6.76 -95.95
CA LEU W 281 -26.50 -6.84 -97.14
C LEU W 281 -25.85 -7.60 -98.30
N PRO W 282 -24.58 -7.35 -98.66
CA PRO W 282 -24.00 -8.08 -99.79
C PRO W 282 -23.98 -9.60 -99.61
N LEU W 283 -23.83 -10.07 -98.37
CA LEU W 283 -23.73 -11.52 -98.17
C LEU W 283 -25.02 -12.24 -98.53
N VAL W 284 -26.17 -11.64 -98.24
CA VAL W 284 -27.47 -12.26 -98.55
C VAL W 284 -27.89 -12.01 -99.98
N GLU W 285 -27.68 -10.80 -100.48
CA GLU W 285 -27.96 -10.49 -101.88
C GLU W 285 -26.99 -11.20 -102.81
N GLY W 286 -25.89 -11.72 -102.26
CA GLY W 286 -24.88 -12.40 -103.02
C GLY W 286 -23.67 -11.52 -103.27
N CYS W 287 -22.49 -12.11 -103.21
CA CYS W 287 -21.22 -11.40 -103.36
C CYS W 287 -20.13 -12.44 -103.41
N THR W 288 -18.88 -11.97 -103.45
CA THR W 288 -17.72 -12.85 -103.44
C THR W 288 -16.75 -12.33 -102.38
N VAL W 289 -16.28 -13.24 -101.52
CA VAL W 289 -15.37 -12.90 -100.45
C VAL W 289 -14.08 -13.71 -100.65
N SER W 290 -12.95 -13.05 -100.43
CA SER W 290 -11.65 -13.69 -100.59
C SER W 290 -11.19 -14.30 -99.27
N THR W 291 -10.67 -15.51 -99.35
CA THR W 291 -10.12 -16.22 -98.19
C THR W 291 -8.82 -16.88 -98.61
N LYS W 292 -7.97 -17.15 -97.62
CA LYS W 292 -6.72 -17.85 -97.89
C LYS W 292 -6.97 -19.25 -98.45
N HIS W 293 -8.07 -19.89 -98.05
CA HIS W 293 -8.42 -21.19 -98.58
C HIS W 293 -8.95 -21.14 -100.00
N GLY W 294 -9.47 -19.99 -100.43
CA GLY W 294 -10.00 -19.85 -101.77
C GLY W 294 -10.95 -18.68 -101.86
N MET W 295 -11.66 -18.62 -102.99
CA MET W 295 -12.61 -17.56 -103.29
C MET W 295 -14.00 -18.15 -103.23
N VAL W 296 -14.81 -17.68 -102.27
CA VAL W 296 -16.13 -18.24 -102.00
C VAL W 296 -17.20 -17.26 -102.46
N LYS W 297 -18.32 -17.81 -102.95
CA LYS W 297 -19.48 -17.01 -103.33
C LYS W 297 -20.63 -17.32 -102.37
N THR W 298 -21.34 -16.26 -101.96
CA THR W 298 -22.34 -16.33 -100.91
C THR W 298 -23.77 -16.46 -101.46
N ASP W 299 -23.93 -16.61 -102.77
CA ASP W 299 -25.27 -16.49 -103.37
C ASP W 299 -26.22 -17.57 -102.84
N HIS W 300 -25.75 -18.80 -102.72
CA HIS W 300 -26.61 -19.93 -102.38
C HIS W 300 -26.51 -20.34 -100.91
N ILE W 301 -25.76 -19.61 -100.09
CA ILE W 301 -25.68 -19.90 -98.67
C ILE W 301 -27.03 -19.62 -98.00
N LEU W 302 -27.43 -20.50 -97.09
CA LEU W 302 -28.63 -20.30 -96.29
C LEU W 302 -28.28 -19.58 -95.00
N PHE W 303 -29.16 -18.71 -94.55
CA PHE W 303 -28.95 -17.91 -93.35
C PHE W 303 -30.16 -18.00 -92.46
N ILE W 304 -29.92 -17.92 -91.15
CA ILE W 304 -30.97 -17.94 -90.15
C ILE W 304 -30.69 -16.79 -89.19
N ALA W 305 -31.56 -15.80 -89.17
CA ALA W 305 -31.49 -14.71 -88.22
C ALA W 305 -32.49 -14.94 -87.09
N SER W 306 -32.12 -14.51 -85.88
CA SER W 306 -32.97 -14.72 -84.73
C SER W 306 -32.93 -13.49 -83.83
N GLY W 307 -34.05 -13.23 -83.16
CA GLY W 307 -34.13 -12.15 -82.20
C GLY W 307 -35.40 -12.18 -81.37
N ALA W 308 -35.35 -11.62 -80.16
CA ALA W 308 -36.56 -11.54 -79.35
C ALA W 308 -37.57 -10.58 -79.94
N PHE W 309 -37.09 -9.51 -80.57
CA PHE W 309 -37.95 -8.50 -81.21
C PHE W 309 -38.99 -7.94 -80.25
N GLN W 310 -38.61 -7.84 -78.97
CA GLN W 310 -39.48 -7.16 -78.01
C GLN W 310 -39.27 -5.65 -78.05
N ILE W 311 -38.03 -5.20 -78.23
CA ILE W 311 -37.76 -3.77 -78.33
C ILE W 311 -38.10 -3.25 -79.73
N ALA W 312 -37.79 -4.03 -80.76
CA ALA W 312 -37.96 -3.61 -82.14
C ALA W 312 -38.79 -4.66 -82.87
N LYS W 313 -39.04 -4.42 -84.15
CA LYS W 313 -39.82 -5.32 -84.98
C LYS W 313 -39.08 -5.60 -86.28
N PRO W 314 -39.38 -6.72 -86.92
CA PRO W 314 -38.74 -7.02 -88.21
C PRO W 314 -38.97 -5.92 -89.23
N SER W 315 -40.09 -5.21 -89.13
CA SER W 315 -40.33 -4.06 -90.01
C SER W 315 -39.27 -2.98 -89.82
N ASP W 316 -38.66 -2.92 -88.64
CA ASP W 316 -37.61 -1.93 -88.39
C ASP W 316 -36.32 -2.24 -89.13
N LEU W 317 -36.18 -3.44 -89.67
CA LEU W 317 -35.01 -3.77 -90.49
C LEU W 317 -35.06 -2.99 -91.80
N ILE W 318 -33.89 -2.79 -92.40
CA ILE W 318 -33.79 -2.05 -93.65
C ILE W 318 -34.57 -2.81 -94.72
N PRO W 319 -35.20 -2.10 -95.67
CA PRO W 319 -36.06 -2.80 -96.63
C PRO W 319 -35.34 -3.84 -97.48
N GLU W 320 -34.08 -3.61 -97.84
CA GLU W 320 -33.35 -4.61 -98.61
C GLU W 320 -33.12 -5.88 -97.79
N LEU W 321 -33.09 -5.77 -96.47
CA LEU W 321 -32.92 -6.94 -95.62
C LEU W 321 -34.23 -7.67 -95.39
N GLN W 322 -35.35 -6.94 -95.34
CA GLN W 322 -36.65 -7.57 -95.12
C GLN W 322 -37.03 -8.48 -96.27
N GLY W 323 -36.64 -8.12 -97.50
CA GLY W 323 -36.96 -8.94 -98.65
C GLY W 323 -36.04 -10.12 -98.86
N ARG W 324 -34.91 -10.17 -98.15
CA ARG W 324 -34.01 -11.30 -98.22
C ARG W 324 -34.29 -12.34 -97.14
N LEU W 325 -35.38 -12.17 -96.39
CA LEU W 325 -35.80 -13.12 -95.35
C LEU W 325 -37.23 -13.55 -95.65
N PRO W 326 -37.44 -14.32 -96.71
CA PRO W 326 -38.81 -14.67 -97.12
C PRO W 326 -39.61 -15.43 -96.07
N ILE W 327 -38.98 -16.30 -95.28
CA ILE W 327 -39.68 -17.15 -94.34
C ILE W 327 -39.57 -16.55 -92.95
N ARG W 328 -40.71 -16.39 -92.28
CA ARG W 328 -40.79 -15.87 -90.92
C ARG W 328 -41.49 -16.90 -90.04
N VAL W 329 -41.01 -17.05 -88.81
CA VAL W 329 -41.60 -17.97 -87.85
C VAL W 329 -41.35 -17.46 -86.45
N GLU W 330 -42.34 -17.63 -85.57
CA GLU W 330 -42.23 -17.30 -84.16
C GLU W 330 -42.19 -18.59 -83.36
N LEU W 331 -41.26 -18.66 -82.40
CA LEU W 331 -41.09 -19.83 -81.55
C LEU W 331 -41.76 -19.59 -80.20
N GLN W 332 -42.55 -20.57 -79.76
CA GLN W 332 -43.33 -20.42 -78.53
C GLN W 332 -42.47 -20.62 -77.28
N ALA W 333 -42.89 -19.99 -76.20
CA ALA W 333 -42.23 -20.17 -74.90
C ALA W 333 -42.50 -21.55 -74.34
N LEU W 334 -41.48 -22.12 -73.71
CA LEU W 334 -41.59 -23.45 -73.10
C LEU W 334 -42.31 -23.37 -71.76
N THR W 335 -43.18 -24.35 -71.49
CA THR W 335 -43.91 -24.44 -70.23
C THR W 335 -43.21 -25.41 -69.28
N THR W 336 -43.78 -25.52 -68.07
CA THR W 336 -43.25 -26.46 -67.09
C THR W 336 -43.35 -27.89 -67.60
N SER W 337 -44.42 -28.21 -68.32
CA SER W 337 -44.58 -29.55 -68.89
C SER W 337 -43.51 -29.82 -69.94
N ASP W 338 -43.16 -28.80 -70.71
CA ASP W 338 -42.09 -28.97 -71.69
C ASP W 338 -40.75 -29.17 -71.03
N PHE W 339 -40.53 -28.55 -69.86
CA PHE W 339 -39.29 -28.77 -69.12
C PHE W 339 -39.15 -30.23 -68.73
N GLU W 340 -40.24 -30.85 -68.27
CA GLU W 340 -40.19 -32.27 -67.91
C GLU W 340 -39.86 -33.11 -69.13
N ARG W 341 -40.36 -32.72 -70.30
CA ARG W 341 -40.05 -33.45 -71.52
C ARG W 341 -38.59 -33.24 -71.93
N ILE W 342 -38.11 -32.00 -71.84
CA ILE W 342 -36.73 -31.70 -72.23
C ILE W 342 -35.74 -32.47 -71.38
N LEU W 343 -36.09 -32.73 -70.12
CA LEU W 343 -35.17 -33.44 -69.24
C LEU W 343 -35.00 -34.89 -69.66
N THR W 344 -35.98 -35.47 -70.34
CA THR W 344 -35.99 -36.92 -70.56
C THR W 344 -36.09 -37.26 -72.05
N GLU W 345 -37.17 -36.82 -72.70
CA GLU W 345 -37.50 -37.26 -74.06
C GLU W 345 -36.39 -37.09 -75.09
N PRO W 346 -35.69 -35.95 -75.18
CA PRO W 346 -34.70 -35.79 -76.26
C PRO W 346 -33.60 -36.84 -76.16
N ASN W 347 -33.12 -37.28 -77.32
CA ASN W 347 -31.99 -38.18 -77.35
C ASN W 347 -30.78 -37.51 -76.71
N ALA W 348 -30.08 -38.24 -75.85
CA ALA W 348 -28.95 -37.70 -75.09
C ALA W 348 -29.35 -36.49 -74.25
N SER W 349 -30.51 -36.58 -73.59
CA SER W 349 -30.97 -35.51 -72.72
C SER W 349 -30.06 -35.41 -71.51
N ILE W 350 -30.07 -34.23 -70.88
CA ILE W 350 -29.14 -33.93 -69.80
C ILE W 350 -29.28 -34.92 -68.64
N THR W 351 -30.48 -35.41 -68.38
CA THR W 351 -30.64 -36.46 -67.37
C THR W 351 -29.97 -37.76 -67.80
N VAL W 352 -30.10 -38.13 -69.07
CA VAL W 352 -29.41 -39.30 -69.60
C VAL W 352 -27.90 -39.09 -69.55
N GLN W 353 -27.45 -37.86 -69.78
CA GLN W 353 -26.02 -37.58 -69.74
C GLN W 353 -25.48 -37.78 -68.32
N TYR W 354 -26.21 -37.29 -67.32
CA TYR W 354 -25.79 -37.49 -65.94
C TYR W 354 -25.85 -38.96 -65.54
N LYS W 355 -26.79 -39.72 -66.09
CA LYS W 355 -26.91 -41.13 -65.75
C LYS W 355 -25.68 -41.90 -66.22
N ALA W 356 -25.31 -41.73 -67.50
CA ALA W 356 -24.13 -42.40 -68.02
C ALA W 356 -22.85 -41.88 -67.39
N LEU W 357 -22.81 -40.60 -67.00
CA LEU W 357 -21.64 -40.06 -66.31
C LEU W 357 -21.42 -40.77 -64.99
N MET W 358 -22.47 -40.87 -64.17
CA MET W 358 -22.36 -41.63 -62.93
C MET W 358 -22.20 -43.12 -63.18
N ALA W 359 -22.71 -43.61 -64.32
CA ALA W 359 -22.50 -45.01 -64.67
C ALA W 359 -21.02 -45.31 -64.87
N THR W 360 -20.24 -44.31 -65.29
CA THR W 360 -18.80 -44.47 -65.41
C THR W 360 -18.14 -44.74 -64.07
N GLU W 361 -18.66 -44.15 -62.99
CA GLU W 361 -18.09 -44.37 -61.67
C GLU W 361 -18.59 -45.65 -61.03
N GLY W 362 -19.43 -46.42 -61.73
CA GLY W 362 -20.05 -47.61 -61.18
C GLY W 362 -21.34 -47.36 -60.45
N VAL W 363 -21.88 -46.14 -60.52
CA VAL W 363 -23.11 -45.76 -59.83
C VAL W 363 -24.25 -45.77 -60.83
N ASN W 364 -25.43 -46.12 -60.37
CA ASN W 364 -26.63 -46.17 -61.19
C ASN W 364 -27.59 -45.10 -60.70
N ILE W 365 -27.78 -44.06 -61.51
CA ILE W 365 -28.72 -43.00 -61.19
C ILE W 365 -30.08 -43.34 -61.79
N GLU W 366 -31.14 -43.01 -61.06
CA GLU W 366 -32.50 -43.18 -61.55
C GLU W 366 -33.33 -42.02 -61.01
N PHE W 367 -34.08 -41.37 -61.90
CA PHE W 367 -34.92 -40.23 -61.55
C PHE W 367 -36.38 -40.65 -61.56
N THR W 368 -37.09 -40.34 -60.48
CA THR W 368 -38.53 -40.58 -60.43
C THR W 368 -39.28 -39.54 -61.24
N ASP W 369 -40.47 -39.91 -61.69
CA ASP W 369 -41.31 -38.98 -62.44
C ASP W 369 -41.64 -37.75 -61.59
N SER W 370 -41.94 -37.97 -60.31
CA SER W 370 -42.15 -36.83 -59.41
C SER W 370 -40.86 -36.08 -59.14
N GLY W 371 -39.72 -36.79 -59.17
CA GLY W 371 -38.45 -36.11 -59.03
C GLY W 371 -38.11 -35.27 -60.24
N ILE W 372 -38.43 -35.77 -61.44
CA ILE W 372 -38.31 -34.96 -62.65
C ILE W 372 -39.30 -33.81 -62.62
N LYS W 373 -40.51 -34.05 -62.10
CA LYS W 373 -41.54 -33.02 -62.06
C LYS W 373 -41.13 -31.86 -61.15
N ARG W 374 -40.44 -32.15 -60.06
CA ARG W 374 -40.04 -31.10 -59.13
C ARG W 374 -38.78 -30.36 -59.55
N ILE W 375 -37.99 -30.92 -60.47
CA ILE W 375 -36.88 -30.17 -61.04
C ILE W 375 -37.39 -29.13 -62.02
N ALA W 376 -38.34 -29.53 -62.88
CA ALA W 376 -38.94 -28.57 -63.80
C ALA W 376 -39.66 -27.46 -63.06
N GLU W 377 -40.35 -27.80 -61.97
CA GLU W 377 -40.98 -26.77 -61.13
C GLU W 377 -39.95 -25.87 -60.47
N ALA W 378 -38.78 -26.40 -60.14
CA ALA W 378 -37.73 -25.59 -59.54
C ALA W 378 -37.17 -24.59 -60.54
N ALA W 379 -36.87 -25.04 -61.75
CA ALA W 379 -36.35 -24.15 -62.78
C ALA W 379 -37.37 -23.09 -63.18
N TRP W 380 -38.66 -23.43 -63.19
CA TRP W 380 -39.69 -22.47 -63.54
C TRP W 380 -39.80 -21.37 -62.48
N GLN W 381 -39.70 -21.74 -61.20
CA GLN W 381 -39.85 -20.75 -60.14
C GLN W 381 -38.72 -19.73 -60.18
N VAL W 382 -37.50 -20.18 -60.52
CA VAL W 382 -36.38 -19.25 -60.58
C VAL W 382 -36.56 -18.28 -61.74
N ASN W 383 -37.03 -18.77 -62.88
CA ASN W 383 -37.28 -17.91 -64.01
C ASN W 383 -38.38 -16.89 -63.70
N GLU W 384 -39.38 -17.28 -62.92
CA GLU W 384 -40.44 -16.35 -62.53
C GLU W 384 -40.00 -15.47 -61.37
N SER W 385 -39.29 -16.04 -60.40
CA SER W 385 -38.89 -15.25 -59.24
C SER W 385 -37.87 -14.17 -59.59
N THR W 386 -36.99 -14.43 -60.56
CA THR W 386 -35.95 -13.44 -60.86
C THR W 386 -35.94 -13.01 -62.33
N GLU W 387 -35.33 -13.83 -63.21
CA GLU W 387 -35.20 -13.53 -64.62
C GLU W 387 -35.42 -14.80 -65.43
N ASN W 388 -36.12 -14.67 -66.56
CA ASN W 388 -36.48 -15.84 -67.35
C ASN W 388 -35.40 -16.07 -68.41
N ILE W 389 -34.61 -17.13 -68.23
CA ILE W 389 -33.58 -17.52 -69.18
C ILE W 389 -34.01 -18.67 -70.07
N GLY W 390 -35.25 -19.13 -69.95
CA GLY W 390 -35.69 -20.27 -70.73
C GLY W 390 -35.16 -21.59 -70.21
N ALA W 391 -35.07 -22.57 -71.11
CA ALA W 391 -34.67 -23.92 -70.75
C ALA W 391 -33.25 -23.99 -70.22
N ARG W 392 -32.44 -22.94 -70.37
CA ARG W 392 -31.09 -22.94 -69.80
C ARG W 392 -31.10 -23.09 -68.29
N ARG W 393 -32.19 -22.69 -67.62
CA ARG W 393 -32.26 -22.82 -66.17
C ARG W 393 -32.18 -24.27 -65.74
N LEU W 394 -32.64 -25.21 -66.58
CA LEU W 394 -32.60 -26.62 -66.24
C LEU W 394 -31.17 -27.10 -66.00
N HIS W 395 -30.21 -26.53 -66.73
CA HIS W 395 -28.82 -26.95 -66.57
C HIS W 395 -28.27 -26.52 -65.22
N THR W 396 -28.55 -25.28 -64.81
CA THR W 396 -28.02 -24.78 -63.54
C THR W 396 -28.64 -25.50 -62.36
N VAL W 397 -29.93 -25.82 -62.45
CA VAL W 397 -30.63 -26.47 -61.34
C VAL W 397 -30.20 -27.91 -61.18
N LEU W 398 -30.04 -28.63 -62.30
CA LEU W 398 -29.68 -30.04 -62.22
C LEU W 398 -28.29 -30.23 -61.63
N GLU W 399 -27.32 -29.43 -62.06
CA GLU W 399 -25.96 -29.56 -61.55
C GLU W 399 -25.89 -29.22 -60.06
N ARG W 400 -26.70 -28.24 -59.61
CA ARG W 400 -26.76 -27.93 -58.19
C ARG W 400 -27.34 -29.08 -57.39
N LEU W 401 -28.29 -29.81 -57.97
CA LEU W 401 -28.88 -30.95 -57.28
C LEU W 401 -27.91 -32.13 -57.20
N MET W 402 -27.18 -32.38 -58.29
CA MET W 402 -26.32 -33.55 -58.41
C MET W 402 -24.90 -33.31 -57.94
N GLU W 403 -24.58 -32.09 -57.48
CA GLU W 403 -23.21 -31.78 -57.10
C GLU W 403 -22.69 -32.68 -56.00
N GLU W 404 -23.57 -33.10 -55.08
CA GLU W 404 -23.15 -33.96 -53.99
C GLU W 404 -22.92 -35.39 -54.47
N ILE W 405 -23.78 -35.89 -55.35
CA ILE W 405 -23.58 -37.22 -55.92
C ILE W 405 -22.37 -37.23 -56.84
N SER W 406 -22.24 -36.20 -57.68
CA SER W 406 -21.11 -36.16 -58.61
C SER W 406 -19.80 -36.11 -57.85
N TYR W 407 -19.81 -35.51 -56.66
CA TYR W 407 -18.59 -35.42 -55.88
C TYR W 407 -18.23 -36.77 -55.29
N ASP W 408 -19.21 -37.50 -54.77
CA ASP W 408 -18.99 -38.77 -54.07
C ASP W 408 -19.04 -39.98 -54.98
N ALA W 409 -19.27 -39.80 -56.28
CA ALA W 409 -19.53 -40.91 -57.19
C ALA W 409 -18.39 -41.92 -57.20
N SER W 410 -17.17 -41.48 -56.91
CA SER W 410 -16.04 -42.41 -56.83
C SER W 410 -16.22 -43.40 -55.69
N ASP W 411 -16.57 -42.90 -54.50
CA ASP W 411 -16.76 -43.76 -53.33
C ASP W 411 -18.08 -44.51 -53.36
N LEU W 412 -19.03 -44.09 -54.18
CA LEU W 412 -20.34 -44.72 -54.27
C LEU W 412 -20.41 -45.82 -55.31
N SER W 413 -19.28 -46.22 -55.89
CA SER W 413 -19.27 -47.23 -56.93
C SER W 413 -19.95 -48.51 -56.46
N GLY W 414 -20.74 -49.12 -57.34
CA GLY W 414 -21.47 -50.32 -57.00
C GLY W 414 -22.77 -50.11 -56.26
N GLN W 415 -23.24 -48.87 -56.13
CA GLN W 415 -24.49 -48.56 -55.45
C GLN W 415 -25.51 -48.00 -56.44
N ASN W 416 -26.78 -48.17 -56.10
CA ASN W 416 -27.89 -47.67 -56.90
C ASN W 416 -28.51 -46.50 -56.18
N ILE W 417 -28.33 -45.30 -56.72
CA ILE W 417 -28.88 -44.08 -56.15
C ILE W 417 -30.18 -43.76 -56.86
N THR W 418 -31.16 -43.25 -56.11
CA THR W 418 -32.47 -42.91 -56.64
C THR W 418 -32.76 -41.45 -56.33
N ILE W 419 -33.04 -40.67 -57.37
CA ILE W 419 -33.39 -39.27 -57.21
C ILE W 419 -34.91 -39.20 -57.12
N ASP W 420 -35.42 -38.88 -55.94
CA ASP W 420 -36.85 -38.82 -55.68
C ASP W 420 -37.29 -37.39 -55.40
N ALA W 421 -38.60 -37.22 -55.21
CA ALA W 421 -39.14 -35.90 -54.92
C ALA W 421 -38.60 -35.38 -53.59
N ASP W 422 -38.43 -36.26 -52.61
CA ASP W 422 -37.85 -35.86 -51.33
C ASP W 422 -36.39 -35.43 -51.48
N TYR W 423 -35.64 -36.07 -52.37
CA TYR W 423 -34.26 -35.68 -52.59
C TYR W 423 -34.17 -34.33 -53.29
N VAL W 424 -35.07 -34.08 -54.23
CA VAL W 424 -35.06 -32.81 -54.96
C VAL W 424 -35.38 -31.65 -54.01
N SER W 425 -36.42 -31.82 -53.19
CA SER W 425 -36.78 -30.76 -52.25
C SER W 425 -35.70 -30.54 -51.19
N LYS W 426 -34.94 -31.57 -50.86
CA LYS W 426 -33.92 -31.44 -49.81
C LYS W 426 -32.77 -30.53 -50.26
N HIS W 427 -32.28 -30.71 -51.49
CA HIS W 427 -31.12 -29.99 -51.98
C HIS W 427 -31.47 -28.68 -52.67
N LEU W 428 -32.75 -28.45 -52.97
CA LEU W 428 -33.16 -27.34 -53.84
C LEU W 428 -33.99 -26.30 -53.11
N ASP W 429 -35.17 -26.69 -52.58
CA ASP W 429 -36.15 -25.73 -52.05
C ASP W 429 -35.53 -24.64 -51.19
N ALA W 430 -34.62 -25.02 -50.29
CA ALA W 430 -33.96 -24.04 -49.43
C ALA W 430 -33.25 -22.96 -50.23
N LEU W 431 -32.75 -23.30 -51.40
CA LEU W 431 -32.09 -22.33 -52.28
C LEU W 431 -33.14 -21.52 -53.03
N SER X 1 -5.42 -35.33 -64.35
CA SER X 1 -5.17 -35.92 -63.04
C SER X 1 -6.41 -36.64 -62.53
N GLU X 2 -6.20 -37.77 -61.85
CA GLU X 2 -7.29 -38.60 -61.35
C GLU X 2 -7.67 -38.29 -59.90
N MET X 3 -7.09 -37.25 -59.31
CA MET X 3 -7.36 -36.89 -57.92
C MET X 3 -8.86 -36.72 -57.68
N THR X 4 -9.34 -37.25 -56.55
CA THR X 4 -10.72 -37.08 -56.15
C THR X 4 -10.93 -35.68 -55.55
N PRO X 5 -12.16 -35.16 -55.58
CA PRO X 5 -12.37 -33.77 -55.12
C PRO X 5 -11.91 -33.49 -53.70
N ARG X 6 -11.97 -34.46 -52.79
CA ARG X 6 -11.41 -34.21 -51.46
C ARG X 6 -9.90 -34.04 -51.51
N GLU X 7 -9.23 -34.79 -52.39
CA GLU X 7 -7.79 -34.63 -52.57
C GLU X 7 -7.45 -33.27 -53.17
N ILE X 8 -8.36 -32.70 -53.96
CA ILE X 8 -8.13 -31.37 -54.52
C ILE X 8 -8.24 -30.31 -53.42
N VAL X 9 -9.30 -30.38 -52.62
CA VAL X 9 -9.49 -29.41 -51.54
C VAL X 9 -8.36 -29.52 -50.52
N SER X 10 -7.92 -30.74 -50.21
CA SER X 10 -6.84 -30.91 -49.25
C SER X 10 -5.53 -30.31 -49.74
N GLU X 11 -5.28 -30.37 -51.06
CA GLU X 11 -4.08 -29.75 -51.61
C GLU X 11 -4.19 -28.22 -51.62
N LEU X 12 -5.40 -27.70 -51.91
CA LEU X 12 -5.59 -26.25 -51.90
C LEU X 12 -5.47 -25.66 -50.50
N ASP X 13 -5.81 -26.45 -49.46
CA ASP X 13 -5.65 -25.98 -48.09
C ASP X 13 -4.19 -25.75 -47.74
N LYS X 14 -3.27 -26.42 -48.44
CA LYS X 14 -1.84 -26.18 -48.23
C LYS X 14 -1.42 -24.77 -48.64
N HIS X 15 -2.21 -24.12 -49.49
CA HIS X 15 -1.91 -22.76 -49.94
C HIS X 15 -2.99 -21.79 -49.49
N ILE X 16 -4.23 -21.95 -49.94
CA ILE X 16 -5.32 -21.05 -49.56
C ILE X 16 -5.79 -21.41 -48.16
N ILE X 17 -6.20 -20.40 -47.41
CA ILE X 17 -6.76 -20.55 -46.07
C ILE X 17 -8.25 -20.26 -46.15
N GLY X 18 -9.06 -21.20 -45.65
CA GLY X 18 -10.50 -21.01 -45.65
C GLY X 18 -11.05 -21.05 -47.07
N GLN X 19 -12.21 -20.41 -47.25
CA GLN X 19 -12.89 -20.36 -48.55
C GLN X 19 -13.16 -21.75 -49.10
N ASP X 20 -13.56 -22.67 -48.21
CA ASP X 20 -13.71 -24.07 -48.60
C ASP X 20 -14.77 -24.25 -49.68
N ASN X 21 -15.83 -23.44 -49.64
CA ASN X 21 -16.89 -23.57 -50.64
C ASN X 21 -16.35 -23.31 -52.03
N ALA X 22 -15.49 -22.30 -52.17
CA ALA X 22 -14.83 -22.07 -53.44
C ALA X 22 -13.88 -23.21 -53.80
N LYS X 23 -13.25 -23.83 -52.81
CA LYS X 23 -12.41 -25.00 -53.06
C LYS X 23 -13.25 -26.19 -53.51
N ARG X 24 -14.39 -26.42 -52.85
CA ARG X 24 -15.25 -27.53 -53.24
C ARG X 24 -15.82 -27.31 -54.64
N SER X 25 -16.10 -26.06 -55.00
CA SER X 25 -16.70 -25.78 -56.30
C SER X 25 -15.69 -25.99 -57.43
N VAL X 26 -14.46 -25.52 -57.24
CA VAL X 26 -13.43 -25.73 -58.27
C VAL X 26 -13.06 -27.21 -58.39
N ALA X 27 -13.14 -27.96 -57.28
CA ALA X 27 -12.80 -29.38 -57.32
C ALA X 27 -13.82 -30.16 -58.16
N ILE X 28 -15.10 -29.78 -58.09
CA ILE X 28 -16.13 -30.47 -58.87
C ILE X 28 -15.88 -30.27 -60.37
N ALA X 29 -15.39 -29.09 -60.75
CA ALA X 29 -15.14 -28.82 -62.16
C ALA X 29 -13.94 -29.61 -62.67
N LEU X 30 -12.85 -29.64 -61.90
CA LEU X 30 -11.67 -30.40 -62.31
C LEU X 30 -11.96 -31.89 -62.35
N ARG X 31 -12.84 -32.36 -61.46
CA ARG X 31 -13.18 -33.78 -61.46
C ARG X 31 -14.08 -34.14 -62.64
N ASN X 32 -14.95 -33.22 -63.08
CA ASN X 32 -15.78 -33.49 -64.25
C ASN X 32 -14.93 -33.67 -65.50
N ARG X 33 -13.74 -33.08 -65.55
CA ARG X 33 -12.81 -33.32 -66.65
C ARG X 33 -12.45 -34.79 -66.77
N TRP X 34 -11.99 -35.39 -65.67
CA TRP X 34 -11.64 -36.80 -65.67
C TRP X 34 -12.85 -37.69 -65.91
N ARG X 35 -14.01 -37.29 -65.41
CA ARG X 35 -15.23 -38.07 -65.61
C ARG X 35 -15.67 -38.06 -67.06
N ARG X 36 -15.39 -36.97 -67.79
CA ARG X 36 -15.84 -36.89 -69.18
C ARG X 36 -15.03 -37.83 -70.06
N MET X 37 -13.71 -37.91 -69.85
CA MET X 37 -12.85 -38.71 -70.71
C MET X 37 -13.24 -40.19 -70.66
N GLN X 38 -13.76 -40.65 -69.53
CA GLN X 38 -14.20 -42.03 -69.36
C GLN X 38 -15.51 -42.34 -70.06
N LEU X 39 -16.24 -41.34 -70.54
CA LEU X 39 -17.54 -41.58 -71.17
C LEU X 39 -17.36 -42.02 -72.61
N ASN X 40 -18.49 -42.31 -73.27
CA ASN X 40 -18.49 -42.76 -74.65
C ASN X 40 -18.31 -41.56 -75.60
N GLU X 41 -18.27 -41.86 -76.90
CA GLU X 41 -17.97 -40.83 -77.89
C GLU X 41 -19.03 -39.73 -77.90
N GLU X 42 -20.31 -40.10 -77.68
CA GLU X 42 -21.38 -39.12 -77.80
C GLU X 42 -21.41 -38.14 -76.63
N LEU X 43 -21.37 -38.66 -75.41
CA LEU X 43 -21.52 -37.82 -74.22
C LEU X 43 -20.34 -36.87 -74.05
N ARG X 44 -19.15 -37.27 -74.50
CA ARG X 44 -17.97 -36.39 -74.35
C ARG X 44 -18.15 -35.10 -75.12
N HIS X 45 -18.90 -35.12 -76.21
CA HIS X 45 -19.20 -33.89 -76.94
C HIS X 45 -20.31 -33.10 -76.27
N GLU X 46 -21.37 -33.77 -75.83
CA GLU X 46 -22.52 -33.07 -75.27
C GLU X 46 -22.18 -32.42 -73.93
N VAL X 47 -21.38 -33.11 -73.10
CA VAL X 47 -20.98 -32.54 -71.82
C VAL X 47 -20.01 -31.40 -72.06
N THR X 48 -20.19 -30.32 -71.31
CA THR X 48 -19.38 -29.12 -71.41
C THR X 48 -18.93 -28.73 -70.00
N PRO X 49 -17.80 -28.01 -69.89
CA PRO X 49 -17.28 -27.70 -68.56
C PRO X 49 -18.28 -26.90 -67.75
N LYS X 50 -18.27 -27.12 -66.44
CA LYS X 50 -19.15 -26.39 -65.54
C LYS X 50 -18.36 -25.17 -65.10
N ASN X 51 -18.70 -24.02 -65.66
CA ASN X 51 -17.98 -22.80 -65.36
C ASN X 51 -18.42 -22.24 -64.01
N ILE X 52 -17.48 -21.54 -63.35
CA ILE X 52 -17.70 -21.06 -62.00
C ILE X 52 -17.67 -19.54 -62.01
N LEU X 53 -18.49 -18.94 -61.17
CA LEU X 53 -18.51 -17.49 -60.97
C LEU X 53 -18.15 -17.25 -59.51
N MET X 54 -16.94 -16.76 -59.28
CA MET X 54 -16.54 -16.36 -57.94
C MET X 54 -17.08 -14.98 -57.62
N ILE X 55 -17.45 -14.78 -56.36
CA ILE X 55 -18.09 -13.55 -55.91
C ILE X 55 -17.53 -13.23 -54.53
N GLY X 56 -17.15 -11.97 -54.33
CA GLY X 56 -16.67 -11.54 -53.04
C GLY X 56 -15.78 -10.32 -53.13
N PRO X 57 -15.39 -9.79 -51.97
CA PRO X 57 -14.49 -8.64 -51.95
C PRO X 57 -13.10 -9.03 -52.43
N THR X 58 -12.37 -8.01 -52.88
CA THR X 58 -11.05 -8.23 -53.45
C THR X 58 -10.09 -8.80 -52.41
N GLY X 59 -9.14 -9.60 -52.89
CA GLY X 59 -8.05 -10.07 -52.07
C GLY X 59 -8.35 -11.24 -51.16
N VAL X 60 -9.48 -11.92 -51.35
CA VAL X 60 -9.86 -13.02 -50.46
C VAL X 60 -9.40 -14.36 -51.02
N GLY X 61 -8.66 -14.33 -52.13
CA GLY X 61 -8.10 -15.54 -52.70
C GLY X 61 -8.85 -16.15 -53.86
N LYS X 62 -9.78 -15.41 -54.48
CA LYS X 62 -10.45 -15.92 -55.68
C LYS X 62 -9.44 -16.32 -56.74
N THR X 63 -8.48 -15.44 -57.04
CA THR X 63 -7.49 -15.73 -58.07
C THR X 63 -6.53 -16.82 -57.62
N GLU X 64 -6.16 -16.83 -56.34
CA GLU X 64 -5.19 -17.83 -55.87
C GLU X 64 -5.75 -19.24 -56.01
N ILE X 65 -7.06 -19.40 -55.80
CA ILE X 65 -7.68 -20.70 -56.01
C ILE X 65 -7.53 -21.12 -57.47
N ALA X 66 -7.81 -20.19 -58.39
CA ALA X 66 -7.66 -20.49 -59.82
C ALA X 66 -6.20 -20.73 -60.18
N ARG X 67 -5.28 -19.99 -59.54
CA ARG X 67 -3.86 -20.17 -59.85
C ARG X 67 -3.36 -21.51 -59.33
N ARG X 68 -3.64 -21.82 -58.06
CA ARG X 68 -3.22 -23.10 -57.50
C ARG X 68 -3.96 -24.27 -58.16
N LEU X 69 -5.19 -24.06 -58.62
CA LEU X 69 -5.92 -25.13 -59.30
C LEU X 69 -5.26 -25.51 -60.61
N ALA X 70 -4.93 -24.51 -61.44
CA ALA X 70 -4.26 -24.78 -62.71
C ALA X 70 -2.85 -25.29 -62.47
N LYS X 71 -2.14 -24.72 -61.50
CA LYS X 71 -0.82 -25.24 -61.13
C LYS X 71 -0.91 -26.67 -60.61
N LEU X 72 -2.02 -27.00 -59.94
CA LEU X 72 -2.22 -28.37 -59.47
C LEU X 72 -2.43 -29.32 -60.65
N ALA X 73 -3.17 -28.89 -61.66
CA ALA X 73 -3.44 -29.70 -62.83
C ALA X 73 -2.37 -29.59 -63.90
N ASN X 74 -1.37 -28.73 -63.70
CA ASN X 74 -0.36 -28.42 -64.72
C ASN X 74 -0.99 -27.91 -66.01
N ALA X 75 -2.18 -27.33 -65.90
CA ALA X 75 -2.96 -26.84 -67.02
C ALA X 75 -2.50 -25.43 -67.41
N PRO X 76 -2.70 -25.05 -68.66
CA PRO X 76 -2.50 -23.65 -69.05
C PRO X 76 -3.47 -22.74 -68.31
N PHE X 77 -3.00 -21.53 -67.99
CA PHE X 77 -3.79 -20.60 -67.21
C PHE X 77 -3.47 -19.17 -67.63
N ILE X 78 -4.48 -18.32 -67.56
CA ILE X 78 -4.33 -16.90 -67.82
C ILE X 78 -5.39 -16.14 -67.03
N LYS X 79 -5.00 -14.97 -66.53
CA LYS X 79 -5.93 -14.04 -65.88
C LYS X 79 -6.10 -12.84 -66.79
N VAL X 80 -7.35 -12.49 -67.09
CA VAL X 80 -7.67 -11.40 -68.00
C VAL X 80 -8.65 -10.46 -67.29
N GLU X 81 -8.38 -9.16 -67.37
CA GLU X 81 -9.28 -8.15 -66.82
C GLU X 81 -10.37 -7.84 -67.84
N ALA X 82 -11.63 -8.04 -67.44
CA ALA X 82 -12.74 -7.87 -68.38
C ALA X 82 -12.84 -6.43 -68.87
N THR X 83 -12.39 -5.46 -68.07
CA THR X 83 -12.47 -4.06 -68.47
C THR X 83 -11.46 -3.70 -69.55
N LYS X 84 -10.49 -4.58 -69.84
CA LYS X 84 -9.51 -4.30 -70.89
C LYS X 84 -10.18 -4.14 -72.25
N PHE X 85 -11.32 -4.80 -72.47
CA PHE X 85 -12.01 -4.80 -73.75
C PHE X 85 -13.05 -3.69 -73.88
N THR X 86 -13.22 -2.86 -72.86
CA THR X 86 -14.14 -1.74 -72.92
C THR X 86 -13.68 -0.70 -73.93
N GLU X 94 -9.07 -7.04 -79.45
CA GLU X 94 -10.06 -8.07 -79.74
C GLU X 94 -10.16 -9.09 -78.62
N VAL X 95 -11.36 -9.64 -78.43
CA VAL X 95 -11.57 -10.63 -77.38
C VAL X 95 -10.86 -11.94 -77.70
N ASP X 96 -10.61 -12.22 -78.98
CA ASP X 96 -9.95 -13.46 -79.36
C ASP X 96 -8.53 -13.54 -78.83
N SER X 97 -7.94 -12.41 -78.42
CA SER X 97 -6.59 -12.42 -77.88
C SER X 97 -6.45 -13.28 -76.63
N ILE X 98 -7.55 -13.51 -75.91
CA ILE X 98 -7.50 -14.35 -74.71
C ILE X 98 -6.97 -15.74 -75.03
N ILE X 99 -7.54 -16.38 -76.06
CA ILE X 99 -7.08 -17.71 -76.44
C ILE X 99 -5.66 -17.65 -77.02
N ARG X 100 -5.31 -16.56 -77.70
CA ARG X 100 -3.98 -16.41 -78.26
C ARG X 100 -2.93 -16.34 -77.15
N ASP X 101 -3.16 -15.47 -76.16
CA ASP X 101 -2.22 -15.36 -75.05
C ASP X 101 -2.20 -16.62 -74.20
N LEU X 102 -3.34 -17.32 -74.12
CA LEU X 102 -3.38 -18.58 -73.39
C LEU X 102 -2.50 -19.63 -74.05
N THR X 103 -2.58 -19.73 -75.38
CA THR X 103 -1.73 -20.69 -76.09
C THR X 103 -0.26 -20.31 -75.99
N ASP X 104 0.04 -19.02 -75.99
CA ASP X 104 1.43 -18.60 -75.85
C ASP X 104 1.98 -18.99 -74.48
N ALA X 105 1.14 -18.95 -73.45
CA ALA X 105 1.55 -19.46 -72.14
C ALA X 105 1.65 -20.97 -72.15
N ALA X 106 0.74 -21.65 -72.84
CA ALA X 106 0.83 -23.10 -72.95
C ALA X 106 2.04 -23.53 -73.76
N VAL X 107 2.45 -22.72 -74.74
CA VAL X 107 3.63 -23.03 -75.54
C VAL X 107 4.88 -23.01 -74.66
N LYS X 108 5.08 -21.92 -73.93
CA LYS X 108 6.23 -21.82 -73.04
C LYS X 108 6.16 -22.84 -71.91
N MET X 109 4.93 -23.23 -71.52
CA MET X 109 4.79 -24.21 -70.45
C MET X 109 5.23 -25.60 -70.92
N VAL X 110 4.70 -26.05 -72.07
CA VAL X 110 5.07 -27.36 -72.59
C VAL X 110 6.54 -27.38 -73.02
N ARG X 111 7.07 -26.24 -73.48
CA ARG X 111 8.45 -26.20 -73.95
C ARG X 111 9.44 -26.35 -72.80
N VAL X 112 9.27 -25.56 -71.74
CA VAL X 112 10.16 -25.65 -70.60
C VAL X 112 10.04 -27.01 -69.93
N GLN X 113 8.83 -27.55 -69.87
CA GLN X 113 8.66 -28.91 -69.35
C GLN X 113 9.29 -29.94 -70.25
N ALA X 114 9.27 -29.72 -71.57
CA ALA X 114 9.97 -30.61 -72.48
C ALA X 114 11.48 -30.51 -72.32
N ILE X 115 11.99 -29.34 -71.96
CA ILE X 115 13.43 -29.20 -71.71
C ILE X 115 13.85 -30.04 -70.51
N GLU X 116 12.96 -30.22 -69.53
CA GLU X 116 13.27 -31.04 -68.37
C GLU X 116 13.43 -32.50 -68.73
N LYS X 117 12.65 -32.98 -69.71
CA LYS X 117 12.80 -34.35 -70.18
C LYS X 117 14.10 -34.52 -70.97
N ASN X 118 14.31 -33.67 -71.98
CA ASN X 118 15.53 -33.73 -72.79
C ASN X 118 16.78 -33.44 -71.98
N ARG X 119 16.65 -32.82 -70.81
CA ARG X 119 17.82 -32.48 -69.99
C ARG X 119 18.63 -33.72 -69.64
N TYR X 120 18.00 -34.88 -69.57
CA TYR X 120 18.73 -36.08 -69.18
C TYR X 120 19.40 -36.76 -70.36
N ARG X 121 18.58 -37.20 -71.33
CA ARG X 121 19.11 -37.98 -72.45
C ARG X 121 20.21 -37.21 -73.16
N ALA X 122 20.04 -35.90 -73.32
CA ALA X 122 21.01 -35.11 -74.07
C ALA X 122 22.37 -35.09 -73.40
N GLU X 123 22.40 -35.10 -72.05
CA GLU X 123 23.69 -35.14 -71.37
C GLU X 123 24.42 -36.45 -71.62
N GLU X 124 23.69 -37.57 -71.77
CA GLU X 124 24.35 -38.83 -72.09
C GLU X 124 24.83 -38.84 -73.53
N LEU X 125 23.96 -38.48 -74.48
CA LEU X 125 24.37 -38.47 -75.88
C LEU X 125 25.41 -37.39 -76.16
N ALA X 126 25.35 -36.25 -75.45
CA ALA X 126 26.40 -35.24 -75.62
C ALA X 126 27.72 -35.72 -75.06
N GLU X 127 27.69 -36.51 -73.98
CA GLU X 127 28.92 -37.08 -73.45
C GLU X 127 29.52 -38.08 -74.44
N GLU X 128 28.68 -38.89 -75.09
CA GLU X 128 29.18 -39.83 -76.08
C GLU X 128 29.75 -39.10 -77.30
N ARG X 129 29.25 -37.90 -77.59
CA ARG X 129 29.79 -37.12 -78.70
C ARG X 129 31.15 -36.53 -78.38
N ILE X 130 31.29 -35.94 -77.19
CA ILE X 130 32.55 -35.31 -76.81
C ILE X 130 33.64 -36.32 -76.51
N LEU X 131 33.27 -37.56 -76.18
CA LEU X 131 34.27 -38.61 -75.99
C LEU X 131 34.81 -39.15 -77.31
N ASP X 132 34.13 -38.89 -78.42
CA ASP X 132 34.62 -39.33 -79.72
C ASP X 132 35.84 -38.51 -80.17
N VAL X 133 35.96 -37.27 -79.71
CA VAL X 133 37.15 -36.48 -80.07
C VAL X 133 38.34 -36.84 -79.19
N LEU X 134 38.10 -37.17 -77.91
CA LEU X 134 39.20 -37.53 -77.02
C LEU X 134 39.72 -38.94 -77.30
N ILE X 135 38.82 -39.90 -77.52
CA ILE X 135 39.19 -41.28 -77.82
C ILE X 135 38.41 -41.70 -79.06
N PRO X 136 38.88 -41.38 -80.26
CA PRO X 136 38.13 -41.74 -81.47
C PRO X 136 38.04 -43.24 -81.64
N PRO X 137 36.83 -43.77 -81.88
CA PRO X 137 36.63 -45.19 -82.16
C PRO X 137 37.31 -45.62 -83.45
N ARG X 155 38.17 -44.27 -72.26
CA ARG X 155 36.84 -43.71 -72.45
C ARG X 155 36.24 -43.31 -71.09
N GLN X 156 36.51 -44.12 -70.07
CA GLN X 156 36.07 -43.78 -68.72
C GLN X 156 37.01 -42.80 -68.04
N ALA X 157 38.31 -42.90 -68.31
CA ALA X 157 39.28 -41.98 -67.73
C ALA X 157 39.02 -40.54 -68.17
N PHE X 158 38.57 -40.35 -69.42
CA PHE X 158 38.16 -39.03 -69.87
C PHE X 158 36.76 -38.67 -69.39
N ARG X 159 35.87 -39.67 -69.27
CA ARG X 159 34.52 -39.41 -68.77
C ARG X 159 34.54 -38.91 -67.33
N LYS X 160 35.52 -39.36 -66.53
CA LYS X 160 35.62 -38.91 -65.14
C LYS X 160 36.10 -37.47 -65.08
N LYS X 161 37.14 -37.13 -65.83
CA LYS X 161 37.64 -35.76 -65.85
C LYS X 161 36.61 -34.79 -66.41
N LEU X 162 35.71 -35.27 -67.26
CA LEU X 162 34.66 -34.43 -67.82
C LEU X 162 33.63 -34.06 -66.75
N ARG X 163 33.11 -35.06 -66.03
CA ARG X 163 32.13 -34.79 -64.97
C ARG X 163 32.73 -33.99 -63.83
N GLU X 164 34.04 -34.14 -63.58
CA GLU X 164 34.71 -33.32 -62.58
C GLU X 164 34.81 -31.86 -62.99
N GLY X 165 34.62 -31.55 -64.26
CA GLY X 165 34.63 -30.20 -64.76
C GLY X 165 35.91 -29.87 -65.53
N GLN X 166 35.85 -28.80 -66.31
CA GLN X 166 36.99 -28.35 -67.10
C GLN X 166 36.79 -26.92 -67.57
N ASP X 219 32.46 -24.60 -74.09
CA ASP X 219 31.28 -24.09 -74.76
C ASP X 219 30.58 -25.18 -75.55
N ALA X 220 31.37 -26.18 -75.96
CA ALA X 220 30.86 -27.21 -76.88
C ALA X 220 29.77 -28.07 -76.24
N MET X 221 29.84 -28.27 -74.92
CA MET X 221 28.85 -29.12 -74.26
C MET X 221 27.46 -28.50 -74.31
N LYS X 222 27.38 -27.17 -74.38
CA LYS X 222 26.08 -26.51 -74.45
C LYS X 222 25.46 -26.66 -75.82
N LEU X 223 26.27 -26.59 -76.87
CA LEU X 223 25.75 -26.71 -78.24
C LEU X 223 25.17 -28.09 -78.50
N LEU X 224 25.76 -29.14 -77.92
CA LEU X 224 25.25 -30.47 -78.18
C LEU X 224 23.92 -30.72 -77.48
N ILE X 225 23.64 -29.99 -76.40
CA ILE X 225 22.34 -30.11 -75.76
C ILE X 225 21.23 -29.64 -76.69
N GLU X 226 21.50 -28.63 -77.51
CA GLU X 226 20.49 -28.16 -78.46
C GLU X 226 20.29 -29.16 -79.59
N GLU X 227 21.39 -29.61 -80.22
CA GLU X 227 21.28 -30.54 -81.34
C GLU X 227 20.67 -31.86 -80.88
N GLU X 228 20.99 -32.30 -79.66
CA GLU X 228 20.44 -33.56 -79.18
C GLU X 228 18.99 -33.40 -78.72
N ALA X 229 18.70 -32.34 -77.95
CA ALA X 229 17.31 -32.09 -77.57
C ALA X 229 16.44 -31.82 -78.79
N ALA X 230 17.00 -31.16 -79.82
CA ALA X 230 16.27 -31.04 -81.08
C ALA X 230 16.12 -32.39 -81.75
N LYS X 231 17.16 -33.22 -81.71
CA LYS X 231 17.07 -34.57 -82.27
C LYS X 231 16.11 -35.44 -81.47
N LEU X 232 16.04 -35.23 -80.15
CA LEU X 232 15.13 -36.02 -79.32
C LEU X 232 13.71 -35.46 -79.35
N VAL X 233 13.56 -34.14 -79.42
CA VAL X 233 12.23 -33.55 -79.39
C VAL X 233 11.51 -33.81 -80.71
N ASN X 234 10.18 -33.77 -80.65
CA ASN X 234 9.31 -33.90 -81.82
C ASN X 234 8.48 -32.63 -81.81
N PRO X 235 8.88 -31.60 -82.56
CA PRO X 235 8.17 -30.31 -82.47
C PRO X 235 6.71 -30.40 -82.85
N GLU X 236 6.37 -31.30 -83.79
CA GLU X 236 4.97 -31.53 -84.13
C GLU X 236 4.21 -32.17 -82.97
N GLU X 237 4.90 -32.87 -82.08
CA GLU X 237 4.27 -33.37 -80.87
C GLU X 237 4.28 -32.33 -79.75
N LEU X 238 5.06 -31.26 -79.88
CA LEU X 238 5.17 -30.24 -78.85
C LEU X 238 4.22 -29.07 -79.11
N LYS X 239 4.38 -28.38 -80.24
CA LYS X 239 3.47 -27.30 -80.60
C LYS X 239 2.02 -27.79 -80.68
N GLN X 240 1.82 -29.05 -81.07
CA GLN X 240 0.50 -29.66 -81.02
C GLN X 240 0.11 -30.11 -79.61
N ASP X 241 1.09 -30.25 -78.70
CA ASP X 241 0.77 -30.61 -77.33
C ASP X 241 0.18 -29.43 -76.58
N ALA X 242 0.73 -28.22 -76.80
CA ALA X 242 0.18 -27.03 -76.15
C ALA X 242 -1.26 -26.79 -76.61
N ILE X 243 -1.57 -27.13 -77.87
CA ILE X 243 -2.95 -27.04 -78.34
C ILE X 243 -3.83 -28.04 -77.59
N ASP X 244 -3.35 -29.27 -77.43
CA ASP X 244 -4.09 -30.26 -76.64
C ASP X 244 -4.16 -29.84 -75.18
N ALA X 245 -3.10 -29.20 -74.67
CA ALA X 245 -3.13 -28.71 -73.30
C ALA X 245 -4.13 -27.58 -73.13
N VAL X 246 -4.28 -26.73 -74.15
CA VAL X 246 -5.26 -25.64 -74.08
C VAL X 246 -6.68 -26.17 -74.24
N GLU X 247 -6.90 -27.01 -75.26
CA GLU X 247 -8.26 -27.47 -75.53
C GLU X 247 -8.78 -28.35 -74.40
N GLN X 248 -7.96 -29.31 -73.96
CA GLN X 248 -8.44 -30.24 -72.95
C GLN X 248 -8.34 -29.66 -71.54
N HIS X 249 -7.19 -29.12 -71.19
CA HIS X 249 -6.91 -28.72 -69.82
C HIS X 249 -7.03 -27.22 -69.57
N GLY X 250 -7.34 -26.43 -70.59
CA GLY X 250 -7.18 -24.99 -70.47
C GLY X 250 -8.10 -24.39 -69.41
N ILE X 251 -7.61 -23.32 -68.80
CA ILE X 251 -8.32 -22.59 -67.76
C ILE X 251 -8.10 -21.10 -67.99
N VAL X 252 -9.15 -20.31 -67.78
CA VAL X 252 -9.09 -18.87 -67.95
C VAL X 252 -9.79 -18.22 -66.77
N PHE X 253 -9.16 -17.22 -66.18
CA PHE X 253 -9.74 -16.46 -65.08
C PHE X 253 -10.04 -15.06 -65.57
N ILE X 254 -11.32 -14.70 -65.54
CA ILE X 254 -11.77 -13.37 -65.98
C ILE X 254 -12.08 -12.60 -64.71
N ASP X 255 -11.20 -11.67 -64.34
CA ASP X 255 -11.37 -10.87 -63.14
C ASP X 255 -12.40 -9.78 -63.39
N GLU X 256 -13.01 -9.30 -62.31
CA GLU X 256 -13.90 -8.13 -62.31
C GLU X 256 -14.94 -8.18 -63.44
N ILE X 257 -15.58 -9.34 -63.58
CA ILE X 257 -16.64 -9.47 -64.57
C ILE X 257 -17.86 -8.63 -64.17
N ASP X 258 -18.01 -8.30 -62.88
CA ASP X 258 -19.16 -7.53 -62.44
C ASP X 258 -19.17 -6.12 -63.02
N LYS X 259 -18.01 -5.59 -63.43
CA LYS X 259 -17.92 -4.22 -63.93
C LYS X 259 -18.42 -4.06 -65.36
N ILE X 260 -18.67 -5.15 -66.08
CA ILE X 260 -19.22 -5.08 -67.42
C ILE X 260 -20.74 -5.26 -67.45
N CYS X 261 -21.37 -5.36 -66.29
CA CYS X 261 -22.84 -5.45 -66.22
C CYS X 261 -23.49 -4.10 -66.50
N GLY X 268 -25.27 4.64 -72.55
CA GLY X 268 -23.97 4.77 -73.16
C GLY X 268 -23.04 3.62 -72.83
N PRO X 269 -22.51 3.60 -71.61
CA PRO X 269 -21.63 2.50 -71.22
C PRO X 269 -22.30 1.13 -71.23
N ASP X 270 -23.61 1.07 -70.97
CA ASP X 270 -24.32 -0.21 -70.92
C ASP X 270 -24.23 -0.95 -72.26
N VAL X 271 -24.13 -0.22 -73.38
CA VAL X 271 -23.95 -0.87 -74.67
C VAL X 271 -22.54 -1.42 -74.80
N SER X 272 -21.54 -0.60 -74.46
CA SER X 272 -20.16 -1.07 -74.50
C SER X 272 -19.87 -2.13 -73.44
N ARG X 273 -20.52 -2.03 -72.27
CA ARG X 273 -20.33 -3.03 -71.21
C ARG X 273 -20.93 -4.37 -71.62
N GLU X 274 -22.21 -4.38 -72.00
CA GLU X 274 -22.86 -5.61 -72.45
C GLU X 274 -22.32 -6.06 -73.81
N GLY X 275 -21.71 -5.15 -74.58
CA GLY X 275 -21.09 -5.56 -75.82
C GLY X 275 -19.90 -6.48 -75.60
N VAL X 276 -19.15 -6.26 -74.53
CA VAL X 276 -18.06 -7.16 -74.17
C VAL X 276 -18.59 -8.55 -73.82
N GLN X 277 -19.77 -8.60 -73.21
CA GLN X 277 -20.37 -9.89 -72.86
C GLN X 277 -20.69 -10.70 -74.10
N ARG X 278 -21.28 -10.05 -75.11
CA ARG X 278 -21.58 -10.74 -76.36
C ARG X 278 -20.31 -11.17 -77.08
N ASP X 279 -19.24 -10.38 -76.98
CA ASP X 279 -17.96 -10.77 -77.57
C ASP X 279 -17.37 -11.97 -76.84
N LEU X 280 -17.56 -12.04 -75.51
CA LEU X 280 -17.11 -13.20 -74.75
C LEU X 280 -17.99 -14.41 -74.99
N LEU X 281 -19.22 -14.20 -75.44
CA LEU X 281 -20.19 -15.29 -75.56
C LEU X 281 -19.70 -16.47 -76.39
N PRO X 282 -19.13 -16.29 -77.59
CA PRO X 282 -18.70 -17.47 -78.37
C PRO X 282 -17.66 -18.33 -77.67
N LEU X 283 -16.78 -17.75 -76.86
CA LEU X 283 -15.72 -18.54 -76.24
C LEU X 283 -16.29 -19.58 -75.28
N VAL X 284 -17.35 -19.23 -74.55
CA VAL X 284 -17.95 -20.15 -73.59
C VAL X 284 -18.94 -21.10 -74.27
N GLU X 285 -19.73 -20.59 -75.21
CA GLU X 285 -20.65 -21.44 -75.96
C GLU X 285 -19.90 -22.38 -76.89
N GLY X 286 -18.61 -22.11 -77.12
CA GLY X 286 -17.78 -22.90 -78.00
C GLY X 286 -17.62 -22.22 -79.34
N CYS X 287 -16.42 -22.31 -79.90
CA CYS X 287 -16.08 -21.65 -81.15
C CYS X 287 -14.69 -22.14 -81.54
N THR X 288 -14.14 -21.57 -82.61
CA THR X 288 -12.79 -21.89 -83.04
C THR X 288 -12.06 -20.59 -83.30
N VAL X 289 -10.85 -20.46 -82.75
CA VAL X 289 -10.02 -19.27 -82.89
C VAL X 289 -8.72 -19.67 -83.58
N SER X 290 -8.27 -18.82 -84.49
CA SER X 290 -7.03 -19.06 -85.23
C SER X 290 -5.86 -18.42 -84.50
N THR X 291 -4.76 -19.17 -84.42
CA THR X 291 -3.52 -18.69 -83.82
C THR X 291 -2.37 -19.12 -84.71
N LYS X 292 -1.26 -18.38 -84.60
CA LYS X 292 -0.06 -18.76 -85.37
C LYS X 292 0.43 -20.14 -84.97
N HIS X 293 0.22 -20.53 -83.71
CA HIS X 293 0.60 -21.86 -83.26
C HIS X 293 -0.33 -22.95 -83.77
N GLY X 294 -1.56 -22.60 -84.13
CA GLY X 294 -2.50 -23.59 -84.62
C GLY X 294 -3.92 -23.08 -84.48
N MET X 295 -4.86 -24.00 -84.69
CA MET X 295 -6.28 -23.72 -84.66
C MET X 295 -6.86 -24.36 -83.41
N VAL X 296 -7.35 -23.54 -82.48
CA VAL X 296 -7.80 -24.00 -81.18
C VAL X 296 -9.33 -23.92 -81.10
N LYS X 297 -9.92 -24.87 -80.38
CA LYS X 297 -11.36 -24.89 -80.11
C LYS X 297 -11.59 -24.69 -78.62
N THR X 298 -12.56 -23.84 -78.29
CA THR X 298 -12.81 -23.39 -76.92
C THR X 298 -13.90 -24.19 -76.21
N ASP X 299 -14.42 -25.25 -76.83
CA ASP X 299 -15.62 -25.89 -76.30
C ASP X 299 -15.39 -26.45 -74.90
N HIS X 300 -14.24 -27.08 -74.67
CA HIS X 300 -13.97 -27.77 -73.41
C HIS X 300 -13.10 -26.98 -72.44
N ILE X 301 -12.75 -25.74 -72.77
CA ILE X 301 -11.99 -24.91 -71.85
C ILE X 301 -12.83 -24.56 -70.63
N LEU X 302 -12.20 -24.59 -69.46
CA LEU X 302 -12.85 -24.16 -68.22
C LEU X 302 -12.58 -22.68 -67.97
N PHE X 303 -13.58 -22.00 -67.43
CA PHE X 303 -13.48 -20.57 -67.18
C PHE X 303 -13.92 -20.28 -65.75
N ILE X 304 -13.31 -19.27 -65.15
CA ILE X 304 -13.63 -18.81 -63.80
C ILE X 304 -13.77 -17.29 -63.87
N ALA X 305 -14.99 -16.79 -63.63
CA ALA X 305 -15.25 -15.36 -63.53
C ALA X 305 -15.37 -14.94 -62.07
N SER X 306 -14.93 -13.72 -61.78
CA SER X 306 -14.96 -13.19 -60.42
C SER X 306 -15.36 -11.73 -60.44
N GLY X 307 -16.04 -11.31 -59.39
CA GLY X 307 -16.43 -9.92 -59.23
C GLY X 307 -16.96 -9.65 -57.85
N ALA X 308 -16.84 -8.41 -57.38
CA ALA X 308 -17.41 -8.06 -56.10
C ALA X 308 -18.93 -8.06 -56.14
N PHE X 309 -19.51 -7.68 -57.28
CA PHE X 309 -20.96 -7.65 -57.46
C PHE X 309 -21.66 -6.83 -56.38
N GLN X 310 -21.00 -5.78 -55.91
CA GLN X 310 -21.66 -4.86 -55.00
C GLN X 310 -22.50 -3.83 -55.76
N ILE X 311 -22.01 -3.38 -56.92
CA ILE X 311 -22.79 -2.45 -57.73
C ILE X 311 -23.86 -3.18 -58.53
N ALA X 312 -23.53 -4.35 -59.07
CA ALA X 312 -24.44 -5.13 -59.91
C ALA X 312 -24.55 -6.54 -59.36
N LYS X 313 -25.34 -7.36 -60.01
CA LYS X 313 -25.57 -8.74 -59.61
C LYS X 313 -25.42 -9.66 -60.79
N PRO X 314 -25.15 -10.96 -60.56
CA PRO X 314 -25.04 -11.90 -61.68
C PRO X 314 -26.27 -11.94 -62.55
N SER X 315 -27.45 -11.65 -62.00
CA SER X 315 -28.66 -11.57 -62.80
C SER X 315 -28.56 -10.46 -63.85
N ASP X 316 -27.74 -9.44 -63.61
CA ASP X 316 -27.55 -8.35 -64.57
C ASP X 316 -26.76 -8.78 -65.80
N LEU X 317 -26.10 -9.94 -65.76
CA LEU X 317 -25.40 -10.46 -66.92
C LEU X 317 -26.41 -10.87 -67.99
N ILE X 318 -25.95 -10.90 -69.24
CA ILE X 318 -26.83 -11.25 -70.36
C ILE X 318 -27.29 -12.70 -70.16
N PRO X 319 -28.52 -13.04 -70.57
CA PRO X 319 -29.03 -14.38 -70.26
C PRO X 319 -28.19 -15.51 -70.84
N GLU X 320 -27.61 -15.33 -72.03
CA GLU X 320 -26.76 -16.36 -72.59
C GLU X 320 -25.51 -16.59 -71.74
N LEU X 321 -25.08 -15.55 -71.02
CA LEU X 321 -23.91 -15.70 -70.15
C LEU X 321 -24.27 -16.33 -68.82
N GLN X 322 -25.47 -16.05 -68.30
CA GLN X 322 -25.87 -16.61 -67.01
C GLN X 322 -25.99 -18.14 -67.08
N GLY X 323 -26.41 -18.68 -68.22
CA GLY X 323 -26.56 -20.12 -68.36
C GLY X 323 -25.27 -20.85 -68.64
N ARG X 324 -24.20 -20.13 -68.99
CA ARG X 324 -22.89 -20.72 -69.20
C ARG X 324 -22.03 -20.72 -67.95
N LEU X 325 -22.58 -20.34 -66.81
CA LEU X 325 -21.87 -20.32 -65.53
C LEU X 325 -22.69 -21.14 -64.54
N PRO X 326 -22.74 -22.47 -64.72
CA PRO X 326 -23.63 -23.29 -63.88
C PRO X 326 -23.31 -23.23 -62.39
N ILE X 327 -22.04 -23.11 -62.02
CA ILE X 327 -21.64 -23.16 -60.62
C ILE X 327 -21.41 -21.74 -60.11
N ARG X 328 -22.05 -21.41 -58.99
CA ARG X 328 -21.91 -20.12 -58.34
C ARG X 328 -21.44 -20.34 -56.91
N VAL X 329 -20.55 -19.47 -56.44
CA VAL X 329 -20.04 -19.56 -55.09
C VAL X 329 -19.68 -18.15 -54.61
N GLU X 330 -19.94 -17.89 -53.33
CA GLU X 330 -19.55 -16.64 -52.69
C GLU X 330 -18.39 -16.92 -51.74
N LEU X 331 -17.35 -16.10 -51.82
CA LEU X 331 -16.19 -16.22 -50.95
C LEU X 331 -16.33 -15.24 -49.80
N GLN X 332 -16.10 -15.73 -48.59
CA GLN X 332 -16.28 -14.91 -47.40
C GLN X 332 -15.11 -13.96 -47.22
N ALA X 333 -15.37 -12.84 -46.55
CA ALA X 333 -14.30 -11.92 -46.23
C ALA X 333 -13.37 -12.57 -45.21
N LEU X 334 -12.07 -12.37 -45.39
CA LEU X 334 -11.09 -12.96 -44.50
C LEU X 334 -11.13 -12.23 -43.15
N THR X 335 -10.81 -12.98 -42.10
CA THR X 335 -10.79 -12.45 -40.75
C THR X 335 -9.35 -12.27 -40.27
N THR X 336 -9.21 -11.72 -39.07
CA THR X 336 -7.87 -11.59 -38.49
C THR X 336 -7.24 -12.96 -38.27
N SER X 337 -8.05 -13.97 -37.92
CA SER X 337 -7.51 -15.31 -37.71
C SER X 337 -6.98 -15.91 -39.01
N ASP X 338 -7.64 -15.65 -40.14
CA ASP X 338 -7.15 -16.15 -41.42
C ASP X 338 -5.83 -15.49 -41.81
N PHE X 339 -5.67 -14.21 -41.48
CA PHE X 339 -4.40 -13.54 -41.76
C PHE X 339 -3.25 -14.21 -41.02
N GLU X 340 -3.47 -14.57 -39.77
CA GLU X 340 -2.43 -15.25 -39.00
C GLU X 340 -2.08 -16.58 -39.64
N ARG X 341 -3.08 -17.27 -40.21
CA ARG X 341 -2.81 -18.53 -40.89
C ARG X 341 -2.06 -18.30 -42.19
N ILE X 342 -2.46 -17.29 -42.97
CA ILE X 342 -1.82 -17.02 -44.26
C ILE X 342 -0.35 -16.68 -44.07
N LEU X 343 0.00 -16.05 -42.95
CA LEU X 343 1.39 -15.67 -42.70
C LEU X 343 2.28 -16.88 -42.50
N THR X 344 1.72 -18.00 -42.05
CA THR X 344 2.54 -19.13 -41.59
C THR X 344 2.17 -20.43 -42.29
N GLU X 345 0.92 -20.87 -42.14
CA GLU X 345 0.50 -22.20 -42.60
C GLU X 345 0.81 -22.52 -44.06
N PRO X 346 0.55 -21.65 -45.04
CA PRO X 346 0.77 -22.03 -46.44
C PRO X 346 2.23 -22.38 -46.67
N ASN X 347 2.45 -23.35 -47.55
CA ASN X 347 3.82 -23.70 -47.92
C ASN X 347 4.51 -22.50 -48.55
N ALA X 348 5.73 -22.22 -48.09
CA ALA X 348 6.51 -21.06 -48.53
C ALA X 348 5.76 -19.75 -48.29
N SER X 349 5.16 -19.62 -47.10
CA SER X 349 4.46 -18.40 -46.73
C SER X 349 5.45 -17.24 -46.59
N ILE X 350 4.91 -16.01 -46.70
CA ILE X 350 5.75 -14.82 -46.77
C ILE X 350 6.65 -14.69 -45.53
N THR X 351 6.20 -15.17 -44.37
CA THR X 351 7.08 -15.21 -43.21
C THR X 351 8.22 -16.20 -43.38
N VAL X 352 7.92 -17.39 -43.94
CA VAL X 352 8.97 -18.35 -44.25
C VAL X 352 9.89 -17.79 -45.31
N GLN X 353 9.35 -17.01 -46.24
CA GLN X 353 10.19 -16.41 -47.28
C GLN X 353 11.18 -15.44 -46.66
N TYR X 354 10.70 -14.58 -45.75
CA TYR X 354 11.59 -13.64 -45.06
C TYR X 354 12.59 -14.33 -44.16
N LYS X 355 12.23 -15.48 -43.58
CA LYS X 355 13.13 -16.17 -42.67
C LYS X 355 14.37 -16.67 -43.40
N ALA X 356 14.19 -17.36 -44.52
CA ALA X 356 15.33 -17.81 -45.30
C ALA X 356 16.08 -16.65 -45.91
N LEU X 357 15.39 -15.55 -46.24
CA LEU X 357 16.05 -14.38 -46.81
C LEU X 357 17.09 -13.82 -45.86
N MET X 358 16.73 -13.68 -44.58
CA MET X 358 17.72 -13.28 -43.58
C MET X 358 18.70 -14.41 -43.27
N ALA X 359 18.26 -15.67 -43.38
CA ALA X 359 19.19 -16.80 -43.24
C ALA X 359 20.26 -16.74 -44.31
N THR X 360 19.92 -16.18 -45.48
CA THR X 360 20.89 -15.99 -46.56
C THR X 360 22.03 -15.08 -46.11
N GLU X 361 21.74 -14.12 -45.21
CA GLU X 361 22.74 -13.23 -44.61
C GLU X 361 23.41 -13.83 -43.37
N GLY X 362 23.08 -15.05 -42.96
CA GLY X 362 23.61 -15.57 -41.71
C GLY X 362 22.80 -15.20 -40.49
N VAL X 363 21.64 -14.57 -40.69
CA VAL X 363 20.77 -14.12 -39.61
C VAL X 363 19.62 -15.12 -39.49
N ASN X 364 19.15 -15.34 -38.27
CA ASN X 364 18.06 -16.26 -37.99
C ASN X 364 16.86 -15.47 -37.51
N ILE X 365 15.81 -15.42 -38.31
CA ILE X 365 14.57 -14.74 -37.94
C ILE X 365 13.63 -15.74 -37.28
N GLU X 366 12.92 -15.28 -36.27
CA GLU X 366 11.91 -16.08 -35.60
C GLU X 366 10.78 -15.15 -35.19
N PHE X 367 9.55 -15.52 -35.54
CA PHE X 367 8.37 -14.72 -35.23
C PHE X 367 7.60 -15.39 -34.09
N THR X 368 7.28 -14.61 -33.06
CA THR X 368 6.44 -15.10 -31.98
C THR X 368 4.98 -15.18 -32.44
N ASP X 369 4.22 -16.06 -31.80
CA ASP X 369 2.80 -16.18 -32.10
C ASP X 369 2.07 -14.85 -31.87
N SER X 370 2.40 -14.17 -30.76
CA SER X 370 1.83 -12.84 -30.53
C SER X 370 2.37 -11.82 -31.52
N GLY X 371 3.60 -12.01 -32.00
CA GLY X 371 4.13 -11.13 -33.02
C GLY X 371 3.44 -11.35 -34.35
N ILE X 372 3.14 -12.60 -34.68
CA ILE X 372 2.31 -12.89 -35.85
C ILE X 372 0.89 -12.36 -35.63
N LYS X 373 0.39 -12.47 -34.40
CA LYS X 373 -0.97 -12.02 -34.11
C LYS X 373 -1.13 -10.52 -34.28
N ARG X 374 -0.09 -9.76 -33.94
CA ARG X 374 -0.17 -8.30 -34.03
C ARG X 374 0.11 -7.78 -35.43
N ILE X 375 0.72 -8.59 -36.30
CA ILE X 375 0.84 -8.22 -37.71
C ILE X 375 -0.50 -8.35 -38.41
N ALA X 376 -1.22 -9.43 -38.15
CA ALA X 376 -2.55 -9.61 -38.73
C ALA X 376 -3.50 -8.54 -38.25
N GLU X 377 -3.42 -8.16 -36.98
CA GLU X 377 -4.22 -7.06 -36.46
C GLU X 377 -3.83 -5.74 -37.09
N ALA X 378 -2.56 -5.56 -37.43
CA ALA X 378 -2.12 -4.32 -38.06
C ALA X 378 -2.66 -4.22 -39.48
N ALA X 379 -2.56 -5.31 -40.26
CA ALA X 379 -3.09 -5.31 -41.61
C ALA X 379 -4.61 -5.17 -41.61
N TRP X 380 -5.28 -5.72 -40.60
CA TRP X 380 -6.73 -5.59 -40.51
C TRP X 380 -7.15 -4.15 -40.24
N GLN X 381 -6.42 -3.45 -39.36
CA GLN X 381 -6.80 -2.10 -39.00
C GLN X 381 -6.67 -1.15 -40.19
N VAL X 382 -5.67 -1.37 -41.05
CA VAL X 382 -5.48 -0.50 -42.21
C VAL X 382 -6.61 -0.72 -43.22
N ASN X 383 -7.01 -1.98 -43.43
CA ASN X 383 -8.11 -2.27 -44.34
C ASN X 383 -9.42 -1.65 -43.86
N GLU X 384 -9.63 -1.60 -42.53
CA GLU X 384 -10.82 -0.98 -41.99
C GLU X 384 -10.68 0.54 -41.91
N SER X 385 -9.49 1.02 -41.52
CA SER X 385 -9.31 2.46 -41.36
C SER X 385 -9.38 3.21 -42.69
N THR X 386 -8.91 2.61 -43.78
CA THR X 386 -8.88 3.31 -45.05
C THR X 386 -9.62 2.55 -46.15
N GLU X 387 -8.97 1.56 -46.75
CA GLU X 387 -9.53 0.78 -47.84
C GLU X 387 -9.16 -0.68 -47.67
N ASN X 388 -10.10 -1.59 -47.95
CA ASN X 388 -9.90 -3.00 -47.73
C ASN X 388 -9.37 -3.61 -49.02
N ILE X 389 -8.09 -3.98 -49.02
CA ILE X 389 -7.45 -4.65 -50.17
C ILE X 389 -7.34 -6.16 -49.96
N GLY X 390 -7.86 -6.69 -48.87
CA GLY X 390 -7.74 -8.10 -48.59
C GLY X 390 -6.36 -8.46 -48.06
N ALA X 391 -6.00 -9.73 -48.27
CA ALA X 391 -4.73 -10.25 -47.73
C ALA X 391 -3.51 -9.57 -48.34
N ARG X 392 -3.67 -8.80 -49.42
CA ARG X 392 -2.54 -8.07 -49.98
C ARG X 392 -1.94 -7.11 -48.96
N ARG X 393 -2.72 -6.65 -47.99
CA ARG X 393 -2.20 -5.75 -46.96
C ARG X 393 -1.10 -6.39 -46.13
N LEU X 394 -1.13 -7.72 -45.99
CA LEU X 394 -0.10 -8.41 -45.21
C LEU X 394 1.28 -8.18 -45.81
N HIS X 395 1.37 -8.09 -47.14
CA HIS X 395 2.67 -7.89 -47.77
C HIS X 395 3.23 -6.50 -47.47
N THR X 396 2.40 -5.47 -47.54
CA THR X 396 2.87 -4.11 -47.30
C THR X 396 3.27 -3.92 -45.84
N VAL X 397 2.53 -4.54 -44.93
CA VAL X 397 2.80 -4.37 -43.50
C VAL X 397 4.09 -5.09 -43.10
N LEU X 398 4.29 -6.30 -43.64
CA LEU X 398 5.46 -7.08 -43.24
C LEU X 398 6.76 -6.42 -43.69
N GLU X 399 6.81 -5.91 -44.93
CA GLU X 399 8.03 -5.29 -45.42
C GLU X 399 8.35 -3.99 -44.68
N ARG X 400 7.32 -3.25 -44.27
CA ARG X 400 7.55 -2.06 -43.45
C ARG X 400 8.11 -2.42 -42.08
N LEU X 401 7.70 -3.58 -41.54
CA LEU X 401 8.21 -4.02 -40.25
C LEU X 401 9.64 -4.52 -40.37
N MET X 402 9.95 -5.25 -41.44
CA MET X 402 11.25 -5.90 -41.59
C MET X 402 12.27 -5.04 -42.33
N GLU X 403 11.89 -3.83 -42.75
CA GLU X 403 12.79 -3.01 -43.56
C GLU X 403 14.09 -2.68 -42.83
N GLU X 404 14.04 -2.53 -41.50
CA GLU X 404 15.24 -2.23 -40.75
C GLU X 404 16.14 -3.46 -40.63
N ILE X 405 15.56 -4.63 -40.41
CA ILE X 405 16.36 -5.86 -40.41
C ILE X 405 16.84 -6.15 -41.83
N SER X 406 15.95 -5.96 -42.81
CA SER X 406 16.32 -6.15 -44.21
C SER X 406 17.40 -5.16 -44.62
N TYR X 407 17.52 -4.04 -43.91
CA TYR X 407 18.57 -3.09 -44.22
C TYR X 407 19.90 -3.54 -43.62
N ASP X 408 19.88 -4.01 -42.37
CA ASP X 408 21.08 -4.33 -41.62
C ASP X 408 21.52 -5.79 -41.66
N ALA X 409 20.80 -6.68 -42.33
CA ALA X 409 21.05 -8.12 -42.19
C ALA X 409 22.49 -8.51 -42.55
N SER X 410 23.16 -7.71 -43.39
CA SER X 410 24.54 -8.02 -43.73
C SER X 410 25.44 -7.92 -42.49
N ASP X 411 25.30 -6.85 -41.72
CA ASP X 411 26.12 -6.64 -40.54
C ASP X 411 25.65 -7.49 -39.36
N LEU X 412 24.43 -8.01 -39.41
CA LEU X 412 23.86 -8.83 -38.35
C LEU X 412 24.15 -10.32 -38.53
N SER X 413 24.99 -10.68 -39.49
CA SER X 413 25.30 -12.08 -39.75
C SER X 413 25.81 -12.77 -38.49
N GLY X 414 25.33 -14.00 -38.28
CA GLY X 414 25.68 -14.75 -37.09
C GLY X 414 24.87 -14.42 -35.86
N GLN X 415 23.80 -13.64 -36.00
CA GLN X 415 22.95 -13.27 -34.87
C GLN X 415 21.56 -13.87 -35.05
N ASN X 416 20.89 -14.09 -33.92
CA ASN X 416 19.53 -14.62 -33.89
C ASN X 416 18.59 -13.48 -33.51
N ILE X 417 17.79 -13.02 -34.47
CA ILE X 417 16.82 -11.95 -34.24
C ILE X 417 15.46 -12.58 -33.98
N THR X 418 14.71 -11.97 -33.06
CA THR X 418 13.40 -12.47 -32.65
C THR X 418 12.39 -11.36 -32.87
N ILE X 419 11.36 -11.63 -33.65
CA ILE X 419 10.28 -10.68 -33.88
C ILE X 419 9.19 -10.98 -32.85
N ASP X 420 9.04 -10.09 -31.88
CA ASP X 420 8.09 -10.24 -30.80
C ASP X 420 6.99 -9.19 -30.91
N ALA X 421 6.02 -9.28 -30.00
CA ALA X 421 4.92 -8.32 -29.99
C ALA X 421 5.42 -6.91 -29.75
N ASP X 422 6.44 -6.76 -28.88
CA ASP X 422 7.01 -5.45 -28.62
C ASP X 422 7.70 -4.88 -29.85
N TYR X 423 8.33 -5.73 -30.66
CA TYR X 423 9.00 -5.25 -31.86
C TYR X 423 7.98 -4.82 -32.92
N VAL X 424 6.87 -5.54 -33.03
CA VAL X 424 5.85 -5.20 -34.02
C VAL X 424 5.21 -3.85 -33.70
N SER X 425 4.83 -3.66 -32.43
CA SER X 425 4.22 -2.39 -32.03
C SER X 425 5.20 -1.23 -32.15
N LYS X 426 6.50 -1.50 -32.00
CA LYS X 426 7.48 -0.42 -32.07
C LYS X 426 7.58 0.16 -33.48
N HIS X 427 7.59 -0.71 -34.49
CA HIS X 427 7.78 -0.28 -35.88
C HIS X 427 6.48 0.04 -36.61
N LEU X 428 5.33 -0.29 -36.02
CA LEU X 428 4.06 -0.24 -36.73
C LEU X 428 3.07 0.72 -36.11
N ASP X 429 2.76 0.56 -34.82
CA ASP X 429 1.64 1.26 -34.20
C ASP X 429 1.70 2.77 -34.42
N ALA X 430 2.89 3.35 -34.52
CA ALA X 430 2.99 4.77 -34.84
C ALA X 430 2.49 5.07 -36.24
N LEU X 431 2.68 4.14 -37.18
CA LEU X 431 2.21 4.34 -38.55
C LEU X 431 0.72 4.04 -38.67
N VAL X 432 0.26 2.97 -38.02
CA VAL X 432 -1.16 2.62 -38.08
C VAL X 432 -2.01 3.67 -37.38
N ALA X 433 -1.45 4.36 -36.37
CA ALA X 433 -2.22 5.35 -35.63
C ALA X 433 -2.61 6.54 -36.50
N ASP X 434 -1.80 6.87 -37.49
CA ASP X 434 -2.05 8.00 -38.38
C ASP X 434 -2.61 7.45 -39.69
N GLU X 435 -3.90 7.70 -39.94
CA GLU X 435 -4.52 7.22 -41.17
C GLU X 435 -4.07 8.03 -42.37
N ASP X 436 -3.67 9.30 -42.17
CA ASP X 436 -3.15 10.10 -43.26
C ASP X 436 -1.85 9.49 -43.80
N LEU X 437 -1.02 8.95 -42.92
CA LEU X 437 0.22 8.32 -43.34
C LEU X 437 0.01 6.91 -43.86
N SER X 438 -1.00 6.19 -43.35
CA SER X 438 -1.19 4.78 -43.72
C SER X 438 -1.52 4.63 -45.21
N ARG X 439 -2.38 5.52 -45.74
CA ARG X 439 -2.67 5.50 -47.17
C ARG X 439 -1.40 5.68 -47.99
N PHE X 440 -0.54 6.60 -47.57
CA PHE X 440 0.74 6.74 -48.23
C PHE X 440 1.64 5.53 -47.94
N ILE X 441 1.95 5.26 -46.67
CA ILE X 441 3.00 4.31 -46.34
C ILE X 441 2.58 2.82 -46.41
N LEU X 442 1.33 2.49 -46.07
CA LEU X 442 0.95 1.08 -46.03
C LEU X 442 -0.14 0.70 -47.04
PB ADP Y . 55.63 28.27 34.79
O1B ADP Y . 56.34 27.40 35.79
O2B ADP Y . 55.36 27.63 33.45
O3B ADP Y . 54.45 29.01 35.37
PA ADP Y . 58.16 29.09 33.85
O1A ADP Y . 58.76 27.90 34.54
O2A ADP Y . 58.07 29.11 32.34
O3A ADP Y . 56.71 29.43 34.46
O5' ADP Y . 59.03 30.38 34.27
C5' ADP Y . 59.78 30.29 35.45
C4' ADP Y . 60.98 31.23 35.41
O4' ADP Y . 61.31 31.57 36.76
C3' ADP Y . 62.17 30.52 34.82
O3' ADP Y . 62.93 31.42 34.00
C2' ADP Y . 63.00 30.08 36.02
O2' ADP Y . 64.37 30.41 35.83
C1' ADP Y . 62.42 30.81 37.22
N9 ADP Y . 61.89 29.84 38.20
C8 ADP Y . 60.60 29.74 38.57
N7 ADP Y . 60.43 28.76 39.49
C5 ADP Y . 61.64 28.23 39.74
C6 ADP Y . 62.17 27.16 40.61
N6 ADP Y . 61.34 26.46 41.41
N1 ADP Y . 63.50 26.93 40.57
C2 ADP Y . 64.33 27.63 39.77
N3 ADP Y . 63.91 28.61 38.95
C4 ADP Y . 62.60 28.95 38.89
PB ADP Z . 63.67 55.90 17.37
O1B ADP Z . 63.47 54.43 17.06
O2B ADP Z . 62.49 56.55 18.05
O3B ADP Z . 65.00 56.24 18.00
PA ADP Z . 64.85 56.22 14.82
O1A ADP Z . 64.36 55.03 14.02
O2A ADP Z . 66.18 56.11 15.53
O3A ADP Z . 63.72 56.59 15.91
O5' ADP Z . 64.91 57.50 13.85
C5' ADP Z . 65.86 58.52 14.13
C4' ADP Z . 66.30 59.30 12.90
O4' ADP Z . 66.74 60.59 13.33
C3' ADP Z . 67.48 58.63 12.23
O3' ADP Z . 67.33 58.69 10.80
C2' ADP Z . 68.69 59.42 12.67
O2' ADP Z . 69.53 59.74 11.56
C1' ADP Z . 68.16 60.69 13.33
N9 ADP Z . 68.59 60.79 14.74
C8 ADP Z . 67.74 60.80 15.80
N7 ADP Z . 68.41 60.91 16.97
C5 ADP Z . 69.72 60.97 16.67
C6 ADP Z . 70.98 61.09 17.45
N6 ADP Z . 70.96 61.16 18.80
N1 ADP Z . 72.14 61.13 16.77
C2 ADP Z . 72.17 61.05 15.42
N3 ADP Z . 71.07 60.94 14.65
C4 ADP Z . 69.83 60.90 15.21
PB ADP AA . 48.28 62.87 -10.53
O1B ADP AA . 48.92 61.70 -9.85
O2B ADP AA . 47.15 63.50 -9.74
O3B ADP AA . 49.23 63.90 -11.08
PA ADP AA . 48.37 61.49 -13.02
O1A ADP AA . 48.47 60.02 -12.72
O2A ADP AA . 49.63 62.27 -13.35
O3A ADP AA . 47.56 62.23 -11.84
O5' ADP AA . 47.39 61.62 -14.30
C5' ADP AA . 47.60 62.69 -15.21
C4' ADP AA . 47.07 62.40 -16.60
O4' ADP AA . 46.71 63.64 -17.20
C3' ADP AA . 48.16 61.76 -17.44
O3' ADP AA . 47.60 60.74 -18.27
C2' ADP AA . 48.70 62.91 -18.28
O2' ADP AA . 48.75 62.52 -19.65
C1' ADP AA . 47.74 64.08 -18.10
N9 ADP AA . 48.41 65.25 -17.48
C8 ADP AA . 48.10 65.77 -16.27
N7 ADP AA . 48.87 66.84 -15.96
C5 ADP AA . 49.71 67.03 -16.99
C6 ADP AA . 50.78 68.00 -17.31
N6 ADP AA . 51.11 68.98 -16.44
N1 ADP AA . 51.42 67.87 -18.48
C2 ADP AA . 51.09 66.88 -19.35
N3 ADP AA . 50.13 65.97 -19.13
C4 ADP AA . 49.40 65.99 -17.99
PB ADP BA . 25.22 42.24 -22.41
O1B ADP BA . 24.24 42.95 -21.50
O2B ADP BA . 26.63 42.15 -21.86
O3B ADP BA . 25.13 42.70 -23.84
PA ADP BA . 25.41 39.58 -23.33
O1A ADP BA . 26.50 38.93 -22.49
O2A ADP BA . 25.79 40.17 -24.67
O3A ADP BA . 24.70 40.72 -22.43
O5' ADP BA . 24.26 38.47 -23.56
C5' ADP BA . 23.43 38.55 -24.73
C4' ADP BA . 22.85 37.22 -25.16
O4' ADP BA . 21.68 37.45 -25.94
C3' ADP BA . 23.82 36.47 -26.05
O3' ADP BA . 23.80 35.07 -25.75
C2' ADP BA . 23.33 36.71 -27.47
O2' ADP BA . 23.29 35.48 -28.19
C1' ADP BA . 21.93 37.30 -27.34
N9 ADP BA . 21.86 38.66 -27.95
C8 ADP BA . 21.60 39.78 -27.26
N7 ADP BA . 21.59 40.88 -28.07
C5 ADP BA . 21.86 40.46 -29.31
C6 ADP BA . 21.99 41.11 -30.64
N6 ADP BA . 21.85 42.45 -30.79
N1 ADP BA . 22.28 40.31 -31.70
C2 ADP BA . 22.43 38.99 -31.57
N3 ADP BA . 22.31 38.34 -30.39
C4 ADP BA . 22.02 39.00 -29.24
PB ADP CA . 16.93 15.12 -4.30
O1B ADP CA . 16.15 14.39 -5.36
O2B ADP CA . 18.21 15.78 -4.80
O3B ADP CA . 16.07 16.00 -3.43
PA ADP CA . 18.40 12.78 -3.84
O1A ADP CA . 17.90 12.27 -5.16
O2A ADP CA . 19.84 13.23 -3.71
O3A ADP CA . 17.45 13.97 -3.31
O5' ADP CA . 18.17 11.61 -2.74
C5' ADP CA . 17.19 10.63 -3.02
C4' ADP CA . 17.46 9.32 -2.28
O4' ADP CA . 16.21 8.65 -2.12
C3' ADP CA . 18.36 8.44 -3.10
O3' ADP CA . 19.27 7.74 -2.25
C2' ADP CA . 17.41 7.47 -3.80
O2' ADP CA . 17.91 6.14 -3.64
C1' ADP CA . 16.06 7.63 -3.10
N9 ADP CA . 15.01 8.06 -4.07
C8 ADP CA . 14.35 9.24 -3.99
N7 ADP CA . 13.44 9.37 -4.99
C5 ADP CA . 13.51 8.25 -5.73
C6 ADP CA . 12.82 7.75 -6.94
N6 ADP CA . 11.85 8.48 -7.55
N1 ADP CA . 13.17 6.53 -7.40
C2 ADP CA . 14.12 5.79 -6.79
N3 ADP CA . 14.80 6.20 -5.70
C4 ADP CA . 14.54 7.40 -5.12
PB ADP DA . 33.30 7.01 23.04
O1B ADP DA . 32.93 5.56 23.16
O2B ADP DA . 33.66 7.45 21.64
O3B ADP DA . 32.34 7.93 23.76
PA ADP DA . 36.00 6.30 23.47
O1A ADP DA . 35.61 4.87 23.15
O2A ADP DA . 36.81 7.09 22.47
O3A ADP DA . 34.68 7.14 23.87
O5' ADP DA . 36.84 6.28 24.84
C5' ADP DA . 36.64 5.20 25.73
C4' ADP DA . 37.87 4.90 26.57
O4' ADP DA . 37.41 4.15 27.68
C3' ADP DA . 38.84 4.03 25.79
O3' ADP DA . 40.19 4.46 26.04
C2' ADP DA . 38.58 2.62 26.30
O2' ADP DA . 39.81 1.97 26.64
C1' ADP DA . 37.69 2.76 27.53
N9 ADP DA . 36.39 2.04 27.38
C8 ADP DA . 35.19 2.65 27.34
N7 ADP DA . 34.18 1.76 27.21
C5 ADP DA . 34.72 0.54 27.19
C6 ADP DA . 34.20 -0.84 27.07
N6 ADP DA . 32.87 -1.07 26.97
N1 ADP DA . 35.11 -1.85 27.08
C2 ADP DA . 36.42 -1.62 27.18
N3 ADP DA . 36.96 -0.40 27.29
C4 ADP DA . 36.18 0.71 27.30
PB ADP EA . -14.44 -16.51 7.37
O1B ADP EA . -15.81 -16.27 6.81
O2B ADP EA . -13.56 -17.40 6.53
O3B ADP EA . -13.71 -15.27 7.84
PA ADP EA . -15.60 -16.78 9.92
O1A ADP EA . -17.05 -17.12 9.67
O2A ADP EA . -15.22 -15.34 10.17
O3A ADP EA . -14.71 -17.36 8.72
O5' ADP EA . -15.11 -17.62 11.21
C5' ADP EA . -14.08 -17.08 12.03
C4' ADP EA . -14.10 -17.59 13.47
O4' ADP EA . -12.77 -17.50 13.98
C3' ADP EA . -14.98 -16.72 14.33
O3' ADP EA . -15.70 -17.52 15.28
C2' ADP EA . -14.03 -15.79 15.06
O2' ADP EA . -14.34 -15.78 16.45
C1' ADP EA . -12.63 -16.34 14.81
N9 ADP EA . -11.75 -15.37 14.09
C8 ADP EA . -11.23 -15.57 12.87
N7 ADP EA . -10.46 -14.53 12.46
C5 ADP EA . -10.47 -13.63 13.46
C6 ADP EA . -9.85 -12.30 13.70
N6 ADP EA . -9.06 -11.73 12.76
N1 ADP EA . -10.10 -11.69 14.88
C2 ADP EA . -10.88 -12.27 15.82
N3 ADP EA . -11.47 -13.47 15.67
C4 ADP EA . -11.31 -14.19 14.54
PB ADP FA . -24.58 -45.78 19.17
O1B ADP FA . -24.10 -45.63 20.59
O2B ADP FA . -25.23 -44.57 18.57
O3B ADP FA . -23.56 -46.46 18.28
PA ADP FA . -27.10 -46.53 20.17
O1A ADP FA . -26.70 -45.93 21.50
O2A ADP FA . -28.11 -45.84 19.30
O3A ADP FA . -25.78 -46.85 19.30
O5' ADP FA . -27.68 -48.00 20.45
C5' ADP FA . -27.24 -48.70 21.61
C4' ADP FA . -28.26 -49.72 22.06
O4' ADP FA . -27.58 -50.73 22.81
C3' ADP FA . -29.30 -49.08 22.96
O3' ADP FA . -30.60 -49.62 22.67
C2' ADP FA . -28.87 -49.46 24.36
O2' ADP FA . -29.99 -49.97 25.10
C1' ADP FA . -27.80 -50.54 24.20
N9 ADP FA . -26.52 -50.06 24.77
C8 ADP FA . -25.39 -49.85 24.06
N7 ADP FA . -24.38 -49.42 24.86
C5 ADP FA . -24.86 -49.36 26.12
C6 ADP FA . -24.31 -48.98 27.43
N6 ADP FA . -23.02 -48.59 27.57
N1 ADP FA . -25.13 -49.06 28.50
C2 ADP FA . -26.42 -49.46 28.37
N3 ADP FA . -26.98 -49.81 27.21
C4 ADP FA . -26.26 -49.79 26.05
PB ADP GA . -48.18 -63.17 4.41
O1B ADP GA . -48.61 -64.08 5.52
O2B ADP GA . -47.96 -61.73 4.80
O3B ADP GA . -47.07 -63.77 3.57
PA ADP GA . -50.88 -62.54 3.89
O1A ADP GA . -51.20 -63.09 5.27
O2A ADP GA . -50.92 -61.05 3.66
O3A ADP GA . -49.45 -63.12 3.41
O5' ADP GA . -51.92 -63.21 2.87
C5' ADP GA . -52.58 -64.39 3.30
C4' ADP GA . -53.89 -64.63 2.58
O4' ADP GA . -54.09 -66.04 2.51
C3' ADP GA . -55.03 -64.04 3.37
O3' ADP GA . -55.99 -63.43 2.49
C2' ADP GA . -55.64 -65.22 4.11
O2' ADP GA . -57.06 -65.24 3.96
C1' ADP GA . -55.02 -66.48 3.51
N9 ADP GA . -54.26 -67.25 4.51
C8 ADP GA . -52.92 -67.44 4.48
N7 ADP GA . -52.50 -68.20 5.51
C5 ADP GA . -53.59 -68.52 6.25
C6 ADP GA . -53.85 -69.30 7.48
N6 ADP GA . -52.83 -69.90 8.14
N1 ADP GA . -55.12 -69.38 7.92
C2 ADP GA . -56.13 -68.79 7.25
N3 ADP GA . -55.97 -68.07 6.14
C4 ADP GA . -54.74 -67.89 5.58
PB ADP HA . -60.40 -52.54 -25.09
O1B ADP HA . -61.65 -53.39 -25.14
O2B ADP HA . -60.09 -51.94 -23.74
O3B ADP HA . -59.22 -53.18 -25.78
PA ADP HA . -61.99 -50.29 -25.66
O1A ADP HA . -63.20 -51.11 -25.27
O2A ADP HA . -61.51 -49.20 -24.73
O3A ADP HA . -60.77 -51.27 -26.02
O5' ADP HA . -62.32 -49.59 -27.06
C5' ADP HA . -63.32 -50.17 -27.88
C4' ADP HA . -63.97 -49.15 -28.80
O4' ADP HA . -64.46 -49.84 -29.94
C3' ADP HA . -65.15 -48.51 -28.10
O3' ADP HA . -65.25 -47.13 -28.48
C2' ADP HA . -66.36 -49.26 -28.63
O2' ADP HA . -67.36 -48.33 -29.03
C1' ADP HA . -65.87 -50.07 -29.81
N9 ADP HA . -66.07 -51.53 -29.56
C8 ADP HA . -65.08 -52.44 -29.45
N7 ADP HA . -65.57 -53.68 -29.21
C5 ADP HA . -66.91 -53.58 -29.19
C6 ADP HA . -68.04 -54.52 -28.99
N6 ADP HA . -67.82 -55.84 -28.78
N1 ADP HA . -69.29 -54.01 -29.03
C2 ADP HA . -69.51 -52.70 -29.24
N3 ADP HA . -68.54 -51.79 -29.43
C4 ADP HA . -67.23 -52.16 -29.41
PB ADP IA . -52.12 -22.20 -36.20
O1B ADP IA . -52.55 -22.81 -34.89
O2B ADP IA . -50.91 -22.86 -36.83
O3B ADP IA . -53.23 -21.95 -37.18
PA ADP IA . -52.60 -19.66 -35.09
O1A ADP IA . -52.56 -19.86 -33.60
O2A ADP IA . -53.92 -19.64 -35.81
O3A ADP IA . -51.61 -20.73 -35.79
O5' ADP IA . -51.86 -18.26 -35.38
C5' ADP IA . -52.25 -17.54 -36.54
C4' ADP IA . -52.01 -16.05 -36.39
O4' ADP IA . -51.90 -15.51 -37.71
C3' ADP IA . -53.21 -15.40 -35.73
O3' ADP IA . -52.78 -14.34 -34.86
C2' ADP IA . -54.02 -14.84 -36.88
O2' ADP IA . -54.41 -13.49 -36.59
C1' ADP IA . -53.13 -14.90 -38.11
N9 ADP IA . -53.72 -15.75 -39.18
C8 ADP IA . -53.20 -16.92 -39.61
N7 ADP IA . -53.96 -17.47 -40.60
C5 ADP IA . -54.99 -16.64 -40.83
C6 ADP IA . -56.15 -16.62 -41.75
N6 ADP IA . -56.36 -17.63 -42.64
N1 ADP IA . -57.00 -15.57 -41.67
C2 ADP IA . -56.80 -14.58 -40.79
N3 ADP IA . -55.76 -14.53 -39.93
C4 ADP IA . -54.83 -15.51 -39.90
PB ADP JA . -27.76 -5.79 -21.83
O1B ADP JA . -29.04 -6.41 -21.36
O2B ADP JA . -26.85 -6.71 -22.60
O3B ADP JA . -27.92 -4.43 -22.49
PA ADP JA . -27.57 -4.49 -19.36
O1A ADP JA . -28.41 -5.32 -18.42
O2A ADP JA . -28.20 -3.29 -20.03
O3A ADP JA . -26.96 -5.46 -20.49
O5' ADP JA . -26.27 -3.98 -18.55
C5' ADP JA . -25.61 -2.79 -18.96
C4' ADP JA . -24.82 -2.14 -17.82
O4' ADP JA . -23.78 -1.34 -18.39
C3' ADP JA . -25.71 -1.22 -17.02
O3' ADP JA . -25.40 -1.34 -15.62
C2' ADP JA . -25.38 0.18 -17.52
O2' ADP JA . -25.16 1.07 -16.41
C1' ADP JA . -24.12 0.05 -18.35
N9 ADP JA . -24.38 0.47 -19.75
C8 ADP JA . -24.28 -0.36 -20.81
N7 ADP JA . -24.58 0.30 -21.97
C5 ADP JA . -24.86 1.56 -21.65
C6 ADP JA . -25.25 2.77 -22.40
N6 ADP JA . -25.39 2.74 -23.76
N1 ADP JA . -25.47 3.91 -21.70
C2 ADP JA . -25.33 3.95 -20.36
N3 ADP JA . -24.98 2.89 -19.61
C4 ADP JA . -24.73 1.68 -20.19
PB ADP KA . -10.73 -30.41 79.64
O1B ADP KA . -11.78 -31.40 80.07
O2B ADP KA . -10.41 -29.34 80.66
O3B ADP KA . -9.52 -31.06 79.03
PA ADP KA . -12.79 -28.79 78.63
O1A ADP KA . -13.75 -29.62 79.45
O2A ADP KA . -12.44 -27.39 79.06
O3A ADP KA . -11.41 -29.61 78.43
O5' ADP KA . -13.39 -28.71 77.13
C5' ADP KA . -14.35 -29.68 76.72
C4' ADP KA . -15.27 -29.17 75.62
O4' ADP KA . -15.74 -30.31 74.89
C3' ADP KA . -16.50 -28.49 76.20
O3' ADP KA . -16.89 -27.39 75.37
C2' ADP KA . -17.58 -29.55 76.18
O2' ADP KA . -18.79 -29.01 75.64
C1' ADP KA . -17.06 -30.67 75.30
N9 ADP KA . -16.95 -31.92 76.07
C8 ADP KA . -15.79 -32.57 76.33
N7 ADP KA . -16.00 -33.69 77.06
C5 ADP KA . -17.32 -33.77 77.28
C6 ADP KA . -18.21 -34.71 77.98
N6 ADP KA . -17.72 -35.81 78.61
N1 ADP KA . -19.54 -34.45 77.98
C2 ADP KA . -20.04 -33.36 77.36
N3 ADP KA . -19.28 -32.46 76.70
C4 ADP KA . -17.94 -32.61 76.63
PB ADP LA . -8.02 -7.16 56.79
O1B ADP LA . -8.24 -7.22 58.28
O2B ADP LA . -6.86 -7.99 56.30
O3B ADP LA . -9.26 -7.36 55.96
PA ADP LA . -8.54 -4.38 56.83
O1A ADP LA . -9.94 -4.72 56.38
O2A ADP LA . -8.32 -3.93 58.26
O3A ADP LA . -7.58 -5.63 56.51
O5' ADP LA . -7.99 -3.22 55.87
C5' ADP LA . -8.57 -3.07 54.59
C4' ADP LA . -8.47 -1.65 54.07
O4' ADP LA . -8.57 -1.71 52.64
C3' ADP LA . -9.65 -0.82 54.57
O3' ADP LA . -9.22 0.51 54.86
C2' ADP LA . -10.63 -0.82 53.41
O2' ADP LA . -11.06 0.52 53.15
C1' ADP LA . -9.89 -1.37 52.20
N9 ADP LA . -10.53 -2.61 51.68
C8 ADP LA . -9.95 -3.83 51.67
N7 ADP LA . -10.76 -4.76 51.13
C5 ADP LA . -11.90 -4.15 50.76
C6 ADP LA . -13.18 -4.56 50.12
N6 ADP LA . -13.40 -5.85 49.76
N1 ADP LA . -14.10 -3.61 49.91
C2 ADP LA . -13.89 -2.32 50.26
N3 ADP LA . -12.76 -1.88 50.84
C4 ADP LA . -11.74 -2.73 51.11
PB ADP MA . 14.89 16.99 59.27
O1B ADP MA . 13.76 16.41 60.09
O2B ADP MA . 15.92 15.99 58.81
O3B ADP MA . 14.44 17.93 58.17
PA ADP MA . 14.96 19.17 61.04
O1A ADP MA . 14.32 18.68 62.32
O2A ADP MA . 14.11 19.92 60.03
O3A ADP MA . 15.68 17.93 60.30
O5' ADP MA . 16.19 20.13 61.43
C5' ADP MA . 16.56 21.17 60.54
C4' ADP MA . 17.24 22.34 61.23
O4' ADP MA . 18.05 22.99 60.25
C3' ADP MA . 16.22 23.35 61.71
O3' ADP MA . 16.61 23.88 62.98
C2' ADP MA . 16.22 24.44 60.64
O2' ADP MA . 16.34 25.72 61.27
C1' ADP MA . 17.42 24.17 59.75
N9 ADP MA . 17.02 23.90 58.33
C8 ADP MA . 17.21 22.73 57.70
N7 ADP MA . 16.77 22.77 56.42
C5 ADP MA . 16.29 24.01 56.21
C6 ADP MA . 15.68 24.73 55.07
N6 ADP MA . 15.48 24.11 53.88
N1 ADP MA . 15.31 26.01 55.26
C2 ADP MA . 15.49 26.64 56.44
N3 ADP MA . 16.05 26.03 57.52
C4 ADP MA . 16.46 24.76 57.47
PB ADP NA . 33.39 19.01 87.52
O1B ADP NA . 31.95 18.80 87.13
O2B ADP NA . 34.35 18.01 86.93
O3B ADP NA . 33.88 20.43 87.38
PA ADP NA . 32.53 19.60 90.14
O1A ADP NA . 31.17 18.98 90.29
O2A ADP NA . 32.65 21.06 89.78
O3A ADP NA . 33.41 18.73 89.11
O5' ADP NA . 33.29 19.39 91.54
C5' ADP NA . 34.22 20.40 91.95
C4' ADP NA . 34.44 20.41 93.45
O4' ADP NA . 35.78 20.85 93.69
C3' ADP NA . 33.52 21.42 94.11
O3' ADP NA . 33.04 20.90 95.36
C2' ADP NA . 34.36 22.66 94.31
O2' ADP NA . 34.23 23.11 95.66
C1' ADP NA . 35.80 22.25 94.03
N9 ADP NA . 36.38 22.98 92.87
C8 ADP NA . 36.77 22.42 91.70
N7 ADP NA . 37.27 23.32 90.84
C5 ADP NA . 37.21 24.52 91.44
C6 ADP NA . 37.58 25.91 91.09
N6 ADP NA . 38.12 26.20 89.88
N1 ADP NA . 37.35 26.88 92.01
C2 ADP NA . 36.81 26.60 93.21
N3 ADP NA . 36.45 25.36 93.60
C4 ADP NA . 36.62 24.29 92.78
PB ADP OA . 29.24 -3.78 110.66
O1B ADP OA . 30.18 -4.67 109.87
O2B ADP OA . 28.34 -2.91 109.83
O3B ADP OA . 29.95 -3.08 111.80
PA ADP OA . 27.06 -4.29 112.36
O1A ADP OA . 25.84 -4.01 111.53
O2A ADP OA . 27.61 -3.19 113.24
O3A ADP OA . 28.24 -4.81 111.39
O5' ADP OA . 26.74 -5.57 113.29
C5' ADP OA . 27.41 -5.72 114.55
C4' ADP OA . 26.64 -6.57 115.56
O4' ADP OA . 27.60 -7.14 116.48
C3' ADP OA . 25.69 -5.72 116.39
O3' ADP OA . 24.48 -6.45 116.63
C2' ADP OA . 26.42 -5.47 117.69
O2' ADP OA . 25.55 -5.69 118.81
C1' ADP OA . 27.59 -6.44 117.72
N9 ADP OA . 28.87 -5.70 117.79
C8 ADP OA . 29.82 -5.71 116.83
N7 ADP OA . 30.88 -4.94 117.17
C5 ADP OA . 30.63 -4.41 118.37
C6 ADP OA . 31.33 -3.50 119.30
N6 ADP OA . 32.56 -3.01 118.99
N1 ADP OA . 30.72 -3.19 120.46
C2 ADP OA . 29.51 -3.68 120.78
N3 ADP OA . 28.80 -4.52 119.98
C4 ADP OA . 29.31 -4.91 118.78
PB ADP PA . 6.41 -28.05 107.03
O1B ADP PA . 6.29 -28.51 108.46
O2B ADP PA . 6.50 -26.55 106.85
O3B ADP PA . 7.44 -28.83 106.25
PA ADP PA . 3.59 -27.91 106.91
O1A ADP PA . 3.60 -27.96 108.41
O2A ADP PA . 3.28 -26.60 106.22
O3A ADP PA . 5.01 -28.46 106.36
O5' ADP PA . 2.52 -29.00 106.42
C5' ADP PA . 2.17 -30.04 107.32
C4' ADP PA . 0.76 -30.58 107.10
O4' ADP PA . 0.73 -31.92 107.60
C3' ADP PA . -0.26 -29.79 107.90
O3' ADP PA . -1.46 -29.63 107.12
C2' ADP PA . -0.54 -30.62 109.12
O2' ADP PA . -1.96 -30.75 109.32
C1' ADP PA . 0.09 -31.99 108.88
N9 ADP PA . 1.14 -32.28 109.88
C8 ADP PA . 2.45 -32.43 109.60
N7 ADP PA . 3.18 -32.70 110.71
C5 ADP PA . 2.32 -32.75 111.74
C6 ADP PA . 2.44 -32.98 113.20
N6 ADP PA . 3.64 -33.24 113.77
N1 ADP PA . 1.30 -32.93 113.93
C2 ADP PA . 0.11 -32.67 113.37
N3 ADP PA . -0.07 -32.45 112.05
C4 ADP PA . 0.99 -32.47 111.20
PB ADP QA . 10.94 13.90 -59.57
O1B ADP QA . 10.51 12.69 -60.37
O2B ADP QA . 9.82 14.77 -59.07
O3B ADP QA . 11.98 13.62 -58.50
PA ADP QA . 13.05 14.30 -61.40
O1A ADP QA . 13.95 13.59 -60.41
O2A ADP QA . 12.62 13.59 -62.66
O3A ADP QA . 11.73 14.82 -60.64
O5' ADP QA . 13.79 15.66 -61.84
C5' ADP QA . 14.83 16.17 -61.01
C4' ADP QA . 15.84 17.03 -61.77
O4' ADP QA . 16.39 17.96 -60.83
C3' ADP QA . 16.98 16.20 -62.29
O3' ADP QA . 17.41 16.71 -63.56
C2' ADP QA . 18.08 16.34 -61.26
O2' ADP QA . 19.33 16.60 -61.91
C1' ADP QA . 17.69 17.51 -60.38
N9 ADP QA . 17.54 17.09 -58.96
C8 ADP QA . 16.39 17.12 -58.27
N7 ADP QA . 16.58 16.68 -57.00
C5 ADP QA . 17.87 16.37 -56.87
C6 ADP QA . 18.73 15.85 -55.78
N6 ADP QA . 18.20 15.58 -54.56
N1 ADP QA . 20.04 15.66 -56.05
C2 ADP QA . 20.56 15.94 -57.27
N3 ADP QA . 19.84 16.40 -58.29
C4 ADP QA . 18.51 16.64 -58.16
PB ADP RA . 10.07 31.44 -88.28
O1B ADP RA . 10.18 29.96 -87.98
O2B ADP RA . 8.94 32.14 -87.56
O3B ADP RA . 11.37 32.20 -88.20
PA ADP RA . 10.61 30.88 -90.99
O1A ADP RA . 10.25 29.42 -91.18
O2A ADP RA . 12.05 31.27 -90.72
O3A ADP RA . 9.67 31.51 -89.84
O5' ADP RA . 10.13 31.65 -92.31
C5' ADP RA . 10.83 32.82 -92.70
C4' ADP RA . 10.76 33.08 -94.19
O4' ADP RA . 10.96 34.49 -94.38
C3' ADP RA . 11.88 32.36 -94.91
O3' ADP RA . 11.41 31.85 -96.16
C2' ADP RA . 12.94 33.41 -95.12
O2' ADP RA . 13.38 33.39 -96.49
C1' ADP RA . 12.31 34.76 -94.79
N9 ADP RA . 13.00 35.44 -93.65
C8 ADP RA . 12.44 35.69 -92.45
N7 ADP RA . 13.30 36.32 -91.62
C5 ADP RA . 14.46 36.49 -92.29
C6 ADP RA . 15.77 37.09 -91.97
N6 ADP RA . 16.03 37.64 -90.77
N1 ADP RA . 16.71 37.07 -92.95
C2 ADP RA . 16.46 36.51 -94.15
N3 ADP RA . 15.29 35.96 -94.50
C4 ADP RA . 14.25 35.91 -93.62
PB ADP SA . -12.28 24.60 -110.84
O1B ADP SA . -11.26 23.88 -109.99
O2B ADP SA . -13.28 25.42 -110.07
O3B ADP SA . -11.71 25.34 -112.02
PA ADP SA . -12.50 22.27 -112.44
O1A ADP SA . -12.00 21.13 -111.58
O2A ADP SA . -11.54 22.93 -113.40
O3A ADP SA . -13.15 23.40 -111.50
O5' ADP SA . -13.75 21.71 -113.29
C5' ADP SA . -14.07 22.32 -114.53
C4' ADP SA . -14.82 21.41 -115.49
O4' ADP SA . -15.49 22.24 -116.44
C3' ADP SA . -13.85 20.54 -116.26
O3' ADP SA . -14.38 19.22 -116.43
C2' ADP SA . -13.69 21.23 -117.60
O2' ADP SA . -13.83 20.29 -118.66
C1' ADP SA . -14.78 22.29 -117.67
N9 ADP SA . -14.22 23.68 -117.81
C8 ADP SA . -14.34 24.64 -116.88
N7 ADP SA . -13.75 25.79 -117.28
C5 ADP SA . -13.23 25.58 -118.50
C6 ADP SA . -12.47 26.39 -119.49
N6 ADP SA . -12.14 27.68 -119.24
N1 ADP SA . -12.12 25.79 -120.65
C2 ADP SA . -12.44 24.50 -120.90
N3 ADP SA . -13.12 23.72 -120.05
C4 ADP SA . -13.55 24.18 -118.86
PB ADP TA . -33.58 -0.85 -105.80
O1B ADP TA . -34.40 0.12 -104.99
O2B ADP TA . -32.08 -0.63 -105.71
O3B ADP TA . -34.10 -1.06 -107.19
PA ADP TA . -33.15 -3.65 -105.59
O1A ADP TA . -31.77 -3.81 -104.97
O2A ADP TA . -33.28 -3.69 -107.09
O3A ADP TA . -33.81 -2.27 -105.05
O5' ADP TA . -34.11 -4.79 -104.98
C5' ADP TA . -35.21 -5.23 -105.75
C4' ADP TA . -35.61 -6.66 -105.47
O4' ADP TA . -36.97 -6.83 -105.88
C3' ADP TA . -34.77 -7.62 -106.29
O3' ADP TA . -34.42 -8.76 -105.49
C2' ADP TA . -35.65 -8.03 -107.45
O2' ADP TA . -35.65 -9.45 -107.62
C1' ADP TA . -37.05 -7.53 -107.12
N9 ADP TA . -37.52 -6.57 -108.15
C8 ADP TA . -37.75 -5.27 -107.91
N7 ADP TA . -38.17 -4.62 -109.03
C5 ADP TA . -38.22 -5.54 -110.02
C6 ADP TA . -38.59 -5.53 -111.46
N6 ADP TA . -38.99 -4.38 -112.06
N1 ADP TA . -38.50 -6.69 -112.13
C2 ADP TA . -38.10 -7.83 -111.54
N3 ADP TA . -37.75 -7.91 -110.24
C4 ADP TA . -37.79 -6.82 -109.43
PB ADP UA . -32.13 -19.50 -78.64
O1B ADP UA . -32.99 -20.66 -79.10
O2B ADP UA . -31.17 -18.99 -79.69
O3B ADP UA . -32.92 -18.43 -77.94
PA ADP UA . -30.21 -21.36 -77.74
O1A ADP UA . -30.91 -22.40 -78.59
O2A ADP UA . -28.89 -20.81 -78.22
O3A ADP UA . -31.21 -20.13 -77.47
O5' ADP UA . -29.98 -22.03 -76.28
C5' ADP UA . -30.80 -23.11 -75.85
C4' ADP UA . -30.12 -24.03 -74.83
O4' ADP UA . -31.15 -24.69 -74.09
C3' ADP UA . -29.31 -25.11 -75.52
O3' ADP UA . -28.09 -25.35 -74.80
C2' ADP UA . -30.19 -26.35 -75.50
O2' ADP UA . -29.42 -27.47 -75.05
C1' ADP UA . -31.33 -26.05 -74.53
N9 ADP UA . -32.65 -26.12 -75.21
C8 ADP UA . -33.48 -25.07 -75.34
N7 ADP UA . -34.62 -25.42 -76.00
C5 ADP UA . -34.53 -26.73 -76.29
C6 ADP UA . -35.40 -27.72 -76.98
N6 ADP UA . -36.60 -27.37 -77.48
N1 ADP UA . -34.93 -28.98 -77.07
C2 ADP UA . -33.74 -29.34 -76.57
N3 ADP UA . -32.90 -28.49 -75.95
C4 ADP UA . -33.23 -27.18 -75.77
PB ADP VA . -9.18 -11.95 -55.39
O1B ADP VA . -9.20 -13.23 -54.58
O2B ADP VA . -9.27 -12.16 -56.88
O3B ADP VA . -10.13 -10.91 -54.84
PA ADP VA . -6.36 -12.13 -55.54
O1A ADP VA . -6.48 -13.57 -55.11
O2A ADP VA . -6.00 -11.83 -56.97
O3A ADP VA . -7.71 -11.34 -55.15
O5' ADP VA . -5.23 -11.44 -54.62
C5' ADP VA . -4.90 -12.06 -53.37
C4' ADP VA . -3.48 -11.78 -52.90
O4' ADP VA . -3.49 -11.92 -51.48
C3' ADP VA . -2.53 -12.81 -53.45
O3' ADP VA . -1.28 -12.21 -53.78
C2' ADP VA . -2.35 -13.82 -52.33
O2' ADP VA . -0.96 -14.10 -52.13
C1' ADP VA . -2.97 -13.20 -51.09
N9 ADP VA . -4.09 -14.01 -50.57
C8 ADP VA . -5.39 -13.63 -50.57
N7 ADP VA . -6.20 -14.57 -50.02
C5 ADP VA . -5.41 -15.60 -49.64
C6 ADP VA . -5.63 -16.91 -49.01
N6 ADP VA . -6.87 -17.33 -48.64
N1 ADP VA . -4.54 -17.69 -48.79
C2 ADP VA . -3.30 -17.28 -49.15
N3 ADP VA . -3.04 -16.11 -49.73
C4 ADP VA . -4.03 -15.23 -50.00
#